data_4KK1
#
_entry.id   4KK1
#
_cell.length_a   109.321
_cell.length_b   254.829
_cell.length_c   228.472
_cell.angle_alpha   90.00
_cell.angle_beta   99.71
_cell.angle_gamma   90.00
#
_symmetry.space_group_name_H-M   'P 1 21 1'
#
_entity_poly.entity_id   1
_entity_poly.type   'polypeptide(L)'
_entity_poly.pdbx_seq_one_letter_code
;SH(MSE)(MSE)PLQSLVKALWNVLHEEESEGYPDLTELIAEVESYQQRYPKQNPTNSQKIRHILDEIYEKTPFNNTRRR
ILWLAVLKTVIPLLILDRQAVGEWWDQIFFPFLNSPTQLKPVFSDLKSILFYILIFHDEDEWGGDLRRECAEETITRLVD
LYVSKAIENLGDVESQEQRNQTIECLVNVLVHYGIQRPKELSSCFCHHFLNPPTRIPILSV(MSE)VEVIRRQGPRLYEI
PQTGFYDLVLKCAEFDTSPILLSYALSFIL(MSE)ILSHICNSLDDSLYRLFCIYLRFS(MSE)IDPTSGFPSSTASGNW
EVFHDF(MSE)STYASTTTSQTDSSYNDVHDIVGSSQPDYLESLDYSQLFSILYALYPINFLEFLRDPKLYASKHNFQIR
YSFNQELLSTKSDGLLGRHLAHSNFLKYTAETELTDKSRWTRLDSIAVVALCNSLNAV
;
_entity_poly.pdbx_strand_id   A,B,C,D,E,F,G,H,I,J,K,L,M,N,O,P,Q,R,S,T
#
# COMPACT_ATOMS: atom_id res chain seq x y z
N PRO A 5 62.53 -4.74 -17.22
CA PRO A 5 61.79 -5.57 -16.24
C PRO A 5 62.26 -5.58 -14.74
N LEU A 6 63.40 -6.20 -14.47
CA LEU A 6 63.87 -6.46 -13.09
C LEU A 6 63.87 -5.24 -12.14
N GLN A 7 64.19 -4.07 -12.68
CA GLN A 7 64.56 -2.91 -11.87
C GLN A 7 63.39 -2.42 -11.00
N SER A 8 62.20 -2.38 -11.61
CA SER A 8 60.93 -2.03 -10.96
C SER A 8 60.52 -2.97 -9.80
N LEU A 9 60.87 -4.25 -9.95
CA LEU A 9 60.60 -5.29 -8.94
C LEU A 9 61.45 -5.12 -7.68
N VAL A 10 62.67 -4.58 -7.84
CA VAL A 10 63.60 -4.40 -6.73
C VAL A 10 63.09 -3.26 -5.86
N LYS A 11 62.62 -2.20 -6.52
CA LYS A 11 61.93 -1.12 -5.82
C LYS A 11 60.76 -1.73 -5.05
N ALA A 12 59.85 -2.39 -5.78
CA ALA A 12 58.74 -3.16 -5.21
C ALA A 12 59.18 -3.97 -4.00
N LEU A 13 60.31 -4.65 -4.15
CA LEU A 13 60.90 -5.42 -3.07
C LEU A 13 61.33 -4.52 -1.88
N TRP A 14 62.08 -3.46 -2.15
CA TRP A 14 62.59 -2.57 -1.09
C TRP A 14 61.48 -1.86 -0.31
N ASN A 15 60.44 -1.43 -1.05
CA ASN A 15 59.25 -0.79 -0.49
C ASN A 15 58.70 -1.65 0.61
N VAL A 16 58.55 -2.92 0.24
CA VAL A 16 57.75 -3.86 0.98
C VAL A 16 58.50 -4.45 2.19
N LEU A 17 59.75 -4.02 2.42
CA LEU A 17 60.50 -4.43 3.63
C LEU A 17 60.87 -3.25 4.60
N HIS A 18 60.15 -2.11 4.49
CA HIS A 18 60.26 -0.92 5.41
C HIS A 18 58.92 -0.18 5.63
N GLU A 19 58.08 -0.69 6.53
CA GLU A 19 56.78 -0.06 6.87
C GLU A 19 55.86 -1.04 7.60
N PRO A 26 50.76 -5.17 6.76
CA PRO A 26 51.74 -5.91 5.97
C PRO A 26 51.33 -6.10 4.47
N ASP A 27 50.88 -5.00 3.82
CA ASP A 27 50.31 -5.01 2.44
C ASP A 27 51.32 -5.41 1.34
N LEU A 28 50.98 -6.41 0.52
CA LEU A 28 51.86 -6.94 -0.57
C LEU A 28 51.48 -6.57 -1.97
N THR A 29 50.18 -6.39 -2.20
CA THR A 29 49.56 -6.49 -3.53
C THR A 29 50.44 -6.01 -4.69
N GLU A 30 51.15 -4.90 -4.46
CA GLU A 30 52.04 -4.27 -5.46
C GLU A 30 53.10 -5.24 -5.99
N LEU A 31 53.92 -5.74 -5.06
CA LEU A 31 54.92 -6.76 -5.36
C LEU A 31 54.29 -7.85 -6.25
N ILE A 32 53.15 -8.36 -5.80
CA ILE A 32 52.46 -9.44 -6.50
C ILE A 32 52.30 -9.08 -7.97
N ALA A 33 51.88 -7.85 -8.26
CA ALA A 33 51.68 -7.37 -9.62
C ALA A 33 52.99 -7.23 -10.40
N GLU A 34 54.06 -6.85 -9.71
CA GLU A 34 55.39 -6.76 -10.35
C GLU A 34 55.96 -8.12 -10.74
N VAL A 35 55.55 -9.16 -10.02
CA VAL A 35 55.99 -10.54 -10.31
C VAL A 35 55.24 -11.11 -11.54
N GLU A 36 54.07 -10.56 -11.86
CA GLU A 36 53.23 -11.14 -12.90
C GLU A 36 53.58 -10.57 -14.26
N SER A 37 54.07 -9.32 -14.26
CA SER A 37 54.56 -8.67 -15.48
C SER A 37 55.96 -9.16 -15.88
N TYR A 38 56.80 -9.41 -14.88
CA TYR A 38 58.11 -10.02 -15.11
C TYR A 38 57.96 -11.46 -15.67
N GLN A 39 57.02 -12.25 -15.15
CA GLN A 39 56.93 -13.68 -15.51
C GLN A 39 56.56 -13.92 -16.96
N GLN A 40 55.78 -13.02 -17.53
CA GLN A 40 55.54 -13.07 -18.95
C GLN A 40 56.78 -12.62 -19.70
N ARG A 41 57.51 -11.66 -19.12
CA ARG A 41 58.78 -11.18 -19.69
C ARG A 41 59.91 -12.26 -19.60
N TYR A 42 59.74 -13.19 -18.65
CA TYR A 42 60.63 -14.36 -18.48
C TYR A 42 59.85 -15.56 -17.90
N PRO A 43 59.13 -16.31 -18.76
CA PRO A 43 58.47 -17.52 -18.25
C PRO A 43 59.48 -18.49 -17.66
N LYS A 44 60.54 -18.83 -18.39
CA LYS A 44 61.62 -19.65 -17.81
C LYS A 44 62.33 -18.82 -16.77
N GLN A 45 63.14 -19.49 -15.96
CA GLN A 45 64.05 -18.80 -15.05
C GLN A 45 65.28 -18.21 -15.79
N ASN A 46 65.70 -17.02 -15.35
CA ASN A 46 66.85 -16.29 -15.91
C ASN A 46 68.01 -16.22 -14.87
N PRO A 47 69.15 -16.93 -15.11
CA PRO A 47 70.21 -17.05 -14.07
C PRO A 47 71.07 -15.80 -13.88
N THR A 48 71.08 -14.92 -14.88
CA THR A 48 71.63 -13.57 -14.72
C THR A 48 70.79 -12.75 -13.74
N ASN A 49 69.48 -13.00 -13.71
CA ASN A 49 68.54 -12.26 -12.86
C ASN A 49 68.37 -12.79 -11.46
N SER A 50 68.31 -14.12 -11.30
CA SER A 50 68.34 -14.66 -9.95
C SER A 50 69.57 -14.10 -9.24
N GLN A 51 70.71 -14.15 -9.95
CA GLN A 51 71.98 -13.62 -9.47
C GLN A 51 71.80 -12.28 -8.81
N LYS A 52 71.38 -11.31 -9.63
CA LYS A 52 71.11 -9.94 -9.19
C LYS A 52 70.15 -9.94 -7.97
N ILE A 53 69.04 -10.65 -8.10
CA ILE A 53 67.95 -10.64 -7.11
C ILE A 53 68.41 -11.10 -5.72
N ARG A 54 69.20 -12.17 -5.66
CA ARG A 54 69.70 -12.69 -4.37
C ARG A 54 70.75 -11.74 -3.80
N HIS A 55 71.65 -11.27 -4.67
CA HIS A 55 72.44 -10.08 -4.36
C HIS A 55 71.60 -9.05 -3.58
N ILE A 56 70.38 -8.76 -4.08
CA ILE A 56 69.44 -7.80 -3.44
C ILE A 56 68.94 -8.30 -2.07
N LEU A 57 68.39 -9.52 -2.02
CA LEU A 57 67.85 -10.06 -0.78
C LEU A 57 68.95 -10.09 0.30
N ASP A 58 70.13 -10.59 -0.10
CA ASP A 58 71.33 -10.61 0.73
C ASP A 58 71.47 -9.25 1.39
N GLU A 59 71.56 -8.21 0.55
CA GLU A 59 71.65 -6.82 1.00
C GLU A 59 70.63 -6.57 2.09
N ILE A 60 69.35 -6.81 1.77
CA ILE A 60 68.25 -6.33 2.60
C ILE A 60 68.13 -7.17 3.88
N TYR A 61 68.73 -8.37 3.86
CA TYR A 61 68.77 -9.23 5.04
C TYR A 61 69.73 -8.77 6.17
N GLU A 62 70.84 -8.11 5.84
CA GLU A 62 71.72 -7.48 6.87
C GLU A 62 71.07 -6.21 7.45
N LYS A 63 70.46 -5.44 6.55
CA LYS A 63 69.58 -4.32 6.89
C LYS A 63 68.41 -4.73 7.78
N THR A 64 67.50 -5.56 7.26
CA THR A 64 66.32 -6.00 8.04
C THR A 64 66.28 -7.54 8.14
N PRO A 65 66.90 -8.09 9.19
CA PRO A 65 67.01 -9.56 9.25
C PRO A 65 65.72 -10.27 9.71
N PHE A 66 65.88 -11.45 10.28
CA PHE A 66 64.77 -12.28 10.67
C PHE A 66 64.28 -11.82 12.04
N ASN A 67 65.18 -11.80 13.04
CA ASN A 67 64.94 -11.54 14.50
C ASN A 67 63.52 -11.62 15.14
N ASN A 68 62.74 -10.54 15.15
CA ASN A 68 61.36 -10.56 15.75
C ASN A 68 60.35 -11.38 14.93
N THR A 69 59.11 -11.48 15.40
CA THR A 69 58.13 -12.24 14.61
C THR A 69 57.80 -11.44 13.31
N ARG A 70 57.09 -10.31 13.48
CA ARG A 70 56.56 -9.49 12.36
C ARG A 70 57.47 -9.41 11.12
N ARG A 71 58.77 -9.33 11.36
CA ARG A 71 59.76 -9.38 10.30
C ARG A 71 59.71 -10.72 9.58
N ARG A 72 59.73 -11.81 10.37
CA ARG A 72 59.62 -13.19 9.85
C ARG A 72 58.39 -13.35 8.96
N ILE A 73 57.24 -12.97 9.49
CA ILE A 73 55.99 -13.08 8.77
C ILE A 73 56.17 -12.50 7.36
N LEU A 74 56.75 -11.30 7.34
CA LEU A 74 56.99 -10.58 6.12
C LEU A 74 58.01 -11.28 5.21
N TRP A 75 59.12 -11.68 5.80
CA TRP A 75 60.14 -12.37 5.03
C TRP A 75 59.52 -13.56 4.29
N LEU A 76 58.87 -14.43 5.06
CA LEU A 76 58.19 -15.60 4.54
C LEU A 76 57.21 -15.25 3.40
N ALA A 77 56.14 -14.50 3.72
CA ALA A 77 55.26 -13.91 2.71
C ALA A 77 55.92 -13.52 1.35
N VAL A 78 57.15 -13.03 1.42
CA VAL A 78 57.81 -12.46 0.26
C VAL A 78 58.62 -13.52 -0.49
N LEU A 79 59.42 -14.30 0.24
CA LEU A 79 60.19 -15.39 -0.40
C LEU A 79 59.28 -16.27 -1.22
N LYS A 80 58.25 -16.82 -0.56
CA LYS A 80 57.10 -17.47 -1.20
C LYS A 80 56.62 -16.84 -2.52
N THR A 81 56.49 -15.52 -2.57
CA THR A 81 56.04 -14.90 -3.79
C THR A 81 57.13 -14.94 -4.83
N VAL A 82 58.39 -14.72 -4.41
CA VAL A 82 59.52 -14.60 -5.38
C VAL A 82 60.21 -15.92 -5.82
N ILE A 83 60.23 -16.93 -4.93
CA ILE A 83 61.01 -18.15 -5.16
C ILE A 83 60.71 -18.88 -6.47
N PRO A 84 59.50 -18.73 -7.01
CA PRO A 84 59.35 -19.35 -8.31
C PRO A 84 60.48 -18.90 -9.24
N LEU A 85 60.67 -17.58 -9.28
CA LEU A 85 61.68 -16.92 -10.14
C LEU A 85 63.14 -17.40 -9.96
N LEU A 86 63.60 -17.47 -8.72
CA LEU A 86 65.01 -17.76 -8.45
C LEU A 86 65.43 -19.18 -8.78
N ILE A 87 66.75 -19.32 -8.80
CA ILE A 87 67.50 -20.57 -9.01
C ILE A 87 68.59 -20.63 -7.93
N LEU A 88 68.56 -21.74 -7.19
CA LEU A 88 69.48 -22.03 -6.11
C LEU A 88 70.40 -23.22 -6.53
N ASP A 89 71.49 -23.43 -5.80
CA ASP A 89 72.40 -24.56 -6.02
C ASP A 89 72.59 -25.18 -4.67
N ARG A 90 73.28 -26.33 -4.62
CA ARG A 90 73.54 -26.98 -3.32
C ARG A 90 73.97 -26.00 -2.23
N GLN A 91 74.74 -24.98 -2.60
CA GLN A 91 75.34 -24.04 -1.64
C GLN A 91 74.34 -23.01 -1.18
N ALA A 92 73.45 -22.63 -2.10
CA ALA A 92 72.46 -21.58 -1.85
C ALA A 92 71.45 -21.94 -0.76
N VAL A 93 71.00 -23.19 -0.73
CA VAL A 93 70.04 -23.58 0.31
C VAL A 93 70.74 -23.56 1.67
N GLY A 94 72.06 -23.76 1.65
CA GLY A 94 72.92 -23.53 2.80
C GLY A 94 72.83 -22.13 3.35
N GLU A 95 72.58 -21.12 2.50
CA GLU A 95 72.12 -19.78 2.94
C GLU A 95 70.77 -19.98 3.67
N TRP A 96 69.75 -20.31 2.89
CA TRP A 96 68.36 -20.19 3.33
C TRP A 96 68.17 -21.05 4.55
N TRP A 97 68.90 -22.15 4.60
CA TRP A 97 68.84 -23.01 5.74
C TRP A 97 69.27 -22.22 6.97
N ASP A 98 70.52 -21.78 6.95
CA ASP A 98 71.11 -21.14 8.10
C ASP A 98 70.40 -19.83 8.45
N GLN A 99 69.99 -19.07 7.42
CA GLN A 99 69.42 -17.72 7.60
C GLN A 99 67.90 -17.69 7.80
N ILE A 100 67.20 -18.75 7.36
CA ILE A 100 65.71 -18.76 7.34
C ILE A 100 65.07 -20.02 7.92
N PHE A 101 65.29 -21.14 7.27
CA PHE A 101 64.69 -22.37 7.73
C PHE A 101 65.17 -22.65 9.15
N PHE A 102 66.47 -22.87 9.40
CA PHE A 102 66.92 -23.15 10.79
C PHE A 102 66.43 -22.16 11.86
N PRO A 103 66.59 -20.84 11.58
CA PRO A 103 66.08 -19.86 12.56
C PRO A 103 64.66 -20.20 12.97
N PHE A 104 63.79 -20.39 11.96
CA PHE A 104 62.38 -20.80 12.20
C PHE A 104 62.12 -22.07 13.04
N LEU A 105 62.79 -23.17 12.70
CA LEU A 105 62.44 -24.49 13.22
C LEU A 105 62.93 -24.69 14.66
N ASN A 106 63.95 -23.92 15.00
CA ASN A 106 64.57 -23.98 16.31
C ASN A 106 63.69 -23.29 17.34
N SER A 107 63.16 -22.11 16.99
CA SER A 107 62.11 -21.45 17.80
C SER A 107 61.05 -20.82 16.90
N PRO A 108 59.91 -21.54 16.71
CA PRO A 108 59.01 -21.26 15.58
C PRO A 108 57.87 -20.31 15.94
N THR A 109 57.48 -19.44 15.00
CA THR A 109 56.47 -18.38 15.22
C THR A 109 55.08 -18.99 15.36
N GLN A 110 54.43 -18.89 16.54
CA GLN A 110 53.24 -19.73 16.85
C GLN A 110 51.97 -19.37 16.11
N LEU A 111 52.09 -19.36 14.80
CA LEU A 111 51.12 -18.77 13.92
C LEU A 111 50.97 -19.67 12.72
N LYS A 112 50.01 -20.58 12.78
CA LYS A 112 49.72 -21.46 11.67
C LYS A 112 49.94 -20.89 10.24
N PRO A 113 49.34 -19.74 9.89
CA PRO A 113 49.52 -19.29 8.51
C PRO A 113 50.97 -18.98 8.17
N VAL A 114 51.83 -18.86 9.20
CA VAL A 114 53.24 -18.54 9.00
C VAL A 114 53.92 -19.85 8.58
N PHE A 115 53.90 -20.85 9.47
CA PHE A 115 54.29 -22.22 9.12
C PHE A 115 53.71 -22.70 7.75
N SER A 116 52.50 -22.27 7.44
CA SER A 116 51.92 -22.63 6.16
C SER A 116 52.82 -22.06 5.09
N ASP A 117 53.20 -20.79 5.22
CA ASP A 117 53.98 -20.09 4.18
C ASP A 117 55.33 -20.78 4.02
N LEU A 118 55.93 -21.14 5.16
CA LEU A 118 57.24 -21.80 5.22
C LEU A 118 57.18 -23.11 4.44
N LYS A 119 56.13 -23.88 4.70
CA LYS A 119 55.95 -25.14 4.01
C LYS A 119 55.76 -24.89 2.52
N SER A 120 55.07 -23.82 2.15
CA SER A 120 54.89 -23.50 0.74
C SER A 120 56.24 -23.49 0.05
N ILE A 121 57.20 -22.80 0.67
CA ILE A 121 58.59 -22.69 0.18
C ILE A 121 59.23 -24.08 0.10
N LEU A 122 59.55 -24.67 1.26
CA LEU A 122 60.11 -26.01 1.32
C LEU A 122 59.61 -26.89 0.19
N PHE A 123 58.30 -27.13 0.17
CA PHE A 123 57.77 -28.10 -0.78
C PHE A 123 57.84 -27.61 -2.20
N TYR A 124 58.02 -26.30 -2.40
CA TYR A 124 58.33 -25.83 -3.74
C TYR A 124 59.71 -26.30 -4.19
N ILE A 125 60.65 -26.33 -3.24
CA ILE A 125 62.00 -26.90 -3.48
C ILE A 125 61.89 -28.41 -3.65
N LEU A 126 61.36 -29.06 -2.60
CA LEU A 126 61.28 -30.53 -2.46
C LEU A 126 60.54 -31.32 -3.54
N ILE A 127 59.58 -30.69 -4.21
CA ILE A 127 58.67 -31.42 -5.06
C ILE A 127 58.52 -30.68 -6.36
N PHE A 128 58.67 -31.41 -7.46
CA PHE A 128 58.78 -30.79 -8.79
C PHE A 128 58.67 -31.79 -9.93
N HIS A 129 58.26 -31.31 -11.10
CA HIS A 129 57.98 -32.18 -12.24
C HIS A 129 59.24 -32.40 -13.04
N ASP A 130 59.87 -31.31 -13.47
CA ASP A 130 61.01 -31.36 -14.37
C ASP A 130 62.35 -31.23 -13.64
N GLU A 131 63.21 -32.21 -13.87
CA GLU A 131 64.59 -32.28 -13.32
C GLU A 131 65.61 -31.26 -13.91
N ASP A 132 65.40 -30.86 -15.17
CA ASP A 132 66.25 -29.85 -15.86
C ASP A 132 65.62 -28.45 -15.81
N GLU A 133 64.60 -28.25 -14.97
CA GLU A 133 63.90 -26.97 -14.88
C GLU A 133 64.89 -25.85 -14.50
N TRP A 134 66.01 -26.22 -13.88
CA TRP A 134 67.05 -25.27 -13.45
C TRP A 134 68.42 -25.45 -14.12
N GLY A 135 68.57 -26.45 -15.00
CA GLY A 135 69.87 -26.79 -15.59
C GLY A 135 70.60 -27.89 -14.83
N GLY A 136 70.83 -29.01 -15.53
CA GLY A 136 71.70 -30.06 -15.00
C GLY A 136 71.00 -30.90 -13.98
N ASP A 137 71.50 -30.86 -12.75
CA ASP A 137 70.86 -31.58 -11.64
C ASP A 137 70.61 -30.64 -10.48
N LEU A 138 70.49 -29.34 -10.76
CA LEU A 138 70.41 -28.35 -9.70
C LEU A 138 69.08 -28.41 -8.94
N ARG A 139 68.01 -28.66 -9.67
CA ARG A 139 66.69 -28.73 -9.04
C ARG A 139 66.62 -29.83 -8.00
N ARG A 140 67.04 -31.01 -8.44
CA ARG A 140 67.23 -32.20 -7.61
C ARG A 140 68.36 -32.07 -6.58
N GLU A 141 69.36 -31.23 -6.83
CA GLU A 141 70.45 -31.07 -5.84
C GLU A 141 69.95 -30.36 -4.58
N CYS A 142 69.28 -29.22 -4.77
CA CYS A 142 68.74 -28.46 -3.67
C CYS A 142 67.80 -29.33 -2.88
N ALA A 143 66.85 -29.93 -3.58
CA ALA A 143 65.97 -30.96 -3.01
C ALA A 143 66.76 -31.92 -2.07
N GLU A 144 67.61 -32.78 -2.66
CA GLU A 144 68.46 -33.75 -1.93
C GLU A 144 69.11 -33.11 -0.72
N GLU A 145 69.53 -31.85 -0.88
CA GLU A 145 70.13 -31.13 0.24
C GLU A 145 69.05 -30.85 1.30
N THR A 146 68.10 -29.96 0.99
CA THR A 146 67.10 -29.53 1.97
C THR A 146 66.66 -30.69 2.91
N ILE A 147 66.11 -31.72 2.29
CA ILE A 147 65.59 -32.85 3.02
C ILE A 147 66.65 -33.40 3.96
N THR A 148 67.91 -33.42 3.52
CA THR A 148 69.02 -33.91 4.36
C THR A 148 69.15 -33.12 5.67
N ARG A 149 69.09 -31.82 5.52
CA ARG A 149 69.30 -30.98 6.65
C ARG A 149 68.08 -31.10 7.57
N LEU A 150 66.89 -31.11 6.97
CA LEU A 150 65.61 -31.45 7.66
C LEU A 150 65.70 -32.74 8.49
N VAL A 151 66.07 -33.82 7.80
CA VAL A 151 66.26 -35.11 8.45
C VAL A 151 67.29 -34.99 9.58
N ASP A 152 68.44 -34.39 9.28
CA ASP A 152 69.54 -34.32 10.27
C ASP A 152 69.16 -33.45 11.47
N LEU A 153 68.33 -32.43 11.25
CA LEU A 153 67.82 -31.64 12.36
C LEU A 153 66.79 -32.44 13.13
N TYR A 154 65.89 -33.14 12.44
CA TYR A 154 64.87 -33.94 13.14
C TYR A 154 65.51 -35.00 14.05
N VAL A 155 66.61 -35.61 13.60
CA VAL A 155 67.25 -36.69 14.37
C VAL A 155 68.01 -36.12 15.55
N SER A 156 68.99 -35.27 15.25
CA SER A 156 69.66 -34.50 16.28
C SER A 156 68.61 -34.07 17.31
N LYS A 157 67.67 -33.25 16.86
CA LYS A 157 66.72 -32.59 17.75
C LYS A 157 65.87 -33.53 18.61
N ALA A 158 65.78 -34.80 18.24
CA ALA A 158 64.96 -35.75 18.99
C ALA A 158 65.80 -36.68 19.84
N ILE A 159 67.09 -36.40 19.98
CA ILE A 159 67.95 -37.11 20.96
C ILE A 159 68.60 -36.16 22.01
N GLU A 160 69.06 -34.98 21.56
CA GLU A 160 69.69 -33.98 22.45
C GLU A 160 68.82 -33.87 23.70
N ASN A 161 69.37 -34.14 24.88
CA ASN A 161 68.54 -34.28 26.12
C ASN A 161 68.00 -32.98 26.78
N LEU A 162 68.76 -31.88 26.73
CA LEU A 162 68.28 -30.58 27.26
C LEU A 162 69.42 -29.57 27.14
N GLU A 166 66.26 -25.50 27.07
CA GLU A 166 65.13 -25.09 26.25
C GLU A 166 63.85 -25.75 26.77
N SER A 167 63.41 -25.29 27.95
CA SER A 167 62.17 -25.76 28.62
C SER A 167 61.28 -26.56 27.70
N GLN A 168 61.54 -27.86 27.62
CA GLN A 168 60.86 -28.79 26.72
C GLN A 168 59.83 -28.17 25.74
N GLU A 169 58.75 -27.59 26.28
CA GLU A 169 57.66 -26.97 25.50
C GLU A 169 58.16 -26.27 24.21
N GLN A 170 59.37 -25.70 24.29
CA GLN A 170 60.04 -25.15 23.11
C GLN A 170 60.44 -26.25 22.17
N ARG A 171 61.21 -27.20 22.70
CA ARG A 171 61.69 -28.32 21.94
C ARG A 171 60.55 -29.06 21.22
N ASN A 172 59.45 -29.31 21.92
CA ASN A 172 58.32 -30.03 21.34
C ASN A 172 57.78 -29.34 20.12
N GLN A 173 57.57 -28.04 20.20
CA GLN A 173 57.12 -27.32 19.03
C GLN A 173 58.07 -27.50 17.81
N THR A 174 59.33 -27.77 18.11
CA THR A 174 60.34 -27.93 17.06
C THR A 174 60.07 -29.25 16.31
N ILE A 175 60.09 -30.35 17.05
CA ILE A 175 60.00 -31.66 16.39
C ILE A 175 58.63 -31.86 15.74
N GLU A 176 57.58 -31.43 16.44
CA GLU A 176 56.24 -31.35 15.85
C GLU A 176 56.27 -30.80 14.42
N CYS A 177 56.75 -29.57 14.25
CA CYS A 177 56.92 -28.99 12.91
C CYS A 177 57.70 -29.91 11.96
N LEU A 178 58.73 -30.57 12.46
CA LEU A 178 59.65 -31.24 11.57
C LEU A 178 59.00 -32.47 11.00
N VAL A 179 58.50 -33.30 11.92
CA VAL A 179 57.60 -34.44 11.67
C VAL A 179 56.55 -34.10 10.60
N ASN A 180 55.65 -33.15 10.90
CA ASN A 180 54.70 -32.71 9.92
C ASN A 180 55.37 -32.64 8.57
N VAL A 181 56.48 -31.93 8.48
CA VAL A 181 57.14 -31.71 7.18
C VAL A 181 57.74 -32.97 6.56
N LEU A 182 58.42 -33.78 7.38
CA LEU A 182 58.92 -35.07 6.91
C LEU A 182 57.81 -36.01 6.42
N VAL A 183 56.68 -36.07 7.13
CA VAL A 183 55.58 -36.97 6.73
C VAL A 183 55.00 -36.56 5.40
N HIS A 184 54.76 -35.27 5.25
CA HIS A 184 54.33 -34.73 3.98
C HIS A 184 55.36 -34.94 2.83
N TYR A 185 56.65 -35.02 3.16
CA TYR A 185 57.64 -35.42 2.15
C TYR A 185 57.41 -36.89 1.88
N GLY A 186 57.43 -37.67 2.97
CA GLY A 186 57.30 -39.12 2.91
C GLY A 186 56.29 -39.60 1.87
N ILE A 187 55.07 -39.12 2.01
CA ILE A 187 53.97 -39.73 1.25
C ILE A 187 54.11 -39.37 -0.24
N GLN A 188 54.76 -38.25 -0.53
CA GLN A 188 55.07 -37.93 -1.92
C GLN A 188 56.30 -38.69 -2.41
N ARG A 189 57.34 -38.79 -1.59
CA ARG A 189 58.60 -39.36 -2.03
C ARG A 189 59.09 -40.33 -0.99
N PRO A 190 58.48 -41.52 -0.96
CA PRO A 190 58.89 -42.49 0.04
C PRO A 190 60.30 -43.01 -0.24
N LYS A 191 60.60 -43.32 -1.50
CA LYS A 191 61.88 -43.91 -1.85
C LYS A 191 63.02 -43.06 -1.32
N GLU A 192 62.86 -41.75 -1.49
CA GLU A 192 63.85 -40.76 -1.11
C GLU A 192 63.95 -40.69 0.37
N LEU A 193 62.86 -40.36 1.05
CA LEU A 193 62.93 -40.19 2.48
C LEU A 193 63.51 -41.42 3.19
N SER A 194 63.08 -42.62 2.81
CA SER A 194 63.64 -43.83 3.44
C SER A 194 65.15 -43.96 3.15
N SER A 195 65.62 -43.44 2.02
CA SER A 195 67.06 -43.35 1.78
C SER A 195 67.71 -42.54 2.91
N CYS A 196 67.33 -41.28 3.06
CA CYS A 196 67.93 -40.42 4.10
C CYS A 196 67.98 -41.02 5.51
N PHE A 197 67.09 -41.98 5.80
CA PHE A 197 67.00 -42.51 7.15
C PHE A 197 67.94 -43.69 7.49
N CYS A 198 68.55 -44.31 6.49
CA CYS A 198 69.34 -45.51 6.74
C CYS A 198 70.51 -45.27 7.68
N HIS A 199 71.43 -44.32 7.40
CA HIS A 199 72.61 -44.16 8.32
C HIS A 199 72.13 -43.86 9.71
N HIS A 200 71.28 -42.84 9.83
CA HIS A 200 70.85 -42.42 11.16
C HIS A 200 70.34 -43.61 11.91
N PHE A 201 69.62 -44.47 11.20
CA PHE A 201 68.99 -45.65 11.80
C PHE A 201 69.94 -46.65 12.43
N LEU A 202 71.19 -46.66 11.98
CA LEU A 202 72.20 -47.54 12.60
C LEU A 202 72.62 -47.05 14.02
N ASN A 203 72.24 -45.82 14.37
CA ASN A 203 72.46 -45.28 15.69
C ASN A 203 71.20 -45.42 16.53
N PRO A 204 71.19 -46.37 17.41
CA PRO A 204 70.05 -46.80 18.23
C PRO A 204 68.95 -45.80 18.77
N PRO A 205 69.33 -44.60 19.23
CA PRO A 205 68.23 -43.73 19.66
C PRO A 205 67.50 -43.01 18.53
N THR A 206 67.98 -43.11 17.30
CA THR A 206 67.23 -42.52 16.22
C THR A 206 66.04 -43.38 15.80
N ARG A 207 66.03 -44.61 16.29
CA ARG A 207 65.12 -45.64 15.77
C ARG A 207 63.67 -45.33 16.11
N ILE A 208 63.39 -45.22 17.40
CA ILE A 208 62.09 -44.79 17.85
C ILE A 208 61.56 -43.55 17.14
N PRO A 209 62.38 -42.50 16.95
CA PRO A 209 61.89 -41.36 16.21
C PRO A 209 61.82 -41.57 14.75
N ILE A 210 62.70 -42.39 14.18
CA ILE A 210 62.68 -42.60 12.72
C ILE A 210 61.52 -43.49 12.29
N LEU A 211 61.20 -44.54 13.06
CA LEU A 211 60.05 -45.41 12.72
C LEU A 211 58.76 -44.64 12.94
N SER A 212 58.71 -43.92 14.03
CA SER A 212 57.64 -42.96 14.31
C SER A 212 57.13 -42.21 13.06
N VAL A 213 58.03 -41.58 12.32
CA VAL A 213 57.68 -40.93 11.06
C VAL A 213 57.29 -41.92 9.94
N VAL A 215 56.28 -45.10 10.04
CA VAL A 215 54.99 -45.80 10.12
C VAL A 215 53.90 -44.85 9.71
N GLU A 216 53.93 -43.60 10.16
CA GLU A 216 52.88 -42.72 9.74
C GLU A 216 52.76 -42.57 8.19
N VAL A 217 53.88 -42.62 7.47
CA VAL A 217 53.84 -42.42 6.02
C VAL A 217 53.15 -43.60 5.36
N ILE A 218 53.56 -44.77 5.84
CA ILE A 218 53.15 -46.07 5.36
C ILE A 218 51.64 -46.19 5.54
N ARG A 219 51.14 -45.82 6.74
CA ARG A 219 49.72 -45.86 7.12
C ARG A 219 48.81 -45.27 6.08
N ARG A 220 49.16 -44.13 5.46
CA ARG A 220 48.30 -43.56 4.36
C ARG A 220 48.05 -44.51 3.20
N GLN A 221 48.88 -45.54 3.07
CA GLN A 221 48.93 -46.46 1.94
C GLN A 221 48.91 -45.72 0.60
N GLY A 222 49.61 -44.59 0.56
CA GLY A 222 49.77 -43.83 -0.68
C GLY A 222 50.78 -44.53 -1.56
N PRO A 223 50.89 -44.10 -2.83
CA PRO A 223 51.93 -44.71 -3.68
C PRO A 223 53.26 -44.22 -3.14
N ARG A 224 54.40 -44.85 -3.43
CA ARG A 224 54.58 -46.12 -4.08
C ARG A 224 55.49 -46.89 -3.15
N LEU A 225 54.89 -47.57 -2.18
CA LEU A 225 55.65 -48.14 -1.08
C LEU A 225 56.58 -49.22 -1.55
N TYR A 226 56.30 -49.83 -2.70
CA TYR A 226 57.18 -50.88 -3.22
C TYR A 226 58.63 -50.38 -3.35
N GLU A 227 58.81 -49.06 -3.49
CA GLU A 227 60.13 -48.49 -3.73
C GLU A 227 61.04 -48.53 -2.50
N ILE A 228 60.47 -48.71 -1.31
CA ILE A 228 61.23 -48.64 -0.05
C ILE A 228 62.27 -49.79 0.17
N PRO A 229 61.94 -51.03 -0.19
CA PRO A 229 62.90 -52.13 -0.13
C PRO A 229 64.24 -51.87 -0.80
N GLN A 230 64.22 -51.38 -2.06
CA GLN A 230 65.44 -50.99 -2.82
C GLN A 230 66.41 -50.18 -2.00
N THR A 231 65.91 -49.24 -1.19
CA THR A 231 66.76 -48.42 -0.32
C THR A 231 67.56 -49.25 0.70
N GLY A 232 67.01 -50.39 1.12
CA GLY A 232 67.66 -51.24 2.13
C GLY A 232 67.11 -50.97 3.50
N PHE A 233 66.22 -49.97 3.59
CA PHE A 233 65.51 -49.64 4.80
C PHE A 233 64.62 -50.81 5.28
N TYR A 234 63.98 -51.53 4.35
CA TYR A 234 63.18 -52.70 4.75
C TYR A 234 64.06 -53.70 5.54
N ASP A 235 65.23 -54.01 4.99
CA ASP A 235 66.16 -54.91 5.66
C ASP A 235 66.59 -54.43 7.08
N LEU A 236 66.78 -53.11 7.26
CA LEU A 236 67.14 -52.58 8.59
C LEU A 236 66.04 -52.85 9.59
N VAL A 237 64.85 -52.38 9.26
CA VAL A 237 63.69 -52.53 10.15
C VAL A 237 63.55 -53.99 10.66
N LEU A 238 63.72 -54.93 9.74
CA LEU A 238 63.77 -56.34 10.10
C LEU A 238 64.86 -56.52 11.16
N LYS A 239 66.07 -56.02 10.91
CA LYS A 239 67.13 -56.18 11.91
C LYS A 239 66.68 -55.64 13.26
N CYS A 240 66.09 -54.46 13.23
CA CYS A 240 65.56 -53.88 14.44
C CYS A 240 64.58 -54.84 15.16
N ALA A 241 63.73 -55.52 14.38
CA ALA A 241 62.78 -56.53 14.92
C ALA A 241 63.42 -57.81 15.41
N GLU A 242 64.46 -58.27 14.71
CA GLU A 242 65.22 -59.45 15.15
C GLU A 242 65.99 -59.23 16.48
N PHE A 243 66.63 -58.06 16.64
CA PHE A 243 67.64 -57.89 17.71
C PHE A 243 67.30 -56.95 18.85
N ASP A 244 66.61 -55.85 18.55
CA ASP A 244 66.42 -54.79 19.55
C ASP A 244 65.47 -55.25 20.62
N THR A 245 65.56 -54.62 21.76
CA THR A 245 64.85 -55.00 22.95
C THR A 245 63.58 -54.20 23.25
N SER A 246 63.46 -53.02 22.64
CA SER A 246 62.55 -51.99 23.15
C SER A 246 61.09 -52.19 22.80
N PRO A 247 60.28 -52.60 23.79
CA PRO A 247 58.88 -52.76 23.43
C PRO A 247 58.35 -51.74 22.44
N ILE A 248 58.57 -50.45 22.67
CA ILE A 248 57.99 -49.45 21.76
C ILE A 248 58.55 -49.53 20.35
N LEU A 249 59.84 -49.48 20.28
CA LEU A 249 60.53 -49.59 19.04
C LEU A 249 60.09 -50.84 18.27
N LEU A 250 59.96 -51.93 18.99
CA LEU A 250 59.60 -53.19 18.35
C LEU A 250 58.24 -53.16 17.65
N SER A 251 57.24 -52.65 18.36
CA SER A 251 55.91 -52.62 17.83
C SER A 251 55.87 -51.61 16.70
N TYR A 252 56.60 -50.51 16.84
CA TYR A 252 56.81 -49.68 15.68
C TYR A 252 57.34 -50.54 14.54
N ALA A 253 58.25 -51.45 14.85
CA ALA A 253 58.87 -52.24 13.81
C ALA A 253 57.84 -53.15 13.12
N LEU A 254 57.19 -54.03 13.88
CA LEU A 254 56.17 -54.92 13.35
C LEU A 254 55.11 -54.16 12.58
N SER A 255 54.64 -53.05 13.13
CA SER A 255 53.71 -52.20 12.38
C SER A 255 54.20 -51.86 10.95
N PHE A 256 55.44 -51.41 10.89
CA PHE A 256 55.98 -51.00 9.61
C PHE A 256 55.95 -52.21 8.68
N ILE A 257 56.29 -53.40 9.18
CA ILE A 257 56.56 -54.48 8.27
C ILE A 257 55.27 -55.14 7.80
N LEU A 258 54.35 -55.41 8.73
CA LEU A 258 52.96 -55.72 8.36
C LEU A 258 52.39 -54.77 7.28
N ILE A 260 53.78 -52.92 5.15
CA ILE A 260 54.50 -52.87 3.89
C ILE A 260 54.54 -54.22 3.16
N LEU A 261 54.25 -55.32 3.87
CA LEU A 261 54.32 -56.66 3.26
C LEU A 261 53.44 -56.79 2.02
N SER A 262 52.22 -56.29 2.11
CA SER A 262 51.32 -56.24 0.95
C SER A 262 51.90 -55.58 -0.35
N HIS A 263 53.01 -54.83 -0.26
CA HIS A 263 53.61 -54.17 -1.44
C HIS A 263 54.98 -54.75 -1.77
N ILE A 264 55.17 -56.03 -1.52
CA ILE A 264 56.47 -56.62 -1.72
C ILE A 264 56.35 -57.97 -2.45
N CYS A 265 55.83 -59.01 -1.78
CA CYS A 265 55.68 -60.42 -2.30
C CYS A 265 56.81 -60.97 -3.22
N ASN A 266 57.92 -60.23 -3.25
CA ASN A 266 59.07 -60.48 -4.11
C ASN A 266 60.31 -60.58 -3.24
N SER A 267 60.50 -59.58 -2.38
CA SER A 267 61.48 -59.67 -1.28
C SER A 267 61.05 -60.68 -0.19
N LEU A 268 59.78 -61.04 -0.18
CA LEU A 268 59.26 -62.13 0.68
C LEU A 268 60.04 -63.45 0.50
N ASP A 269 60.41 -63.73 -0.75
CA ASP A 269 61.26 -64.89 -1.08
C ASP A 269 62.69 -64.71 -0.54
N ASP A 270 63.03 -63.49 -0.10
CA ASP A 270 64.33 -63.19 0.48
C ASP A 270 64.22 -62.95 1.97
N SER A 271 63.05 -62.53 2.44
CA SER A 271 62.84 -62.30 3.87
C SER A 271 62.22 -63.48 4.66
N LEU A 272 61.82 -64.53 3.96
CA LEU A 272 60.89 -65.50 4.53
C LEU A 272 61.37 -66.09 5.86
N TYR A 273 62.65 -66.41 5.96
CA TYR A 273 63.11 -67.07 7.17
C TYR A 273 63.23 -66.05 8.29
N ARG A 274 63.87 -64.90 8.00
CA ARG A 274 63.84 -63.75 8.90
C ARG A 274 62.46 -63.73 9.54
N LEU A 275 61.45 -63.49 8.71
CA LEU A 275 60.10 -63.32 9.19
C LEU A 275 59.64 -64.46 10.10
N PHE A 276 59.96 -65.71 9.76
CA PHE A 276 59.60 -66.82 10.64
C PHE A 276 60.23 -66.61 12.03
N CYS A 277 61.50 -66.24 12.07
CA CYS A 277 62.25 -65.93 13.31
C CYS A 277 61.63 -64.79 14.12
N ILE A 278 61.27 -63.74 13.41
CA ILE A 278 60.49 -62.66 13.98
C ILE A 278 59.16 -63.22 14.58
N TYR A 279 58.38 -63.95 13.78
CA TYR A 279 57.11 -64.49 14.26
C TYR A 279 57.34 -65.28 15.55
N LEU A 280 58.42 -66.04 15.59
CA LEU A 280 58.76 -66.82 16.77
C LEU A 280 58.86 -65.86 17.91
N ARG A 281 59.75 -64.90 17.73
CA ARG A 281 60.17 -63.95 18.77
C ARG A 281 59.02 -63.11 19.31
N PHE A 282 58.31 -62.44 18.40
CA PHE A 282 57.15 -61.67 18.81
C PHE A 282 56.07 -62.51 19.45
N SER A 283 56.05 -63.81 19.17
CA SER A 283 55.03 -64.68 19.77
C SER A 283 55.42 -65.16 21.14
N ILE A 285 56.54 -63.22 23.51
CA ILE A 285 56.69 -62.00 24.29
C ILE A 285 56.22 -62.23 25.73
N ASP A 286 57.05 -61.82 26.69
CA ASP A 286 56.80 -62.16 28.11
C ASP A 286 56.58 -60.96 29.08
N PRO A 287 55.60 -61.12 30.02
CA PRO A 287 55.26 -60.03 30.97
C PRO A 287 56.51 -59.43 31.64
N THR A 288 57.33 -60.31 32.18
CA THR A 288 58.44 -60.02 33.06
C THR A 288 59.78 -59.98 32.34
N SER A 289 59.96 -60.79 31.28
CA SER A 289 61.23 -60.83 30.53
C SER A 289 61.17 -60.13 29.19
N GLY A 290 59.96 -59.67 28.83
CA GLY A 290 59.70 -58.99 27.56
C GLY A 290 60.04 -59.86 26.36
N PHE A 291 60.73 -59.27 25.40
CA PHE A 291 61.15 -60.01 24.23
C PHE A 291 62.28 -60.97 24.60
N PRO A 292 62.45 -62.03 23.81
CA PRO A 292 63.68 -62.81 23.83
C PRO A 292 64.88 -61.95 23.42
N SER A 293 66.08 -62.31 23.91
CA SER A 293 67.35 -61.66 23.55
C SER A 293 67.99 -62.32 22.35
N SER A 294 68.46 -61.52 21.38
CA SER A 294 69.20 -62.05 20.24
C SER A 294 70.63 -62.50 20.58
N THR A 295 70.84 -63.81 20.64
CA THR A 295 72.15 -64.37 20.92
C THR A 295 73.22 -63.82 19.97
N ALA A 296 72.85 -63.66 18.70
CA ALA A 296 73.75 -63.19 17.66
C ALA A 296 73.87 -61.66 17.67
N SER A 297 73.08 -60.98 16.86
CA SER A 297 73.19 -59.53 16.62
C SER A 297 74.09 -59.21 15.42
N GLY A 298 75.22 -59.91 15.30
CA GLY A 298 76.25 -59.54 14.31
C GLY A 298 76.89 -58.19 14.64
N ASN A 299 76.96 -57.30 13.64
CA ASN A 299 77.46 -55.94 13.87
C ASN A 299 76.30 -54.90 14.03
N TRP A 300 75.22 -55.28 14.70
CA TRP A 300 73.98 -54.51 14.60
C TRP A 300 74.08 -53.29 15.48
N GLU A 301 74.28 -53.53 16.78
CA GLU A 301 74.35 -52.46 17.79
C GLU A 301 72.99 -52.34 18.37
N VAL A 302 72.72 -53.26 19.29
CA VAL A 302 71.42 -53.41 19.91
C VAL A 302 70.97 -52.14 20.58
N PHE A 303 69.65 -51.91 20.55
CA PHE A 303 68.97 -50.89 21.34
C PHE A 303 68.09 -51.48 22.41
N HIS A 304 68.23 -50.96 23.63
CA HIS A 304 67.44 -51.41 24.76
C HIS A 304 66.78 -50.22 25.26
N ASP A 305 65.96 -50.39 26.28
CA ASP A 305 65.20 -49.26 26.72
C ASP A 305 66.13 -48.40 27.54
N PHE A 306 66.50 -48.83 28.73
CA PHE A 306 67.38 -47.97 29.51
C PHE A 306 68.84 -48.07 29.02
N SER A 308 70.80 -46.00 29.63
CA SER A 308 71.60 -45.62 30.79
C SER A 308 72.28 -46.88 31.37
N THR A 309 71.55 -47.68 32.16
CA THR A 309 72.14 -48.79 32.98
C THR A 309 72.72 -49.94 32.15
N GLY A 330 60.55 -39.11 20.98
CA GLY A 330 59.16 -39.04 21.40
C GLY A 330 58.72 -39.96 22.56
N SER A 331 58.11 -41.09 22.21
CA SER A 331 57.29 -41.93 23.12
C SER A 331 55.91 -42.10 22.46
N SER A 332 54.82 -41.96 23.24
CA SER A 332 53.45 -41.75 22.70
C SER A 332 53.05 -42.52 21.42
N GLN A 333 53.28 -43.85 21.40
CA GLN A 333 52.98 -44.72 20.23
C GLN A 333 51.51 -44.68 19.80
N PRO A 334 51.25 -44.38 18.51
CA PRO A 334 49.91 -44.25 17.91
C PRO A 334 48.97 -45.40 18.28
N ASP A 335 47.77 -45.06 18.77
CA ASP A 335 46.81 -46.04 19.32
C ASP A 335 46.23 -47.01 18.29
N TYR A 336 46.05 -46.57 17.04
CA TYR A 336 45.56 -47.44 15.94
C TYR A 336 46.56 -48.55 15.46
N LEU A 337 47.87 -48.27 15.56
CA LEU A 337 48.94 -49.25 15.26
C LEU A 337 49.02 -50.45 16.24
N GLU A 338 48.17 -50.47 17.28
CA GLU A 338 48.15 -51.55 18.29
C GLU A 338 47.61 -52.89 17.73
N SER A 339 46.58 -52.79 16.87
CA SER A 339 45.89 -53.96 16.22
C SER A 339 46.80 -54.81 15.29
N LEU A 340 48.01 -54.30 15.01
CA LEU A 340 49.03 -54.95 14.18
C LEU A 340 49.91 -55.99 14.93
N ASP A 341 49.30 -56.85 15.75
CA ASP A 341 50.10 -57.81 16.54
C ASP A 341 50.40 -59.03 15.69
N TYR A 342 51.33 -59.83 16.18
CA TYR A 342 51.76 -61.04 15.52
C TYR A 342 50.67 -61.93 14.96
N SER A 343 49.45 -61.84 15.45
CA SER A 343 48.34 -62.60 14.87
C SER A 343 48.26 -62.41 13.37
N GLN A 344 48.50 -61.20 12.85
CA GLN A 344 48.47 -60.93 11.38
C GLN A 344 49.67 -61.52 10.69
N LEU A 345 50.84 -61.35 11.29
CA LEU A 345 51.98 -62.05 10.78
C LEU A 345 51.64 -63.50 10.63
N PHE A 346 50.87 -64.08 11.54
CA PHE A 346 50.56 -65.51 11.41
C PHE A 346 49.66 -65.73 10.23
N SER A 347 48.63 -64.90 10.14
CA SER A 347 47.63 -65.03 9.14
C SER A 347 48.26 -64.83 7.80
N ILE A 348 49.28 -63.99 7.73
CA ILE A 348 49.87 -63.70 6.41
C ILE A 348 50.95 -64.72 5.96
N LEU A 349 51.51 -65.45 6.92
CA LEU A 349 52.42 -66.53 6.64
C LEU A 349 51.66 -67.85 6.53
N TYR A 350 50.46 -67.90 7.05
CA TYR A 350 49.67 -69.08 6.81
C TYR A 350 49.16 -69.09 5.37
N ALA A 351 48.62 -67.97 4.84
CA ALA A 351 48.39 -67.89 3.39
C ALA A 351 49.77 -67.91 2.80
N LEU A 352 49.94 -67.93 1.50
CA LEU A 352 51.34 -67.70 0.98
C LEU A 352 52.47 -68.69 1.29
N TYR A 353 52.60 -69.16 2.53
CA TYR A 353 53.64 -70.16 2.83
C TYR A 353 53.22 -71.17 3.87
N PRO A 354 51.97 -71.65 3.75
CA PRO A 354 51.28 -72.47 4.73
C PRO A 354 52.09 -73.66 5.21
N ILE A 355 52.87 -74.24 4.31
CA ILE A 355 53.46 -75.52 4.65
C ILE A 355 54.72 -75.26 5.46
N ASN A 356 55.63 -74.47 4.91
CA ASN A 356 56.88 -74.22 5.59
C ASN A 356 56.64 -73.53 6.92
N PHE A 357 55.76 -72.53 6.93
CA PHE A 357 55.40 -71.86 8.17
C PHE A 357 55.01 -72.90 9.21
N LEU A 358 53.99 -73.72 8.93
CA LEU A 358 53.60 -74.75 9.91
C LEU A 358 54.74 -75.70 10.28
N GLU A 359 55.65 -75.94 9.33
CA GLU A 359 56.76 -76.82 9.63
C GLU A 359 57.62 -76.13 10.66
N PHE A 360 58.10 -74.95 10.32
CA PHE A 360 58.90 -74.15 11.23
C PHE A 360 58.31 -74.20 12.63
N LEU A 361 57.03 -73.89 12.77
CA LEU A 361 56.41 -73.91 14.12
C LEU A 361 56.23 -75.31 14.73
N ARG A 362 57.01 -76.27 14.30
CA ARG A 362 56.89 -77.56 14.91
C ARG A 362 58.18 -77.92 15.65
N ASP A 363 59.29 -77.78 14.93
CA ASP A 363 60.65 -77.76 15.47
C ASP A 363 61.42 -76.71 14.67
N PRO A 364 61.48 -75.46 15.19
CA PRO A 364 62.11 -74.35 14.42
C PRO A 364 63.63 -74.47 14.30
N LYS A 365 64.24 -75.09 15.32
CA LYS A 365 65.67 -75.36 15.31
C LYS A 365 65.95 -76.25 14.15
N LEU A 366 65.08 -77.23 14.03
CA LEU A 366 65.25 -78.27 13.03
C LEU A 366 65.06 -77.69 11.66
N TYR A 367 63.99 -76.92 11.51
CA TYR A 367 63.70 -76.35 10.23
C TYR A 367 64.83 -75.44 9.85
N ALA A 368 65.45 -74.79 10.83
CA ALA A 368 66.51 -73.82 10.55
C ALA A 368 67.85 -74.45 10.06
N SER A 369 68.37 -75.50 10.70
CA SER A 369 69.35 -76.33 9.98
C SER A 369 68.55 -76.80 8.79
N LYS A 370 69.17 -77.09 7.66
CA LYS A 370 68.45 -77.61 6.47
C LYS A 370 67.95 -76.51 5.56
N HIS A 371 67.42 -75.46 6.16
CA HIS A 371 67.19 -74.25 5.44
C HIS A 371 68.30 -73.24 5.82
N ASN A 372 69.28 -73.71 6.61
CA ASN A 372 70.57 -73.03 6.76
C ASN A 372 70.49 -71.57 7.21
N PHE A 373 69.87 -71.39 8.38
CA PHE A 373 69.88 -70.15 9.18
C PHE A 373 69.82 -70.60 10.64
N GLN A 374 69.76 -69.65 11.58
CA GLN A 374 69.87 -70.02 12.98
C GLN A 374 68.79 -69.44 13.84
N ILE A 375 68.36 -70.20 14.83
CA ILE A 375 67.44 -69.63 15.78
C ILE A 375 68.26 -68.98 16.85
N ARG A 376 68.03 -67.69 17.07
CA ARG A 376 68.77 -66.92 18.06
C ARG A 376 68.13 -66.88 19.47
N TYR A 377 66.85 -67.17 19.56
CA TYR A 377 66.13 -66.96 20.79
C TYR A 377 66.13 -68.28 21.50
N SER A 378 66.12 -68.25 22.82
CA SER A 378 65.60 -69.38 23.55
C SER A 378 64.12 -69.11 23.49
N PHE A 379 63.35 -70.20 23.38
CA PHE A 379 61.88 -70.13 23.42
C PHE A 379 61.33 -71.36 24.09
N ASN A 380 60.02 -71.31 24.36
CA ASN A 380 59.27 -72.35 25.03
C ASN A 380 58.44 -73.04 23.97
N GLN A 381 58.85 -74.27 23.59
CA GLN A 381 58.14 -74.97 22.53
C GLN A 381 56.66 -75.07 22.84
N GLU A 382 56.34 -75.67 23.98
CA GLU A 382 54.93 -76.02 24.23
C GLU A 382 54.09 -74.78 24.17
N LEU A 383 54.65 -73.65 24.57
CA LEU A 383 53.90 -72.41 24.53
C LEU A 383 53.61 -72.03 23.07
N LEU A 384 54.63 -72.08 22.23
CA LEU A 384 54.51 -71.71 20.83
C LEU A 384 53.46 -72.56 20.12
N SER A 385 53.36 -73.83 20.48
CA SER A 385 52.31 -74.71 19.95
C SER A 385 50.92 -74.55 20.58
N THR A 386 50.86 -74.17 21.85
CA THR A 386 49.63 -73.81 22.52
C THR A 386 49.05 -72.56 21.85
N LYS A 387 49.90 -71.55 21.58
CA LYS A 387 49.49 -70.23 21.10
C LYS A 387 49.21 -70.13 19.61
N SER A 388 50.03 -70.83 18.83
CA SER A 388 49.96 -70.78 17.37
C SER A 388 48.85 -71.73 16.93
N ASP A 389 48.63 -72.79 17.70
CA ASP A 389 47.43 -73.56 17.52
C ASP A 389 46.28 -72.60 17.65
N GLY A 390 46.19 -71.89 18.75
CA GLY A 390 45.07 -70.98 18.92
C GLY A 390 44.70 -70.17 17.68
N LEU A 391 45.72 -69.78 16.93
CA LEU A 391 45.55 -68.96 15.75
C LEU A 391 45.22 -69.79 14.52
N LEU A 392 45.81 -70.97 14.45
CA LEU A 392 45.54 -71.83 13.31
C LEU A 392 44.08 -72.15 13.28
N GLY A 393 43.52 -72.35 14.45
CA GLY A 393 42.13 -72.79 14.56
C GLY A 393 41.14 -71.80 14.01
N ARG A 394 41.55 -70.54 13.95
CA ARG A 394 40.75 -69.51 13.34
C ARG A 394 40.72 -69.61 11.83
N HIS A 395 41.56 -70.46 11.25
CA HIS A 395 41.77 -70.42 9.82
C HIS A 395 41.26 -71.62 9.04
N LEU A 396 40.83 -71.42 7.81
CA LEU A 396 40.43 -72.54 6.95
C LEU A 396 41.62 -73.39 6.56
N ALA A 397 41.38 -74.65 6.23
CA ALA A 397 42.42 -75.55 5.76
C ALA A 397 43.01 -75.05 4.47
N HIS A 398 44.31 -75.25 4.27
CA HIS A 398 44.95 -74.67 3.09
C HIS A 398 44.97 -75.68 1.92
N SER A 399 44.70 -75.24 0.70
CA SER A 399 44.80 -76.10 -0.47
C SER A 399 46.24 -76.44 -0.87
N ASN A 400 47.17 -75.48 -0.87
CA ASN A 400 48.61 -75.82 -0.93
C ASN A 400 49.00 -77.21 -0.40
N PHE A 401 48.23 -77.79 0.52
CA PHE A 401 48.54 -79.14 1.07
C PHE A 401 48.21 -80.23 0.12
N LEU A 402 47.35 -79.95 -0.84
CA LEU A 402 46.95 -80.91 -1.85
C LEU A 402 47.74 -80.77 -3.13
N LYS A 403 48.46 -79.68 -3.29
CA LYS A 403 49.09 -79.36 -4.56
C LYS A 403 50.60 -79.31 -4.49
N TYR A 404 51.15 -79.02 -3.30
CA TYR A 404 52.62 -78.91 -3.10
C TYR A 404 53.15 -79.63 -1.88
N THR A 405 54.46 -79.85 -1.94
CA THR A 405 55.27 -80.24 -0.80
C THR A 405 55.97 -78.99 -0.29
N ALA A 406 56.77 -79.15 0.75
CA ALA A 406 57.51 -78.05 1.32
C ALA A 406 58.47 -77.44 0.29
N GLU A 407 59.24 -78.27 -0.39
CA GLU A 407 60.20 -77.72 -1.34
C GLU A 407 59.50 -77.16 -2.60
N THR A 408 58.51 -77.87 -3.13
CA THR A 408 57.76 -77.31 -4.27
C THR A 408 57.07 -75.98 -3.87
N GLU A 409 56.60 -75.87 -2.63
CA GLU A 409 56.01 -74.62 -2.16
C GLU A 409 57.08 -73.53 -2.29
N LEU A 410 58.25 -73.76 -1.70
CA LEU A 410 59.34 -72.78 -1.76
C LEU A 410 59.78 -72.51 -3.16
N THR A 411 60.14 -73.53 -3.93
CA THR A 411 60.40 -73.23 -5.34
C THR A 411 59.30 -73.68 -6.26
N ASP A 412 58.78 -72.78 -7.09
CA ASP A 412 57.71 -73.12 -8.06
C ASP A 412 56.95 -71.86 -8.36
N LYS A 413 57.46 -71.13 -9.32
CA LYS A 413 57.04 -69.75 -9.57
C LYS A 413 55.69 -69.69 -10.29
N SER A 414 55.21 -70.83 -10.79
CA SER A 414 53.87 -70.97 -11.36
C SER A 414 52.72 -70.86 -10.34
N ARG A 415 53.04 -71.04 -9.05
CA ARG A 415 52.03 -70.95 -8.01
C ARG A 415 51.40 -69.56 -7.98
N TRP A 416 52.19 -68.54 -8.30
CA TRP A 416 51.75 -67.13 -8.28
C TRP A 416 51.05 -66.68 -9.57
N THR A 417 50.66 -67.66 -10.41
CA THR A 417 49.78 -67.43 -11.57
C THR A 417 48.31 -67.40 -11.10
N ARG A 418 47.85 -68.45 -10.39
CA ARG A 418 46.50 -68.46 -9.77
C ARG A 418 46.15 -67.07 -9.19
N LEU A 419 47.18 -66.35 -8.71
CA LEU A 419 47.03 -65.08 -7.96
C LEU A 419 46.51 -63.96 -8.87
N ASP A 420 46.90 -64.03 -10.14
CA ASP A 420 46.45 -63.09 -11.18
C ASP A 420 44.93 -63.23 -11.41
N SER A 421 44.41 -64.45 -11.39
CA SER A 421 42.98 -64.71 -11.53
C SER A 421 42.11 -64.37 -10.31
N ILE A 422 42.59 -64.68 -9.11
CA ILE A 422 41.85 -64.33 -7.88
C ILE A 422 41.86 -62.81 -7.65
N ALA A 423 42.88 -62.12 -8.19
CA ALA A 423 43.02 -60.68 -8.03
C ALA A 423 41.91 -59.93 -8.76
N VAL A 424 41.51 -60.50 -9.91
CA VAL A 424 40.50 -59.95 -10.83
C VAL A 424 39.09 -60.08 -10.25
N VAL A 425 38.87 -61.20 -9.59
CA VAL A 425 37.58 -61.53 -9.01
C VAL A 425 37.44 -60.75 -7.68
N ALA A 426 38.57 -60.52 -7.01
CA ALA A 426 38.61 -59.71 -5.77
C ALA A 426 38.26 -58.25 -6.06
N LEU A 427 38.70 -57.82 -7.25
CA LEU A 427 38.50 -56.45 -7.72
C LEU A 427 37.02 -56.17 -8.00
N CYS A 428 36.42 -56.96 -8.90
CA CYS A 428 35.03 -56.76 -9.36
C CYS A 428 33.99 -56.76 -8.23
N ASN A 429 34.23 -57.48 -7.13
CA ASN A 429 33.23 -57.59 -6.05
C ASN A 429 33.30 -56.46 -5.03
N SER A 430 34.38 -55.69 -5.06
CA SER A 430 34.44 -54.41 -4.31
C SER A 430 33.68 -53.32 -5.07
N LEU A 431 33.88 -53.26 -6.39
CA LEU A 431 33.12 -52.35 -7.27
C LEU A 431 31.64 -52.65 -7.43
N ASN A 432 31.14 -53.70 -6.76
CA ASN A 432 29.69 -54.01 -6.79
C ASN A 432 28.89 -53.42 -5.64
N ALA A 433 27.95 -52.55 -5.98
CA ALA A 433 27.13 -51.83 -4.99
C ALA A 433 26.18 -52.71 -4.16
N VAL A 434 26.11 -54.00 -4.49
CA VAL A 434 25.02 -54.89 -4.07
C VAL A 434 23.70 -54.40 -4.72
N PRO B 5 60.45 -116.42 -16.58
CA PRO B 5 59.32 -115.62 -16.02
C PRO B 5 58.40 -115.00 -17.12
N LEU B 6 58.90 -114.96 -18.36
CA LEU B 6 58.15 -114.49 -19.50
C LEU B 6 57.36 -115.67 -20.01
N GLN B 7 58.01 -116.82 -20.03
CA GLN B 7 57.48 -117.99 -20.74
C GLN B 7 56.31 -118.61 -19.94
N SER B 8 56.04 -118.06 -18.75
CA SER B 8 54.94 -118.48 -17.85
C SER B 8 53.74 -117.49 -17.78
N LEU B 9 54.04 -116.22 -18.05
CA LEU B 9 53.05 -115.18 -18.29
C LEU B 9 52.32 -115.51 -19.62
N VAL B 10 53.09 -115.84 -20.66
CA VAL B 10 52.50 -116.14 -21.97
C VAL B 10 51.63 -117.41 -21.92
N LYS B 11 52.00 -118.38 -21.09
CA LYS B 11 51.06 -119.47 -20.82
C LYS B 11 49.73 -118.82 -20.52
N ALA B 12 49.73 -118.00 -19.47
CA ALA B 12 48.51 -117.42 -18.91
C ALA B 12 47.69 -116.45 -19.80
N LEU B 13 48.33 -115.75 -20.74
CA LEU B 13 47.58 -115.12 -21.82
C LEU B 13 46.67 -116.17 -22.44
N TRP B 14 47.23 -117.01 -23.31
CA TRP B 14 46.45 -118.10 -23.91
C TRP B 14 45.37 -118.65 -22.97
N ASN B 15 45.78 -119.09 -21.78
CA ASN B 15 44.86 -119.71 -20.82
C ASN B 15 43.62 -118.95 -20.49
N VAL B 16 43.70 -117.63 -20.67
CA VAL B 16 42.66 -116.73 -20.21
C VAL B 16 42.04 -115.96 -21.38
N LEU B 17 42.59 -116.09 -22.58
CA LEU B 17 41.88 -115.66 -23.79
C LEU B 17 41.26 -116.86 -24.54
N HIS B 18 40.86 -117.89 -23.76
CA HIS B 18 39.85 -118.92 -24.14
C HIS B 18 39.09 -119.45 -22.94
N ASP B 27 38.22 -115.53 -14.40
CA ASP B 27 39.16 -114.90 -13.45
C ASP B 27 40.55 -114.70 -14.05
N LEU B 28 41.05 -113.47 -13.92
CA LEU B 28 42.41 -113.07 -14.33
C LEU B 28 43.45 -113.39 -13.27
N THR B 29 42.99 -113.69 -12.06
CA THR B 29 43.82 -114.20 -10.96
C THR B 29 45.26 -114.62 -11.41
N GLU B 30 45.33 -115.68 -12.23
CA GLU B 30 46.61 -116.25 -12.73
C GLU B 30 47.38 -115.28 -13.62
N LEU B 31 46.68 -114.52 -14.44
CA LEU B 31 47.35 -113.55 -15.34
C LEU B 31 47.99 -112.45 -14.53
N ILE B 32 47.22 -111.92 -13.60
CA ILE B 32 47.67 -110.82 -12.77
C ILE B 32 48.89 -111.29 -11.99
N ALA B 33 48.76 -112.37 -11.22
CA ALA B 33 49.90 -112.95 -10.48
C ALA B 33 51.23 -113.00 -11.27
N GLU B 34 51.15 -113.51 -12.49
CA GLU B 34 52.30 -113.68 -13.35
C GLU B 34 52.84 -112.36 -13.89
N VAL B 35 51.96 -111.36 -14.01
CA VAL B 35 52.40 -110.01 -14.37
C VAL B 35 53.25 -109.41 -13.24
N GLU B 36 52.79 -109.54 -11.99
CA GLU B 36 53.57 -109.00 -10.89
C GLU B 36 54.93 -109.70 -10.75
N SER B 37 55.02 -111.01 -10.94
CA SER B 37 56.34 -111.63 -10.84
C SER B 37 57.15 -111.36 -12.11
N TYR B 38 56.48 -111.00 -13.20
CA TYR B 38 57.22 -110.46 -14.35
C TYR B 38 57.83 -109.09 -13.94
N GLN B 39 57.08 -108.19 -13.29
CA GLN B 39 57.56 -106.79 -13.06
C GLN B 39 58.66 -106.67 -12.05
N GLN B 40 58.80 -107.70 -11.22
CA GLN B 40 59.87 -107.76 -10.25
C GLN B 40 61.16 -108.08 -10.92
N ARG B 41 61.13 -109.05 -11.81
CA ARG B 41 62.29 -109.30 -12.61
C ARG B 41 62.52 -108.19 -13.67
N TYR B 42 61.47 -107.51 -14.15
CA TYR B 42 61.59 -106.42 -15.17
C TYR B 42 60.77 -105.23 -14.65
N PRO B 43 61.43 -104.25 -14.02
CA PRO B 43 60.71 -103.12 -13.47
C PRO B 43 60.60 -102.01 -14.49
N LYS B 44 61.71 -101.66 -15.12
CA LYS B 44 61.63 -100.86 -16.33
C LYS B 44 61.15 -101.80 -17.46
N GLN B 45 60.45 -101.23 -18.45
CA GLN B 45 59.96 -102.01 -19.60
C GLN B 45 61.13 -102.55 -20.40
N ASN B 46 61.04 -103.84 -20.77
CA ASN B 46 62.01 -104.51 -21.64
C ASN B 46 61.54 -104.58 -23.11
N PRO B 47 62.30 -103.96 -24.04
CA PRO B 47 61.74 -103.94 -25.40
C PRO B 47 61.60 -105.30 -26.10
N THR B 48 62.55 -106.24 -25.95
CA THR B 48 62.45 -107.58 -26.62
C THR B 48 61.36 -108.44 -26.02
N ASN B 49 60.98 -108.15 -24.79
CA ASN B 49 59.86 -108.80 -24.18
C ASN B 49 58.60 -108.06 -24.58
N SER B 50 58.72 -106.74 -24.76
CA SER B 50 57.59 -105.98 -25.29
C SER B 50 57.28 -106.53 -26.67
N GLN B 51 58.31 -106.60 -27.53
CA GLN B 51 58.17 -107.09 -28.91
C GLN B 51 57.51 -108.46 -28.99
N LYS B 52 58.13 -109.41 -28.29
CA LYS B 52 57.58 -110.75 -28.19
C LYS B 52 56.09 -110.69 -27.88
N ILE B 53 55.77 -110.10 -26.73
CA ILE B 53 54.42 -110.09 -26.19
C ILE B 53 53.48 -109.37 -27.15
N ARG B 54 53.94 -108.26 -27.71
CA ARG B 54 53.14 -107.55 -28.72
C ARG B 54 52.73 -108.57 -29.78
N HIS B 55 53.72 -109.32 -30.26
CA HIS B 55 53.47 -110.31 -31.32
C HIS B 55 52.48 -111.38 -30.91
N ILE B 56 52.75 -112.04 -29.81
CA ILE B 56 51.82 -112.99 -29.25
C ILE B 56 50.36 -112.54 -29.16
N LEU B 57 50.12 -111.28 -28.84
CA LEU B 57 48.73 -110.80 -28.89
C LEU B 57 48.13 -110.78 -30.32
N ASP B 58 48.87 -110.19 -31.28
CA ASP B 58 48.54 -110.22 -32.73
C ASP B 58 48.08 -111.61 -33.18
N GLU B 59 48.68 -112.62 -32.57
CA GLU B 59 48.46 -113.98 -32.95
C GLU B 59 47.17 -114.49 -32.29
N ILE B 60 46.83 -114.00 -31.11
CA ILE B 60 45.61 -114.50 -30.45
C ILE B 60 44.39 -113.73 -30.91
N TYR B 61 44.64 -112.52 -31.37
CA TYR B 61 43.58 -111.67 -31.90
C TYR B 61 43.08 -112.29 -33.22
N GLU B 62 44.00 -112.81 -34.04
CA GLU B 62 43.63 -113.70 -35.15
C GLU B 62 42.70 -114.78 -34.60
N LYS B 63 43.18 -115.55 -33.62
CA LYS B 63 42.45 -116.69 -33.07
C LYS B 63 41.11 -116.34 -32.42
N THR B 64 41.05 -115.24 -31.66
CA THR B 64 39.78 -114.74 -31.12
C THR B 64 39.80 -113.21 -31.28
N PRO B 65 38.81 -112.63 -31.99
CA PRO B 65 38.88 -111.19 -32.24
C PRO B 65 37.92 -110.40 -31.32
N PHE B 66 37.49 -109.21 -31.74
CA PHE B 66 36.74 -108.32 -30.89
C PHE B 66 35.22 -108.34 -31.16
N ASN B 67 34.73 -109.39 -31.81
CA ASN B 67 33.38 -109.37 -32.40
C ASN B 67 32.23 -109.36 -31.40
N ASN B 68 32.19 -110.31 -30.47
CA ASN B 68 31.06 -110.38 -29.53
C ASN B 68 31.49 -109.80 -28.22
N THR B 69 30.54 -109.44 -27.36
CA THR B 69 30.88 -108.64 -26.16
C THR B 69 31.74 -109.38 -25.14
N ARG B 70 31.45 -110.65 -24.87
CA ARG B 70 32.24 -111.42 -23.92
C ARG B 70 33.72 -111.51 -24.36
N ARG B 71 33.99 -111.54 -25.65
CA ARG B 71 35.37 -111.43 -26.12
C ARG B 71 35.91 -110.03 -25.85
N ARG B 72 35.02 -109.03 -25.82
CA ARG B 72 35.41 -107.65 -25.54
C ARG B 72 35.81 -107.48 -24.09
N ILE B 73 34.84 -107.65 -23.19
CA ILE B 73 35.14 -107.57 -21.77
C ILE B 73 36.55 -108.13 -21.61
N LEU B 74 36.67 -109.41 -21.93
CA LEU B 74 37.94 -110.16 -21.79
C LEU B 74 39.18 -109.42 -22.25
N TRP B 75 39.14 -108.98 -23.48
CA TRP B 75 40.30 -108.36 -24.10
C TRP B 75 40.71 -107.08 -23.41
N LEU B 76 39.73 -106.39 -22.84
CA LEU B 76 39.98 -105.12 -22.20
C LEU B 76 40.56 -105.38 -20.84
N ALA B 77 39.93 -106.22 -20.02
CA ALA B 77 40.57 -106.61 -18.77
C ALA B 77 42.05 -106.93 -19.02
N VAL B 78 42.29 -107.69 -20.08
CA VAL B 78 43.65 -108.19 -20.34
C VAL B 78 44.56 -107.09 -20.82
N LEU B 79 44.18 -106.39 -21.87
CA LEU B 79 45.01 -105.28 -22.33
C LEU B 79 45.31 -104.24 -21.24
N LYS B 80 44.34 -104.05 -20.35
CA LYS B 80 44.46 -103.14 -19.22
C LYS B 80 45.59 -103.59 -18.32
N THR B 81 45.58 -104.85 -17.86
CA THR B 81 46.65 -105.33 -16.97
C THR B 81 48.04 -105.56 -17.65
N VAL B 82 48.13 -105.73 -18.97
CA VAL B 82 49.47 -106.00 -19.64
C VAL B 82 50.15 -104.83 -20.33
N ILE B 83 49.39 -103.78 -20.61
CA ILE B 83 49.94 -102.68 -21.36
C ILE B 83 51.07 -101.97 -20.60
N PRO B 84 51.04 -101.94 -19.24
CA PRO B 84 52.18 -101.20 -18.62
C PRO B 84 53.55 -101.82 -19.00
N LEU B 85 53.59 -103.14 -19.10
CA LEU B 85 54.74 -103.91 -19.60
C LEU B 85 55.19 -103.60 -21.02
N LEU B 86 54.40 -102.89 -21.82
CA LEU B 86 54.76 -102.73 -23.23
C LEU B 86 55.33 -101.36 -23.56
N ILE B 87 55.91 -101.30 -24.77
CA ILE B 87 56.46 -100.09 -25.40
C ILE B 87 55.93 -99.93 -26.83
N LEU B 88 55.20 -98.85 -27.12
CA LEU B 88 54.52 -98.70 -28.40
C LEU B 88 55.06 -97.53 -29.21
N ASP B 89 54.46 -97.31 -30.39
CA ASP B 89 54.75 -96.18 -31.28
C ASP B 89 53.57 -95.85 -32.24
N ARG B 90 53.69 -94.75 -33.01
CA ARG B 90 52.60 -94.30 -33.88
C ARG B 90 51.99 -95.44 -34.67
N GLN B 91 52.85 -96.32 -35.15
CA GLN B 91 52.43 -97.40 -36.00
C GLN B 91 51.58 -98.37 -35.20
N ALA B 92 52.03 -98.65 -33.98
CA ALA B 92 51.37 -99.66 -33.14
C ALA B 92 50.03 -99.21 -32.63
N VAL B 93 49.89 -97.95 -32.21
CA VAL B 93 48.60 -97.45 -31.71
C VAL B 93 47.57 -97.38 -32.82
N GLY B 94 48.04 -97.04 -34.03
CA GLY B 94 47.25 -97.19 -35.24
C GLY B 94 46.64 -98.57 -35.27
N GLU B 95 47.47 -99.62 -35.16
CA GLU B 95 46.96 -101.00 -34.98
C GLU B 95 45.94 -101.10 -33.80
N TRP B 96 46.33 -100.60 -32.61
CA TRP B 96 45.46 -100.68 -31.39
C TRP B 96 44.14 -99.92 -31.57
N TRP B 97 44.22 -98.77 -32.24
CA TRP B 97 43.06 -98.00 -32.61
C TRP B 97 42.19 -98.80 -33.56
N ASP B 98 42.80 -99.24 -34.66
CA ASP B 98 42.08 -99.86 -35.77
C ASP B 98 41.33 -101.05 -35.28
N GLN B 99 41.95 -101.75 -34.35
CA GLN B 99 41.48 -103.06 -33.96
C GLN B 99 40.85 -103.09 -32.59
N ILE B 100 41.09 -102.08 -31.75
CA ILE B 100 40.31 -101.99 -30.48
C ILE B 100 39.57 -100.68 -30.21
N PHE B 101 40.24 -99.54 -30.36
CA PHE B 101 39.63 -98.34 -29.80
C PHE B 101 38.38 -98.04 -30.62
N PHE B 102 38.58 -97.84 -31.93
CA PHE B 102 37.49 -97.45 -32.86
C PHE B 102 36.29 -98.38 -32.80
N PRO B 103 36.51 -99.70 -33.00
CA PRO B 103 35.42 -100.66 -32.85
C PRO B 103 34.61 -100.45 -31.57
N PHE B 104 35.27 -100.16 -30.46
CA PHE B 104 34.53 -100.02 -29.22
C PHE B 104 33.69 -98.79 -29.20
N LEU B 105 34.32 -97.67 -29.53
CA LEU B 105 33.63 -96.41 -29.48
C LEU B 105 32.47 -96.51 -30.47
N ASN B 106 32.83 -96.78 -31.73
CA ASN B 106 31.88 -96.92 -32.87
C ASN B 106 30.56 -97.66 -32.58
N SER B 107 30.55 -98.54 -31.59
CA SER B 107 29.35 -99.23 -31.16
C SER B 107 29.56 -99.82 -29.79
N PRO B 108 29.49 -98.97 -28.76
CA PRO B 108 29.95 -99.28 -27.42
C PRO B 108 29.06 -100.24 -26.59
N THR B 109 29.69 -101.28 -26.03
CA THR B 109 29.08 -102.14 -25.02
C THR B 109 28.44 -101.34 -23.85
N GLN B 110 27.25 -101.75 -23.43
CA GLN B 110 26.47 -101.05 -22.39
C GLN B 110 26.81 -101.56 -20.99
N LEU B 111 28.09 -101.80 -20.73
CA LEU B 111 28.59 -102.11 -19.39
C LEU B 111 29.61 -101.06 -18.91
N LYS B 112 29.28 -100.42 -17.81
CA LYS B 112 30.06 -99.28 -17.34
C LYS B 112 31.47 -99.73 -17.01
N PRO B 113 31.60 -100.86 -16.27
CA PRO B 113 32.96 -101.31 -16.04
C PRO B 113 33.74 -101.42 -17.34
N VAL B 114 33.16 -102.04 -18.37
CA VAL B 114 33.89 -102.34 -19.64
C VAL B 114 34.41 -101.06 -20.29
N PHE B 115 33.60 -100.00 -20.26
CA PHE B 115 34.08 -98.69 -20.64
C PHE B 115 35.11 -98.07 -19.65
N SER B 116 34.92 -98.25 -18.34
CA SER B 116 35.92 -97.75 -17.40
C SER B 116 37.29 -98.28 -17.79
N ASP B 117 37.30 -99.56 -18.15
CA ASP B 117 38.51 -100.26 -18.66
C ASP B 117 39.07 -99.66 -19.93
N LEU B 118 38.18 -99.34 -20.84
CA LEU B 118 38.63 -98.75 -22.08
C LEU B 118 39.35 -97.46 -21.69
N LYS B 119 38.72 -96.71 -20.81
CA LYS B 119 39.30 -95.46 -20.41
C LYS B 119 40.63 -95.81 -19.81
N SER B 120 40.65 -96.71 -18.81
CA SER B 120 41.92 -97.12 -18.12
C SER B 120 43.13 -97.28 -19.07
N ILE B 121 42.88 -97.88 -20.23
CA ILE B 121 43.90 -98.12 -21.24
C ILE B 121 44.25 -96.85 -21.99
N LEU B 122 43.23 -96.13 -22.44
CA LEU B 122 43.44 -94.89 -23.17
C LEU B 122 44.27 -93.92 -22.38
N PHE B 123 43.92 -93.80 -21.11
CA PHE B 123 44.54 -92.80 -20.29
C PHE B 123 45.93 -93.21 -19.85
N TYR B 124 46.25 -94.51 -19.91
CA TYR B 124 47.64 -94.92 -19.73
C TYR B 124 48.53 -94.32 -20.86
N ILE B 125 47.98 -94.24 -22.05
CA ILE B 125 48.74 -93.82 -23.21
C ILE B 125 48.85 -92.30 -23.26
N LEU B 126 47.79 -91.64 -22.79
CA LEU B 126 47.55 -90.19 -22.92
C LEU B 126 48.24 -89.30 -21.88
N ILE B 127 48.21 -89.81 -20.65
CA ILE B 127 48.70 -89.16 -19.46
C ILE B 127 49.81 -89.98 -18.83
N PHE B 128 50.95 -89.33 -18.69
CA PHE B 128 52.16 -89.98 -18.23
C PHE B 128 53.08 -88.98 -17.49
N HIS B 129 53.68 -89.42 -16.38
CA HIS B 129 54.73 -88.64 -15.72
C HIS B 129 55.94 -88.49 -16.64
N ASP B 130 56.64 -89.61 -16.88
CA ASP B 130 57.90 -89.64 -17.62
C ASP B 130 57.81 -89.70 -19.17
N GLU B 131 58.48 -88.76 -19.85
CA GLU B 131 58.48 -88.64 -21.33
C GLU B 131 59.53 -89.51 -22.03
N ASP B 132 60.64 -89.74 -21.32
CA ASP B 132 61.76 -90.56 -21.79
C ASP B 132 61.59 -92.01 -21.33
N GLU B 133 60.36 -92.47 -21.08
CA GLU B 133 60.11 -93.78 -20.44
C GLU B 133 60.20 -94.96 -21.38
N TRP B 134 59.94 -94.70 -22.64
CA TRP B 134 59.91 -95.73 -23.65
C TRP B 134 61.03 -95.44 -24.66
N GLY B 135 61.97 -94.57 -24.29
CA GLY B 135 62.97 -94.09 -25.23
C GLY B 135 62.49 -92.99 -26.18
N GLY B 136 63.46 -92.25 -26.73
CA GLY B 136 63.20 -91.18 -27.68
C GLY B 136 62.09 -90.26 -27.24
N ASP B 137 61.14 -90.02 -28.14
CA ASP B 137 59.96 -89.20 -27.90
C ASP B 137 58.73 -90.10 -27.71
N LEU B 138 58.89 -91.36 -28.10
CA LEU B 138 57.78 -92.31 -28.31
C LEU B 138 56.54 -92.20 -27.42
N ARG B 139 56.70 -91.95 -26.12
CA ARG B 139 55.54 -91.90 -25.23
C ARG B 139 54.60 -90.76 -25.61
N ARG B 140 55.20 -89.63 -26.00
CA ARG B 140 54.46 -88.47 -26.43
C ARG B 140 53.81 -88.74 -27.79
N GLU B 141 54.63 -89.15 -28.74
CA GLU B 141 54.13 -89.51 -30.06
C GLU B 141 52.88 -90.36 -30.03
N CYS B 142 52.92 -91.42 -29.23
CA CYS B 142 51.74 -92.25 -29.00
C CYS B 142 50.55 -91.41 -28.54
N ALA B 143 50.73 -90.67 -27.44
CA ALA B 143 49.65 -89.83 -26.91
C ALA B 143 49.19 -88.87 -27.96
N GLU B 144 50.13 -88.18 -28.60
CA GLU B 144 49.78 -87.26 -29.70
C GLU B 144 48.80 -87.91 -30.67
N GLU B 145 49.20 -89.01 -31.29
CA GLU B 145 48.34 -89.69 -32.24
C GLU B 145 47.00 -90.00 -31.59
N THR B 146 47.06 -90.70 -30.47
CA THR B 146 45.85 -91.17 -29.84
C THR B 146 44.86 -90.03 -29.57
N ILE B 147 45.36 -88.86 -29.17
CA ILE B 147 44.44 -87.79 -28.85
C ILE B 147 43.83 -87.26 -30.12
N THR B 148 44.62 -87.21 -31.20
CA THR B 148 44.20 -86.70 -32.52
C THR B 148 43.14 -87.58 -33.17
N ARG B 149 43.35 -88.88 -33.16
CA ARG B 149 42.34 -89.81 -33.61
C ARG B 149 41.02 -89.65 -32.83
N LEU B 150 41.11 -89.49 -31.49
CA LEU B 150 39.93 -89.29 -30.63
C LEU B 150 39.19 -88.02 -30.97
N VAL B 151 39.93 -86.94 -31.13
CA VAL B 151 39.38 -85.66 -31.51
C VAL B 151 38.69 -85.91 -32.83
N ASP B 152 39.42 -86.42 -33.82
CA ASP B 152 38.93 -86.47 -35.21
C ASP B 152 37.67 -87.29 -35.32
N LEU B 153 37.60 -88.40 -34.58
CA LEU B 153 36.43 -89.24 -34.57
C LEU B 153 35.22 -88.46 -34.05
N TYR B 154 35.34 -87.83 -32.89
CA TYR B 154 34.25 -86.99 -32.33
C TYR B 154 33.74 -85.88 -33.25
N VAL B 155 34.66 -85.14 -33.86
CA VAL B 155 34.29 -84.05 -34.74
C VAL B 155 33.43 -84.63 -35.84
N SER B 156 33.98 -85.56 -36.62
CA SER B 156 33.24 -86.23 -37.69
C SER B 156 32.00 -87.05 -37.22
N LYS B 157 32.01 -87.54 -36.00
CA LYS B 157 30.86 -88.24 -35.46
C LYS B 157 29.77 -87.25 -35.05
N ALA B 158 30.13 -85.97 -34.92
CA ALA B 158 29.20 -84.95 -34.43
C ALA B 158 28.45 -84.23 -35.55
N ILE B 159 28.94 -84.39 -36.78
CA ILE B 159 28.35 -83.80 -37.97
C ILE B 159 27.67 -84.80 -38.95
N GLU B 160 28.44 -85.77 -39.47
CA GLU B 160 27.95 -86.81 -40.41
C GLU B 160 26.42 -87.10 -40.34
N ASN B 161 25.74 -87.05 -41.50
CA ASN B 161 24.27 -87.05 -41.58
C ASN B 161 23.54 -88.17 -40.80
N LEU B 162 24.20 -89.31 -40.56
CA LEU B 162 23.65 -90.44 -39.76
C LEU B 162 22.69 -91.35 -40.54
N GLY B 163 23.23 -92.38 -41.19
CA GLY B 163 22.44 -93.30 -42.04
C GLY B 163 21.94 -94.58 -41.35
N ASP B 164 21.04 -95.32 -42.01
CA ASP B 164 20.44 -96.53 -41.45
C ASP B 164 21.12 -97.77 -42.02
N SER B 167 21.22 -95.24 -36.83
CA SER B 167 20.70 -95.87 -35.64
C SER B 167 20.42 -94.88 -34.47
N GLN B 168 20.28 -93.57 -34.76
CA GLN B 168 20.35 -92.44 -33.73
C GLN B 168 20.83 -92.73 -32.27
N GLU B 169 20.00 -93.33 -31.40
CA GLU B 169 20.45 -93.78 -30.05
C GLU B 169 21.86 -94.40 -30.01
N GLN B 170 22.19 -95.21 -31.00
CA GLN B 170 23.51 -95.86 -31.05
C GLN B 170 24.56 -94.79 -31.30
N ARG B 171 24.18 -93.74 -32.03
CA ARG B 171 25.09 -92.64 -32.33
C ARG B 171 25.30 -91.67 -31.10
N ASN B 172 24.23 -91.50 -30.31
CA ASN B 172 24.28 -90.78 -29.03
C ASN B 172 25.11 -91.53 -28.02
N GLN B 173 25.28 -92.83 -28.21
CA GLN B 173 26.12 -93.59 -27.30
C GLN B 173 27.59 -93.35 -27.56
N THR B 174 27.93 -93.09 -28.81
CA THR B 174 29.31 -92.87 -29.17
C THR B 174 29.80 -91.48 -28.79
N ILE B 175 28.92 -90.48 -28.90
CA ILE B 175 29.34 -89.13 -28.53
C ILE B 175 29.28 -89.00 -27.01
N GLU B 176 28.42 -89.76 -26.33
CA GLU B 176 28.39 -89.69 -24.86
C GLU B 176 29.72 -90.15 -24.30
N CYS B 177 30.31 -91.19 -24.91
CA CYS B 177 31.59 -91.73 -24.49
C CYS B 177 32.78 -90.88 -24.92
N LEU B 178 32.78 -90.42 -26.16
CA LEU B 178 33.85 -89.58 -26.69
C LEU B 178 34.00 -88.23 -25.93
N VAL B 179 32.85 -87.68 -25.55
CA VAL B 179 32.82 -86.43 -24.81
C VAL B 179 33.47 -86.64 -23.46
N ASN B 180 32.96 -87.66 -22.79
CA ASN B 180 33.39 -87.95 -21.46
C ASN B 180 34.88 -88.12 -21.50
N VAL B 181 35.39 -88.78 -22.52
CA VAL B 181 36.85 -89.01 -22.61
C VAL B 181 37.64 -87.75 -22.95
N LEU B 182 37.16 -87.00 -23.93
CA LEU B 182 37.81 -85.75 -24.28
C LEU B 182 37.79 -84.68 -23.15
N VAL B 183 36.69 -84.62 -22.39
CA VAL B 183 36.60 -83.70 -21.28
C VAL B 183 37.65 -84.10 -20.29
N HIS B 184 37.60 -85.35 -19.87
CA HIS B 184 38.64 -85.91 -19.01
C HIS B 184 40.10 -85.63 -19.51
N TYR B 185 40.35 -85.68 -20.82
CA TYR B 185 41.71 -85.38 -21.28
C TYR B 185 41.98 -83.93 -21.05
N GLY B 186 40.95 -83.14 -21.27
CA GLY B 186 41.09 -81.68 -21.20
C GLY B 186 41.47 -81.10 -19.84
N ILE B 187 40.86 -81.61 -18.77
CA ILE B 187 41.03 -80.94 -17.49
C ILE B 187 42.46 -81.17 -17.08
N GLN B 188 43.04 -82.28 -17.55
CA GLN B 188 44.47 -82.53 -17.33
C GLN B 188 45.38 -81.92 -18.40
N ARG B 189 44.91 -81.74 -19.63
CA ARG B 189 45.79 -81.30 -20.73
C ARG B 189 45.21 -80.20 -21.63
N PRO B 190 44.95 -79.05 -21.03
CA PRO B 190 44.18 -78.09 -21.79
C PRO B 190 44.85 -77.43 -22.99
N LYS B 191 46.20 -77.28 -23.04
CA LYS B 191 46.87 -76.69 -24.28
C LYS B 191 46.72 -77.63 -25.47
N GLU B 192 46.79 -78.92 -25.14
CA GLU B 192 46.87 -80.00 -26.10
C GLU B 192 45.50 -80.21 -26.70
N LEU B 193 44.49 -80.26 -25.85
CA LEU B 193 43.18 -80.43 -26.40
C LEU B 193 42.75 -79.20 -27.20
N SER B 194 43.17 -78.03 -26.78
CA SER B 194 42.85 -76.83 -27.56
C SER B 194 43.62 -76.79 -28.89
N SER B 195 44.84 -77.35 -28.94
CA SER B 195 45.59 -77.41 -30.22
C SER B 195 44.90 -78.32 -31.21
N CYS B 196 44.36 -79.44 -30.71
CA CYS B 196 43.70 -80.45 -31.54
C CYS B 196 42.42 -79.91 -32.14
N PHE B 197 41.83 -78.94 -31.47
CA PHE B 197 40.60 -78.40 -31.98
C PHE B 197 40.80 -77.25 -32.99
N CYS B 198 42.05 -76.88 -33.30
CA CYS B 198 42.29 -75.55 -33.95
C CYS B 198 41.99 -75.46 -35.44
N HIS B 199 42.49 -76.41 -36.20
CA HIS B 199 42.11 -76.56 -37.61
C HIS B 199 40.60 -76.85 -37.69
N HIS B 200 40.11 -77.83 -36.94
CA HIS B 200 38.69 -78.16 -37.01
C HIS B 200 37.79 -76.95 -36.74
N PHE B 201 38.21 -76.08 -35.81
CA PHE B 201 37.33 -74.97 -35.42
C PHE B 201 36.95 -74.12 -36.63
N LEU B 202 37.86 -74.00 -37.59
CA LEU B 202 37.63 -73.17 -38.78
C LEU B 202 36.51 -73.68 -39.68
N ASN B 203 35.99 -74.90 -39.41
CA ASN B 203 34.93 -75.48 -40.22
C ASN B 203 33.57 -75.47 -39.44
N PRO B 204 32.67 -74.51 -39.76
CA PRO B 204 31.47 -74.15 -38.98
C PRO B 204 30.77 -75.23 -38.17
N PRO B 205 30.49 -76.39 -38.76
CA PRO B 205 29.63 -77.32 -37.98
C PRO B 205 30.35 -78.00 -36.82
N THR B 206 31.68 -77.90 -36.82
CA THR B 206 32.50 -78.37 -35.70
C THR B 206 32.26 -77.59 -34.42
N ARG B 207 31.76 -76.36 -34.57
CA ARG B 207 31.91 -75.32 -33.53
C ARG B 207 31.06 -75.58 -32.30
N ILE B 208 29.76 -75.74 -32.48
CA ILE B 208 28.88 -76.13 -31.34
C ILE B 208 29.46 -77.31 -30.53
N PRO B 209 29.88 -78.39 -31.18
CA PRO B 209 30.43 -79.54 -30.45
C PRO B 209 31.73 -79.28 -29.71
N ILE B 210 32.68 -78.67 -30.40
CA ILE B 210 33.95 -78.35 -29.79
C ILE B 210 33.74 -77.47 -28.55
N LEU B 211 32.92 -76.43 -28.66
CA LEU B 211 32.78 -75.49 -27.54
C LEU B 211 32.10 -76.20 -26.38
N SER B 212 31.10 -77.01 -26.74
CA SER B 212 30.30 -77.80 -25.82
C SER B 212 31.22 -78.62 -24.88
N VAL B 213 32.27 -79.13 -25.50
CA VAL B 213 33.34 -79.81 -24.82
C VAL B 213 34.27 -78.84 -24.13
N VAL B 215 33.93 -75.50 -22.93
CA VAL B 215 33.34 -74.97 -21.69
C VAL B 215 33.31 -76.01 -20.59
N GLU B 216 32.95 -77.25 -20.91
CA GLU B 216 32.90 -78.24 -19.85
C GLU B 216 34.26 -78.45 -19.12
N VAL B 217 35.35 -78.13 -19.81
CA VAL B 217 36.70 -78.21 -19.24
C VAL B 217 37.04 -76.98 -18.35
N ILE B 218 36.60 -75.84 -18.84
CA ILE B 218 36.81 -74.56 -18.22
C ILE B 218 35.84 -74.47 -17.05
N ARG B 219 34.61 -74.93 -17.21
CA ARG B 219 33.72 -74.96 -16.07
C ARG B 219 34.47 -75.53 -14.83
N ARG B 220 35.35 -76.54 -14.99
CA ARG B 220 36.05 -77.11 -13.81
C ARG B 220 37.08 -76.21 -13.18
N GLN B 221 37.53 -75.21 -13.94
CA GLN B 221 38.61 -74.32 -13.55
C GLN B 221 39.78 -75.11 -12.95
N GLY B 222 40.30 -76.08 -13.71
CA GLY B 222 41.54 -76.76 -13.34
C GLY B 222 42.70 -75.85 -13.68
N PRO B 223 43.91 -76.22 -13.30
CA PRO B 223 45.00 -75.50 -13.96
C PRO B 223 45.01 -76.12 -15.34
N ARG B 224 45.88 -75.71 -16.25
CA ARG B 224 46.60 -74.49 -16.20
C ARG B 224 46.05 -73.85 -17.46
N LEU B 225 44.87 -73.25 -17.31
CA LEU B 225 44.10 -72.75 -18.46
C LEU B 225 44.85 -71.59 -19.09
N TYR B 226 45.66 -70.94 -18.29
CA TYR B 226 46.43 -69.86 -18.84
C TYR B 226 47.08 -70.29 -20.12
N GLU B 227 47.42 -71.56 -20.29
CA GLU B 227 48.18 -71.95 -21.49
C GLU B 227 47.42 -71.72 -22.79
N ILE B 228 46.08 -71.79 -22.73
CA ILE B 228 45.27 -71.96 -23.93
C ILE B 228 45.48 -70.92 -25.03
N PRO B 229 45.65 -69.65 -24.68
CA PRO B 229 45.76 -68.66 -25.76
C PRO B 229 46.98 -68.85 -26.68
N GLN B 230 48.10 -69.34 -26.13
CA GLN B 230 49.25 -69.71 -26.95
C GLN B 230 48.85 -70.49 -28.19
N THR B 231 47.84 -71.33 -28.04
CA THR B 231 47.49 -72.26 -29.09
C THR B 231 46.61 -71.63 -30.17
N GLY B 232 46.19 -70.37 -30.00
CA GLY B 232 45.44 -69.65 -31.07
C GLY B 232 43.93 -69.92 -31.13
N PHE B 233 43.50 -70.89 -30.31
CA PHE B 233 42.11 -71.22 -30.12
C PHE B 233 41.36 -70.02 -29.60
N TYR B 234 41.77 -69.48 -28.44
CA TYR B 234 41.12 -68.29 -27.89
C TYR B 234 40.82 -67.29 -29.02
N ASP B 235 41.85 -66.87 -29.74
CA ASP B 235 41.67 -65.98 -30.90
C ASP B 235 40.46 -66.41 -31.72
N LEU B 236 40.38 -67.71 -32.00
CA LEU B 236 39.24 -68.24 -32.77
C LEU B 236 37.90 -68.02 -32.08
N VAL B 237 37.90 -68.21 -30.76
CA VAL B 237 36.65 -68.29 -30.02
C VAL B 237 36.01 -66.91 -30.07
N LEU B 238 36.88 -65.90 -30.05
CA LEU B 238 36.47 -64.54 -30.28
C LEU B 238 35.91 -64.42 -31.69
N LYS B 239 36.67 -64.80 -32.71
CA LYS B 239 36.15 -64.63 -34.05
C LYS B 239 34.70 -65.15 -34.18
N CYS B 240 34.44 -66.30 -33.56
CA CYS B 240 33.08 -66.85 -33.44
C CYS B 240 32.08 -65.88 -32.76
N ALA B 241 32.52 -65.21 -31.71
CA ALA B 241 31.64 -64.28 -31.03
C ALA B 241 31.44 -63.03 -31.84
N GLU B 242 32.40 -62.70 -32.69
CA GLU B 242 32.33 -61.44 -33.41
C GLU B 242 31.39 -61.66 -34.56
N PHE B 243 31.54 -62.78 -35.25
CA PHE B 243 30.95 -62.95 -36.57
C PHE B 243 29.76 -63.90 -36.63
N ASP B 244 29.87 -65.05 -35.96
CA ASP B 244 28.86 -66.10 -36.10
C ASP B 244 27.50 -65.67 -35.58
N THR B 245 26.50 -66.46 -35.94
CA THR B 245 25.13 -66.06 -35.84
C THR B 245 24.33 -66.87 -34.86
N SER B 246 24.49 -68.19 -34.87
CA SER B 246 23.60 -69.05 -34.11
C SER B 246 23.55 -68.63 -32.66
N PRO B 247 22.34 -68.28 -32.17
CA PRO B 247 22.28 -67.99 -30.74
C PRO B 247 22.81 -69.11 -29.85
N ILE B 248 22.61 -70.37 -30.22
CA ILE B 248 23.08 -71.42 -29.29
C ILE B 248 24.60 -71.37 -29.19
N LEU B 249 25.25 -71.29 -30.34
CA LEU B 249 26.72 -71.18 -30.46
C LEU B 249 27.29 -70.01 -29.70
N LEU B 250 26.76 -68.83 -29.98
CA LEU B 250 27.27 -67.63 -29.35
C LEU B 250 27.20 -67.70 -27.81
N SER B 251 26.15 -68.30 -27.25
CA SER B 251 26.06 -68.43 -25.77
C SER B 251 27.18 -69.32 -25.22
N TYR B 252 27.54 -70.36 -25.95
CA TYR B 252 28.71 -71.12 -25.59
C TYR B 252 29.97 -70.24 -25.67
N ALA B 253 30.11 -69.48 -26.75
CA ALA B 253 31.30 -68.65 -26.96
C ALA B 253 31.55 -67.65 -25.81
N LEU B 254 30.48 -67.10 -25.24
CA LEU B 254 30.61 -66.07 -24.18
C LEU B 254 31.01 -66.76 -22.89
N SER B 255 30.23 -67.77 -22.48
CA SER B 255 30.59 -68.62 -21.33
C SER B 255 32.03 -69.08 -21.37
N PHE B 256 32.56 -69.28 -22.57
CA PHE B 256 33.96 -69.54 -22.72
C PHE B 256 34.79 -68.30 -22.40
N ILE B 257 34.58 -67.22 -23.12
CA ILE B 257 35.56 -66.17 -23.03
C ILE B 257 35.49 -65.52 -21.64
N LEU B 258 34.29 -65.48 -21.05
CA LEU B 258 34.14 -65.10 -19.63
C LEU B 258 34.99 -65.98 -18.73
N ILE B 260 37.44 -67.86 -18.93
CA ILE B 260 38.90 -67.88 -19.07
C ILE B 260 39.53 -66.53 -18.81
N LEU B 261 38.69 -65.51 -18.68
CA LEU B 261 39.20 -64.15 -18.69
C LEU B 261 39.95 -63.73 -17.42
N SER B 262 39.64 -64.37 -16.28
CA SER B 262 40.46 -64.22 -15.06
C SER B 262 41.89 -64.82 -15.16
N HIS B 263 42.07 -65.82 -16.03
CA HIS B 263 43.35 -66.54 -16.16
C HIS B 263 44.21 -65.98 -17.26
N ILE B 264 44.21 -64.67 -17.39
CA ILE B 264 44.98 -64.05 -18.43
C ILE B 264 45.45 -62.67 -17.94
N CYS B 265 44.71 -61.61 -18.29
CA CYS B 265 45.10 -60.18 -18.05
C CYS B 265 46.28 -59.65 -18.88
N ASN B 266 46.95 -60.56 -19.59
CA ASN B 266 48.13 -60.24 -20.40
C ASN B 266 47.77 -60.17 -21.86
N SER B 267 47.09 -61.21 -22.35
CA SER B 267 46.44 -61.16 -23.68
C SER B 267 45.32 -60.13 -23.70
N LEU B 268 44.89 -59.71 -22.50
CA LEU B 268 43.88 -58.66 -22.37
C LEU B 268 44.26 -57.41 -23.14
N ASP B 269 45.55 -57.10 -23.17
CA ASP B 269 46.03 -55.89 -23.86
C ASP B 269 45.68 -55.85 -25.36
N ASP B 270 45.62 -57.03 -25.98
CA ASP B 270 45.45 -57.12 -27.44
C ASP B 270 43.98 -57.35 -27.80
N SER B 271 43.30 -58.15 -26.97
CA SER B 271 41.90 -58.50 -27.21
C SER B 271 40.91 -57.46 -26.68
N LEU B 272 41.42 -56.37 -26.12
CA LEU B 272 40.56 -55.31 -25.56
C LEU B 272 39.55 -54.83 -26.62
N TYR B 273 40.01 -54.10 -27.63
CA TYR B 273 39.07 -53.53 -28.58
C TYR B 273 38.09 -54.57 -29.14
N ARG B 274 38.56 -55.80 -29.32
CA ARG B 274 37.68 -56.91 -29.74
C ARG B 274 36.53 -57.07 -28.74
N LEU B 275 36.92 -57.21 -27.47
CA LEU B 275 35.96 -57.46 -26.39
C LEU B 275 34.91 -56.35 -26.19
N PHE B 276 35.32 -55.12 -26.46
CA PHE B 276 34.41 -54.02 -26.34
C PHE B 276 33.35 -54.34 -27.37
N CYS B 277 33.77 -54.59 -28.61
CA CYS B 277 32.84 -54.81 -29.75
C CYS B 277 31.92 -55.97 -29.52
N ILE B 278 32.47 -57.00 -28.87
CA ILE B 278 31.66 -58.12 -28.40
C ILE B 278 30.60 -57.67 -27.40
N TYR B 279 30.99 -57.01 -26.31
CA TYR B 279 29.99 -56.39 -25.43
C TYR B 279 28.89 -55.62 -26.25
N LEU B 280 29.33 -54.86 -27.26
CA LEU B 280 28.39 -54.15 -28.12
C LEU B 280 27.41 -55.10 -28.82
N ARG B 281 27.95 -56.18 -29.35
CA ARG B 281 27.15 -57.13 -30.11
C ARG B 281 26.09 -57.78 -29.23
N PHE B 282 26.55 -58.22 -28.05
CA PHE B 282 25.72 -59.00 -27.15
C PHE B 282 24.67 -58.17 -26.44
N SER B 283 25.07 -57.02 -25.92
CA SER B 283 24.08 -56.10 -25.39
C SER B 283 22.93 -55.88 -26.41
N ILE B 285 21.40 -57.83 -28.55
CA ILE B 285 20.65 -58.97 -29.02
C ILE B 285 19.15 -58.75 -28.99
N ASP B 286 18.56 -58.87 -30.17
CA ASP B 286 17.14 -58.64 -30.41
C ASP B 286 16.28 -59.93 -30.32
N PRO B 287 15.06 -59.82 -29.78
CA PRO B 287 14.03 -60.81 -30.01
C PRO B 287 13.87 -61.29 -31.48
N THR B 288 13.68 -60.39 -32.42
CA THR B 288 13.30 -60.81 -33.76
C THR B 288 14.46 -60.92 -34.74
N SER B 289 15.32 -59.91 -34.76
CA SER B 289 16.51 -59.96 -35.59
C SER B 289 17.65 -60.77 -34.93
N GLY B 290 17.52 -61.09 -33.64
CA GLY B 290 18.56 -61.82 -32.92
C GLY B 290 19.77 -60.93 -32.80
N PHE B 291 20.97 -61.50 -32.95
CA PHE B 291 22.23 -60.72 -32.99
C PHE B 291 22.39 -59.82 -34.22
N PRO B 292 23.19 -58.77 -34.09
CA PRO B 292 23.64 -58.05 -35.28
C PRO B 292 24.68 -58.86 -36.03
N SER B 293 24.35 -59.20 -37.27
CA SER B 293 25.30 -59.79 -38.19
C SER B 293 26.49 -58.88 -38.49
N SER B 294 27.70 -59.43 -38.52
CA SER B 294 28.89 -58.65 -38.93
C SER B 294 28.85 -58.32 -40.40
N THR B 295 29.84 -57.57 -40.86
CA THR B 295 29.98 -57.23 -42.28
C THR B 295 31.31 -57.77 -42.82
N ALA B 296 32.41 -57.37 -42.20
CA ALA B 296 33.77 -57.65 -42.72
C ALA B 296 34.05 -59.13 -42.76
N SER B 297 33.91 -59.78 -41.62
CA SER B 297 33.94 -61.23 -41.51
C SER B 297 35.30 -61.88 -41.80
N GLY B 298 36.32 -61.08 -42.12
CA GLY B 298 37.58 -61.60 -42.68
C GLY B 298 37.39 -62.68 -43.76
N ASN B 299 38.15 -63.76 -43.63
CA ASN B 299 37.91 -65.01 -44.33
C ASN B 299 37.52 -66.07 -43.26
N TRP B 300 36.42 -65.81 -42.56
CA TRP B 300 36.05 -66.62 -41.40
C TRP B 300 34.91 -67.56 -41.72
N GLU B 301 34.12 -67.26 -42.75
CA GLU B 301 33.07 -68.20 -43.17
C GLU B 301 32.13 -68.49 -42.00
N VAL B 302 31.12 -67.65 -41.93
CA VAL B 302 30.22 -67.55 -40.81
C VAL B 302 29.37 -68.80 -40.60
N PHE B 303 28.94 -69.02 -39.36
CA PHE B 303 27.96 -70.05 -39.01
C PHE B 303 26.57 -69.46 -38.71
N HIS B 304 25.55 -69.90 -39.46
CA HIS B 304 24.17 -69.52 -39.18
C HIS B 304 23.35 -70.71 -38.75
N ASP B 305 22.28 -70.45 -38.03
CA ASP B 305 21.57 -71.54 -37.40
C ASP B 305 21.06 -72.54 -38.43
N PHE B 306 20.54 -72.07 -39.56
CA PHE B 306 19.94 -72.97 -40.53
C PHE B 306 20.64 -72.83 -41.87
N SER B 308 21.30 -72.98 -45.41
CA SER B 308 20.26 -73.28 -46.41
C SER B 308 19.87 -71.99 -47.15
N SER B 339 23.82 -68.96 -17.40
CA SER B 339 23.52 -67.65 -16.80
C SER B 339 24.78 -66.78 -16.69
N LEU B 340 25.66 -66.86 -17.69
CA LEU B 340 26.80 -65.94 -17.84
C LEU B 340 26.47 -64.93 -18.97
N ASP B 341 25.62 -63.93 -18.71
CA ASP B 341 25.26 -62.94 -19.77
C ASP B 341 26.22 -61.75 -19.77
N TYR B 342 26.13 -60.90 -20.79
CA TYR B 342 27.02 -59.73 -20.97
C TYR B 342 27.14 -58.81 -19.77
N SER B 343 26.12 -58.80 -18.92
CA SER B 343 26.26 -58.21 -17.59
C SER B 343 27.59 -58.55 -16.94
N GLN B 344 28.02 -59.80 -16.94
CA GLN B 344 29.29 -60.14 -16.30
C GLN B 344 30.40 -59.50 -17.06
N LEU B 345 30.33 -59.56 -18.38
CA LEU B 345 31.38 -59.02 -19.23
C LEU B 345 31.56 -57.54 -18.96
N PHE B 346 30.46 -56.84 -18.73
CA PHE B 346 30.49 -55.43 -18.33
C PHE B 346 31.34 -55.23 -17.05
N SER B 347 30.93 -55.83 -15.94
CA SER B 347 31.65 -55.70 -14.70
C SER B 347 33.12 -55.73 -14.94
N ILE B 348 33.55 -56.74 -15.68
CA ILE B 348 34.97 -57.01 -15.77
C ILE B 348 35.69 -55.96 -16.64
N LEU B 349 35.07 -55.58 -17.74
CA LEU B 349 35.55 -54.47 -18.53
C LEU B 349 35.49 -53.13 -17.80
N TYR B 350 34.49 -52.93 -16.95
CA TYR B 350 34.40 -51.69 -16.17
C TYR B 350 35.39 -51.68 -14.98
N ALA B 351 35.74 -52.81 -14.37
CA ALA B 351 37.02 -52.85 -13.60
C ALA B 351 38.11 -52.65 -14.62
N LEU B 352 39.37 -52.87 -14.28
CA LEU B 352 40.37 -53.04 -15.38
C LEU B 352 40.45 -51.97 -16.50
N TYR B 353 39.40 -51.75 -17.31
CA TYR B 353 39.49 -50.71 -18.35
C TYR B 353 38.36 -49.64 -18.39
N PRO B 354 37.93 -49.15 -17.22
CA PRO B 354 36.75 -48.31 -17.00
C PRO B 354 36.67 -47.02 -17.78
N ILE B 355 37.79 -46.41 -18.05
CA ILE B 355 37.70 -45.08 -18.59
C ILE B 355 37.37 -45.23 -20.05
N ASN B 356 38.16 -46.07 -20.72
CA ASN B 356 38.00 -46.40 -22.14
C ASN B 356 36.69 -47.10 -22.42
N PHE B 357 36.22 -47.88 -21.44
CA PHE B 357 34.97 -48.59 -21.60
C PHE B 357 33.84 -47.54 -21.67
N LEU B 358 33.76 -46.69 -20.66
CA LEU B 358 32.74 -45.66 -20.67
C LEU B 358 32.94 -44.56 -21.74
N GLU B 359 34.01 -44.65 -22.52
CA GLU B 359 34.23 -43.69 -23.58
C GLU B 359 33.88 -44.34 -24.90
N PHE B 360 34.12 -45.64 -24.93
CA PHE B 360 33.63 -46.47 -25.99
C PHE B 360 32.09 -46.39 -26.02
N LEU B 361 31.46 -46.72 -24.89
CA LEU B 361 30.03 -46.52 -24.77
C LEU B 361 29.90 -45.03 -24.66
N ARG B 362 28.82 -44.48 -25.18
CA ARG B 362 28.78 -43.01 -25.33
C ARG B 362 29.00 -42.72 -26.79
N ASP B 363 30.16 -43.04 -27.34
CA ASP B 363 30.26 -43.06 -28.81
C ASP B 363 31.25 -44.10 -29.31
N PRO B 364 30.74 -45.27 -29.71
CA PRO B 364 31.67 -46.33 -30.05
C PRO B 364 32.19 -46.20 -31.49
N LYS B 365 31.32 -45.77 -32.41
CA LYS B 365 31.76 -45.49 -33.76
C LYS B 365 32.96 -44.57 -33.66
N LEU B 366 32.82 -43.53 -32.84
CA LEU B 366 33.91 -42.60 -32.63
C LEU B 366 35.13 -43.29 -32.03
N TYR B 367 35.03 -43.77 -30.80
CA TYR B 367 36.15 -44.46 -30.17
C TYR B 367 36.86 -45.40 -31.17
N ALA B 368 36.11 -45.98 -32.10
CA ALA B 368 36.66 -46.88 -33.13
C ALA B 368 37.72 -46.23 -34.03
N SER B 369 37.41 -45.16 -34.78
CA SER B 369 38.52 -44.36 -35.35
C SER B 369 39.20 -43.73 -34.17
N LYS B 370 40.48 -43.38 -34.27
CA LYS B 370 41.22 -42.99 -33.06
C LYS B 370 41.82 -44.18 -32.34
N HIS B 371 41.21 -45.34 -32.47
CA HIS B 371 41.89 -46.57 -32.07
C HIS B 371 41.99 -47.53 -33.22
N ASN B 372 41.67 -47.02 -34.41
CA ASN B 372 42.05 -47.62 -35.68
C ASN B 372 41.24 -48.88 -36.08
N PHE B 373 40.05 -49.08 -35.53
CA PHE B 373 39.26 -50.27 -35.83
C PHE B 373 37.86 -49.94 -36.41
N GLN B 374 37.04 -50.95 -36.68
CA GLN B 374 35.70 -50.71 -37.25
C GLN B 374 34.63 -51.34 -36.40
N ILE B 375 33.50 -50.68 -36.31
CA ILE B 375 32.37 -51.22 -35.62
C ILE B 375 31.62 -51.91 -36.70
N ARG B 376 31.73 -53.23 -36.77
CA ARG B 376 31.11 -54.02 -37.86
C ARG B 376 29.58 -54.10 -37.80
N TYR B 377 28.97 -53.72 -36.67
CA TYR B 377 27.57 -54.04 -36.41
C TYR B 377 26.69 -52.78 -36.47
N SER B 378 25.47 -52.93 -36.99
CA SER B 378 24.50 -51.83 -36.99
C SER B 378 23.91 -51.91 -35.61
N PHE B 379 23.72 -50.78 -34.94
CA PHE B 379 23.29 -50.85 -33.53
C PHE B 379 22.59 -49.59 -32.98
N ASN B 380 21.58 -49.78 -32.14
CA ASN B 380 20.82 -48.66 -31.57
C ASN B 380 21.52 -48.08 -30.33
N GLN B 381 21.95 -46.83 -30.47
CA GLN B 381 22.71 -46.15 -29.41
C GLN B 381 21.86 -45.93 -28.18
N GLU B 382 20.78 -45.17 -28.32
CA GLU B 382 19.99 -44.82 -27.13
C GLU B 382 19.68 -46.10 -26.31
N LEU B 383 19.49 -47.23 -26.98
CA LEU B 383 19.23 -48.53 -26.30
C LEU B 383 20.44 -49.05 -25.60
N LEU B 384 21.60 -48.82 -26.22
CA LEU B 384 22.91 -49.07 -25.63
C LEU B 384 23.11 -48.20 -24.40
N SER B 385 22.87 -46.90 -24.52
CA SER B 385 23.11 -46.02 -23.37
C SER B 385 22.15 -46.40 -22.24
N THR B 386 20.91 -46.72 -22.58
CA THR B 386 19.95 -47.25 -21.63
C THR B 386 20.53 -48.48 -20.90
N LYS B 387 20.54 -49.66 -21.52
CA LYS B 387 20.92 -50.90 -20.83
C LYS B 387 22.17 -50.70 -20.03
N SER B 388 23.19 -50.15 -20.68
CA SER B 388 24.55 -50.04 -20.16
C SER B 388 24.59 -49.33 -18.84
N ASP B 389 23.85 -48.21 -18.81
CA ASP B 389 23.63 -47.37 -17.62
C ASP B 389 22.91 -48.09 -16.48
N GLY B 390 21.89 -48.87 -16.80
CA GLY B 390 21.22 -49.70 -15.78
C GLY B 390 22.21 -50.54 -15.00
N LEU B 391 23.05 -51.22 -15.75
CA LEU B 391 24.19 -51.99 -15.24
C LEU B 391 25.18 -51.17 -14.40
N LEU B 392 25.45 -49.97 -14.88
CA LEU B 392 26.50 -49.12 -14.35
C LEU B 392 26.08 -48.59 -12.99
N GLY B 393 24.80 -48.22 -12.89
CA GLY B 393 24.15 -47.91 -11.60
C GLY B 393 24.41 -48.94 -10.51
N ARG B 394 24.69 -50.18 -10.91
CA ARG B 394 24.93 -51.23 -9.94
C ARG B 394 26.36 -51.27 -9.47
N HIS B 395 27.25 -50.46 -10.05
CA HIS B 395 28.68 -50.45 -9.65
C HIS B 395 29.12 -49.24 -8.85
N LEU B 396 30.12 -49.43 -8.02
CA LEU B 396 30.67 -48.29 -7.32
C LEU B 396 31.45 -47.49 -8.33
N ALA B 397 32.01 -46.38 -7.86
CA ALA B 397 32.79 -45.49 -8.69
C ALA B 397 34.33 -45.84 -8.72
N HIS B 398 34.99 -45.60 -9.85
CA HIS B 398 36.34 -46.12 -10.06
C HIS B 398 37.45 -45.09 -9.74
N SER B 399 38.42 -45.52 -8.95
CA SER B 399 39.54 -44.66 -8.60
C SER B 399 40.38 -44.23 -9.82
N ASN B 400 40.71 -45.19 -10.70
CA ASN B 400 41.25 -44.87 -12.04
C ASN B 400 40.91 -43.47 -12.61
N PHE B 401 39.69 -42.99 -12.36
CA PHE B 401 39.26 -41.68 -12.89
C PHE B 401 40.01 -40.49 -12.30
N LEU B 402 40.64 -40.74 -11.14
CA LEU B 402 41.45 -39.78 -10.38
C LEU B 402 42.96 -39.86 -10.66
N LYS B 403 43.43 -41.03 -11.11
CA LYS B 403 44.86 -41.27 -11.37
C LYS B 403 45.21 -41.16 -12.85
N TYR B 404 44.42 -41.78 -13.71
CA TYR B 404 44.77 -41.94 -15.10
C TYR B 404 43.85 -41.24 -16.09
N THR B 405 44.41 -41.02 -17.27
CA THR B 405 43.69 -40.50 -18.43
C THR B 405 43.27 -41.76 -19.18
N ALA B 406 42.57 -41.57 -20.30
CA ALA B 406 42.29 -42.66 -21.22
C ALA B 406 43.55 -43.15 -21.93
N GLU B 407 44.47 -42.23 -22.26
CA GLU B 407 45.81 -42.62 -22.81
C GLU B 407 46.71 -43.37 -21.83
N THR B 408 46.69 -43.01 -20.54
CA THR B 408 47.56 -43.65 -19.57
C THR B 408 46.94 -44.91 -19.06
N GLU B 409 45.64 -45.07 -19.32
CA GLU B 409 44.94 -46.25 -18.79
C GLU B 409 45.32 -47.47 -19.60
N LEU B 410 45.42 -47.29 -20.92
CA LEU B 410 45.92 -48.30 -21.86
C LEU B 410 47.43 -48.51 -21.69
N THR B 411 48.19 -47.41 -21.62
CA THR B 411 49.64 -47.48 -21.39
C THR B 411 50.18 -46.97 -20.05
N ASP B 412 50.25 -47.84 -19.05
CA ASP B 412 51.03 -47.55 -17.87
C ASP B 412 50.97 -48.81 -17.06
N LYS B 413 52.00 -49.62 -17.21
CA LYS B 413 51.98 -50.94 -16.57
C LYS B 413 52.23 -50.90 -15.04
N SER B 414 52.63 -49.74 -14.50
CA SER B 414 52.76 -49.57 -13.06
C SER B 414 51.39 -49.78 -12.38
N ARG B 415 50.32 -49.69 -13.16
CA ARG B 415 48.96 -49.92 -12.65
C ARG B 415 48.70 -51.36 -12.19
N TRP B 416 49.33 -52.34 -12.82
CA TRP B 416 49.18 -53.72 -12.44
C TRP B 416 50.15 -54.11 -11.31
N THR B 417 50.70 -53.08 -10.64
CA THR B 417 51.35 -53.18 -9.31
C THR B 417 50.30 -53.46 -8.25
N ARG B 418 49.34 -52.54 -8.15
CA ARG B 418 48.23 -52.57 -7.17
C ARG B 418 47.53 -53.95 -7.03
N LEU B 419 47.67 -54.80 -8.05
CA LEU B 419 47.08 -56.16 -8.09
C LEU B 419 47.74 -57.13 -7.10
N ASP B 420 49.07 -57.13 -7.04
CA ASP B 420 49.79 -57.95 -6.04
C ASP B 420 49.29 -57.58 -4.65
N SER B 421 49.14 -56.28 -4.41
CA SER B 421 48.68 -55.73 -3.15
C SER B 421 47.31 -56.30 -2.73
N ILE B 422 46.28 -56.01 -3.54
CA ILE B 422 44.87 -56.38 -3.22
C ILE B 422 44.53 -57.86 -3.35
N ALA B 423 45.41 -58.66 -3.96
CA ALA B 423 45.21 -60.10 -4.04
C ALA B 423 45.59 -60.80 -2.72
N VAL B 424 46.79 -60.47 -2.26
CA VAL B 424 47.35 -60.97 -1.01
C VAL B 424 46.48 -60.65 0.20
N VAL B 425 45.82 -59.49 0.17
CA VAL B 425 44.88 -59.11 1.20
C VAL B 425 43.63 -59.97 1.08
N ALA B 426 43.05 -60.04 -0.11
CA ALA B 426 41.86 -60.86 -0.34
C ALA B 426 42.09 -62.37 -0.22
N LEU B 427 43.36 -62.78 -0.17
CA LEU B 427 43.73 -64.20 0.05
C LEU B 427 43.56 -64.58 1.50
N CYS B 428 44.02 -63.73 2.42
CA CYS B 428 43.89 -64.03 3.86
C CYS B 428 42.44 -63.96 4.32
N ASN B 429 41.64 -63.15 3.61
CA ASN B 429 40.23 -63.01 3.92
C ASN B 429 39.43 -64.22 3.45
N SER B 430 40.05 -65.03 2.61
CA SER B 430 39.45 -66.30 2.21
C SER B 430 39.76 -67.40 3.23
N LEU B 431 40.89 -67.29 3.94
CA LEU B 431 41.28 -68.28 4.97
C LEU B 431 40.72 -68.02 6.38
N ASN B 432 40.05 -66.89 6.63
CA ASN B 432 39.40 -66.66 7.94
C ASN B 432 38.09 -67.39 7.98
N ALA B 433 37.87 -68.15 9.04
CA ALA B 433 36.61 -68.86 9.21
C ALA B 433 35.57 -67.93 9.81
N VAL B 434 36.04 -67.08 10.73
CA VAL B 434 35.23 -66.27 11.67
C VAL B 434 35.48 -66.80 13.09
N PRO C 5 -12.95 12.09 19.01
CA PRO C 5 -12.32 10.79 19.23
C PRO C 5 -10.77 10.81 19.34
N LEU C 6 -10.09 11.60 18.51
CA LEU C 6 -8.68 11.84 18.71
C LEU C 6 -8.43 12.41 20.12
N GLN C 7 -9.26 13.36 20.51
CA GLN C 7 -8.98 14.18 21.65
C GLN C 7 -9.11 13.43 22.98
N SER C 8 -9.89 12.36 22.97
CA SER C 8 -10.09 11.58 24.19
C SER C 8 -9.00 10.53 24.35
N LEU C 9 -8.33 10.24 23.24
CA LEU C 9 -7.20 9.32 23.21
C LEU C 9 -6.08 10.02 23.93
N VAL C 10 -6.01 11.34 23.68
CA VAL C 10 -4.91 12.14 24.16
C VAL C 10 -5.03 12.47 25.64
N LYS C 11 -6.26 12.51 26.13
CA LYS C 11 -6.47 12.50 27.56
C LYS C 11 -5.99 11.15 28.09
N ALA C 12 -6.55 10.05 27.57
CA ALA C 12 -6.21 8.68 28.00
C ALA C 12 -4.71 8.55 28.12
N LEU C 13 -4.01 9.07 27.11
CA LEU C 13 -2.56 9.14 27.11
C LEU C 13 -1.95 9.86 28.30
N TRP C 14 -2.38 11.09 28.59
CA TRP C 14 -1.80 11.85 29.72
C TRP C 14 -1.99 11.11 31.04
N ASN C 15 -3.15 10.46 31.19
CA ASN C 15 -3.55 9.90 32.47
C ASN C 15 -2.72 8.69 32.85
N VAL C 16 -2.40 7.93 31.81
CA VAL C 16 -1.74 6.65 31.98
C VAL C 16 -0.22 6.80 32.25
N LEU C 17 0.35 7.99 32.02
CA LEU C 17 1.78 8.26 32.30
C LEU C 17 2.12 9.05 33.60
N HIS C 18 1.40 8.77 34.72
CA HIS C 18 1.63 9.41 36.06
C HIS C 18 1.22 8.53 37.26
N ASP C 27 -5.82 -0.81 33.76
CA ASP C 27 -4.40 -1.00 34.03
C ASP C 27 -3.69 -0.10 33.06
N LEU C 28 -4.00 -0.38 31.79
CA LEU C 28 -3.94 0.49 30.65
C LEU C 28 -5.34 0.60 30.07
N THR C 29 -6.29 -0.06 30.70
CA THR C 29 -7.49 -0.54 30.01
C THR C 29 -8.25 0.51 29.23
N GLU C 30 -8.12 1.76 29.67
CA GLU C 30 -8.88 2.86 29.15
C GLU C 30 -8.30 3.26 27.82
N LEU C 31 -6.99 3.49 27.80
CA LEU C 31 -6.25 3.82 26.55
C LEU C 31 -6.58 2.88 25.44
N ILE C 32 -6.29 1.61 25.68
CA ILE C 32 -6.56 0.54 24.73
C ILE C 32 -7.95 0.69 24.15
N ALA C 33 -8.92 0.85 25.05
CA ALA C 33 -10.32 1.12 24.70
C ALA C 33 -10.45 2.30 23.76
N GLU C 34 -9.80 3.41 24.11
CA GLU C 34 -9.80 4.65 23.29
C GLU C 34 -9.14 4.57 21.89
N VAL C 35 -8.13 3.72 21.76
CA VAL C 35 -7.53 3.44 20.47
C VAL C 35 -8.47 2.63 19.58
N GLU C 36 -9.12 1.64 20.19
CA GLU C 36 -10.12 0.80 19.51
C GLU C 36 -11.25 1.62 18.95
N SER C 37 -11.60 2.72 19.65
CA SER C 37 -12.61 3.62 19.12
C SER C 37 -12.00 4.48 17.98
N TYR C 38 -10.88 5.16 18.24
CA TYR C 38 -10.18 5.93 17.20
C TYR C 38 -10.05 5.20 15.86
N GLN C 39 -9.70 3.92 15.91
CA GLN C 39 -9.43 3.19 14.68
C GLN C 39 -10.72 3.01 13.95
N GLN C 40 -11.81 2.91 14.71
CA GLN C 40 -13.10 2.78 14.05
C GLN C 40 -13.29 3.95 13.10
N ARG C 41 -13.09 5.16 13.63
CA ARG C 41 -13.18 6.38 12.81
C ARG C 41 -12.04 6.60 11.81
N TYR C 42 -10.82 6.19 12.17
CA TYR C 42 -9.65 6.37 11.33
C TYR C 42 -9.00 5.03 11.11
N PRO C 43 -9.50 4.27 10.12
CA PRO C 43 -9.09 2.89 9.90
C PRO C 43 -7.85 2.77 9.01
N LYS C 44 -7.56 3.81 8.23
CA LYS C 44 -6.23 4.00 7.66
C LYS C 44 -5.55 5.15 8.40
N GLN C 45 -4.25 5.08 8.60
CA GLN C 45 -3.56 6.07 9.45
C GLN C 45 -3.76 7.46 8.88
N ASN C 46 -4.24 8.39 9.69
CA ASN C 46 -4.46 9.76 9.24
C ASN C 46 -3.21 10.57 9.57
N PRO C 47 -2.56 11.12 8.53
CA PRO C 47 -1.25 11.81 8.65
C PRO C 47 -1.20 13.00 9.61
N THR C 48 -2.33 13.66 9.84
CA THR C 48 -2.39 14.79 10.74
C THR C 48 -2.53 14.37 12.19
N ASN C 49 -3.37 13.39 12.47
CA ASN C 49 -3.54 12.95 13.85
C ASN C 49 -2.24 12.31 14.27
N SER C 50 -1.57 11.62 13.33
CA SER C 50 -0.26 10.99 13.56
C SER C 50 0.70 12.06 14.01
N GLN C 51 0.86 13.07 13.16
CA GLN C 51 1.60 14.28 13.52
C GLN C 51 1.32 14.79 14.93
N LYS C 52 0.04 15.00 15.25
CA LYS C 52 -0.39 15.59 16.51
C LYS C 52 -0.06 14.66 17.69
N ILE C 53 -0.27 13.37 17.47
CA ILE C 53 -0.01 12.39 18.50
C ILE C 53 1.46 12.37 18.78
N ARG C 54 2.26 12.17 17.73
CA ARG C 54 3.72 12.10 17.85
C ARG C 54 4.21 13.27 18.70
N HIS C 55 3.70 14.45 18.41
CA HIS C 55 3.89 15.61 19.24
C HIS C 55 3.61 15.43 20.74
N ILE C 56 2.40 15.02 21.07
CA ILE C 56 2.03 14.76 22.46
C ILE C 56 2.98 13.77 23.16
N LEU C 57 3.48 12.77 22.44
CA LEU C 57 4.47 11.87 23.02
C LEU C 57 5.76 12.63 23.43
N ASP C 58 6.32 13.43 22.51
CA ASP C 58 7.48 14.30 22.76
C ASP C 58 7.34 15.14 24.03
N GLU C 59 6.12 15.70 24.23
CA GLU C 59 5.76 16.46 25.43
C GLU C 59 5.83 15.62 26.71
N ILE C 60 5.21 14.45 26.71
CA ILE C 60 5.27 13.59 27.89
C ILE C 60 6.69 13.03 28.16
N TYR C 61 7.54 12.91 27.14
CA TYR C 61 8.84 12.27 27.33
C TYR C 61 9.71 13.24 28.11
N GLU C 62 9.55 14.54 27.85
CA GLU C 62 10.26 15.60 28.58
C GLU C 62 9.81 15.72 30.04
N LYS C 63 8.53 15.49 30.29
CA LYS C 63 8.04 15.30 31.64
C LYS C 63 8.64 14.01 32.27
N THR C 64 8.21 12.84 31.79
CA THR C 64 8.60 11.53 32.36
C THR C 64 9.35 10.61 31.34
N PRO C 65 10.70 10.62 31.34
CA PRO C 65 11.47 9.96 30.29
C PRO C 65 11.68 8.44 30.46
N PHE C 66 12.87 7.95 30.06
CA PHE C 66 13.12 6.53 29.88
C PHE C 66 14.23 6.07 30.85
N ASN C 67 14.13 6.51 32.11
CA ASN C 67 15.23 6.34 33.11
C ASN C 67 15.08 5.16 34.08
N ASN C 68 14.13 5.18 34.99
CA ASN C 68 13.87 3.97 35.73
C ASN C 68 13.15 2.89 34.89
N THR C 69 13.12 1.66 35.39
CA THR C 69 12.49 0.60 34.61
C THR C 69 10.96 0.81 34.62
N ARG C 70 10.34 1.16 35.75
CA ARG C 70 8.86 1.33 35.77
C ARG C 70 8.37 2.12 34.52
N ARG C 71 9.20 3.06 34.09
CA ARG C 71 8.96 3.92 32.93
C ARG C 71 9.08 3.14 31.59
N ARG C 72 10.26 2.54 31.41
CA ARG C 72 10.50 1.67 30.26
C ARG C 72 9.37 0.64 30.10
N ILE C 73 8.92 0.06 31.21
CA ILE C 73 7.81 -0.88 31.19
C ILE C 73 6.57 -0.23 30.54
N LEU C 74 6.34 1.00 30.97
CA LEU C 74 5.15 1.74 30.62
C LEU C 74 5.27 2.32 29.22
N TRP C 75 6.41 2.94 28.95
CA TRP C 75 6.58 3.51 27.63
C TRP C 75 6.30 2.44 26.55
N LEU C 76 7.05 1.35 26.63
CA LEU C 76 6.92 0.24 25.71
C LEU C 76 5.49 -0.36 25.65
N ALA C 77 4.84 -0.51 26.78
CA ALA C 77 3.46 -0.99 26.71
C ALA C 77 2.55 0.02 26.00
N VAL C 78 2.96 1.28 25.92
CA VAL C 78 2.09 2.30 25.33
C VAL C 78 2.45 2.51 23.88
N LEU C 79 3.72 2.69 23.63
CA LEU C 79 4.20 2.70 22.28
C LEU C 79 3.67 1.46 21.49
N LYS C 80 3.67 0.30 22.15
CA LYS C 80 3.12 -0.89 21.54
C LYS C 80 1.69 -0.62 21.11
N THR C 81 0.87 -0.02 21.98
CA THR C 81 -0.56 0.07 21.69
C THR C 81 -0.88 1.22 20.73
N VAL C 82 0.02 2.20 20.58
CA VAL C 82 -0.33 3.33 19.73
C VAL C 82 0.27 3.22 18.36
N ILE C 83 1.46 2.63 18.25
CA ILE C 83 2.21 2.78 17.01
C ILE C 83 1.46 2.40 15.71
N PRO C 84 0.59 1.38 15.76
CA PRO C 84 -0.19 1.20 14.53
C PRO C 84 -1.01 2.42 14.03
N LEU C 85 -1.21 3.45 14.86
CA LEU C 85 -1.88 4.68 14.40
C LEU C 85 -0.90 5.70 13.74
N LEU C 86 0.39 5.48 13.90
CA LEU C 86 1.37 6.46 13.47
C LEU C 86 1.93 6.23 12.07
N ILE C 87 2.27 7.37 11.44
CA ILE C 87 3.00 7.38 10.22
C ILE C 87 4.31 7.99 10.55
N LEU C 88 5.38 7.26 10.20
CA LEU C 88 6.77 7.56 10.56
C LEU C 88 7.63 7.73 9.31
N ASP C 89 8.79 8.37 9.49
CA ASP C 89 9.69 8.67 8.40
C ASP C 89 11.12 8.41 8.82
N ARG C 90 12.01 8.45 7.82
CA ARG C 90 13.39 8.01 8.00
C ARG C 90 13.96 8.69 9.19
N GLN C 91 13.52 9.93 9.41
CA GLN C 91 14.06 10.80 10.44
C GLN C 91 13.50 10.52 11.84
N ALA C 92 12.25 10.05 11.90
CA ALA C 92 11.55 9.71 13.16
C ALA C 92 12.08 8.45 13.78
N VAL C 93 12.31 7.41 12.97
CA VAL C 93 12.80 6.16 13.53
C VAL C 93 14.17 6.42 14.13
N GLY C 94 14.84 7.43 13.59
CA GLY C 94 16.00 8.05 14.24
C GLY C 94 15.69 8.53 15.64
N GLU C 95 14.74 9.48 15.78
CA GLU C 95 14.29 9.98 17.09
C GLU C 95 13.99 8.79 18.01
N TRP C 96 13.30 7.77 17.46
CA TRP C 96 12.78 6.62 18.26
C TRP C 96 13.86 5.68 18.70
N TRP C 97 14.79 5.41 17.80
CA TRP C 97 16.06 4.76 18.15
C TRP C 97 16.78 5.46 19.31
N ASP C 98 17.09 6.74 19.13
CA ASP C 98 17.90 7.50 20.08
C ASP C 98 17.30 7.50 21.49
N GLN C 99 15.97 7.55 21.57
CA GLN C 99 15.31 7.72 22.85
C GLN C 99 14.56 6.50 23.38
N ILE C 100 14.43 5.44 22.58
CA ILE C 100 13.78 4.18 23.07
C ILE C 100 14.58 2.91 22.76
N PHE C 101 14.85 2.67 21.48
CA PHE C 101 15.43 1.42 21.10
C PHE C 101 16.83 1.36 21.65
N PHE C 102 17.73 2.23 21.17
CA PHE C 102 19.11 2.21 21.62
C PHE C 102 19.26 2.23 23.16
N PRO C 103 18.63 3.18 23.85
CA PRO C 103 18.61 3.10 25.30
C PRO C 103 18.41 1.70 25.92
N PHE C 104 17.42 0.95 25.42
CA PHE C 104 17.10 -0.41 25.90
C PHE C 104 18.12 -1.47 25.51
N LEU C 105 18.47 -1.53 24.23
CA LEU C 105 19.39 -2.55 23.72
C LEU C 105 20.81 -2.34 24.22
N ASN C 106 21.06 -1.21 24.85
CA ASN C 106 22.35 -0.96 25.42
C ASN C 106 22.37 -1.47 26.82
N SER C 107 21.33 -1.21 27.60
CA SER C 107 21.23 -1.74 28.98
C SER C 107 19.87 -2.42 29.25
N PRO C 108 19.63 -3.59 28.60
CA PRO C 108 18.29 -4.21 28.53
C PRO C 108 17.70 -4.50 29.89
N THR C 109 16.45 -4.09 30.10
CA THR C 109 15.68 -4.44 31.29
C THR C 109 15.50 -5.94 31.18
N GLN C 110 15.72 -6.65 32.28
CA GLN C 110 15.77 -8.10 32.24
C GLN C 110 14.45 -8.71 32.63
N LEU C 111 13.38 -8.33 31.94
CA LEU C 111 12.13 -9.07 32.03
C LEU C 111 11.72 -9.42 30.62
N LYS C 112 11.34 -10.68 30.39
CA LYS C 112 11.04 -11.16 29.04
C LYS C 112 9.88 -10.42 28.33
N PRO C 113 8.67 -10.39 28.96
CA PRO C 113 7.58 -9.62 28.34
C PRO C 113 7.93 -8.16 28.02
N VAL C 114 8.95 -7.60 28.63
CA VAL C 114 9.32 -6.23 28.32
C VAL C 114 10.07 -6.16 26.99
N PHE C 115 10.90 -7.17 26.74
CA PHE C 115 11.64 -7.27 25.51
C PHE C 115 10.74 -7.95 24.48
N SER C 116 9.57 -8.45 24.89
CA SER C 116 8.66 -8.95 23.89
C SER C 116 8.13 -7.69 23.26
N ASP C 117 7.55 -6.83 24.08
CA ASP C 117 6.99 -5.56 23.60
C ASP C 117 7.96 -4.78 22.70
N LEU C 118 9.24 -4.75 23.06
CA LEU C 118 10.25 -4.06 22.29
C LEU C 118 10.38 -4.71 20.95
N LYS C 119 10.25 -6.04 20.88
CA LYS C 119 10.26 -6.71 19.57
C LYS C 119 8.93 -6.48 18.87
N SER C 120 7.80 -6.59 19.58
CA SER C 120 6.49 -6.25 18.98
C SER C 120 6.55 -4.98 18.15
N ILE C 121 7.18 -3.96 18.73
CA ILE C 121 7.33 -2.64 18.11
C ILE C 121 8.25 -2.62 16.91
N LEU C 122 9.48 -3.13 17.08
CA LEU C 122 10.50 -3.14 15.98
C LEU C 122 9.92 -3.83 14.77
N PHE C 123 9.16 -4.89 15.00
CA PHE C 123 8.70 -5.70 13.93
C PHE C 123 7.48 -5.08 13.32
N TYR C 124 6.73 -4.31 14.10
CA TYR C 124 5.67 -3.55 13.45
C TYR C 124 6.32 -2.68 12.36
N ILE C 125 7.52 -2.18 12.62
CA ILE C 125 8.22 -1.29 11.70
C ILE C 125 8.83 -2.10 10.56
N LEU C 126 9.59 -3.15 10.93
CA LEU C 126 10.45 -3.98 9.98
C LEU C 126 9.69 -4.84 8.96
N ILE C 127 8.49 -5.28 9.35
CA ILE C 127 7.67 -6.19 8.57
C ILE C 127 6.33 -5.55 8.33
N PHE C 128 5.88 -5.66 7.08
CA PHE C 128 4.65 -5.01 6.57
C PHE C 128 4.27 -5.62 5.22
N HIS C 129 2.98 -5.58 4.84
CA HIS C 129 2.53 -5.99 3.48
C HIS C 129 2.51 -4.77 2.55
N ASP C 130 1.61 -3.85 2.83
CA ASP C 130 1.38 -2.71 1.96
C ASP C 130 2.52 -1.68 2.02
N GLU C 131 3.37 -1.64 1.00
CA GLU C 131 4.42 -0.57 0.96
C GLU C 131 3.85 0.83 0.88
N ASP C 132 2.59 0.94 0.47
CA ASP C 132 1.92 2.22 0.25
C ASP C 132 1.15 2.66 1.49
N GLU C 133 1.05 1.79 2.47
CA GLU C 133 0.24 2.08 3.67
C GLU C 133 0.50 3.49 4.19
N TRP C 134 1.76 3.91 4.22
CA TRP C 134 2.12 5.20 4.79
C TRP C 134 2.32 6.25 3.76
N GLY C 135 2.50 5.86 2.50
CA GLY C 135 2.63 6.82 1.42
C GLY C 135 4.09 7.03 1.05
N GLY C 136 4.32 7.39 -0.20
CA GLY C 136 5.67 7.55 -0.72
C GLY C 136 6.38 6.22 -0.63
N ASP C 137 7.61 6.27 -0.14
CA ASP C 137 8.37 5.05 0.07
C ASP C 137 8.58 4.87 1.61
N LEU C 138 8.01 5.79 2.42
CA LEU C 138 8.13 5.79 3.90
C LEU C 138 8.05 4.41 4.58
N ARG C 139 7.04 3.60 4.31
CA ARG C 139 6.95 2.38 5.05
C ARG C 139 8.21 1.56 4.86
N ARG C 140 8.68 1.51 3.61
CA ARG C 140 9.93 0.81 3.27
C ARG C 140 11.10 1.52 3.91
N GLU C 141 11.38 2.75 3.44
CA GLU C 141 12.43 3.61 4.00
C GLU C 141 12.60 3.46 5.52
N CYS C 142 11.52 3.50 6.27
CA CYS C 142 11.60 3.43 7.73
C CYS C 142 12.33 2.17 8.18
N ALA C 143 11.85 1.01 7.75
CA ALA C 143 12.46 -0.23 8.15
C ALA C 143 13.90 -0.33 7.67
N GLU C 144 14.15 -0.04 6.40
CA GLU C 144 15.52 0.00 5.90
C GLU C 144 16.44 0.77 6.86
N GLU C 145 15.93 1.84 7.45
CA GLU C 145 16.68 2.59 8.46
C GLU C 145 16.89 1.75 9.71
N THR C 146 15.78 1.35 10.33
CA THR C 146 15.82 0.58 11.58
C THR C 146 16.76 -0.65 11.50
N ILE C 147 16.62 -1.46 10.46
CA ILE C 147 17.53 -2.60 10.27
C ILE C 147 19.00 -2.17 10.08
N THR C 148 19.22 -1.01 9.46
CA THR C 148 20.55 -0.48 9.30
C THR C 148 21.08 -0.23 10.67
N ARG C 149 20.34 0.53 11.47
CA ARG C 149 20.80 0.89 12.82
C ARG C 149 21.01 -0.30 13.72
N LEU C 150 20.22 -1.35 13.50
CA LEU C 150 20.26 -2.57 14.31
C LEU C 150 21.50 -3.35 14.05
N VAL C 151 21.88 -3.39 12.79
CA VAL C 151 23.06 -4.13 12.32
C VAL C 151 24.25 -3.37 12.87
N ASP C 152 24.30 -2.08 12.57
CA ASP C 152 25.42 -1.24 12.97
C ASP C 152 25.69 -1.35 14.46
N LEU C 153 24.63 -1.51 15.24
CA LEU C 153 24.79 -1.59 16.65
C LEU C 153 25.34 -2.92 17.05
N TYR C 154 24.91 -3.99 16.40
CA TYR C 154 25.33 -5.34 16.81
C TYR C 154 26.71 -5.60 16.34
N VAL C 155 27.14 -4.95 15.25
CA VAL C 155 28.49 -5.14 14.73
C VAL C 155 29.48 -4.34 15.56
N SER C 156 29.26 -3.04 15.66
CA SER C 156 30.03 -2.25 16.62
C SER C 156 30.08 -2.99 17.96
N LYS C 157 28.98 -3.61 18.38
CA LYS C 157 28.95 -4.24 19.70
C LYS C 157 29.79 -5.46 19.76
N ALA C 158 29.99 -6.12 18.64
CA ALA C 158 30.66 -7.42 18.63
C ALA C 158 32.10 -7.29 18.25
N ILE C 159 32.69 -6.12 18.45
CA ILE C 159 34.12 -5.91 18.22
C ILE C 159 34.82 -5.06 19.30
N GLU C 160 34.12 -4.05 19.83
CA GLU C 160 34.61 -3.16 20.90
C GLU C 160 35.24 -3.93 22.08
N ASN C 161 36.41 -3.50 22.56
CA ASN C 161 37.07 -4.13 23.73
C ASN C 161 36.28 -4.02 25.08
N LEU C 162 35.54 -2.93 25.25
CA LEU C 162 34.76 -2.62 26.48
C LEU C 162 35.58 -1.69 27.40
N GLY C 163 34.89 -0.76 28.08
CA GLY C 163 35.56 0.26 28.91
C GLY C 163 35.91 -0.18 30.32
N ASP C 164 34.88 -0.37 31.17
CA ASP C 164 35.03 -0.84 32.55
C ASP C 164 33.79 -1.62 33.02
N SER C 167 29.86 -5.75 32.25
CA SER C 167 30.83 -5.05 31.39
C SER C 167 31.47 -6.00 30.38
N GLN C 168 31.66 -7.26 30.77
CA GLN C 168 31.70 -8.38 29.80
C GLN C 168 30.36 -9.09 29.90
N GLU C 169 29.83 -9.21 31.12
CA GLU C 169 28.48 -9.80 31.36
C GLU C 169 27.33 -8.87 30.97
N GLN C 170 27.62 -7.58 30.84
CA GLN C 170 26.64 -6.58 30.41
C GLN C 170 26.62 -6.47 28.89
N ARG C 171 27.81 -6.54 28.28
CA ARG C 171 27.96 -6.59 26.83
C ARG C 171 27.26 -7.82 26.26
N ASN C 172 27.16 -8.87 27.07
CA ASN C 172 26.54 -10.10 26.59
C ASN C 172 25.04 -9.96 26.44
N GLN C 173 24.38 -9.32 27.40
CA GLN C 173 22.91 -9.24 27.41
C GLN C 173 22.43 -8.44 26.22
N THR C 174 23.27 -7.56 25.74
CA THR C 174 22.97 -6.86 24.53
C THR C 174 23.06 -7.77 23.29
N ILE C 175 24.24 -8.36 23.05
CA ILE C 175 24.46 -9.18 21.83
C ILE C 175 23.42 -10.31 21.73
N GLU C 176 22.99 -10.85 22.88
CA GLU C 176 21.95 -11.88 22.88
C GLU C 176 20.70 -11.28 22.26
N CYS C 177 20.22 -10.18 22.82
CA CYS C 177 19.05 -9.48 22.28
C CYS C 177 19.10 -9.27 20.77
N LEU C 178 20.18 -8.70 20.26
CA LEU C 178 20.24 -8.29 18.86
C LEU C 178 20.15 -9.47 17.90
N VAL C 179 20.92 -10.50 18.23
CA VAL C 179 20.98 -11.69 17.43
C VAL C 179 19.55 -12.20 17.20
N ASN C 180 18.77 -12.21 18.28
CA ASN C 180 17.40 -12.70 18.27
C ASN C 180 16.59 -11.87 17.30
N VAL C 181 16.73 -10.56 17.40
CA VAL C 181 16.04 -9.65 16.53
C VAL C 181 16.44 -9.97 15.10
N LEU C 182 17.75 -9.99 14.90
CA LEU C 182 18.31 -10.12 13.58
C LEU C 182 17.91 -11.43 12.90
N VAL C 183 17.92 -12.54 13.63
CA VAL C 183 17.61 -13.84 13.05
C VAL C 183 16.16 -13.91 12.67
N HIS C 184 15.29 -13.45 13.56
CA HIS C 184 13.86 -13.39 13.26
C HIS C 184 13.59 -12.51 12.06
N TYR C 185 14.41 -11.48 11.86
CA TYR C 185 14.23 -10.61 10.69
C TYR C 185 14.74 -11.33 9.48
N GLY C 186 15.82 -12.07 9.67
CA GLY C 186 16.47 -12.78 8.59
C GLY C 186 15.56 -13.82 7.96
N ILE C 187 14.80 -14.53 8.80
CA ILE C 187 14.16 -15.69 8.25
C ILE C 187 13.05 -15.15 7.41
N GLN C 188 12.65 -13.92 7.65
CA GLN C 188 11.52 -13.36 6.90
C GLN C 188 12.01 -12.61 5.73
N ARG C 189 13.23 -12.11 5.79
CA ARG C 189 13.67 -11.13 4.82
C ARG C 189 15.13 -11.38 4.44
N PRO C 190 15.43 -12.53 3.90
CA PRO C 190 16.85 -12.75 3.76
C PRO C 190 17.58 -11.78 2.82
N LYS C 191 17.00 -11.37 1.68
CA LYS C 191 17.69 -10.47 0.69
C LYS C 191 18.28 -9.27 1.41
N GLU C 192 17.58 -8.84 2.43
CA GLU C 192 17.74 -7.52 3.01
C GLU C 192 18.81 -7.61 4.08
N LEU C 193 18.69 -8.58 4.96
CA LEU C 193 19.69 -8.77 5.97
C LEU C 193 21.03 -9.18 5.36
N SER C 194 21.03 -9.88 4.22
CA SER C 194 22.28 -10.13 3.50
C SER C 194 22.85 -8.80 3.05
N SER C 195 22.14 -8.07 2.21
CA SER C 195 22.51 -6.69 1.80
C SER C 195 23.07 -5.81 2.90
N CYS C 196 22.32 -5.69 3.99
CA CYS C 196 22.83 -5.01 5.20
C CYS C 196 24.21 -5.42 5.68
N PHE C 197 24.59 -6.66 5.48
CA PHE C 197 25.85 -7.13 6.00
C PHE C 197 27.05 -6.96 5.05
N CYS C 198 26.78 -6.74 3.76
CA CYS C 198 27.83 -6.87 2.76
C CYS C 198 28.93 -5.81 2.81
N HIS C 199 28.64 -4.67 3.42
CA HIS C 199 29.66 -3.63 3.64
C HIS C 199 30.53 -4.11 4.80
N HIS C 200 29.90 -4.34 5.96
CA HIS C 200 30.59 -4.71 7.18
C HIS C 200 31.41 -5.95 7.00
N PHE C 201 30.92 -6.86 6.17
CA PHE C 201 31.61 -8.14 6.00
C PHE C 201 33.05 -7.95 5.43
N LEU C 202 33.29 -6.87 4.69
CA LEU C 202 34.61 -6.52 4.16
C LEU C 202 35.64 -6.19 5.26
N ASN C 203 35.19 -5.62 6.38
CA ASN C 203 36.09 -5.37 7.48
C ASN C 203 36.17 -6.66 8.25
N PRO C 204 37.39 -7.20 8.43
CA PRO C 204 37.60 -8.58 8.94
C PRO C 204 37.01 -9.02 10.28
N PRO C 205 37.13 -8.23 11.32
CA PRO C 205 36.56 -8.79 12.58
C PRO C 205 35.02 -9.02 12.56
N THR C 206 34.28 -8.19 11.83
CA THR C 206 32.82 -8.37 11.65
C THR C 206 32.41 -9.79 11.29
N ARG C 207 33.29 -10.45 10.52
CA ARG C 207 32.97 -11.65 9.76
C ARG C 207 32.45 -12.79 10.58
N ILE C 208 33.14 -13.18 11.64
CA ILE C 208 32.62 -14.26 12.46
C ILE C 208 31.18 -13.99 12.98
N PRO C 209 30.90 -12.81 13.55
CA PRO C 209 29.53 -12.58 14.04
C PRO C 209 28.50 -12.49 12.95
N ILE C 210 28.86 -11.97 11.78
CA ILE C 210 27.86 -11.89 10.74
C ILE C 210 27.42 -13.28 10.28
N LEU C 211 28.36 -14.18 9.99
CA LEU C 211 28.03 -15.51 9.47
C LEU C 211 27.40 -16.40 10.53
N SER C 212 27.75 -16.13 11.77
CA SER C 212 27.07 -16.72 12.90
C SER C 212 25.53 -16.55 12.84
N VAL C 213 25.11 -15.31 12.60
CA VAL C 213 23.73 -14.95 12.36
C VAL C 213 23.21 -15.51 11.04
N VAL C 215 24.32 -18.30 9.20
CA VAL C 215 24.02 -19.73 9.20
C VAL C 215 22.77 -19.98 10.05
N GLU C 216 22.58 -19.27 11.15
CA GLU C 216 21.39 -19.51 11.95
C GLU C 216 20.12 -19.31 11.14
N VAL C 217 20.18 -18.38 10.20
CA VAL C 217 19.02 -18.09 9.35
C VAL C 217 18.85 -19.12 8.21
N ILE C 218 19.96 -19.49 7.57
CA ILE C 218 19.97 -20.55 6.55
C ILE C 218 19.56 -21.92 7.17
N ARG C 219 20.17 -22.30 8.29
CA ARG C 219 19.76 -23.48 9.03
C ARG C 219 18.23 -23.72 8.94
N ARG C 220 17.36 -22.71 9.15
CA ARG C 220 15.91 -22.93 9.11
C ARG C 220 15.33 -23.36 7.77
N GLN C 221 16.12 -23.25 6.71
CA GLN C 221 15.69 -23.60 5.35
C GLN C 221 14.40 -22.94 4.86
N GLY C 222 13.94 -21.88 5.54
CA GLY C 222 12.76 -21.11 5.11
C GLY C 222 12.89 -20.58 3.68
N PRO C 223 12.02 -19.64 3.29
CA PRO C 223 12.21 -18.95 2.01
C PRO C 223 12.67 -17.52 2.30
N ARG C 224 13.14 -16.78 1.31
CA ARG C 224 13.43 -17.26 -0.02
C ARG C 224 14.92 -16.98 -0.06
N LEU C 225 15.69 -18.00 0.24
CA LEU C 225 17.15 -17.87 0.35
C LEU C 225 17.78 -17.58 -1.03
N TYR C 226 17.10 -17.98 -2.10
CA TYR C 226 17.62 -17.77 -3.43
C TYR C 226 17.91 -16.32 -3.80
N GLU C 227 17.35 -15.39 -3.04
CA GLU C 227 17.54 -13.99 -3.32
C GLU C 227 18.89 -13.52 -2.81
N ILE C 228 19.53 -14.27 -1.93
CA ILE C 228 20.80 -13.84 -1.32
C ILE C 228 21.92 -13.62 -2.34
N PRO C 229 22.06 -14.51 -3.33
CA PRO C 229 23.07 -14.27 -4.32
C PRO C 229 22.98 -12.97 -5.05
N GLN C 230 21.76 -12.47 -5.35
CA GLN C 230 21.59 -11.10 -5.94
C GLN C 230 22.37 -10.01 -5.23
N THR C 231 22.48 -10.14 -3.90
CA THR C 231 23.23 -9.17 -3.10
C THR C 231 24.74 -9.40 -3.15
N GLY C 232 25.18 -10.50 -3.77
CA GLY C 232 26.60 -10.93 -3.73
C GLY C 232 27.18 -11.07 -2.33
N PHE C 233 26.32 -11.41 -1.37
CA PHE C 233 26.78 -11.82 -0.07
C PHE C 233 27.42 -13.19 -0.24
N TYR C 234 26.84 -14.01 -1.11
CA TYR C 234 27.36 -15.35 -1.37
C TYR C 234 28.78 -15.19 -1.89
N ASP C 235 28.95 -14.25 -2.83
CA ASP C 235 30.26 -13.95 -3.37
C ASP C 235 31.27 -13.66 -2.24
N LEU C 236 30.91 -12.78 -1.33
CA LEU C 236 31.81 -12.54 -0.19
C LEU C 236 32.13 -13.80 0.61
N VAL C 237 31.16 -14.69 0.81
CA VAL C 237 31.45 -15.82 1.68
C VAL C 237 32.46 -16.68 0.97
N LEU C 238 32.37 -16.66 -0.36
CA LEU C 238 33.29 -17.44 -1.19
C LEU C 238 34.68 -16.86 -1.11
N LYS C 239 34.80 -15.53 -1.06
CA LYS C 239 36.10 -14.93 -0.76
C LYS C 239 36.60 -15.39 0.63
N CYS C 240 35.91 -14.99 1.69
CA CYS C 240 36.23 -15.48 3.03
C CYS C 240 36.74 -16.90 3.01
N ALA C 241 36.00 -17.77 2.31
CA ALA C 241 36.32 -19.21 2.22
C ALA C 241 37.65 -19.51 1.52
N GLU C 242 38.03 -18.69 0.55
CA GLU C 242 39.25 -18.90 -0.23
C GLU C 242 40.48 -18.31 0.47
N PHE C 243 40.31 -17.17 1.18
CA PHE C 243 41.46 -16.35 1.66
C PHE C 243 41.70 -16.33 3.17
N ASP C 244 40.66 -16.11 3.96
CA ASP C 244 40.87 -16.13 5.41
C ASP C 244 41.48 -17.42 5.96
N THR C 245 41.84 -17.38 7.22
CA THR C 245 42.71 -18.35 7.88
C THR C 245 42.05 -18.98 9.09
N SER C 246 41.23 -18.19 9.78
CA SER C 246 40.75 -18.62 11.05
C SER C 246 39.79 -19.76 10.84
N PRO C 247 40.10 -20.91 11.45
CA PRO C 247 39.26 -22.07 11.22
C PRO C 247 37.78 -21.77 11.58
N ILE C 248 37.53 -21.11 12.71
CA ILE C 248 36.15 -20.90 13.18
C ILE C 248 35.34 -20.20 12.09
N LEU C 249 35.89 -19.11 11.59
CA LEU C 249 35.32 -18.34 10.50
C LEU C 249 35.08 -19.21 9.27
N LEU C 250 35.99 -20.12 8.99
CA LEU C 250 35.86 -20.96 7.81
C LEU C 250 34.79 -22.03 8.03
N SER C 251 34.83 -22.72 9.18
CA SER C 251 33.81 -23.74 9.46
C SER C 251 32.44 -23.09 9.24
N TYR C 252 32.27 -21.86 9.74
CA TYR C 252 31.07 -21.07 9.45
C TYR C 252 30.83 -20.91 7.96
N ALA C 253 31.89 -20.54 7.26
CA ALA C 253 31.75 -20.22 5.86
C ALA C 253 31.33 -21.43 5.04
N LEU C 254 31.79 -22.64 5.40
CA LEU C 254 31.41 -23.84 4.65
C LEU C 254 29.96 -24.22 4.95
N SER C 255 29.70 -24.41 6.24
CA SER C 255 28.34 -24.52 6.77
C SER C 255 27.38 -23.55 6.14
N PHE C 256 27.89 -22.43 5.67
CA PHE C 256 27.04 -21.51 4.95
C PHE C 256 26.89 -21.86 3.47
N ILE C 257 28.00 -22.10 2.79
CA ILE C 257 27.92 -22.25 1.33
C ILE C 257 27.40 -23.65 1.01
N LEU C 258 27.36 -24.50 2.05
CA LEU C 258 26.80 -25.82 1.92
C LEU C 258 25.31 -25.78 1.98
N ILE C 260 23.33 -23.49 1.41
CA ILE C 260 22.75 -22.66 0.36
C ILE C 260 22.91 -23.24 -1.05
N LEU C 261 23.79 -24.20 -1.23
CA LEU C 261 24.10 -24.65 -2.58
C LEU C 261 22.87 -25.32 -3.23
N SER C 262 22.14 -26.08 -2.42
CA SER C 262 20.87 -26.70 -2.84
C SER C 262 19.85 -25.70 -3.42
N HIS C 263 19.83 -24.46 -2.95
CA HIS C 263 18.94 -23.43 -3.50
C HIS C 263 19.57 -22.55 -4.58
N ILE C 264 20.43 -23.09 -5.44
CA ILE C 264 21.10 -22.22 -6.42
C ILE C 264 21.18 -22.82 -7.85
N CYS C 265 22.15 -23.71 -8.07
CA CYS C 265 22.38 -24.36 -9.38
C CYS C 265 22.49 -23.41 -10.60
N ASN C 266 22.38 -22.10 -10.38
CA ASN C 266 22.57 -21.10 -11.43
C ASN C 266 23.88 -20.36 -11.25
N SER C 267 24.05 -19.77 -10.08
CA SER C 267 25.37 -19.23 -9.66
C SER C 267 26.42 -20.34 -9.60
N LEU C 268 25.98 -21.61 -9.60
CA LEU C 268 26.89 -22.76 -9.61
C LEU C 268 27.69 -22.77 -10.91
N ASP C 269 27.06 -22.38 -12.01
CA ASP C 269 27.79 -22.28 -13.28
C ASP C 269 28.90 -21.21 -13.24
N ASP C 270 28.83 -20.30 -12.28
CA ASP C 270 29.77 -19.17 -12.17
C ASP C 270 30.68 -19.25 -10.93
N SER C 271 30.29 -20.10 -10.00
CA SER C 271 31.09 -20.36 -8.82
C SER C 271 31.69 -21.77 -8.86
N LEU C 272 31.67 -22.42 -10.02
CA LEU C 272 32.07 -23.84 -10.04
C LEU C 272 33.52 -23.90 -9.71
N TYR C 273 34.37 -23.28 -10.52
CA TYR C 273 35.81 -23.46 -10.37
C TYR C 273 36.26 -22.95 -9.00
N ARG C 274 35.56 -21.94 -8.46
CA ARG C 274 35.87 -21.48 -7.12
C ARG C 274 35.61 -22.62 -6.11
N LEU C 275 34.41 -23.18 -6.16
CA LEU C 275 34.08 -24.34 -5.33
C LEU C 275 35.07 -25.48 -5.48
N PHE C 276 35.50 -25.77 -6.70
CA PHE C 276 36.58 -26.72 -6.85
C PHE C 276 37.74 -26.36 -5.95
N CYS C 277 38.17 -25.09 -6.04
CA CYS C 277 39.45 -24.60 -5.41
C CYS C 277 39.31 -24.58 -3.92
N ILE C 278 38.06 -24.33 -3.48
CA ILE C 278 37.69 -24.43 -2.09
C ILE C 278 37.74 -25.89 -1.60
N TYR C 279 37.08 -26.80 -2.31
CA TYR C 279 37.16 -28.21 -1.94
C TYR C 279 38.64 -28.53 -1.69
N LEU C 280 39.50 -28.03 -2.60
CA LEU C 280 40.91 -28.37 -2.58
C LEU C 280 41.50 -27.89 -1.28
N ARG C 281 41.17 -26.65 -0.97
CA ARG C 281 41.69 -25.98 0.20
C ARG C 281 41.24 -26.71 1.48
N PHE C 282 39.96 -27.01 1.55
CA PHE C 282 39.32 -27.59 2.73
C PHE C 282 39.72 -29.05 2.99
N SER C 283 40.10 -29.78 1.96
CA SER C 283 40.55 -31.16 2.16
C SER C 283 41.93 -31.15 2.80
N ILE C 285 43.25 -29.07 4.95
CA ILE C 285 43.33 -28.63 6.31
C ILE C 285 44.30 -29.53 7.11
N ASP C 286 45.15 -28.90 7.94
CA ASP C 286 46.33 -29.54 8.52
C ASP C 286 46.54 -29.26 10.00
N PRO C 287 46.72 -30.31 10.81
CA PRO C 287 46.79 -30.13 12.27
C PRO C 287 47.75 -29.05 12.74
N THR C 288 48.85 -28.83 12.02
CA THR C 288 49.83 -27.83 12.48
C THR C 288 49.83 -26.57 11.63
N SER C 289 49.96 -26.67 10.33
CA SER C 289 49.91 -25.47 9.52
C SER C 289 48.52 -24.92 9.29
N GLY C 290 47.49 -25.63 9.78
CA GLY C 290 46.08 -25.27 9.52
C GLY C 290 45.70 -25.34 8.05
N PHE C 291 44.93 -24.37 7.60
CA PHE C 291 44.61 -24.29 6.18
C PHE C 291 45.84 -23.82 5.40
N PRO C 292 45.93 -24.22 4.12
CA PRO C 292 46.76 -23.61 3.10
C PRO C 292 46.47 -22.13 2.99
N SER C 293 47.49 -21.28 3.13
CA SER C 293 47.34 -19.83 2.93
C SER C 293 47.22 -19.54 1.46
N SER C 294 46.45 -18.53 1.09
CA SER C 294 46.40 -18.12 -0.31
C SER C 294 47.57 -17.20 -0.65
N THR C 295 47.82 -17.06 -1.95
CA THR C 295 48.90 -16.23 -2.46
C THR C 295 48.32 -14.93 -2.98
N ALA C 296 47.27 -15.05 -3.82
CA ALA C 296 46.56 -13.88 -4.38
C ALA C 296 45.92 -13.04 -3.25
N SER C 297 44.60 -13.15 -3.08
CA SER C 297 43.88 -12.40 -2.05
C SER C 297 43.80 -10.93 -2.42
N GLY C 298 43.50 -10.68 -3.71
CA GLY C 298 43.62 -9.34 -4.33
C GLY C 298 43.51 -8.13 -3.42
N ASN C 299 42.36 -7.48 -3.42
CA ASN C 299 42.08 -6.40 -2.47
C ASN C 299 41.22 -6.85 -1.26
N TRP C 300 41.10 -8.15 -1.04
CA TRP C 300 40.35 -8.72 0.11
C TRP C 300 40.81 -8.18 1.51
N GLU C 301 42.03 -8.50 1.91
CA GLU C 301 42.43 -8.20 3.28
C GLU C 301 41.88 -9.26 4.17
N VAL C 302 42.71 -10.26 4.38
CA VAL C 302 42.44 -11.49 5.10
C VAL C 302 42.11 -11.24 6.56
N PHE C 303 41.49 -12.22 7.19
CA PHE C 303 41.36 -12.34 8.64
C PHE C 303 42.16 -13.54 9.11
N HIS C 304 43.24 -13.32 9.85
CA HIS C 304 43.93 -14.43 10.54
C HIS C 304 43.48 -14.43 11.98
N ASP C 305 43.72 -15.52 12.69
CA ASP C 305 43.09 -15.64 14.00
C ASP C 305 43.51 -14.53 14.94
N PHE C 306 44.79 -14.52 15.27
CA PHE C 306 45.35 -13.49 16.11
C PHE C 306 46.00 -12.47 15.18
N SER C 308 48.68 -10.02 14.86
CA SER C 308 49.89 -9.72 15.65
C SER C 308 50.93 -8.97 14.77
N SER C 339 30.35 -30.80 11.50
CA SER C 339 29.13 -31.51 11.08
C SER C 339 28.85 -31.38 9.56
N LEU C 340 29.19 -30.21 8.98
CA LEU C 340 28.99 -29.89 7.54
C LEU C 340 30.35 -29.77 6.84
N ASP C 341 31.14 -30.82 6.89
CA ASP C 341 32.55 -30.73 6.45
C ASP C 341 32.70 -30.87 4.93
N TYR C 342 33.94 -30.86 4.47
CA TYR C 342 34.28 -30.87 3.05
C TYR C 342 33.77 -32.10 2.30
N SER C 343 33.56 -33.20 3.03
CA SER C 343 33.05 -34.40 2.42
C SER C 343 31.68 -34.12 1.81
N GLN C 344 30.81 -33.39 2.51
CA GLN C 344 29.54 -33.04 1.87
C GLN C 344 29.83 -32.41 0.52
N LEU C 345 30.58 -31.31 0.52
CA LEU C 345 30.93 -30.59 -0.70
C LEU C 345 31.28 -31.57 -1.81
N PHE C 346 32.06 -32.57 -1.45
CA PHE C 346 32.48 -33.59 -2.41
C PHE C 346 31.27 -34.15 -3.13
N SER C 347 30.36 -34.72 -2.36
CA SER C 347 29.20 -35.43 -2.91
C SER C 347 28.31 -34.52 -3.74
N ILE C 348 28.27 -33.25 -3.39
CA ILE C 348 27.41 -32.33 -4.13
C ILE C 348 28.11 -31.84 -5.37
N LEU C 349 29.42 -31.88 -5.38
CA LEU C 349 30.14 -31.63 -6.61
C LEU C 349 30.24 -32.83 -7.52
N TYR C 350 30.03 -34.04 -6.99
CA TYR C 350 30.24 -35.25 -7.78
C TYR C 350 29.00 -35.64 -8.55
N ALA C 351 27.81 -35.43 -7.97
CA ALA C 351 26.60 -35.25 -8.76
C ALA C 351 26.82 -33.90 -9.39
N LEU C 352 26.16 -33.57 -10.48
CA LEU C 352 26.27 -32.20 -11.08
C LEU C 352 27.49 -31.91 -11.97
N TYR C 353 28.71 -32.03 -11.44
CA TYR C 353 29.91 -31.84 -12.28
C TYR C 353 31.00 -32.95 -12.09
N PRO C 354 30.57 -34.23 -12.09
CA PRO C 354 31.46 -35.35 -11.79
C PRO C 354 32.68 -35.39 -12.68
N ILE C 355 32.49 -35.22 -14.00
CA ILE C 355 33.60 -35.49 -14.92
C ILE C 355 34.74 -34.51 -14.68
N ASN C 356 34.39 -33.22 -14.56
CA ASN C 356 35.35 -32.12 -14.41
C ASN C 356 35.95 -32.11 -13.04
N PHE C 357 35.13 -32.30 -12.02
CA PHE C 357 35.67 -32.53 -10.70
C PHE C 357 36.75 -33.62 -10.75
N LEU C 358 36.38 -34.83 -11.09
CA LEU C 358 37.34 -35.91 -11.02
C LEU C 358 38.55 -35.63 -11.90
N GLU C 359 38.40 -34.78 -12.92
CA GLU C 359 39.55 -34.41 -13.76
C GLU C 359 40.36 -33.39 -12.98
N PHE C 360 39.70 -32.34 -12.51
CA PHE C 360 40.36 -31.38 -11.61
C PHE C 360 41.22 -32.09 -10.56
N LEU C 361 40.69 -33.05 -9.81
CA LEU C 361 41.52 -33.81 -8.85
C LEU C 361 42.24 -34.80 -9.70
N ARG C 362 43.48 -35.14 -9.37
CA ARG C 362 44.41 -35.70 -10.39
C ARG C 362 45.50 -34.67 -10.72
N ASP C 363 45.17 -33.68 -11.56
CA ASP C 363 46.06 -32.56 -11.82
C ASP C 363 45.24 -31.25 -11.83
N PRO C 364 45.07 -30.68 -10.63
CA PRO C 364 44.31 -29.46 -10.51
C PRO C 364 45.05 -28.31 -11.17
N LYS C 365 46.39 -28.33 -11.07
CA LYS C 365 47.23 -27.28 -11.66
C LYS C 365 47.08 -27.31 -13.14
N LEU C 366 47.16 -28.51 -13.70
CA LEU C 366 46.85 -28.70 -15.11
C LEU C 366 45.42 -28.25 -15.40
N TYR C 367 44.44 -28.75 -14.65
CA TYR C 367 43.04 -28.37 -14.94
C TYR C 367 42.82 -26.86 -14.86
N ALA C 368 43.61 -26.20 -14.01
CA ALA C 368 43.43 -24.78 -13.76
C ALA C 368 43.90 -23.93 -14.92
N SER C 369 45.03 -24.27 -15.56
CA SER C 369 45.23 -23.77 -16.94
C SER C 369 44.25 -24.54 -17.83
N LYS C 370 43.87 -23.96 -18.95
CA LYS C 370 42.89 -24.59 -19.84
C LYS C 370 41.45 -24.24 -19.47
N HIS C 371 41.17 -24.11 -18.18
CA HIS C 371 39.91 -23.49 -17.77
C HIS C 371 40.14 -22.08 -17.18
N ASN C 372 41.41 -21.69 -17.10
CA ASN C 372 41.79 -20.27 -17.05
C ASN C 372 41.71 -19.59 -15.68
N PHE C 373 42.36 -20.19 -14.68
CA PHE C 373 42.39 -19.66 -13.30
C PHE C 373 43.62 -20.22 -12.59
N GLN C 374 43.79 -19.89 -11.32
CA GLN C 374 45.01 -20.27 -10.60
C GLN C 374 44.70 -21.04 -9.36
N ILE C 375 45.51 -22.05 -9.08
CA ILE C 375 45.47 -22.71 -7.79
C ILE C 375 46.35 -21.90 -6.81
N ARG C 376 45.73 -21.24 -5.85
CA ARG C 376 46.47 -20.35 -4.99
C ARG C 376 47.17 -21.07 -3.86
N TYR C 377 47.08 -22.38 -3.76
CA TYR C 377 47.54 -23.04 -2.53
C TYR C 377 48.64 -24.07 -2.78
N SER C 378 49.60 -24.09 -1.87
CA SER C 378 50.52 -25.18 -1.80
C SER C 378 49.71 -26.40 -1.38
N PHE C 379 49.94 -27.54 -2.04
CA PHE C 379 49.26 -28.77 -1.66
C PHE C 379 50.00 -30.06 -1.96
N ASN C 380 49.45 -31.17 -1.47
CA ASN C 380 50.12 -32.45 -1.51
C ASN C 380 49.32 -33.40 -2.36
N GLN C 381 49.76 -33.63 -3.58
CA GLN C 381 48.92 -34.33 -4.54
C GLN C 381 48.56 -35.76 -4.16
N GLU C 382 49.44 -36.46 -3.45
CA GLU C 382 49.16 -37.85 -3.14
C GLU C 382 48.06 -37.84 -2.08
N LEU C 383 48.28 -37.04 -1.06
CA LEU C 383 47.28 -36.88 -0.01
C LEU C 383 45.94 -36.43 -0.56
N LEU C 384 45.98 -35.57 -1.59
CA LEU C 384 44.75 -35.15 -2.26
C LEU C 384 44.06 -36.38 -2.74
N SER C 385 44.75 -37.16 -3.57
CA SER C 385 44.15 -38.37 -4.08
C SER C 385 43.76 -39.39 -3.00
N THR C 386 44.73 -39.88 -2.23
CA THR C 386 44.42 -40.70 -1.06
C THR C 386 43.04 -40.38 -0.47
N LYS C 387 42.81 -39.14 0.00
CA LYS C 387 41.54 -38.76 0.68
C LYS C 387 40.36 -38.78 -0.27
N SER C 388 40.60 -38.26 -1.48
CA SER C 388 39.59 -38.25 -2.54
C SER C 388 39.12 -39.65 -2.88
N ASP C 389 40.04 -40.54 -3.16
CA ASP C 389 39.68 -41.92 -3.41
C ASP C 389 38.77 -42.45 -2.33
N GLY C 390 39.14 -42.28 -1.07
CA GLY C 390 38.22 -42.65 0.02
C GLY C 390 36.78 -42.18 -0.16
N LEU C 391 36.60 -40.95 -0.59
CA LEU C 391 35.28 -40.40 -0.78
C LEU C 391 34.56 -41.02 -1.97
N LEU C 392 35.22 -41.02 -3.10
CA LEU C 392 34.66 -41.62 -4.30
C LEU C 392 34.04 -43.00 -4.10
N GLY C 393 34.82 -43.88 -3.46
CA GLY C 393 34.39 -45.22 -3.12
C GLY C 393 33.11 -45.33 -2.31
N ARG C 394 32.74 -44.26 -1.62
CA ARG C 394 31.42 -44.22 -1.00
C ARG C 394 30.26 -44.04 -2.01
N HIS C 395 30.55 -43.78 -3.28
CA HIS C 395 29.51 -43.37 -4.19
C HIS C 395 29.26 -44.43 -5.22
N LEU C 396 28.17 -44.29 -5.98
CA LEU C 396 27.97 -45.16 -7.14
C LEU C 396 28.54 -44.47 -8.36
N ALA C 397 28.65 -45.25 -9.42
CA ALA C 397 29.11 -44.75 -10.68
C ALA C 397 28.09 -43.75 -11.18
N HIS C 398 28.55 -42.68 -11.81
CA HIS C 398 27.67 -41.62 -12.30
C HIS C 398 27.44 -41.81 -13.80
N SER C 399 26.26 -41.44 -14.29
CA SER C 399 25.91 -41.72 -15.69
C SER C 399 26.61 -40.78 -16.64
N ASN C 400 26.67 -39.49 -16.33
CA ASN C 400 27.35 -38.54 -17.21
C ASN C 400 28.50 -39.11 -18.04
N PHE C 401 29.24 -40.06 -17.51
CA PHE C 401 30.30 -40.70 -18.27
C PHE C 401 29.84 -41.38 -19.53
N LEU C 402 28.57 -41.82 -19.59
CA LEU C 402 27.93 -42.41 -20.81
C LEU C 402 27.25 -41.39 -21.73
N LYS C 403 27.06 -40.19 -21.22
CA LYS C 403 26.38 -39.20 -21.99
C LYS C 403 27.24 -38.04 -22.38
N TYR C 404 28.27 -37.70 -21.61
CA TYR C 404 29.03 -36.42 -21.82
C TYR C 404 30.54 -36.54 -21.86
N THR C 405 31.16 -35.48 -22.37
CA THR C 405 32.59 -35.29 -22.25
C THR C 405 32.80 -34.31 -21.10
N ALA C 406 34.04 -33.91 -20.89
CA ALA C 406 34.32 -32.82 -19.98
C ALA C 406 33.59 -31.57 -20.49
N GLU C 407 33.63 -31.38 -21.80
CA GLU C 407 33.19 -30.13 -22.40
C GLU C 407 31.68 -30.09 -22.51
N THR C 408 31.05 -31.16 -22.99
CA THR C 408 29.57 -31.17 -23.08
C THR C 408 28.90 -31.09 -21.69
N GLU C 409 29.61 -31.55 -20.66
CA GLU C 409 29.10 -31.49 -19.30
C GLU C 409 28.87 -30.03 -18.88
N LEU C 410 29.88 -29.15 -18.99
CA LEU C 410 29.75 -27.70 -18.68
C LEU C 410 28.78 -27.00 -19.65
N THR C 411 29.01 -27.18 -20.94
CA THR C 411 28.22 -26.49 -21.97
C THR C 411 27.07 -27.28 -22.59
N ASP C 412 25.99 -27.52 -21.86
CA ASP C 412 24.84 -28.25 -22.42
C ASP C 412 23.71 -28.22 -21.45
N LYS C 413 22.87 -27.20 -21.57
CA LYS C 413 21.75 -26.98 -20.67
C LYS C 413 20.70 -28.11 -20.74
N SER C 414 20.53 -28.68 -21.93
CA SER C 414 19.60 -29.80 -22.10
C SER C 414 19.82 -30.95 -21.10
N ARG C 415 20.83 -30.83 -20.23
CA ARG C 415 21.05 -31.79 -19.15
C ARG C 415 20.24 -31.47 -17.86
N TRP C 416 19.81 -30.22 -17.69
CA TRP C 416 19.04 -29.86 -16.49
C TRP C 416 17.52 -30.09 -16.67
N THR C 417 17.16 -30.67 -17.83
CA THR C 417 15.79 -31.14 -18.11
C THR C 417 15.51 -32.36 -17.23
N ARG C 418 16.32 -33.40 -17.39
CA ARG C 418 16.23 -34.63 -16.58
C ARG C 418 15.69 -34.29 -15.19
N LEU C 419 16.26 -33.24 -14.60
CA LEU C 419 16.04 -32.85 -13.20
C LEU C 419 14.56 -32.73 -12.85
N ASP C 420 13.82 -32.04 -13.72
CA ASP C 420 12.36 -31.92 -13.57
C ASP C 420 11.73 -33.22 -13.03
N SER C 421 12.03 -34.31 -13.73
CA SER C 421 11.38 -35.60 -13.51
C SER C 421 11.78 -36.26 -12.18
N ILE C 422 13.08 -36.33 -11.91
CA ILE C 422 13.60 -36.97 -10.69
C ILE C 422 13.16 -36.20 -9.43
N ALA C 423 12.75 -34.94 -9.63
CA ALA C 423 12.10 -34.15 -8.59
C ALA C 423 10.69 -34.66 -8.30
N VAL C 424 9.86 -34.70 -9.35
CA VAL C 424 8.49 -35.21 -9.24
C VAL C 424 8.53 -36.56 -8.56
N VAL C 425 9.23 -37.51 -9.19
CA VAL C 425 9.36 -38.87 -8.66
C VAL C 425 9.58 -38.85 -7.13
N ALA C 426 10.55 -38.04 -6.66
CA ALA C 426 10.89 -37.97 -5.21
C ALA C 426 9.84 -37.25 -4.34
N LEU C 427 9.07 -36.36 -4.96
CA LEU C 427 7.97 -35.62 -4.30
C LEU C 427 6.78 -36.50 -4.02
N CYS C 428 6.44 -37.37 -4.96
CA CYS C 428 5.42 -38.39 -4.76
C CYS C 428 5.85 -39.38 -3.68
N ASN C 429 7.06 -39.91 -3.77
CA ASN C 429 7.45 -40.94 -2.80
C ASN C 429 7.45 -40.38 -1.38
N SER C 430 7.69 -39.07 -1.30
CA SER C 430 7.70 -38.32 -0.05
C SER C 430 6.31 -38.17 0.60
N LEU C 431 5.25 -38.18 -0.23
CA LEU C 431 3.84 -38.09 0.21
C LEU C 431 3.22 -39.43 0.63
N ASN C 432 3.89 -40.54 0.34
CA ASN C 432 3.39 -41.87 0.77
C ASN C 432 3.66 -42.11 2.24
N ALA C 433 2.59 -42.41 2.97
CA ALA C 433 2.67 -42.91 4.31
C ALA C 433 2.97 -44.41 4.30
N VAL C 434 3.74 -44.85 3.29
CA VAL C 434 4.13 -46.26 3.13
C VAL C 434 2.88 -47.15 2.97
N PRO D 5 38.66 -47.12 -59.88
CA PRO D 5 38.40 -47.79 -58.60
C PRO D 5 36.95 -48.27 -58.55
N LEU D 6 36.07 -47.52 -59.24
CA LEU D 6 34.68 -47.88 -59.38
C LEU D 6 34.55 -49.07 -60.33
N GLN D 7 35.22 -49.02 -61.47
CA GLN D 7 34.98 -50.03 -62.52
C GLN D 7 35.15 -51.44 -61.98
N SER D 8 36.22 -51.64 -61.22
CA SER D 8 36.53 -52.92 -60.61
C SER D 8 35.47 -53.40 -59.58
N LEU D 9 34.79 -52.45 -58.94
CA LEU D 9 33.70 -52.71 -57.98
C LEU D 9 32.43 -53.17 -58.71
N VAL D 10 32.07 -52.49 -59.79
CA VAL D 10 30.97 -52.93 -60.67
C VAL D 10 31.16 -54.37 -61.15
N LYS D 11 32.42 -54.78 -61.34
CA LYS D 11 32.72 -56.17 -61.63
C LYS D 11 32.34 -57.04 -60.44
N ALA D 12 32.97 -56.80 -59.28
CA ALA D 12 32.68 -57.58 -58.07
C ALA D 12 31.18 -57.74 -57.93
N LEU D 13 30.46 -56.62 -58.13
CA LEU D 13 28.99 -56.62 -58.24
C LEU D 13 28.48 -57.69 -59.20
N TRP D 14 28.79 -57.55 -60.48
CA TRP D 14 28.37 -58.55 -61.46
C TRP D 14 28.67 -59.98 -61.00
N ASN D 15 29.89 -60.21 -60.51
CA ASN D 15 30.31 -61.54 -60.06
C ASN D 15 29.37 -62.07 -58.99
N VAL D 16 29.24 -61.28 -57.93
CA VAL D 16 28.55 -61.70 -56.72
C VAL D 16 27.03 -61.76 -56.88
N LEU D 17 26.51 -61.41 -58.06
CA LEU D 17 25.11 -61.67 -58.38
C LEU D 17 24.98 -62.63 -59.61
N HIS D 18 25.64 -63.81 -59.46
CA HIS D 18 25.49 -65.04 -60.29
C HIS D 18 25.93 -66.28 -59.54
N ASP D 27 29.82 -65.58 -51.49
CA ASP D 27 31.06 -65.06 -50.87
C ASP D 27 31.23 -63.62 -51.29
N LEU D 28 31.17 -62.70 -50.33
CA LEU D 28 31.22 -61.26 -50.66
C LEU D 28 32.60 -60.64 -50.55
N THR D 29 33.63 -61.38 -50.13
CA THR D 29 34.92 -60.74 -49.78
C THR D 29 35.63 -60.03 -50.92
N GLU D 30 35.40 -60.48 -52.16
CA GLU D 30 35.93 -59.77 -53.30
C GLU D 30 35.23 -58.39 -53.37
N LEU D 31 33.93 -58.38 -53.18
CA LEU D 31 33.21 -57.11 -53.06
C LEU D 31 33.64 -56.33 -51.79
N ILE D 32 33.55 -56.94 -50.61
CA ILE D 32 33.98 -56.27 -49.38
C ILE D 32 35.29 -55.55 -49.61
N ALA D 33 36.26 -56.25 -50.19
CA ALA D 33 37.55 -55.63 -50.51
C ALA D 33 37.40 -54.41 -51.46
N GLU D 34 36.65 -54.59 -52.55
CA GLU D 34 36.40 -53.53 -53.56
C GLU D 34 35.68 -52.29 -53.05
N VAL D 35 34.83 -52.45 -52.05
CA VAL D 35 34.21 -51.30 -51.43
C VAL D 35 35.28 -50.58 -50.60
N GLU D 36 35.88 -51.30 -49.63
CA GLU D 36 36.97 -50.79 -48.79
C GLU D 36 37.99 -49.90 -49.53
N SER D 37 38.31 -50.28 -50.76
CA SER D 37 39.19 -49.46 -51.63
C SER D 37 38.46 -48.16 -51.99
N TYR D 38 37.33 -48.29 -52.71
CA TYR D 38 36.52 -47.13 -53.07
C TYR D 38 36.29 -46.26 -51.86
N GLN D 39 36.25 -46.86 -50.67
CA GLN D 39 36.06 -46.10 -49.42
C GLN D 39 37.23 -45.18 -49.03
N GLN D 40 38.40 -45.39 -49.62
CA GLN D 40 39.53 -44.51 -49.32
C GLN D 40 39.86 -43.55 -50.45
N ARG D 41 39.62 -43.95 -51.68
CA ARG D 41 39.73 -43.03 -52.79
C ARG D 41 38.65 -41.93 -52.71
N TYR D 42 37.52 -42.29 -52.08
CA TYR D 42 36.38 -41.40 -51.88
C TYR D 42 35.77 -41.63 -50.49
N PRO D 43 36.37 -41.09 -49.42
CA PRO D 43 35.73 -41.23 -48.11
C PRO D 43 34.59 -40.23 -47.89
N LYS D 44 34.14 -39.56 -48.96
CA LYS D 44 32.80 -38.96 -49.05
C LYS D 44 32.12 -39.62 -50.24
N GLN D 45 30.81 -39.49 -50.34
CA GLN D 45 30.12 -40.07 -51.49
C GLN D 45 30.28 -39.21 -52.76
N ASN D 46 30.62 -39.81 -53.89
CA ASN D 46 30.57 -39.08 -55.17
C ASN D 46 29.23 -39.30 -55.88
N PRO D 47 28.47 -38.22 -56.17
CA PRO D 47 27.16 -38.25 -56.86
C PRO D 47 27.05 -38.76 -58.35
N THR D 48 28.10 -38.63 -59.17
CA THR D 48 28.08 -39.24 -60.52
C THR D 48 28.38 -40.74 -60.34
N ASN D 49 29.18 -41.08 -59.33
CA ASN D 49 29.51 -42.48 -59.00
C ASN D 49 28.38 -43.18 -58.33
N SER D 50 27.64 -42.48 -57.47
CA SER D 50 26.37 -42.98 -56.95
C SER D 50 25.50 -43.24 -58.15
N GLN D 51 25.27 -42.21 -58.95
CA GLN D 51 24.39 -42.32 -60.12
C GLN D 51 24.80 -43.42 -61.12
N LYS D 52 26.08 -43.80 -61.11
CA LYS D 52 26.61 -44.90 -61.96
C LYS D 52 26.26 -46.25 -61.36
N ILE D 53 26.63 -46.42 -60.09
CA ILE D 53 26.40 -47.64 -59.31
C ILE D 53 24.91 -47.97 -59.16
N ARG D 54 24.09 -46.97 -58.84
CA ARG D 54 22.64 -47.15 -58.84
C ARG D 54 22.13 -47.65 -60.21
N HIS D 55 22.65 -47.08 -61.29
CA HIS D 55 22.23 -47.46 -62.65
C HIS D 55 22.55 -48.94 -62.89
N ILE D 56 23.70 -49.35 -62.40
CA ILE D 56 24.13 -50.72 -62.50
C ILE D 56 23.15 -51.62 -61.77
N LEU D 57 22.87 -51.27 -60.52
CA LEU D 57 21.94 -52.07 -59.70
C LEU D 57 20.59 -52.29 -60.41
N ASP D 58 20.13 -51.24 -61.11
CA ASP D 58 18.87 -51.25 -61.87
C ASP D 58 18.90 -52.28 -62.98
N GLU D 59 20.05 -52.39 -63.68
CA GLU D 59 20.28 -53.47 -64.68
C GLU D 59 20.21 -54.85 -64.07
N ILE D 60 21.07 -55.08 -63.08
CA ILE D 60 21.21 -56.39 -62.48
C ILE D 60 19.83 -56.85 -62.00
N TYR D 61 19.09 -55.99 -61.32
CA TYR D 61 17.73 -56.30 -60.85
C TYR D 61 16.76 -56.72 -61.93
N GLU D 62 16.99 -56.31 -63.17
CA GLU D 62 16.24 -56.90 -64.28
C GLU D 62 16.76 -58.30 -64.51
N LYS D 63 18.08 -58.46 -64.44
CA LYS D 63 18.72 -59.77 -64.56
C LYS D 63 18.42 -60.80 -63.40
N THR D 64 18.53 -60.40 -62.14
CA THR D 64 18.30 -61.35 -61.01
C THR D 64 17.46 -60.71 -59.86
N PRO D 65 16.11 -60.63 -60.01
CA PRO D 65 15.29 -59.79 -59.09
C PRO D 65 15.17 -60.29 -57.63
N PHE D 66 14.15 -59.84 -56.91
CA PHE D 66 13.99 -60.12 -55.47
C PHE D 66 12.97 -61.24 -55.25
N ASN D 67 12.84 -62.13 -56.25
CA ASN D 67 11.86 -63.24 -56.22
C ASN D 67 12.17 -64.37 -55.20
N ASN D 68 12.96 -65.38 -55.53
CA ASN D 68 13.22 -66.48 -54.54
C ASN D 68 14.04 -66.07 -53.29
N THR D 69 14.26 -67.03 -52.39
CA THR D 69 14.91 -66.76 -51.10
C THR D 69 16.45 -66.64 -51.09
N ARG D 70 17.17 -67.38 -51.94
CA ARG D 70 18.65 -67.21 -52.03
C ARG D 70 18.99 -65.85 -52.68
N ARG D 71 18.04 -65.31 -53.45
CA ARG D 71 18.16 -63.97 -54.00
C ARG D 71 18.10 -62.95 -52.89
N ARG D 72 17.05 -63.06 -52.08
CA ARG D 72 16.74 -62.06 -51.07
C ARG D 72 17.88 -61.97 -50.06
N ILE D 73 18.32 -63.13 -49.57
CA ILE D 73 19.54 -63.22 -48.76
C ILE D 73 20.65 -62.42 -49.40
N LEU D 74 20.76 -62.54 -50.72
CA LEU D 74 21.86 -61.94 -51.42
C LEU D 74 21.66 -60.44 -51.50
N TRP D 75 20.67 -60.00 -52.26
CA TRP D 75 20.43 -58.59 -52.38
C TRP D 75 20.62 -57.84 -51.05
N LEU D 76 20.02 -58.34 -49.97
CA LEU D 76 20.12 -57.64 -48.69
C LEU D 76 21.57 -57.57 -48.27
N ALA D 77 22.27 -58.68 -48.17
CA ALA D 77 23.70 -58.64 -47.86
C ALA D 77 24.53 -57.65 -48.69
N VAL D 78 24.22 -57.52 -49.98
CA VAL D 78 24.99 -56.62 -50.86
C VAL D 78 24.62 -55.16 -50.59
N LEU D 79 23.35 -54.85 -50.76
CA LEU D 79 22.82 -53.54 -50.41
C LEU D 79 23.32 -53.02 -49.06
N LYS D 80 23.37 -53.92 -48.09
CA LYS D 80 23.97 -53.61 -46.83
C LYS D 80 25.36 -52.99 -47.05
N THR D 81 26.23 -53.63 -47.83
CA THR D 81 27.63 -53.21 -47.89
C THR D 81 27.94 -52.04 -48.84
N VAL D 82 27.02 -51.69 -49.75
CA VAL D 82 27.25 -50.56 -50.66
C VAL D 82 26.43 -49.30 -50.42
N ILE D 83 25.43 -49.35 -49.56
CA ILE D 83 24.65 -48.16 -49.32
C ILE D 83 25.57 -47.01 -48.78
N PRO D 84 26.57 -47.32 -47.93
CA PRO D 84 27.38 -46.17 -47.52
C PRO D 84 28.18 -45.44 -48.62
N LEU D 85 28.23 -45.96 -49.84
CA LEU D 85 28.89 -45.24 -50.95
C LEU D 85 27.97 -44.28 -51.66
N LEU D 86 26.70 -44.30 -51.23
CA LEU D 86 25.62 -43.81 -52.07
C LEU D 86 24.92 -42.59 -51.53
N ILE D 87 24.19 -41.96 -52.47
CA ILE D 87 23.31 -40.84 -52.25
C ILE D 87 21.95 -41.10 -52.90
N LEU D 88 20.88 -40.85 -52.14
CA LEU D 88 19.48 -41.15 -52.51
C LEU D 88 18.59 -39.92 -52.36
N ASP D 89 17.41 -39.99 -52.96
CA ASP D 89 16.39 -38.95 -52.83
C ASP D 89 14.99 -39.60 -52.74
N ARG D 90 14.04 -38.88 -52.15
CA ARG D 90 12.67 -39.34 -52.04
C ARG D 90 12.24 -40.26 -53.18
N GLN D 91 12.34 -39.77 -54.41
CA GLN D 91 11.89 -40.55 -55.58
C GLN D 91 12.48 -41.95 -55.53
N ALA D 92 13.78 -42.01 -55.19
CA ALA D 92 14.59 -43.23 -55.27
C ALA D 92 14.37 -44.25 -54.16
N VAL D 93 14.19 -43.83 -52.89
CA VAL D 93 13.86 -44.81 -51.83
C VAL D 93 12.44 -45.35 -52.02
N GLY D 94 11.62 -44.62 -52.76
CA GLY D 94 10.38 -45.16 -53.30
C GLY D 94 10.63 -46.44 -54.06
N GLU D 95 11.50 -46.37 -55.08
CA GLU D 95 11.96 -47.58 -55.81
C GLU D 95 12.39 -48.63 -54.79
N TRP D 96 13.38 -48.28 -53.97
CA TRP D 96 13.99 -49.22 -53.05
C TRP D 96 12.95 -49.93 -52.27
N TRP D 97 11.99 -49.18 -51.77
CA TRP D 97 10.85 -49.68 -51.01
C TRP D 97 9.95 -50.61 -51.79
N ASP D 98 9.53 -50.15 -52.96
CA ASP D 98 8.72 -50.93 -53.88
C ASP D 98 9.48 -52.23 -54.22
N GLN D 99 10.75 -52.10 -54.57
CA GLN D 99 11.48 -53.28 -55.06
C GLN D 99 12.08 -54.17 -53.97
N ILE D 100 12.26 -53.66 -52.76
CA ILE D 100 12.93 -54.42 -51.68
C ILE D 100 12.18 -54.48 -50.34
N PHE D 101 11.78 -53.34 -49.79
CA PHE D 101 11.39 -53.35 -48.38
C PHE D 101 10.05 -53.93 -48.29
N PHE D 102 9.13 -53.44 -49.11
CA PHE D 102 7.78 -53.92 -49.03
C PHE D 102 7.80 -55.42 -49.30
N PRO D 103 8.46 -55.84 -50.37
CA PRO D 103 8.51 -57.25 -50.61
C PRO D 103 8.83 -58.10 -49.37
N PHE D 104 9.88 -57.73 -48.68
CA PHE D 104 10.38 -58.55 -47.57
C PHE D 104 9.39 -58.49 -46.44
N LEU D 105 8.85 -57.32 -46.16
CA LEU D 105 8.05 -57.15 -44.98
C LEU D 105 6.68 -57.77 -45.15
N ASN D 106 6.16 -57.60 -46.37
CA ASN D 106 4.87 -58.13 -46.72
C ASN D 106 4.85 -59.64 -46.78
N SER D 107 6.03 -60.26 -46.84
CA SER D 107 6.17 -61.70 -46.96
C SER D 107 7.55 -62.14 -46.44
N PRO D 108 7.81 -61.91 -45.15
CA PRO D 108 9.16 -61.99 -44.59
C PRO D 108 9.90 -63.32 -44.68
N THR D 109 11.09 -63.29 -45.30
CA THR D 109 12.06 -64.38 -45.11
C THR D 109 12.34 -64.67 -43.62
N GLN D 110 12.19 -65.93 -43.24
CA GLN D 110 12.19 -66.36 -41.84
C GLN D 110 13.58 -66.65 -41.30
N LEU D 111 14.59 -65.89 -41.68
CA LEU D 111 15.85 -66.04 -40.96
C LEU D 111 16.13 -64.75 -40.24
N LYS D 112 16.66 -64.85 -39.02
CA LYS D 112 16.88 -63.64 -38.23
C LYS D 112 17.99 -62.78 -38.88
N PRO D 113 19.16 -63.36 -39.18
CA PRO D 113 20.22 -62.60 -39.82
C PRO D 113 19.83 -62.06 -41.18
N VAL D 114 18.82 -62.61 -41.84
CA VAL D 114 18.33 -61.90 -43.04
C VAL D 114 17.52 -60.67 -42.62
N PHE D 115 16.56 -60.82 -41.71
CA PHE D 115 15.85 -59.64 -41.21
C PHE D 115 16.80 -58.68 -40.45
N SER D 116 17.87 -59.21 -39.85
CA SER D 116 18.87 -58.31 -39.24
C SER D 116 19.58 -57.48 -40.31
N ASP D 117 19.89 -58.07 -41.47
CA ASP D 117 20.45 -57.30 -42.60
C ASP D 117 19.47 -56.25 -43.19
N LEU D 118 18.17 -56.48 -43.00
CA LEU D 118 17.14 -55.59 -43.52
C LEU D 118 17.09 -54.38 -42.65
N LYS D 119 17.25 -54.57 -41.34
CA LYS D 119 17.25 -53.46 -40.38
C LYS D 119 18.55 -52.67 -40.50
N SER D 120 19.69 -53.32 -40.70
CA SER D 120 20.89 -52.58 -41.02
C SER D 120 20.60 -51.48 -42.02
N ILE D 121 20.07 -51.87 -43.18
CA ILE D 121 19.77 -50.92 -44.24
C ILE D 121 18.79 -49.82 -43.82
N LEU D 122 17.68 -50.23 -43.23
CA LEU D 122 16.63 -49.29 -42.83
C LEU D 122 17.15 -48.29 -41.82
N PHE D 123 17.96 -48.74 -40.88
CA PHE D 123 18.47 -47.85 -39.86
C PHE D 123 19.71 -47.02 -40.29
N TYR D 124 20.43 -47.48 -41.31
CA TYR D 124 21.35 -46.58 -42.01
C TYR D 124 20.59 -45.41 -42.57
N ILE D 125 19.58 -45.67 -43.38
CA ILE D 125 18.73 -44.61 -43.92
C ILE D 125 17.97 -43.73 -42.91
N LEU D 126 17.62 -44.31 -41.76
CA LEU D 126 16.80 -43.58 -40.75
C LEU D 126 17.59 -42.78 -39.73
N ILE D 127 18.80 -43.20 -39.38
CA ILE D 127 19.49 -42.59 -38.26
C ILE D 127 20.85 -42.05 -38.65
N PHE D 128 21.06 -40.74 -38.50
CA PHE D 128 22.31 -40.10 -38.92
C PHE D 128 22.84 -38.97 -38.06
N HIS D 129 24.17 -38.79 -38.08
CA HIS D 129 24.88 -37.68 -37.38
C HIS D 129 24.77 -36.38 -38.16
N ASP D 130 25.29 -36.37 -39.39
CA ASP D 130 25.27 -35.18 -40.24
C ASP D 130 24.01 -35.13 -41.08
N GLU D 131 23.41 -33.97 -41.20
CA GLU D 131 22.13 -33.79 -41.87
C GLU D 131 22.30 -33.42 -43.34
N ASP D 132 23.46 -32.83 -43.64
CA ASP D 132 23.87 -32.39 -45.02
C ASP D 132 24.79 -33.39 -45.78
N GLU D 133 24.83 -34.64 -45.33
CA GLU D 133 25.83 -35.58 -45.80
C GLU D 133 25.72 -35.79 -47.28
N TRP D 134 24.50 -35.72 -47.79
CA TRP D 134 24.20 -35.86 -49.20
C TRP D 134 23.80 -34.49 -49.78
N GLY D 135 24.21 -33.40 -49.14
CA GLY D 135 23.80 -32.08 -49.56
C GLY D 135 22.36 -31.82 -49.19
N GLY D 136 21.82 -30.74 -49.74
CA GLY D 136 20.44 -30.32 -49.48
C GLY D 136 19.90 -30.68 -48.11
N ASP D 137 18.59 -30.94 -48.09
CA ASP D 137 17.86 -31.54 -46.96
C ASP D 137 17.80 -33.05 -47.21
N LEU D 138 18.35 -33.50 -48.34
CA LEU D 138 18.36 -34.92 -48.76
C LEU D 138 18.48 -35.99 -47.68
N ARG D 139 19.61 -36.04 -46.98
CA ARG D 139 19.72 -37.06 -45.94
C ARG D 139 18.39 -37.18 -45.15
N ARG D 140 17.92 -36.06 -44.62
CA ARG D 140 16.67 -36.04 -43.87
C ARG D 140 15.47 -36.44 -44.70
N GLU D 141 15.15 -35.65 -45.72
CA GLU D 141 14.05 -35.97 -46.64
C GLU D 141 13.90 -37.47 -46.94
N CYS D 142 15.01 -38.18 -47.06
CA CYS D 142 14.97 -39.62 -47.29
C CYS D 142 14.45 -40.34 -46.06
N ALA D 143 15.03 -40.09 -44.89
CA ALA D 143 14.50 -40.67 -43.62
C ALA D 143 13.03 -40.27 -43.31
N GLU D 144 12.62 -39.04 -43.61
CA GLU D 144 11.21 -38.71 -43.58
C GLU D 144 10.37 -39.68 -44.45
N GLU D 145 10.66 -39.79 -45.74
CA GLU D 145 9.93 -40.73 -46.65
C GLU D 145 9.87 -42.16 -46.12
N THR D 146 11.01 -42.68 -45.66
CA THR D 146 11.12 -44.07 -45.23
C THR D 146 10.13 -44.36 -44.11
N ILE D 147 10.37 -43.74 -42.95
CA ILE D 147 9.59 -43.96 -41.73
C ILE D 147 8.09 -43.84 -41.99
N THR D 148 7.75 -42.88 -42.83
CA THR D 148 6.39 -42.65 -43.27
C THR D 148 5.81 -43.86 -43.97
N ARG D 149 6.55 -44.42 -44.92
CA ARG D 149 6.03 -45.61 -45.59
C ARG D 149 5.79 -46.79 -44.62
N LEU D 150 6.73 -46.96 -43.66
CA LEU D 150 6.68 -48.02 -42.65
C LEU D 150 5.47 -47.87 -41.76
N VAL D 151 5.33 -46.69 -41.18
CA VAL D 151 4.14 -46.40 -40.40
C VAL D 151 2.96 -46.78 -41.26
N ASP D 152 2.88 -46.21 -42.46
CA ASP D 152 1.71 -46.37 -43.34
C ASP D 152 1.38 -47.82 -43.71
N LEU D 153 2.39 -48.68 -43.74
CA LEU D 153 2.21 -50.12 -43.84
C LEU D 153 1.73 -50.71 -42.51
N TYR D 154 2.49 -50.58 -41.43
CA TYR D 154 2.07 -51.04 -40.10
C TYR D 154 0.65 -50.70 -39.72
N VAL D 155 0.25 -49.45 -39.94
CA VAL D 155 -1.10 -49.10 -39.59
C VAL D 155 -2.07 -49.95 -40.41
N SER D 156 -1.96 -49.87 -41.74
CA SER D 156 -2.89 -50.58 -42.64
C SER D 156 -2.83 -52.10 -42.44
N LYS D 157 -1.62 -52.64 -42.48
CA LYS D 157 -1.40 -54.05 -42.21
C LYS D 157 -1.97 -54.50 -40.88
N ALA D 158 -2.22 -53.57 -39.95
CA ALA D 158 -2.82 -53.89 -38.67
C ALA D 158 -4.32 -53.65 -38.59
N ILE D 159 -4.99 -53.30 -39.68
CA ILE D 159 -6.47 -53.21 -39.66
C ILE D 159 -7.21 -54.08 -40.70
N GLU D 160 -6.80 -53.97 -41.97
CA GLU D 160 -7.27 -54.83 -43.06
C GLU D 160 -7.88 -56.18 -42.62
N ASN D 161 -9.00 -56.58 -43.24
CA ASN D 161 -9.78 -57.75 -42.82
C ASN D 161 -9.13 -59.15 -42.98
N LEU D 162 -8.03 -59.27 -43.76
CA LEU D 162 -7.18 -60.52 -43.81
C LEU D 162 -7.70 -61.73 -44.61
N GLY D 163 -7.06 -62.03 -45.76
CA GLY D 163 -7.31 -63.27 -46.53
C GLY D 163 -6.02 -64.01 -46.95
N ASP D 164 -6.15 -65.26 -47.41
CA ASP D 164 -5.00 -66.06 -47.88
C ASP D 164 -4.46 -65.59 -49.23
N SER D 167 -3.79 -65.70 -44.79
CA SER D 167 -3.17 -66.48 -43.71
C SER D 167 -2.81 -65.57 -42.53
N GLN D 168 -3.63 -65.57 -41.46
CA GLN D 168 -3.34 -64.78 -40.23
C GLN D 168 -1.98 -65.14 -39.63
N GLU D 169 -1.43 -66.30 -39.97
CA GLU D 169 -0.03 -66.65 -39.63
C GLU D 169 0.94 -65.69 -40.34
N GLN D 170 0.74 -65.46 -41.63
CA GLN D 170 1.66 -64.63 -42.46
C GLN D 170 1.58 -63.13 -42.11
N ARG D 171 0.45 -62.73 -41.57
CA ARG D 171 0.19 -61.35 -41.17
C ARG D 171 1.03 -61.07 -39.97
N ASN D 172 1.05 -62.00 -39.03
CA ASN D 172 1.74 -61.80 -37.74
C ASN D 172 3.22 -61.77 -37.79
N GLN D 173 3.79 -62.16 -38.92
CA GLN D 173 5.22 -61.98 -39.11
C GLN D 173 5.50 -60.56 -39.61
N THR D 174 4.66 -60.07 -40.49
CA THR D 174 4.76 -58.72 -40.99
C THR D 174 4.66 -57.83 -39.75
N ILE D 175 3.49 -57.72 -39.14
CA ILE D 175 3.36 -56.83 -37.97
C ILE D 175 4.46 -56.97 -36.88
N GLU D 176 5.00 -58.17 -36.67
CA GLU D 176 6.03 -58.35 -35.66
C GLU D 176 7.38 -57.70 -36.04
N CYS D 177 7.67 -57.62 -37.35
CA CYS D 177 8.86 -56.89 -37.84
C CYS D 177 8.71 -55.38 -37.80
N LEU D 178 7.56 -54.90 -38.27
CA LEU D 178 7.25 -53.49 -38.32
C LEU D 178 7.32 -52.91 -36.93
N VAL D 179 6.75 -53.62 -35.96
CA VAL D 179 6.84 -53.19 -34.55
C VAL D 179 8.25 -53.16 -34.05
N ASN D 180 9.01 -54.18 -34.42
CA ASN D 180 10.41 -54.22 -34.06
C ASN D 180 11.05 -52.99 -34.56
N VAL D 181 10.85 -52.68 -35.83
CA VAL D 181 11.45 -51.48 -36.41
C VAL D 181 10.98 -50.20 -35.72
N LEU D 182 9.70 -49.91 -35.82
CA LEU D 182 9.14 -48.71 -35.20
C LEU D 182 9.50 -48.53 -33.71
N VAL D 183 9.49 -49.57 -32.90
CA VAL D 183 9.95 -49.39 -31.52
C VAL D 183 11.43 -48.94 -31.49
N HIS D 184 12.34 -49.69 -32.13
CA HIS D 184 13.74 -49.23 -32.25
C HIS D 184 13.82 -47.76 -32.75
N TYR D 185 13.01 -47.38 -33.73
CA TYR D 185 13.00 -45.99 -34.18
C TYR D 185 12.46 -45.11 -33.07
N GLY D 186 11.42 -45.54 -32.39
CA GLY D 186 10.75 -44.66 -31.43
C GLY D 186 11.67 -44.25 -30.30
N ILE D 187 12.50 -45.20 -29.87
CA ILE D 187 13.30 -44.97 -28.71
C ILE D 187 14.45 -44.00 -29.06
N GLN D 188 14.81 -43.92 -30.35
CA GLN D 188 15.78 -42.96 -30.89
C GLN D 188 15.20 -41.61 -31.37
N ARG D 189 13.94 -41.59 -31.81
CA ARG D 189 13.35 -40.37 -32.40
C ARG D 189 11.89 -40.28 -31.99
N PRO D 190 11.63 -40.13 -30.70
CA PRO D 190 10.24 -40.00 -30.29
C PRO D 190 9.48 -38.88 -31.03
N LYS D 191 10.06 -37.67 -31.15
CA LYS D 191 9.30 -36.54 -31.75
C LYS D 191 8.87 -36.97 -33.16
N GLU D 192 9.84 -37.50 -33.90
CA GLU D 192 9.67 -37.81 -35.32
C GLU D 192 8.52 -38.80 -35.51
N LEU D 193 8.53 -39.86 -34.74
CA LEU D 193 7.52 -40.89 -34.83
C LEU D 193 6.14 -40.43 -34.34
N SER D 194 6.05 -39.79 -33.17
CA SER D 194 4.73 -39.31 -32.73
C SER D 194 4.06 -38.53 -33.83
N SER D 195 4.86 -37.74 -34.56
CA SER D 195 4.36 -36.99 -35.71
C SER D 195 3.79 -37.87 -36.79
N CYS D 196 4.49 -38.94 -37.14
CA CYS D 196 3.97 -39.83 -38.17
C CYS D 196 2.69 -40.51 -37.78
N PHE D 197 2.40 -40.63 -36.48
CA PHE D 197 1.19 -41.31 -36.01
C PHE D 197 -0.04 -40.43 -35.83
N CYS D 198 0.17 -39.11 -35.77
CA CYS D 198 -0.90 -38.18 -35.43
C CYS D 198 -2.17 -38.12 -36.32
N HIS D 199 -2.10 -38.53 -37.59
CA HIS D 199 -3.26 -38.43 -38.53
C HIS D 199 -4.05 -39.72 -38.45
N HIS D 200 -3.29 -40.80 -38.48
CA HIS D 200 -3.85 -42.12 -38.33
C HIS D 200 -4.64 -42.17 -37.06
N PHE D 201 -4.03 -41.69 -35.97
CA PHE D 201 -4.67 -41.76 -34.64
C PHE D 201 -6.12 -41.23 -34.62
N LEU D 202 -6.40 -40.22 -35.42
CA LEU D 202 -7.76 -39.77 -35.58
C LEU D 202 -8.69 -40.88 -36.07
N ASN D 203 -8.21 -41.78 -36.92
CA ASN D 203 -8.99 -42.96 -37.41
C ASN D 203 -9.00 -44.15 -36.40
N PRO D 204 -10.13 -44.41 -35.72
CA PRO D 204 -10.26 -45.31 -34.55
C PRO D 204 -9.59 -46.73 -34.50
N PRO D 205 -9.68 -47.48 -35.59
CA PRO D 205 -9.10 -48.82 -35.48
C PRO D 205 -7.60 -48.82 -35.32
N THR D 206 -6.95 -47.69 -35.57
CA THR D 206 -5.49 -47.56 -35.43
C THR D 206 -4.96 -47.41 -34.01
N ARG D 207 -5.84 -46.91 -33.13
CA ARG D 207 -5.46 -46.44 -31.82
C ARG D 207 -4.81 -47.51 -30.91
N ILE D 208 -5.42 -48.69 -30.84
CA ILE D 208 -4.82 -49.79 -30.11
C ILE D 208 -3.42 -50.10 -30.62
N PRO D 209 -3.23 -50.40 -31.92
CA PRO D 209 -1.88 -50.69 -32.39
C PRO D 209 -0.91 -49.50 -32.40
N ILE D 210 -1.41 -48.26 -32.39
CA ILE D 210 -0.50 -47.10 -32.26
C ILE D 210 -0.04 -46.94 -30.80
N LEU D 211 -0.98 -46.81 -29.88
CA LEU D 211 -0.62 -46.76 -28.47
C LEU D 211 0.20 -48.01 -28.04
N SER D 212 -0.22 -49.15 -28.54
CA SER D 212 0.52 -50.37 -28.33
C SER D 212 2.02 -50.16 -28.47
N VAL D 213 2.43 -49.46 -29.52
CA VAL D 213 3.83 -49.22 -29.79
C VAL D 213 4.39 -48.07 -28.92
N VAL D 215 3.60 -46.84 -26.06
CA VAL D 215 3.87 -47.13 -24.66
C VAL D 215 5.14 -47.91 -24.54
N GLU D 216 5.48 -48.70 -25.53
CA GLU D 216 6.65 -49.56 -25.43
C GLU D 216 7.91 -48.72 -25.63
N VAL D 217 7.75 -47.60 -26.33
CA VAL D 217 8.87 -46.70 -26.58
C VAL D 217 9.18 -45.95 -25.30
N ILE D 218 8.15 -45.28 -24.82
CA ILE D 218 8.07 -44.60 -23.53
C ILE D 218 8.56 -45.48 -22.34
N ARG D 219 8.13 -46.75 -22.27
CA ARG D 219 8.48 -47.69 -21.19
C ARG D 219 9.99 -47.59 -20.99
N ARG D 220 10.75 -47.68 -22.09
CA ARG D 220 12.21 -47.58 -22.02
C ARG D 220 12.71 -46.25 -21.41
N GLN D 221 11.87 -45.22 -21.45
CA GLN D 221 12.24 -43.95 -20.83
C GLN D 221 13.62 -43.61 -21.32
N GLY D 222 13.86 -43.73 -22.62
CA GLY D 222 15.07 -43.20 -23.19
C GLY D 222 14.95 -41.69 -23.23
N PRO D 223 15.90 -41.02 -23.86
CA PRO D 223 15.69 -39.62 -24.25
C PRO D 223 14.82 -39.59 -25.49
N ARG D 224 14.17 -38.49 -25.81
CA ARG D 224 14.02 -37.34 -24.99
C ARG D 224 12.55 -37.15 -25.20
N LEU D 225 11.78 -37.73 -24.31
CA LEU D 225 10.35 -37.87 -24.54
C LEU D 225 9.65 -36.51 -24.51
N TYR D 226 10.13 -35.58 -23.67
CA TYR D 226 9.52 -34.23 -23.54
C TYR D 226 9.25 -33.51 -24.85
N GLU D 227 9.86 -34.00 -25.93
CA GLU D 227 9.51 -33.53 -27.28
C GLU D 227 8.08 -33.93 -27.68
N ILE D 228 7.65 -35.13 -27.32
CA ILE D 228 6.35 -35.66 -27.76
C ILE D 228 5.20 -34.65 -27.67
N PRO D 229 5.05 -34.00 -26.51
CA PRO D 229 3.86 -33.14 -26.37
C PRO D 229 3.70 -32.07 -27.44
N GLN D 230 4.81 -31.49 -27.87
CA GLN D 230 4.91 -30.58 -29.04
C GLN D 230 4.37 -31.05 -30.39
N THR D 231 4.31 -32.36 -30.63
CA THR D 231 3.72 -32.87 -31.87
C THR D 231 2.22 -32.89 -31.75
N GLY D 232 1.73 -32.79 -30.52
CA GLY D 232 0.32 -32.82 -30.24
C GLY D 232 -0.23 -34.24 -30.28
N PHE D 233 0.65 -35.21 -30.12
CA PHE D 233 0.24 -36.61 -29.90
C PHE D 233 -0.25 -36.88 -28.47
N TYR D 234 0.42 -36.30 -27.48
CA TYR D 234 -0.12 -36.36 -26.12
C TYR D 234 -1.54 -35.72 -26.04
N ASP D 235 -1.71 -34.48 -26.51
CA ASP D 235 -3.07 -33.95 -26.52
C ASP D 235 -4.12 -34.90 -27.18
N LEU D 236 -3.71 -35.66 -28.18
CA LEU D 236 -4.65 -36.62 -28.79
C LEU D 236 -4.99 -37.79 -27.86
N VAL D 237 -3.98 -38.41 -27.26
CA VAL D 237 -4.20 -39.51 -26.31
C VAL D 237 -5.13 -39.11 -25.16
N LEU D 238 -5.07 -37.83 -24.80
CA LEU D 238 -5.92 -37.31 -23.74
C LEU D 238 -7.37 -37.29 -24.20
N LYS D 239 -7.65 -36.84 -25.43
CA LYS D 239 -8.99 -37.06 -26.02
C LYS D 239 -9.43 -38.50 -25.99
N CYS D 240 -8.58 -39.41 -26.48
CA CYS D 240 -8.86 -40.85 -26.38
C CYS D 240 -9.35 -41.27 -25.00
N ALA D 241 -8.57 -40.92 -23.99
CA ALA D 241 -8.93 -41.24 -22.63
C ALA D 241 -10.20 -40.55 -22.15
N GLU D 242 -10.66 -39.47 -22.79
CA GLU D 242 -11.88 -38.75 -22.33
C GLU D 242 -13.13 -39.37 -22.90
N PHE D 243 -12.99 -39.89 -24.12
CA PHE D 243 -14.13 -40.29 -24.95
C PHE D 243 -14.20 -41.76 -25.40
N ASP D 244 -13.07 -42.40 -25.64
CA ASP D 244 -13.11 -43.78 -26.09
C ASP D 244 -13.69 -44.74 -25.05
N THR D 245 -14.23 -45.84 -25.54
CA THR D 245 -14.78 -46.92 -24.75
C THR D 245 -13.77 -48.05 -24.44
N SER D 246 -13.54 -48.92 -25.42
CA SER D 246 -12.61 -50.05 -25.36
C SER D 246 -11.63 -50.06 -24.18
N PRO D 247 -11.99 -50.74 -23.08
CA PRO D 247 -11.13 -50.70 -21.92
C PRO D 247 -9.72 -51.13 -22.24
N ILE D 248 -9.52 -51.91 -23.30
CA ILE D 248 -8.15 -52.18 -23.72
C ILE D 248 -7.46 -50.91 -24.22
N LEU D 249 -8.17 -50.16 -25.07
CA LEU D 249 -7.60 -48.90 -25.57
C LEU D 249 -7.33 -47.96 -24.41
N LEU D 250 -8.39 -47.72 -23.63
CA LEU D 250 -8.29 -46.86 -22.48
C LEU D 250 -7.15 -47.34 -21.60
N SER D 251 -6.89 -48.64 -21.60
CA SER D 251 -5.85 -49.16 -20.74
C SER D 251 -4.52 -48.64 -21.20
N TYR D 252 -4.27 -48.70 -22.49
CA TYR D 252 -3.02 -48.18 -23.00
C TYR D 252 -2.90 -46.65 -22.90
N ALA D 253 -4.00 -45.94 -22.92
CA ALA D 253 -3.91 -44.50 -22.83
C ALA D 253 -3.41 -44.18 -21.45
N LEU D 254 -4.11 -44.65 -20.44
CA LEU D 254 -3.74 -44.31 -19.06
C LEU D 254 -2.26 -44.54 -18.87
N SER D 255 -1.81 -45.76 -19.12
CA SER D 255 -0.40 -46.08 -19.03
C SER D 255 0.49 -45.07 -19.74
N PHE D 256 0.04 -44.59 -20.90
CA PHE D 256 0.86 -43.72 -21.70
C PHE D 256 0.97 -42.38 -21.01
N ILE D 257 -0.17 -41.86 -20.55
CA ILE D 257 -0.17 -40.50 -19.99
C ILE D 257 0.57 -40.54 -18.66
N LEU D 258 0.36 -41.62 -17.92
CA LEU D 258 1.04 -41.85 -16.68
C LEU D 258 2.52 -41.79 -16.86
N ILE D 260 4.38 -40.47 -19.16
CA ILE D 260 4.92 -39.32 -19.84
C ILE D 260 4.58 -38.05 -19.09
N LEU D 261 4.11 -38.19 -17.86
CA LEU D 261 3.68 -37.04 -17.07
C LEU D 261 4.84 -36.43 -16.22
N SER D 262 5.68 -37.31 -15.69
CA SER D 262 6.96 -36.92 -15.11
C SER D 262 7.82 -36.10 -16.10
N HIS D 263 7.74 -36.38 -17.41
CA HIS D 263 8.47 -35.57 -18.38
C HIS D 263 7.69 -34.36 -18.90
N ILE D 264 6.94 -33.74 -17.98
CA ILE D 264 6.14 -32.54 -18.29
C ILE D 264 6.24 -31.50 -17.12
N CYS D 265 5.25 -31.42 -16.24
CA CYS D 265 5.14 -30.33 -15.21
C CYS D 265 5.03 -28.87 -15.75
N ASN D 266 4.99 -28.73 -17.09
CA ASN D 266 4.79 -27.47 -17.85
C ASN D 266 3.47 -27.48 -18.59
N SER D 267 3.28 -28.48 -19.45
CA SER D 267 1.98 -28.75 -20.10
C SER D 267 0.90 -29.08 -19.05
N LEU D 268 1.34 -29.50 -17.86
CA LEU D 268 0.45 -29.86 -16.76
C LEU D 268 -0.60 -28.79 -16.45
N ASP D 269 -0.26 -27.53 -16.71
CA ASP D 269 -1.24 -26.47 -16.59
C ASP D 269 -2.37 -26.57 -17.60
N ASP D 270 -2.07 -26.98 -18.83
CA ASP D 270 -3.14 -27.07 -19.84
C ASP D 270 -4.05 -28.28 -19.60
N SER D 271 -3.37 -29.40 -19.38
CA SER D 271 -4.01 -30.68 -19.23
C SER D 271 -4.80 -30.78 -17.94
N LEU D 272 -4.47 -29.92 -16.98
CA LEU D 272 -4.96 -30.12 -15.62
C LEU D 272 -6.46 -30.46 -15.53
N TYR D 273 -7.33 -29.64 -16.11
CA TYR D 273 -8.75 -29.91 -15.94
C TYR D 273 -9.11 -31.19 -16.67
N ARG D 274 -8.37 -31.49 -17.74
CA ARG D 274 -8.64 -32.71 -18.50
C ARG D 274 -8.24 -33.92 -17.67
N LEU D 275 -7.01 -33.89 -17.15
CA LEU D 275 -6.51 -34.93 -16.26
C LEU D 275 -7.45 -35.17 -15.09
N PHE D 276 -7.93 -34.10 -14.43
CA PHE D 276 -8.94 -34.24 -13.35
C PHE D 276 -10.13 -35.07 -13.78
N CYS D 277 -10.57 -34.82 -15.01
CA CYS D 277 -11.79 -35.44 -15.54
C CYS D 277 -11.48 -36.85 -15.84
N ILE D 278 -10.28 -37.10 -16.34
CA ILE D 278 -9.83 -38.45 -16.63
C ILE D 278 -9.78 -39.28 -15.32
N TYR D 279 -9.19 -38.73 -14.22
CA TYR D 279 -9.09 -39.50 -12.97
C TYR D 279 -10.51 -39.84 -12.53
N LEU D 280 -11.40 -38.87 -12.71
CA LEU D 280 -12.78 -39.06 -12.34
C LEU D 280 -13.35 -40.24 -13.12
N ARG D 281 -13.31 -40.15 -14.44
CA ARG D 281 -13.86 -41.20 -15.28
C ARG D 281 -13.29 -42.59 -14.99
N PHE D 282 -11.97 -42.68 -14.80
CA PHE D 282 -11.28 -43.98 -14.75
C PHE D 282 -11.56 -44.74 -13.46
N SER D 283 -12.01 -43.99 -12.46
CA SER D 283 -12.29 -44.50 -11.15
C SER D 283 -13.78 -44.78 -10.97
N ILE D 285 -14.95 -46.48 -13.54
CA ILE D 285 -14.96 -47.73 -14.29
C ILE D 285 -15.79 -48.74 -13.52
N ASP D 286 -16.52 -49.58 -14.26
CA ASP D 286 -17.59 -50.41 -13.70
C ASP D 286 -17.70 -51.79 -14.37
N PRO D 287 -17.94 -52.87 -13.60
CA PRO D 287 -17.73 -54.18 -14.25
C PRO D 287 -18.79 -54.52 -15.28
N THR D 288 -20.03 -54.16 -14.98
CA THR D 288 -21.15 -54.39 -15.90
C THR D 288 -21.26 -53.29 -17.01
N SER D 289 -21.25 -52.02 -16.62
CA SER D 289 -21.39 -50.91 -17.57
C SER D 289 -20.13 -50.43 -18.27
N GLY D 290 -18.98 -50.89 -17.80
CA GLY D 290 -17.72 -50.38 -18.31
C GLY D 290 -17.55 -48.92 -17.96
N PHE D 291 -16.49 -48.33 -18.51
CA PHE D 291 -16.22 -46.89 -18.37
C PHE D 291 -17.47 -46.01 -18.60
N PRO D 292 -17.62 -44.94 -17.81
CA PRO D 292 -18.62 -43.96 -18.21
C PRO D 292 -18.49 -43.42 -19.65
N SER D 293 -19.40 -43.85 -20.53
CA SER D 293 -19.71 -43.16 -21.79
C SER D 293 -19.71 -41.65 -21.60
N SER D 294 -19.07 -40.94 -22.53
CA SER D 294 -19.15 -39.47 -22.53
C SER D 294 -20.34 -39.05 -23.31
N THR D 295 -20.61 -37.75 -23.29
CA THR D 295 -21.61 -37.19 -24.18
C THR D 295 -20.97 -36.38 -25.32
N ALA D 296 -20.05 -35.46 -25.01
CA ALA D 296 -19.49 -34.51 -25.99
C ALA D 296 -18.90 -35.18 -27.21
N SER D 297 -17.71 -35.75 -27.08
CA SER D 297 -16.92 -36.26 -28.22
C SER D 297 -16.38 -35.12 -29.10
N GLY D 298 -16.93 -33.91 -29.05
CA GLY D 298 -16.61 -32.89 -30.06
C GLY D 298 -16.66 -33.46 -31.48
N ASN D 299 -15.60 -33.23 -32.23
CA ASN D 299 -15.38 -33.93 -33.52
C ASN D 299 -14.41 -35.14 -33.37
N TRP D 300 -14.62 -35.99 -32.38
CA TRP D 300 -13.61 -36.96 -32.04
C TRP D 300 -13.78 -38.26 -32.79
N GLU D 301 -15.00 -38.76 -32.83
CA GLU D 301 -15.29 -40.13 -33.35
C GLU D 301 -14.75 -41.23 -32.43
N VAL D 302 -15.54 -41.49 -31.40
CA VAL D 302 -15.22 -42.48 -30.39
C VAL D 302 -14.95 -43.87 -30.93
N PHE D 303 -13.91 -44.50 -30.41
CA PHE D 303 -13.69 -45.92 -30.57
C PHE D 303 -14.46 -46.72 -29.51
N HIS D 304 -15.44 -47.51 -29.95
CA HIS D 304 -16.12 -48.50 -29.15
C HIS D 304 -15.54 -49.84 -29.49
N ASP D 305 -15.87 -50.84 -28.68
CA ASP D 305 -15.17 -52.11 -28.82
C ASP D 305 -15.74 -52.88 -29.97
N PHE D 306 -17.06 -53.03 -29.99
CA PHE D 306 -17.69 -53.79 -31.05
C PHE D 306 -18.43 -52.80 -31.94
N SER D 308 -21.03 -52.70 -34.15
CA SER D 308 -22.23 -53.50 -34.42
C SER D 308 -23.42 -52.64 -34.88
N SER D 339 -1.47 -53.05 -13.36
CA SER D 339 -0.21 -52.50 -12.86
C SER D 339 -0.32 -50.96 -12.78
N LEU D 340 -0.51 -50.32 -13.94
CA LEU D 340 -0.57 -48.84 -14.12
C LEU D 340 -2.02 -48.31 -14.05
N ASP D 341 -2.64 -48.25 -12.87
CA ASP D 341 -4.09 -47.92 -12.74
C ASP D 341 -4.36 -46.44 -12.44
N TYR D 342 -5.54 -46.11 -11.90
CA TYR D 342 -5.88 -44.70 -11.55
C TYR D 342 -5.35 -44.27 -10.21
N SER D 343 -5.05 -45.22 -9.33
CA SER D 343 -4.43 -44.89 -8.07
C SER D 343 -3.13 -44.12 -8.25
N GLN D 344 -2.36 -44.45 -9.30
CA GLN D 344 -1.12 -43.71 -9.64
C GLN D 344 -1.43 -42.27 -9.95
N LEU D 345 -2.24 -42.08 -11.00
CA LEU D 345 -2.82 -40.78 -11.31
C LEU D 345 -3.33 -39.97 -10.10
N PHE D 346 -3.97 -40.61 -9.10
CA PHE D 346 -4.32 -39.90 -7.85
C PHE D 346 -3.09 -39.34 -7.12
N SER D 347 -2.01 -40.08 -7.02
CA SER D 347 -0.88 -39.60 -6.24
C SER D 347 -0.15 -38.45 -6.96
N ILE D 348 -0.01 -38.57 -8.27
CA ILE D 348 0.60 -37.47 -9.02
C ILE D 348 -0.32 -36.24 -9.13
N LEU D 349 -1.60 -36.37 -8.80
CA LEU D 349 -2.49 -35.19 -8.70
C LEU D 349 -2.52 -34.59 -7.28
N TYR D 350 -2.17 -35.39 -6.26
CA TYR D 350 -2.27 -34.91 -4.87
C TYR D 350 -0.99 -34.16 -4.48
N ALA D 351 0.16 -34.63 -4.96
CA ALA D 351 1.31 -33.76 -5.08
C ALA D 351 0.96 -32.91 -6.29
N LEU D 352 1.54 -31.73 -6.41
CA LEU D 352 1.25 -30.86 -7.57
C LEU D 352 -0.08 -30.07 -7.47
N TYR D 353 -1.20 -30.70 -7.18
CA TYR D 353 -2.43 -29.91 -7.09
C TYR D 353 -3.39 -30.27 -5.95
N PRO D 354 -2.80 -30.66 -4.82
CA PRO D 354 -3.60 -31.12 -3.70
C PRO D 354 -4.89 -30.31 -3.49
N ILE D 355 -4.74 -29.00 -3.39
CA ILE D 355 -5.83 -28.16 -2.91
C ILE D 355 -6.96 -28.30 -3.87
N ASN D 356 -6.65 -28.18 -5.17
CA ASN D 356 -7.69 -28.16 -6.24
C ASN D 356 -8.32 -29.49 -6.60
N PHE D 357 -7.46 -30.46 -6.86
CA PHE D 357 -7.86 -31.86 -6.87
C PHE D 357 -8.89 -32.16 -5.75
N LEU D 358 -8.64 -31.73 -4.50
CA LEU D 358 -9.55 -32.07 -3.38
C LEU D 358 -10.81 -31.23 -3.37
N GLU D 359 -10.72 -29.99 -3.77
CA GLU D 359 -11.91 -29.22 -3.98
C GLU D 359 -12.71 -29.91 -5.09
N PHE D 360 -11.99 -30.43 -6.10
CA PHE D 360 -12.64 -31.04 -7.27
C PHE D 360 -13.31 -32.34 -6.92
N LEU D 361 -12.63 -33.20 -6.17
CA LEU D 361 -13.22 -34.49 -5.84
C LEU D 361 -14.41 -34.35 -4.93
N ARG D 362 -14.47 -33.27 -4.17
CA ARG D 362 -15.61 -33.10 -3.29
C ARG D 362 -16.93 -32.90 -4.03
N ASP D 363 -16.88 -32.06 -5.07
CA ASP D 363 -18.04 -31.81 -5.92
C ASP D 363 -17.59 -31.45 -7.31
N PRO D 364 -17.52 -32.45 -8.19
CA PRO D 364 -16.85 -32.15 -9.44
C PRO D 364 -17.63 -31.17 -10.31
N LYS D 365 -18.96 -31.24 -10.24
CA LYS D 365 -19.88 -30.40 -11.03
C LYS D 365 -19.78 -28.89 -10.70
N LEU D 366 -19.43 -28.65 -9.46
CA LEU D 366 -19.27 -27.31 -8.97
C LEU D 366 -17.89 -26.79 -9.32
N TYR D 367 -16.90 -27.67 -9.28
CA TYR D 367 -15.56 -27.22 -9.63
C TYR D 367 -15.54 -26.93 -11.12
N ALA D 368 -16.30 -27.72 -11.87
CA ALA D 368 -16.32 -27.63 -13.33
C ALA D 368 -16.98 -26.35 -13.88
N SER D 369 -18.06 -25.87 -13.29
CA SER D 369 -18.40 -24.46 -13.43
C SER D 369 -17.40 -23.76 -12.55
N LYS D 370 -17.11 -22.50 -12.81
CA LYS D 370 -16.18 -21.73 -11.94
C LYS D 370 -14.74 -22.05 -12.21
N HIS D 371 -14.51 -23.09 -12.99
CA HIS D 371 -13.28 -23.21 -13.71
C HIS D 371 -13.59 -23.45 -15.21
N ASN D 372 -14.86 -23.31 -15.59
CA ASN D 372 -15.28 -23.24 -17.01
C ASN D 372 -15.09 -24.49 -17.89
N PHE D 373 -15.41 -25.67 -17.36
CA PHE D 373 -15.62 -26.89 -18.17
C PHE D 373 -16.89 -27.63 -17.73
N GLN D 374 -17.16 -28.79 -18.31
CA GLN D 374 -18.32 -29.59 -17.90
C GLN D 374 -17.86 -30.97 -17.47
N ILE D 375 -18.72 -31.71 -16.80
CA ILE D 375 -18.39 -33.08 -16.48
C ILE D 375 -19.27 -33.93 -17.37
N ARG D 376 -18.62 -34.61 -18.30
CA ARG D 376 -19.29 -35.20 -19.44
C ARG D 376 -19.81 -36.60 -19.16
N TYR D 377 -19.70 -37.03 -17.90
CA TYR D 377 -20.07 -38.38 -17.46
C TYR D 377 -21.14 -38.40 -16.35
N SER D 378 -22.02 -39.38 -16.40
CA SER D 378 -22.78 -39.76 -15.21
C SER D 378 -21.85 -40.57 -14.26
N PHE D 379 -21.80 -40.12 -12.99
CA PHE D 379 -21.01 -40.78 -11.95
C PHE D 379 -21.77 -40.88 -10.63
N ASN D 380 -21.28 -41.77 -9.77
CA ASN D 380 -21.81 -41.97 -8.43
C ASN D 380 -20.95 -41.22 -7.44
N GLN D 381 -21.40 -40.07 -6.99
CA GLN D 381 -20.66 -39.27 -6.00
C GLN D 381 -20.24 -40.01 -4.74
N GLU D 382 -21.11 -40.89 -4.19
CA GLU D 382 -20.84 -41.50 -2.87
C GLU D 382 -19.70 -42.46 -2.98
N LEU D 383 -19.72 -43.18 -4.09
CA LEU D 383 -18.67 -44.10 -4.42
C LEU D 383 -17.34 -43.37 -4.69
N LEU D 384 -17.38 -42.41 -5.60
CA LEU D 384 -16.27 -41.51 -5.83
C LEU D 384 -15.60 -41.11 -4.54
N SER D 385 -16.40 -40.75 -3.54
CA SER D 385 -15.86 -40.33 -2.25
C SER D 385 -15.25 -41.50 -1.53
N THR D 386 -16.08 -42.49 -1.20
CA THR D 386 -15.62 -43.75 -0.63
C THR D 386 -14.25 -44.06 -1.22
N LYS D 387 -14.22 -44.35 -2.51
CA LYS D 387 -13.02 -44.83 -3.20
C LYS D 387 -11.81 -43.91 -3.06
N SER D 388 -12.06 -42.60 -3.11
CA SER D 388 -11.03 -41.54 -3.08
C SER D 388 -10.45 -41.36 -1.66
N ASP D 389 -11.32 -41.32 -0.66
CA ASP D 389 -10.95 -41.46 0.76
C ASP D 389 -9.99 -42.64 0.97
N GLY D 390 -10.27 -43.76 0.34
CA GLY D 390 -9.35 -44.87 0.42
C GLY D 390 -7.93 -44.48 0.05
N LEU D 391 -7.82 -43.64 -0.97
CA LEU D 391 -6.52 -43.26 -1.52
C LEU D 391 -5.82 -42.18 -0.67
N LEU D 392 -6.61 -41.29 -0.15
CA LEU D 392 -6.11 -40.21 0.63
C LEU D 392 -5.41 -40.74 1.87
N GLY D 393 -5.99 -41.73 2.52
CA GLY D 393 -5.45 -42.22 3.80
C GLY D 393 -4.09 -42.87 3.64
N ARG D 394 -3.67 -43.00 2.40
CA ARG D 394 -2.46 -43.69 2.09
C ARG D 394 -1.40 -42.68 1.78
N HIS D 395 -1.69 -41.39 2.08
CA HIS D 395 -0.77 -40.25 1.87
C HIS D 395 -0.70 -39.32 3.05
N LEU D 396 0.41 -38.60 3.17
CA LEU D 396 0.59 -37.57 4.20
C LEU D 396 -0.11 -36.24 3.88
N ALA D 397 -0.58 -35.56 4.91
CA ALA D 397 -1.01 -34.18 4.78
C ALA D 397 0.05 -33.32 4.04
N HIS D 398 -0.40 -32.54 3.07
CA HIS D 398 0.48 -31.84 2.15
C HIS D 398 0.83 -30.41 2.56
N SER D 399 2.07 -30.00 2.46
CA SER D 399 2.44 -28.61 2.86
C SER D 399 1.65 -27.47 2.20
N ASN D 400 1.34 -27.55 0.92
CA ASN D 400 0.60 -26.48 0.23
C ASN D 400 -0.51 -25.82 1.05
N PHE D 401 -1.21 -26.61 1.86
CA PHE D 401 -2.36 -26.10 2.61
C PHE D 401 -1.99 -25.04 3.63
N LEU D 402 -0.73 -25.02 4.07
CA LEU D 402 -0.24 -23.99 4.98
C LEU D 402 0.23 -22.71 4.30
N LYS D 403 0.32 -22.73 2.96
CA LYS D 403 1.01 -21.71 2.16
C LYS D 403 0.22 -21.20 0.95
N TYR D 404 -0.73 -21.97 0.41
CA TYR D 404 -1.56 -21.50 -0.72
C TYR D 404 -3.05 -21.65 -0.56
N THR D 405 -3.79 -20.87 -1.33
CA THR D 405 -5.22 -21.02 -1.51
C THR D 405 -5.42 -21.82 -2.77
N ALA D 406 -6.68 -22.09 -3.09
CA ALA D 406 -7.03 -22.78 -4.33
C ALA D 406 -6.48 -22.03 -5.54
N GLU D 407 -6.63 -20.71 -5.53
CA GLU D 407 -6.18 -19.82 -6.61
C GLU D 407 -4.67 -19.62 -6.60
N THR D 408 -4.07 -19.31 -5.45
CA THR D 408 -2.61 -19.19 -5.42
C THR D 408 -1.90 -20.50 -5.84
N GLU D 409 -2.56 -21.64 -5.71
CA GLU D 409 -1.99 -22.92 -6.10
C GLU D 409 -1.99 -22.97 -7.61
N LEU D 410 -3.07 -22.50 -8.22
CA LEU D 410 -3.15 -22.49 -9.68
C LEU D 410 -2.24 -21.45 -10.28
N THR D 411 -1.94 -20.39 -9.53
CA THR D 411 -0.99 -19.41 -10.01
C THR D 411 -0.01 -18.83 -8.99
N ASP D 412 1.14 -19.44 -8.92
CA ASP D 412 2.24 -18.87 -8.21
C ASP D 412 3.30 -19.73 -8.82
N LYS D 413 4.05 -19.17 -9.76
CA LYS D 413 5.04 -19.96 -10.50
C LYS D 413 6.29 -20.18 -9.65
N SER D 414 6.47 -19.29 -8.68
CA SER D 414 7.52 -19.42 -7.67
C SER D 414 7.25 -20.56 -6.69
N ARG D 415 6.16 -21.29 -6.94
CA ARG D 415 5.96 -22.60 -6.33
C ARG D 415 6.93 -23.62 -6.89
N TRP D 416 7.40 -23.42 -8.12
CA TRP D 416 8.21 -24.43 -8.81
C TRP D 416 9.72 -24.09 -8.71
N THR D 417 10.04 -23.00 -8.01
CA THR D 417 11.38 -22.78 -7.46
C THR D 417 11.76 -23.96 -6.53
N ARG D 418 11.07 -24.10 -5.40
CA ARG D 418 11.29 -25.18 -4.42
C ARG D 418 11.84 -26.49 -5.04
N LEU D 419 11.32 -26.86 -6.22
CA LEU D 419 11.62 -28.14 -6.90
C LEU D 419 13.11 -28.35 -7.17
N ASP D 420 13.79 -27.30 -7.60
CA ASP D 420 15.18 -27.42 -7.97
C ASP D 420 15.98 -27.95 -6.79
N SER D 421 15.59 -27.54 -5.58
CA SER D 421 16.32 -27.87 -4.36
C SER D 421 16.02 -29.27 -3.86
N ILE D 422 14.78 -29.75 -4.08
CA ILE D 422 14.39 -31.11 -3.69
C ILE D 422 14.96 -32.13 -4.70
N ALA D 423 15.05 -31.71 -5.96
CA ALA D 423 15.73 -32.46 -7.02
C ALA D 423 17.21 -32.76 -6.70
N VAL D 424 17.90 -31.70 -6.26
CA VAL D 424 19.28 -31.81 -5.80
C VAL D 424 19.42 -32.78 -4.61
N VAL D 425 18.76 -32.53 -3.49
CA VAL D 425 18.93 -33.43 -2.34
C VAL D 425 18.61 -34.87 -2.72
N ALA D 426 17.81 -35.07 -3.78
CA ALA D 426 17.45 -36.42 -4.24
C ALA D 426 18.60 -37.10 -4.94
N LEU D 427 19.17 -36.38 -5.91
CA LEU D 427 20.30 -36.86 -6.74
C LEU D 427 21.47 -37.40 -5.90
N CYS D 428 21.91 -36.61 -4.92
CA CYS D 428 23.03 -36.94 -4.04
C CYS D 428 22.79 -38.18 -3.21
N ASN D 429 21.52 -38.49 -2.92
CA ASN D 429 21.13 -39.70 -2.15
C ASN D 429 21.10 -40.95 -2.98
N SER D 430 20.68 -40.81 -4.23
CA SER D 430 20.71 -41.92 -5.16
C SER D 430 22.15 -42.28 -5.51
N LEU D 431 23.08 -41.32 -5.27
CA LEU D 431 24.53 -41.52 -5.51
C LEU D 431 25.33 -42.14 -4.37
N ASN D 432 24.73 -42.31 -3.18
CA ASN D 432 25.39 -43.03 -2.08
C ASN D 432 25.16 -44.52 -2.20
N ALA D 433 26.19 -45.32 -1.91
CA ALA D 433 26.12 -46.75 -2.04
C ALA D 433 25.48 -47.40 -0.80
N VAL D 434 25.59 -46.72 0.35
CA VAL D 434 25.08 -47.18 1.69
C VAL D 434 26.13 -46.77 2.72
N PRO E 5 -28.44 -46.13 78.14
CA PRO E 5 -27.48 -46.28 77.03
C PRO E 5 -26.38 -45.22 77.04
N LEU E 6 -26.81 -43.96 77.19
CA LEU E 6 -25.97 -42.82 76.93
C LEU E 6 -24.90 -42.67 78.01
N GLN E 7 -25.31 -42.85 79.27
CA GLN E 7 -24.43 -42.64 80.43
C GLN E 7 -23.19 -43.55 80.47
N SER E 8 -23.35 -44.78 79.97
CA SER E 8 -22.24 -45.75 79.86
C SER E 8 -21.20 -45.29 78.83
N LEU E 9 -21.66 -44.57 77.80
CA LEU E 9 -20.77 -43.98 76.78
C LEU E 9 -19.91 -42.84 77.35
N VAL E 10 -20.57 -41.89 78.01
CA VAL E 10 -19.92 -40.66 78.45
C VAL E 10 -18.85 -40.98 79.49
N LYS E 11 -19.15 -41.98 80.31
CA LYS E 11 -18.17 -42.54 81.21
C LYS E 11 -16.90 -42.82 80.38
N ALA E 12 -17.07 -43.60 79.32
CA ALA E 12 -15.97 -44.11 78.48
C ALA E 12 -14.98 -43.07 77.97
N LEU E 13 -15.52 -42.00 77.39
CA LEU E 13 -14.71 -40.83 76.96
C LEU E 13 -13.95 -40.25 78.14
N TRP E 14 -14.71 -39.88 79.17
CA TRP E 14 -14.15 -39.20 80.31
C TRP E 14 -12.92 -39.96 80.77
N ASN E 15 -13.10 -41.30 80.85
CA ASN E 15 -12.04 -42.24 81.22
C ASN E 15 -10.85 -42.13 80.29
N VAL E 16 -11.18 -42.12 79.00
CA VAL E 16 -10.19 -42.35 77.95
C VAL E 16 -9.44 -41.09 77.58
N LEU E 17 -9.91 -39.93 78.05
CA LEU E 17 -9.13 -38.69 77.93
C LEU E 17 -8.26 -38.43 79.20
N HIS E 18 -8.15 -39.46 80.07
CA HIS E 18 -7.23 -39.49 81.25
C HIS E 18 -6.67 -40.90 81.52
N ASP E 27 -4.57 -46.24 74.57
CA ASP E 27 -5.31 -47.49 74.38
C ASP E 27 -6.82 -47.23 74.49
N LEU E 28 -7.62 -47.84 73.59
CA LEU E 28 -9.00 -47.35 73.33
C LEU E 28 -10.21 -48.30 73.48
N THR E 29 -9.96 -49.60 73.58
CA THR E 29 -10.97 -50.65 73.25
C THR E 29 -12.39 -50.53 73.86
N GLU E 30 -12.45 -50.34 75.17
CA GLU E 30 -13.70 -50.13 75.91
C GLU E 30 -14.65 -49.11 75.26
N LEU E 31 -14.08 -47.96 74.91
CA LEU E 31 -14.78 -46.86 74.21
C LEU E 31 -15.50 -47.31 72.93
N ILE E 32 -14.69 -47.93 72.07
CA ILE E 32 -15.11 -48.50 70.79
C ILE E 32 -16.27 -49.46 71.02
N ALA E 33 -16.15 -50.21 72.11
CA ALA E 33 -17.17 -51.13 72.57
C ALA E 33 -18.50 -50.43 72.81
N GLU E 34 -18.45 -49.37 73.61
CA GLU E 34 -19.69 -48.64 74.03
C GLU E 34 -20.36 -47.82 72.90
N VAL E 35 -19.61 -47.60 71.81
CA VAL E 35 -20.16 -46.97 70.60
C VAL E 35 -21.04 -47.97 69.86
N GLU E 36 -20.52 -49.18 69.69
CA GLU E 36 -21.16 -50.21 68.87
C GLU E 36 -22.42 -50.82 69.53
N SER E 37 -22.47 -50.80 70.85
CA SER E 37 -23.69 -51.13 71.58
C SER E 37 -24.69 -49.99 71.49
N TYR E 38 -24.24 -48.77 71.79
CA TYR E 38 -25.06 -47.53 71.64
C TYR E 38 -25.66 -47.45 70.24
N GLN E 39 -24.84 -47.78 69.25
CA GLN E 39 -25.26 -47.69 67.85
C GLN E 39 -26.40 -48.65 67.58
N GLN E 40 -26.31 -49.87 68.14
CA GLN E 40 -27.43 -50.83 68.06
C GLN E 40 -28.74 -50.19 68.51
N ARG E 41 -28.70 -49.50 69.63
CA ARG E 41 -29.90 -48.88 70.20
C ARG E 41 -30.42 -47.74 69.31
N TYR E 42 -29.48 -47.04 68.70
CA TYR E 42 -29.74 -45.91 67.82
C TYR E 42 -29.00 -46.14 66.52
N PRO E 43 -29.56 -46.99 65.64
CA PRO E 43 -28.90 -47.18 64.36
C PRO E 43 -28.60 -45.83 63.73
N LYS E 44 -29.64 -45.05 63.43
CA LYS E 44 -29.48 -43.68 62.91
C LYS E 44 -28.87 -42.74 63.95
N GLN E 45 -28.41 -41.57 63.47
CA GLN E 45 -27.83 -40.55 64.32
C GLN E 45 -28.95 -39.83 65.08
N ASN E 46 -28.72 -39.62 66.36
CA ASN E 46 -29.77 -39.15 67.24
C ASN E 46 -29.57 -37.70 67.68
N PRO E 47 -30.47 -36.79 67.24
CA PRO E 47 -30.25 -35.34 67.42
C PRO E 47 -30.13 -34.90 68.87
N THR E 48 -30.96 -35.49 69.74
CA THR E 48 -30.95 -35.15 71.15
C THR E 48 -29.66 -35.67 71.82
N ASN E 49 -29.25 -36.89 71.45
CA ASN E 49 -27.98 -37.45 71.91
C ASN E 49 -26.78 -36.69 71.38
N SER E 50 -26.77 -36.49 70.06
CA SER E 50 -25.67 -35.78 69.39
C SER E 50 -25.32 -34.51 70.14
N GLN E 51 -26.32 -33.65 70.32
CA GLN E 51 -26.19 -32.44 71.13
C GLN E 51 -25.52 -32.73 72.48
N LYS E 52 -26.05 -33.75 73.14
CA LYS E 52 -25.64 -34.14 74.50
C LYS E 52 -24.17 -34.57 74.61
N ILE E 53 -23.74 -35.31 73.60
CA ILE E 53 -22.39 -35.84 73.54
C ILE E 53 -21.40 -34.71 73.30
N ARG E 54 -21.76 -33.82 72.38
CA ARG E 54 -20.87 -32.74 71.95
C ARG E 54 -20.54 -31.82 73.12
N HIS E 55 -21.58 -31.54 73.92
CA HIS E 55 -21.44 -30.74 75.16
C HIS E 55 -20.36 -31.22 76.11
N ILE E 56 -20.36 -32.52 76.36
CA ILE E 56 -19.39 -33.15 77.23
C ILE E 56 -18.00 -32.88 76.69
N LEU E 57 -17.82 -33.18 75.40
CA LEU E 57 -16.52 -33.02 74.73
C LEU E 57 -15.95 -31.63 74.95
N ASP E 58 -16.87 -30.65 74.94
CA ASP E 58 -16.51 -29.25 75.11
C ASP E 58 -16.00 -29.04 76.53
N GLU E 59 -16.67 -29.65 77.50
CA GLU E 59 -16.19 -29.63 78.89
C GLU E 59 -14.82 -30.27 78.95
N ILE E 60 -14.76 -31.52 78.52
CA ILE E 60 -13.46 -32.21 78.46
C ILE E 60 -12.41 -31.46 77.66
N TYR E 61 -12.81 -30.82 76.56
CA TYR E 61 -11.86 -30.02 75.77
C TYR E 61 -11.24 -28.94 76.66
N GLU E 62 -12.10 -28.34 77.48
CA GLU E 62 -11.70 -27.27 78.37
C GLU E 62 -10.82 -27.73 79.54
N LYS E 63 -10.82 -29.03 79.82
CA LYS E 63 -9.91 -29.63 80.80
C LYS E 63 -8.62 -30.18 80.16
N THR E 64 -8.74 -30.88 79.02
CA THR E 64 -7.57 -31.46 78.30
C THR E 64 -7.58 -31.04 76.82
N PRO E 65 -6.66 -30.13 76.43
CA PRO E 65 -6.76 -29.44 75.15
C PRO E 65 -5.95 -30.14 74.02
N PHE E 66 -5.23 -29.37 73.20
CA PHE E 66 -4.73 -29.86 71.92
C PHE E 66 -3.27 -29.46 71.70
N ASN E 67 -2.55 -29.24 72.79
CA ASN E 67 -1.26 -28.52 72.75
C ASN E 67 -0.03 -29.39 72.59
N ASN E 68 -0.09 -30.60 73.15
CA ASN E 68 0.99 -31.59 73.05
C ASN E 68 0.55 -32.80 72.25
N THR E 69 1.50 -33.34 71.48
CA THR E 69 1.19 -34.30 70.43
C THR E 69 0.41 -35.50 71.00
N ARG E 70 0.73 -35.90 72.23
CA ARG E 70 0.04 -36.98 72.94
C ARG E 70 -1.48 -36.73 73.03
N ARG E 71 -1.89 -35.48 73.19
CA ARG E 71 -3.32 -35.19 73.33
C ARG E 71 -4.03 -35.18 71.96
N ARG E 72 -3.32 -34.71 70.94
CA ARG E 72 -3.83 -34.73 69.57
C ARG E 72 -4.08 -36.16 69.16
N ILE E 73 -3.00 -36.97 69.14
CA ILE E 73 -3.09 -38.41 68.84
C ILE E 73 -4.27 -39.02 69.59
N LEU E 74 -4.42 -38.55 70.82
CA LEU E 74 -5.50 -38.94 71.67
C LEU E 74 -6.81 -38.40 71.13
N TRP E 75 -6.82 -37.09 70.88
CA TRP E 75 -8.03 -36.40 70.41
C TRP E 75 -8.46 -36.87 69.02
N LEU E 76 -7.47 -36.97 68.13
CA LEU E 76 -7.71 -37.32 66.73
C LEU E 76 -8.22 -38.75 66.68
N ALA E 77 -7.46 -39.65 67.29
CA ALA E 77 -7.98 -40.99 67.54
C ALA E 77 -9.41 -41.01 68.09
N VAL E 78 -9.70 -40.16 69.07
CA VAL E 78 -11.02 -40.20 69.72
C VAL E 78 -12.05 -39.69 68.74
N LEU E 79 -11.84 -38.48 68.25
CA LEU E 79 -12.83 -37.80 67.40
C LEU E 79 -13.27 -38.66 66.21
N LYS E 80 -12.27 -39.29 65.60
CA LYS E 80 -12.52 -40.31 64.59
C LYS E 80 -13.63 -41.28 65.02
N THR E 81 -13.46 -41.91 66.17
CA THR E 81 -14.34 -43.00 66.55
C THR E 81 -15.76 -42.56 66.86
N VAL E 82 -15.93 -41.31 67.26
CA VAL E 82 -17.23 -40.90 67.83
C VAL E 82 -18.05 -40.07 66.87
N ILE E 83 -17.44 -39.69 65.75
CA ILE E 83 -18.06 -38.72 64.87
C ILE E 83 -19.31 -39.23 64.15
N PRO E 84 -19.37 -40.54 63.84
CA PRO E 84 -20.56 -40.99 63.13
C PRO E 84 -21.80 -41.08 64.01
N LEU E 85 -21.68 -40.78 65.31
CA LEU E 85 -22.86 -40.64 66.16
C LEU E 85 -23.51 -39.27 66.02
N LEU E 86 -22.70 -38.30 65.61
CA LEU E 86 -23.06 -36.90 65.70
C LEU E 86 -23.72 -36.36 64.46
N ILE E 87 -24.45 -35.27 64.70
CA ILE E 87 -24.96 -34.36 63.70
C ILE E 87 -24.31 -33.00 63.94
N LEU E 88 -23.86 -32.38 62.86
CA LEU E 88 -23.10 -31.14 62.96
C LEU E 88 -23.69 -30.05 62.05
N ASP E 89 -23.42 -28.79 62.37
CA ASP E 89 -23.87 -27.66 61.55
C ASP E 89 -22.70 -26.82 61.05
N ARG E 90 -22.94 -25.99 60.05
CA ARG E 90 -21.88 -25.14 59.52
C ARG E 90 -21.09 -24.48 60.64
N GLN E 91 -21.77 -24.15 61.74
CA GLN E 91 -21.12 -23.55 62.91
C GLN E 91 -20.22 -24.54 63.65
N ALA E 92 -20.72 -25.78 63.81
CA ALA E 92 -20.01 -26.82 64.57
C ALA E 92 -18.63 -27.04 63.97
N VAL E 93 -18.64 -27.39 62.68
CA VAL E 93 -17.43 -27.70 61.97
C VAL E 93 -16.39 -26.57 62.07
N GLY E 94 -16.84 -25.33 62.16
CA GLY E 94 -15.95 -24.19 62.35
C GLY E 94 -15.26 -24.23 63.70
N GLU E 95 -15.97 -24.72 64.71
CA GLU E 95 -15.41 -24.83 66.07
C GLU E 95 -14.33 -25.90 66.03
N TRP E 96 -14.67 -27.04 65.41
CA TRP E 96 -13.72 -28.12 65.16
C TRP E 96 -12.58 -27.61 64.30
N TRP E 97 -12.96 -26.85 63.27
CA TRP E 97 -11.96 -26.33 62.37
C TRP E 97 -10.92 -25.57 63.19
N ASP E 98 -11.39 -24.70 64.09
CA ASP E 98 -10.52 -23.74 64.76
C ASP E 98 -9.67 -24.36 65.85
N GLN E 99 -10.22 -25.37 66.54
CA GLN E 99 -9.56 -25.93 67.72
C GLN E 99 -8.90 -27.30 67.47
N ILE E 100 -9.25 -27.96 66.36
CA ILE E 100 -8.62 -29.23 65.92
C ILE E 100 -7.77 -29.08 64.65
N PHE E 101 -8.49 -29.02 63.50
CA PHE E 101 -7.89 -29.16 62.18
C PHE E 101 -6.92 -28.02 61.93
N PHE E 102 -7.35 -26.78 62.07
CA PHE E 102 -6.43 -25.66 61.83
C PHE E 102 -5.06 -25.84 62.50
N PRO E 103 -5.01 -25.95 63.86
CA PRO E 103 -3.70 -26.07 64.55
C PRO E 103 -2.83 -27.19 63.98
N PHE E 104 -3.45 -28.35 63.76
CA PHE E 104 -2.75 -29.43 63.08
C PHE E 104 -2.09 -29.01 61.76
N LEU E 105 -2.88 -28.83 60.70
CA LEU E 105 -2.36 -28.34 59.41
C LEU E 105 -1.42 -27.12 59.51
N ASN E 106 -1.67 -26.29 60.52
CA ASN E 106 -0.86 -25.10 60.69
C ASN E 106 0.54 -25.44 61.20
N SER E 107 0.61 -26.21 62.30
CA SER E 107 1.86 -26.90 62.69
C SER E 107 1.60 -28.40 62.85
N PRO E 108 1.97 -29.19 61.85
CA PRO E 108 1.37 -30.51 61.76
C PRO E 108 2.23 -31.59 62.40
N THR E 109 1.56 -32.62 62.95
CA THR E 109 2.28 -33.70 63.68
C THR E 109 2.96 -34.68 62.73
N GLN E 110 4.23 -34.93 62.97
CA GLN E 110 5.08 -35.69 62.05
C GLN E 110 4.87 -37.21 62.08
N LEU E 111 3.76 -37.68 62.59
CA LEU E 111 3.43 -39.08 62.47
C LEU E 111 2.35 -39.29 61.40
N LYS E 112 2.67 -40.13 60.44
CA LYS E 112 1.77 -40.40 59.33
C LYS E 112 0.45 -40.99 59.76
N PRO E 113 0.46 -41.89 60.74
CA PRO E 113 -0.85 -42.46 61.15
C PRO E 113 -1.72 -41.52 62.02
N VAL E 114 -1.16 -40.35 62.36
CA VAL E 114 -1.89 -39.28 63.02
C VAL E 114 -2.63 -38.57 61.90
N PHE E 115 -1.84 -38.15 60.91
CA PHE E 115 -2.37 -37.45 59.76
C PHE E 115 -3.29 -38.37 58.95
N SER E 116 -3.12 -39.67 59.05
CA SER E 116 -4.15 -40.55 58.54
C SER E 116 -5.47 -40.60 59.37
N ASP E 117 -5.46 -40.06 60.59
CA ASP E 117 -6.68 -39.94 61.39
C ASP E 117 -7.36 -38.65 61.01
N LEU E 118 -6.54 -37.62 60.79
CA LEU E 118 -7.03 -36.29 60.49
C LEU E 118 -7.84 -36.39 59.22
N LYS E 119 -7.16 -36.81 58.14
CA LYS E 119 -7.82 -37.09 56.86
C LYS E 119 -9.02 -37.95 57.15
N SER E 120 -8.80 -39.16 57.66
CA SER E 120 -9.90 -40.01 58.04
C SER E 120 -11.15 -39.19 58.46
N ILE E 121 -11.01 -38.28 59.44
CA ILE E 121 -12.16 -37.48 59.94
C ILE E 121 -12.74 -36.62 58.80
N LEU E 122 -12.01 -35.55 58.43
CA LEU E 122 -12.30 -34.66 57.28
C LEU E 122 -13.21 -35.27 56.22
N PHE E 123 -12.80 -36.43 55.73
CA PHE E 123 -13.45 -37.12 54.65
C PHE E 123 -14.76 -37.80 55.05
N TYR E 124 -14.97 -38.01 56.34
CA TYR E 124 -16.26 -38.54 56.78
C TYR E 124 -17.26 -37.41 56.58
N ILE E 125 -16.74 -36.18 56.68
CA ILE E 125 -17.50 -34.90 56.57
C ILE E 125 -17.66 -34.45 55.12
N LEU E 126 -16.56 -34.54 54.35
CA LEU E 126 -16.46 -34.14 52.94
C LEU E 126 -17.09 -35.11 51.94
N ILE E 127 -17.26 -36.37 52.32
CA ILE E 127 -17.64 -37.43 51.37
C ILE E 127 -18.75 -38.29 51.96
N PHE E 128 -19.95 -38.18 51.39
CA PHE E 128 -21.14 -38.83 51.94
C PHE E 128 -22.16 -39.29 50.88
N HIS E 129 -22.95 -40.32 51.24
CA HIS E 129 -23.89 -40.95 50.30
C HIS E 129 -25.25 -40.33 50.38
N ASP E 130 -25.79 -40.18 51.59
CA ASP E 130 -27.08 -39.51 51.75
C ASP E 130 -27.01 -38.05 52.19
N GLU E 131 -27.78 -37.21 51.50
CA GLU E 131 -27.81 -35.76 51.73
C GLU E 131 -28.70 -35.37 52.91
N ASP E 132 -29.69 -36.21 53.19
CA ASP E 132 -30.62 -36.04 54.31
C ASP E 132 -30.14 -36.67 55.63
N GLU E 133 -29.10 -37.51 55.58
CA GLU E 133 -28.55 -38.19 56.78
C GLU E 133 -28.44 -37.29 58.02
N TRP E 134 -28.39 -35.97 57.86
CA TRP E 134 -28.43 -35.07 59.02
C TRP E 134 -29.62 -34.14 59.11
N GLY E 135 -30.41 -34.07 58.04
CA GLY E 135 -31.72 -33.42 58.09
C GLY E 135 -31.53 -31.97 57.77
N GLY E 136 -32.38 -31.45 56.88
CA GLY E 136 -32.11 -30.20 56.20
C GLY E 136 -30.88 -30.38 55.32
N ASP E 137 -30.40 -29.28 54.77
CA ASP E 137 -29.15 -29.27 54.01
C ASP E 137 -27.96 -29.76 54.85
N LEU E 138 -27.97 -29.44 56.15
CA LEU E 138 -26.91 -29.75 57.14
C LEU E 138 -25.74 -30.60 56.71
N ARG E 139 -26.04 -31.81 56.21
CA ARG E 139 -24.97 -32.71 55.76
C ARG E 139 -23.98 -31.93 54.88
N ARG E 140 -24.54 -31.38 53.80
CA ARG E 140 -23.85 -30.60 52.76
C ARG E 140 -23.21 -29.31 53.26
N GLU E 141 -23.95 -28.58 54.09
CA GLU E 141 -23.46 -27.36 54.70
C GLU E 141 -22.08 -27.50 55.37
N CYS E 142 -21.87 -28.60 56.08
CA CYS E 142 -20.59 -28.82 56.70
C CYS E 142 -19.52 -29.14 55.66
N ALA E 143 -19.91 -29.82 54.59
CA ALA E 143 -18.99 -30.13 53.51
C ALA E 143 -18.54 -28.84 52.86
N GLU E 144 -19.50 -28.14 52.22
CA GLU E 144 -19.23 -26.84 51.63
C GLU E 144 -18.39 -26.02 52.55
N GLU E 145 -18.66 -25.99 53.86
CA GLU E 145 -17.85 -25.18 54.82
C GLU E 145 -16.40 -25.67 55.02
N THR E 146 -16.17 -26.98 55.07
CA THR E 146 -14.85 -27.51 55.38
C THR E 146 -13.93 -27.33 54.17
N ILE E 147 -14.43 -27.74 53.01
CA ILE E 147 -13.67 -27.54 51.77
C ILE E 147 -13.31 -26.06 51.47
N THR E 148 -14.13 -25.12 51.88
CA THR E 148 -13.77 -23.73 51.69
C THR E 148 -12.60 -23.40 52.58
N ARG E 149 -12.70 -23.80 53.84
CA ARG E 149 -11.74 -23.34 54.84
C ARG E 149 -10.40 -23.94 54.47
N LEU E 150 -10.45 -25.18 53.96
CA LEU E 150 -9.25 -25.87 53.45
C LEU E 150 -8.52 -25.18 52.29
N VAL E 151 -9.33 -24.74 51.32
CA VAL E 151 -8.90 -24.11 50.12
C VAL E 151 -8.37 -22.71 50.39
N ASP E 152 -9.04 -21.96 51.28
CA ASP E 152 -8.57 -20.61 51.68
C ASP E 152 -7.28 -20.66 52.50
N LEU E 153 -7.13 -21.74 53.24
CA LEU E 153 -5.89 -22.02 53.94
C LEU E 153 -4.80 -22.39 52.94
N TYR E 154 -5.08 -23.36 52.08
CA TYR E 154 -4.13 -23.73 51.05
C TYR E 154 -3.55 -22.51 50.39
N VAL E 155 -4.46 -21.67 49.85
CA VAL E 155 -4.05 -20.52 49.03
C VAL E 155 -3.18 -19.57 49.84
N SER E 156 -3.70 -19.18 51.01
CA SER E 156 -3.06 -18.18 51.83
C SER E 156 -1.70 -18.70 52.27
N LYS E 157 -1.65 -19.99 52.60
CA LYS E 157 -0.41 -20.62 53.04
C LYS E 157 0.63 -20.58 51.89
N ALA E 158 0.13 -20.53 50.67
CA ALA E 158 0.96 -20.68 49.52
C ALA E 158 1.41 -19.35 48.94
N ILE E 159 0.94 -18.23 49.47
CA ILE E 159 1.40 -16.88 49.02
C ILE E 159 2.09 -16.01 50.11
N GLU E 160 1.57 -16.11 51.33
CA GLU E 160 2.04 -15.32 52.49
C GLU E 160 3.59 -15.35 52.74
N ASN E 161 4.25 -14.19 52.59
CA ASN E 161 5.71 -14.06 52.69
C ASN E 161 6.36 -14.67 53.98
N LEU E 162 5.58 -14.86 55.06
CA LEU E 162 5.96 -15.71 56.23
C LEU E 162 7.24 -15.37 57.00
N GLY E 163 7.13 -14.52 58.03
CA GLY E 163 8.31 -14.07 58.82
C GLY E 163 8.71 -14.92 60.02
N ASP E 164 10.01 -14.90 60.36
CA ASP E 164 10.58 -15.82 61.36
C ASP E 164 10.07 -15.56 62.77
N SER E 167 10.51 -21.31 59.87
CA SER E 167 9.59 -20.98 58.82
C SER E 167 9.73 -22.05 57.71
N GLN E 168 10.30 -21.70 56.55
CA GLN E 168 10.09 -22.46 55.27
C GLN E 168 9.91 -24.02 55.31
N GLU E 169 10.60 -24.76 56.18
CA GLU E 169 10.41 -26.24 56.27
C GLU E 169 9.13 -26.53 57.05
N GLN E 170 8.79 -25.68 58.01
CA GLN E 170 7.51 -25.82 58.72
C GLN E 170 6.37 -25.57 57.70
N ARG E 171 6.56 -24.55 56.88
CA ARG E 171 5.58 -24.15 55.87
C ARG E 171 5.31 -25.28 54.86
N ASN E 172 6.39 -25.85 54.36
CA ASN E 172 6.30 -26.90 53.37
C ASN E 172 5.48 -28.05 53.91
N GLN E 173 5.73 -28.44 55.15
CA GLN E 173 4.91 -29.49 55.78
C GLN E 173 3.41 -29.20 55.76
N THR E 174 3.07 -27.93 55.76
CA THR E 174 1.68 -27.58 55.78
C THR E 174 1.15 -27.82 54.39
N ILE E 175 1.67 -27.10 53.40
CA ILE E 175 1.02 -27.11 52.08
C ILE E 175 0.95 -28.57 51.62
N GLU E 176 2.07 -29.27 51.72
CA GLU E 176 2.17 -30.72 51.53
C GLU E 176 0.92 -31.51 51.99
N CYS E 177 0.65 -31.49 53.29
CA CYS E 177 -0.59 -32.01 53.83
C CYS E 177 -1.82 -31.50 53.08
N LEU E 178 -1.92 -30.19 52.96
CA LEU E 178 -3.12 -29.60 52.42
C LEU E 178 -3.36 -30.02 51.00
N VAL E 179 -2.32 -29.92 50.17
CA VAL E 179 -2.36 -30.39 48.79
C VAL E 179 -3.02 -31.74 48.68
N ASN E 180 -2.43 -32.67 49.44
CA ASN E 180 -2.86 -34.05 49.58
C ASN E 180 -4.34 -34.16 49.97
N VAL E 181 -4.82 -33.27 50.83
CA VAL E 181 -6.22 -33.33 51.22
C VAL E 181 -7.08 -32.94 50.01
N LEU E 182 -6.69 -31.84 49.38
CA LEU E 182 -7.42 -31.31 48.25
C LEU E 182 -7.42 -32.31 47.08
N VAL E 183 -6.24 -32.84 46.73
CA VAL E 183 -6.14 -33.78 45.62
C VAL E 183 -6.98 -35.06 45.80
N HIS E 184 -7.11 -35.53 47.02
CA HIS E 184 -8.05 -36.61 47.24
C HIS E 184 -9.46 -36.09 47.01
N TYR E 185 -9.77 -34.89 47.52
CA TYR E 185 -11.11 -34.31 47.32
C TYR E 185 -11.33 -34.10 45.85
N GLY E 186 -10.26 -33.67 45.17
CA GLY E 186 -10.32 -33.35 43.75
C GLY E 186 -10.82 -34.48 42.87
N ILE E 187 -10.35 -35.70 43.17
CA ILE E 187 -10.58 -36.81 42.24
C ILE E 187 -11.98 -37.31 42.50
N GLN E 188 -12.44 -37.08 43.72
CA GLN E 188 -13.74 -37.56 44.21
C GLN E 188 -14.79 -36.57 43.94
N ARG E 189 -14.44 -35.28 43.84
CA ARG E 189 -15.45 -34.19 43.62
C ARG E 189 -14.96 -33.06 42.70
N PRO E 190 -14.59 -33.40 41.47
CA PRO E 190 -13.96 -32.39 40.63
C PRO E 190 -14.86 -31.21 40.28
N LYS E 191 -16.19 -31.37 40.19
CA LYS E 191 -17.06 -30.17 40.05
C LYS E 191 -16.80 -29.20 41.20
N GLU E 192 -16.89 -29.73 42.42
CA GLU E 192 -16.99 -28.91 43.62
C GLU E 192 -15.72 -28.21 43.99
N LEU E 193 -14.59 -28.70 43.52
CA LEU E 193 -13.34 -28.06 43.81
C LEU E 193 -13.10 -26.97 42.77
N SER E 194 -13.51 -27.21 41.54
CA SER E 194 -13.29 -26.21 40.49
C SER E 194 -14.08 -24.96 40.83
N SER E 195 -15.15 -25.13 41.57
CA SER E 195 -15.91 -23.97 42.01
C SER E 195 -15.10 -23.15 43.02
N CYS E 196 -14.44 -23.82 43.96
CA CYS E 196 -13.78 -23.13 45.07
C CYS E 196 -12.63 -22.34 44.61
N PHE E 197 -11.90 -22.92 43.66
CA PHE E 197 -10.73 -22.24 43.16
C PHE E 197 -11.16 -20.95 42.41
N CYS E 198 -12.35 -20.96 41.80
CA CYS E 198 -12.70 -19.96 40.78
C CYS E 198 -12.48 -18.50 41.15
N HIS E 199 -12.85 -18.08 42.36
CA HIS E 199 -12.61 -16.66 42.75
C HIS E 199 -11.12 -16.41 43.03
N HIS E 200 -10.51 -17.30 43.80
CA HIS E 200 -9.09 -17.12 44.11
C HIS E 200 -8.35 -16.95 42.84
N PHE E 201 -8.69 -17.77 41.85
CA PHE E 201 -7.94 -17.82 40.59
C PHE E 201 -7.78 -16.48 39.87
N LEU E 202 -8.76 -15.60 40.05
CA LEU E 202 -8.68 -14.24 39.57
C LEU E 202 -7.46 -13.49 40.17
N ASN E 203 -6.98 -13.91 41.34
CA ASN E 203 -5.88 -13.23 42.04
C ASN E 203 -4.55 -13.85 41.69
N PRO E 204 -3.76 -13.21 40.79
CA PRO E 204 -2.57 -13.80 40.12
C PRO E 204 -1.58 -14.66 40.91
N PRO E 205 -1.20 -14.26 42.13
CA PRO E 205 -0.25 -15.09 42.86
C PRO E 205 -0.71 -16.53 43.08
N THR E 206 -2.01 -16.74 43.20
CA THR E 206 -2.60 -18.07 43.43
C THR E 206 -2.58 -19.11 42.32
N ARG E 207 -2.40 -18.66 41.08
CA ARG E 207 -2.71 -19.53 39.94
C ARG E 207 -1.81 -20.77 39.87
N ILE E 208 -0.55 -20.60 40.23
CA ILE E 208 0.42 -21.69 40.18
C ILE E 208 0.07 -22.76 41.24
N PRO E 209 -0.14 -22.35 42.48
CA PRO E 209 -0.62 -23.34 43.45
C PRO E 209 -1.91 -24.00 43.01
N ILE E 210 -2.88 -23.24 42.56
CA ILE E 210 -4.14 -23.84 42.21
C ILE E 210 -3.96 -24.82 41.05
N LEU E 211 -3.29 -24.38 39.97
CA LEU E 211 -3.16 -25.21 38.77
C LEU E 211 -2.32 -26.45 39.03
N SER E 212 -1.30 -26.27 39.87
CA SER E 212 -0.54 -27.39 40.36
C SER E 212 -1.41 -28.48 41.04
N VAL E 213 -2.31 -28.06 41.91
CA VAL E 213 -3.26 -28.99 42.48
C VAL E 213 -4.24 -29.53 41.44
N VAL E 215 -4.01 -29.75 37.92
CA VAL E 215 -3.44 -30.70 36.93
C VAL E 215 -3.22 -32.07 37.53
N GLU E 216 -2.86 -32.14 38.81
CA GLU E 216 -2.69 -33.40 39.49
C GLU E 216 -3.98 -34.25 39.59
N VAL E 217 -5.13 -33.57 39.66
CA VAL E 217 -6.41 -34.22 39.80
C VAL E 217 -6.90 -34.74 38.47
N ILE E 218 -6.72 -33.92 37.43
CA ILE E 218 -7.02 -34.33 36.06
C ILE E 218 -6.14 -35.46 35.54
N ARG E 219 -4.88 -35.49 35.98
CA ARG E 219 -3.91 -36.54 35.66
C ARG E 219 -4.39 -37.93 36.02
N ARG E 220 -5.26 -38.07 37.01
CA ARG E 220 -5.82 -39.39 37.36
C ARG E 220 -6.82 -39.93 36.34
N GLN E 221 -7.25 -39.08 35.41
CA GLN E 221 -8.26 -39.50 34.46
C GLN E 221 -9.39 -40.25 35.15
N GLY E 222 -9.67 -39.91 36.43
CA GLY E 222 -10.82 -40.43 37.13
C GLY E 222 -12.06 -39.81 36.52
N PRO E 223 -13.23 -40.10 37.11
CA PRO E 223 -14.46 -39.44 36.67
C PRO E 223 -14.43 -38.05 37.24
N ARG E 224 -15.46 -37.24 37.08
CA ARG E 224 -16.20 -37.09 35.86
C ARG E 224 -15.86 -35.64 35.65
N LEU E 225 -14.82 -35.43 34.88
CA LEU E 225 -14.17 -34.13 34.73
C LEU E 225 -15.03 -33.24 33.84
N TYR E 226 -15.76 -33.87 32.93
CA TYR E 226 -16.64 -33.16 32.06
C TYR E 226 -17.49 -32.10 32.79
N GLU E 227 -17.74 -32.37 34.08
CA GLU E 227 -18.45 -31.42 34.96
C GLU E 227 -17.70 -30.13 35.25
N ILE E 228 -16.38 -30.11 35.06
CA ILE E 228 -15.57 -28.95 35.40
C ILE E 228 -15.94 -27.66 34.66
N PRO E 229 -16.08 -27.73 33.34
CA PRO E 229 -16.23 -26.47 32.63
C PRO E 229 -17.52 -25.71 32.91
N GLN E 230 -18.50 -26.39 33.56
CA GLN E 230 -19.75 -25.76 34.13
C GLN E 230 -19.53 -24.70 35.16
N THR E 231 -18.56 -24.94 36.07
CA THR E 231 -18.05 -23.98 37.06
C THR E 231 -17.47 -22.78 36.37
N GLY E 232 -16.93 -22.99 35.18
CA GLY E 232 -16.29 -21.95 34.40
C GLY E 232 -14.83 -21.83 34.79
N PHE E 233 -14.30 -22.90 35.38
CA PHE E 233 -12.88 -22.94 35.72
C PHE E 233 -12.09 -23.13 34.39
N TYR E 234 -12.69 -23.80 33.40
CA TYR E 234 -12.00 -24.04 32.11
C TYR E 234 -11.72 -22.71 31.42
N ASP E 235 -12.73 -21.86 31.34
CA ASP E 235 -12.51 -20.52 30.75
C ASP E 235 -11.40 -19.72 31.44
N LEU E 236 -11.31 -19.86 32.76
CA LEU E 236 -10.31 -19.12 33.52
C LEU E 236 -8.90 -19.53 33.13
N VAL E 237 -8.73 -20.82 32.85
CA VAL E 237 -7.44 -21.35 32.40
C VAL E 237 -7.17 -20.94 30.97
N LEU E 238 -8.23 -20.84 30.17
CA LEU E 238 -8.05 -20.40 28.82
C LEU E 238 -7.48 -19.00 28.83
N LYS E 239 -7.96 -18.14 29.73
CA LYS E 239 -7.42 -16.77 29.92
C LYS E 239 -6.00 -16.81 30.42
N CYS E 240 -5.78 -17.66 31.43
CA CYS E 240 -4.45 -17.88 31.94
C CYS E 240 -3.52 -18.15 30.75
N ALA E 241 -3.95 -19.08 29.89
CA ALA E 241 -3.19 -19.43 28.69
C ALA E 241 -3.11 -18.35 27.61
N GLU E 242 -4.06 -17.41 27.55
CA GLU E 242 -4.09 -16.36 26.49
C GLU E 242 -3.32 -15.11 26.86
N PHE E 243 -3.26 -14.79 28.15
CA PHE E 243 -2.73 -13.50 28.61
C PHE E 243 -1.51 -13.55 29.53
N ASP E 244 -1.47 -14.51 30.45
CA ASP E 244 -0.36 -14.63 31.40
C ASP E 244 1.04 -14.87 30.75
N THR E 245 2.08 -14.74 31.54
CA THR E 245 3.44 -14.75 31.03
C THR E 245 4.39 -15.83 31.53
N SER E 246 4.06 -16.41 32.69
CA SER E 246 5.04 -17.17 33.45
C SER E 246 5.17 -18.53 32.81
N PRO E 247 6.29 -18.77 32.11
CA PRO E 247 6.54 -20.11 31.60
C PRO E 247 6.08 -21.25 32.52
N ILE E 248 6.44 -21.18 33.78
CA ILE E 248 6.09 -22.27 34.68
C ILE E 248 4.57 -22.37 34.74
N LEU E 249 3.90 -21.22 34.84
CA LEU E 249 2.46 -21.19 34.96
C LEU E 249 1.80 -21.71 33.67
N LEU E 250 2.16 -21.10 32.55
CA LEU E 250 1.62 -21.50 31.27
C LEU E 250 1.78 -23.01 31.08
N SER E 251 2.98 -23.51 31.33
CA SER E 251 3.22 -24.96 31.24
C SER E 251 2.08 -25.76 31.91
N TYR E 252 1.81 -25.41 33.16
CA TYR E 252 0.70 -26.02 33.88
C TYR E 252 -0.60 -25.94 33.07
N ALA E 253 -0.93 -24.73 32.63
CA ALA E 253 -2.21 -24.45 31.99
C ALA E 253 -2.39 -25.27 30.75
N LEU E 254 -1.38 -25.28 29.91
CA LEU E 254 -1.49 -25.98 28.64
C LEU E 254 -1.80 -27.47 28.89
N SER E 255 -1.16 -28.03 29.91
CA SER E 255 -1.36 -29.43 30.27
C SER E 255 -2.73 -29.66 30.85
N PHE E 256 -3.22 -28.68 31.60
CA PHE E 256 -4.58 -28.78 32.04
C PHE E 256 -5.52 -28.87 30.87
N ILE E 257 -5.46 -27.89 29.97
CA ILE E 257 -6.44 -27.88 28.90
C ILE E 257 -6.29 -29.16 28.08
N LEU E 258 -5.06 -29.50 27.66
CA LEU E 258 -4.82 -30.73 26.91
C LEU E 258 -5.44 -31.95 27.57
N ILE E 260 -7.85 -32.06 29.82
CA ILE E 260 -9.30 -31.96 29.85
C ILE E 260 -10.06 -31.96 28.49
N LEU E 261 -9.34 -31.86 27.37
CA LEU E 261 -9.97 -31.70 26.04
C LEU E 261 -10.73 -32.89 25.44
N SER E 262 -10.30 -34.10 25.81
CA SER E 262 -11.02 -35.30 25.42
C SER E 262 -12.37 -35.43 26.15
N HIS E 263 -12.52 -34.79 27.31
CA HIS E 263 -13.73 -34.99 28.12
C HIS E 263 -14.78 -33.96 27.85
N ILE E 264 -14.85 -33.51 26.60
CA ILE E 264 -15.75 -32.44 26.21
C ILE E 264 -16.23 -32.64 24.74
N CYS E 265 -15.46 -32.14 23.77
CA CYS E 265 -15.88 -31.99 22.35
C CYS E 265 -17.06 -31.05 22.07
N ASN E 266 -17.81 -30.69 23.11
CA ASN E 266 -18.87 -29.67 23.04
C ASN E 266 -18.30 -28.29 23.25
N SER E 267 -17.98 -27.91 24.50
CA SER E 267 -17.33 -26.61 24.80
C SER E 267 -16.19 -26.31 23.81
N LEU E 268 -15.64 -27.38 23.21
CA LEU E 268 -14.68 -27.29 22.11
C LEU E 268 -15.16 -26.36 20.98
N ASP E 269 -16.43 -26.44 20.66
CA ASP E 269 -17.02 -25.61 19.61
C ASP E 269 -17.04 -24.10 19.93
N ASP E 270 -16.96 -23.67 21.19
CA ASP E 270 -17.01 -22.21 21.55
C ASP E 270 -15.64 -21.62 21.82
N SER E 271 -14.83 -22.43 22.48
CA SER E 271 -13.43 -22.15 22.70
C SER E 271 -12.56 -22.30 21.43
N LEU E 272 -13.15 -22.72 20.31
CA LEU E 272 -12.38 -23.12 19.13
C LEU E 272 -11.40 -22.05 18.73
N TYR E 273 -11.90 -20.84 18.53
CA TYR E 273 -11.01 -19.73 18.14
C TYR E 273 -9.94 -19.46 19.21
N ARG E 274 -10.32 -19.54 20.48
CA ARG E 274 -9.42 -19.32 21.58
C ARG E 274 -8.30 -20.33 21.46
N LEU E 275 -8.64 -21.58 21.16
CA LEU E 275 -7.62 -22.62 21.11
C LEU E 275 -6.72 -22.43 19.95
N PHE E 276 -7.24 -22.00 18.80
CA PHE E 276 -6.35 -21.60 17.70
C PHE E 276 -5.33 -20.53 18.12
N CYS E 277 -5.84 -19.46 18.72
CA CYS E 277 -4.97 -18.40 19.22
C CYS E 277 -3.96 -18.95 20.24
N ILE E 278 -4.37 -19.96 21.01
CA ILE E 278 -3.47 -20.51 22.01
C ILE E 278 -2.34 -21.26 21.31
N TYR E 279 -2.65 -22.19 20.43
CA TYR E 279 -1.59 -22.84 19.65
C TYR E 279 -0.60 -21.78 19.11
N LEU E 280 -1.13 -20.77 18.45
CA LEU E 280 -0.28 -19.74 17.89
C LEU E 280 0.73 -19.36 18.95
N ARG E 281 0.24 -18.83 20.05
CA ARG E 281 1.07 -18.26 21.08
C ARG E 281 2.10 -19.21 21.57
N PHE E 282 1.66 -20.42 21.88
CA PHE E 282 2.55 -21.43 22.47
C PHE E 282 3.64 -21.93 21.54
N SER E 283 3.34 -21.97 20.24
CA SER E 283 4.35 -22.26 19.26
C SER E 283 5.35 -21.10 19.12
N ILE E 285 6.78 -19.47 21.33
CA ILE E 285 7.62 -19.36 22.51
C ILE E 285 9.05 -19.22 22.12
N ASP E 286 9.70 -18.17 22.59
CA ASP E 286 11.02 -17.79 22.15
C ASP E 286 12.02 -17.87 23.35
N PRO E 287 13.29 -18.26 23.09
CA PRO E 287 14.32 -18.45 24.15
C PRO E 287 14.70 -17.24 24.97
N THR E 288 14.47 -16.02 24.45
CA THR E 288 14.85 -14.75 25.13
C THR E 288 13.68 -13.83 25.48
N SER E 289 12.79 -13.57 24.51
CA SER E 289 11.55 -12.81 24.74
C SER E 289 10.44 -13.62 25.43
N GLY E 290 10.65 -14.93 25.60
CA GLY E 290 9.62 -15.80 26.13
C GLY E 290 8.37 -15.76 25.26
N PHE E 291 7.23 -16.03 25.91
CA PHE E 291 5.92 -15.98 25.25
C PHE E 291 5.56 -14.59 24.66
N PRO E 292 4.84 -14.58 23.54
CA PRO E 292 4.42 -13.27 23.14
C PRO E 292 3.47 -12.75 24.20
N SER E 293 3.61 -11.47 24.52
CA SER E 293 2.74 -10.86 25.47
C SER E 293 1.45 -10.57 24.75
N SER E 294 0.35 -10.67 25.49
CA SER E 294 -0.94 -10.24 25.00
C SER E 294 -0.96 -8.73 24.98
N THR E 295 -1.91 -8.10 24.31
CA THR E 295 -2.12 -6.65 24.49
C THR E 295 -3.38 -6.45 25.34
N ALA E 296 -4.45 -7.14 24.97
CA ALA E 296 -5.80 -6.92 25.56
C ALA E 296 -5.77 -7.03 27.05
N SER E 297 -5.90 -8.26 27.55
CA SER E 297 -5.91 -8.54 28.98
C SER E 297 -7.31 -8.30 29.56
N GLY E 298 -8.27 -7.97 28.71
CA GLY E 298 -9.51 -7.34 29.18
C GLY E 298 -9.40 -6.76 30.59
N ASN E 299 -10.07 -7.42 31.52
CA ASN E 299 -10.05 -7.06 32.93
C ASN E 299 -9.45 -8.22 33.70
N TRP E 300 -8.46 -8.87 33.11
CA TRP E 300 -7.98 -10.13 33.62
C TRP E 300 -6.88 -9.92 34.65
N GLU E 301 -5.91 -9.05 34.36
CA GLU E 301 -4.79 -8.83 35.32
C GLU E 301 -3.76 -9.96 35.25
N VAL E 302 -2.71 -9.65 34.52
CA VAL E 302 -1.80 -10.65 34.03
C VAL E 302 -0.82 -11.03 35.12
N PHE E 303 -0.56 -12.35 35.26
CA PHE E 303 0.60 -12.82 36.02
C PHE E 303 1.89 -12.84 35.18
N HIS E 304 2.93 -12.15 35.68
CA HIS E 304 4.29 -12.22 35.15
C HIS E 304 5.24 -12.81 36.16
N ASP E 305 6.35 -13.39 35.67
CA ASP E 305 7.22 -14.18 36.55
C ASP E 305 7.68 -13.37 37.77
N PHE E 306 8.21 -12.19 37.54
CA PHE E 306 8.62 -11.35 38.67
C PHE E 306 7.61 -10.24 38.78
N SER E 308 8.58 -7.08 39.68
CA SER E 308 9.74 -6.13 39.77
C SER E 308 9.48 -4.84 38.97
N SER E 339 6.32 -32.44 28.67
CA SER E 339 5.97 -33.38 27.60
C SER E 339 4.59 -33.12 26.96
N LEU E 340 3.76 -32.27 27.57
CA LEU E 340 2.41 -31.94 27.03
C LEU E 340 2.42 -30.63 26.22
N ASP E 341 3.21 -30.55 25.15
CA ASP E 341 3.44 -29.28 24.47
C ASP E 341 2.58 -29.05 23.22
N TYR E 342 2.75 -27.90 22.60
CA TYR E 342 1.85 -27.45 21.54
C TYR E 342 1.68 -28.42 20.36
N SER E 343 2.66 -29.31 20.17
CA SER E 343 2.55 -30.38 19.19
C SER E 343 1.35 -31.29 19.48
N GLN E 344 1.00 -31.46 20.74
CA GLN E 344 -0.14 -32.30 21.07
C GLN E 344 -1.35 -31.57 20.63
N LEU E 345 -1.41 -30.30 20.99
CA LEU E 345 -2.56 -29.45 20.67
C LEU E 345 -2.77 -29.35 19.18
N PHE E 346 -1.69 -29.34 18.43
CA PHE E 346 -1.81 -29.40 16.96
C PHE E 346 -2.54 -30.68 16.56
N SER E 347 -1.95 -31.81 16.91
CA SER E 347 -2.52 -33.09 16.62
C SER E 347 -4.02 -33.07 16.91
N ILE E 348 -4.41 -32.64 18.09
CA ILE E 348 -5.83 -32.67 18.38
C ILE E 348 -6.63 -31.69 17.48
N LEU E 349 -6.18 -30.44 17.35
CA LEU E 349 -6.86 -29.51 16.41
C LEU E 349 -6.86 -29.90 14.92
N TYR E 350 -5.92 -30.72 14.46
CA TYR E 350 -5.84 -31.07 13.04
C TYR E 350 -6.90 -32.11 12.78
N ALA E 351 -7.04 -33.11 13.67
CA ALA E 351 -8.28 -33.88 13.71
C ALA E 351 -9.31 -32.91 14.17
N LEU E 352 -10.58 -33.23 14.02
CA LEU E 352 -11.66 -32.34 14.54
C LEU E 352 -11.86 -31.08 13.70
N TYR E 353 -10.86 -30.21 13.59
CA TYR E 353 -11.03 -29.03 12.75
C TYR E 353 -9.86 -28.79 11.79
N PRO E 354 -9.58 -29.77 10.94
CA PRO E 354 -8.46 -29.72 10.03
C PRO E 354 -8.52 -28.49 9.16
N ILE E 355 -9.62 -28.32 8.44
CA ILE E 355 -9.67 -27.29 7.44
C ILE E 355 -9.48 -25.90 8.09
N ASN E 356 -10.35 -25.58 9.04
CA ASN E 356 -10.23 -24.28 9.67
C ASN E 356 -8.90 -24.04 10.43
N PHE E 357 -8.20 -25.11 10.81
CA PHE E 357 -6.98 -24.95 11.57
C PHE E 357 -5.85 -24.67 10.59
N LEU E 358 -5.83 -25.31 9.44
CA LEU E 358 -4.79 -24.96 8.44
C LEU E 358 -5.04 -23.66 7.71
N GLU E 359 -6.32 -23.30 7.52
CA GLU E 359 -6.70 -22.03 6.89
C GLU E 359 -6.34 -20.87 7.82
N PHE E 360 -6.35 -21.16 9.12
CA PHE E 360 -5.99 -20.20 10.13
C PHE E 360 -4.46 -20.02 10.17
N LEU E 361 -3.74 -21.10 10.00
CA LEU E 361 -2.28 -21.00 10.05
C LEU E 361 -1.64 -20.35 8.83
N ARG E 362 -2.39 -20.23 7.73
CA ARG E 362 -1.84 -19.67 6.51
C ARG E 362 -1.78 -18.15 6.66
N ASP E 363 -2.81 -17.63 7.31
CA ASP E 363 -2.82 -16.24 7.63
C ASP E 363 -3.74 -16.14 8.82
N PRO E 364 -3.15 -15.89 10.00
CA PRO E 364 -4.01 -15.89 11.17
C PRO E 364 -4.73 -14.57 11.32
N LYS E 365 -4.07 -13.50 10.91
CA LYS E 365 -4.65 -12.17 11.02
C LYS E 365 -5.89 -12.06 10.20
N LEU E 366 -5.79 -12.50 8.95
CA LEU E 366 -6.96 -12.59 8.05
C LEU E 366 -8.07 -13.54 8.57
N TYR E 367 -7.74 -14.77 8.93
CA TYR E 367 -8.74 -15.68 9.47
C TYR E 367 -9.49 -15.02 10.62
N ALA E 368 -8.74 -14.31 11.46
CA ALA E 368 -9.32 -13.75 12.68
C ALA E 368 -10.42 -12.74 12.38
N SER E 369 -10.16 -11.81 11.46
CA SER E 369 -11.25 -11.04 10.86
C SER E 369 -12.14 -12.04 10.12
N LYS E 370 -13.38 -11.69 9.85
CA LYS E 370 -14.27 -12.64 9.16
C LYS E 370 -14.79 -13.69 10.11
N HIS E 371 -13.91 -14.26 10.92
CA HIS E 371 -14.37 -15.02 12.06
C HIS E 371 -14.51 -14.16 13.29
N ASN E 372 -14.15 -12.89 13.14
CA ASN E 372 -14.63 -11.89 14.04
C ASN E 372 -13.93 -11.97 15.40
N PHE E 373 -12.62 -12.01 15.35
CA PHE E 373 -11.78 -11.97 16.55
C PHE E 373 -10.40 -11.38 16.20
N GLN E 374 -9.56 -11.17 17.22
CA GLN E 374 -8.23 -10.60 17.00
C GLN E 374 -7.08 -11.51 17.22
N ILE E 375 -5.97 -11.10 16.63
CA ILE E 375 -4.73 -11.74 16.92
C ILE E 375 -4.09 -10.79 17.91
N ARG E 376 -3.94 -11.25 19.16
CA ARG E 376 -3.40 -10.40 20.19
C ARG E 376 -1.86 -10.43 20.35
N TYR E 377 -1.17 -11.24 19.54
CA TYR E 377 0.27 -11.47 19.70
C TYR E 377 1.04 -10.95 18.48
N SER E 378 2.26 -10.48 18.69
CA SER E 378 3.13 -10.15 17.56
C SER E 378 3.83 -11.45 17.30
N PHE E 379 4.00 -11.87 16.04
CA PHE E 379 4.53 -13.22 15.71
C PHE E 379 5.09 -13.36 14.31
N ASN E 380 6.00 -14.31 14.10
CA ASN E 380 6.80 -14.42 12.87
C ASN E 380 6.09 -15.35 11.89
N GLN E 381 5.60 -14.85 10.78
CA GLN E 381 4.80 -15.69 9.91
C GLN E 381 5.57 -16.91 9.35
N GLU E 382 6.80 -16.73 8.87
CA GLU E 382 7.51 -17.81 8.14
C GLU E 382 8.00 -18.86 9.11
N LEU E 383 8.27 -18.43 10.35
CA LEU E 383 8.64 -19.37 11.41
C LEU E 383 7.45 -20.19 11.83
N LEU E 384 6.29 -19.58 11.94
CA LEU E 384 5.04 -20.33 12.21
C LEU E 384 4.76 -21.35 11.13
N SER E 385 5.05 -20.99 9.87
CA SER E 385 4.86 -21.94 8.77
C SER E 385 5.94 -23.02 8.81
N THR E 386 7.18 -22.64 9.11
CA THR E 386 8.28 -23.61 9.23
C THR E 386 7.93 -24.72 10.18
N LYS E 387 7.57 -24.35 11.40
CA LYS E 387 7.27 -25.33 12.44
C LYS E 387 6.00 -26.08 12.16
N SER E 388 4.98 -25.37 11.70
CA SER E 388 3.69 -25.99 11.38
C SER E 388 3.83 -27.04 10.29
N ASP E 389 4.47 -26.71 9.19
CA ASP E 389 4.73 -27.72 8.20
C ASP E 389 5.43 -28.89 8.94
N GLY E 390 6.56 -28.64 9.59
CA GLY E 390 7.22 -29.70 10.36
C GLY E 390 6.35 -30.73 11.07
N LEU E 391 5.33 -30.28 11.80
CA LEU E 391 4.38 -31.15 12.47
C LEU E 391 3.28 -31.75 11.53
N LEU E 392 2.84 -31.00 10.52
CA LEU E 392 1.83 -31.52 9.61
C LEU E 392 2.39 -32.69 8.84
N GLY E 393 3.69 -32.66 8.57
CA GLY E 393 4.36 -33.78 7.89
C GLY E 393 4.25 -35.14 8.56
N ARG E 394 3.93 -35.14 9.85
CA ARG E 394 3.75 -36.34 10.62
C ARG E 394 2.34 -36.90 10.47
N HIS E 395 1.39 -36.08 10.06
CA HIS E 395 0.02 -36.52 10.02
C HIS E 395 -0.37 -37.00 8.63
N LEU E 396 -1.42 -37.83 8.57
CA LEU E 396 -1.96 -38.33 7.31
C LEU E 396 -2.95 -37.34 6.76
N ALA E 397 -3.24 -37.46 5.48
CA ALA E 397 -4.23 -36.62 4.87
C ALA E 397 -5.55 -36.80 5.62
N HIS E 398 -6.22 -35.69 5.93
CA HIS E 398 -7.52 -35.77 6.60
C HIS E 398 -8.61 -35.92 5.56
N SER E 399 -9.64 -36.70 5.83
CA SER E 399 -10.67 -36.89 4.81
C SER E 399 -11.77 -35.82 4.80
N ASN E 400 -11.78 -34.91 5.77
CA ASN E 400 -12.73 -33.79 5.76
C ASN E 400 -12.57 -32.97 4.49
N PHE E 401 -11.40 -33.07 3.88
CA PHE E 401 -11.10 -32.28 2.72
C PHE E 401 -11.86 -32.77 1.49
N LEU E 402 -12.43 -33.96 1.56
CA LEU E 402 -13.34 -34.49 0.53
C LEU E 402 -14.83 -34.26 0.80
N LYS E 403 -15.18 -34.12 2.07
CA LYS E 403 -16.56 -34.10 2.48
C LYS E 403 -17.02 -32.71 2.89
N TYR E 404 -16.12 -31.79 3.26
CA TYR E 404 -16.50 -30.46 3.83
C TYR E 404 -15.81 -29.22 3.24
N THR E 405 -16.46 -28.06 3.44
CA THR E 405 -15.83 -26.74 3.25
C THR E 405 -15.46 -26.11 4.61
N ALA E 406 -14.58 -25.13 4.59
CA ALA E 406 -14.22 -24.46 5.83
C ALA E 406 -15.50 -24.22 6.65
N GLU E 407 -16.58 -23.85 5.98
CA GLU E 407 -17.77 -23.38 6.67
C GLU E 407 -18.52 -24.61 7.13
N THR E 408 -18.86 -25.51 6.22
CA THR E 408 -19.68 -26.65 6.62
C THR E 408 -19.03 -27.48 7.73
N GLU E 409 -17.69 -27.56 7.76
CA GLU E 409 -16.92 -28.10 8.92
C GLU E 409 -17.37 -27.41 10.24
N LEU E 410 -17.38 -26.09 10.30
CA LEU E 410 -17.94 -25.43 11.50
C LEU E 410 -19.46 -25.65 11.66
N THR E 411 -20.25 -25.56 10.60
CA THR E 411 -21.72 -25.63 10.72
C THR E 411 -22.36 -26.94 10.18
N ASP E 412 -22.23 -28.03 10.90
CA ASP E 412 -22.83 -29.28 10.48
C ASP E 412 -22.55 -30.31 11.51
N LYS E 413 -23.51 -30.48 12.41
CA LYS E 413 -23.34 -31.39 13.53
C LYS E 413 -23.53 -32.81 13.05
N SER E 414 -24.15 -33.00 11.89
CA SER E 414 -24.24 -34.32 11.26
C SER E 414 -22.85 -34.91 10.91
N ARG E 415 -21.80 -34.14 11.21
CA ARG E 415 -20.43 -34.62 11.07
C ARG E 415 -20.01 -35.55 12.19
N TRP E 416 -20.41 -35.22 13.43
CA TRP E 416 -20.06 -36.02 14.62
C TRP E 416 -20.94 -37.28 14.82
N THR E 417 -21.64 -37.73 13.78
CA THR E 417 -22.34 -39.02 13.81
C THR E 417 -21.41 -40.18 13.44
N ARG E 418 -20.48 -39.93 12.51
CA ARG E 418 -19.35 -40.85 12.25
C ARG E 418 -18.64 -41.27 13.56
N LEU E 419 -18.86 -40.51 14.65
CA LEU E 419 -18.07 -40.61 15.91
C LEU E 419 -18.50 -41.71 16.87
N ASP E 420 -19.80 -42.03 16.89
CA ASP E 420 -20.31 -43.17 17.68
C ASP E 420 -19.65 -44.46 17.16
N SER E 421 -19.41 -44.54 15.84
CA SER E 421 -18.93 -45.78 15.22
C SER E 421 -17.42 -46.00 15.38
N ILE E 422 -16.63 -44.93 15.44
CA ILE E 422 -15.19 -45.06 15.64
C ILE E 422 -14.80 -45.21 17.12
N ALA E 423 -15.78 -45.12 18.02
CA ALA E 423 -15.60 -45.52 19.43
C ALA E 423 -15.80 -47.04 19.58
N VAL E 424 -16.89 -47.51 18.96
CA VAL E 424 -17.30 -48.90 18.97
C VAL E 424 -16.19 -49.87 18.53
N VAL E 425 -15.46 -49.54 17.44
CA VAL E 425 -14.39 -50.44 16.95
C VAL E 425 -13.01 -50.12 17.57
N ALA E 426 -12.89 -48.94 18.17
CA ALA E 426 -11.74 -48.65 19.02
C ALA E 426 -11.83 -49.43 20.32
N LEU E 427 -13.07 -49.68 20.76
CA LEU E 427 -13.34 -50.40 22.02
C LEU E 427 -13.06 -51.89 21.90
N CYS E 428 -13.47 -52.50 20.80
CA CYS E 428 -13.31 -53.93 20.60
C CYS E 428 -11.83 -54.28 20.46
N ASN E 429 -11.08 -53.39 19.82
CA ASN E 429 -9.67 -53.60 19.56
C ASN E 429 -8.77 -53.18 20.71
N SER E 430 -9.38 -52.64 21.76
CA SER E 430 -8.69 -52.41 23.04
C SER E 430 -9.00 -53.55 24.05
N LEU E 431 -9.99 -54.38 23.71
CA LEU E 431 -10.36 -55.54 24.52
C LEU E 431 -9.79 -56.82 23.93
N ASN E 432 -9.13 -56.75 22.77
CA ASN E 432 -8.54 -57.97 22.19
C ASN E 432 -7.19 -58.21 22.83
N ALA E 433 -7.06 -59.35 23.51
CA ALA E 433 -5.81 -59.84 24.07
C ALA E 433 -4.71 -60.00 23.04
N VAL E 434 -5.09 -60.50 21.88
CA VAL E 434 -4.21 -60.99 20.79
C VAL E 434 -4.27 -62.52 20.82
N PRO F 5 -36.42 -21.16 -31.01
CA PRO F 5 -35.40 -22.06 -30.47
C PRO F 5 -35.86 -23.53 -30.53
N LEU F 6 -37.16 -23.75 -30.28
CA LEU F 6 -37.75 -25.07 -30.14
C LEU F 6 -37.79 -25.79 -31.47
N GLN F 7 -38.07 -25.06 -32.55
CA GLN F 7 -38.34 -25.69 -33.85
C GLN F 7 -37.07 -26.28 -34.48
N SER F 8 -35.91 -25.70 -34.18
CA SER F 8 -34.64 -26.16 -34.79
C SER F 8 -34.04 -27.36 -34.04
N LEU F 9 -34.52 -27.58 -32.82
CA LEU F 9 -34.19 -28.75 -32.01
C LEU F 9 -35.00 -29.95 -32.48
N VAL F 10 -36.32 -29.76 -32.59
CA VAL F 10 -37.23 -30.74 -33.23
C VAL F 10 -36.74 -31.18 -34.63
N LYS F 11 -36.27 -30.23 -35.43
CA LYS F 11 -35.68 -30.58 -36.70
C LYS F 11 -34.52 -31.56 -36.48
N ALA F 12 -33.66 -31.24 -35.52
CA ALA F 12 -32.45 -32.05 -35.19
C ALA F 12 -32.76 -33.46 -34.68
N LEU F 13 -33.86 -33.57 -33.91
CA LEU F 13 -34.42 -34.85 -33.46
C LEU F 13 -34.86 -35.73 -34.61
N TRP F 14 -35.65 -35.17 -35.53
CA TRP F 14 -36.16 -35.95 -36.66
C TRP F 14 -34.98 -36.49 -37.51
N ASN F 15 -33.97 -35.63 -37.74
CA ASN F 15 -32.84 -36.02 -38.59
C ASN F 15 -32.10 -37.20 -38.06
N VAL F 16 -31.88 -37.14 -36.74
CA VAL F 16 -31.04 -38.11 -36.05
C VAL F 16 -31.75 -39.47 -35.97
N LEU F 17 -33.10 -39.46 -35.94
CA LEU F 17 -33.94 -40.69 -35.71
C LEU F 17 -34.49 -41.48 -36.96
N HIS F 18 -33.71 -41.45 -38.06
CA HIS F 18 -33.99 -42.11 -39.37
C HIS F 18 -32.75 -42.78 -39.99
N ASP F 27 -23.14 -38.87 -35.77
CA ASP F 27 -24.59 -38.81 -35.68
C ASP F 27 -25.00 -37.60 -34.83
N LEU F 28 -24.66 -37.57 -33.55
CA LEU F 28 -25.39 -36.70 -32.58
C LEU F 28 -24.83 -35.31 -32.36
N THR F 29 -23.73 -35.01 -33.06
CA THR F 29 -23.09 -33.69 -33.04
C THR F 29 -24.08 -32.50 -33.17
N GLU F 30 -24.78 -32.46 -34.31
CA GLU F 30 -25.78 -31.43 -34.60
C GLU F 30 -26.70 -31.22 -33.40
N LEU F 31 -27.23 -32.33 -32.90
CA LEU F 31 -28.23 -32.28 -31.85
C LEU F 31 -27.69 -31.61 -30.59
N ILE F 32 -26.54 -32.06 -30.11
CA ILE F 32 -26.02 -31.52 -28.83
C ILE F 32 -25.99 -30.00 -28.91
N ALA F 33 -25.47 -29.53 -30.05
CA ALA F 33 -25.49 -28.12 -30.43
C ALA F 33 -26.87 -27.47 -30.23
N GLU F 34 -27.88 -28.11 -30.82
CA GLU F 34 -29.24 -27.58 -30.72
C GLU F 34 -29.79 -27.65 -29.29
N VAL F 35 -29.17 -28.49 -28.46
CA VAL F 35 -29.53 -28.55 -27.05
C VAL F 35 -28.95 -27.34 -26.36
N GLU F 36 -27.63 -27.20 -26.46
CA GLU F 36 -26.92 -26.20 -25.67
C GLU F 36 -27.37 -24.78 -26.03
N SER F 37 -27.66 -24.55 -27.31
CA SER F 37 -28.19 -23.25 -27.74
C SER F 37 -29.66 -23.10 -27.34
N TYR F 38 -30.34 -24.22 -27.08
CA TYR F 38 -31.62 -24.20 -26.38
C TYR F 38 -31.38 -23.85 -24.90
N GLN F 39 -30.52 -24.60 -24.22
CA GLN F 39 -30.36 -24.46 -22.75
C GLN F 39 -30.03 -23.04 -22.33
N GLN F 40 -29.27 -22.35 -23.19
CA GLN F 40 -29.01 -20.92 -23.04
C GLN F 40 -30.27 -20.10 -22.91
N ARG F 41 -31.32 -20.51 -23.63
CA ARG F 41 -32.63 -19.86 -23.56
C ARG F 41 -33.40 -20.27 -22.29
N TYR F 42 -33.53 -21.57 -22.08
CA TYR F 42 -34.33 -22.10 -20.97
C TYR F 42 -33.43 -22.86 -20.04
N PRO F 43 -32.68 -22.13 -19.20
CA PRO F 43 -31.90 -22.77 -18.14
C PRO F 43 -32.78 -23.06 -16.92
N LYS F 44 -34.08 -22.81 -17.04
CA LYS F 44 -35.08 -23.56 -16.29
C LYS F 44 -35.77 -24.46 -17.30
N GLN F 45 -36.18 -25.63 -16.85
CA GLN F 45 -37.05 -26.48 -17.65
C GLN F 45 -38.39 -25.80 -17.90
N ASN F 46 -38.82 -25.80 -19.17
CA ASN F 46 -40.05 -25.12 -19.53
C ASN F 46 -41.23 -26.10 -19.64
N PRO F 47 -42.18 -25.99 -18.71
CA PRO F 47 -43.35 -26.86 -18.69
C PRO F 47 -44.02 -27.10 -20.06
N THR F 48 -44.01 -26.08 -20.91
CA THR F 48 -44.72 -26.15 -22.17
C THR F 48 -43.87 -26.77 -23.24
N ASN F 49 -42.57 -26.51 -23.21
CA ASN F 49 -41.65 -27.10 -24.16
C ASN F 49 -41.40 -28.53 -23.83
N SER F 50 -41.46 -28.86 -22.53
CA SER F 50 -41.39 -30.25 -22.10
C SER F 50 -42.54 -30.96 -22.81
N GLN F 51 -43.76 -30.57 -22.44
CA GLN F 51 -45.00 -30.96 -23.13
C GLN F 51 -44.87 -31.17 -24.63
N LYS F 52 -44.33 -30.16 -25.31
CA LYS F 52 -44.17 -30.16 -26.78
C LYS F 52 -43.10 -31.10 -27.27
N ILE F 53 -42.09 -31.39 -26.46
CA ILE F 53 -41.01 -32.24 -26.97
C ILE F 53 -41.40 -33.70 -26.86
N ARG F 54 -42.27 -33.96 -25.90
CA ARG F 54 -42.63 -35.31 -25.57
C ARG F 54 -43.58 -35.81 -26.63
N HIS F 55 -44.65 -35.05 -26.81
CA HIS F 55 -45.61 -35.36 -27.86
C HIS F 55 -44.89 -35.66 -29.18
N ILE F 56 -43.84 -34.92 -29.49
CA ILE F 56 -42.99 -35.22 -30.65
C ILE F 56 -42.37 -36.60 -30.45
N LEU F 57 -41.61 -36.77 -29.38
CA LEU F 57 -40.98 -38.08 -29.09
C LEU F 57 -41.96 -39.24 -29.33
N ASP F 58 -43.18 -39.17 -28.76
CA ASP F 58 -44.21 -40.19 -29.02
C ASP F 58 -44.55 -40.42 -30.52
N GLU F 59 -44.57 -39.34 -31.32
CA GLU F 59 -44.79 -39.46 -32.78
C GLU F 59 -43.66 -40.25 -33.44
N ILE F 60 -42.42 -39.89 -33.13
CA ILE F 60 -41.26 -40.51 -33.76
C ILE F 60 -41.24 -41.97 -33.36
N TYR F 61 -41.78 -42.24 -32.18
CA TYR F 61 -41.79 -43.58 -31.63
C TYR F 61 -42.72 -44.48 -32.45
N GLU F 62 -43.94 -44.00 -32.70
CA GLU F 62 -44.90 -44.68 -33.61
C GLU F 62 -44.33 -45.00 -35.00
N LYS F 63 -43.36 -44.19 -35.44
CA LYS F 63 -42.72 -44.33 -36.75
C LYS F 63 -41.41 -45.17 -36.73
N THR F 64 -40.46 -44.87 -35.81
CA THR F 64 -39.29 -45.75 -35.52
C THR F 64 -39.31 -46.23 -34.06
N PRO F 65 -39.72 -47.49 -33.80
CA PRO F 65 -39.81 -48.05 -32.43
C PRO F 65 -38.48 -48.53 -31.79
N PHE F 66 -38.56 -49.43 -30.81
CA PHE F 66 -37.38 -49.97 -30.08
C PHE F 66 -36.94 -51.38 -30.55
N ASN F 67 -37.39 -51.80 -31.74
CA ASN F 67 -37.39 -53.23 -32.13
C ASN F 67 -36.08 -53.92 -32.62
N ASN F 68 -35.09 -53.19 -33.11
CA ASN F 68 -33.74 -53.75 -33.33
C ASN F 68 -32.71 -53.02 -32.47
N THR F 69 -31.43 -53.43 -32.53
CA THR F 69 -30.42 -52.86 -31.62
C THR F 69 -30.12 -51.41 -31.99
N ARG F 70 -29.76 -51.19 -33.26
CA ARG F 70 -29.36 -49.85 -33.73
C ARG F 70 -30.42 -48.81 -33.34
N ARG F 71 -31.69 -49.22 -33.29
CA ARG F 71 -32.73 -48.33 -32.74
C ARG F 71 -32.49 -47.99 -31.27
N ARG F 72 -32.18 -49.02 -30.49
CA ARG F 72 -31.99 -48.88 -29.03
C ARG F 72 -30.78 -48.00 -28.69
N ILE F 73 -29.66 -48.30 -29.34
CA ILE F 73 -28.41 -47.53 -29.21
C ILE F 73 -28.68 -46.02 -29.51
N LEU F 74 -29.43 -45.81 -30.59
CA LEU F 74 -29.90 -44.50 -30.95
C LEU F 74 -30.81 -43.93 -29.89
N TRP F 75 -31.92 -44.59 -29.58
CA TRP F 75 -32.91 -44.02 -28.66
C TRP F 75 -32.35 -43.58 -27.28
N LEU F 76 -31.39 -44.34 -26.76
CA LEU F 76 -30.76 -44.02 -25.48
C LEU F 76 -29.88 -42.80 -25.67
N ALA F 77 -28.92 -42.88 -26.58
CA ALA F 77 -28.15 -41.70 -27.00
C ALA F 77 -29.01 -40.41 -27.03
N VAL F 78 -30.21 -40.51 -27.57
CA VAL F 78 -31.05 -39.34 -27.74
C VAL F 78 -31.63 -38.89 -26.41
N LEU F 79 -32.26 -39.81 -25.68
CA LEU F 79 -32.93 -39.50 -24.42
C LEU F 79 -31.93 -39.14 -23.33
N LYS F 80 -30.77 -39.82 -23.34
CA LYS F 80 -29.63 -39.41 -22.53
C LYS F 80 -29.36 -37.93 -22.72
N THR F 81 -29.23 -37.47 -23.97
CA THR F 81 -28.94 -36.05 -24.19
C THR F 81 -30.09 -35.07 -23.96
N VAL F 82 -31.35 -35.47 -24.05
CA VAL F 82 -32.44 -34.48 -23.98
C VAL F 82 -33.10 -34.36 -22.62
N ILE F 83 -33.07 -35.44 -21.85
CA ILE F 83 -33.98 -35.55 -20.71
C ILE F 83 -33.88 -34.40 -19.70
N PRO F 84 -32.67 -33.79 -19.54
CA PRO F 84 -32.63 -32.66 -18.59
C PRO F 84 -33.53 -31.47 -18.95
N LEU F 85 -33.92 -31.36 -20.22
CA LEU F 85 -34.91 -30.38 -20.69
C LEU F 85 -36.29 -30.74 -20.21
N LEU F 86 -36.56 -32.03 -20.06
CA LEU F 86 -37.91 -32.50 -19.87
C LEU F 86 -38.35 -32.40 -18.44
N ILE F 87 -39.68 -32.42 -18.29
CA ILE F 87 -40.36 -32.49 -17.00
C ILE F 87 -41.42 -33.59 -17.10
N LEU F 88 -41.54 -34.38 -16.04
CA LEU F 88 -42.19 -35.69 -16.02
C LEU F 88 -43.17 -35.88 -14.82
N ASP F 89 -44.09 -36.83 -14.91
CA ASP F 89 -44.94 -37.19 -13.76
C ASP F 89 -44.87 -38.68 -13.52
N ARG F 90 -45.41 -39.13 -12.40
CA ARG F 90 -45.49 -40.57 -12.13
C ARG F 90 -46.10 -41.29 -13.33
N GLN F 91 -47.11 -40.68 -13.94
CA GLN F 91 -47.81 -41.29 -15.05
C GLN F 91 -46.87 -41.53 -16.23
N ALA F 92 -46.01 -40.54 -16.52
CA ALA F 92 -45.08 -40.58 -17.68
C ALA F 92 -43.92 -41.57 -17.54
N VAL F 93 -43.37 -41.77 -16.33
CA VAL F 93 -42.29 -42.75 -16.20
C VAL F 93 -42.87 -44.14 -16.57
N GLY F 94 -44.18 -44.30 -16.36
CA GLY F 94 -44.95 -45.43 -16.92
C GLY F 94 -44.67 -45.65 -18.40
N GLU F 95 -45.24 -44.79 -19.27
CA GLU F 95 -44.76 -44.57 -20.66
C GLU F 95 -43.31 -45.09 -20.79
N TRP F 96 -42.37 -44.30 -20.29
CA TRP F 96 -40.94 -44.51 -20.52
C TRP F 96 -40.50 -45.91 -20.15
N TRP F 97 -40.85 -46.33 -18.92
CA TRP F 97 -40.60 -47.68 -18.39
C TRP F 97 -41.04 -48.73 -19.37
N ASP F 98 -42.31 -48.57 -19.76
CA ASP F 98 -43.03 -49.49 -20.65
C ASP F 98 -42.37 -49.58 -22.01
N GLN F 99 -41.83 -48.47 -22.50
CA GLN F 99 -41.41 -48.40 -23.91
C GLN F 99 -39.87 -48.41 -24.15
N ILE F 100 -39.09 -48.16 -23.11
CA ILE F 100 -37.62 -48.13 -23.19
C ILE F 100 -36.91 -49.06 -22.19
N PHE F 101 -37.18 -48.83 -20.89
CA PHE F 101 -36.43 -49.47 -19.82
C PHE F 101 -36.76 -50.94 -19.63
N PHE F 102 -38.05 -51.25 -19.45
CA PHE F 102 -38.45 -52.64 -19.34
C PHE F 102 -37.92 -53.45 -20.53
N PRO F 103 -38.26 -53.07 -21.77
CA PRO F 103 -37.70 -53.77 -22.93
C PRO F 103 -36.20 -53.99 -22.85
N PHE F 104 -35.49 -52.98 -22.33
CA PHE F 104 -34.04 -53.10 -22.19
C PHE F 104 -33.63 -54.10 -21.13
N LEU F 105 -34.00 -53.85 -19.88
CA LEU F 105 -33.62 -54.73 -18.77
C LEU F 105 -34.06 -56.20 -19.04
N ASN F 106 -35.23 -56.37 -19.66
CA ASN F 106 -35.74 -57.69 -20.01
C ASN F 106 -34.98 -58.41 -21.13
N SER F 107 -34.40 -57.69 -22.08
CA SER F 107 -33.44 -58.32 -23.01
C SER F 107 -32.29 -57.38 -23.38
N PRO F 108 -31.42 -57.11 -22.38
CA PRO F 108 -30.38 -56.11 -22.52
C PRO F 108 -29.54 -56.37 -23.72
N THR F 109 -29.16 -55.30 -24.41
CA THR F 109 -28.23 -55.36 -25.55
C THR F 109 -26.81 -55.52 -24.95
N GLN F 110 -26.04 -56.50 -25.43
CA GLN F 110 -24.74 -56.84 -24.88
C GLN F 110 -23.67 -55.87 -25.35
N LEU F 111 -23.85 -54.59 -25.05
CA LEU F 111 -22.85 -53.58 -25.33
C LEU F 111 -22.69 -52.67 -24.10
N LYS F 112 -21.52 -52.70 -23.48
CA LYS F 112 -21.31 -51.94 -22.26
C LYS F 112 -21.80 -50.49 -22.32
N PRO F 113 -21.24 -49.66 -23.21
CA PRO F 113 -21.64 -48.24 -23.18
C PRO F 113 -23.12 -47.95 -23.52
N VAL F 114 -23.85 -48.96 -23.97
CA VAL F 114 -25.28 -48.80 -24.18
C VAL F 114 -25.93 -48.81 -22.81
N PHE F 115 -25.65 -49.87 -22.06
CA PHE F 115 -26.13 -49.95 -20.69
C PHE F 115 -25.68 -48.73 -19.88
N SER F 116 -24.51 -48.20 -20.24
CA SER F 116 -23.98 -47.05 -19.54
C SER F 116 -24.93 -45.87 -19.73
N ASP F 117 -25.40 -45.71 -20.97
CA ASP F 117 -26.38 -44.67 -21.35
C ASP F 117 -27.73 -44.92 -20.69
N LEU F 118 -28.16 -46.18 -20.64
CA LEU F 118 -29.39 -46.50 -19.93
C LEU F 118 -29.25 -45.99 -18.49
N LYS F 119 -28.17 -46.38 -17.81
CA LYS F 119 -27.91 -45.96 -16.45
C LYS F 119 -27.87 -44.44 -16.33
N SER F 120 -27.30 -43.74 -17.33
CA SER F 120 -27.32 -42.28 -17.34
C SER F 120 -28.75 -41.74 -17.19
N ILE F 121 -29.70 -42.31 -17.94
CA ILE F 121 -31.09 -41.82 -17.87
C ILE F 121 -31.75 -42.12 -16.51
N LEU F 122 -31.63 -43.38 -16.09
CA LEU F 122 -32.10 -43.89 -14.78
C LEU F 122 -31.67 -43.07 -13.55
N PHE F 123 -30.41 -42.72 -13.48
CA PHE F 123 -29.92 -41.97 -12.33
C PHE F 123 -30.14 -40.46 -12.44
N TYR F 124 -30.31 -39.96 -13.66
CA TYR F 124 -30.75 -38.58 -13.78
C TYR F 124 -32.13 -38.42 -13.11
N ILE F 125 -32.98 -39.44 -13.22
CA ILE F 125 -34.36 -39.44 -12.68
C ILE F 125 -34.40 -39.65 -11.17
N LEU F 126 -33.63 -40.69 -10.78
CA LEU F 126 -33.57 -41.25 -9.43
C LEU F 126 -32.88 -40.32 -8.43
N ILE F 127 -31.69 -39.84 -8.81
CA ILE F 127 -30.87 -39.04 -7.92
C ILE F 127 -30.91 -37.59 -8.40
N PHE F 128 -31.40 -36.70 -7.52
CA PHE F 128 -31.46 -35.25 -7.77
C PHE F 128 -31.14 -34.39 -6.53
N HIS F 129 -30.68 -33.16 -6.75
CA HIS F 129 -30.39 -32.19 -5.69
C HIS F 129 -31.66 -31.41 -5.27
N ASP F 130 -32.46 -30.95 -6.23
CA ASP F 130 -33.64 -30.13 -5.92
C ASP F 130 -34.92 -30.91 -6.13
N GLU F 131 -35.66 -31.14 -5.04
CA GLU F 131 -36.99 -31.77 -5.07
C GLU F 131 -38.07 -30.84 -5.65
N ASP F 132 -37.70 -29.58 -5.80
CA ASP F 132 -38.56 -28.57 -6.40
C ASP F 132 -38.25 -28.30 -7.89
N GLU F 133 -37.22 -28.94 -8.45
CA GLU F 133 -36.72 -28.59 -9.81
C GLU F 133 -37.78 -28.60 -10.92
N TRP F 134 -38.84 -29.39 -10.71
CA TRP F 134 -39.92 -29.54 -11.66
C TRP F 134 -41.24 -29.07 -11.10
N GLY F 135 -41.20 -28.41 -9.95
CA GLY F 135 -42.42 -28.02 -9.26
C GLY F 135 -43.05 -29.17 -8.50
N GLY F 136 -43.90 -28.81 -7.53
CA GLY F 136 -44.65 -29.78 -6.75
C GLY F 136 -43.79 -30.83 -6.09
N ASP F 137 -44.30 -32.06 -6.05
CA ASP F 137 -43.56 -33.23 -5.60
C ASP F 137 -43.10 -34.09 -6.80
N LEU F 138 -43.18 -33.55 -8.00
CA LEU F 138 -42.91 -34.31 -9.23
C LEU F 138 -41.56 -35.03 -9.26
N ARG F 139 -40.52 -34.38 -8.78
CA ARG F 139 -39.17 -34.90 -8.95
C ARG F 139 -39.01 -36.23 -8.24
N ARG F 140 -39.43 -36.22 -6.98
CA ARG F 140 -39.49 -37.41 -6.11
C ARG F 140 -40.41 -38.50 -6.64
N GLU F 141 -41.65 -38.14 -6.98
CA GLU F 141 -42.66 -39.07 -7.48
C GLU F 141 -42.15 -39.90 -8.64
N CYS F 142 -41.55 -39.26 -9.64
CA CYS F 142 -40.87 -40.00 -10.71
C CYS F 142 -39.80 -40.92 -10.15
N ALA F 143 -38.94 -40.39 -9.28
CA ALA F 143 -37.90 -41.19 -8.61
C ALA F 143 -38.50 -42.41 -7.88
N GLU F 144 -39.41 -42.14 -6.95
CA GLU F 144 -40.09 -43.21 -6.21
C GLU F 144 -40.74 -44.26 -7.12
N GLU F 145 -41.39 -43.79 -8.16
CA GLU F 145 -42.03 -44.68 -9.12
C GLU F 145 -41.03 -45.59 -9.82
N THR F 146 -39.88 -45.04 -10.15
CA THR F 146 -38.92 -45.73 -10.95
C THR F 146 -38.26 -46.78 -10.08
N ILE F 147 -37.94 -46.41 -8.84
CA ILE F 147 -37.21 -47.33 -7.97
C ILE F 147 -38.13 -48.47 -7.60
N THR F 148 -39.38 -48.12 -7.31
CA THR F 148 -40.43 -49.12 -7.13
C THR F 148 -40.48 -50.13 -8.27
N ARG F 149 -40.71 -49.69 -9.50
CA ARG F 149 -40.70 -50.63 -10.63
C ARG F 149 -39.39 -51.39 -10.75
N LEU F 150 -38.27 -50.70 -10.59
CA LEU F 150 -36.94 -51.35 -10.65
C LEU F 150 -36.79 -52.56 -9.71
N VAL F 151 -37.38 -52.39 -8.51
CA VAL F 151 -37.27 -53.30 -7.38
C VAL F 151 -38.21 -54.46 -7.56
N ASP F 152 -39.44 -54.20 -8.03
CA ASP F 152 -40.40 -55.30 -8.31
C ASP F 152 -39.91 -56.19 -9.45
N LEU F 153 -39.25 -55.58 -10.42
CA LEU F 153 -38.72 -56.32 -11.53
C LEU F 153 -37.58 -57.19 -11.06
N TYR F 154 -36.68 -56.62 -10.25
CA TYR F 154 -35.57 -57.40 -9.68
C TYR F 154 -36.05 -58.65 -8.92
N VAL F 155 -36.99 -58.41 -8.01
CA VAL F 155 -37.55 -59.46 -7.13
C VAL F 155 -38.28 -60.55 -7.92
N SER F 156 -39.20 -60.13 -8.78
CA SER F 156 -39.90 -61.07 -9.62
C SER F 156 -38.90 -61.92 -10.42
N LYS F 157 -37.84 -61.29 -10.91
CA LYS F 157 -36.92 -61.96 -11.82
C LYS F 157 -36.05 -62.90 -11.02
N ALA F 158 -35.83 -62.50 -9.77
CA ALA F 158 -34.98 -63.27 -8.87
C ALA F 158 -35.58 -64.66 -8.57
N ILE F 159 -36.92 -64.69 -8.45
CA ILE F 159 -37.72 -65.89 -8.14
C ILE F 159 -38.31 -66.73 -9.30
N GLU F 160 -39.17 -66.11 -10.13
CA GLU F 160 -39.94 -66.82 -11.17
C GLU F 160 -39.09 -67.91 -11.90
N ASN F 161 -39.58 -69.17 -11.85
CA ASN F 161 -38.79 -70.40 -12.22
C ASN F 161 -38.07 -70.35 -13.58
N LEU F 162 -38.63 -69.60 -14.55
CA LEU F 162 -37.95 -69.16 -15.81
C LEU F 162 -37.91 -70.16 -17.00
N GLY F 163 -38.75 -69.94 -18.02
CA GLY F 163 -38.80 -70.79 -19.23
C GLY F 163 -37.91 -70.41 -20.44
N ASP F 164 -37.84 -71.31 -21.44
CA ASP F 164 -37.04 -71.10 -22.67
C ASP F 164 -37.91 -71.22 -23.95
N SER F 167 -32.66 -69.06 -22.36
CA SER F 167 -33.52 -68.44 -21.38
C SER F 167 -33.24 -69.08 -20.00
N GLN F 168 -31.96 -69.38 -19.75
CA GLN F 168 -31.38 -69.29 -18.38
C GLN F 168 -30.24 -68.25 -18.41
N GLU F 169 -29.27 -68.38 -19.34
CA GLU F 169 -28.15 -67.40 -19.49
C GLU F 169 -28.70 -66.01 -19.80
N GLN F 170 -29.83 -65.94 -20.51
CA GLN F 170 -30.52 -64.66 -20.81
C GLN F 170 -31.14 -64.02 -19.54
N ARG F 171 -31.57 -64.85 -18.60
CA ARG F 171 -32.20 -64.39 -17.35
C ARG F 171 -31.17 -63.84 -16.34
N ASN F 172 -29.94 -64.33 -16.44
CA ASN F 172 -28.82 -63.84 -15.64
C ASN F 172 -28.37 -62.47 -16.02
N GLN F 173 -28.32 -62.25 -17.32
CA GLN F 173 -28.04 -60.94 -17.83
C GLN F 173 -29.01 -59.90 -17.27
N THR F 174 -30.26 -60.27 -17.07
CA THR F 174 -31.22 -59.31 -16.53
C THR F 174 -30.90 -58.97 -15.09
N ILE F 175 -30.63 -60.00 -14.27
CA ILE F 175 -30.39 -59.79 -12.84
C ILE F 175 -29.08 -59.01 -12.69
N GLU F 176 -28.05 -59.40 -13.46
CA GLU F 176 -26.75 -58.71 -13.45
C GLU F 176 -26.91 -57.20 -13.65
N CYS F 177 -27.70 -56.79 -14.62
CA CYS F 177 -27.99 -55.37 -14.77
C CYS F 177 -28.74 -54.91 -13.55
N LEU F 178 -29.91 -55.47 -13.31
CA LEU F 178 -30.73 -55.07 -12.16
C LEU F 178 -30.00 -54.98 -10.81
N VAL F 179 -29.09 -55.90 -10.54
CA VAL F 179 -28.33 -55.82 -9.31
C VAL F 179 -27.47 -54.56 -9.30
N ASN F 180 -26.76 -54.36 -10.39
CA ASN F 180 -25.89 -53.22 -10.55
C ASN F 180 -26.65 -51.91 -10.30
N VAL F 181 -27.81 -51.77 -10.91
CA VAL F 181 -28.56 -50.53 -10.76
C VAL F 181 -28.86 -50.34 -9.27
N LEU F 182 -29.26 -51.42 -8.63
CA LEU F 182 -29.93 -51.28 -7.35
C LEU F 182 -28.93 -51.02 -6.26
N VAL F 183 -27.71 -51.51 -6.46
CA VAL F 183 -26.65 -51.31 -5.49
C VAL F 183 -26.12 -49.91 -5.61
N HIS F 184 -25.89 -49.48 -6.83
CA HIS F 184 -25.56 -48.07 -7.08
C HIS F 184 -26.61 -47.11 -6.58
N TYR F 185 -27.91 -47.47 -6.55
CA TYR F 185 -28.93 -46.58 -5.97
C TYR F 185 -28.89 -46.63 -4.44
N GLY F 186 -28.50 -47.77 -3.90
CA GLY F 186 -28.56 -47.98 -2.45
C GLY F 186 -27.49 -47.21 -1.71
N ILE F 187 -26.29 -47.19 -2.30
CA ILE F 187 -25.15 -46.59 -1.59
C ILE F 187 -25.37 -45.11 -1.53
N GLN F 188 -26.05 -44.54 -2.55
CA GLN F 188 -26.53 -43.13 -2.51
C GLN F 188 -27.80 -42.90 -1.60
N ARG F 189 -28.78 -43.80 -1.63
CA ARG F 189 -30.08 -43.56 -0.98
C ARG F 189 -30.53 -44.82 -0.20
N PRO F 190 -29.81 -45.21 0.85
CA PRO F 190 -30.06 -46.52 1.45
C PRO F 190 -31.32 -46.63 2.32
N LYS F 191 -31.79 -45.52 2.91
CA LYS F 191 -33.13 -45.48 3.55
C LYS F 191 -34.14 -45.86 2.50
N GLU F 192 -34.00 -45.30 1.31
CA GLU F 192 -35.02 -45.39 0.29
C GLU F 192 -35.11 -46.83 -0.20
N LEU F 193 -33.99 -47.28 -0.73
CA LEU F 193 -33.93 -48.63 -1.26
C LEU F 193 -34.40 -49.66 -0.24
N SER F 194 -34.01 -49.48 1.04
CA SER F 194 -34.43 -50.40 2.13
C SER F 194 -35.94 -50.39 2.31
N SER F 195 -36.52 -49.18 2.38
CA SER F 195 -37.97 -48.95 2.32
C SER F 195 -38.70 -49.76 1.24
N CYS F 196 -38.17 -49.72 0.00
CA CYS F 196 -38.77 -50.49 -1.09
C CYS F 196 -38.84 -51.96 -0.81
N PHE F 197 -37.85 -52.45 -0.07
CA PHE F 197 -37.58 -53.88 0.03
C PHE F 197 -38.38 -54.56 1.14
N CYS F 198 -39.02 -53.80 2.00
CA CYS F 198 -39.64 -54.38 3.19
C CYS F 198 -40.80 -55.32 2.89
N HIS F 199 -41.92 -54.83 2.38
CA HIS F 199 -43.06 -55.73 1.95
C HIS F 199 -42.58 -56.95 1.15
N HIS F 200 -41.67 -56.71 0.21
CA HIS F 200 -41.14 -57.78 -0.62
C HIS F 200 -40.41 -58.81 0.17
N PHE F 201 -39.80 -58.37 1.27
CA PHE F 201 -39.02 -59.25 2.16
C PHE F 201 -39.89 -60.25 2.91
N LEU F 202 -41.06 -59.79 3.34
CA LEU F 202 -42.05 -60.64 3.98
C LEU F 202 -42.47 -61.83 3.12
N ASN F 203 -42.18 -61.84 1.84
CA ASN F 203 -42.33 -63.06 1.07
C ASN F 203 -41.02 -63.88 0.96
N PRO F 204 -40.93 -64.98 1.71
CA PRO F 204 -39.74 -65.83 1.87
C PRO F 204 -38.73 -65.93 0.74
N PRO F 205 -39.16 -66.29 -0.48
CA PRO F 205 -38.05 -66.50 -1.42
C PRO F 205 -37.31 -65.21 -1.86
N THR F 206 -37.95 -64.03 -1.79
CA THR F 206 -37.25 -62.78 -2.09
C THR F 206 -36.02 -62.50 -1.20
N ARG F 207 -36.00 -63.13 -0.02
CA ARG F 207 -35.09 -62.77 1.08
C ARG F 207 -33.60 -62.94 0.78
N ILE F 208 -33.22 -64.01 0.10
CA ILE F 208 -31.82 -64.07 -0.33
C ILE F 208 -31.49 -62.98 -1.35
N PRO F 209 -32.17 -62.94 -2.48
CA PRO F 209 -31.94 -61.84 -3.39
C PRO F 209 -31.89 -60.46 -2.76
N ILE F 210 -32.75 -60.17 -1.80
CA ILE F 210 -32.73 -58.84 -1.21
C ILE F 210 -31.51 -58.64 -0.32
N LEU F 211 -31.14 -59.64 0.46
CA LEU F 211 -30.05 -59.41 1.41
C LEU F 211 -28.71 -59.41 0.68
N SER F 212 -28.65 -60.25 -0.34
CA SER F 212 -27.58 -60.27 -1.26
C SER F 212 -27.21 -58.84 -1.71
N VAL F 213 -28.22 -58.11 -2.21
CA VAL F 213 -28.07 -56.70 -2.63
C VAL F 213 -27.70 -55.79 -1.45
N VAL F 215 -26.27 -56.49 1.49
CA VAL F 215 -24.97 -56.60 2.18
C VAL F 215 -23.91 -55.90 1.36
N GLU F 216 -24.08 -55.89 0.05
CA GLU F 216 -23.15 -55.28 -0.88
C GLU F 216 -23.16 -53.75 -0.78
N VAL F 217 -24.27 -53.21 -0.32
CA VAL F 217 -24.44 -51.77 -0.25
C VAL F 217 -23.86 -51.29 1.04
N ILE F 218 -24.06 -52.14 2.05
CA ILE F 218 -23.52 -51.94 3.39
C ILE F 218 -21.98 -52.10 3.41
N ARG F 219 -21.46 -53.16 2.79
CA ARG F 219 -20.03 -53.36 2.67
C ARG F 219 -19.28 -52.05 2.34
N ARG F 220 -19.77 -51.27 1.39
CA ARG F 220 -19.10 -50.03 1.00
C ARG F 220 -18.90 -49.04 2.13
N GLN F 221 -19.59 -49.22 3.25
CA GLN F 221 -19.48 -48.31 4.39
C GLN F 221 -19.67 -46.85 3.98
N GLY F 222 -20.65 -46.61 3.09
CA GLY F 222 -20.95 -45.26 2.62
C GLY F 222 -21.79 -44.47 3.63
N PRO F 223 -22.11 -43.21 3.29
CA PRO F 223 -23.13 -42.54 4.08
C PRO F 223 -24.45 -43.15 3.66
N ARG F 224 -25.52 -43.05 4.43
CA ARG F 224 -25.49 -42.86 5.84
C ARG F 224 -26.44 -43.95 6.29
N LEU F 225 -25.84 -45.05 6.71
CA LEU F 225 -26.51 -46.31 6.96
C LEU F 225 -27.36 -46.27 8.21
N TYR F 226 -27.18 -45.24 9.02
CA TYR F 226 -27.98 -45.07 10.20
C TYR F 226 -29.44 -44.75 9.88
N GLU F 227 -29.72 -44.34 8.64
CA GLU F 227 -31.11 -44.09 8.23
C GLU F 227 -31.86 -45.39 8.03
N ILE F 228 -31.17 -46.51 7.94
CA ILE F 228 -31.83 -47.79 7.68
C ILE F 228 -32.78 -48.33 8.77
N PRO F 229 -32.35 -48.40 10.04
CA PRO F 229 -33.24 -48.93 11.10
C PRO F 229 -34.64 -48.32 11.12
N GLN F 230 -34.72 -47.03 10.76
CA GLN F 230 -35.99 -46.29 10.63
C GLN F 230 -37.00 -46.99 9.75
N THR F 231 -36.54 -47.58 8.66
CA THR F 231 -37.42 -48.35 7.75
C THR F 231 -38.02 -49.62 8.38
N GLY F 232 -37.41 -50.16 9.44
CA GLY F 232 -37.82 -51.47 9.95
C GLY F 232 -37.40 -52.62 9.04
N PHE F 233 -36.55 -52.34 8.07
CA PHE F 233 -35.81 -53.34 7.36
C PHE F 233 -34.72 -53.97 8.27
N TYR F 234 -34.23 -53.22 9.25
CA TYR F 234 -33.39 -53.80 10.27
C TYR F 234 -34.18 -54.89 11.01
N ASP F 235 -35.16 -54.48 11.81
CA ASP F 235 -36.04 -55.44 12.50
C ASP F 235 -36.41 -56.68 11.62
N LEU F 236 -36.64 -56.48 10.35
CA LEU F 236 -36.94 -57.62 9.51
C LEU F 236 -35.73 -58.53 9.38
N VAL F 237 -34.53 -57.95 9.29
CA VAL F 237 -33.32 -58.80 9.24
C VAL F 237 -33.14 -59.59 10.54
N LEU F 238 -33.44 -58.95 11.67
CA LEU F 238 -33.47 -59.64 12.97
C LEU F 238 -34.44 -60.84 13.03
N LYS F 239 -35.68 -60.66 12.61
CA LYS F 239 -36.63 -61.77 12.48
C LYS F 239 -36.17 -62.85 11.52
N CYS F 240 -35.47 -62.46 10.44
CA CYS F 240 -34.82 -63.43 9.58
C CYS F 240 -33.81 -64.25 10.35
N ALA F 241 -32.94 -63.56 11.08
CA ALA F 241 -31.94 -64.22 11.92
C ALA F 241 -32.54 -65.11 12.99
N GLU F 242 -33.71 -64.75 13.54
CA GLU F 242 -34.31 -65.52 14.62
C GLU F 242 -35.01 -66.78 14.12
N PHE F 243 -35.82 -66.66 13.07
CA PHE F 243 -36.73 -67.76 12.65
C PHE F 243 -36.36 -68.51 11.39
N ASP F 244 -35.82 -67.83 10.39
CA ASP F 244 -35.44 -68.56 9.16
C ASP F 244 -34.36 -69.65 9.40
N THR F 245 -34.33 -70.58 8.47
CA THR F 245 -33.66 -71.85 8.59
C THR F 245 -32.50 -72.10 7.63
N SER F 246 -32.47 -71.33 6.54
CA SER F 246 -31.49 -71.52 5.48
C SER F 246 -30.12 -71.05 5.96
N PRO F 247 -29.13 -71.94 5.89
CA PRO F 247 -27.84 -71.51 6.33
C PRO F 247 -27.37 -70.29 5.49
N ILE F 248 -27.67 -70.32 4.18
CA ILE F 248 -27.18 -69.29 3.30
C ILE F 248 -27.93 -67.99 3.51
N LEU F 249 -29.25 -68.06 3.55
CA LEU F 249 -29.98 -66.87 3.94
C LEU F 249 -29.42 -66.27 5.26
N LEU F 250 -29.04 -67.14 6.20
CA LEU F 250 -28.69 -66.72 7.56
C LEU F 250 -27.32 -66.01 7.62
N SER F 251 -26.32 -66.53 6.92
CA SER F 251 -25.05 -65.81 6.86
C SER F 251 -25.20 -64.39 6.29
N TYR F 252 -25.92 -64.19 5.18
CA TYR F 252 -26.17 -62.81 4.72
C TYR F 252 -26.71 -62.03 5.92
N ALA F 253 -27.66 -62.64 6.61
CA ALA F 253 -28.34 -61.96 7.67
C ALA F 253 -27.37 -61.51 8.80
N LEU F 254 -26.29 -62.27 9.04
CA LEU F 254 -25.30 -61.86 10.06
C LEU F 254 -24.45 -60.74 9.50
N SER F 255 -23.77 -61.02 8.37
CA SER F 255 -22.94 -60.00 7.68
C SER F 255 -23.67 -58.71 7.65
N PHE F 256 -24.99 -58.79 7.49
CA PHE F 256 -25.78 -57.58 7.55
C PHE F 256 -25.72 -56.95 8.96
N ILE F 257 -26.24 -57.66 9.94
CA ILE F 257 -26.48 -57.03 11.23
C ILE F 257 -25.15 -56.73 11.93
N LEU F 258 -24.10 -57.47 11.58
CA LEU F 258 -22.78 -57.16 12.10
C LEU F 258 -22.36 -55.83 11.55
N ILE F 260 -23.94 -53.34 10.12
CA ILE F 260 -24.75 -52.16 10.31
C ILE F 260 -24.78 -51.78 11.79
N LEU F 261 -24.32 -52.72 12.62
CA LEU F 261 -24.31 -52.57 14.08
C LEU F 261 -23.51 -51.33 14.52
N SER F 262 -22.32 -51.18 13.96
CA SER F 262 -21.43 -50.04 14.25
C SER F 262 -22.05 -48.64 14.06
N HIS F 263 -23.16 -48.54 13.33
CA HIS F 263 -23.74 -47.26 12.96
C HIS F 263 -25.01 -46.97 13.72
N ILE F 264 -25.11 -47.51 14.93
CA ILE F 264 -26.38 -47.53 15.67
C ILE F 264 -26.21 -47.10 17.15
N CYS F 265 -25.84 -48.04 18.05
CA CYS F 265 -25.69 -47.77 19.52
C CYS F 265 -26.97 -47.36 20.26
N ASN F 266 -27.80 -46.54 19.58
CA ASN F 266 -29.13 -46.18 20.03
C ASN F 266 -30.08 -47.35 19.98
N SER F 267 -30.19 -47.99 18.82
CA SER F 267 -31.04 -49.18 18.67
C SER F 267 -30.44 -50.44 19.32
N LEU F 268 -29.26 -50.33 19.94
CA LEU F 268 -28.73 -51.46 20.72
C LEU F 268 -29.57 -51.74 21.96
N ASP F 269 -30.07 -50.68 22.55
CA ASP F 269 -30.91 -50.81 23.74
C ASP F 269 -32.18 -51.65 23.54
N ASP F 270 -32.58 -51.92 22.29
CA ASP F 270 -33.85 -52.61 22.00
C ASP F 270 -33.64 -54.00 21.47
N SER F 271 -32.74 -54.09 20.50
CA SER F 271 -32.38 -55.37 19.93
C SER F 271 -31.64 -56.29 20.94
N LEU F 272 -30.99 -55.70 21.96
CA LEU F 272 -30.07 -56.44 22.85
C LEU F 272 -30.52 -57.88 23.10
N TYR F 273 -31.68 -58.05 23.72
CA TYR F 273 -32.12 -59.40 24.05
C TYR F 273 -32.35 -60.26 22.79
N ARG F 274 -32.65 -59.65 21.65
CA ARG F 274 -32.83 -60.42 20.43
C ARG F 274 -31.42 -60.87 20.02
N LEU F 275 -30.49 -59.91 20.11
CA LEU F 275 -29.10 -60.16 19.76
C LEU F 275 -28.46 -61.31 20.57
N PHE F 276 -28.72 -61.37 21.89
CA PHE F 276 -28.34 -62.55 22.70
C PHE F 276 -28.91 -63.81 22.10
N CYS F 277 -30.23 -63.84 21.96
CA CYS F 277 -30.92 -65.01 21.38
C CYS F 277 -30.36 -65.35 20.02
N ILE F 278 -29.95 -64.31 19.28
CA ILE F 278 -29.27 -64.50 18.00
C ILE F 278 -27.86 -65.13 18.18
N TYR F 279 -27.04 -64.59 19.10
CA TYR F 279 -25.70 -65.17 19.36
C TYR F 279 -25.77 -66.68 19.70
N LEU F 280 -26.70 -66.98 20.61
CA LEU F 280 -27.03 -68.31 21.08
C LEU F 280 -27.39 -69.30 19.99
N ARG F 281 -28.25 -68.85 19.08
CA ARG F 281 -28.67 -69.65 17.95
C ARG F 281 -27.56 -69.91 16.95
N PHE F 282 -26.71 -68.90 16.72
CA PHE F 282 -25.61 -69.02 15.74
C PHE F 282 -24.36 -69.75 16.28
N SER F 283 -24.19 -69.77 17.61
CA SER F 283 -23.17 -70.61 18.26
C SER F 283 -23.66 -72.05 18.33
N ILE F 285 -25.03 -73.66 15.86
CA ILE F 285 -25.15 -74.19 14.53
C ILE F 285 -24.59 -75.60 14.58
N ASP F 286 -25.21 -76.53 13.84
CA ASP F 286 -24.89 -77.97 13.88
C ASP F 286 -24.69 -78.60 12.48
N PRO F 287 -23.66 -79.44 12.30
CA PRO F 287 -23.34 -80.10 11.02
C PRO F 287 -24.40 -81.05 10.42
N THR F 288 -25.32 -81.58 11.24
CA THR F 288 -26.44 -82.39 10.72
C THR F 288 -27.79 -81.74 11.01
N SER F 289 -28.04 -81.29 12.23
CA SER F 289 -29.31 -80.63 12.54
C SER F 289 -29.40 -79.18 12.00
N GLY F 290 -28.36 -78.71 11.32
CA GLY F 290 -28.24 -77.30 10.98
C GLY F 290 -28.54 -76.32 12.12
N PHE F 291 -29.27 -75.26 11.79
CA PHE F 291 -29.66 -74.29 12.79
C PHE F 291 -30.80 -74.84 13.67
N PRO F 292 -30.78 -74.46 14.97
CA PRO F 292 -31.86 -74.73 15.91
C PRO F 292 -33.16 -74.15 15.43
N SER F 293 -34.17 -75.01 15.27
CA SER F 293 -35.51 -74.55 14.95
C SER F 293 -36.10 -73.60 16.00
N SER F 294 -36.76 -72.57 15.49
CA SER F 294 -37.54 -71.68 16.31
C SER F 294 -38.86 -72.36 16.57
N THR F 295 -39.49 -71.99 17.69
CA THR F 295 -40.81 -72.52 18.08
C THR F 295 -41.91 -71.52 17.70
N ALA F 296 -41.85 -70.33 18.29
CA ALA F 296 -42.93 -69.37 18.16
C ALA F 296 -43.04 -68.93 16.71
N SER F 297 -42.13 -68.07 16.28
CA SER F 297 -42.14 -67.53 14.92
C SER F 297 -43.40 -66.70 14.67
N GLY F 298 -43.82 -65.93 15.67
CA GLY F 298 -45.05 -65.11 15.61
C GLY F 298 -45.96 -65.38 14.40
N ASN F 299 -46.03 -64.42 13.48
CA ASN F 299 -46.70 -64.60 12.17
C ASN F 299 -45.71 -64.32 11.02
N TRP F 300 -44.47 -64.77 11.21
CA TRP F 300 -43.40 -64.51 10.28
C TRP F 300 -43.53 -65.39 9.02
N GLU F 301 -43.67 -66.68 9.21
CA GLU F 301 -43.65 -67.61 8.09
C GLU F 301 -42.24 -67.73 7.59
N VAL F 302 -41.60 -68.73 8.18
CA VAL F 302 -40.24 -69.12 7.92
C VAL F 302 -39.97 -69.45 6.45
N PHE F 303 -38.72 -69.17 6.05
CA PHE F 303 -38.11 -69.65 4.83
C PHE F 303 -37.17 -70.78 5.16
N HIS F 304 -37.36 -71.96 4.56
CA HIS F 304 -36.46 -73.13 4.71
C HIS F 304 -35.65 -73.36 3.43
N ASP F 305 -34.68 -74.26 3.45
CA ASP F 305 -33.84 -74.43 2.27
C ASP F 305 -34.58 -75.21 1.17
N PHE F 306 -35.32 -76.23 1.54
CA PHE F 306 -36.02 -77.04 0.55
C PHE F 306 -37.50 -77.04 0.94
N SER F 308 -41.18 -78.27 0.46
CA SER F 308 -41.71 -79.53 -0.09
C SER F 308 -41.41 -80.67 0.89
N SER F 339 -17.06 -65.68 6.84
CA SER F 339 -15.97 -64.93 7.48
C SER F 339 -16.44 -63.86 8.50
N LEU F 340 -17.71 -63.45 8.43
CA LEU F 340 -18.37 -62.71 9.53
C LEU F 340 -19.25 -63.69 10.33
N ASP F 341 -18.63 -64.44 11.23
CA ASP F 341 -19.34 -65.46 12.01
C ASP F 341 -19.78 -64.91 13.38
N TYR F 342 -20.30 -65.79 14.23
CA TYR F 342 -20.69 -65.47 15.60
C TYR F 342 -19.56 -64.93 16.54
N SER F 343 -18.33 -65.34 16.25
CA SER F 343 -17.18 -64.73 16.88
C SER F 343 -17.33 -63.19 16.93
N GLN F 344 -17.55 -62.54 15.79
CA GLN F 344 -17.61 -61.07 15.77
C GLN F 344 -18.74 -60.58 16.66
N LEU F 345 -19.86 -61.30 16.66
CA LEU F 345 -21.04 -60.89 17.42
C LEU F 345 -20.73 -60.90 18.91
N PHE F 346 -20.10 -61.97 19.37
CA PHE F 346 -19.51 -62.03 20.70
C PHE F 346 -18.70 -60.75 21.06
N SER F 347 -17.72 -60.40 20.26
CA SER F 347 -16.74 -59.38 20.65
C SER F 347 -17.38 -58.02 20.83
N ILE F 348 -18.42 -57.78 20.06
CA ILE F 348 -19.11 -56.50 20.14
C ILE F 348 -20.25 -56.53 21.16
N LEU F 349 -20.67 -57.72 21.58
CA LEU F 349 -21.60 -57.81 22.69
C LEU F 349 -20.87 -57.77 24.01
N TYR F 350 -19.67 -58.39 24.02
CA TYR F 350 -18.81 -58.43 25.20
C TYR F 350 -18.36 -57.03 25.60
N ALA F 351 -17.86 -56.26 24.61
CA ALA F 351 -17.78 -54.80 24.75
C ALA F 351 -19.21 -54.31 24.99
N LEU F 352 -19.43 -53.12 25.51
CA LEU F 352 -20.84 -52.60 25.58
C LEU F 352 -21.89 -53.20 26.55
N TYR F 353 -22.11 -54.52 26.51
CA TYR F 353 -22.92 -55.19 27.58
C TYR F 353 -22.22 -56.42 28.12
N PRO F 354 -21.01 -56.24 28.68
CA PRO F 354 -20.20 -57.36 29.12
C PRO F 354 -20.95 -58.15 30.14
N ILE F 355 -21.43 -57.45 31.18
CA ILE F 355 -22.05 -58.08 32.34
C ILE F 355 -23.33 -58.83 32.02
N ASN F 356 -24.27 -58.13 31.38
CA ASN F 356 -25.50 -58.77 30.97
C ASN F 356 -25.30 -59.80 29.87
N PHE F 357 -24.19 -59.71 29.13
CA PHE F 357 -23.95 -60.70 28.10
C PHE F 357 -23.58 -62.01 28.75
N LEU F 358 -22.56 -62.02 29.61
CA LEU F 358 -22.11 -63.26 30.27
C LEU F 358 -23.19 -63.90 31.16
N GLU F 359 -23.85 -63.08 31.98
CA GLU F 359 -24.92 -63.56 32.83
C GLU F 359 -25.90 -64.37 32.01
N PHE F 360 -26.17 -63.87 30.82
CA PHE F 360 -27.05 -64.55 29.88
C PHE F 360 -26.49 -65.91 29.44
N LEU F 361 -25.20 -65.95 29.19
CA LEU F 361 -24.60 -67.19 28.75
C LEU F 361 -24.50 -68.21 29.87
N ARG F 362 -24.56 -67.77 31.13
CA ARG F 362 -24.45 -68.70 32.26
C ARG F 362 -25.70 -69.55 32.29
N ASP F 363 -26.84 -68.90 32.53
CA ASP F 363 -28.13 -69.53 32.27
C ASP F 363 -28.94 -68.55 31.43
N PRO F 364 -29.32 -68.94 30.17
CA PRO F 364 -30.13 -68.05 29.34
C PRO F 364 -31.62 -68.13 29.67
N LYS F 365 -32.11 -69.33 29.99
CA LYS F 365 -33.53 -69.52 30.23
C LYS F 365 -33.90 -68.82 31.51
N LEU F 366 -32.94 -68.75 32.42
CA LEU F 366 -33.09 -67.96 33.65
C LEU F 366 -33.06 -66.44 33.33
N TYR F 367 -32.16 -66.04 32.45
CA TYR F 367 -32.11 -64.66 31.98
C TYR F 367 -33.38 -64.29 31.21
N ALA F 368 -33.93 -65.25 30.47
CA ALA F 368 -35.14 -65.01 29.69
C ALA F 368 -36.27 -64.49 30.59
N SER F 369 -36.61 -65.25 31.63
CA SER F 369 -37.46 -64.68 32.68
C SER F 369 -36.63 -63.60 33.29
N LYS F 370 -37.28 -62.64 33.92
CA LYS F 370 -36.56 -61.56 34.61
C LYS F 370 -36.22 -60.40 33.67
N HIS F 371 -35.91 -60.70 32.40
CA HIS F 371 -35.78 -59.67 31.36
C HIS F 371 -36.95 -59.68 30.36
N ASN F 372 -37.76 -60.75 30.47
CA ASN F 372 -39.14 -60.77 30.00
C ASN F 372 -39.22 -61.13 28.52
N PHE F 373 -38.78 -62.36 28.27
CA PHE F 373 -38.75 -62.89 26.94
C PHE F 373 -38.47 -64.38 27.07
N GLN F 374 -38.21 -65.05 25.95
CA GLN F 374 -37.97 -66.47 26.01
C GLN F 374 -36.91 -66.94 25.08
N ILE F 375 -36.37 -68.09 25.41
CA ILE F 375 -35.43 -68.77 24.55
C ILE F 375 -36.18 -69.76 23.65
N ARG F 376 -36.26 -69.44 22.35
CA ARG F 376 -37.00 -70.26 21.38
C ARG F 376 -36.27 -71.49 20.79
N TYR F 377 -35.05 -71.77 21.26
CA TYR F 377 -34.21 -72.82 20.62
C TYR F 377 -33.95 -73.85 21.67
N SER F 378 -33.86 -75.09 21.25
CA SER F 378 -33.36 -76.12 22.11
C SER F 378 -31.86 -75.98 21.95
N PHE F 379 -31.10 -76.14 23.03
CA PHE F 379 -29.68 -75.84 23.00
C PHE F 379 -28.87 -76.52 24.11
N ASN F 380 -27.75 -77.12 23.70
CA ASN F 380 -26.79 -77.83 24.58
C ASN F 380 -25.98 -76.87 25.39
N GLN F 381 -26.18 -76.86 26.70
CA GLN F 381 -25.55 -75.84 27.54
C GLN F 381 -24.05 -76.01 27.69
N GLU F 382 -23.61 -77.25 27.88
CA GLU F 382 -22.21 -77.49 28.15
C GLU F 382 -21.41 -76.95 26.99
N LEU F 383 -21.82 -77.38 25.81
CA LEU F 383 -21.25 -76.96 24.54
C LEU F 383 -21.21 -75.42 24.37
N LEU F 384 -22.28 -74.74 24.79
CA LEU F 384 -22.34 -73.26 24.70
C LEU F 384 -21.20 -72.63 25.47
N SER F 385 -21.13 -72.97 26.75
CA SER F 385 -20.04 -72.55 27.62
C SER F 385 -18.64 -72.91 27.09
N THR F 386 -18.45 -74.17 26.66
CA THR F 386 -17.22 -74.56 25.96
C THR F 386 -16.90 -73.55 24.87
N LYS F 387 -17.82 -73.37 23.92
CA LYS F 387 -17.56 -72.46 22.78
C LYS F 387 -17.26 -71.07 23.25
N SER F 388 -18.11 -70.55 24.11
CA SER F 388 -17.97 -69.19 24.65
C SER F 388 -16.72 -68.96 25.49
N ASP F 389 -16.19 -69.99 26.10
CA ASP F 389 -14.95 -69.80 26.83
C ASP F 389 -13.89 -69.60 25.79
N GLY F 390 -13.73 -70.59 24.91
CA GLY F 390 -12.80 -70.49 23.81
C GLY F 390 -12.73 -69.11 23.17
N LEU F 391 -13.75 -68.27 23.39
CA LEU F 391 -13.81 -66.93 22.81
C LEU F 391 -13.50 -65.81 23.80
N LEU F 392 -13.95 -66.00 25.03
CA LEU F 392 -13.74 -65.04 26.11
C LEU F 392 -12.29 -65.04 26.47
N GLY F 393 -11.63 -66.19 26.27
CA GLY F 393 -10.19 -66.33 26.42
C GLY F 393 -9.38 -65.40 25.53
N ARG F 394 -9.98 -64.94 24.44
CA ARG F 394 -9.34 -63.97 23.58
C ARG F 394 -9.54 -62.51 23.99
N HIS F 395 -10.12 -62.23 25.15
CA HIS F 395 -10.38 -60.84 25.53
C HIS F 395 -9.73 -60.41 26.83
N LEU F 396 -9.47 -59.13 26.96
CA LEU F 396 -9.11 -58.55 28.25
C LEU F 396 -10.33 -58.42 29.08
N ALA F 397 -10.11 -58.24 30.38
CA ALA F 397 -11.18 -58.09 31.34
C ALA F 397 -11.84 -56.78 31.10
N HIS F 398 -13.15 -56.76 31.26
CA HIS F 398 -13.92 -55.54 31.04
C HIS F 398 -14.04 -54.73 32.33
N SER F 399 -14.07 -53.43 32.19
CA SER F 399 -14.02 -52.57 33.34
C SER F 399 -15.38 -52.30 33.94
N ASN F 400 -16.44 -52.77 33.30
CA ASN F 400 -17.77 -52.62 33.88
C ASN F 400 -17.90 -53.38 35.16
N PHE F 401 -17.14 -54.47 35.32
CA PHE F 401 -17.22 -55.25 36.57
C PHE F 401 -16.77 -54.46 37.83
N LEU F 402 -15.99 -53.40 37.65
CA LEU F 402 -15.59 -52.55 38.74
C LEU F 402 -16.61 -51.44 38.93
N LYS F 403 -17.37 -51.08 37.88
CA LYS F 403 -18.25 -49.90 37.92
C LYS F 403 -19.74 -50.18 38.08
N TYR F 404 -20.27 -51.14 37.31
CA TYR F 404 -21.72 -51.40 37.13
C TYR F 404 -22.14 -52.78 37.57
N THR F 405 -23.42 -52.85 37.99
CA THR F 405 -24.12 -54.12 38.23
C THR F 405 -24.82 -54.51 36.94
N ALA F 406 -25.45 -55.68 36.90
CA ALA F 406 -26.17 -56.05 35.72
C ALA F 406 -27.25 -54.99 35.39
N GLU F 407 -27.85 -54.37 36.40
CA GLU F 407 -28.97 -53.46 36.15
C GLU F 407 -28.44 -52.09 35.78
N THR F 408 -27.40 -51.64 36.46
CA THR F 408 -26.88 -50.31 36.14
C THR F 408 -26.21 -50.33 34.76
N GLU F 409 -25.80 -51.51 34.30
CA GLU F 409 -25.17 -51.62 32.98
C GLU F 409 -26.20 -51.10 32.01
N LEU F 410 -27.37 -51.72 32.06
CA LEU F 410 -28.49 -51.40 31.17
C LEU F 410 -28.92 -49.95 31.37
N THR F 411 -29.15 -49.58 32.62
CA THR F 411 -29.84 -48.34 32.90
C THR F 411 -29.01 -47.31 33.68
N ASP F 412 -27.99 -46.77 33.01
CA ASP F 412 -27.21 -45.62 33.52
C ASP F 412 -26.60 -45.05 32.30
N LYS F 413 -27.29 -44.06 31.73
CA LYS F 413 -26.96 -43.50 30.44
C LYS F 413 -25.68 -42.65 30.46
N SER F 414 -25.31 -42.11 31.61
CA SER F 414 -24.02 -41.43 31.78
C SER F 414 -22.82 -42.35 31.49
N ARG F 415 -23.07 -43.64 31.28
CA ARG F 415 -22.03 -44.61 30.91
C ARG F 415 -21.40 -44.28 29.57
N TRP F 416 -22.20 -43.88 28.58
CA TRP F 416 -21.72 -43.64 27.21
C TRP F 416 -21.04 -42.26 27.13
N THR F 417 -20.79 -41.63 28.28
CA THR F 417 -19.94 -40.44 28.36
C THR F 417 -18.50 -40.79 27.98
N ARG F 418 -18.02 -41.92 28.47
CA ARG F 418 -16.66 -42.41 28.18
C ARG F 418 -16.37 -42.34 26.68
N LEU F 419 -17.37 -42.69 25.87
CA LEU F 419 -17.25 -42.76 24.42
C LEU F 419 -16.62 -41.50 23.80
N ASP F 420 -17.13 -40.33 24.15
CA ASP F 420 -16.62 -39.08 23.57
C ASP F 420 -15.10 -39.10 23.60
N SER F 421 -14.55 -39.37 24.78
CA SER F 421 -13.11 -39.26 25.04
C SER F 421 -12.25 -40.30 24.32
N ILE F 422 -12.85 -41.46 24.01
CA ILE F 422 -12.08 -42.58 23.45
C ILE F 422 -12.07 -42.52 21.92
N ALA F 423 -13.08 -41.87 21.34
CA ALA F 423 -13.13 -41.66 19.90
C ALA F 423 -12.10 -40.60 19.54
N VAL F 424 -12.12 -39.49 20.28
CA VAL F 424 -11.12 -38.42 20.13
C VAL F 424 -9.73 -39.05 19.94
N VAL F 425 -9.28 -39.81 20.95
CA VAL F 425 -7.95 -40.44 20.96
C VAL F 425 -7.73 -41.43 19.81
N ALA F 426 -8.71 -42.30 19.57
CA ALA F 426 -8.61 -43.30 18.50
C ALA F 426 -8.69 -42.65 17.11
N LEU F 427 -9.22 -41.42 17.06
CA LEU F 427 -9.26 -40.63 15.83
C LEU F 427 -7.91 -39.97 15.55
N CYS F 428 -7.39 -39.25 16.54
CA CYS F 428 -6.08 -38.60 16.41
C CYS F 428 -5.04 -39.66 16.08
N ASN F 429 -5.15 -40.80 16.76
CA ASN F 429 -4.22 -41.90 16.54
C ASN F 429 -4.21 -42.39 15.12
N SER F 430 -5.39 -42.46 14.49
CA SER F 430 -5.52 -42.88 13.09
C SER F 430 -4.74 -41.94 12.16
N LEU F 431 -4.76 -40.65 12.50
CA LEU F 431 -4.01 -39.60 11.78
C LEU F 431 -2.47 -39.65 11.88
N ASN F 432 -1.91 -40.30 12.91
CA ASN F 432 -0.46 -40.43 13.00
C ASN F 432 0.15 -41.24 11.87
N ALA F 433 1.22 -40.72 11.26
CA ALA F 433 2.01 -41.46 10.26
C ALA F 433 3.23 -42.10 10.88
N VAL F 434 3.44 -41.86 12.17
CA VAL F 434 4.72 -42.12 12.88
C VAL F 434 5.82 -41.19 12.34
N PRO G 5 37.55 -99.46 77.44
CA PRO G 5 37.10 -98.57 76.32
C PRO G 5 36.65 -97.17 76.76
N LEU G 6 35.90 -97.10 77.86
CA LEU G 6 35.47 -95.84 78.44
C LEU G 6 36.71 -95.16 79.05
N GLN G 7 37.52 -95.96 79.76
CA GLN G 7 38.87 -95.58 80.20
C GLN G 7 39.70 -94.98 79.08
N SER G 8 39.90 -95.71 77.98
CA SER G 8 40.83 -95.21 76.95
C SER G 8 40.37 -93.87 76.36
N LEU G 9 39.08 -93.62 76.45
CA LEU G 9 38.54 -92.32 76.06
C LEU G 9 39.05 -91.22 77.01
N VAL G 10 38.61 -91.38 78.27
CA VAL G 10 38.86 -90.43 79.36
C VAL G 10 40.34 -90.18 79.53
N LYS G 11 41.16 -91.16 79.17
CA LYS G 11 42.57 -90.94 79.11
C LYS G 11 42.88 -89.89 78.01
N ALA G 12 42.41 -90.15 76.79
CA ALA G 12 42.61 -89.24 75.63
C ALA G 12 41.95 -87.87 75.82
N LEU G 13 40.77 -87.94 76.43
CA LEU G 13 40.00 -86.76 76.74
C LEU G 13 40.80 -85.84 77.64
N TRP G 14 41.61 -86.41 78.53
CA TRP G 14 42.41 -85.63 79.47
C TRP G 14 43.64 -85.10 78.71
N ASN G 15 44.23 -85.92 77.86
CA ASN G 15 45.50 -85.55 77.22
C ASN G 15 45.34 -84.38 76.27
N VAL G 16 44.14 -84.30 75.66
CA VAL G 16 43.86 -83.33 74.59
C VAL G 16 43.42 -82.00 75.13
N LEU G 17 42.74 -82.04 76.28
CA LEU G 17 42.34 -80.84 76.98
C LEU G 17 43.44 -80.27 77.91
N HIS G 18 44.64 -80.89 77.97
CA HIS G 18 45.89 -80.25 78.47
C HIS G 18 47.12 -80.72 77.65
N ASP G 27 45.67 -81.28 68.01
CA ASP G 27 45.75 -82.49 67.17
C ASP G 27 44.82 -83.54 67.72
N LEU G 28 43.52 -83.42 67.43
CA LEU G 28 42.53 -84.41 67.91
C LEU G 28 42.70 -85.88 67.45
N THR G 29 43.53 -86.14 66.43
CA THR G 29 43.93 -87.51 66.05
C THR G 29 43.62 -88.61 67.08
N GLU G 30 44.28 -88.48 68.22
CA GLU G 30 44.40 -89.55 69.18
C GLU G 30 43.04 -89.77 69.87
N LEU G 31 42.31 -88.67 70.11
CA LEU G 31 40.91 -88.74 70.59
C LEU G 31 39.89 -89.30 69.58
N ILE G 32 39.94 -88.84 68.34
CA ILE G 32 38.95 -89.22 67.33
C ILE G 32 38.97 -90.71 67.22
N ALA G 33 40.19 -91.23 67.16
CA ALA G 33 40.44 -92.66 67.17
C ALA G 33 39.71 -93.38 68.31
N GLU G 34 39.91 -92.87 69.52
CA GLU G 34 39.36 -93.52 70.69
C GLU G 34 37.82 -93.59 70.65
N VAL G 35 37.23 -92.64 69.93
CA VAL G 35 35.77 -92.61 69.78
C VAL G 35 35.35 -93.60 68.72
N GLU G 36 35.88 -93.46 67.50
CA GLU G 36 35.57 -94.40 66.46
C GLU G 36 35.50 -95.81 67.06
N SER G 37 36.49 -96.22 67.85
CA SER G 37 36.44 -97.55 68.48
C SER G 37 35.39 -97.70 69.59
N TYR G 38 35.19 -96.68 70.40
CA TYR G 38 34.21 -96.82 71.49
C TYR G 38 32.84 -97.18 70.92
N GLN G 39 32.53 -96.63 69.75
CA GLN G 39 31.19 -96.80 69.20
C GLN G 39 31.07 -98.14 68.53
N GLN G 40 32.21 -98.73 68.16
CA GLN G 40 32.21 -100.09 67.67
C GLN G 40 31.59 -101.02 68.69
N ARG G 41 31.85 -100.70 69.96
CA ARG G 41 31.44 -101.50 71.10
C ARG G 41 30.22 -100.98 71.89
N TYR G 42 29.93 -99.67 71.80
CA TYR G 42 28.63 -99.11 72.20
C TYR G 42 28.11 -98.33 71.01
N PRO G 43 27.50 -99.04 70.04
CA PRO G 43 26.95 -98.36 68.86
C PRO G 43 25.62 -97.66 69.13
N LYS G 44 24.87 -98.11 70.14
CA LYS G 44 23.85 -97.28 70.79
C LYS G 44 24.44 -96.65 72.05
N GLN G 45 23.76 -95.65 72.60
CA GLN G 45 24.38 -94.83 73.62
C GLN G 45 24.19 -95.48 74.95
N ASN G 46 25.25 -95.56 75.73
CA ASN G 46 25.17 -96.23 77.02
C ASN G 46 24.95 -95.13 78.04
N PRO G 47 23.78 -95.12 78.69
CA PRO G 47 23.54 -93.96 79.55
C PRO G 47 24.59 -93.85 80.64
N THR G 48 24.99 -94.98 81.21
CA THR G 48 25.93 -94.97 82.33
C THR G 48 27.31 -94.41 81.97
N ASN G 49 27.76 -94.66 80.75
CA ASN G 49 28.95 -94.01 80.24
C ASN G 49 28.72 -92.55 79.92
N SER G 50 27.56 -92.22 79.35
CA SER G 50 27.30 -90.85 78.97
C SER G 50 27.55 -90.07 80.24
N GLN G 51 26.86 -90.53 81.29
CA GLN G 51 26.89 -90.04 82.68
C GLN G 51 28.29 -89.75 83.17
N LYS G 52 29.10 -90.79 83.25
CA LYS G 52 30.52 -90.69 83.59
C LYS G 52 31.20 -89.63 82.74
N ILE G 53 31.05 -89.76 81.42
CA ILE G 53 31.73 -88.88 80.44
C ILE G 53 31.41 -87.43 80.71
N ARG G 54 30.12 -87.12 80.84
CA ARG G 54 29.72 -85.76 81.16
C ARG G 54 30.37 -85.28 82.44
N HIS G 55 30.35 -86.18 83.41
CA HIS G 55 30.90 -85.93 84.72
C HIS G 55 32.40 -85.63 84.74
N ILE G 56 33.17 -86.40 83.95
CA ILE G 56 34.59 -86.07 83.68
C ILE G 56 34.68 -84.65 83.10
N LEU G 57 33.88 -84.40 82.06
CA LEU G 57 33.97 -83.15 81.27
C LEU G 57 33.85 -81.96 82.15
N ASP G 58 32.85 -82.03 83.04
CA ASP G 58 32.69 -81.14 84.19
C ASP G 58 34.00 -80.75 84.90
N GLU G 59 34.69 -81.73 85.50
CA GLU G 59 35.89 -81.44 86.27
C GLU G 59 36.85 -80.62 85.45
N ILE G 60 36.86 -80.89 84.14
CA ILE G 60 37.78 -80.23 83.22
C ILE G 60 37.34 -78.79 82.94
N TYR G 61 36.04 -78.52 83.08
CA TYR G 61 35.52 -77.17 82.85
C TYR G 61 35.86 -76.20 84.00
N GLU G 62 36.22 -76.74 85.16
CA GLU G 62 36.77 -75.94 86.24
C GLU G 62 38.25 -75.61 85.99
N LYS G 63 39.12 -76.62 85.89
CA LYS G 63 40.56 -76.33 85.76
C LYS G 63 40.89 -75.58 84.45
N THR G 64 40.01 -75.65 83.44
CA THR G 64 40.14 -74.83 82.21
C THR G 64 38.73 -74.48 81.71
N PRO G 65 38.41 -73.19 81.53
CA PRO G 65 37.06 -72.79 81.13
C PRO G 65 36.98 -72.28 79.68
N PHE G 66 35.90 -71.58 79.34
CA PHE G 66 35.65 -71.10 77.98
C PHE G 66 36.20 -69.71 77.71
N ASN G 67 37.09 -69.22 78.57
CA ASN G 67 37.34 -67.79 78.62
C ASN G 67 38.03 -67.22 77.39
N ASN G 68 39.23 -67.69 77.06
CA ASN G 68 39.99 -67.14 75.91
C ASN G 68 39.72 -67.89 74.60
N THR G 69 40.26 -67.39 73.50
CA THR G 69 39.91 -67.93 72.18
C THR G 69 40.49 -69.34 71.96
N ARG G 70 41.75 -69.58 72.33
CA ARG G 70 42.36 -70.89 72.10
C ARG G 70 41.59 -71.97 72.83
N ARG G 71 41.10 -71.68 74.03
CA ARG G 71 40.27 -72.62 74.76
C ARG G 71 38.96 -72.93 74.05
N ARG G 72 38.31 -71.90 73.52
CA ARG G 72 37.08 -72.11 72.75
C ARG G 72 37.27 -73.02 71.48
N ILE G 73 38.32 -72.74 70.71
CA ILE G 73 38.67 -73.62 69.59
C ILE G 73 38.77 -75.10 70.05
N LEU G 74 39.44 -75.32 71.16
CA LEU G 74 39.63 -76.67 71.71
C LEU G 74 38.33 -77.31 72.16
N TRP G 75 37.53 -76.54 72.88
CA TRP G 75 36.33 -77.07 73.50
C TRP G 75 35.28 -77.48 72.48
N LEU G 76 35.28 -76.80 71.34
CA LEU G 76 34.29 -77.04 70.31
C LEU G 76 34.74 -78.21 69.49
N ALA G 77 36.02 -78.25 69.13
CA ALA G 77 36.58 -79.44 68.45
C ALA G 77 36.23 -80.71 69.27
N VAL G 78 36.38 -80.57 70.58
CA VAL G 78 36.27 -81.72 71.46
C VAL G 78 34.80 -82.04 71.64
N LEU G 79 34.00 -81.01 71.89
CA LEU G 79 32.58 -81.25 72.11
C LEU G 79 31.95 -81.82 70.84
N LYS G 80 32.46 -81.32 69.72
CA LYS G 80 32.00 -81.72 68.42
C LYS G 80 32.24 -83.18 68.22
N THR G 81 33.47 -83.64 68.50
CA THR G 81 33.78 -85.06 68.33
C THR G 81 33.10 -85.99 69.35
N VAL G 82 32.69 -85.52 70.54
CA VAL G 82 32.17 -86.48 71.55
C VAL G 82 30.68 -86.52 71.74
N ILE G 83 29.98 -85.51 71.26
CA ILE G 83 28.53 -85.43 71.59
C ILE G 83 27.63 -86.56 71.00
N PRO G 84 28.13 -87.24 69.96
CA PRO G 84 27.29 -88.37 69.56
C PRO G 84 27.40 -89.60 70.52
N LEU G 85 28.36 -89.54 71.46
CA LEU G 85 28.40 -90.47 72.59
C LEU G 85 27.42 -90.16 73.73
N LEU G 86 26.95 -88.92 73.87
CA LEU G 86 26.19 -88.51 75.07
C LEU G 86 24.71 -88.65 74.89
N ILE G 87 24.06 -88.70 76.05
CA ILE G 87 22.66 -88.56 76.16
C ILE G 87 22.47 -87.38 77.06
N LEU G 88 21.68 -86.42 76.60
CA LEU G 88 21.42 -85.14 77.27
C LEU G 88 19.90 -85.01 77.56
N ASP G 89 19.53 -84.22 78.58
CA ASP G 89 18.13 -83.91 78.84
C ASP G 89 17.94 -82.40 78.98
N ARG G 90 16.71 -81.96 79.23
CA ARG G 90 16.38 -80.51 79.22
C ARG G 90 17.39 -79.78 80.10
N GLN G 91 17.57 -80.29 81.32
CA GLN G 91 18.52 -79.75 82.32
C GLN G 91 19.97 -79.67 81.85
N ALA G 92 20.45 -80.71 81.18
CA ALA G 92 21.82 -80.75 80.67
C ALA G 92 22.13 -79.70 79.61
N VAL G 93 21.25 -79.56 78.60
CA VAL G 93 21.53 -78.61 77.48
C VAL G 93 21.49 -77.17 77.99
N GLY G 94 20.72 -76.94 79.04
CA GLY G 94 20.77 -75.68 79.77
C GLY G 94 22.19 -75.37 80.17
N GLU G 95 22.79 -76.28 80.93
CA GLU G 95 24.16 -76.09 81.45
C GLU G 95 25.16 -75.84 80.30
N TRP G 96 24.94 -76.56 79.18
CA TRP G 96 25.76 -76.46 77.96
C TRP G 96 25.64 -75.10 77.34
N TRP G 97 24.38 -74.66 77.22
CA TRP G 97 24.03 -73.35 76.68
C TRP G 97 24.61 -72.27 77.56
N ASP G 98 24.53 -72.50 78.87
CA ASP G 98 24.94 -71.52 79.85
C ASP G 98 26.43 -71.28 79.84
N GLN G 99 27.19 -72.27 79.38
CA GLN G 99 28.64 -72.21 79.48
C GLN G 99 29.34 -72.23 78.15
N ILE G 100 28.64 -72.69 77.11
CA ILE G 100 29.23 -72.78 75.78
C ILE G 100 28.49 -71.91 74.76
N PHE G 101 27.26 -72.27 74.49
CA PHE G 101 26.52 -71.63 73.40
C PHE G 101 26.40 -70.12 73.60
N PHE G 102 25.82 -69.75 74.73
CA PHE G 102 25.66 -68.35 75.08
C PHE G 102 27.02 -67.57 75.24
N PRO G 103 27.98 -68.06 76.02
CA PRO G 103 29.17 -67.23 76.03
C PRO G 103 29.80 -66.98 74.68
N PHE G 104 29.58 -67.87 73.72
CA PHE G 104 30.13 -67.68 72.37
C PHE G 104 29.35 -66.66 71.58
N LEU G 105 28.09 -66.96 71.31
CA LEU G 105 27.18 -66.02 70.65
C LEU G 105 27.21 -64.59 71.25
N ASN G 106 27.36 -64.51 72.57
CA ASN G 106 27.34 -63.24 73.30
C ASN G 106 28.64 -62.46 73.19
N SER G 107 29.59 -62.95 72.40
CA SER G 107 30.84 -62.25 72.04
C SER G 107 31.61 -63.19 71.10
N PRO G 108 31.07 -63.41 69.89
CA PRO G 108 31.51 -64.50 69.01
C PRO G 108 32.95 -64.39 68.55
N THR G 109 33.64 -65.53 68.49
CA THR G 109 35.03 -65.56 68.01
C THR G 109 35.10 -65.20 66.52
N GLN G 110 36.11 -64.41 66.16
CA GLN G 110 36.27 -63.92 64.79
C GLN G 110 37.06 -64.87 63.89
N LEU G 111 36.47 -66.01 63.56
CA LEU G 111 37.23 -67.14 63.04
C LEU G 111 36.17 -68.09 62.58
N LYS G 112 36.10 -68.32 61.27
CA LYS G 112 34.90 -68.95 60.69
C LYS G 112 34.77 -70.41 61.07
N PRO G 113 35.89 -71.16 60.96
CA PRO G 113 35.76 -72.60 61.26
C PRO G 113 35.27 -72.84 62.67
N VAL G 114 35.60 -71.95 63.60
CA VAL G 114 35.08 -72.07 64.96
C VAL G 114 33.55 -71.99 64.99
N PHE G 115 32.99 -71.01 64.29
CA PHE G 115 31.55 -70.90 64.18
C PHE G 115 30.93 -72.18 63.58
N SER G 116 31.59 -72.79 62.60
CA SER G 116 31.02 -74.02 62.03
C SER G 116 30.86 -75.09 63.09
N ASP G 117 31.93 -75.32 63.86
CA ASP G 117 32.00 -76.35 64.90
C ASP G 117 30.90 -76.10 65.90
N LEU G 118 30.67 -74.82 66.22
CA LEU G 118 29.52 -74.42 67.03
C LEU G 118 28.19 -74.88 66.37
N LYS G 119 27.91 -74.37 65.18
CA LYS G 119 26.78 -74.85 64.37
C LYS G 119 26.63 -76.39 64.28
N SER G 120 27.76 -77.08 64.12
CA SER G 120 27.74 -78.55 64.03
C SER G 120 27.18 -79.11 65.29
N ILE G 121 27.71 -78.61 66.41
CA ILE G 121 27.30 -79.09 67.73
C ILE G 121 25.83 -78.83 67.90
N LEU G 122 25.44 -77.60 67.54
CA LEU G 122 24.09 -77.09 67.71
C LEU G 122 23.06 -77.87 66.91
N PHE G 123 23.40 -78.19 65.66
CA PHE G 123 22.45 -78.89 64.82
C PHE G 123 22.51 -80.40 65.05
N TYR G 124 23.52 -80.89 65.78
CA TYR G 124 23.46 -82.29 66.23
C TYR G 124 22.29 -82.39 67.18
N ILE G 125 21.89 -81.28 67.82
CA ILE G 125 20.88 -81.30 68.86
C ILE G 125 19.48 -80.98 68.35
N LEU G 126 19.41 -79.97 67.46
CA LEU G 126 18.17 -79.58 66.73
C LEU G 126 17.51 -80.61 65.73
N ILE G 127 18.35 -81.39 65.06
CA ILE G 127 17.99 -82.07 63.84
C ILE G 127 18.39 -83.50 64.00
N PHE G 128 17.41 -84.40 63.98
CA PHE G 128 17.61 -85.84 64.27
C PHE G 128 16.53 -86.74 63.68
N HIS G 129 16.89 -87.98 63.32
CA HIS G 129 15.95 -88.93 62.70
C HIS G 129 15.09 -89.66 63.74
N ASP G 130 15.75 -90.05 64.83
CA ASP G 130 15.14 -90.92 65.83
C ASP G 130 14.75 -90.12 67.09
N GLU G 131 13.47 -90.17 67.46
CA GLU G 131 12.98 -89.52 68.70
C GLU G 131 13.42 -90.31 69.92
N ASP G 132 13.48 -91.63 69.71
CA ASP G 132 13.74 -92.65 70.72
C ASP G 132 15.23 -92.90 71.04
N GLU G 133 16.10 -92.51 70.13
CA GLU G 133 17.54 -92.74 70.24
C GLU G 133 18.06 -92.63 71.66
N TRP G 134 17.49 -91.73 72.46
CA TRP G 134 17.99 -91.53 73.82
C TRP G 134 17.06 -91.97 74.90
N GLY G 135 15.87 -92.38 74.53
CA GLY G 135 14.88 -92.87 75.49
C GLY G 135 13.79 -91.83 75.60
N GLY G 136 12.57 -92.34 75.82
CA GLY G 136 11.42 -91.50 76.17
C GLY G 136 11.22 -90.38 75.19
N ASP G 137 11.29 -89.14 75.68
CA ASP G 137 11.06 -87.94 74.88
C ASP G 137 12.36 -87.11 74.84
N LEU G 138 13.51 -87.71 75.16
CA LEU G 138 14.72 -86.91 75.51
C LEU G 138 15.32 -86.15 74.35
N ARG G 139 15.36 -86.85 73.22
CA ARG G 139 15.99 -86.32 72.03
C ARG G 139 15.27 -85.07 71.59
N ARG G 140 13.96 -85.12 71.75
CA ARG G 140 13.08 -84.02 71.41
C ARG G 140 13.17 -82.87 72.43
N GLU G 141 13.04 -83.13 73.74
CA GLU G 141 13.18 -82.06 74.76
C GLU G 141 14.44 -81.20 74.53
N CYS G 142 15.55 -81.85 74.21
CA CYS G 142 16.79 -81.13 74.03
C CYS G 142 16.72 -80.21 72.81
N ALA G 143 16.08 -80.67 71.76
CA ALA G 143 15.82 -79.81 70.62
C ALA G 143 14.92 -78.60 71.04
N GLU G 144 13.68 -78.91 71.46
CA GLU G 144 12.72 -77.89 71.88
C GLU G 144 13.36 -76.89 72.82
N GLU G 145 14.19 -77.37 73.72
CA GLU G 145 14.88 -76.46 74.60
C GLU G 145 15.85 -75.57 73.83
N THR G 146 16.72 -76.20 73.06
CA THR G 146 17.83 -75.53 72.41
C THR G 146 17.38 -74.51 71.36
N ILE G 147 16.22 -74.76 70.77
CA ILE G 147 15.69 -73.78 69.85
C ILE G 147 15.21 -72.57 70.68
N THR G 148 14.23 -72.80 71.56
CA THR G 148 13.64 -71.77 72.41
C THR G 148 14.64 -70.70 72.82
N ARG G 149 15.67 -71.14 73.53
CA ARG G 149 16.73 -70.26 74.01
C ARG G 149 17.35 -69.40 72.90
N LEU G 150 17.45 -69.95 71.70
CA LEU G 150 18.15 -69.32 70.58
C LEU G 150 17.28 -68.23 70.06
N VAL G 151 16.04 -68.62 69.80
CA VAL G 151 14.96 -67.67 69.58
C VAL G 151 15.03 -66.55 70.67
N ASP G 152 14.72 -66.89 71.93
CA ASP G 152 14.73 -65.92 73.04
C ASP G 152 15.92 -64.99 73.13
N LEU G 153 17.08 -65.46 72.67
CA LEU G 153 18.27 -64.61 72.64
C LEU G 153 18.25 -63.72 71.40
N TYR G 154 17.91 -64.26 70.23
CA TYR G 154 17.75 -63.42 69.01
C TYR G 154 16.77 -62.24 69.13
N VAL G 155 15.54 -62.52 69.61
CA VAL G 155 14.54 -61.49 69.85
C VAL G 155 15.14 -60.42 70.79
N SER G 156 15.31 -60.74 72.06
CA SER G 156 15.90 -59.80 73.01
C SER G 156 17.24 -59.18 72.54
N LYS G 157 17.99 -59.88 71.69
CA LYS G 157 19.28 -59.35 71.23
C LYS G 157 19.11 -58.36 70.08
N ALA G 158 17.92 -58.35 69.46
CA ALA G 158 17.57 -57.37 68.44
C ALA G 158 16.67 -56.24 68.98
N ILE G 159 16.57 -56.14 70.30
CA ILE G 159 15.80 -55.08 70.96
C ILE G 159 16.60 -54.35 72.06
N GLU G 160 17.02 -55.05 73.12
CA GLU G 160 17.92 -54.47 74.14
C GLU G 160 18.74 -53.32 73.54
N ASN G 161 18.52 -52.09 74.01
CA ASN G 161 19.01 -50.86 73.31
C ASN G 161 20.57 -50.66 73.20
N LEU G 162 21.36 -51.64 73.64
CA LEU G 162 22.86 -51.69 73.57
C LEU G 162 23.55 -51.05 74.82
N GLY G 163 24.79 -51.47 75.08
CA GLY G 163 25.58 -50.99 76.22
C GLY G 163 27.04 -50.88 75.82
N ASP G 164 27.90 -50.44 76.74
CA ASP G 164 29.31 -50.18 76.38
C ASP G 164 30.09 -51.44 75.91
N SER G 167 30.23 -52.95 70.85
CA SER G 167 28.98 -52.57 71.52
C SER G 167 27.89 -52.13 70.51
N GLN G 168 28.27 -52.05 69.22
CA GLN G 168 27.29 -52.11 68.08
C GLN G 168 27.85 -53.01 66.99
N GLU G 169 29.03 -52.68 66.45
CA GLU G 169 29.77 -53.61 65.58
C GLU G 169 29.72 -55.00 66.22
N GLN G 170 29.95 -55.05 67.54
CA GLN G 170 29.87 -56.29 68.37
C GLN G 170 28.45 -56.87 68.35
N ARG G 171 27.47 -56.02 68.58
CA ARG G 171 26.09 -56.46 68.50
C ARG G 171 25.65 -57.07 67.12
N ASN G 172 26.38 -56.77 66.04
CA ASN G 172 25.92 -57.22 64.73
C ASN G 172 26.42 -58.59 64.37
N GLN G 173 27.68 -58.82 64.71
CA GLN G 173 28.19 -60.18 64.81
C GLN G 173 27.28 -61.15 65.52
N THR G 174 26.59 -60.68 66.54
CA THR G 174 25.77 -61.57 67.34
C THR G 174 24.47 -61.89 66.64
N ILE G 175 23.80 -60.86 66.12
CA ILE G 175 22.54 -61.08 65.39
C ILE G 175 22.81 -61.71 64.04
N GLU G 176 24.04 -61.57 63.54
CA GLU G 176 24.42 -62.16 62.30
C GLU G 176 24.50 -63.66 62.46
N CYS G 177 25.20 -64.08 63.51
CA CYS G 177 25.35 -65.49 63.87
C CYS G 177 23.98 -66.14 64.14
N LEU G 178 23.19 -65.46 64.96
CA LEU G 178 21.87 -65.94 65.33
C LEU G 178 20.91 -66.08 64.18
N VAL G 179 20.98 -65.12 63.27
CA VAL G 179 20.12 -65.14 62.08
C VAL G 179 20.46 -66.33 61.20
N ASN G 180 21.73 -66.39 60.78
CA ASN G 180 22.24 -67.57 60.09
C ASN G 180 21.74 -68.89 60.78
N VAL G 181 22.03 -69.06 62.05
CA VAL G 181 21.61 -70.27 62.72
C VAL G 181 20.07 -70.46 62.59
N LEU G 182 19.30 -69.41 62.82
CA LEU G 182 17.83 -69.56 62.80
C LEU G 182 17.23 -69.85 61.40
N VAL G 183 17.92 -69.36 60.37
CA VAL G 183 17.39 -69.51 59.02
C VAL G 183 17.55 -70.96 58.68
N HIS G 184 18.80 -71.41 58.69
CA HIS G 184 19.15 -72.81 58.59
C HIS G 184 18.21 -73.78 59.29
N TYR G 185 17.69 -73.42 60.46
CA TYR G 185 16.77 -74.31 61.16
C TYR G 185 15.39 -74.24 60.54
N GLY G 186 15.00 -73.00 60.27
CA GLY G 186 13.71 -72.73 59.67
C GLY G 186 13.50 -73.49 58.37
N ILE G 187 14.51 -73.46 57.49
CA ILE G 187 14.33 -74.00 56.16
C ILE G 187 14.05 -75.49 56.27
N GLN G 188 14.60 -76.07 57.37
CA GLN G 188 14.50 -77.51 57.73
C GLN G 188 13.24 -77.82 58.47
N ARG G 189 12.97 -77.02 59.50
CA ARG G 189 11.80 -77.19 60.35
C ARG G 189 10.96 -75.92 60.38
N PRO G 190 10.15 -75.70 59.35
CA PRO G 190 9.32 -74.50 59.39
C PRO G 190 8.21 -74.51 60.47
N LYS G 191 7.46 -75.62 60.66
CA LYS G 191 6.33 -75.64 61.65
C LYS G 191 6.86 -75.22 63.03
N GLU G 192 8.04 -75.71 63.34
CA GLU G 192 8.65 -75.55 64.65
C GLU G 192 9.06 -74.09 64.87
N LEU G 193 9.94 -73.60 64.03
CA LEU G 193 10.39 -72.24 64.16
C LEU G 193 9.22 -71.25 64.21
N SER G 194 8.20 -71.46 63.39
CA SER G 194 6.96 -70.65 63.48
C SER G 194 6.50 -70.53 64.93
N SER G 195 6.23 -71.69 65.53
CA SER G 195 5.68 -71.78 66.89
C SER G 195 6.54 -71.11 67.92
N CYS G 196 7.87 -71.29 67.84
CA CYS G 196 8.79 -70.57 68.73
C CYS G 196 8.64 -69.08 68.58
N PHE G 197 8.24 -68.63 67.39
CA PHE G 197 8.03 -67.21 67.19
C PHE G 197 6.67 -66.65 67.61
N CYS G 198 5.62 -67.48 67.69
CA CYS G 198 4.27 -66.92 67.86
C CYS G 198 4.19 -65.93 68.97
N HIS G 199 4.37 -66.35 70.22
CA HIS G 199 4.14 -65.39 71.33
C HIS G 199 5.10 -64.16 71.30
N HIS G 200 6.30 -64.28 70.75
CA HIS G 200 7.12 -63.07 70.69
C HIS G 200 6.56 -62.07 69.70
N PHE G 201 6.01 -62.56 68.59
CA PHE G 201 5.45 -61.68 67.56
C PHE G 201 4.41 -60.71 68.14
N LEU G 202 3.57 -61.21 69.05
CA LEU G 202 2.57 -60.41 69.74
C LEU G 202 3.18 -59.15 70.33
N ASN G 203 4.46 -59.22 70.71
CA ASN G 203 5.14 -58.04 71.26
C ASN G 203 5.68 -57.16 70.14
N PRO G 204 5.03 -56.01 69.90
CA PRO G 204 5.16 -55.26 68.66
C PRO G 204 6.55 -55.00 68.07
N PRO G 205 7.55 -54.65 68.90
CA PRO G 205 8.90 -54.35 68.31
C PRO G 205 9.71 -55.55 67.82
N THR G 206 9.21 -56.75 68.09
CA THR G 206 9.85 -57.99 67.64
C THR G 206 9.59 -58.25 66.16
N ARG G 207 8.44 -57.76 65.66
CA ARG G 207 7.84 -58.24 64.39
C ARG G 207 8.76 -58.10 63.17
N ILE G 208 9.61 -57.07 63.18
CA ILE G 208 10.59 -56.91 62.13
C ILE G 208 11.63 -58.02 62.15
N PRO G 209 12.36 -58.21 63.26
CA PRO G 209 13.33 -59.30 63.10
C PRO G 209 12.67 -60.64 62.81
N ILE G 210 11.53 -60.92 63.43
CA ILE G 210 10.83 -62.18 63.19
C ILE G 210 10.38 -62.38 61.76
N LEU G 211 9.87 -61.36 61.09
CA LEU G 211 9.48 -61.52 59.67
C LEU G 211 10.73 -61.54 58.85
N SER G 212 11.70 -60.72 59.22
CA SER G 212 12.92 -60.61 58.49
C SER G 212 13.51 -61.98 58.32
N VAL G 213 13.67 -62.67 59.41
CA VAL G 213 14.03 -64.08 59.32
C VAL G 213 12.97 -64.86 58.52
N VAL G 215 10.72 -64.46 56.39
CA VAL G 215 10.65 -64.39 54.91
C VAL G 215 11.86 -65.03 54.24
N GLU G 216 13.05 -64.96 54.84
CA GLU G 216 14.21 -65.59 54.22
C GLU G 216 14.11 -67.12 54.19
N VAL G 217 13.18 -67.66 54.96
CA VAL G 217 12.94 -69.09 54.94
C VAL G 217 12.02 -69.44 53.81
N ILE G 218 10.94 -68.67 53.66
CA ILE G 218 9.99 -68.88 52.57
C ILE G 218 10.59 -68.55 51.20
N ARG G 219 11.40 -67.51 51.12
CA ARG G 219 12.23 -67.26 49.95
C ARG G 219 12.61 -68.62 49.35
N ARG G 220 13.29 -69.47 50.13
CA ARG G 220 13.85 -70.79 49.66
C ARG G 220 12.90 -71.77 48.96
N GLN G 221 11.61 -71.58 49.19
CA GLN G 221 10.56 -72.43 48.63
C GLN G 221 10.78 -73.89 48.98
N GLY G 222 11.46 -74.13 50.09
CA GLY G 222 11.69 -75.49 50.55
C GLY G 222 10.40 -76.17 51.00
N PRO G 223 10.52 -77.38 51.56
CA PRO G 223 9.42 -78.03 52.22
C PRO G 223 9.53 -77.73 53.70
N ARG G 224 8.51 -78.05 54.50
CA ARG G 224 7.17 -78.37 54.06
C ARG G 224 6.48 -77.15 54.60
N LEU G 225 6.21 -76.15 53.78
CA LEU G 225 5.65 -74.93 54.33
C LEU G 225 4.16 -75.03 54.74
N TYR G 226 3.38 -75.95 54.19
CA TYR G 226 1.94 -76.06 54.55
C TYR G 226 1.68 -76.26 56.04
N GLU G 227 2.73 -76.62 56.77
CA GLU G 227 2.68 -76.81 58.21
C GLU G 227 2.52 -75.47 58.98
N ILE G 228 2.83 -74.35 58.32
CA ILE G 228 2.95 -73.10 59.02
C ILE G 228 1.64 -72.43 59.40
N PRO G 229 0.67 -72.43 58.50
CA PRO G 229 -0.64 -71.90 58.89
C PRO G 229 -1.19 -72.54 60.17
N GLN G 230 -0.80 -73.79 60.43
CA GLN G 230 -1.25 -74.58 61.59
C GLN G 230 -0.74 -74.05 62.92
N THR G 231 0.47 -73.50 62.89
CA THR G 231 0.96 -72.76 64.06
C THR G 231 0.14 -71.49 64.37
N GLY G 232 -0.66 -71.03 63.39
CA GLY G 232 -1.37 -69.76 63.44
C GLY G 232 -0.43 -68.58 63.38
N PHE G 233 0.79 -68.79 62.87
CA PHE G 233 1.69 -67.68 62.60
C PHE G 233 1.19 -66.87 61.42
N TYR G 234 0.49 -67.55 60.50
CA TYR G 234 -0.12 -66.94 59.32
C TYR G 234 -1.18 -66.01 59.84
N ASP G 235 -2.16 -66.59 60.54
CA ASP G 235 -3.30 -65.83 61.07
C ASP G 235 -2.88 -64.64 61.94
N LEU G 236 -1.67 -64.67 62.51
CA LEU G 236 -1.08 -63.47 63.15
C LEU G 236 -0.52 -62.58 62.06
N VAL G 237 0.29 -63.12 61.14
CA VAL G 237 0.95 -62.23 60.16
C VAL G 237 -0.10 -61.43 59.39
N LEU G 238 -1.23 -62.06 59.03
CA LEU G 238 -2.40 -61.30 58.60
C LEU G 238 -2.70 -60.12 59.51
N LYS G 239 -2.99 -60.38 60.81
CA LYS G 239 -3.21 -59.28 61.80
C LYS G 239 -2.11 -58.23 61.81
N CYS G 240 -0.86 -58.60 61.52
CA CYS G 240 0.15 -57.56 61.34
C CYS G 240 -0.29 -56.59 60.24
N ALA G 241 -0.75 -57.15 59.12
CA ALA G 241 -1.06 -56.40 57.89
C ALA G 241 -2.33 -55.57 57.97
N GLU G 242 -3.32 -56.07 58.71
CA GLU G 242 -4.58 -55.34 58.83
C GLU G 242 -4.35 -54.14 59.69
N PHE G 243 -3.67 -54.33 60.83
CA PHE G 243 -3.54 -53.28 61.90
C PHE G 243 -2.21 -52.54 62.03
N ASP G 244 -1.06 -53.15 61.80
CA ASP G 244 0.18 -52.36 62.05
C ASP G 244 0.33 -51.18 61.05
N THR G 245 1.39 -50.41 61.23
CA THR G 245 1.62 -49.19 60.49
C THR G 245 2.89 -49.13 59.71
N SER G 246 3.95 -49.79 60.16
CA SER G 246 5.22 -49.42 59.57
C SER G 246 5.21 -49.82 58.10
N PRO G 247 5.66 -48.92 57.22
CA PRO G 247 6.00 -49.35 55.86
C PRO G 247 7.04 -50.51 55.80
N ILE G 248 8.15 -50.42 56.54
CA ILE G 248 9.10 -51.52 56.49
C ILE G 248 8.51 -52.84 56.98
N LEU G 249 7.85 -52.83 58.14
CA LEU G 249 7.25 -54.04 58.69
C LEU G 249 6.12 -54.60 57.78
N LEU G 250 5.44 -53.73 57.02
CA LEU G 250 4.29 -54.21 56.25
C LEU G 250 4.74 -54.81 54.90
N SER G 251 5.91 -54.41 54.41
CA SER G 251 6.40 -54.94 53.12
C SER G 251 6.79 -56.41 53.34
N TYR G 252 7.36 -56.61 54.53
CA TYR G 252 7.75 -57.93 55.05
C TYR G 252 6.52 -58.80 55.28
N ALA G 253 5.52 -58.26 55.93
CA ALA G 253 4.27 -58.98 56.01
C ALA G 253 3.78 -59.38 54.62
N LEU G 254 3.92 -58.49 53.63
CA LEU G 254 3.33 -58.79 52.33
C LEU G 254 4.12 -59.88 51.64
N SER G 255 5.44 -59.76 51.68
CA SER G 255 6.29 -60.80 51.10
C SER G 255 5.91 -62.15 51.70
N PHE G 256 5.62 -62.15 52.98
CA PHE G 256 5.36 -63.39 53.64
C PHE G 256 4.12 -63.95 53.01
N ILE G 257 3.04 -63.19 53.08
CA ILE G 257 1.73 -63.78 52.78
C ILE G 257 1.62 -64.10 51.27
N LEU G 258 2.32 -63.37 50.41
CA LEU G 258 2.38 -63.77 49.01
C LEU G 258 3.10 -65.09 48.85
N ILE G 260 3.65 -67.40 50.80
CA ILE G 260 3.08 -68.55 51.46
C ILE G 260 1.74 -68.94 50.88
N LEU G 261 1.18 -68.10 50.02
CA LEU G 261 -0.23 -68.27 49.60
C LEU G 261 -0.48 -69.52 48.75
N SER G 262 0.42 -69.73 47.78
CA SER G 262 0.50 -70.95 46.98
C SER G 262 0.33 -72.19 47.83
N HIS G 263 1.06 -72.28 48.94
CA HIS G 263 1.16 -73.52 49.71
C HIS G 263 0.03 -73.73 50.68
N ILE G 264 -1.07 -73.03 50.50
CA ILE G 264 -2.16 -73.14 51.42
C ILE G 264 -3.37 -73.64 50.64
N CYS G 265 -4.10 -72.71 50.02
CA CYS G 265 -5.35 -72.98 49.26
C CYS G 265 -6.52 -73.63 50.04
N ASN G 266 -6.28 -73.92 51.31
CA ASN G 266 -7.33 -74.32 52.25
C ASN G 266 -7.67 -73.15 53.15
N SER G 267 -6.64 -72.50 53.70
CA SER G 267 -6.83 -71.25 54.50
C SER G 267 -7.28 -70.01 53.70
N LEU G 268 -7.32 -70.12 52.36
CA LEU G 268 -7.89 -69.05 51.54
C LEU G 268 -9.34 -68.84 51.96
N ASP G 269 -10.15 -69.85 51.75
CA ASP G 269 -11.57 -69.84 52.19
C ASP G 269 -11.85 -69.15 53.54
N ASP G 270 -10.82 -69.09 54.39
CA ASP G 270 -10.96 -68.64 55.78
C ASP G 270 -10.50 -67.21 55.91
N SER G 271 -9.32 -66.95 55.38
CA SER G 271 -8.78 -65.58 55.28
C SER G 271 -9.31 -64.71 54.08
N LEU G 272 -10.13 -65.27 53.18
CA LEU G 272 -10.52 -64.53 51.96
C LEU G 272 -10.84 -63.06 52.27
N TYR G 273 -11.92 -62.78 53.01
CA TYR G 273 -12.27 -61.38 53.32
C TYR G 273 -11.19 -60.61 54.10
N ARG G 274 -10.31 -61.31 54.83
CA ARG G 274 -9.21 -60.61 55.50
C ARG G 274 -8.37 -60.06 54.37
N LEU G 275 -7.94 -60.96 53.48
CA LEU G 275 -7.04 -60.60 52.35
C LEU G 275 -7.56 -59.48 51.42
N PHE G 276 -8.88 -59.51 51.15
CA PHE G 276 -9.61 -58.48 50.40
C PHE G 276 -9.28 -57.14 51.00
N CYS G 277 -9.52 -57.03 52.29
CA CYS G 277 -9.34 -55.77 53.00
C CYS G 277 -7.85 -55.42 53.01
N ILE G 278 -6.98 -56.43 52.97
CA ILE G 278 -5.54 -56.17 52.96
C ILE G 278 -5.14 -55.57 51.63
N TYR G 279 -5.67 -56.13 50.53
CA TYR G 279 -5.40 -55.63 49.16
C TYR G 279 -5.87 -54.18 49.07
N LEU G 280 -7.06 -53.97 49.63
CA LEU G 280 -7.68 -52.65 49.72
C LEU G 280 -6.72 -51.75 50.43
N ARG G 281 -6.47 -52.06 51.70
CA ARG G 281 -5.58 -51.26 52.50
C ARG G 281 -4.27 -50.96 51.76
N PHE G 282 -3.72 -51.94 51.06
CA PHE G 282 -2.36 -51.82 50.46
C PHE G 282 -2.32 -51.02 49.18
N SER G 283 -3.45 -50.88 48.50
CA SER G 283 -3.49 -50.04 47.31
C SER G 283 -3.74 -48.58 47.69
N ILE G 285 -2.32 -47.07 50.16
CA ILE G 285 -1.10 -46.48 50.67
C ILE G 285 -0.90 -45.13 50.01
N ASP G 286 -0.48 -44.15 50.81
CA ASP G 286 -0.48 -42.76 50.39
C ASP G 286 0.88 -42.10 50.64
N PRO G 287 1.42 -41.37 49.65
CA PRO G 287 2.78 -40.86 49.84
C PRO G 287 3.03 -40.04 51.12
N THR G 288 2.03 -39.34 51.66
CA THR G 288 2.27 -38.55 52.88
C THR G 288 1.54 -38.99 54.14
N SER G 289 0.43 -39.68 54.03
CA SER G 289 -0.21 -40.26 55.21
C SER G 289 0.02 -41.79 55.43
N GLY G 290 1.07 -42.37 54.83
CA GLY G 290 1.33 -43.81 54.90
C GLY G 290 0.12 -44.69 54.59
N PHE G 291 0.03 -45.86 55.22
CA PHE G 291 -1.15 -46.74 55.10
C PHE G 291 -2.36 -46.09 55.78
N PRO G 292 -3.58 -46.58 55.49
CA PRO G 292 -4.74 -46.34 56.36
C PRO G 292 -4.58 -46.90 57.77
N SER G 293 -4.90 -46.10 58.78
CA SER G 293 -4.99 -46.59 60.14
C SER G 293 -6.27 -47.41 60.25
N SER G 294 -6.21 -48.46 61.08
CA SER G 294 -7.40 -49.24 61.44
C SER G 294 -8.15 -48.56 62.54
N THR G 295 -9.43 -48.89 62.63
CA THR G 295 -10.29 -48.34 63.66
C THR G 295 -10.22 -49.27 64.86
N ALA G 296 -10.44 -50.57 64.62
CA ALA G 296 -10.49 -51.58 65.68
C ALA G 296 -9.15 -51.73 66.43
N SER G 297 -8.18 -52.38 65.78
CA SER G 297 -6.94 -52.80 66.44
C SER G 297 -7.24 -53.84 67.54
N GLY G 298 -8.36 -54.56 67.41
CA GLY G 298 -8.87 -55.53 68.41
C GLY G 298 -8.23 -55.46 69.80
N ASN G 299 -7.50 -56.52 70.15
CA ASN G 299 -6.55 -56.55 71.29
C ASN G 299 -5.19 -56.92 70.71
N TRP G 300 -4.90 -56.31 69.56
CA TRP G 300 -3.72 -56.60 68.76
C TRP G 300 -2.48 -55.84 69.33
N GLU G 301 -2.54 -54.50 69.35
CA GLU G 301 -1.41 -53.68 69.79
C GLU G 301 -0.53 -53.32 68.62
N VAL G 302 -0.97 -52.29 67.92
CA VAL G 302 -0.24 -51.66 66.82
C VAL G 302 1.28 -51.46 67.02
N PHE G 303 2.03 -51.75 65.97
CA PHE G 303 3.39 -51.25 65.88
C PHE G 303 3.42 -50.04 64.94
N HIS G 304 3.94 -48.90 65.40
CA HIS G 304 4.15 -47.70 64.58
C HIS G 304 5.62 -47.44 64.41
N ASP G 305 5.99 -46.66 63.41
CA ASP G 305 7.42 -46.50 63.11
C ASP G 305 8.16 -45.72 64.17
N PHE G 306 7.52 -44.73 64.77
CA PHE G 306 8.19 -44.05 65.87
C PHE G 306 7.34 -44.12 67.11
N SER G 308 7.64 -42.75 69.72
CA SER G 308 8.39 -41.50 70.06
C SER G 308 7.68 -40.27 69.47
N SER G 339 9.58 -55.41 45.82
CA SER G 339 9.63 -56.47 44.80
C SER G 339 8.27 -57.19 44.59
N LEU G 340 7.47 -57.27 45.67
CA LEU G 340 6.24 -58.09 45.75
C LEU G 340 5.03 -57.24 46.17
N ASP G 341 4.59 -56.27 45.37
CA ASP G 341 3.55 -55.31 45.83
C ASP G 341 2.09 -55.82 45.68
N TYR G 342 1.13 -54.99 46.07
CA TYR G 342 -0.32 -55.31 45.93
C TYR G 342 -0.79 -55.83 44.56
N SER G 343 -0.05 -55.49 43.50
CA SER G 343 -0.40 -55.98 42.20
C SER G 343 -0.30 -57.50 42.12
N GLN G 344 0.61 -58.14 42.87
CA GLN G 344 0.72 -59.63 42.83
C GLN G 344 -0.45 -60.22 43.58
N LEU G 345 -0.87 -59.49 44.61
CA LEU G 345 -2.05 -59.88 45.38
C LEU G 345 -3.28 -59.74 44.50
N PHE G 346 -3.27 -58.75 43.61
CA PHE G 346 -4.34 -58.62 42.65
C PHE G 346 -4.57 -59.89 41.82
N SER G 347 -3.52 -60.42 41.17
CA SER G 347 -3.69 -61.53 40.22
C SER G 347 -4.14 -62.77 40.94
N ILE G 348 -3.49 -62.99 42.08
CA ILE G 348 -3.73 -64.17 42.87
C ILE G 348 -5.20 -64.20 43.28
N LEU G 349 -5.75 -63.05 43.62
CA LEU G 349 -7.14 -62.96 43.98
C LEU G 349 -8.12 -62.88 42.76
N TYR G 350 -7.64 -62.38 41.60
CA TYR G 350 -8.46 -62.32 40.37
C TYR G 350 -8.67 -63.71 39.84
N ALA G 351 -7.57 -64.48 39.73
CA ALA G 351 -7.67 -65.94 39.67
C ALA G 351 -8.30 -66.41 40.98
N LEU G 352 -8.94 -67.56 41.02
CA LEU G 352 -9.42 -68.07 42.33
C LEU G 352 -10.75 -67.51 42.82
N TYR G 353 -10.91 -66.18 42.93
CA TYR G 353 -12.20 -65.62 43.36
C TYR G 353 -12.61 -64.38 42.56
N PRO G 354 -12.60 -64.50 41.22
CA PRO G 354 -12.78 -63.38 40.29
C PRO G 354 -14.08 -62.61 40.48
N ILE G 355 -15.19 -63.33 40.56
CA ILE G 355 -16.49 -62.72 40.71
C ILE G 355 -16.56 -61.97 42.04
N ASN G 356 -16.15 -62.63 43.12
CA ASN G 356 -16.29 -62.02 44.46
C ASN G 356 -15.32 -60.83 44.61
N PHE G 357 -14.08 -60.98 44.11
CA PHE G 357 -13.06 -59.91 44.20
C PHE G 357 -13.51 -58.59 43.58
N LEU G 358 -14.07 -58.66 42.37
CA LEU G 358 -14.46 -57.47 41.61
C LEU G 358 -15.75 -56.92 42.16
N GLU G 359 -16.69 -57.80 42.48
CA GLU G 359 -17.85 -57.34 43.25
C GLU G 359 -17.45 -56.67 44.60
N PHE G 360 -16.34 -57.08 45.17
CA PHE G 360 -15.78 -56.40 46.33
C PHE G 360 -15.22 -54.99 46.02
N LEU G 361 -14.40 -54.92 44.99
CA LEU G 361 -13.79 -53.64 44.62
C LEU G 361 -14.81 -52.62 44.08
N ARG G 362 -15.96 -53.08 43.59
CA ARG G 362 -17.00 -52.18 43.12
C ARG G 362 -17.52 -51.31 44.28
N ASP G 363 -18.03 -51.97 45.33
CA ASP G 363 -18.32 -51.33 46.60
C ASP G 363 -17.87 -52.22 47.73
N PRO G 364 -16.78 -51.83 48.39
CA PRO G 364 -16.31 -52.64 49.52
C PRO G 364 -17.29 -52.62 50.69
N LYS G 365 -17.60 -51.44 51.22
CA LYS G 365 -18.57 -51.29 52.34
C LYS G 365 -19.83 -52.14 52.22
N LEU G 366 -20.39 -52.14 51.01
CA LEU G 366 -21.54 -52.96 50.65
C LEU G 366 -21.19 -54.44 50.73
N TYR G 367 -20.05 -54.83 50.14
CA TYR G 367 -19.63 -56.24 50.19
C TYR G 367 -19.33 -56.67 51.63
N ALA G 368 -18.95 -55.72 52.47
CA ALA G 368 -18.67 -56.00 53.87
C ALA G 368 -19.93 -56.49 54.61
N SER G 369 -21.03 -55.73 54.58
CA SER G 369 -22.34 -56.33 54.93
C SER G 369 -22.61 -57.48 53.97
N LYS G 370 -23.63 -58.28 54.23
CA LYS G 370 -23.92 -59.43 53.36
C LYS G 370 -22.93 -60.58 53.54
N HIS G 371 -21.63 -60.26 53.60
CA HIS G 371 -20.61 -61.25 53.94
C HIS G 371 -20.12 -61.08 55.36
N ASN G 372 -20.72 -60.09 56.05
CA ASN G 372 -20.67 -59.98 57.51
C ASN G 372 -19.25 -59.71 58.00
N PHE G 373 -18.73 -58.56 57.60
CA PHE G 373 -17.46 -58.05 58.13
C PHE G 373 -17.36 -56.52 58.05
N GLN G 374 -16.18 -55.96 58.27
CA GLN G 374 -16.07 -54.51 58.38
C GLN G 374 -14.83 -53.90 57.78
N ILE G 375 -15.04 -52.79 57.10
CA ILE G 375 -13.93 -52.10 56.48
C ILE G 375 -13.41 -51.17 57.56
N ARG G 376 -12.16 -51.33 57.95
CA ARG G 376 -11.61 -50.55 59.03
C ARG G 376 -10.86 -49.33 58.49
N TYR G 377 -11.14 -48.92 57.25
CA TYR G 377 -10.33 -47.90 56.61
C TYR G 377 -11.09 -46.71 55.97
N SER G 378 -10.59 -45.51 56.22
CA SER G 378 -10.88 -44.40 55.33
C SER G 378 -10.09 -44.63 54.05
N PHE G 379 -10.79 -44.52 52.92
CA PHE G 379 -10.20 -44.73 51.60
C PHE G 379 -11.00 -44.03 50.51
N ASN G 380 -10.30 -43.73 49.42
CA ASN G 380 -10.81 -42.99 48.25
C ASN G 380 -11.33 -43.88 47.09
N GLN G 381 -12.65 -44.06 46.96
CA GLN G 381 -13.16 -45.02 45.98
C GLN G 381 -12.78 -44.80 44.55
N GLU G 382 -12.80 -43.55 44.10
CA GLU G 382 -12.39 -43.28 42.72
C GLU G 382 -11.00 -43.85 42.55
N LEU G 383 -10.12 -43.40 43.44
CA LEU G 383 -8.78 -43.91 43.46
C LEU G 383 -8.71 -45.42 43.47
N LEU G 384 -9.57 -46.07 44.24
CA LEU G 384 -9.52 -47.51 44.29
C LEU G 384 -9.77 -48.06 42.91
N SER G 385 -10.85 -47.59 42.28
CA SER G 385 -11.31 -48.10 40.97
C SER G 385 -10.36 -47.80 39.81
N THR G 386 -9.82 -46.58 39.85
CA THR G 386 -8.75 -46.16 38.94
C THR G 386 -7.47 -47.01 38.98
N LYS G 387 -7.07 -47.42 40.19
CA LYS G 387 -5.85 -48.19 40.41
C LYS G 387 -6.10 -49.63 40.06
N SER G 388 -7.32 -50.07 40.34
CA SER G 388 -7.79 -51.44 40.13
C SER G 388 -8.05 -51.71 38.67
N ASP G 389 -8.60 -50.73 37.98
CA ASP G 389 -8.77 -50.82 36.54
C ASP G 389 -7.43 -51.02 35.80
N GLY G 390 -6.42 -50.24 36.16
CA GLY G 390 -5.10 -50.38 35.58
C GLY G 390 -4.57 -51.79 35.70
N LEU G 391 -4.86 -52.46 36.79
CA LEU G 391 -4.42 -53.85 36.95
C LEU G 391 -5.30 -54.86 36.13
N LEU G 392 -6.62 -54.77 36.27
CA LEU G 392 -7.56 -55.63 35.53
C LEU G 392 -7.30 -55.54 34.03
N GLY G 393 -6.96 -54.34 33.55
CA GLY G 393 -6.57 -54.18 32.17
C GLY G 393 -5.41 -55.06 31.74
N ARG G 394 -4.89 -55.86 32.64
CA ARG G 394 -3.76 -56.70 32.29
C ARG G 394 -4.14 -58.15 32.23
N HIS G 395 -5.37 -58.49 32.54
CA HIS G 395 -5.70 -59.90 32.62
C HIS G 395 -6.75 -60.28 31.59
N LEU G 396 -6.65 -61.47 31.05
CA LEU G 396 -7.74 -61.98 30.26
C LEU G 396 -8.96 -62.10 31.13
N ALA G 397 -10.08 -62.19 30.44
CA ALA G 397 -11.36 -62.34 31.07
C ALA G 397 -11.43 -63.75 31.58
N HIS G 398 -12.20 -63.93 32.67
CA HIS G 398 -12.16 -65.13 33.49
C HIS G 398 -13.35 -66.08 33.24
N SER G 399 -13.07 -67.37 33.08
CA SER G 399 -14.13 -68.37 32.81
C SER G 399 -15.23 -68.48 33.90
N ASN G 400 -14.86 -68.41 35.18
CA ASN G 400 -15.84 -68.38 36.29
C ASN G 400 -17.15 -67.59 36.07
N PHE G 401 -17.08 -66.54 35.24
CA PHE G 401 -18.24 -65.67 35.00
C PHE G 401 -19.33 -66.33 34.13
N LEU G 402 -18.92 -67.24 33.24
CA LEU G 402 -19.83 -68.10 32.48
C LEU G 402 -20.32 -69.31 33.23
N LYS G 403 -19.76 -69.60 34.41
CA LYS G 403 -20.05 -70.85 35.13
C LYS G 403 -20.59 -70.70 36.53
N TYR G 404 -20.31 -69.60 37.22
CA TYR G 404 -20.68 -69.46 38.63
C TYR G 404 -21.35 -68.13 38.84
N THR G 405 -22.27 -68.09 39.79
CA THR G 405 -22.68 -66.86 40.42
C THR G 405 -21.63 -66.53 41.47
N ALA G 406 -21.68 -65.32 42.01
CA ALA G 406 -20.81 -64.91 43.08
C ALA G 406 -20.99 -65.77 44.32
N GLU G 407 -22.22 -66.22 44.58
CA GLU G 407 -22.47 -67.16 45.68
C GLU G 407 -21.82 -68.54 45.41
N THR G 408 -22.14 -69.18 44.29
CA THR G 408 -21.56 -70.49 44.00
C THR G 408 -20.04 -70.49 43.76
N GLU G 409 -19.45 -69.32 43.58
CA GLU G 409 -18.00 -69.25 43.44
C GLU G 409 -17.37 -69.57 44.78
N LEU G 410 -18.13 -69.38 45.85
CA LEU G 410 -17.66 -69.65 47.21
C LEU G 410 -18.01 -71.07 47.63
N THR G 411 -19.30 -71.37 47.51
CA THR G 411 -19.87 -72.65 47.90
C THR G 411 -20.09 -73.57 46.66
N ASP G 412 -18.97 -74.05 46.14
CA ASP G 412 -18.98 -75.12 45.15
C ASP G 412 -17.56 -75.60 45.10
N LYS G 413 -17.31 -76.73 45.76
CA LYS G 413 -15.94 -77.23 45.92
C LYS G 413 -15.50 -78.05 44.69
N SER G 414 -16.45 -78.56 43.91
CA SER G 414 -16.12 -79.29 42.67
C SER G 414 -15.39 -78.37 41.71
N ARG G 415 -15.55 -77.06 41.87
CA ARG G 415 -14.83 -76.10 41.06
C ARG G 415 -13.37 -76.47 41.00
N TRP G 416 -12.80 -76.88 42.14
CA TRP G 416 -11.36 -77.08 42.27
C TRP G 416 -10.86 -78.43 41.71
N THR G 417 -11.77 -79.21 41.12
CA THR G 417 -11.36 -80.41 40.37
C THR G 417 -10.66 -80.00 39.09
N ARG G 418 -11.16 -78.94 38.46
CA ARG G 418 -10.53 -78.38 37.26
C ARG G 418 -8.99 -78.32 37.45
N LEU G 419 -8.55 -78.20 38.71
CA LEU G 419 -7.12 -78.04 39.10
C LEU G 419 -6.22 -79.28 38.87
N ASP G 420 -6.73 -80.49 39.18
CA ASP G 420 -5.99 -81.75 38.90
C ASP G 420 -5.39 -81.73 37.49
N SER G 421 -6.21 -81.28 36.54
CA SER G 421 -5.95 -81.43 35.10
C SER G 421 -4.91 -80.44 34.59
N ILE G 422 -5.03 -79.18 35.01
CA ILE G 422 -4.03 -78.17 34.65
C ILE G 422 -2.79 -78.24 35.56
N ALA G 423 -2.83 -79.10 36.58
CA ALA G 423 -1.63 -79.36 37.39
C ALA G 423 -0.75 -80.33 36.65
N VAL G 424 -1.36 -81.34 36.03
CA VAL G 424 -0.63 -82.35 35.28
C VAL G 424 -0.06 -81.78 34.00
N VAL G 425 -0.92 -81.13 33.21
CA VAL G 425 -0.48 -80.45 31.99
C VAL G 425 0.64 -79.46 32.30
N ALA G 426 0.55 -78.78 33.43
CA ALA G 426 1.61 -77.86 33.90
C ALA G 426 2.97 -78.53 34.06
N LEU G 427 2.96 -79.65 34.80
CA LEU G 427 4.14 -80.42 35.17
C LEU G 427 4.86 -80.97 33.92
N CYS G 428 4.14 -81.81 33.19
CA CYS G 428 4.62 -82.33 31.91
C CYS G 428 5.39 -81.27 31.14
N ASN G 429 4.73 -80.16 30.83
CA ASN G 429 5.35 -79.17 29.96
C ASN G 429 6.58 -78.55 30.60
N SER G 430 6.65 -78.55 31.93
CA SER G 430 7.83 -78.04 32.62
C SER G 430 9.05 -78.94 32.38
N LEU G 431 8.80 -80.26 32.35
CA LEU G 431 9.84 -81.25 32.03
C LEU G 431 10.15 -81.36 30.53
N ASN G 432 9.76 -80.40 29.71
CA ASN G 432 10.21 -80.44 28.31
C ASN G 432 11.50 -79.66 28.06
N ALA G 433 12.44 -80.30 27.38
CA ALA G 433 13.62 -79.61 26.94
C ALA G 433 13.30 -78.85 25.66
N VAL G 434 12.23 -79.30 24.96
CA VAL G 434 11.85 -78.97 23.56
C VAL G 434 12.48 -80.02 22.64
N PRO H 5 -59.87 -74.16 30.00
CA PRO H 5 -58.50 -74.10 29.47
C PRO H 5 -58.11 -75.31 28.61
N LEU H 6 -58.32 -76.53 29.12
CA LEU H 6 -57.84 -77.75 28.45
C LEU H 6 -58.50 -77.99 27.09
N GLN H 7 -59.78 -77.63 26.99
CA GLN H 7 -60.62 -78.04 25.85
C GLN H 7 -60.33 -77.23 24.57
N SER H 8 -60.19 -75.92 24.71
CA SER H 8 -59.87 -75.02 23.59
C SER H 8 -58.52 -75.34 22.94
N LEU H 9 -57.60 -75.85 23.77
CA LEU H 9 -56.33 -76.40 23.32
C LEU H 9 -56.60 -77.60 22.39
N VAL H 10 -57.29 -78.62 22.91
CA VAL H 10 -57.52 -79.89 22.17
C VAL H 10 -58.10 -79.66 20.79
N LYS H 11 -58.92 -78.63 20.68
CA LYS H 11 -59.43 -78.21 19.39
C LYS H 11 -58.24 -77.99 18.50
N ALA H 12 -57.40 -77.02 18.86
CA ALA H 12 -56.21 -76.69 18.06
C ALA H 12 -55.50 -77.94 17.53
N LEU H 13 -55.54 -79.02 18.33
CA LEU H 13 -54.90 -80.30 18.00
C LEU H 13 -55.59 -81.08 16.87
N TRP H 14 -56.92 -81.13 16.88
CA TRP H 14 -57.63 -81.82 15.79
C TRP H 14 -57.55 -80.98 14.49
N ASN H 15 -57.67 -79.65 14.63
CA ASN H 15 -57.61 -78.72 13.48
C ASN H 15 -56.30 -78.81 12.74
N VAL H 16 -55.21 -78.83 13.51
CA VAL H 16 -53.84 -78.72 12.98
C VAL H 16 -53.29 -80.00 12.31
N LEU H 17 -53.96 -81.15 12.48
CA LEU H 17 -53.42 -82.42 11.95
C LEU H 17 -54.14 -82.98 10.68
N HIS H 18 -54.66 -82.08 9.83
CA HIS H 18 -55.51 -82.43 8.66
C HIS H 18 -55.28 -81.47 7.46
N ASP H 27 -50.25 -73.91 10.13
CA ASP H 27 -50.19 -72.60 10.80
C ASP H 27 -50.36 -72.81 12.29
N LEU H 28 -49.31 -73.31 12.93
CA LEU H 28 -49.39 -73.61 14.36
C LEU H 28 -49.87 -72.46 15.25
N THR H 29 -49.59 -71.21 14.87
CA THR H 29 -49.89 -70.02 15.70
C THR H 29 -50.88 -70.23 16.85
N GLU H 30 -52.07 -70.75 16.51
CA GLU H 30 -53.17 -70.99 17.48
C GLU H 30 -52.77 -72.01 18.55
N LEU H 31 -52.48 -73.24 18.13
CA LEU H 31 -52.02 -74.28 19.06
C LEU H 31 -51.02 -73.73 20.10
N ILE H 32 -50.06 -72.91 19.61
CA ILE H 32 -49.01 -72.33 20.47
C ILE H 32 -49.60 -71.30 21.43
N ALA H 33 -50.56 -70.51 20.96
CA ALA H 33 -51.21 -69.54 21.82
C ALA H 33 -52.03 -70.25 22.89
N GLU H 34 -52.78 -71.28 22.47
CA GLU H 34 -53.60 -72.07 23.40
C GLU H 34 -52.76 -72.95 24.33
N VAL H 35 -51.48 -73.14 24.00
CA VAL H 35 -50.51 -73.64 24.97
C VAL H 35 -50.18 -72.55 25.95
N GLU H 36 -49.75 -71.41 25.45
CA GLU H 36 -49.34 -70.33 26.33
C GLU H 36 -50.44 -69.98 27.36
N SER H 37 -51.70 -69.95 26.93
CA SER H 37 -52.80 -69.68 27.87
C SER H 37 -52.98 -70.85 28.87
N TYR H 38 -52.99 -72.09 28.38
CA TYR H 38 -53.07 -73.28 29.26
C TYR H 38 -51.99 -73.24 30.35
N GLN H 39 -50.79 -72.79 30.00
CA GLN H 39 -49.67 -72.77 30.94
C GLN H 39 -49.94 -71.85 32.13
N GLN H 40 -50.70 -70.79 31.90
CA GLN H 40 -51.01 -69.83 32.95
C GLN H 40 -52.04 -70.31 33.97
N ARG H 41 -52.69 -71.43 33.67
CA ARG H 41 -53.58 -72.05 34.64
C ARG H 41 -52.95 -73.31 35.25
N TYR H 42 -51.96 -73.89 34.56
CA TYR H 42 -51.28 -75.12 35.02
C TYR H 42 -49.74 -75.06 34.88
N PRO H 43 -49.08 -74.17 35.66
CA PRO H 43 -47.63 -73.99 35.52
C PRO H 43 -46.90 -75.30 35.81
N LYS H 44 -47.36 -76.01 36.84
CA LYS H 44 -46.98 -77.41 36.98
C LYS H 44 -47.88 -78.31 36.11
N GLN H 45 -47.34 -79.46 35.73
CA GLN H 45 -48.04 -80.41 34.89
C GLN H 45 -49.17 -81.09 35.66
N ASN H 46 -50.35 -81.14 35.04
CA ASN H 46 -51.51 -81.77 35.64
C ASN H 46 -51.67 -83.22 35.14
N PRO H 47 -51.36 -84.21 36.01
CA PRO H 47 -51.26 -85.64 35.58
C PRO H 47 -52.54 -86.30 35.07
N THR H 48 -53.67 -85.60 35.16
CA THR H 48 -54.93 -86.01 34.53
C THR H 48 -55.02 -85.34 33.17
N ASN H 49 -54.88 -84.02 33.18
CA ASN H 49 -54.96 -83.21 31.96
C ASN H 49 -54.05 -83.82 30.91
N SER H 50 -52.79 -84.01 31.33
CA SER H 50 -51.81 -84.80 30.59
C SER H 50 -52.39 -86.12 30.12
N GLN H 51 -52.84 -86.94 31.08
CA GLN H 51 -53.33 -88.28 30.81
C GLN H 51 -54.46 -88.29 29.79
N LYS H 52 -55.23 -87.22 29.81
CA LYS H 52 -56.31 -86.99 28.85
C LYS H 52 -55.74 -86.64 27.48
N ILE H 53 -54.83 -85.68 27.47
CA ILE H 53 -54.16 -85.23 26.24
C ILE H 53 -53.51 -86.41 25.56
N ARG H 54 -52.71 -87.13 26.34
CA ARG H 54 -52.02 -88.31 25.85
C ARG H 54 -52.98 -89.25 25.13
N HIS H 55 -54.16 -89.42 25.73
CA HIS H 55 -55.23 -90.20 25.13
C HIS H 55 -55.63 -89.63 23.75
N ILE H 56 -55.81 -88.32 23.66
CA ILE H 56 -56.22 -87.68 22.43
C ILE H 56 -55.35 -88.18 21.29
N LEU H 57 -54.05 -88.01 21.45
CA LEU H 57 -53.04 -88.31 20.41
C LEU H 57 -53.05 -89.78 19.90
N ASP H 58 -53.44 -90.71 20.77
CA ASP H 58 -53.50 -92.16 20.44
C ASP H 58 -54.51 -92.39 19.32
N GLU H 59 -55.66 -91.74 19.47
CA GLU H 59 -56.67 -91.66 18.43
C GLU H 59 -56.01 -91.06 17.21
N ILE H 60 -55.61 -89.81 17.37
CA ILE H 60 -55.14 -89.00 16.26
C ILE H 60 -54.15 -89.83 15.46
N TYR H 61 -53.17 -90.42 16.15
CA TYR H 61 -52.18 -91.27 15.47
C TYR H 61 -52.78 -92.30 14.47
N GLU H 62 -53.92 -92.88 14.85
CA GLU H 62 -54.57 -93.91 14.02
C GLU H 62 -55.18 -93.32 12.77
N LYS H 63 -55.85 -92.17 12.96
CA LYS H 63 -56.43 -91.34 11.88
C LYS H 63 -55.39 -90.77 10.92
N THR H 64 -54.32 -90.24 11.50
CA THR H 64 -53.25 -89.60 10.75
C THR H 64 -51.91 -90.20 11.24
N PRO H 65 -51.33 -91.17 10.49
CA PRO H 65 -50.11 -91.85 11.02
C PRO H 65 -48.73 -91.10 10.83
N PHE H 66 -47.70 -91.81 10.37
CA PHE H 66 -46.35 -91.26 10.28
C PHE H 66 -45.74 -91.82 9.01
N ASN H 67 -46.58 -91.91 7.98
CA ASN H 67 -46.35 -92.79 6.83
C ASN H 67 -45.91 -92.08 5.54
N ASN H 68 -45.92 -90.74 5.58
CA ASN H 68 -45.35 -89.91 4.52
C ASN H 68 -44.60 -88.73 5.12
N THR H 69 -43.82 -88.07 4.27
CA THR H 69 -42.86 -87.07 4.72
C THR H 69 -43.49 -85.68 5.07
N ARG H 70 -44.80 -85.51 4.83
CA ARG H 70 -45.52 -84.31 5.27
C ARG H 70 -46.04 -84.52 6.70
N ARG H 71 -46.49 -85.74 6.96
CA ARG H 71 -47.08 -86.08 8.25
C ARG H 71 -46.05 -85.92 9.36
N ARG H 72 -44.85 -86.41 9.07
CA ARG H 72 -43.71 -86.35 9.99
C ARG H 72 -43.48 -84.92 10.46
N ILE H 73 -43.06 -84.07 9.52
CA ILE H 73 -42.84 -82.63 9.75
C ILE H 73 -43.90 -82.05 10.71
N LEU H 74 -45.16 -82.21 10.30
CA LEU H 74 -46.31 -81.83 11.10
C LEU H 74 -46.31 -82.38 12.54
N TRP H 75 -46.27 -83.71 12.66
CA TRP H 75 -46.28 -84.40 13.95
C TRP H 75 -45.29 -83.85 14.96
N LEU H 76 -44.01 -83.95 14.60
CA LEU H 76 -42.91 -83.52 15.47
C LEU H 76 -43.13 -82.11 16.00
N ALA H 77 -43.27 -81.15 15.09
CA ALA H 77 -43.50 -79.75 15.46
C ALA H 77 -44.68 -79.58 16.43
N VAL H 78 -45.62 -80.54 16.45
CA VAL H 78 -46.72 -80.50 17.42
C VAL H 78 -46.28 -81.05 18.80
N LEU H 79 -45.58 -82.20 18.79
CA LEU H 79 -45.02 -82.81 20.02
C LEU H 79 -43.97 -81.89 20.68
N LYS H 80 -43.03 -81.44 19.87
CA LYS H 80 -42.17 -80.30 20.18
C LYS H 80 -42.84 -79.18 21.07
N THR H 81 -44.12 -78.88 20.83
CA THR H 81 -44.81 -77.78 21.51
C THR H 81 -45.68 -78.24 22.69
N VAL H 82 -46.16 -79.49 22.63
CA VAL H 82 -47.06 -80.01 23.70
C VAL H 82 -46.30 -80.71 24.83
N ILE H 83 -45.19 -81.34 24.49
CA ILE H 83 -44.50 -82.24 25.42
C ILE H 83 -44.11 -81.59 26.78
N PRO H 84 -43.77 -80.28 26.82
CA PRO H 84 -43.50 -79.68 28.14
C PRO H 84 -44.61 -79.91 29.15
N LEU H 85 -45.82 -79.56 28.74
CA LEU H 85 -47.05 -79.77 29.51
C LEU H 85 -47.25 -81.20 30.07
N LEU H 86 -46.68 -82.21 29.38
CA LEU H 86 -46.94 -83.63 29.69
C LEU H 86 -46.06 -84.28 30.77
N ILE H 87 -46.58 -85.43 31.22
CA ILE H 87 -45.93 -86.36 32.14
C ILE H 87 -45.95 -87.73 31.48
N LEU H 88 -44.83 -88.46 31.55
CA LEU H 88 -44.65 -89.73 30.83
C LEU H 88 -44.10 -90.83 31.75
N ASP H 89 -44.33 -92.08 31.35
CA ASP H 89 -43.67 -93.24 31.99
C ASP H 89 -42.84 -94.02 30.97
N ARG H 90 -42.04 -94.97 31.46
CA ARG H 90 -41.19 -95.79 30.59
C ARG H 90 -42.03 -96.36 29.49
N GLN H 91 -43.19 -96.91 29.84
CA GLN H 91 -44.02 -97.62 28.86
C GLN H 91 -44.62 -96.63 27.87
N ALA H 92 -44.77 -95.37 28.29
CA ALA H 92 -45.03 -94.27 27.37
C ALA H 92 -43.86 -94.19 26.36
N VAL H 93 -42.67 -93.81 26.82
CA VAL H 93 -41.53 -93.59 25.89
C VAL H 93 -41.18 -94.87 25.07
N GLY H 94 -41.82 -95.99 25.39
CA GLY H 94 -41.91 -97.13 24.50
C GLY H 94 -42.98 -96.93 23.42
N GLU H 95 -44.04 -96.17 23.74
CA GLU H 95 -44.96 -95.65 22.70
C GLU H 95 -44.07 -94.82 21.77
N TRP H 96 -43.68 -93.66 22.32
CA TRP H 96 -43.10 -92.57 21.57
C TRP H 96 -41.89 -93.01 20.78
N TRP H 97 -41.14 -93.97 21.31
CA TRP H 97 -40.02 -94.51 20.61
C TRP H 97 -40.51 -95.25 19.38
N ASP H 98 -41.52 -96.10 19.60
CA ASP H 98 -41.96 -97.07 18.59
C ASP H 98 -42.71 -96.40 17.46
N GLN H 99 -43.54 -95.43 17.82
CA GLN H 99 -44.37 -94.72 16.85
C GLN H 99 -43.67 -93.55 16.13
N ILE H 100 -42.61 -92.98 16.72
CA ILE H 100 -42.02 -91.74 16.20
C ILE H 100 -40.51 -91.82 15.98
N PHE H 101 -39.77 -92.13 17.04
CA PHE H 101 -38.30 -92.10 16.97
C PHE H 101 -37.78 -93.24 16.09
N PHE H 102 -38.05 -94.49 16.46
CA PHE H 102 -37.59 -95.62 15.63
C PHE H 102 -37.86 -95.48 14.12
N PRO H 103 -39.09 -95.06 13.72
CA PRO H 103 -39.36 -94.93 12.29
C PRO H 103 -38.51 -93.84 11.64
N PHE H 104 -38.30 -92.72 12.37
CA PHE H 104 -37.46 -91.65 11.85
C PHE H 104 -36.02 -92.13 11.73
N LEU H 105 -35.42 -92.49 12.87
CA LEU H 105 -33.99 -92.82 12.94
C LEU H 105 -33.64 -94.01 12.05
N ASN H 106 -34.64 -94.87 11.81
CA ASN H 106 -34.48 -96.03 10.94
C ASN H 106 -34.48 -95.61 9.46
N SER H 107 -35.33 -94.63 9.11
CA SER H 107 -35.39 -94.08 7.73
C SER H 107 -35.74 -92.57 7.75
N PRO H 108 -34.69 -91.71 7.74
CA PRO H 108 -34.82 -90.31 8.16
C PRO H 108 -35.16 -89.29 7.07
N THR H 109 -36.11 -88.41 7.41
CA THR H 109 -36.59 -87.31 6.53
C THR H 109 -35.55 -86.22 6.44
N GLN H 110 -34.94 -86.08 5.27
CA GLN H 110 -33.70 -85.30 5.09
C GLN H 110 -33.79 -83.77 5.28
N LEU H 111 -34.81 -83.26 5.95
CA LEU H 111 -34.89 -81.83 6.31
C LEU H 111 -34.14 -81.50 7.63
N LYS H 112 -32.98 -80.85 7.53
CA LYS H 112 -32.19 -80.45 8.70
C LYS H 112 -33.01 -80.04 9.93
N PRO H 113 -33.91 -79.07 9.77
CA PRO H 113 -34.61 -78.58 10.95
C PRO H 113 -35.72 -79.52 11.41
N VAL H 114 -36.03 -80.55 10.64
CA VAL H 114 -36.96 -81.57 11.10
C VAL H 114 -36.19 -82.47 12.09
N PHE H 115 -35.07 -83.05 11.65
CA PHE H 115 -34.13 -83.70 12.55
C PHE H 115 -33.67 -82.81 13.74
N SER H 116 -33.76 -81.49 13.61
CA SER H 116 -33.52 -80.61 14.75
C SER H 116 -34.64 -80.77 15.76
N ASP H 117 -35.87 -80.89 15.28
CA ASP H 117 -37.06 -80.97 16.15
C ASP H 117 -37.07 -82.25 16.93
N LEU H 118 -36.93 -83.37 16.22
CA LEU H 118 -36.63 -84.69 16.84
C LEU H 118 -35.66 -84.57 18.02
N LYS H 119 -34.52 -83.90 17.77
CA LYS H 119 -33.54 -83.57 18.81
C LYS H 119 -34.14 -82.67 19.89
N SER H 120 -34.90 -81.65 19.50
CA SER H 120 -35.49 -80.74 20.48
C SER H 120 -36.33 -81.47 21.49
N ILE H 121 -37.02 -82.51 21.03
CA ILE H 121 -37.84 -83.41 21.87
C ILE H 121 -36.94 -84.32 22.71
N LEU H 122 -36.12 -85.11 22.01
CA LEU H 122 -35.15 -85.98 22.68
C LEU H 122 -34.38 -85.28 23.80
N PHE H 123 -33.88 -84.08 23.55
CA PHE H 123 -33.17 -83.41 24.62
C PHE H 123 -34.06 -82.75 25.66
N TYR H 124 -35.38 -82.79 25.47
CA TYR H 124 -36.28 -82.34 26.53
C TYR H 124 -36.42 -83.46 27.50
N ILE H 125 -36.42 -84.68 26.99
CA ILE H 125 -36.59 -85.89 27.82
C ILE H 125 -35.29 -86.23 28.57
N LEU H 126 -34.16 -86.19 27.84
CA LEU H 126 -32.83 -86.59 28.33
C LEU H 126 -32.22 -85.63 29.32
N ILE H 127 -32.33 -84.33 29.04
CA ILE H 127 -31.70 -83.35 29.92
C ILE H 127 -32.78 -82.61 30.66
N PHE H 128 -32.60 -82.50 31.99
CA PHE H 128 -33.52 -81.74 32.88
C PHE H 128 -32.90 -81.07 34.09
N HIS H 129 -33.58 -80.03 34.56
CA HIS H 129 -33.16 -79.26 35.75
C HIS H 129 -33.48 -80.12 36.99
N ASP H 130 -34.77 -80.41 37.21
CA ASP H 130 -35.30 -81.12 38.41
C ASP H 130 -35.81 -82.58 38.15
N GLU H 131 -35.61 -83.46 39.13
CA GLU H 131 -35.92 -84.89 39.01
C GLU H 131 -37.35 -85.22 39.44
N ASP H 132 -37.87 -84.40 40.37
CA ASP H 132 -39.22 -84.55 40.92
C ASP H 132 -40.28 -84.14 39.93
N GLU H 133 -39.98 -83.15 39.12
CA GLU H 133 -40.94 -82.52 38.22
C GLU H 133 -42.16 -83.38 37.82
N TRP H 134 -41.96 -84.67 37.61
CA TRP H 134 -43.07 -85.56 37.23
C TRP H 134 -43.64 -86.41 38.38
N GLY H 135 -43.00 -86.36 39.55
CA GLY H 135 -43.32 -87.24 40.68
C GLY H 135 -42.21 -88.25 40.93
N GLY H 136 -41.48 -88.07 42.04
CA GLY H 136 -40.49 -89.04 42.51
C GLY H 136 -39.32 -89.31 41.56
N ASP H 137 -39.30 -90.49 40.95
CA ASP H 137 -38.21 -90.95 40.07
C ASP H 137 -38.64 -90.88 38.60
N LEU H 138 -39.84 -90.39 38.34
CA LEU H 138 -40.37 -90.45 36.99
C LEU H 138 -39.42 -89.82 35.98
N ARG H 139 -38.93 -88.61 36.28
CA ARG H 139 -38.20 -87.88 35.27
C ARG H 139 -37.03 -88.69 34.70
N ARG H 140 -36.23 -89.23 35.63
CA ARG H 140 -35.06 -90.06 35.32
C ARG H 140 -35.41 -91.41 34.64
N GLU H 141 -36.54 -92.02 35.00
CA GLU H 141 -36.90 -93.32 34.43
C GLU H 141 -36.98 -93.23 32.90
N CYS H 142 -37.55 -92.14 32.40
CA CYS H 142 -37.70 -91.91 30.97
C CYS H 142 -36.35 -91.69 30.30
N ALA H 143 -35.59 -90.75 30.87
CA ALA H 143 -34.19 -90.49 30.46
C ALA H 143 -33.30 -91.76 30.48
N GLU H 144 -33.27 -92.47 31.62
CA GLU H 144 -32.69 -93.81 31.73
C GLU H 144 -33.14 -94.72 30.58
N GLU H 145 -34.42 -94.66 30.24
CA GLU H 145 -34.97 -95.58 29.25
C GLU H 145 -34.50 -95.20 27.86
N THR H 146 -34.71 -93.93 27.52
CA THR H 146 -34.58 -93.43 26.14
C THR H 146 -33.16 -93.55 25.61
N ILE H 147 -32.21 -93.05 26.42
CA ILE H 147 -30.80 -93.19 26.11
C ILE H 147 -30.46 -94.65 25.75
N THR H 148 -30.94 -95.57 26.59
CA THR H 148 -30.67 -97.01 26.43
C THR H 148 -31.08 -97.55 25.07
N ARG H 149 -32.13 -96.96 24.50
CA ARG H 149 -32.67 -97.46 23.27
C ARG H 149 -31.82 -96.92 22.14
N LEU H 150 -31.54 -95.61 22.22
CA LEU H 150 -30.69 -94.88 21.25
C LEU H 150 -29.36 -95.59 21.09
N VAL H 151 -28.79 -95.88 22.24
CA VAL H 151 -27.54 -96.62 22.34
C VAL H 151 -27.68 -97.99 21.73
N ASP H 152 -28.68 -98.72 22.21
CA ASP H 152 -28.95 -100.07 21.75
C ASP H 152 -29.12 -100.07 20.25
N LEU H 153 -29.88 -99.10 19.74
CA LEU H 153 -30.11 -98.96 18.29
C LEU H 153 -28.80 -98.69 17.55
N TYR H 154 -28.03 -97.71 18.05
CA TYR H 154 -26.74 -97.35 17.45
C TYR H 154 -25.78 -98.52 17.38
N VAL H 155 -25.65 -99.21 18.51
CA VAL H 155 -24.77 -100.38 18.62
C VAL H 155 -25.13 -101.48 17.62
N SER H 156 -26.42 -101.84 17.58
CA SER H 156 -26.86 -102.90 16.68
C SER H 156 -26.75 -102.39 15.25
N LYS H 157 -27.28 -101.18 15.01
CA LYS H 157 -27.30 -100.58 13.67
C LYS H 157 -25.91 -100.46 13.07
N ALA H 158 -24.90 -100.30 13.93
CA ALA H 158 -23.53 -100.09 13.48
C ALA H 158 -22.76 -101.36 13.17
N ILE H 159 -23.43 -102.50 12.98
CA ILE H 159 -22.72 -103.76 12.74
C ILE H 159 -23.21 -104.57 11.52
N GLU H 160 -24.50 -104.90 11.45
CA GLU H 160 -25.01 -105.82 10.42
C GLU H 160 -24.34 -105.54 9.09
N ASN H 161 -23.67 -106.54 8.48
CA ASN H 161 -22.91 -106.36 7.20
C ASN H 161 -23.68 -105.67 6.05
N LEU H 162 -24.77 -106.30 5.57
CA LEU H 162 -25.71 -105.66 4.62
C LEU H 162 -25.15 -105.45 3.20
N GLY H 163 -25.93 -104.79 2.33
CA GLY H 163 -25.54 -104.58 0.91
C GLY H 163 -26.56 -103.90 -0.03
N ASP H 164 -27.85 -104.21 0.17
CA ASP H 164 -28.94 -103.54 -0.55
C ASP H 164 -30.28 -103.96 0.05
N SER H 167 -28.09 -99.09 -1.28
CA SER H 167 -27.38 -100.20 -0.68
C SER H 167 -27.22 -99.86 0.80
N GLN H 168 -26.02 -99.43 1.19
CA GLN H 168 -25.75 -98.97 2.57
C GLN H 168 -25.99 -97.46 2.76
N GLU H 169 -26.44 -96.75 1.70
CA GLU H 169 -26.82 -95.34 1.83
C GLU H 169 -27.79 -95.19 3.02
N GLN H 170 -28.84 -96.03 3.02
CA GLN H 170 -29.90 -96.05 4.06
C GLN H 170 -29.32 -95.96 5.46
N ARG H 171 -28.20 -96.63 5.67
CA ARG H 171 -27.60 -96.82 7.01
C ARG H 171 -26.87 -95.58 7.52
N ASN H 172 -25.94 -95.06 6.72
CA ASN H 172 -25.06 -93.94 7.14
C ASN H 172 -25.80 -92.75 7.74
N GLN H 173 -27.01 -92.51 7.26
CA GLN H 173 -27.79 -91.41 7.76
C GLN H 173 -28.44 -91.75 9.07
N THR H 174 -28.63 -93.04 9.31
CA THR H 174 -29.12 -93.46 10.60
C THR H 174 -27.97 -93.33 11.62
N ILE H 175 -26.82 -93.94 11.32
CA ILE H 175 -25.69 -93.91 12.26
C ILE H 175 -25.28 -92.46 12.49
N GLU H 176 -25.20 -91.67 11.41
CA GLU H 176 -24.91 -90.24 11.52
C GLU H 176 -25.82 -89.56 12.55
N CYS H 177 -27.12 -89.64 12.30
CA CYS H 177 -28.09 -89.05 13.21
C CYS H 177 -27.80 -89.44 14.66
N LEU H 178 -27.41 -90.70 14.88
CA LEU H 178 -27.31 -91.24 16.24
C LEU H 178 -26.17 -90.64 17.04
N VAL H 179 -24.96 -90.87 16.55
CA VAL H 179 -23.75 -90.24 17.03
C VAL H 179 -24.04 -88.78 17.31
N ASN H 180 -24.58 -88.06 16.34
CA ASN H 180 -24.97 -86.68 16.62
C ASN H 180 -25.69 -86.63 17.98
N VAL H 181 -26.77 -87.39 18.13
CA VAL H 181 -27.54 -87.31 19.38
C VAL H 181 -26.74 -87.82 20.59
N LEU H 182 -26.12 -88.97 20.40
CA LEU H 182 -25.24 -89.54 21.40
C LEU H 182 -24.14 -88.58 21.86
N VAL H 183 -23.38 -88.02 20.92
CA VAL H 183 -22.25 -87.17 21.31
C VAL H 183 -22.75 -85.96 22.09
N HIS H 184 -23.81 -85.33 21.62
CA HIS H 184 -24.41 -84.27 22.39
C HIS H 184 -24.92 -84.74 23.73
N TYR H 185 -25.43 -85.98 23.82
CA TYR H 185 -25.89 -86.48 25.12
C TYR H 185 -24.66 -86.58 25.99
N GLY H 186 -23.72 -87.37 25.47
CA GLY H 186 -22.44 -87.60 26.08
C GLY H 186 -21.90 -86.40 26.81
N ILE H 187 -21.66 -85.31 26.08
CA ILE H 187 -20.74 -84.26 26.55
C ILE H 187 -21.25 -83.62 27.85
N GLN H 188 -22.57 -83.67 28.02
CA GLN H 188 -23.26 -83.22 29.25
C GLN H 188 -23.39 -84.33 30.31
N ARG H 189 -23.53 -85.57 29.89
CA ARG H 189 -23.83 -86.64 30.84
C ARG H 189 -22.81 -87.73 30.66
N PRO H 190 -21.53 -87.40 30.84
CA PRO H 190 -20.52 -88.40 30.44
C PRO H 190 -20.63 -89.68 31.25
N LYS H 191 -20.98 -89.57 32.55
CA LYS H 191 -21.15 -90.77 33.43
C LYS H 191 -22.13 -91.71 32.73
N GLU H 192 -23.33 -91.20 32.55
CA GLU H 192 -24.47 -91.95 32.04
C GLU H 192 -24.21 -92.54 30.65
N LEU H 193 -23.63 -91.77 29.75
CA LEU H 193 -23.40 -92.35 28.46
C LEU H 193 -22.59 -93.60 28.68
N SER H 194 -21.43 -93.45 29.33
CA SER H 194 -20.49 -94.56 29.54
C SER H 194 -21.11 -95.84 30.17
N SER H 195 -22.03 -95.69 31.12
CA SER H 195 -22.72 -96.84 31.72
C SER H 195 -23.46 -97.62 30.65
N CYS H 196 -24.29 -96.94 29.86
CA CYS H 196 -25.12 -97.63 28.85
C CYS H 196 -24.26 -98.29 27.78
N PHE H 197 -22.99 -97.86 27.72
CA PHE H 197 -22.04 -98.41 26.77
C PHE H 197 -21.31 -99.63 27.29
N CYS H 198 -21.20 -99.79 28.61
CA CYS H 198 -20.29 -100.80 29.21
C CYS H 198 -20.59 -102.24 28.72
N HIS H 199 -21.66 -102.86 29.22
CA HIS H 199 -22.02 -104.25 28.81
C HIS H 199 -21.77 -104.57 27.34
N HIS H 200 -22.13 -103.64 26.47
CA HIS H 200 -21.89 -103.80 25.03
C HIS H 200 -20.41 -103.91 24.69
N PHE H 201 -19.57 -103.11 25.36
CA PHE H 201 -18.16 -103.02 24.99
C PHE H 201 -17.45 -104.38 25.07
N LEU H 202 -18.03 -105.30 25.87
CA LEU H 202 -17.52 -106.67 26.03
C LEU H 202 -17.79 -107.51 24.77
N ASN H 203 -18.54 -106.95 23.82
CA ASN H 203 -18.82 -107.64 22.56
C ASN H 203 -18.00 -107.04 21.43
N PRO H 204 -16.93 -107.73 21.02
CA PRO H 204 -15.88 -107.29 20.09
C PRO H 204 -16.23 -106.36 18.95
N PRO H 205 -17.21 -106.70 18.10
CA PRO H 205 -17.44 -105.83 16.95
C PRO H 205 -17.95 -104.42 17.32
N THR H 206 -18.63 -104.32 18.46
CA THR H 206 -19.19 -103.05 18.91
C THR H 206 -18.12 -102.03 19.19
N ARG H 207 -16.89 -102.49 19.43
CA ARG H 207 -15.93 -101.65 20.11
C ARG H 207 -15.63 -100.38 19.35
N ILE H 208 -15.15 -100.55 18.10
CA ILE H 208 -14.74 -99.40 17.30
C ILE H 208 -15.83 -98.32 17.17
N PRO H 209 -17.09 -98.70 16.89
CA PRO H 209 -18.10 -97.67 17.02
C PRO H 209 -18.12 -97.05 18.39
N ILE H 210 -18.19 -97.85 19.44
CA ILE H 210 -18.42 -97.28 20.77
C ILE H 210 -17.29 -96.34 21.21
N LEU H 211 -16.06 -96.61 20.80
CA LEU H 211 -14.99 -95.69 21.16
C LEU H 211 -15.09 -94.41 20.36
N SER H 212 -15.20 -94.60 19.05
CA SER H 212 -15.38 -93.50 18.12
C SER H 212 -16.21 -92.40 18.72
N VAL H 213 -17.33 -92.78 19.30
CA VAL H 213 -18.17 -91.83 20.02
C VAL H 213 -17.58 -91.33 21.36
N VAL H 215 -14.30 -90.95 22.29
CA VAL H 215 -13.20 -89.98 22.11
C VAL H 215 -13.74 -88.60 21.75
N GLU H 216 -14.81 -88.61 20.95
CA GLU H 216 -15.46 -87.39 20.50
C GLU H 216 -16.15 -86.68 21.67
N VAL H 217 -16.49 -87.44 22.71
CA VAL H 217 -17.02 -86.81 23.91
C VAL H 217 -15.84 -86.27 24.75
N ILE H 218 -14.75 -87.04 24.76
CA ILE H 218 -13.59 -86.73 25.57
C ILE H 218 -12.83 -85.56 25.00
N ARG H 219 -12.68 -85.50 23.67
CA ARG H 219 -12.10 -84.33 22.95
C ARG H 219 -12.67 -82.98 23.44
N ARG H 220 -13.98 -82.83 23.50
CA ARG H 220 -14.55 -81.60 24.04
C ARG H 220 -13.96 -81.18 25.41
N GLN H 221 -13.24 -82.08 26.06
CA GLN H 221 -12.70 -81.84 27.39
C GLN H 221 -13.76 -81.19 28.29
N GLY H 222 -15.01 -81.59 28.05
CA GLY H 222 -16.17 -80.99 28.68
C GLY H 222 -16.40 -81.67 30.01
N PRO H 223 -16.89 -80.92 31.00
CA PRO H 223 -16.97 -81.44 32.35
C PRO H 223 -18.10 -82.46 32.40
N ARG H 224 -18.00 -83.45 33.29
CA ARG H 224 -16.95 -83.55 34.30
C ARG H 224 -16.52 -84.97 34.12
N LEU H 225 -15.49 -85.16 33.32
CA LEU H 225 -15.10 -86.51 32.87
C LEU H 225 -14.71 -87.53 33.97
N TYR H 226 -14.32 -87.06 35.15
CA TYR H 226 -13.77 -87.95 36.18
C TYR H 226 -14.73 -89.04 36.66
N GLU H 227 -16.02 -88.85 36.40
CA GLU H 227 -17.04 -89.85 36.76
C GLU H 227 -17.00 -91.09 35.86
N ILE H 228 -16.13 -91.11 34.86
CA ILE H 228 -16.10 -92.20 33.91
C ILE H 228 -15.44 -93.47 34.46
N PRO H 229 -14.31 -93.35 35.19
CA PRO H 229 -13.73 -94.53 35.88
C PRO H 229 -14.75 -95.36 36.68
N GLN H 230 -15.55 -94.72 37.53
CA GLN H 230 -16.65 -95.37 38.27
C GLN H 230 -17.59 -96.31 37.48
N THR H 231 -17.82 -96.04 36.21
CA THR H 231 -18.70 -96.88 35.41
C THR H 231 -18.02 -98.20 35.16
N GLY H 232 -16.69 -98.18 35.32
CA GLY H 232 -15.83 -99.31 35.01
C GLY H 232 -15.45 -99.31 33.55
N PHE H 233 -15.75 -98.20 32.87
CA PHE H 233 -15.50 -98.07 31.43
C PHE H 233 -14.00 -97.91 31.20
N TYR H 234 -13.37 -97.01 31.95
CA TYR H 234 -11.92 -96.82 31.89
C TYR H 234 -11.25 -98.19 31.99
N ASP H 235 -11.69 -99.01 32.95
CA ASP H 235 -11.07 -100.31 33.10
C ASP H 235 -11.17 -101.17 31.82
N LEU H 236 -12.34 -101.28 31.20
CA LEU H 236 -12.49 -102.05 29.94
C LEU H 236 -11.54 -101.59 28.83
N VAL H 237 -11.29 -100.28 28.76
CA VAL H 237 -10.53 -99.64 27.66
C VAL H 237 -9.06 -100.02 27.80
N LEU H 238 -8.65 -100.13 29.06
CA LEU H 238 -7.33 -100.65 29.39
C LEU H 238 -7.21 -102.06 28.85
N LYS H 239 -8.14 -102.94 29.20
CA LYS H 239 -8.15 -104.28 28.64
C LYS H 239 -8.13 -104.25 27.12
N CYS H 240 -8.86 -103.30 26.54
CA CYS H 240 -8.85 -103.22 25.10
C CYS H 240 -7.44 -102.90 24.62
N ALA H 241 -6.81 -101.94 25.30
CA ALA H 241 -5.37 -101.64 25.10
C ALA H 241 -4.48 -102.85 25.36
N GLU H 242 -4.75 -103.60 26.45
CA GLU H 242 -3.89 -104.72 26.91
C GLU H 242 -3.89 -105.91 25.98
N PHE H 243 -5.02 -106.16 25.30
CA PHE H 243 -5.31 -107.49 24.70
C PHE H 243 -5.57 -107.62 23.22
N ASP H 244 -6.13 -106.60 22.58
CA ASP H 244 -6.59 -106.67 21.15
C ASP H 244 -5.55 -106.37 20.05
N THR H 245 -5.85 -106.78 18.82
CA THR H 245 -4.91 -106.68 17.67
C THR H 245 -5.16 -105.55 16.65
N SER H 246 -6.36 -104.96 16.69
CA SER H 246 -6.83 -104.05 15.63
C SER H 246 -6.22 -102.65 15.74
N PRO H 247 -5.18 -102.37 14.94
CA PRO H 247 -4.58 -101.05 15.07
C PRO H 247 -5.62 -99.94 15.14
N ILE H 248 -6.59 -99.94 14.22
CA ILE H 248 -7.63 -98.90 14.27
C ILE H 248 -8.14 -98.73 15.72
N LEU H 249 -8.72 -99.80 16.26
CA LEU H 249 -9.27 -99.81 17.61
C LEU H 249 -8.23 -99.42 18.65
N LEU H 250 -7.00 -99.87 18.44
CA LEU H 250 -5.93 -99.52 19.36
C LEU H 250 -5.62 -98.00 19.36
N SER H 251 -5.44 -97.40 18.19
CA SER H 251 -5.23 -95.94 18.17
C SER H 251 -6.38 -95.24 18.92
N TYR H 252 -7.63 -95.68 18.64
CA TYR H 252 -8.84 -95.17 19.33
C TYR H 252 -8.80 -95.24 20.88
N ALA H 253 -8.27 -96.36 21.37
CA ALA H 253 -8.16 -96.62 22.78
C ALA H 253 -7.18 -95.66 23.37
N LEU H 254 -5.97 -95.66 22.83
CA LEU H 254 -4.89 -94.80 23.33
C LEU H 254 -5.38 -93.36 23.51
N SER H 255 -5.95 -92.82 22.44
CA SER H 255 -6.48 -91.48 22.50
C SER H 255 -7.32 -91.41 23.72
N PHE H 256 -8.23 -92.36 23.86
CA PHE H 256 -9.14 -92.27 24.98
C PHE H 256 -8.37 -92.12 26.29
N ILE H 257 -7.44 -93.04 26.53
CA ILE H 257 -6.81 -93.11 27.83
C ILE H 257 -5.97 -91.87 28.02
N LEU H 258 -5.29 -91.45 26.95
CA LEU H 258 -4.43 -90.24 26.97
C LEU H 258 -5.19 -88.97 27.37
N ILE H 260 -8.02 -88.78 28.94
CA ILE H 260 -8.72 -88.89 30.23
C ILE H 260 -7.77 -88.93 31.45
N LEU H 261 -6.52 -89.32 31.18
CA LEU H 261 -5.46 -89.44 32.19
C LEU H 261 -5.32 -88.22 33.12
N SER H 262 -5.42 -87.03 32.54
CA SER H 262 -5.31 -85.80 33.32
C SER H 262 -6.46 -85.59 34.30
N HIS H 263 -7.62 -86.20 34.05
CA HIS H 263 -8.80 -85.98 34.88
C HIS H 263 -8.95 -86.97 36.05
N ILE H 264 -7.83 -87.51 36.50
CA ILE H 264 -7.84 -88.74 37.26
C ILE H 264 -6.73 -88.66 38.35
N CYS H 265 -5.46 -88.84 37.94
CA CYS H 265 -4.29 -88.91 38.85
C CYS H 265 -4.42 -89.91 40.02
N ASN H 266 -5.67 -90.32 40.29
CA ASN H 266 -6.01 -91.18 41.40
C ASN H 266 -6.24 -92.62 40.97
N SER H 267 -6.97 -92.81 39.87
CA SER H 267 -7.03 -94.14 39.22
C SER H 267 -5.70 -94.51 38.52
N LEU H 268 -4.72 -93.59 38.58
CA LEU H 268 -3.35 -93.83 38.11
C LEU H 268 -2.63 -94.76 39.08
N ASP H 269 -2.87 -94.50 40.34
CA ASP H 269 -2.27 -95.27 41.39
C ASP H 269 -2.87 -96.69 41.34
N ASP H 270 -3.93 -96.85 40.53
CA ASP H 270 -4.66 -98.12 40.38
C ASP H 270 -4.30 -98.84 39.07
N SER H 271 -3.95 -98.07 38.04
CA SER H 271 -3.63 -98.63 36.72
C SER H 271 -2.12 -98.56 36.32
N LEU H 272 -1.29 -97.98 37.17
CA LEU H 272 0.09 -97.69 36.79
C LEU H 272 0.70 -98.87 36.04
N TYR H 273 0.70 -100.04 36.66
CA TYR H 273 1.47 -101.18 36.11
C TYR H 273 0.90 -101.57 34.74
N ARG H 274 -0.42 -101.43 34.62
CA ARG H 274 -1.14 -101.77 33.40
C ARG H 274 -0.58 -100.85 32.35
N LEU H 275 -0.69 -99.54 32.63
CA LEU H 275 -0.13 -98.50 31.78
C LEU H 275 1.36 -98.81 31.43
N PHE H 276 2.15 -99.25 32.41
CA PHE H 276 3.55 -99.52 32.09
C PHE H 276 3.57 -100.51 30.94
N CYS H 277 2.59 -101.40 30.93
CA CYS H 277 2.56 -102.51 29.95
C CYS H 277 1.96 -102.08 28.62
N ILE H 278 1.03 -101.14 28.70
CA ILE H 278 0.46 -100.52 27.50
C ILE H 278 1.53 -99.66 26.78
N TYR H 279 2.33 -98.89 27.55
CA TYR H 279 3.41 -98.07 26.95
C TYR H 279 4.35 -98.99 26.16
N LEU H 280 4.74 -100.07 26.83
CA LEU H 280 5.54 -101.15 26.26
C LEU H 280 4.93 -101.67 24.96
N ARG H 281 3.66 -102.04 25.06
CA ARG H 281 2.98 -102.69 23.96
C ARG H 281 3.01 -101.83 22.71
N PHE H 282 2.57 -100.59 22.90
CA PHE H 282 2.39 -99.67 21.78
C PHE H 282 3.75 -99.18 21.27
N SER H 283 4.73 -99.02 22.15
CA SER H 283 6.07 -98.74 21.65
C SER H 283 6.55 -99.82 20.65
N ILE H 285 4.95 -102.04 18.62
CA ILE H 285 4.25 -102.03 17.32
C ILE H 285 5.16 -102.12 16.13
N ASP H 286 4.74 -102.86 15.11
CA ASP H 286 5.65 -103.29 14.05
C ASP H 286 4.97 -103.31 12.64
N PRO H 287 5.69 -102.87 11.59
CA PRO H 287 5.08 -102.75 10.25
C PRO H 287 4.62 -104.06 9.61
N THR H 288 5.01 -105.18 10.18
CA THR H 288 4.75 -106.47 9.57
C THR H 288 3.93 -107.32 10.53
N SER H 289 4.46 -107.49 11.75
CA SER H 289 3.80 -108.25 12.82
C SER H 289 2.73 -107.47 13.58
N GLY H 290 2.67 -106.16 13.34
CA GLY H 290 1.67 -105.33 14.00
C GLY H 290 1.96 -105.23 15.48
N PHE H 291 0.94 -105.18 16.30
CA PHE H 291 1.20 -105.18 17.72
C PHE H 291 1.68 -106.56 18.19
N PRO H 292 2.34 -106.59 19.37
CA PRO H 292 2.50 -107.79 20.16
C PRO H 292 1.15 -108.32 20.57
N SER H 293 0.92 -109.60 20.26
CA SER H 293 -0.27 -110.33 20.68
C SER H 293 -0.10 -110.79 22.14
N SER H 294 -1.15 -110.62 22.92
CA SER H 294 -1.15 -111.07 24.31
C SER H 294 -1.04 -112.60 24.33
N THR H 295 -0.96 -113.17 25.53
CA THR H 295 -1.20 -114.61 25.70
C THR H 295 -2.38 -114.78 26.66
N ALA H 296 -2.43 -114.01 27.76
CA ALA H 296 -3.52 -114.15 28.76
C ALA H 296 -4.89 -113.99 28.07
N SER H 297 -5.48 -112.80 28.13
CA SER H 297 -6.81 -112.56 27.59
C SER H 297 -7.77 -112.85 28.74
N GLY H 298 -7.63 -114.04 29.31
CA GLY H 298 -8.56 -114.57 30.29
C GLY H 298 -9.95 -114.74 29.72
N ASN H 299 -10.91 -114.07 30.37
CA ASN H 299 -12.29 -114.04 29.94
C ASN H 299 -12.61 -112.73 29.23
N TRP H 300 -11.67 -112.21 28.43
CA TRP H 300 -11.85 -110.90 27.78
C TRP H 300 -12.48 -111.03 26.38
N GLU H 301 -11.92 -111.88 25.54
CA GLU H 301 -12.44 -112.02 24.17
C GLU H 301 -11.89 -110.95 23.22
N VAL H 302 -10.90 -111.35 22.43
CA VAL H 302 -9.99 -110.45 21.74
C VAL H 302 -10.47 -110.10 20.34
N PHE H 303 -10.71 -108.80 20.11
CA PHE H 303 -10.97 -108.30 18.76
C PHE H 303 -9.71 -108.28 17.87
N HIS H 304 -9.64 -109.17 16.89
CA HIS H 304 -8.67 -109.04 15.82
C HIS H 304 -9.35 -108.31 14.70
N ASP H 305 -8.60 -108.04 13.64
CA ASP H 305 -9.19 -107.25 12.58
C ASP H 305 -10.00 -108.20 11.74
N PHE H 306 -9.36 -108.91 10.85
CA PHE H 306 -10.11 -109.86 10.04
C PHE H 306 -10.55 -110.98 10.98
N SER H 308 -13.45 -112.79 9.97
CA SER H 308 -13.92 -113.76 8.97
C SER H 308 -12.78 -114.45 8.20
N SER H 339 -2.37 -88.80 16.14
CA SER H 339 -1.30 -87.88 16.59
C SER H 339 -0.87 -88.12 18.03
N LEU H 340 -1.80 -88.61 18.85
CA LEU H 340 -1.59 -88.94 20.30
C LEU H 340 -0.82 -90.26 20.51
N ASP H 341 0.40 -90.38 19.98
CA ASP H 341 1.06 -91.69 19.94
C ASP H 341 1.63 -92.08 21.30
N TYR H 342 2.37 -93.16 21.31
CA TYR H 342 2.95 -93.63 22.54
C TYR H 342 3.93 -92.64 23.20
N SER H 343 4.56 -91.78 22.40
CA SER H 343 5.42 -90.72 22.93
C SER H 343 4.70 -89.88 23.96
N GLN H 344 3.38 -89.69 23.80
CA GLN H 344 2.60 -88.84 24.72
C GLN H 344 2.53 -89.48 26.06
N LEU H 345 2.22 -90.77 26.03
CA LEU H 345 2.19 -91.58 27.25
C LEU H 345 3.53 -91.52 28.04
N PHE H 346 4.64 -91.73 27.34
CA PHE H 346 5.98 -91.59 27.93
C PHE H 346 6.19 -90.30 28.66
N SER H 347 5.71 -89.19 28.12
CA SER H 347 5.93 -87.91 28.76
C SER H 347 5.16 -87.79 30.07
N ILE H 348 4.06 -88.52 30.22
CA ILE H 348 3.25 -88.37 31.41
C ILE H 348 3.69 -89.36 32.48
N LEU H 349 4.09 -90.55 32.05
CA LEU H 349 4.68 -91.51 32.96
C LEU H 349 6.03 -91.06 33.47
N TYR H 350 6.72 -90.17 32.74
CA TYR H 350 8.06 -89.73 33.16
C TYR H 350 7.89 -88.61 34.17
N ALA H 351 7.03 -87.64 33.85
CA ALA H 351 6.45 -86.79 34.90
C ALA H 351 5.74 -87.78 35.76
N LEU H 352 5.47 -87.47 37.03
CA LEU H 352 4.68 -88.42 37.91
C LEU H 352 5.36 -89.72 38.46
N TYR H 353 5.79 -90.62 37.58
CA TYR H 353 6.33 -91.88 38.06
C TYR H 353 7.67 -92.21 37.46
N PRO H 354 8.55 -91.20 37.41
CA PRO H 354 9.79 -91.26 36.66
C PRO H 354 10.66 -92.45 36.98
N ILE H 355 10.74 -92.76 38.27
CA ILE H 355 11.77 -93.66 38.76
C ILE H 355 11.39 -95.08 38.43
N ASN H 356 10.13 -95.42 38.79
CA ASN H 356 9.56 -96.75 38.54
C ASN H 356 9.45 -97.04 37.06
N PHE H 357 9.04 -96.02 36.30
CA PHE H 357 8.93 -96.11 34.86
C PHE H 357 10.29 -96.42 34.29
N LEU H 358 11.31 -95.59 34.58
CA LEU H 358 12.66 -95.85 34.03
C LEU H 358 13.24 -97.14 34.53
N GLU H 359 12.90 -97.53 35.76
CA GLU H 359 13.27 -98.85 36.28
C GLU H 359 12.52 -99.97 35.61
N PHE H 360 11.27 -99.75 35.28
CA PHE H 360 10.51 -100.71 34.45
C PHE H 360 11.11 -100.87 33.04
N LEU H 361 11.51 -99.78 32.41
CA LEU H 361 12.05 -99.88 31.03
C LEU H 361 13.48 -100.41 30.96
N ARG H 362 14.15 -100.60 32.09
CA ARG H 362 15.48 -101.14 32.04
C ARG H 362 15.33 -102.64 31.92
N ASP H 363 14.52 -103.20 32.81
CA ASP H 363 14.17 -104.61 32.73
C ASP H 363 12.71 -104.86 33.09
N PRO H 364 11.88 -105.03 32.05
CA PRO H 364 10.43 -105.17 32.23
C PRO H 364 9.99 -106.50 32.83
N LYS H 365 10.68 -107.59 32.53
CA LYS H 365 10.29 -108.93 33.06
C LYS H 365 10.54 -108.94 34.55
N LEU H 366 11.71 -108.37 34.86
CA LEU H 366 12.21 -108.31 36.20
C LEU H 366 11.35 -107.39 37.03
N TYR H 367 11.03 -106.20 36.52
CA TYR H 367 10.22 -105.24 37.28
C TYR H 367 8.85 -105.81 37.55
N ALA H 368 8.40 -106.75 36.70
CA ALA H 368 7.07 -107.32 36.77
C ALA H 368 6.90 -108.35 37.91
N SER H 369 7.95 -109.12 38.19
CA SER H 369 8.09 -109.69 39.55
C SER H 369 8.38 -108.55 40.50
N LYS H 370 8.07 -108.69 41.77
CA LYS H 370 8.54 -107.72 42.74
C LYS H 370 7.52 -106.66 42.94
N HIS H 371 6.92 -106.30 41.81
CA HIS H 371 5.65 -105.64 41.84
C HIS H 371 4.54 -106.66 41.45
N ASN H 372 4.91 -107.82 40.92
CA ASN H 372 3.93 -108.90 40.80
C ASN H 372 2.85 -108.60 39.75
N PHE H 373 3.26 -108.70 38.51
CA PHE H 373 2.33 -108.76 37.43
C PHE H 373 3.10 -109.52 36.35
N GLN H 374 2.53 -109.62 35.14
CA GLN H 374 3.18 -110.34 34.06
C GLN H 374 3.32 -109.53 32.81
N ILE H 375 4.41 -109.80 32.08
CA ILE H 375 4.64 -109.17 30.80
C ILE H 375 4.15 -110.18 29.81
N ARG H 376 3.06 -109.85 29.15
CA ARG H 376 2.36 -110.80 28.30
C ARG H 376 3.00 -110.87 26.93
N TYR H 377 3.82 -109.89 26.60
CA TYR H 377 4.25 -109.69 25.24
C TYR H 377 5.69 -110.17 25.02
N SER H 378 5.88 -110.83 23.89
CA SER H 378 7.21 -111.15 23.40
C SER H 378 7.76 -109.81 22.92
N PHE H 379 9.06 -109.57 23.07
CA PHE H 379 9.60 -108.23 22.75
C PHE H 379 11.09 -108.07 22.71
N ASN H 380 11.50 -107.02 22.03
CA ASN H 380 12.90 -106.73 21.77
C ASN H 380 13.37 -105.67 22.71
N GLN H 381 14.30 -106.00 23.60
CA GLN H 381 14.88 -105.01 24.52
C GLN H 381 15.70 -103.90 23.84
N GLU H 382 16.65 -104.25 22.99
CA GLU H 382 17.53 -103.22 22.46
C GLU H 382 16.65 -102.15 21.83
N LEU H 383 15.55 -102.60 21.27
CA LEU H 383 14.61 -101.70 20.63
C LEU H 383 13.90 -100.79 21.61
N LEU H 384 13.46 -101.34 22.72
CA LEU H 384 12.72 -100.56 23.71
C LEU H 384 13.68 -99.62 24.30
N SER H 385 14.94 -100.07 24.42
CA SER H 385 16.01 -99.20 24.88
C SER H 385 16.26 -98.05 23.87
N THR H 386 16.66 -98.37 22.64
CA THR H 386 16.81 -97.36 21.58
C THR H 386 15.59 -96.40 21.52
N LYS H 387 14.39 -96.90 21.26
CA LYS H 387 13.20 -96.05 21.14
C LYS H 387 12.95 -95.14 22.32
N SER H 388 13.16 -95.65 23.52
CA SER H 388 12.78 -94.96 24.74
C SER H 388 13.92 -94.03 25.17
N ASP H 389 15.15 -94.39 24.78
CA ASP H 389 16.29 -93.50 24.96
C ASP H 389 16.13 -92.21 24.14
N GLY H 390 15.58 -92.37 22.94
CA GLY H 390 15.10 -91.25 22.13
C GLY H 390 14.16 -90.35 22.88
N LEU H 391 13.02 -90.86 23.28
CA LEU H 391 12.06 -90.00 23.97
C LEU H 391 12.60 -89.32 25.23
N LEU H 392 13.55 -89.97 25.90
CA LEU H 392 14.01 -89.51 27.20
C LEU H 392 14.88 -88.28 27.03
N GLY H 393 15.89 -88.38 26.17
CA GLY H 393 16.73 -87.23 25.77
C GLY H 393 15.99 -85.90 25.60
N ARG H 394 14.75 -85.99 25.13
CA ARG H 394 13.92 -84.83 24.93
C ARG H 394 13.32 -84.33 26.23
N HIS H 395 13.70 -84.88 27.36
CA HIS H 395 13.16 -84.37 28.63
C HIS H 395 14.27 -83.80 29.57
N LEU H 396 13.83 -83.06 30.57
CA LEU H 396 14.70 -82.62 31.63
C LEU H 396 14.76 -83.59 32.80
N ALA H 397 15.97 -83.77 33.29
CA ALA H 397 16.21 -84.53 34.50
C ALA H 397 15.19 -84.17 35.58
N HIS H 398 14.57 -85.21 36.17
CA HIS H 398 13.40 -85.07 37.09
C HIS H 398 13.89 -84.89 38.52
N SER H 399 13.23 -84.06 39.30
CA SER H 399 13.62 -83.85 40.70
C SER H 399 13.31 -85.01 41.68
N ASN H 400 12.57 -86.01 41.24
CA ASN H 400 12.20 -87.14 42.07
C ASN H 400 13.36 -88.01 42.42
N PHE H 401 14.40 -88.02 41.60
CA PHE H 401 15.63 -88.81 41.89
C PHE H 401 16.47 -88.22 43.06
N LEU H 402 16.12 -87.01 43.52
CA LEU H 402 16.82 -86.38 44.64
C LEU H 402 15.98 -86.33 45.93
N LYS H 403 14.72 -86.79 45.88
CA LYS H 403 13.83 -86.83 47.07
C LYS H 403 13.30 -88.26 47.44
N TYR H 404 13.28 -89.19 46.49
CA TYR H 404 12.61 -90.47 46.66
C TYR H 404 13.38 -91.65 46.07
N THR H 405 13.04 -92.84 46.56
CA THR H 405 13.41 -94.14 46.00
C THR H 405 12.31 -94.61 45.04
N ALA H 406 12.21 -95.90 44.74
CA ALA H 406 11.02 -96.41 44.01
C ALA H 406 9.84 -96.64 44.95
N GLU H 407 10.10 -97.28 46.08
CA GLU H 407 9.01 -97.59 47.00
C GLU H 407 8.40 -96.25 47.45
N THR H 408 9.23 -95.30 47.93
CA THR H 408 8.76 -93.96 48.34
C THR H 408 8.07 -93.22 47.20
N GLU H 409 8.50 -93.46 45.97
CA GLU H 409 7.74 -92.86 44.87
C GLU H 409 6.31 -93.44 44.72
N LEU H 410 6.13 -94.72 45.08
CA LEU H 410 4.81 -95.36 44.97
C LEU H 410 4.02 -95.18 46.26
N THR H 411 4.64 -95.45 47.39
CA THR H 411 4.02 -95.13 48.65
C THR H 411 4.47 -93.75 49.05
N ASP H 412 3.52 -92.85 49.29
CA ASP H 412 3.77 -91.50 49.83
C ASP H 412 2.94 -90.46 49.07
N LYS H 413 1.76 -90.17 49.61
CA LYS H 413 0.89 -89.15 49.06
C LYS H 413 1.34 -87.72 49.41
N SER H 414 2.35 -87.58 50.27
CA SER H 414 2.90 -86.28 50.61
C SER H 414 3.78 -85.74 49.50
N ARG H 415 3.89 -86.49 48.40
CA ARG H 415 4.35 -85.90 47.15
C ARG H 415 3.28 -84.94 46.58
N TRP H 416 2.05 -85.43 46.41
CA TRP H 416 0.94 -84.65 45.77
C TRP H 416 0.44 -83.36 46.52
N THR H 417 1.23 -82.85 47.48
CA THR H 417 1.02 -81.51 48.07
C THR H 417 1.62 -80.46 47.14
N ARG H 418 2.87 -80.70 46.70
CA ARG H 418 3.51 -79.90 45.64
C ARG H 418 2.53 -79.53 44.51
N LEU H 419 1.44 -80.31 44.38
CA LEU H 419 0.54 -80.27 43.21
C LEU H 419 -0.59 -79.24 43.31
N ASP H 420 -0.55 -78.38 44.32
CA ASP H 420 -1.44 -77.22 44.39
C ASP H 420 -0.64 -75.94 44.18
N SER H 421 0.62 -75.95 44.61
CA SER H 421 1.53 -74.80 44.45
C SER H 421 1.98 -74.61 42.99
N ILE H 422 1.84 -75.65 42.16
CA ILE H 422 2.07 -75.52 40.72
C ILE H 422 0.75 -75.28 39.97
N ALA H 423 -0.39 -75.59 40.60
CA ALA H 423 -1.72 -75.35 39.98
C ALA H 423 -2.13 -73.88 40.10
N VAL H 424 -1.91 -73.30 41.28
CA VAL H 424 -2.12 -71.87 41.51
C VAL H 424 -1.26 -71.07 40.52
N VAL H 425 0.06 -71.17 40.67
CA VAL H 425 1.04 -70.45 39.84
C VAL H 425 0.80 -70.67 38.35
N ALA H 426 0.39 -71.88 37.97
CA ALA H 426 -0.04 -72.16 36.61
C ALA H 426 -1.15 -71.22 36.22
N LEU H 427 -2.18 -71.23 37.07
CA LEU H 427 -3.45 -70.57 36.79
C LEU H 427 -3.21 -69.11 36.51
N CYS H 428 -2.56 -68.43 37.44
CA CYS H 428 -2.39 -66.99 37.35
C CYS H 428 -1.66 -66.55 36.10
N ASN H 429 -0.83 -67.43 35.57
CA ASN H 429 -0.08 -67.14 34.35
C ASN H 429 -0.91 -67.25 33.08
N SER H 430 -1.99 -68.03 33.14
CA SER H 430 -2.92 -68.10 32.00
C SER H 430 -3.86 -66.88 32.01
N LEU H 431 -3.93 -66.17 33.11
CA LEU H 431 -4.69 -64.94 33.17
C LEU H 431 -3.81 -63.73 32.85
N ASN H 432 -2.58 -63.97 32.37
CA ASN H 432 -1.72 -62.85 31.96
C ASN H 432 -1.97 -62.48 30.53
N ALA H 433 -2.24 -61.22 30.26
CA ALA H 433 -2.20 -60.69 28.91
C ALA H 433 -0.77 -60.21 28.60
N VAL H 434 0.09 -60.18 29.62
CA VAL H 434 1.38 -59.48 29.60
C VAL H 434 1.13 -57.99 29.89
N PRO I 5 93.30 -74.22 18.26
CA PRO I 5 91.85 -73.90 18.11
C PRO I 5 91.13 -73.21 19.31
N LEU I 6 91.40 -73.69 20.53
CA LEU I 6 90.82 -73.21 21.79
C LEU I 6 91.43 -71.87 22.25
N GLN I 7 92.49 -71.44 21.58
CA GLN I 7 93.55 -70.64 22.21
C GLN I 7 93.37 -69.11 22.00
N SER I 8 92.72 -68.69 20.92
CA SER I 8 92.37 -67.27 20.77
C SER I 8 90.98 -66.88 21.30
N LEU I 9 90.18 -67.87 21.75
CA LEU I 9 88.84 -67.60 22.33
C LEU I 9 88.99 -67.20 23.76
N VAL I 10 89.85 -67.93 24.48
CA VAL I 10 90.12 -67.62 25.89
C VAL I 10 90.67 -66.17 25.96
N LYS I 11 91.39 -65.73 24.93
CA LYS I 11 91.74 -64.32 24.80
C LYS I 11 90.50 -63.40 24.81
N ALA I 12 89.61 -63.65 23.84
CA ALA I 12 88.34 -62.92 23.72
C ALA I 12 87.58 -62.85 25.03
N LEU I 13 87.74 -63.90 25.82
CA LEU I 13 87.12 -64.03 27.15
C LEU I 13 87.72 -63.08 28.24
N TRP I 14 89.04 -62.93 28.29
CA TRP I 14 89.64 -61.92 29.16
C TRP I 14 89.22 -60.59 28.57
N ASN I 15 89.59 -60.35 27.31
CA ASN I 15 89.23 -59.13 26.61
C ASN I 15 87.91 -58.52 27.05
N VAL I 16 86.86 -59.33 26.95
CA VAL I 16 85.50 -58.85 27.19
C VAL I 16 85.22 -58.55 28.67
N LEU I 17 85.91 -59.24 29.59
CA LEU I 17 85.70 -59.00 31.03
C LEU I 17 86.74 -58.05 31.70
N HIS I 18 87.02 -56.93 31.00
CA HIS I 18 87.76 -55.75 31.50
C HIS I 18 87.19 -54.46 30.91
N ASP I 27 80.86 -54.46 23.99
CA ASP I 27 81.05 -55.11 22.65
C ASP I 27 81.47 -56.60 22.73
N LEU I 28 80.48 -57.48 22.92
CA LEU I 28 80.73 -58.91 22.88
C LEU I 28 81.01 -59.42 21.46
N THR I 29 80.79 -58.55 20.47
CA THR I 29 81.01 -58.83 19.05
C THR I 29 82.15 -59.86 18.80
N GLU I 30 83.30 -59.63 19.44
CA GLU I 30 84.51 -60.48 19.28
C GLU I 30 84.30 -61.89 19.86
N LEU I 31 83.99 -61.97 21.15
CA LEU I 31 83.70 -63.23 21.83
C LEU I 31 82.71 -64.05 21.03
N ILE I 32 81.71 -63.36 20.51
CA ILE I 32 80.69 -63.97 19.69
C ILE I 32 81.30 -64.63 18.46
N ALA I 33 81.96 -63.85 17.61
CA ALA I 33 82.67 -64.41 16.45
C ALA I 33 83.63 -65.60 16.76
N GLU I 34 84.38 -65.53 17.87
CA GLU I 34 85.23 -66.67 18.31
C GLU I 34 84.45 -67.96 18.59
N VAL I 35 83.34 -67.82 19.30
CA VAL I 35 82.49 -68.95 19.57
C VAL I 35 82.11 -69.65 18.27
N GLU I 36 81.68 -68.88 17.26
CA GLU I 36 81.27 -69.43 15.97
C GLU I 36 82.35 -70.28 15.32
N SER I 37 83.53 -69.69 15.09
CA SER I 37 84.63 -70.51 14.57
C SER I 37 84.96 -71.69 15.53
N TYR I 38 84.84 -71.55 16.85
CA TYR I 38 84.94 -72.71 17.76
C TYR I 38 83.91 -73.79 17.43
N GLN I 39 82.68 -73.37 17.07
CA GLN I 39 81.58 -74.31 16.74
C GLN I 39 81.62 -74.80 15.31
N GLN I 40 82.70 -74.50 14.62
CA GLN I 40 82.97 -75.15 13.37
C GLN I 40 84.11 -76.14 13.42
N ARG I 41 84.91 -76.11 14.46
CA ARG I 41 85.81 -77.21 14.68
C ARG I 41 85.15 -78.14 15.69
N TYR I 42 84.15 -77.62 16.43
CA TYR I 42 83.53 -78.34 17.56
C TYR I 42 82.04 -77.97 17.74
N PRO I 43 81.19 -78.37 16.77
CA PRO I 43 79.77 -78.09 16.96
C PRO I 43 79.10 -79.00 17.98
N LYS I 44 79.69 -80.14 18.33
CA LYS I 44 79.24 -80.82 19.54
C LYS I 44 80.19 -80.42 20.66
N GLN I 45 79.84 -80.80 21.88
CA GLN I 45 80.67 -80.53 23.02
C GLN I 45 81.92 -81.37 22.96
N ASN I 46 83.04 -80.73 23.27
CA ASN I 46 84.33 -81.36 23.43
C ASN I 46 84.65 -81.47 24.93
N PRO I 47 84.55 -82.69 25.51
CA PRO I 47 84.71 -82.76 26.96
C PRO I 47 85.99 -82.10 27.50
N THR I 48 87.10 -82.19 26.76
CA THR I 48 88.39 -81.66 27.25
C THR I 48 88.51 -80.14 27.07
N ASN I 49 87.45 -79.51 26.55
CA ASN I 49 87.32 -78.03 26.43
C ASN I 49 86.17 -77.46 27.24
N SER I 50 85.21 -78.29 27.60
CA SER I 50 84.41 -78.02 28.76
C SER I 50 85.46 -77.84 29.87
N GLN I 51 86.05 -78.94 30.35
CA GLN I 51 86.90 -78.88 31.53
C GLN I 51 87.96 -77.76 31.49
N LYS I 52 88.27 -77.22 30.32
CA LYS I 52 89.26 -76.15 30.26
C LYS I 52 88.63 -74.79 30.42
N ILE I 53 87.69 -74.45 29.55
CA ILE I 53 87.01 -73.15 29.62
C ILE I 53 86.42 -72.84 30.99
N ARG I 54 85.66 -73.79 31.55
CA ARG I 54 85.10 -73.66 32.91
C ARG I 54 86.13 -73.23 33.97
N HIS I 55 87.35 -73.77 33.81
CA HIS I 55 88.49 -73.55 34.72
C HIS I 55 88.98 -72.09 34.60
N ILE I 56 89.13 -71.59 33.37
CA ILE I 56 89.33 -70.16 33.14
C ILE I 56 88.31 -69.31 33.90
N LEU I 57 87.04 -69.67 33.78
CA LEU I 57 85.97 -68.87 34.33
C LEU I 57 86.10 -68.74 35.86
N ASP I 58 86.61 -69.78 36.51
CA ASP I 58 86.92 -69.64 37.95
C ASP I 58 88.01 -68.61 38.27
N GLU I 59 88.96 -68.45 37.35
CA GLU I 59 89.94 -67.38 37.41
C GLU I 59 89.26 -66.04 37.21
N ILE I 60 88.49 -65.90 36.14
CA ILE I 60 87.91 -64.60 35.84
C ILE I 60 86.86 -64.20 36.88
N TYR I 61 86.23 -65.17 37.56
CA TYR I 61 85.28 -64.85 38.63
C TYR I 61 85.96 -64.37 39.95
N GLU I 62 87.22 -64.77 40.19
CA GLU I 62 88.01 -64.25 41.31
C GLU I 62 88.74 -62.95 40.98
N LYS I 63 88.88 -62.65 39.69
CA LYS I 63 89.37 -61.36 39.26
C LYS I 63 88.22 -60.35 39.21
N THR I 64 87.07 -60.73 38.64
CA THR I 64 85.85 -59.87 38.58
C THR I 64 84.60 -60.71 38.94
N PRO I 65 83.80 -60.32 39.96
CA PRO I 65 82.64 -61.13 40.37
C PRO I 65 81.20 -60.55 40.08
N PHE I 66 80.22 -60.97 40.90
CA PHE I 66 78.80 -60.69 40.69
C PHE I 66 78.26 -59.74 41.77
N ASN I 67 78.69 -58.48 41.68
CA ASN I 67 78.56 -57.53 42.80
C ASN I 67 77.82 -56.25 42.43
N ASN I 68 78.19 -55.67 41.30
CA ASN I 68 77.47 -54.54 40.75
C ASN I 68 76.78 -54.97 39.47
N THR I 69 75.94 -54.11 38.90
CA THR I 69 75.11 -54.48 37.75
C THR I 69 75.79 -54.33 36.33
N ARG I 70 76.79 -53.49 36.14
CA ARG I 70 77.57 -53.56 34.88
C ARG I 70 78.13 -54.98 34.67
N ARG I 71 78.71 -55.55 35.72
CA ARG I 71 79.32 -56.88 35.67
C ARG I 71 78.30 -57.98 35.44
N ARG I 72 77.25 -57.97 36.26
CA ARG I 72 76.23 -59.02 36.25
C ARG I 72 75.65 -59.18 34.85
N ILE I 73 75.28 -58.06 34.24
CA ILE I 73 74.96 -57.96 32.81
C ILE I 73 76.01 -58.68 31.97
N LEU I 74 77.25 -58.20 32.08
CA LEU I 74 78.34 -58.77 31.31
C LEU I 74 78.43 -60.29 31.50
N TRP I 75 78.50 -60.73 32.75
CA TRP I 75 78.52 -62.16 33.04
C TRP I 75 77.36 -62.92 32.39
N LEU I 76 76.11 -62.47 32.62
CA LEU I 76 74.96 -63.15 32.02
C LEU I 76 75.04 -63.14 30.50
N ALA I 77 75.43 -62.04 29.88
CA ALA I 77 75.60 -62.02 28.44
C ALA I 77 76.63 -63.02 27.94
N VAL I 78 77.69 -63.28 28.72
CA VAL I 78 78.82 -64.12 28.28
C VAL I 78 78.63 -65.62 28.55
N LEU I 79 78.23 -65.99 29.75
CA LEU I 79 77.70 -67.36 30.01
C LEU I 79 76.56 -67.80 29.05
N LYS I 80 75.73 -66.85 28.66
CA LYS I 80 74.66 -67.10 27.73
C LYS I 80 75.28 -67.38 26.35
N THR I 81 76.39 -66.73 26.00
CA THR I 81 77.02 -67.14 24.74
C THR I 81 77.81 -68.47 24.85
N VAL I 82 78.28 -68.86 26.02
CA VAL I 82 79.20 -70.02 26.07
C VAL I 82 78.70 -71.26 26.80
N ILE I 83 77.57 -71.21 27.49
CA ILE I 83 77.04 -72.44 28.09
C ILE I 83 76.80 -73.58 27.03
N PRO I 84 76.37 -73.22 25.79
CA PRO I 84 76.25 -74.31 24.81
C PRO I 84 77.53 -75.13 24.59
N LEU I 85 78.70 -74.55 24.87
CA LEU I 85 79.97 -75.23 24.68
C LEU I 85 80.26 -76.20 25.79
N LEU I 86 79.71 -75.95 26.96
CA LEU I 86 80.21 -76.64 28.12
C LEU I 86 79.38 -77.88 28.41
N ILE I 87 80.02 -78.76 29.19
CA ILE I 87 79.37 -79.91 29.79
C ILE I 87 79.42 -79.60 31.28
N LEU I 88 78.42 -80.04 32.03
CA LEU I 88 78.36 -79.74 33.45
C LEU I 88 78.08 -81.01 34.22
N ASP I 89 78.10 -80.86 35.54
CA ASP I 89 77.53 -81.86 36.44
C ASP I 89 76.88 -81.17 37.66
N ARG I 90 76.32 -81.97 38.57
CA ARG I 90 75.59 -81.45 39.74
C ARG I 90 76.44 -80.46 40.51
N GLN I 91 77.73 -80.77 40.63
CA GLN I 91 78.62 -79.95 41.44
C GLN I 91 78.83 -78.57 40.81
N ALA I 92 78.93 -78.53 39.49
CA ALA I 92 79.10 -77.27 38.74
C ALA I 92 77.84 -76.39 38.79
N VAL I 93 76.66 -76.99 38.62
CA VAL I 93 75.45 -76.16 38.67
C VAL I 93 75.42 -75.54 40.04
N GLY I 94 75.75 -76.35 41.05
CA GLY I 94 75.92 -75.88 42.43
C GLY I 94 76.72 -74.59 42.48
N GLU I 95 77.87 -74.57 41.82
CA GLU I 95 78.71 -73.39 41.80
C GLU I 95 78.00 -72.26 41.06
N TRP I 96 77.26 -72.58 39.98
CA TRP I 96 76.55 -71.54 39.21
C TRP I 96 75.39 -70.95 40.02
N TRP I 97 74.64 -71.83 40.69
CA TRP I 97 73.56 -71.42 41.58
C TRP I 97 74.05 -70.52 42.70
N ASP I 98 75.18 -70.86 43.30
CA ASP I 98 75.71 -70.12 44.46
C ASP I 98 76.21 -68.77 44.06
N GLN I 99 76.76 -68.66 42.86
CA GLN I 99 77.51 -67.47 42.45
C GLN I 99 76.95 -66.71 41.23
N ILE I 100 75.82 -67.15 40.67
CA ILE I 100 75.18 -66.44 39.51
C ILE I 100 73.65 -66.40 39.59
N PHE I 101 73.03 -67.56 39.78
CA PHE I 101 71.56 -67.61 39.82
C PHE I 101 71.07 -66.99 41.14
N PHE I 102 71.37 -67.61 42.28
CA PHE I 102 70.88 -67.13 43.59
C PHE I 102 71.11 -65.64 43.89
N PRO I 103 72.36 -65.15 43.75
CA PRO I 103 72.63 -63.70 43.84
C PRO I 103 71.63 -62.83 43.08
N PHE I 104 71.37 -63.21 41.81
CA PHE I 104 70.47 -62.47 40.92
C PHE I 104 69.01 -62.58 41.34
N LEU I 105 68.50 -63.79 41.45
CA LEU I 105 67.12 -63.97 41.88
C LEU I 105 66.85 -63.22 43.18
N ASN I 106 67.86 -63.20 44.05
CA ASN I 106 67.72 -62.60 45.36
C ASN I 106 67.64 -61.06 45.44
N SER I 107 68.23 -60.38 44.46
CA SER I 107 68.26 -58.92 44.40
C SER I 107 68.30 -58.60 42.88
N PRO I 108 67.17 -58.80 42.19
CA PRO I 108 67.18 -58.96 40.72
C PRO I 108 67.21 -57.66 39.95
N THR I 109 68.19 -57.55 39.07
CA THR I 109 68.45 -56.36 38.30
C THR I 109 67.26 -56.02 37.40
N GLN I 110 66.50 -55.00 37.79
CA GLN I 110 65.20 -54.63 37.15
C GLN I 110 65.18 -54.46 35.63
N LEU I 111 66.31 -54.52 34.94
CA LEU I 111 66.34 -54.55 33.48
C LEU I 111 65.76 -55.87 32.89
N LYS I 112 64.87 -55.80 31.89
CA LYS I 112 64.23 -57.02 31.33
C LYS I 112 65.24 -57.89 30.60
N PRO I 113 65.88 -57.35 29.53
CA PRO I 113 66.79 -58.16 28.69
C PRO I 113 67.89 -58.88 29.45
N VAL I 114 68.16 -58.44 30.69
CA VAL I 114 69.05 -59.20 31.57
C VAL I 114 68.37 -60.47 32.02
N PHE I 115 67.23 -60.33 32.69
CA PHE I 115 66.46 -61.48 33.15
C PHE I 115 66.06 -62.40 31.96
N SER I 116 65.87 -61.80 30.79
CA SER I 116 65.72 -62.55 29.58
C SER I 116 66.93 -63.47 29.40
N ASP I 117 68.14 -62.92 29.50
CA ASP I 117 69.36 -63.73 29.39
C ASP I 117 69.54 -64.78 30.51
N LEU I 118 69.00 -64.54 31.70
CA LEU I 118 69.12 -65.51 32.78
C LEU I 118 68.26 -66.71 32.41
N LYS I 119 67.05 -66.48 31.90
CA LYS I 119 66.16 -67.58 31.46
C LYS I 119 66.73 -68.33 30.25
N SER I 120 67.24 -67.60 29.27
CA SER I 120 68.06 -68.19 28.20
C SER I 120 69.03 -69.27 28.79
N ILE I 121 69.79 -68.87 29.82
CA ILE I 121 70.81 -69.71 30.47
C ILE I 121 70.19 -70.76 31.36
N LEU I 122 69.11 -70.41 32.02
CA LEU I 122 68.49 -71.32 32.95
C LEU I 122 67.78 -72.45 32.19
N PHE I 123 67.01 -72.05 31.19
CA PHE I 123 66.27 -73.04 30.48
C PHE I 123 67.26 -73.92 29.72
N TYR I 124 68.38 -73.37 29.22
CA TYR I 124 69.29 -74.26 28.51
C TYR I 124 69.71 -75.47 29.36
N ILE I 125 69.59 -75.37 30.69
CA ILE I 125 69.95 -76.48 31.59
C ILE I 125 68.76 -77.42 31.86
N LEU I 126 67.57 -76.80 32.01
CA LEU I 126 66.31 -77.47 32.42
C LEU I 126 65.64 -78.37 31.38
N ILE I 127 65.79 -77.95 30.12
CA ILE I 127 65.12 -78.48 28.93
C ILE I 127 66.17 -78.89 27.90
N PHE I 128 66.17 -80.17 27.56
CA PHE I 128 67.12 -80.73 26.59
C PHE I 128 66.40 -81.76 25.73
N HIS I 129 66.83 -81.94 24.48
CA HIS I 129 66.31 -83.02 23.62
C HIS I 129 66.85 -84.38 24.13
N ASP I 130 68.17 -84.48 24.28
CA ASP I 130 68.92 -85.77 24.43
C ASP I 130 69.59 -86.01 25.80
N GLU I 131 69.11 -86.99 26.56
CA GLU I 131 69.71 -87.28 27.86
C GLU I 131 71.18 -87.64 27.76
N ASP I 132 71.55 -88.46 26.79
CA ASP I 132 72.96 -88.97 26.70
C ASP I 132 73.89 -87.99 25.97
N GLU I 133 73.57 -86.70 25.99
CA GLU I 133 74.24 -85.70 25.16
C GLU I 133 75.60 -85.42 25.75
N TRP I 134 75.69 -85.62 27.08
CA TRP I 134 76.83 -85.22 27.88
C TRP I 134 77.44 -86.44 28.52
N GLY I 135 76.80 -87.57 28.30
CA GLY I 135 77.26 -88.80 28.87
C GLY I 135 76.71 -88.92 30.27
N GLY I 136 76.82 -90.13 30.79
CA GLY I 136 76.33 -90.46 32.10
C GLY I 136 74.86 -90.18 32.19
N ASP I 137 74.49 -89.58 33.32
CA ASP I 137 73.19 -88.99 33.51
C ASP I 137 73.38 -87.46 33.60
N LEU I 138 74.61 -87.00 33.42
CA LEU I 138 74.96 -85.58 33.62
C LEU I 138 73.94 -84.57 33.14
N ARG I 139 73.32 -84.86 32.00
CA ARG I 139 72.37 -83.93 31.42
C ARG I 139 71.11 -83.83 32.29
N ARG I 140 70.57 -84.97 32.70
CA ARG I 140 69.33 -84.97 33.47
C ARG I 140 69.54 -84.48 34.89
N GLU I 141 70.67 -84.87 35.49
CA GLU I 141 71.01 -84.49 36.85
C GLU I 141 71.09 -82.97 36.95
N CYS I 142 71.91 -82.34 36.11
CA CYS I 142 71.99 -80.87 36.06
C CYS I 142 70.65 -80.17 36.11
N ALA I 143 69.65 -80.73 35.44
CA ALA I 143 68.31 -80.20 35.57
C ALA I 143 67.73 -80.59 36.94
N GLU I 144 67.59 -81.89 37.19
CA GLU I 144 67.06 -82.35 38.46
C GLU I 144 67.54 -81.50 39.63
N GLU I 145 68.80 -81.07 39.60
CA GLU I 145 69.30 -80.18 40.64
C GLU I 145 68.71 -78.78 40.50
N THR I 146 69.00 -78.11 39.39
CA THR I 146 68.55 -76.73 39.15
C THR I 146 67.04 -76.47 39.39
N ILE I 147 66.18 -77.42 39.05
CA ILE I 147 64.77 -77.16 39.33
C ILE I 147 64.53 -77.24 40.84
N THR I 148 65.05 -78.28 41.48
CA THR I 148 64.84 -78.46 42.90
C THR I 148 65.28 -77.23 43.64
N ARG I 149 66.38 -76.63 43.22
CA ARG I 149 66.83 -75.38 43.83
C ARG I 149 65.82 -74.23 43.65
N LEU I 150 65.35 -74.01 42.42
CA LEU I 150 64.43 -72.90 42.16
C LEU I 150 63.14 -73.10 42.94
N VAL I 151 62.64 -74.33 42.96
CA VAL I 151 61.44 -74.67 43.70
C VAL I 151 61.63 -74.36 45.17
N ASP I 152 62.72 -74.86 45.75
CA ASP I 152 62.99 -74.70 47.18
C ASP I 152 63.08 -73.24 47.52
N LEU I 153 63.70 -72.47 46.63
CA LEU I 153 63.78 -71.04 46.83
C LEU I 153 62.39 -70.40 46.70
N TYR I 154 61.65 -70.76 45.66
CA TYR I 154 60.29 -70.23 45.48
C TYR I 154 59.42 -70.38 46.73
N VAL I 155 59.32 -71.61 47.21
CA VAL I 155 58.53 -71.87 48.38
C VAL I 155 59.02 -71.08 49.58
N SER I 156 60.33 -71.09 49.85
CA SER I 156 60.84 -70.37 51.03
C SER I 156 60.46 -68.87 50.93
N LYS I 157 61.01 -68.17 49.93
CA LYS I 157 60.71 -66.76 49.69
C LYS I 157 59.24 -66.35 49.69
N ALA I 158 58.30 -67.29 49.61
CA ALA I 158 56.85 -66.98 49.68
C ALA I 158 56.25 -67.20 51.08
N ILE I 159 57.09 -67.63 52.02
CA ILE I 159 56.74 -67.77 53.42
C ILE I 159 57.49 -66.76 54.32
N GLU I 160 58.83 -66.66 54.18
CA GLU I 160 59.68 -65.66 54.91
C GLU I 160 58.97 -64.31 55.21
N ASN I 161 58.42 -64.14 56.43
CA ASN I 161 57.62 -62.94 56.81
C ASN I 161 58.28 -61.53 56.63
N LEU I 162 59.57 -61.48 56.20
CA LEU I 162 60.35 -60.25 55.85
C LEU I 162 60.35 -59.11 56.90
N GLY I 163 61.47 -58.95 57.61
CA GLY I 163 61.62 -57.97 58.71
C GLY I 163 62.27 -56.63 58.35
N ASP I 164 62.28 -55.70 59.32
CA ASP I 164 62.82 -54.33 59.16
C ASP I 164 64.30 -54.27 59.51
N SER I 167 61.79 -53.52 51.45
CA SER I 167 62.02 -54.93 51.20
C SER I 167 60.71 -55.73 51.40
N GLN I 168 59.62 -55.18 50.86
CA GLN I 168 58.40 -55.95 50.51
C GLN I 168 58.09 -55.77 49.00
N GLU I 169 58.49 -54.61 48.44
CA GLU I 169 58.57 -54.39 47.00
C GLU I 169 59.80 -55.11 46.46
N GLN I 170 60.91 -55.06 47.23
CA GLN I 170 62.18 -55.80 46.93
C GLN I 170 62.05 -57.33 46.97
N ARG I 171 60.94 -57.82 47.52
CA ARG I 171 60.61 -59.24 47.58
C ARG I 171 59.80 -59.68 46.37
N ASN I 172 58.63 -59.06 46.15
CA ASN I 172 57.78 -59.40 44.98
C ASN I 172 58.53 -59.51 43.66
N GLN I 173 59.61 -58.73 43.51
CA GLN I 173 60.45 -58.80 42.32
C GLN I 173 61.04 -60.17 42.20
N THR I 174 61.49 -60.69 43.33
CA THR I 174 62.00 -62.04 43.40
C THR I 174 60.93 -63.05 43.00
N ILE I 175 59.79 -63.08 43.68
CA ILE I 175 58.80 -64.12 43.38
C ILE I 175 58.14 -63.90 41.99
N GLU I 176 58.05 -62.68 41.48
CA GLU I 176 57.65 -62.49 40.08
C GLU I 176 58.55 -63.34 39.16
N CYS I 177 59.86 -63.19 39.29
CA CYS I 177 60.80 -63.93 38.48
C CYS I 177 60.66 -65.44 38.70
N LEU I 178 60.73 -65.90 39.93
CA LEU I 178 60.59 -67.36 40.22
C LEU I 178 59.28 -68.04 39.77
N VAL I 179 58.18 -67.29 39.78
CA VAL I 179 56.91 -67.79 39.31
C VAL I 179 56.99 -67.85 37.80
N ASN I 180 57.53 -66.81 37.18
CA ASN I 180 57.76 -66.84 35.75
C ASN I 180 58.55 -68.09 35.30
N VAL I 181 59.71 -68.34 35.93
CA VAL I 181 60.51 -69.50 35.57
C VAL I 181 59.76 -70.79 35.86
N LEU I 182 59.25 -70.92 37.08
CA LEU I 182 58.47 -72.11 37.45
C LEU I 182 57.28 -72.41 36.54
N VAL I 183 56.78 -71.42 35.80
CA VAL I 183 55.55 -71.64 35.03
C VAL I 183 55.91 -72.04 33.60
N HIS I 184 56.84 -71.33 32.98
CA HIS I 184 57.35 -71.79 31.70
C HIS I 184 57.85 -73.25 31.87
N TYR I 185 58.68 -73.53 32.88
CA TYR I 185 59.14 -74.91 33.10
C TYR I 185 57.99 -75.86 33.36
N GLY I 186 56.97 -75.44 34.08
CA GLY I 186 55.82 -76.31 34.34
C GLY I 186 55.02 -76.79 33.12
N ILE I 187 54.83 -75.90 32.13
CA ILE I 187 54.01 -76.24 30.95
C ILE I 187 54.76 -77.17 30.00
N GLN I 188 56.09 -77.06 29.96
CA GLN I 188 56.95 -78.05 29.29
C GLN I 188 56.99 -79.34 30.09
N ARG I 189 57.11 -79.26 31.41
CA ARG I 189 57.33 -80.45 32.22
C ARG I 189 56.36 -80.48 33.41
N PRO I 190 55.10 -80.78 33.14
CA PRO I 190 54.17 -80.78 34.26
C PRO I 190 54.46 -81.89 35.28
N LYS I 191 54.78 -83.13 34.88
CA LYS I 191 55.01 -84.23 35.89
C LYS I 191 56.20 -83.90 36.81
N GLU I 192 57.21 -83.26 36.23
CA GLU I 192 58.46 -83.03 36.93
C GLU I 192 58.26 -81.98 37.98
N LEU I 193 57.64 -80.88 37.56
CA LEU I 193 57.19 -79.88 38.51
C LEU I 193 56.30 -80.47 39.63
N SER I 194 55.26 -81.23 39.29
CA SER I 194 54.29 -81.67 40.31
C SER I 194 54.93 -82.53 41.33
N SER I 195 55.97 -83.25 40.97
CA SER I 195 56.72 -84.01 41.96
C SER I 195 57.45 -83.12 42.96
N CYS I 196 58.30 -82.21 42.46
CA CYS I 196 58.99 -81.26 43.35
C CYS I 196 58.11 -80.57 44.39
N PHE I 197 56.93 -80.16 44.01
CA PHE I 197 56.03 -79.55 44.94
C PHE I 197 55.41 -80.57 45.93
N CYS I 198 55.53 -81.85 45.63
CA CYS I 198 54.66 -82.80 46.27
C CYS I 198 54.93 -82.94 47.79
N HIS I 199 56.19 -82.87 48.26
CA HIS I 199 56.50 -82.82 49.74
C HIS I 199 56.14 -81.46 50.33
N HIS I 200 56.70 -80.40 49.76
CA HIS I 200 56.41 -79.05 50.29
C HIS I 200 54.92 -78.85 50.53
N PHE I 201 54.14 -79.18 49.52
CA PHE I 201 52.70 -79.04 49.63
C PHE I 201 52.13 -79.57 50.96
N LEU I 202 52.83 -80.49 51.63
CA LEU I 202 52.32 -81.07 52.90
C LEU I 202 52.37 -80.08 54.03
N ASN I 203 53.39 -79.22 54.03
CA ASN I 203 53.50 -78.18 55.03
C ASN I 203 52.62 -76.99 54.60
N PRO I 204 51.63 -76.63 55.43
CA PRO I 204 50.55 -75.69 55.07
C PRO I 204 50.82 -74.30 54.42
N PRO I 205 51.59 -73.43 55.06
CA PRO I 205 51.75 -72.10 54.41
C PRO I 205 51.96 -72.11 52.91
N THR I 206 52.65 -73.12 52.37
CA THR I 206 53.08 -73.19 50.95
C THR I 206 51.95 -73.34 49.94
N ARG I 207 50.84 -73.91 50.40
CA ARG I 207 49.81 -74.45 49.50
C ARG I 207 49.21 -73.42 48.52
N ILE I 208 49.03 -72.21 48.98
CA ILE I 208 48.64 -71.18 48.06
C ILE I 208 49.79 -70.87 47.09
N PRO I 209 50.94 -70.39 47.58
CA PRO I 209 52.07 -70.18 46.71
C PRO I 209 52.23 -71.28 45.71
N ILE I 210 52.06 -72.54 46.12
CA ILE I 210 52.21 -73.65 45.19
C ILE I 210 51.04 -73.78 44.17
N LEU I 211 49.80 -74.03 44.62
CA LEU I 211 48.64 -74.10 43.71
C LEU I 211 48.52 -72.90 42.83
N SER I 212 48.97 -71.76 43.34
CA SER I 212 49.02 -70.58 42.54
C SER I 212 49.70 -70.92 41.22
N VAL I 213 50.92 -71.42 41.34
CA VAL I 213 51.71 -71.74 40.16
C VAL I 213 51.05 -72.88 39.38
N VAL I 215 47.76 -73.97 39.03
CA VAL I 215 46.62 -73.63 38.15
C VAL I 215 47.05 -72.69 37.04
N GLU I 216 48.26 -72.15 37.08
CA GLU I 216 48.73 -71.39 35.94
C GLU I 216 49.28 -72.27 34.81
N VAL I 217 49.61 -73.51 35.16
CA VAL I 217 50.19 -74.44 34.21
C VAL I 217 49.08 -75.27 33.57
N ILE I 218 48.05 -75.62 34.36
CA ILE I 218 46.82 -76.30 33.88
C ILE I 218 45.96 -75.31 33.05
N ARG I 219 45.93 -74.03 33.44
CA ARG I 219 45.30 -72.99 32.60
C ARG I 219 45.69 -73.28 31.15
N ARG I 220 46.99 -73.21 30.84
CA ARG I 220 47.43 -73.43 29.45
C ARG I 220 46.87 -74.67 28.73
N GLN I 221 46.33 -75.62 29.51
CA GLN I 221 45.78 -76.87 28.98
C GLN I 221 46.75 -77.56 28.03
N GLY I 222 48.05 -77.28 28.16
CA GLY I 222 49.02 -77.88 27.26
C GLY I 222 49.02 -79.39 27.44
N PRO I 223 50.10 -80.04 27.01
CA PRO I 223 50.35 -81.43 27.38
C PRO I 223 51.28 -81.40 28.58
N ARG I 224 51.54 -82.53 29.25
CA ARG I 224 50.75 -83.74 29.27
C ARG I 224 50.25 -83.82 30.70
N LEU I 225 49.15 -83.14 30.94
CA LEU I 225 48.63 -83.04 32.27
C LEU I 225 48.20 -84.39 32.86
N TYR I 226 48.12 -85.43 32.04
CA TYR I 226 47.67 -86.72 32.52
C TYR I 226 48.81 -87.35 33.33
N GLU I 227 50.02 -86.81 33.17
CA GLU I 227 51.18 -87.32 33.91
C GLU I 227 51.20 -86.81 35.35
N ILE I 228 50.17 -86.05 35.71
CA ILE I 228 50.17 -85.36 36.98
C ILE I 228 49.76 -86.28 38.12
N PRO I 229 48.63 -86.96 38.00
CA PRO I 229 48.26 -87.99 38.99
C PRO I 229 49.34 -89.03 39.35
N GLN I 230 50.28 -89.28 38.44
CA GLN I 230 51.36 -90.24 38.70
C GLN I 230 52.28 -89.80 39.80
N THR I 231 52.29 -88.51 40.08
CA THR I 231 53.21 -87.90 41.03
C THR I 231 52.61 -88.02 42.44
N GLY I 232 51.28 -88.14 42.51
CA GLY I 232 50.54 -88.15 43.77
C GLY I 232 49.89 -86.81 44.05
N PHE I 233 50.30 -85.81 43.27
CA PHE I 233 49.98 -84.41 43.58
C PHE I 233 48.50 -84.11 43.48
N TYR I 234 47.84 -84.76 42.55
CA TYR I 234 46.41 -84.58 42.47
C TYR I 234 45.79 -85.20 43.71
N ASP I 235 46.26 -86.36 44.18
CA ASP I 235 45.66 -86.89 45.42
C ASP I 235 45.80 -85.89 46.58
N LEU I 236 46.92 -85.14 46.58
CA LEU I 236 47.18 -84.14 47.62
C LEU I 236 46.26 -82.96 47.59
N VAL I 237 46.08 -82.39 46.39
CA VAL I 237 45.13 -81.32 46.16
C VAL I 237 43.75 -81.70 46.68
N LEU I 238 43.34 -82.95 46.41
CA LEU I 238 42.08 -83.51 46.96
C LEU I 238 41.89 -83.51 48.51
N LYS I 239 42.98 -83.72 49.25
CA LYS I 239 42.99 -83.64 50.73
C LYS I 239 42.85 -82.20 51.14
N CYS I 240 43.65 -81.36 50.49
CA CYS I 240 43.43 -79.94 50.58
C CYS I 240 41.97 -79.52 50.24
N ALA I 241 41.38 -80.11 49.22
CA ALA I 241 39.96 -79.83 48.91
C ALA I 241 39.02 -80.30 50.01
N GLU I 242 39.35 -81.42 50.68
CA GLU I 242 38.49 -82.01 51.70
C GLU I 242 38.64 -81.36 53.10
N PHE I 243 39.87 -80.97 53.47
CA PHE I 243 40.18 -80.62 54.89
C PHE I 243 40.61 -79.20 55.15
N ASP I 244 41.29 -78.57 54.22
CA ASP I 244 41.70 -77.20 54.50
C ASP I 244 40.43 -76.33 54.64
N THR I 245 40.62 -75.09 55.01
CA THR I 245 39.54 -74.23 55.38
C THR I 245 39.69 -72.81 54.78
N SER I 246 40.85 -72.48 54.22
CA SER I 246 40.98 -71.15 53.64
C SER I 246 40.12 -71.08 52.39
N PRO I 247 39.18 -70.14 52.37
CA PRO I 247 38.33 -70.05 51.20
C PRO I 247 39.09 -69.61 49.92
N ILE I 248 40.20 -68.89 50.03
CA ILE I 248 41.00 -68.65 48.85
C ILE I 248 41.64 -69.95 48.33
N LEU I 249 42.50 -70.55 49.16
CA LEU I 249 43.15 -71.83 48.84
C LEU I 249 42.17 -72.84 48.26
N LEU I 250 41.00 -72.91 48.88
CA LEU I 250 39.99 -73.80 48.39
C LEU I 250 39.52 -73.57 46.93
N SER I 251 39.37 -72.31 46.53
CA SER I 251 38.88 -72.03 45.20
C SER I 251 40.00 -72.32 44.21
N TYR I 252 41.24 -72.10 44.63
CA TYR I 252 42.37 -72.57 43.84
C TYR I 252 42.20 -74.05 43.57
N ALA I 253 42.10 -74.85 44.63
CA ALA I 253 41.92 -76.29 44.53
C ALA I 253 40.84 -76.69 43.54
N LEU I 254 39.61 -76.23 43.77
CA LEU I 254 38.51 -76.57 42.85
C LEU I 254 38.99 -76.32 41.44
N SER I 255 39.42 -75.09 41.13
CA SER I 255 39.89 -74.83 39.75
C SER I 255 40.95 -75.83 39.31
N PHE I 256 41.85 -76.23 40.19
CA PHE I 256 42.89 -77.10 39.76
C PHE I 256 42.22 -78.40 39.30
N ILE I 257 41.38 -78.94 40.15
CA ILE I 257 40.86 -80.26 39.90
C ILE I 257 39.76 -80.24 38.78
N LEU I 258 38.98 -79.16 38.76
CA LEU I 258 38.00 -78.98 37.71
C LEU I 258 38.73 -78.83 36.34
N ILE I 260 41.62 -80.36 35.59
CA ILE I 260 42.42 -81.57 35.31
C ILE I 260 41.58 -82.85 35.32
N LEU I 261 40.32 -82.73 35.69
CA LEU I 261 39.42 -83.88 35.66
C LEU I 261 39.16 -84.35 34.22
N SER I 262 39.23 -83.42 33.27
CA SER I 262 39.15 -83.74 31.83
C SER I 262 40.27 -84.69 31.34
N HIS I 263 41.46 -84.65 31.93
CA HIS I 263 42.58 -85.51 31.47
C HIS I 263 42.87 -86.71 32.38
N ILE I 264 41.83 -87.24 33.02
CA ILE I 264 42.00 -88.35 33.96
C ILE I 264 41.06 -89.53 33.63
N CYS I 265 39.83 -89.52 34.12
CA CYS I 265 38.86 -90.65 33.94
C CYS I 265 39.31 -92.05 34.42
N ASN I 266 40.62 -92.30 34.48
CA ASN I 266 41.19 -93.51 35.09
C ASN I 266 41.09 -93.40 36.59
N SER I 267 41.76 -92.37 37.12
CA SER I 267 41.81 -92.11 38.57
C SER I 267 40.46 -91.61 39.10
N LEU I 268 39.49 -91.45 38.19
CA LEU I 268 38.15 -90.96 38.52
C LEU I 268 37.35 -92.01 39.26
N ASP I 269 37.62 -93.28 38.97
CA ASP I 269 37.00 -94.37 39.73
C ASP I 269 37.52 -94.52 41.16
N ASP I 270 38.67 -93.87 41.44
CA ASP I 270 39.37 -93.91 42.75
C ASP I 270 39.06 -92.67 43.56
N SER I 271 39.00 -91.54 42.85
CA SER I 271 38.55 -90.32 43.46
C SER I 271 37.01 -90.20 43.52
N LEU I 272 36.25 -91.05 42.88
CA LEU I 272 34.80 -90.78 42.78
C LEU I 272 34.10 -90.33 44.07
N TYR I 273 34.28 -91.09 45.14
CA TYR I 273 33.56 -90.81 46.38
C TYR I 273 34.10 -89.51 46.98
N ARG I 274 35.41 -89.30 46.88
CA ARG I 274 36.06 -88.09 47.43
C ARG I 274 35.42 -86.85 46.82
N LEU I 275 35.28 -86.89 45.51
CA LEU I 275 34.60 -85.88 44.77
C LEU I 275 33.17 -85.65 45.25
N PHE I 276 32.42 -86.72 45.51
CA PHE I 276 31.03 -86.56 45.94
C PHE I 276 31.03 -85.69 47.16
N CYS I 277 31.93 -86.03 48.09
CA CYS I 277 32.10 -85.28 49.36
C CYS I 277 32.61 -83.88 49.19
N ILE I 278 33.61 -83.69 48.32
CA ILE I 278 34.09 -82.37 47.91
C ILE I 278 33.01 -81.54 47.24
N TYR I 279 32.20 -82.18 46.40
CA TYR I 279 31.00 -81.49 45.93
C TYR I 279 30.13 -81.09 47.14
N LEU I 280 29.97 -81.97 48.11
CA LEU I 280 29.04 -81.71 49.21
C LEU I 280 29.51 -80.51 49.92
N ARG I 281 30.77 -80.57 50.31
CA ARG I 281 31.42 -79.51 51.06
C ARG I 281 31.31 -78.16 50.42
N PHE I 282 31.56 -78.05 49.10
CA PHE I 282 31.57 -76.73 48.43
C PHE I 282 30.18 -76.20 48.21
N SER I 283 29.26 -77.10 47.92
CA SER I 283 27.89 -76.70 47.76
C SER I 283 27.32 -76.12 49.05
N ILE I 285 28.97 -74.36 51.42
CA ILE I 285 29.58 -73.05 51.68
C ILE I 285 28.61 -71.96 52.17
N ASP I 286 29.05 -71.18 53.15
CA ASP I 286 28.14 -70.32 53.90
C ASP I 286 28.87 -69.01 54.32
N PRO I 287 28.13 -67.88 54.22
CA PRO I 287 28.65 -66.51 54.31
C PRO I 287 29.26 -66.13 55.63
N THR I 288 28.83 -66.79 56.70
CA THR I 288 29.28 -66.54 58.06
C THR I 288 30.22 -67.66 58.57
N SER I 289 29.80 -68.93 58.40
CA SER I 289 30.60 -70.14 58.73
C SER I 289 31.74 -70.56 57.79
N GLY I 290 31.75 -70.04 56.57
CA GLY I 290 32.75 -70.50 55.58
C GLY I 290 32.46 -71.93 55.16
N PHE I 291 33.47 -72.64 54.73
CA PHE I 291 33.23 -74.05 54.38
C PHE I 291 33.10 -74.84 55.68
N PRO I 292 32.33 -75.95 55.67
CA PRO I 292 32.35 -76.93 56.75
C PRO I 292 33.74 -77.30 57.18
N SER I 293 33.90 -77.63 58.46
CA SER I 293 35.15 -78.15 58.93
C SER I 293 35.10 -79.66 58.82
N SER I 294 36.25 -80.22 58.47
CA SER I 294 36.41 -81.65 58.52
C SER I 294 36.41 -82.02 59.97
N THR I 295 36.22 -83.30 60.28
CA THR I 295 36.52 -83.79 61.62
C THR I 295 37.89 -84.52 61.53
N ALA I 296 37.89 -85.60 60.75
CA ALA I 296 39.04 -86.51 60.67
C ALA I 296 40.34 -85.78 60.34
N SER I 297 40.65 -85.64 59.05
CA SER I 297 41.87 -84.99 58.61
C SER I 297 43.11 -85.82 58.91
N GLY I 298 42.92 -87.06 59.37
CA GLY I 298 44.05 -87.96 59.71
C GLY I 298 45.32 -87.26 60.17
N ASN I 299 46.40 -87.44 59.40
CA ASN I 299 47.70 -86.80 59.68
C ASN I 299 47.99 -85.65 58.70
N TRP I 300 46.93 -85.09 58.11
CA TRP I 300 47.06 -84.15 57.01
C TRP I 300 47.55 -82.82 57.55
N GLU I 301 46.99 -82.35 58.64
CA GLU I 301 47.36 -81.02 59.14
C GLU I 301 46.74 -79.97 58.23
N VAL I 302 45.46 -79.75 58.54
CA VAL I 302 44.66 -78.65 58.06
C VAL I 302 45.40 -77.31 58.02
N PHE I 303 45.07 -76.52 56.97
CA PHE I 303 45.44 -75.10 56.82
C PHE I 303 44.18 -74.22 56.96
N HIS I 304 44.08 -73.45 58.07
CA HIS I 304 43.05 -72.41 58.20
C HIS I 304 43.65 -71.09 57.82
N ASP I 305 42.79 -70.07 57.79
CA ASP I 305 43.21 -68.75 57.31
C ASP I 305 44.28 -68.16 58.24
N PHE I 306 43.84 -67.53 59.32
CA PHE I 306 44.74 -66.87 60.24
C PHE I 306 45.14 -67.88 61.32
N SER I 308 46.35 -68.63 64.44
CA SER I 308 46.54 -67.74 65.59
C SER I 308 45.40 -67.92 66.59
N SER I 339 34.82 -68.34 38.85
CA SER I 339 34.65 -68.82 37.47
C SER I 339 34.27 -70.32 37.44
N LEU I 340 35.11 -71.13 38.09
CA LEU I 340 34.97 -72.60 38.15
C LEU I 340 34.35 -73.04 39.50
N ASP I 341 33.10 -72.67 39.81
CA ASP I 341 32.54 -72.98 41.13
C ASP I 341 31.91 -74.39 41.15
N TYR I 342 31.19 -74.71 42.23
CA TYR I 342 30.74 -76.09 42.45
C TYR I 342 29.77 -76.62 41.40
N SER I 343 28.96 -75.72 40.85
CA SER I 343 28.06 -76.05 39.77
C SER I 343 28.77 -76.70 38.60
N GLN I 344 29.97 -76.27 38.24
CA GLN I 344 30.69 -76.94 37.16
C GLN I 344 30.89 -78.39 37.47
N LEU I 345 31.37 -78.68 38.69
CA LEU I 345 31.54 -80.05 39.21
C LEU I 345 30.27 -80.86 39.09
N PHE I 346 29.14 -80.27 39.44
CA PHE I 346 27.85 -80.95 39.37
C PHE I 346 27.49 -81.46 38.01
N SER I 347 27.87 -80.72 36.98
CA SER I 347 27.57 -81.07 35.58
C SER I 347 28.43 -82.23 35.18
N ILE I 348 29.71 -82.12 35.51
CA ILE I 348 30.67 -83.15 35.19
C ILE I 348 30.47 -84.44 35.98
N LEU I 349 29.84 -84.40 37.14
CA LEU I 349 29.48 -85.65 37.85
C LEU I 349 28.19 -86.27 37.35
N TYR I 350 27.21 -85.43 36.98
CA TYR I 350 25.87 -85.88 36.55
C TYR I 350 25.96 -86.73 35.30
N ALA I 351 26.75 -86.26 34.33
CA ALA I 351 27.23 -87.11 33.26
C ALA I 351 28.37 -87.85 33.85
N LEU I 352 28.60 -89.10 33.46
CA LEU I 352 29.65 -89.97 34.05
C LEU I 352 29.14 -90.87 35.17
N TYR I 353 28.61 -90.30 36.25
CA TYR I 353 27.98 -91.14 37.26
C TYR I 353 26.67 -90.53 37.71
N PRO I 354 25.73 -90.35 36.79
CA PRO I 354 24.44 -89.78 37.12
C PRO I 354 23.70 -90.55 38.16
N ILE I 355 23.71 -91.88 38.08
CA ILE I 355 22.84 -92.66 38.96
C ILE I 355 23.32 -92.67 40.39
N ASN I 356 24.63 -92.94 40.54
CA ASN I 356 25.28 -92.88 41.84
C ASN I 356 25.32 -91.45 42.42
N PHE I 357 25.48 -90.44 41.58
CA PHE I 357 25.50 -89.07 42.08
C PHE I 357 24.14 -88.65 42.67
N LEU I 358 23.04 -88.97 42.03
CA LEU I 358 21.79 -88.43 42.56
C LEU I 358 21.33 -89.24 43.78
N GLU I 359 21.63 -90.54 43.76
CA GLU I 359 21.35 -91.41 44.90
C GLU I 359 22.18 -90.90 46.09
N PHE I 360 23.41 -90.46 45.80
CA PHE I 360 24.31 -89.87 46.81
C PHE I 360 23.74 -88.62 47.39
N LEU I 361 23.24 -87.73 46.53
CA LEU I 361 22.67 -86.47 47.00
C LEU I 361 21.34 -86.64 47.75
N ARG I 362 20.56 -87.69 47.45
CA ARG I 362 19.30 -87.83 48.14
C ARG I 362 19.58 -87.98 49.61
N ASP I 363 20.49 -88.90 49.94
CA ASP I 363 20.89 -89.16 51.34
C ASP I 363 22.38 -89.47 51.44
N PRO I 364 23.21 -88.48 51.79
CA PRO I 364 24.67 -88.68 51.67
C PRO I 364 25.34 -89.46 52.82
N LYS I 365 24.77 -89.42 54.00
CA LYS I 365 25.35 -90.22 55.06
C LYS I 365 25.12 -91.68 54.73
N LEU I 366 23.90 -91.95 54.28
CA LEU I 366 23.51 -93.30 53.91
C LEU I 366 24.26 -93.84 52.67
N TYR I 367 24.52 -93.01 51.66
CA TYR I 367 25.35 -93.48 50.56
C TYR I 367 26.77 -93.72 51.06
N ALA I 368 27.16 -93.14 52.18
CA ALA I 368 28.56 -93.23 52.53
C ALA I 368 28.88 -94.58 53.21
N SER I 369 27.97 -95.07 54.07
CA SER I 369 28.01 -96.49 54.42
C SER I 369 27.34 -97.11 53.24
N LYS I 370 27.66 -98.36 52.92
CA LYS I 370 27.13 -98.98 51.69
C LYS I 370 28.05 -98.68 50.58
N HIS I 371 28.94 -97.73 50.78
CA HIS I 371 30.04 -97.55 49.87
C HIS I 371 31.34 -97.40 50.68
N ASN I 372 31.19 -97.56 52.00
CA ASN I 372 32.30 -97.71 52.91
C ASN I 372 33.23 -96.47 53.00
N PHE I 373 32.59 -95.30 53.12
CA PHE I 373 33.28 -94.04 53.48
C PHE I 373 32.37 -93.20 54.41
N GLN I 374 32.77 -91.96 54.64
CA GLN I 374 32.21 -91.20 55.74
C GLN I 374 32.00 -89.73 55.43
N ILE I 375 30.83 -89.22 55.74
CA ILE I 375 30.61 -87.81 55.52
C ILE I 375 31.10 -87.06 56.76
N ARG I 376 32.29 -86.44 56.62
CA ARG I 376 32.99 -85.74 57.71
C ARG I 376 32.49 -84.32 58.07
N TYR I 377 31.47 -83.83 57.35
CA TYR I 377 30.92 -82.48 57.54
C TYR I 377 29.55 -82.54 58.17
N SER I 378 29.14 -81.43 58.77
CA SER I 378 27.76 -81.25 59.14
C SER I 378 27.12 -80.63 57.90
N PHE I 379 25.84 -80.83 57.67
CA PHE I 379 25.26 -80.19 56.48
C PHE I 379 23.74 -80.20 56.47
N ASN I 380 23.16 -79.19 55.82
CA ASN I 380 21.70 -78.99 55.77
C ASN I 380 21.09 -79.74 54.59
N GLN I 381 20.34 -80.80 54.81
CA GLN I 381 19.78 -81.55 53.66
C GLN I 381 18.80 -80.75 52.85
N GLU I 382 17.88 -80.05 53.51
CA GLU I 382 16.83 -79.40 52.75
C GLU I 382 17.48 -78.48 51.75
N LEU I 383 18.44 -77.71 52.24
CA LEU I 383 19.27 -76.87 51.38
C LEU I 383 20.12 -77.58 50.30
N LEU I 384 20.69 -78.74 50.60
CA LEU I 384 21.40 -79.52 49.57
C LEU I 384 20.41 -79.83 48.49
N SER I 385 19.23 -80.34 48.89
CA SER I 385 18.12 -80.71 47.98
C SER I 385 17.80 -79.56 47.06
N THR I 386 17.26 -78.49 47.63
CA THR I 386 17.13 -77.18 46.96
C THR I 386 18.28 -76.78 45.97
N LYS I 387 19.44 -76.31 46.41
CA LYS I 387 20.52 -76.00 45.45
C LYS I 387 20.72 -77.09 44.37
N SER I 388 20.62 -78.34 44.77
CA SER I 388 20.98 -79.43 43.87
C SER I 388 19.86 -79.70 42.88
N ASP I 389 18.67 -79.26 43.26
CA ASP I 389 17.54 -79.35 42.36
C ASP I 389 17.71 -78.32 41.27
N GLY I 390 17.91 -77.09 41.68
CA GLY I 390 18.07 -76.01 40.73
C GLY I 390 18.99 -76.44 39.62
N LEU I 391 20.16 -76.95 39.98
CA LEU I 391 21.14 -77.41 39.00
C LEU I 391 20.71 -78.62 38.15
N LEU I 392 19.93 -79.50 38.75
CA LEU I 392 19.53 -80.71 38.03
C LEU I 392 18.63 -80.36 36.87
N GLY I 393 17.75 -79.40 37.10
CA GLY I 393 16.80 -78.92 36.09
C GLY I 393 17.42 -78.16 34.95
N ARG I 394 18.69 -77.80 35.05
CA ARG I 394 19.37 -77.21 33.92
C ARG I 394 19.92 -78.31 33.02
N HIS I 395 19.71 -79.58 33.35
CA HIS I 395 20.24 -80.64 32.47
C HIS I 395 19.19 -81.66 31.92
N LEU I 396 19.63 -82.48 30.99
CA LEU I 396 18.71 -83.41 30.36
C LEU I 396 18.68 -84.78 31.04
N ALA I 397 17.52 -85.42 30.94
CA ALA I 397 17.33 -86.75 31.49
C ALA I 397 18.40 -87.69 30.99
N HIS I 398 19.20 -88.27 31.89
CA HIS I 398 20.40 -89.04 31.46
C HIS I 398 20.03 -90.46 31.05
N SER I 399 20.67 -90.95 30.00
CA SER I 399 20.43 -92.29 29.44
C SER I 399 20.88 -93.47 30.30
N ASN I 400 21.49 -93.20 31.44
CA ASN I 400 22.13 -94.26 32.18
C ASN I 400 21.06 -94.90 32.96
N PHE I 401 20.01 -94.17 33.29
CA PHE I 401 18.85 -94.74 34.01
C PHE I 401 18.06 -95.79 33.20
N LEU I 402 18.31 -95.84 31.87
CA LEU I 402 17.73 -96.88 31.02
C LEU I 402 18.62 -98.11 30.84
N LYS I 403 19.92 -97.97 31.17
CA LYS I 403 20.95 -99.02 30.94
C LYS I 403 21.54 -99.68 32.23
N TYR I 404 21.79 -98.88 33.27
CA TYR I 404 22.46 -99.34 34.47
C TYR I 404 21.67 -99.21 35.78
N THR I 405 22.04 -100.06 36.72
CA THR I 405 21.79 -99.86 38.15
C THR I 405 22.98 -99.14 38.77
N ALA I 406 22.83 -98.73 40.02
CA ALA I 406 23.88 -97.94 40.66
C ALA I 406 25.23 -98.68 40.66
N GLU I 407 25.22 -100.02 40.75
CA GLU I 407 26.46 -100.80 40.74
C GLU I 407 26.94 -100.92 39.31
N THR I 408 26.12 -101.45 38.41
CA THR I 408 26.58 -101.64 37.03
C THR I 408 27.07 -100.27 36.48
N GLU I 409 26.48 -99.17 36.93
CA GLU I 409 27.12 -97.89 36.70
C GLU I 409 28.60 -97.90 37.19
N LEU I 410 28.82 -98.16 38.48
CA LEU I 410 30.21 -98.19 39.01
C LEU I 410 31.07 -99.28 38.30
N THR I 411 30.56 -100.50 38.23
CA THR I 411 31.31 -101.67 37.77
C THR I 411 30.82 -102.12 36.40
N ASP I 412 31.48 -101.69 35.32
CA ASP I 412 31.10 -102.04 33.92
C ASP I 412 31.88 -101.22 32.88
N LYS I 413 33.06 -101.68 32.50
CA LYS I 413 33.93 -100.92 31.58
C LYS I 413 33.42 -100.87 30.14
N SER I 414 32.47 -101.75 29.80
CA SER I 414 31.81 -101.72 28.49
C SER I 414 31.08 -100.39 28.22
N ARG I 415 30.86 -99.59 29.27
CA ARG I 415 30.24 -98.28 29.14
C ARG I 415 31.20 -97.25 28.56
N TRP I 416 32.47 -97.30 28.96
CA TRP I 416 33.45 -96.37 28.42
C TRP I 416 33.91 -96.81 27.03
N THR I 417 33.21 -97.81 26.46
CA THR I 417 33.23 -98.10 25.02
C THR I 417 32.61 -96.95 24.23
N ARG I 418 31.33 -96.68 24.48
CA ARG I 418 30.57 -95.60 23.81
C ARG I 418 31.33 -94.26 23.57
N LEU I 419 32.50 -94.08 24.20
CA LEU I 419 33.16 -92.76 24.32
C LEU I 419 34.12 -92.40 23.18
N ASP I 420 34.57 -93.37 22.37
CA ASP I 420 35.17 -93.08 21.05
C ASP I 420 34.12 -92.56 20.03
N SER I 421 32.93 -93.19 20.09
CA SER I 421 31.83 -92.98 19.16
C SER I 421 31.27 -91.55 19.20
N ILE I 422 31.54 -90.86 20.31
CA ILE I 422 31.09 -89.48 20.47
C ILE I 422 32.25 -88.49 20.53
N ALA I 423 33.47 -89.00 20.64
CA ALA I 423 34.64 -88.15 20.46
C ALA I 423 34.82 -87.88 18.97
N VAL I 424 34.78 -88.97 18.21
CA VAL I 424 34.90 -88.95 16.76
C VAL I 424 33.91 -87.92 16.16
N VAL I 425 32.68 -87.96 16.64
CA VAL I 425 31.60 -87.10 16.16
C VAL I 425 31.72 -85.62 16.64
N ALA I 426 32.14 -85.40 17.90
CA ALA I 426 32.38 -84.04 18.41
C ALA I 426 33.65 -83.41 17.83
N LEU I 427 34.62 -84.28 17.51
CA LEU I 427 35.83 -83.90 16.76
C LEU I 427 35.48 -83.34 15.40
N CYS I 428 34.55 -83.99 14.71
CA CYS I 428 34.21 -83.65 13.33
C CYS I 428 33.38 -82.38 13.20
N ASN I 429 32.44 -82.19 14.12
CA ASN I 429 31.68 -80.95 14.17
C ASN I 429 32.56 -79.76 14.63
N SER I 430 33.71 -80.08 15.22
CA SER I 430 34.68 -79.07 15.64
C SER I 430 35.69 -78.70 14.56
N LEU I 431 35.77 -79.49 13.49
CA LEU I 431 36.63 -79.17 12.31
C LEU I 431 35.83 -78.51 11.18
N ASN I 432 34.51 -78.40 11.35
CA ASN I 432 33.67 -77.78 10.32
C ASN I 432 33.56 -76.28 10.46
N ALA I 433 33.76 -75.60 9.33
CA ALA I 433 33.58 -74.16 9.26
C ALA I 433 32.24 -73.79 8.60
N VAL I 434 31.20 -74.64 8.72
CA VAL I 434 29.82 -74.38 8.24
C VAL I 434 29.60 -74.46 6.70
N PRO J 5 -0.02 -134.68 36.40
CA PRO J 5 0.05 -133.31 35.86
C PRO J 5 0.15 -133.25 34.33
N LEU J 6 0.84 -134.25 33.75
CA LEU J 6 1.08 -134.38 32.31
C LEU J 6 -0.09 -135.12 31.59
N GLN J 7 -0.90 -135.86 32.36
CA GLN J 7 -2.10 -136.52 31.84
C GLN J 7 -3.15 -135.46 31.51
N SER J 8 -3.41 -134.58 32.48
CA SER J 8 -4.38 -133.47 32.33
C SER J 8 -3.95 -132.42 31.28
N LEU J 9 -2.64 -132.30 31.04
CA LEU J 9 -2.11 -131.45 29.97
C LEU J 9 -2.33 -132.12 28.61
N VAL J 10 -1.86 -133.36 28.43
CA VAL J 10 -2.06 -134.06 27.11
C VAL J 10 -3.58 -134.33 26.84
N LYS J 11 -4.42 -134.22 27.88
CA LYS J 11 -5.86 -134.22 27.63
C LYS J 11 -6.19 -132.91 26.92
N ALA J 12 -5.99 -131.77 27.60
CA ALA J 12 -6.32 -130.44 27.05
C ALA J 12 -5.66 -130.13 25.71
N LEU J 13 -4.53 -130.79 25.41
CA LEU J 13 -3.85 -130.72 24.12
C LEU J 13 -4.58 -131.46 22.98
N TRP J 14 -5.28 -132.55 23.31
CA TRP J 14 -6.13 -133.23 22.33
C TRP J 14 -7.46 -132.46 22.18
N ASN J 15 -8.08 -132.10 23.31
CA ASN J 15 -9.24 -131.19 23.29
C ASN J 15 -9.08 -130.12 22.23
N VAL J 16 -8.02 -129.35 22.43
CA VAL J 16 -7.82 -128.05 21.81
C VAL J 16 -7.30 -128.09 20.37
N LEU J 17 -6.50 -129.07 19.98
CA LEU J 17 -6.12 -129.22 18.56
C LEU J 17 -7.24 -129.83 17.68
N HIS J 18 -8.52 -129.66 18.10
CA HIS J 18 -9.75 -129.95 17.27
C HIS J 18 -10.93 -128.99 17.56
N ASP J 27 -9.90 -120.95 21.36
CA ASP J 27 -10.63 -120.75 22.63
C ASP J 27 -9.93 -121.41 23.84
N LEU J 28 -8.65 -121.09 24.02
CA LEU J 28 -7.68 -121.83 24.89
C LEU J 28 -7.60 -121.55 26.43
N THR J 29 -8.64 -121.00 27.08
CA THR J 29 -8.50 -120.62 28.52
C THR J 29 -8.05 -121.78 29.44
N GLU J 30 -8.30 -123.01 28.98
CA GLU J 30 -8.01 -124.25 29.71
C GLU J 30 -6.55 -124.70 29.50
N LEU J 31 -6.17 -125.02 28.26
CA LEU J 31 -4.80 -125.42 27.94
C LEU J 31 -3.78 -124.46 28.59
N ILE J 32 -4.11 -123.18 28.56
CA ILE J 32 -3.33 -122.17 29.26
C ILE J 32 -3.28 -122.56 30.73
N ALA J 33 -4.44 -122.58 31.37
CA ALA J 33 -4.56 -122.97 32.80
C ALA J 33 -3.84 -124.27 33.18
N GLU J 34 -3.87 -125.27 32.28
CA GLU J 34 -3.17 -126.53 32.51
C GLU J 34 -1.66 -126.37 32.66
N VAL J 35 -1.09 -125.51 31.82
CA VAL J 35 0.32 -125.24 31.91
C VAL J 35 0.62 -124.44 33.18
N GLU J 36 -0.35 -123.71 33.69
CA GLU J 36 -0.10 -122.84 34.84
C GLU J 36 0.12 -123.63 36.13
N SER J 37 -0.57 -124.76 36.23
CA SER J 37 -0.38 -125.68 37.35
C SER J 37 0.96 -126.40 37.23
N TYR J 38 1.16 -127.04 36.06
CA TYR J 38 2.39 -127.76 35.73
C TYR J 38 3.64 -126.87 35.94
N GLN J 39 3.59 -125.60 35.50
CA GLN J 39 4.71 -124.64 35.69
C GLN J 39 5.08 -124.47 37.17
N GLN J 40 4.13 -124.71 38.07
CA GLN J 40 4.43 -124.84 39.49
C GLN J 40 4.97 -126.24 39.83
N ARG J 41 4.44 -127.27 39.18
CA ARG J 41 4.95 -128.64 39.37
C ARG J 41 6.40 -128.86 38.88
N TYR J 42 6.90 -127.97 38.02
CA TYR J 42 8.23 -128.15 37.44
C TYR J 42 8.89 -126.80 37.20
N PRO J 43 9.20 -126.07 38.28
CA PRO J 43 9.69 -124.72 38.02
C PRO J 43 10.92 -124.68 37.06
N LYS J 44 11.51 -125.82 36.72
CA LYS J 44 12.42 -125.89 35.57
C LYS J 44 11.95 -126.94 34.56
N GLN J 45 12.50 -126.82 33.36
CA GLN J 45 12.17 -127.74 32.29
C GLN J 45 12.43 -129.16 32.80
N ASN J 46 11.66 -130.13 32.31
CA ASN J 46 11.83 -131.56 32.62
C ASN J 46 12.11 -132.42 31.36
N PRO J 47 13.33 -133.00 31.26
CA PRO J 47 13.79 -133.60 29.98
C PRO J 47 13.00 -134.81 29.48
N THR J 48 12.40 -135.60 30.38
CA THR J 48 11.51 -136.70 29.95
C THR J 48 10.16 -136.09 29.55
N ASN J 49 9.48 -135.38 30.44
CA ASN J 49 8.25 -134.65 30.06
C ASN J 49 8.31 -133.87 28.73
N SER J 50 9.47 -133.33 28.35
CA SER J 50 9.65 -132.79 26.98
C SER J 50 9.34 -133.93 26.03
N GLN J 51 10.16 -134.97 26.16
CA GLN J 51 10.21 -136.13 25.27
C GLN J 51 8.83 -136.74 25.00
N LYS J 52 8.02 -136.83 26.06
CA LYS J 52 6.67 -137.40 25.98
C LYS J 52 5.85 -136.43 25.13
N ILE J 53 5.76 -135.19 25.62
CA ILE J 53 4.96 -134.15 25.00
C ILE J 53 5.29 -133.93 23.52
N ARG J 54 6.58 -133.89 23.17
CA ARG J 54 6.97 -133.70 21.78
C ARG J 54 6.49 -134.81 20.85
N HIS J 55 6.48 -136.04 21.36
CA HIS J 55 5.92 -137.15 20.60
C HIS J 55 4.43 -136.97 20.41
N ILE J 56 3.69 -136.82 21.51
CA ILE J 56 2.27 -136.48 21.39
C ILE J 56 2.08 -135.59 20.16
N LEU J 57 2.86 -134.50 20.13
CA LEU J 57 2.78 -133.45 19.10
C LEU J 57 2.96 -133.94 17.64
N ASP J 58 4.09 -134.61 17.40
CA ASP J 58 4.44 -135.25 16.12
C ASP J 58 3.29 -136.14 15.65
N GLU J 59 2.74 -136.89 16.60
CA GLU J 59 1.54 -137.73 16.40
C GLU J 59 0.31 -136.90 16.04
N ILE J 60 -0.14 -136.01 16.93
CA ILE J 60 -1.18 -135.04 16.59
C ILE J 60 -0.98 -134.34 15.21
N TYR J 61 0.28 -134.21 14.75
CA TYR J 61 0.63 -133.58 13.44
C TYR J 61 0.41 -134.43 12.19
N GLU J 62 0.52 -135.75 12.30
CA GLU J 62 0.02 -136.66 11.26
C GLU J 62 -1.52 -136.58 11.25
N LYS J 63 -2.12 -136.46 12.43
CA LYS J 63 -3.56 -136.18 12.54
C LYS J 63 -3.87 -134.88 11.78
N THR J 64 -3.65 -133.71 12.43
CA THR J 64 -4.03 -132.40 11.86
C THR J 64 -2.77 -131.60 11.48
N PRO J 65 -2.36 -131.63 10.19
CA PRO J 65 -1.11 -130.97 9.83
C PRO J 65 -1.22 -129.42 9.70
N PHE J 66 -0.22 -128.82 9.06
CA PHE J 66 -0.10 -127.37 8.97
C PHE J 66 -0.72 -126.82 7.69
N ASN J 67 -1.67 -127.58 7.11
CA ASN J 67 -2.05 -127.41 5.69
C ASN J 67 -3.02 -126.26 5.39
N ASN J 68 -4.01 -126.01 6.24
CA ASN J 68 -4.87 -124.83 6.06
C ASN J 68 -4.63 -123.80 7.14
N THR J 69 -5.24 -122.63 6.96
CA THR J 69 -4.90 -121.48 7.79
C THR J 69 -5.39 -121.69 9.25
N ARG J 70 -6.64 -122.11 9.45
CA ARG J 70 -7.20 -122.36 10.80
C ARG J 70 -6.36 -123.36 11.59
N ARG J 71 -5.71 -124.27 10.85
CA ARG J 71 -4.76 -125.19 11.45
C ARG J 71 -3.62 -124.34 12.00
N ARG J 72 -2.98 -123.61 11.10
CA ARG J 72 -1.83 -122.74 11.42
C ARG J 72 -2.12 -121.84 12.63
N ILE J 73 -3.09 -120.95 12.50
CA ILE J 73 -3.62 -120.15 13.63
C ILE J 73 -3.76 -120.92 14.93
N LEU J 74 -4.07 -122.21 14.83
CA LEU J 74 -4.23 -123.02 16.01
C LEU J 74 -2.89 -123.53 16.49
N TRP J 75 -2.16 -124.23 15.62
CA TRP J 75 -0.81 -124.74 15.93
C TRP J 75 0.12 -123.69 16.61
N LEU J 76 0.17 -122.46 16.05
CA LEU J 76 1.08 -121.39 16.54
C LEU J 76 0.68 -120.93 17.94
N ALA J 77 -0.61 -120.71 18.17
CA ALA J 77 -1.13 -120.44 19.52
C ALA J 77 -0.70 -121.49 20.53
N VAL J 78 -0.73 -122.75 20.10
CA VAL J 78 -0.51 -123.87 21.00
C VAL J 78 0.97 -123.86 21.41
N LEU J 79 1.87 -124.01 20.44
CA LEU J 79 3.30 -124.05 20.76
C LEU J 79 3.69 -122.80 21.60
N LYS J 80 3.36 -121.63 21.07
CA LYS J 80 3.56 -120.39 21.79
C LYS J 80 3.33 -120.59 23.29
N THR J 81 2.24 -121.25 23.70
CA THR J 81 1.96 -121.39 25.15
C THR J 81 2.84 -122.44 25.87
N VAL J 82 3.29 -123.47 25.15
CA VAL J 82 3.93 -124.64 25.79
C VAL J 82 5.43 -124.76 25.59
N ILE J 83 6.01 -124.09 24.62
CA ILE J 83 7.47 -124.23 24.38
C ILE J 83 8.36 -123.87 25.60
N PRO J 84 7.86 -123.05 26.56
CA PRO J 84 8.65 -122.91 27.82
C PRO J 84 8.90 -124.23 28.59
N LEU J 85 8.07 -125.24 28.33
CA LEU J 85 8.16 -126.57 28.97
C LEU J 85 9.18 -127.50 28.33
N LEU J 86 9.54 -127.24 27.08
CA LEU J 86 10.35 -128.18 26.33
C LEU J 86 11.85 -127.90 26.42
N ILE J 87 12.59 -128.72 25.70
CA ILE J 87 14.02 -128.68 25.59
C ILE J 87 14.29 -129.33 24.25
N LEU J 88 15.01 -128.65 23.37
CA LEU J 88 15.23 -129.13 21.99
C LEU J 88 16.72 -129.28 21.71
N ASP J 89 17.06 -129.88 20.56
CA ASP J 89 18.45 -129.98 20.08
C ASP J 89 18.51 -129.71 18.57
N ARG J 90 19.69 -129.73 17.98
CA ARG J 90 19.84 -129.50 16.52
C ARG J 90 18.81 -130.22 15.61
N GLN J 91 18.53 -131.48 15.94
CA GLN J 91 17.58 -132.29 15.19
C GLN J 91 16.17 -131.78 15.43
N ALA J 92 15.86 -131.44 16.68
CA ALA J 92 14.50 -131.07 17.06
C ALA J 92 14.04 -129.76 16.43
N VAL J 93 14.98 -128.88 16.10
CA VAL J 93 14.60 -127.63 15.45
C VAL J 93 14.31 -127.90 13.96
N GLY J 94 15.23 -128.60 13.28
CA GLY J 94 14.97 -129.20 11.97
C GLY J 94 13.62 -129.94 11.92
N GLU J 95 13.19 -130.57 13.02
CA GLU J 95 11.80 -130.95 13.19
C GLU J 95 11.01 -129.69 12.80
N TRP J 96 10.98 -128.72 13.72
CA TRP J 96 10.01 -127.61 13.72
C TRP J 96 10.14 -126.73 12.48
N TRP J 97 11.39 -126.59 12.06
CA TRP J 97 11.76 -125.87 10.86
C TRP J 97 11.10 -126.45 9.65
N ASP J 98 11.19 -127.77 9.51
CA ASP J 98 10.61 -128.42 8.36
C ASP J 98 9.09 -128.48 8.43
N GLN J 99 8.53 -128.60 9.64
CA GLN J 99 7.09 -128.83 9.80
C GLN J 99 6.32 -127.63 10.28
N ILE J 100 6.98 -126.49 10.42
CA ILE J 100 6.28 -125.26 10.88
C ILE J 100 6.78 -123.99 10.21
N PHE J 101 8.05 -123.71 10.43
CA PHE J 101 8.63 -122.46 9.99
C PHE J 101 8.73 -122.44 8.47
N PHE J 102 9.47 -123.38 7.89
CA PHE J 102 9.58 -123.44 6.45
C PHE J 102 8.23 -123.35 5.70
N PRO J 103 7.23 -124.16 6.12
CA PRO J 103 5.86 -124.02 5.62
C PRO J 103 5.36 -122.59 5.60
N PHE J 104 5.47 -121.92 6.75
CA PHE J 104 4.92 -120.58 6.91
C PHE J 104 5.71 -119.55 6.16
N LEU J 105 7.01 -119.59 6.29
CA LEU J 105 7.81 -118.54 5.71
C LEU J 105 7.68 -118.59 4.21
N ASN J 106 7.47 -119.78 3.68
CA ASN J 106 7.30 -119.96 2.24
C ASN J 106 5.94 -119.53 1.73
N SER J 107 4.97 -119.35 2.62
CA SER J 107 3.58 -119.11 2.24
C SER J 107 2.86 -118.42 3.40
N PRO J 108 3.33 -117.23 3.78
CA PRO J 108 2.87 -116.63 5.03
C PRO J 108 1.39 -116.34 5.06
N THR J 109 0.70 -116.96 6.03
CA THR J 109 -0.70 -116.62 6.36
C THR J 109 -0.76 -115.11 6.58
N GLN J 110 -1.65 -114.46 5.83
CA GLN J 110 -1.69 -113.02 5.76
C GLN J 110 -2.48 -112.43 6.90
N LEU J 111 -2.27 -112.89 8.11
CA LEU J 111 -2.68 -112.10 9.28
C LEU J 111 -1.43 -111.58 10.01
N LYS J 112 -1.66 -110.69 10.97
CA LYS J 112 -0.56 -110.11 11.69
C LYS J 112 -0.30 -110.86 12.96
N PRO J 113 -1.28 -110.91 13.88
CA PRO J 113 -1.04 -111.57 15.16
C PRO J 113 -0.62 -113.04 15.03
N VAL J 114 -0.85 -113.61 13.85
CA VAL J 114 -0.34 -114.93 13.53
C VAL J 114 1.18 -114.83 13.40
N PHE J 115 1.64 -114.10 12.39
CA PHE J 115 3.07 -113.98 12.15
C PHE J 115 3.72 -113.39 13.37
N SER J 116 2.96 -112.61 14.14
CA SER J 116 3.46 -112.11 15.42
C SER J 116 3.80 -113.26 16.31
N ASP J 117 2.99 -114.32 16.28
CA ASP J 117 3.22 -115.51 17.13
C ASP J 117 4.31 -116.41 16.58
N LEU J 118 4.40 -116.57 15.27
CA LEU J 118 5.58 -117.21 14.71
C LEU J 118 6.86 -116.59 15.35
N LYS J 119 6.81 -115.28 15.56
CA LYS J 119 7.90 -114.51 16.13
C LYS J 119 8.01 -114.80 17.60
N SER J 120 6.91 -114.71 18.32
CA SER J 120 6.92 -115.10 19.74
C SER J 120 7.80 -116.31 19.93
N ILE J 121 7.46 -117.37 19.18
CA ILE J 121 8.19 -118.65 19.18
C ILE J 121 9.64 -118.48 18.74
N LEU J 122 9.84 -118.15 17.47
CA LEU J 122 11.18 -117.89 16.95
C LEU J 122 12.11 -117.16 17.94
N PHE J 123 11.60 -116.11 18.56
CA PHE J 123 12.45 -115.26 19.37
C PHE J 123 12.57 -115.80 20.78
N TYR J 124 11.75 -116.80 21.14
CA TYR J 124 12.00 -117.56 22.37
C TYR J 124 13.24 -118.49 22.20
N ILE J 125 13.50 -118.95 20.99
CA ILE J 125 14.63 -119.87 20.75
C ILE J 125 15.96 -119.12 20.64
N LEU J 126 15.88 -117.99 19.91
CA LEU J 126 17.01 -117.11 19.53
C LEU J 126 17.62 -116.27 20.70
N ILE J 127 16.75 -115.73 21.53
CA ILE J 127 17.12 -114.76 22.52
C ILE J 127 16.75 -115.29 23.85
N PHE J 128 17.77 -115.54 24.67
CA PHE J 128 17.62 -116.12 26.00
C PHE J 128 18.50 -115.46 27.07
N HIS J 129 18.03 -115.50 28.33
CA HIS J 129 18.86 -115.18 29.53
C HIS J 129 20.01 -116.20 29.64
N ASP J 130 19.66 -117.45 29.95
CA ASP J 130 20.56 -118.47 30.56
C ASP J 130 21.05 -119.57 29.61
N GLU J 131 22.35 -119.59 29.34
CA GLU J 131 22.97 -120.59 28.44
C GLU J 131 22.76 -122.03 28.86
N ASP J 132 22.71 -122.25 30.17
CA ASP J 132 22.72 -123.58 30.81
C ASP J 132 21.33 -124.15 30.99
N GLU J 133 20.31 -123.30 30.84
CA GLU J 133 18.89 -123.64 31.08
C GLU J 133 18.48 -125.06 30.68
N TRP J 134 18.94 -125.50 29.52
CA TRP J 134 18.63 -126.84 29.02
C TRP J 134 19.80 -127.80 29.23
N GLY J 135 20.88 -127.28 29.81
CA GLY J 135 22.04 -128.07 30.17
C GLY J 135 22.90 -128.33 28.94
N GLY J 136 24.17 -128.61 29.19
CA GLY J 136 25.11 -128.82 28.11
C GLY J 136 25.17 -127.55 27.28
N ASP J 137 25.14 -127.70 25.95
CA ASP J 137 25.19 -126.55 25.06
C ASP J 137 23.93 -126.50 24.19
N LEU J 138 22.79 -126.85 24.76
CA LEU J 138 21.59 -127.09 23.97
C LEU J 138 20.94 -125.80 23.54
N ARG J 139 20.88 -124.87 24.47
CA ARG J 139 20.13 -123.65 24.26
C ARG J 139 20.72 -122.85 23.10
N ARG J 140 22.03 -122.75 23.13
CA ARG J 140 22.78 -122.07 22.10
C ARG J 140 22.84 -122.88 20.79
N GLU J 141 22.92 -124.20 20.86
CA GLU J 141 22.95 -125.03 19.64
C GLU J 141 21.66 -124.87 18.81
N CYS J 142 20.53 -124.73 19.51
CA CYS J 142 19.23 -124.47 18.87
C CYS J 142 19.24 -123.09 18.21
N ALA J 143 19.61 -122.06 18.98
CA ALA J 143 19.71 -120.69 18.48
C ALA J 143 20.65 -120.57 17.27
N GLU J 144 21.87 -121.10 17.37
CA GLU J 144 22.78 -121.08 16.23
C GLU J 144 22.24 -121.80 15.01
N GLU J 145 21.41 -122.84 15.22
CA GLU J 145 20.82 -123.61 14.10
C GLU J 145 19.69 -122.81 13.49
N THR J 146 18.67 -122.51 14.31
CA THR J 146 17.51 -121.72 13.88
C THR J 146 17.96 -120.50 13.03
N ILE J 147 18.88 -119.70 13.55
CA ILE J 147 19.36 -118.54 12.83
C ILE J 147 19.94 -118.89 11.46
N THR J 148 20.68 -119.99 11.38
CA THR J 148 21.26 -120.38 10.11
C THR J 148 20.20 -120.76 9.08
N ARG J 149 19.15 -121.43 9.55
CA ARG J 149 18.09 -121.85 8.66
C ARG J 149 17.49 -120.60 8.10
N LEU J 150 17.14 -119.66 9.00
CA LEU J 150 16.64 -118.31 8.65
C LEU J 150 17.54 -117.60 7.66
N VAL J 151 18.81 -117.54 7.98
CA VAL J 151 19.77 -116.94 7.08
C VAL J 151 19.74 -117.60 5.70
N ASP J 152 19.82 -118.93 5.66
CA ASP J 152 20.02 -119.65 4.38
C ASP J 152 18.77 -119.48 3.51
N LEU J 153 17.60 -119.55 4.15
CA LEU J 153 16.34 -119.34 3.47
C LEU J 153 16.35 -117.99 2.79
N TYR J 154 16.46 -116.94 3.61
CA TYR J 154 16.46 -115.53 3.15
C TYR J 154 17.36 -115.29 1.95
N VAL J 155 18.53 -115.92 1.94
CA VAL J 155 19.48 -115.77 0.84
C VAL J 155 18.97 -116.38 -0.48
N SER J 156 18.86 -117.72 -0.54
CA SER J 156 18.28 -118.45 -1.71
C SER J 156 16.97 -117.83 -2.21
N LYS J 157 16.06 -117.57 -1.28
CA LYS J 157 14.80 -116.85 -1.53
C LYS J 157 14.99 -115.37 -1.91
N ALA J 158 16.24 -114.95 -2.07
CA ALA J 158 16.54 -113.62 -2.57
C ALA J 158 17.55 -113.70 -3.74
N ILE J 159 17.78 -114.90 -4.27
CA ILE J 159 18.42 -114.99 -5.58
C ILE J 159 17.68 -115.93 -6.52
N GLU J 160 16.54 -116.48 -6.07
CA GLU J 160 15.80 -117.51 -6.83
C GLU J 160 15.06 -116.88 -8.02
N ASN J 161 15.06 -117.55 -9.19
CA ASN J 161 14.62 -116.92 -10.46
C ASN J 161 13.09 -116.55 -10.55
N LEU J 162 12.27 -117.03 -9.60
CA LEU J 162 10.91 -116.47 -9.26
C LEU J 162 9.69 -117.26 -9.80
N GLY J 163 9.96 -118.37 -10.50
CA GLY J 163 8.98 -119.00 -11.41
C GLY J 163 7.81 -119.77 -10.81
N ASP J 164 6.60 -119.31 -11.11
CA ASP J 164 5.36 -119.98 -10.70
C ASP J 164 5.27 -120.11 -9.18
N SER J 167 3.37 -115.64 -7.42
CA SER J 167 4.68 -116.21 -7.13
C SER J 167 5.81 -115.12 -7.13
N GLN J 168 5.59 -113.95 -7.76
CA GLN J 168 6.53 -112.81 -7.63
C GLN J 168 6.07 -111.80 -6.57
N GLU J 169 4.82 -111.94 -6.09
CA GLU J 169 4.25 -111.15 -4.97
C GLU J 169 4.18 -112.00 -3.73
N GLN J 170 4.06 -113.32 -3.92
CA GLN J 170 4.04 -114.31 -2.84
C GLN J 170 5.41 -114.31 -2.21
N ARG J 171 6.42 -114.18 -3.10
CA ARG J 171 7.84 -114.01 -2.75
C ARG J 171 8.10 -112.83 -1.81
N ASN J 172 7.49 -111.69 -2.10
CA ASN J 172 7.78 -110.52 -1.30
C ASN J 172 7.24 -110.66 0.10
N GLN J 173 6.11 -111.35 0.25
CA GLN J 173 5.55 -111.65 1.57
C GLN J 173 6.48 -112.59 2.32
N THR J 174 7.24 -113.38 1.58
CA THR J 174 8.23 -114.23 2.22
C THR J 174 9.39 -113.32 2.67
N ILE J 175 10.20 -112.83 1.72
CA ILE J 175 11.39 -112.00 2.05
C ILE J 175 11.15 -110.77 2.92
N GLU J 176 9.91 -110.31 3.04
CA GLU J 176 9.55 -109.21 3.97
C GLU J 176 9.52 -109.72 5.41
N CYS J 177 8.94 -110.90 5.57
CA CYS J 177 8.89 -111.56 6.87
C CYS J 177 10.28 -111.90 7.35
N LEU J 178 11.07 -112.49 6.48
CA LEU J 178 12.38 -112.89 6.87
C LEU J 178 13.15 -111.67 7.30
N VAL J 179 13.01 -110.60 6.52
CA VAL J 179 13.84 -109.39 6.75
C VAL J 179 13.51 -108.78 8.10
N ASN J 180 12.21 -108.67 8.34
CA ASN J 180 11.70 -108.20 9.59
C ASN J 180 12.22 -109.06 10.75
N VAL J 181 12.40 -110.36 10.54
CA VAL J 181 12.87 -111.26 11.62
C VAL J 181 14.37 -111.15 11.78
N LEU J 182 15.12 -111.45 10.73
CA LEU J 182 16.57 -111.18 10.71
C LEU J 182 17.07 -109.81 11.30
N VAL J 183 16.43 -108.69 10.95
CA VAL J 183 16.87 -107.39 11.43
C VAL J 183 16.70 -107.44 12.92
N HIS J 184 15.44 -107.40 13.36
CA HIS J 184 15.03 -107.61 14.76
C HIS J 184 16.04 -108.44 15.60
N TYR J 185 16.61 -109.49 15.00
CA TYR J 185 17.60 -110.32 15.66
C TYR J 185 18.91 -109.55 15.72
N GLY J 186 19.51 -109.34 14.55
CA GLY J 186 20.75 -108.60 14.46
C GLY J 186 20.90 -107.40 15.40
N ILE J 187 19.83 -106.63 15.59
CA ILE J 187 19.96 -105.47 16.44
C ILE J 187 20.32 -105.94 17.85
N GLN J 188 19.79 -107.11 18.24
CA GLN J 188 20.12 -107.74 19.53
C GLN J 188 21.41 -108.53 19.49
N ARG J 189 21.74 -109.08 18.33
CA ARG J 189 22.87 -109.98 18.26
C ARG J 189 23.66 -109.76 17.00
N PRO J 190 24.42 -108.66 16.96
CA PRO J 190 25.06 -108.31 15.71
C PRO J 190 26.36 -109.02 15.46
N LYS J 191 27.09 -109.47 16.50
CA LYS J 191 28.29 -110.35 16.24
C LYS J 191 27.74 -111.62 15.58
N GLU J 192 26.64 -112.11 16.14
CA GLU J 192 26.06 -113.35 15.75
C GLU J 192 25.67 -113.22 14.30
N LEU J 193 24.67 -112.37 14.02
CA LEU J 193 24.15 -112.22 12.63
C LEU J 193 25.22 -112.07 11.59
N SER J 194 26.20 -111.20 11.84
CA SER J 194 27.34 -110.98 10.92
C SER J 194 28.20 -112.23 10.65
N SER J 195 28.43 -113.04 11.68
CA SER J 195 29.10 -114.32 11.45
C SER J 195 28.33 -115.14 10.40
N CYS J 196 27.02 -115.36 10.61
CA CYS J 196 26.19 -116.18 9.68
C CYS J 196 26.28 -115.74 8.24
N PHE J 197 26.26 -114.42 8.01
CA PHE J 197 26.35 -113.87 6.66
C PHE J 197 27.69 -114.00 5.93
N CYS J 198 28.77 -114.34 6.64
CA CYS J 198 30.10 -114.16 6.07
C CYS J 198 30.42 -115.01 4.85
N HIS J 199 29.97 -116.27 4.85
CA HIS J 199 30.24 -117.21 3.73
C HIS J 199 29.34 -116.87 2.53
N HIS J 200 28.08 -116.58 2.83
CA HIS J 200 27.16 -116.09 1.84
C HIS J 200 27.74 -114.84 1.16
N PHE J 201 28.16 -113.86 1.95
CA PHE J 201 28.64 -112.58 1.40
C PHE J 201 29.86 -112.75 0.46
N LEU J 202 30.51 -113.92 0.52
CA LEU J 202 31.54 -114.22 -0.45
C LEU J 202 30.92 -114.45 -1.86
N ASN J 203 29.71 -115.05 -1.90
CA ASN J 203 29.00 -115.36 -3.17
C ASN J 203 28.21 -114.18 -3.74
N PRO J 204 28.71 -113.58 -4.85
CA PRO J 204 28.32 -112.20 -5.22
C PRO J 204 26.85 -111.76 -5.19
N PRO J 205 25.93 -112.53 -5.77
CA PRO J 205 24.53 -112.10 -5.68
C PRO J 205 24.01 -111.77 -4.28
N THR J 206 24.44 -112.54 -3.27
CA THR J 206 23.95 -112.35 -1.93
C THR J 206 24.15 -110.93 -1.39
N ARG J 207 25.20 -110.26 -1.86
CA ARG J 207 25.70 -109.00 -1.25
C ARG J 207 24.65 -107.86 -1.07
N ILE J 208 24.02 -107.42 -2.15
CA ILE J 208 22.93 -106.40 -2.06
C ILE J 208 21.85 -106.72 -1.03
N PRO J 209 21.22 -107.90 -1.12
CA PRO J 209 20.29 -108.25 -0.05
C PRO J 209 20.90 -108.41 1.35
N ILE J 210 22.13 -108.90 1.48
CA ILE J 210 22.69 -109.03 2.83
C ILE J 210 22.82 -107.62 3.43
N LEU J 211 23.72 -106.81 2.87
CA LEU J 211 23.97 -105.44 3.31
C LEU J 211 22.70 -104.63 3.53
N SER J 212 21.73 -104.83 2.65
CA SER J 212 20.46 -104.22 2.84
C SER J 212 19.97 -104.43 4.26
N VAL J 213 20.02 -105.67 4.74
CA VAL J 213 19.62 -105.99 6.11
C VAL J 213 20.56 -105.38 7.14
N VAL J 215 22.71 -102.59 7.06
CA VAL J 215 22.59 -101.17 7.35
C VAL J 215 21.35 -100.87 8.16
N GLU J 216 20.28 -101.68 8.06
CA GLU J 216 19.04 -101.43 8.83
C GLU J 216 19.19 -101.72 10.33
N VAL J 217 20.18 -102.55 10.61
CA VAL J 217 20.55 -102.92 11.95
C VAL J 217 21.39 -101.80 12.49
N ILE J 218 22.38 -101.41 11.69
CA ILE J 218 23.41 -100.49 12.11
C ILE J 218 22.83 -99.09 12.23
N ARG J 219 21.88 -98.73 11.36
CA ARG J 219 21.08 -97.49 11.46
C ARG J 219 20.50 -97.32 12.88
N ARG J 220 19.97 -98.36 13.50
CA ARG J 220 19.50 -98.21 14.90
C ARG J 220 20.54 -97.65 15.88
N GLN J 221 21.81 -97.97 15.63
CA GLN J 221 22.89 -97.58 16.50
C GLN J 221 22.67 -98.14 17.91
N GLY J 222 22.04 -99.31 18.00
CA GLY J 222 21.95 -100.00 19.27
C GLY J 222 23.31 -100.61 19.61
N PRO J 223 23.35 -101.47 20.64
CA PRO J 223 24.57 -102.18 21.00
C PRO J 223 24.69 -103.43 20.15
N ARG J 224 25.82 -104.12 20.05
CA ARG J 224 27.16 -103.71 20.46
C ARG J 224 27.90 -103.80 19.15
N LEU J 225 27.89 -102.70 18.40
CA LEU J 225 28.36 -102.71 17.02
C LEU J 225 29.88 -102.88 16.92
N TYR J 226 30.55 -102.74 18.06
CA TYR J 226 31.99 -102.90 18.14
C TYR J 226 32.44 -104.37 18.14
N GLU J 227 31.46 -105.29 18.14
CA GLU J 227 31.69 -106.75 18.15
C GLU J 227 31.66 -107.37 16.77
N ILE J 228 31.33 -106.54 15.80
CA ILE J 228 31.22 -106.94 14.41
C ILE J 228 32.56 -107.20 13.70
N PRO J 229 33.55 -106.31 13.86
CA PRO J 229 34.82 -106.47 13.13
C PRO J 229 35.53 -107.76 13.44
N GLN J 230 35.30 -108.30 14.64
CA GLN J 230 35.73 -109.66 15.07
C GLN J 230 35.40 -110.82 14.12
N THR J 231 34.21 -110.77 13.54
CA THR J 231 33.69 -111.76 12.62
C THR J 231 34.33 -111.68 11.21
N GLY J 232 34.95 -110.54 10.88
CA GLY J 232 35.59 -110.33 9.59
C GLY J 232 34.62 -109.88 8.49
N PHE J 233 33.40 -109.54 8.91
CA PHE J 233 32.36 -109.05 8.00
C PHE J 233 32.79 -107.70 7.48
N TYR J 234 33.23 -106.83 8.40
CA TYR J 234 33.69 -105.52 8.02
C TYR J 234 34.82 -105.66 7.00
N ASP J 235 35.70 -106.64 7.19
CA ASP J 235 36.74 -106.83 6.18
C ASP J 235 36.10 -107.11 4.83
N LEU J 236 35.10 -107.99 4.81
CA LEU J 236 34.43 -108.37 3.56
C LEU J 236 33.84 -107.14 2.89
N VAL J 237 33.31 -106.24 3.72
CA VAL J 237 32.56 -105.09 3.20
C VAL J 237 33.43 -104.04 2.57
N LEU J 238 34.65 -103.92 3.07
CA LEU J 238 35.67 -103.09 2.43
C LEU J 238 36.14 -103.67 1.08
N LYS J 239 36.26 -105.00 1.01
CA LYS J 239 36.52 -105.66 -0.28
C LYS J 239 35.38 -105.32 -1.22
N CYS J 240 34.16 -105.34 -0.67
CA CYS J 240 33.03 -104.89 -1.45
C CYS J 240 33.24 -103.51 -2.09
N ALA J 241 33.65 -102.53 -1.26
CA ALA J 241 33.86 -101.15 -1.65
C ALA J 241 35.03 -100.91 -2.58
N GLU J 242 36.09 -101.73 -2.46
CA GLU J 242 37.28 -101.57 -3.31
C GLU J 242 37.10 -102.12 -4.74
N PHE J 243 36.37 -103.26 -4.85
CA PHE J 243 36.29 -104.06 -6.09
C PHE J 243 34.94 -104.05 -6.81
N ASP J 244 33.85 -104.36 -6.11
CA ASP J 244 32.58 -104.49 -6.80
C ASP J 244 32.18 -103.21 -7.53
N THR J 245 31.50 -103.41 -8.65
CA THR J 245 31.00 -102.35 -9.51
C THR J 245 29.65 -101.74 -9.13
N SER J 246 28.76 -102.51 -8.51
CA SER J 246 27.35 -102.13 -8.45
C SER J 246 27.00 -100.85 -7.72
N PRO J 247 26.73 -99.78 -8.44
CA PRO J 247 26.30 -98.57 -7.74
C PRO J 247 25.29 -98.82 -6.64
N ILE J 248 24.33 -99.70 -6.85
CA ILE J 248 23.34 -99.97 -5.80
C ILE J 248 24.07 -100.51 -4.57
N LEU J 249 24.80 -101.59 -4.80
CA LEU J 249 25.57 -102.28 -3.77
C LEU J 249 26.56 -101.32 -3.06
N LEU J 250 27.45 -100.70 -3.84
CA LEU J 250 28.46 -99.83 -3.29
C LEU J 250 27.90 -98.78 -2.37
N SER J 251 26.73 -98.27 -2.70
CA SER J 251 26.19 -97.24 -1.85
C SER J 251 25.85 -97.90 -0.50
N TYR J 252 25.21 -99.04 -0.61
CA TYR J 252 24.88 -99.78 0.58
C TYR J 252 26.13 -99.97 1.42
N ALA J 253 27.23 -100.30 0.75
CA ALA J 253 28.48 -100.61 1.42
C ALA J 253 28.96 -99.38 2.14
N LEU J 254 29.04 -98.28 1.40
CA LEU J 254 29.55 -97.07 1.96
C LEU J 254 28.73 -96.66 3.19
N SER J 255 27.40 -96.80 3.18
CA SER J 255 26.61 -96.41 4.39
C SER J 255 26.94 -97.34 5.56
N PHE J 256 27.21 -98.60 5.25
CA PHE J 256 27.69 -99.49 6.28
C PHE J 256 28.97 -98.92 6.86
N ILE J 257 29.99 -98.77 6.03
CA ILE J 257 31.30 -98.45 6.56
C ILE J 257 31.29 -97.06 7.22
N LEU J 258 30.47 -96.12 6.77
CA LEU J 258 30.32 -94.87 7.56
C LEU J 258 29.73 -95.20 8.94
N ILE J 260 29.46 -97.45 10.81
CA ILE J 260 30.13 -98.38 11.71
C ILE J 260 31.46 -97.82 12.15
N LEU J 261 32.00 -96.89 11.37
CA LEU J 261 33.37 -96.40 11.56
C LEU J 261 33.61 -95.75 12.93
N SER J 262 32.63 -95.00 13.42
CA SER J 262 32.75 -94.39 14.73
C SER J 262 32.97 -95.40 15.90
N HIS J 263 32.57 -96.66 15.74
CA HIS J 263 32.71 -97.67 16.83
C HIS J 263 33.89 -98.61 16.67
N ILE J 264 34.99 -98.09 16.13
CA ILE J 264 36.16 -98.90 15.82
C ILE J 264 37.46 -98.25 16.41
N CYS J 265 37.94 -97.19 15.74
CA CYS J 265 39.16 -96.43 16.11
C CYS J 265 40.43 -97.26 16.26
N ASN J 266 40.26 -98.59 16.20
CA ASN J 266 41.30 -99.60 16.44
C ASN J 266 41.62 -100.37 15.16
N SER J 267 40.57 -100.85 14.49
CA SER J 267 40.69 -101.41 13.13
C SER J 267 40.99 -100.28 12.12
N LEU J 268 40.88 -99.04 12.57
CA LEU J 268 41.17 -97.89 11.73
C LEU J 268 42.65 -97.87 11.41
N ASP J 269 43.46 -98.36 12.33
CA ASP J 269 44.90 -98.42 12.09
C ASP J 269 45.23 -99.35 10.89
N ASP J 270 44.45 -100.41 10.70
CA ASP J 270 44.65 -101.34 9.55
C ASP J 270 44.01 -100.78 8.28
N SER J 271 42.70 -100.55 8.41
CA SER J 271 41.88 -100.16 7.27
C SER J 271 42.41 -98.89 6.59
N LEU J 272 43.00 -98.01 7.40
CA LEU J 272 43.40 -96.67 6.97
C LEU J 272 43.74 -96.59 5.48
N TYR J 273 44.75 -97.37 5.08
CA TYR J 273 45.26 -97.25 3.74
C TYR J 273 44.15 -97.62 2.78
N ARG J 274 43.38 -98.65 3.11
CA ARG J 274 42.31 -99.16 2.25
C ARG J 274 41.26 -98.07 2.08
N LEU J 275 40.83 -97.59 3.25
CA LEU J 275 39.91 -96.48 3.31
C LEU J 275 40.34 -95.29 2.41
N PHE J 276 41.64 -95.00 2.34
CA PHE J 276 42.12 -93.95 1.47
C PHE J 276 41.70 -94.23 0.05
N CYS J 277 42.16 -95.39 -0.44
CA CYS J 277 41.75 -95.96 -1.73
C CYS J 277 40.22 -96.02 -1.90
N ILE J 278 39.48 -96.35 -0.86
CA ILE J 278 38.03 -96.26 -0.96
C ILE J 278 37.51 -94.83 -1.22
N TYR J 279 37.94 -93.84 -0.44
CA TYR J 279 37.59 -92.42 -0.73
C TYR J 279 37.98 -92.06 -2.20
N LEU J 280 39.18 -92.51 -2.59
CA LEU J 280 39.68 -92.20 -3.90
C LEU J 280 38.58 -92.64 -4.85
N ARG J 281 38.32 -93.94 -4.83
CA ARG J 281 37.41 -94.59 -5.76
C ARG J 281 36.07 -93.89 -5.84
N PHE J 282 35.44 -93.75 -4.70
CA PHE J 282 34.12 -93.20 -4.58
C PHE J 282 34.00 -91.75 -5.01
N SER J 283 35.11 -91.03 -5.04
CA SER J 283 35.11 -89.64 -5.48
C SER J 283 35.41 -89.57 -6.97
N ILE J 285 33.82 -91.62 -9.06
CA ILE J 285 32.57 -92.14 -9.62
C ILE J 285 32.12 -91.18 -10.68
N ASP J 286 31.63 -91.75 -11.78
CA ASP J 286 31.56 -91.05 -13.04
C ASP J 286 30.23 -91.35 -13.75
N PRO J 287 29.51 -90.28 -14.17
CA PRO J 287 28.18 -90.37 -14.77
C PRO J 287 28.03 -91.46 -15.83
N THR J 288 29.10 -91.66 -16.61
CA THR J 288 29.16 -92.51 -17.79
C THR J 288 29.90 -93.86 -17.56
N SER J 289 31.10 -93.80 -17.00
CA SER J 289 31.95 -94.99 -16.80
C SER J 289 31.72 -95.66 -15.47
N GLY J 290 31.08 -94.95 -14.54
CA GLY J 290 30.75 -95.51 -13.22
C GLY J 290 31.96 -95.52 -12.31
N PHE J 291 31.89 -96.31 -11.23
CA PHE J 291 33.05 -96.50 -10.34
C PHE J 291 34.21 -97.04 -11.13
N PRO J 292 35.44 -96.68 -10.75
CA PRO J 292 36.53 -97.29 -11.51
C PRO J 292 36.75 -98.76 -11.19
N SER J 293 36.90 -99.57 -12.25
CA SER J 293 37.13 -101.00 -12.12
C SER J 293 38.55 -101.23 -11.58
N SER J 294 38.65 -102.03 -10.52
CA SER J 294 39.93 -102.39 -9.90
C SER J 294 40.62 -103.47 -10.70
N THR J 295 41.88 -103.24 -11.06
CA THR J 295 42.65 -104.23 -11.79
C THR J 295 42.79 -105.52 -10.97
N ALA J 296 42.79 -105.38 -9.65
CA ALA J 296 43.28 -106.45 -8.75
C ALA J 296 42.22 -107.51 -8.47
N SER J 297 41.56 -107.40 -7.31
CA SER J 297 40.58 -108.39 -6.80
C SER J 297 41.25 -109.40 -5.84
N GLY J 298 42.49 -109.81 -6.15
CA GLY J 298 43.00 -111.10 -5.67
C GLY J 298 42.13 -112.20 -6.23
N ASN J 299 41.36 -112.85 -5.38
CA ASN J 299 40.47 -113.90 -5.83
C ASN J 299 38.99 -113.51 -5.66
N TRP J 300 38.67 -112.22 -5.75
CA TRP J 300 37.46 -111.72 -5.05
C TRP J 300 36.11 -112.19 -5.64
N GLU J 301 36.02 -112.24 -6.96
CA GLU J 301 34.73 -112.52 -7.58
C GLU J 301 33.84 -111.31 -7.38
N VAL J 302 34.05 -110.38 -8.31
CA VAL J 302 33.44 -109.09 -8.32
C VAL J 302 31.98 -109.21 -8.69
N PHE J 303 31.10 -108.59 -7.92
CA PHE J 303 29.70 -108.38 -8.34
C PHE J 303 29.60 -107.18 -9.23
N HIS J 304 29.24 -107.39 -10.49
CA HIS J 304 28.80 -106.30 -11.39
C HIS J 304 27.27 -106.16 -11.50
N ASP J 305 26.81 -105.13 -12.21
CA ASP J 305 25.39 -104.85 -12.17
C ASP J 305 24.63 -105.86 -13.01
N PHE J 306 24.86 -105.88 -14.32
CA PHE J 306 24.27 -106.93 -15.14
C PHE J 306 25.27 -108.08 -15.16
N SER J 308 25.28 -110.32 -17.41
CA SER J 308 24.64 -110.53 -18.70
C SER J 308 25.64 -110.06 -19.75
N SER J 339 22.54 -90.22 1.14
CA SER J 339 23.11 -88.96 1.64
C SER J 339 24.17 -89.22 2.73
N LEU J 340 24.92 -90.32 2.55
CA LEU J 340 26.13 -90.61 3.33
C LEU J 340 27.23 -90.83 2.31
N ASP J 341 27.54 -89.81 1.50
CA ASP J 341 28.48 -89.97 0.38
C ASP J 341 29.93 -89.70 0.78
N TYR J 342 30.80 -89.64 -0.23
CA TYR J 342 32.24 -89.66 0.01
C TYR J 342 32.78 -88.44 0.78
N SER J 343 32.02 -87.36 0.78
CA SER J 343 32.38 -86.16 1.52
C SER J 343 32.40 -86.39 3.05
N GLN J 344 31.41 -87.15 3.54
CA GLN J 344 31.36 -87.62 4.93
C GLN J 344 32.60 -88.40 5.29
N LEU J 345 33.17 -89.07 4.29
CA LEU J 345 34.36 -89.85 4.53
C LEU J 345 35.54 -88.94 4.63
N PHE J 346 35.52 -87.86 3.86
CA PHE J 346 36.61 -86.91 3.87
C PHE J 346 36.75 -86.28 5.25
N SER J 347 35.66 -85.67 5.71
CA SER J 347 35.59 -85.18 7.08
C SER J 347 36.20 -86.20 7.97
N ILE J 348 35.61 -87.36 8.04
CA ILE J 348 36.07 -88.31 9.04
C ILE J 348 37.55 -88.75 8.89
N LEU J 349 38.13 -88.63 7.69
CA LEU J 349 39.56 -88.91 7.47
C LEU J 349 40.43 -87.69 7.72
N TYR J 350 39.91 -86.51 7.36
CA TYR J 350 40.64 -85.26 7.59
C TYR J 350 40.98 -85.06 9.07
N ALA J 351 39.94 -84.98 9.91
CA ALA J 351 40.06 -85.33 11.33
C ALA J 351 40.66 -86.72 11.40
N LEU J 352 41.51 -86.99 12.40
CA LEU J 352 42.14 -88.35 12.59
C LEU J 352 43.41 -88.58 11.78
N TYR J 353 43.32 -88.56 10.44
CA TYR J 353 44.55 -88.73 9.67
C TYR J 353 44.76 -87.70 8.64
N PRO J 354 44.71 -86.41 9.04
CA PRO J 354 44.90 -85.27 8.17
C PRO J 354 46.25 -85.20 7.46
N ILE J 355 47.35 -85.43 8.15
CA ILE J 355 48.63 -85.18 7.51
C ILE J 355 48.79 -86.19 6.37
N ASN J 356 48.49 -87.45 6.72
CA ASN J 356 48.60 -88.59 5.86
C ASN J 356 47.51 -88.55 4.80
N PHE J 357 46.28 -88.26 5.20
CA PHE J 357 45.20 -88.17 4.23
C PHE J 357 45.51 -87.19 3.08
N LEU J 358 45.88 -85.95 3.42
CA LEU J 358 46.17 -84.98 2.36
C LEU J 358 47.43 -85.36 1.60
N GLU J 359 48.40 -86.00 2.22
CA GLU J 359 49.61 -86.32 1.44
C GLU J 359 49.28 -87.45 0.49
N PHE J 360 48.31 -88.26 0.85
CA PHE J 360 47.86 -89.31 -0.04
C PHE J 360 47.27 -88.62 -1.25
N LEU J 361 46.26 -87.79 -1.02
CA LEU J 361 45.55 -87.08 -2.10
C LEU J 361 46.46 -86.21 -2.96
N ARG J 362 47.68 -85.93 -2.50
CA ARG J 362 48.55 -85.09 -3.29
C ARG J 362 49.13 -85.85 -4.49
N ASP J 363 49.89 -86.91 -4.25
CA ASP J 363 50.09 -88.00 -5.23
C ASP J 363 49.76 -89.33 -4.53
N PRO J 364 48.65 -90.00 -4.96
CA PRO J 364 48.27 -91.25 -4.29
C PRO J 364 49.14 -92.41 -4.78
N LYS J 365 49.49 -92.42 -6.06
CA LYS J 365 50.37 -93.47 -6.58
C LYS J 365 51.67 -93.49 -5.82
N LEU J 366 52.21 -92.29 -5.61
CA LEU J 366 53.44 -92.10 -4.87
C LEU J 366 53.34 -92.49 -3.38
N TYR J 367 52.25 -92.04 -2.71
CA TYR J 367 52.01 -92.39 -1.30
C TYR J 367 51.91 -93.89 -1.19
N ALA J 368 51.40 -94.54 -2.23
CA ALA J 368 51.15 -95.98 -2.19
C ALA J 368 52.45 -96.77 -2.10
N SER J 369 53.36 -96.55 -3.04
CA SER J 369 54.76 -96.92 -2.78
C SER J 369 55.19 -96.16 -1.51
N LYS J 370 55.90 -96.85 -0.61
CA LYS J 370 56.38 -96.27 0.65
C LYS J 370 55.45 -96.62 1.78
N HIS J 371 54.18 -96.70 1.45
CA HIS J 371 53.21 -97.25 2.39
C HIS J 371 52.76 -98.61 1.92
N ASN J 372 53.42 -99.08 0.88
CA ASN J 372 53.47 -100.49 0.57
C ASN J 372 52.10 -101.12 0.41
N PHE J 373 51.40 -100.58 -0.58
CA PHE J 373 50.11 -101.03 -1.09
C PHE J 373 50.03 -100.39 -2.47
N GLN J 374 48.91 -100.52 -3.17
CA GLN J 374 48.82 -100.09 -4.57
C GLN J 374 47.56 -99.37 -4.96
N ILE J 375 47.68 -98.51 -5.97
CA ILE J 375 46.53 -97.81 -6.52
C ILE J 375 46.07 -98.66 -7.66
N ARG J 376 44.90 -99.29 -7.51
CA ARG J 376 44.34 -100.14 -8.56
C ARG J 376 43.50 -99.46 -9.65
N TYR J 377 43.16 -98.19 -9.50
CA TYR J 377 42.31 -97.42 -10.44
C TYR J 377 43.13 -96.54 -11.40
N SER J 378 42.45 -96.06 -12.45
CA SER J 378 43.00 -95.09 -13.41
C SER J 378 42.15 -93.83 -13.21
N PHE J 379 42.60 -92.98 -12.28
CA PHE J 379 41.87 -91.80 -11.77
C PHE J 379 42.50 -90.55 -12.38
N ASN J 380 41.70 -89.48 -12.46
CA ASN J 380 42.12 -88.19 -13.01
C ASN J 380 42.70 -87.34 -11.89
N GLN J 381 43.99 -87.00 -11.95
CA GLN J 381 44.56 -86.24 -10.84
C GLN J 381 43.96 -84.86 -10.66
N GLU J 382 43.76 -84.10 -11.74
CA GLU J 382 43.29 -82.70 -11.57
C GLU J 382 41.83 -82.68 -11.12
N LEU J 383 41.12 -83.74 -11.41
CA LEU J 383 39.79 -83.91 -10.86
C LEU J 383 39.79 -84.38 -9.39
N LEU J 384 40.73 -85.23 -9.00
CA LEU J 384 40.82 -85.60 -7.59
C LEU J 384 41.14 -84.36 -6.75
N SER J 385 42.07 -83.53 -7.23
CA SER J 385 42.39 -82.26 -6.56
C SER J 385 41.15 -81.37 -6.50
N THR J 386 40.77 -80.69 -7.58
CA THR J 386 39.52 -79.91 -7.54
C THR J 386 38.54 -80.39 -6.43
N LYS J 387 37.98 -81.59 -6.54
CA LYS J 387 36.95 -82.05 -5.60
C LYS J 387 37.40 -82.06 -4.17
N SER J 388 38.65 -82.49 -3.94
CA SER J 388 39.20 -82.64 -2.58
C SER J 388 39.49 -81.28 -1.93
N ASP J 389 39.98 -80.36 -2.76
CA ASP J 389 40.15 -78.95 -2.42
C ASP J 389 38.79 -78.29 -2.10
N GLY J 390 37.71 -78.79 -2.71
CA GLY J 390 36.38 -78.25 -2.48
C GLY J 390 35.90 -78.64 -1.11
N LEU J 391 36.20 -79.88 -0.75
CA LEU J 391 35.90 -80.36 0.58
C LEU J 391 36.84 -79.79 1.64
N LEU J 392 38.10 -79.60 1.31
CA LEU J 392 39.04 -79.07 2.28
C LEU J 392 38.63 -77.71 2.84
N GLY J 393 38.34 -76.75 1.96
CA GLY J 393 37.99 -75.40 2.41
C GLY J 393 36.68 -75.24 3.18
N ARG J 394 36.04 -76.36 3.53
CA ARG J 394 34.87 -76.34 4.38
C ARG J 394 35.34 -76.74 5.73
N HIS J 395 36.65 -76.92 5.90
CA HIS J 395 37.18 -77.18 7.22
C HIS J 395 38.30 -76.20 7.69
N LEU J 396 38.37 -76.14 9.01
CA LEU J 396 39.40 -75.47 9.76
C LEU J 396 40.71 -76.16 9.60
N ALA J 397 41.80 -75.42 9.68
CA ALA J 397 43.09 -76.08 9.73
C ALA J 397 43.21 -76.92 10.99
N HIS J 398 43.90 -78.03 10.86
CA HIS J 398 43.93 -79.05 11.86
C HIS J 398 45.26 -78.94 12.59
N SER J 399 45.21 -79.17 13.89
CA SER J 399 46.33 -78.91 14.79
C SER J 399 47.51 -79.85 14.56
N ASN J 400 47.20 -81.12 14.33
CA ASN J 400 48.21 -82.13 13.99
C ASN J 400 49.32 -81.63 13.14
N PHE J 401 49.08 -80.60 12.36
CA PHE J 401 50.18 -80.10 11.55
C PHE J 401 51.29 -79.49 12.39
N LEU J 402 50.95 -78.93 13.56
CA LEU J 402 51.92 -78.31 14.45
C LEU J 402 52.55 -79.37 15.32
N LYS J 403 51.79 -80.37 15.73
CA LYS J 403 52.31 -81.41 16.57
C LYS J 403 53.06 -82.54 15.82
N TYR J 404 52.40 -83.29 14.97
CA TYR J 404 53.00 -84.52 14.43
C TYR J 404 53.56 -84.35 13.01
N THR J 405 54.38 -85.31 12.60
CA THR J 405 54.77 -85.44 11.21
C THR J 405 53.95 -86.60 10.63
N ALA J 406 54.12 -86.85 9.34
CA ALA J 406 53.29 -87.84 8.67
C ALA J 406 53.41 -89.17 9.40
N GLU J 407 54.65 -89.52 9.80
CA GLU J 407 54.96 -90.80 10.44
C GLU J 407 54.53 -90.73 11.87
N THR J 408 54.97 -89.71 12.60
CA THR J 408 54.57 -89.61 14.00
C THR J 408 53.02 -89.63 14.13
N GLU J 409 52.30 -89.18 13.08
CA GLU J 409 50.81 -89.25 13.05
C GLU J 409 50.32 -90.70 13.03
N LEU J 410 51.00 -91.57 12.30
CA LEU J 410 50.64 -93.00 12.20
C LEU J 410 51.19 -93.77 13.39
N THR J 411 52.42 -93.43 13.83
CA THR J 411 53.08 -94.08 15.00
C THR J 411 53.28 -93.22 16.25
N ASP J 412 52.23 -93.09 17.03
CA ASP J 412 52.31 -92.37 18.29
C ASP J 412 50.96 -92.47 18.90
N LYS J 413 50.73 -93.56 19.61
CA LYS J 413 49.43 -93.81 20.26
C LYS J 413 49.13 -92.83 21.39
N SER J 414 50.11 -91.98 21.76
CA SER J 414 49.92 -90.98 22.84
C SER J 414 48.93 -89.92 22.39
N ARG J 415 48.99 -89.60 21.10
CA ARG J 415 48.10 -88.67 20.40
C ARG J 415 46.62 -88.84 20.72
N TRP J 416 46.17 -90.05 21.07
CA TRP J 416 44.73 -90.31 21.36
C TRP J 416 44.25 -90.00 22.81
N THR J 417 45.08 -89.35 23.63
CA THR J 417 44.70 -89.01 25.02
C THR J 417 43.86 -87.76 25.02
N ARG J 418 44.24 -86.81 24.18
CA ARG J 418 43.39 -85.65 23.86
C ARG J 418 41.92 -86.08 23.70
N LEU J 419 41.70 -87.30 23.17
CA LEU J 419 40.38 -87.80 22.78
C LEU J 419 39.44 -88.00 23.97
N ASP J 420 39.94 -88.54 25.08
CA ASP J 420 39.15 -88.66 26.32
C ASP J 420 38.75 -87.26 26.76
N SER J 421 39.76 -86.38 26.86
CA SER J 421 39.62 -84.98 27.26
C SER J 421 38.67 -84.12 26.38
N ILE J 422 38.40 -84.57 25.14
CA ILE J 422 37.46 -83.86 24.26
C ILE J 422 36.10 -84.55 24.17
N ALA J 423 35.98 -85.72 24.78
CA ALA J 423 34.70 -86.44 24.81
C ALA J 423 33.89 -86.15 26.09
N VAL J 424 34.62 -85.79 27.15
CA VAL J 424 34.04 -85.48 28.44
C VAL J 424 33.34 -84.16 28.28
N VAL J 425 34.08 -83.16 27.82
CA VAL J 425 33.48 -81.85 27.59
C VAL J 425 32.38 -81.96 26.52
N ALA J 426 32.55 -82.91 25.58
CA ALA J 426 31.53 -83.22 24.57
C ALA J 426 30.23 -83.71 25.19
N LEU J 427 30.39 -84.60 26.15
CA LEU J 427 29.26 -85.23 26.82
C LEU J 427 28.47 -84.24 27.66
N CYS J 428 29.17 -83.23 28.21
CA CYS J 428 28.57 -82.32 29.20
C CYS J 428 27.67 -81.29 28.54
N ASN J 429 28.03 -80.89 27.32
CA ASN J 429 27.28 -79.88 26.57
C ASN J 429 25.96 -80.39 26.04
N SER J 430 25.93 -81.69 25.73
CA SER J 430 24.69 -82.40 25.35
C SER J 430 23.65 -82.51 26.50
N LEU J 431 24.10 -82.98 27.68
CA LEU J 431 23.30 -82.96 28.93
C LEU J 431 22.85 -81.57 29.40
N ASN J 432 23.52 -80.53 28.88
CA ASN J 432 23.05 -79.12 28.95
C ASN J 432 21.71 -78.94 28.23
N ALA J 433 20.76 -78.33 28.91
CA ALA J 433 19.43 -78.15 28.36
C ALA J 433 19.14 -76.71 28.02
N VAL J 434 20.13 -75.82 28.14
CA VAL J 434 19.88 -74.36 28.07
C VAL J 434 19.37 -73.84 29.43
N PRO K 5 -62.35 77.80 47.55
CA PRO K 5 -61.62 77.35 46.35
C PRO K 5 -60.26 78.04 46.17
N LEU K 6 -60.27 79.32 46.55
CA LEU K 6 -59.21 80.26 46.43
C LEU K 6 -58.35 80.18 47.70
N GLN K 7 -58.99 80.10 48.86
CA GLN K 7 -58.32 80.14 50.18
C GLN K 7 -57.23 79.07 50.31
N SER K 8 -57.40 77.95 49.61
CA SER K 8 -56.43 76.86 49.63
C SER K 8 -55.13 77.21 48.88
N LEU K 9 -55.27 77.77 47.67
CA LEU K 9 -54.14 78.22 46.83
C LEU K 9 -53.30 79.32 47.47
N VAL K 10 -53.97 80.15 48.27
CA VAL K 10 -53.33 81.32 48.88
C VAL K 10 -52.48 80.88 50.04
N LYS K 11 -52.92 79.85 50.78
CA LYS K 11 -52.05 79.32 51.82
C LYS K 11 -50.78 78.77 51.13
N ALA K 12 -51.00 78.01 50.06
CA ALA K 12 -49.93 77.36 49.29
C ALA K 12 -48.85 78.39 48.93
N LEU K 13 -49.32 79.61 48.75
CA LEU K 13 -48.58 80.73 48.21
C LEU K 13 -47.77 81.41 49.32
N TRP K 14 -48.35 81.49 50.51
CA TRP K 14 -47.60 82.01 51.67
C TRP K 14 -46.51 81.00 51.93
N ASN K 15 -46.94 79.77 52.18
CA ASN K 15 -46.06 78.64 52.43
C ASN K 15 -44.84 78.58 51.52
N VAL K 16 -45.00 78.98 50.26
CA VAL K 16 -43.97 78.79 49.26
C VAL K 16 -43.02 80.00 49.13
N LEU K 17 -43.35 81.14 49.76
CA LEU K 17 -42.38 82.28 49.84
C LEU K 17 -41.97 82.61 51.30
N HIS K 18 -41.76 81.52 52.08
CA HIS K 18 -41.14 81.46 53.45
C HIS K 18 -40.42 80.11 53.68
N GLU K 19 -39.08 80.12 53.61
CA GLU K 19 -38.27 78.91 53.88
C GLU K 19 -36.77 79.23 53.93
N PRO K 26 -36.56 75.15 46.87
CA PRO K 26 -37.64 75.63 45.99
C PRO K 26 -38.62 74.51 45.56
N ASP K 27 -39.31 73.90 46.53
CA ASP K 27 -40.40 72.94 46.24
C ASP K 27 -41.72 73.68 45.91
N LEU K 28 -42.10 73.68 44.63
CA LEU K 28 -43.40 74.22 44.22
C LEU K 28 -44.52 73.16 44.13
N THR K 29 -44.15 71.88 44.25
CA THR K 29 -45.11 70.81 43.99
C THR K 29 -46.44 71.24 44.51
N GLU K 30 -46.46 71.46 45.83
CA GLU K 30 -47.68 71.74 46.55
C GLU K 30 -48.48 72.84 45.84
N LEU K 31 -47.81 73.94 45.53
CA LEU K 31 -48.45 75.03 44.82
C LEU K 31 -49.07 74.58 43.49
N ILE K 32 -48.33 73.77 42.74
CA ILE K 32 -48.75 73.44 41.37
C ILE K 32 -50.08 72.68 41.41
N ALA K 33 -50.11 71.63 42.25
CA ALA K 33 -51.32 70.90 42.61
C ALA K 33 -52.50 71.81 42.85
N GLU K 34 -52.26 72.85 43.65
CA GLU K 34 -53.29 73.85 44.00
C GLU K 34 -53.82 74.66 42.82
N VAL K 35 -52.92 75.00 41.88
CA VAL K 35 -53.36 75.70 40.69
C VAL K 35 -54.24 74.76 39.84
N GLU K 36 -53.81 73.51 39.63
CA GLU K 36 -54.58 72.58 38.82
C GLU K 36 -56.02 72.48 39.31
N SER K 37 -56.20 72.13 40.58
CA SER K 37 -57.56 72.03 41.12
C SER K 37 -58.33 73.36 40.96
N TYR K 38 -57.78 74.47 41.43
CA TYR K 38 -58.36 75.79 41.13
C TYR K 38 -58.75 75.91 39.63
N GLN K 39 -57.93 75.35 38.73
CA GLN K 39 -58.17 75.44 37.27
C GLN K 39 -59.35 74.61 36.81
N GLN K 40 -59.54 73.45 37.44
CA GLN K 40 -60.75 72.65 37.25
C GLN K 40 -61.97 73.51 37.56
N ARG K 41 -62.03 74.01 38.78
CA ARG K 41 -63.16 74.81 39.25
C ARG K 41 -63.39 76.04 38.40
N TYR K 42 -62.31 76.76 38.06
CA TYR K 42 -62.35 77.96 37.21
C TYR K 42 -61.54 77.74 35.94
N PRO K 43 -62.17 77.23 34.89
CA PRO K 43 -61.38 77.03 33.71
C PRO K 43 -61.21 78.33 32.94
N LYS K 44 -62.07 79.31 33.13
CA LYS K 44 -61.75 80.61 32.59
C LYS K 44 -61.25 81.49 33.72
N GLN K 45 -60.52 82.56 33.40
CA GLN K 45 -59.97 83.40 34.46
C GLN K 45 -61.11 84.12 35.12
N ASN K 46 -61.30 83.84 36.40
CA ASN K 46 -62.21 84.57 37.28
C ASN K 46 -61.64 85.94 37.67
N PRO K 47 -62.35 87.03 37.34
CA PRO K 47 -61.87 88.40 37.55
C PRO K 47 -61.92 88.97 39.01
N THR K 48 -62.87 88.52 39.82
CA THR K 48 -62.87 88.88 41.24
C THR K 48 -61.77 88.15 41.97
N ASN K 49 -61.39 86.98 41.48
CA ASN K 49 -60.32 86.22 42.11
C ASN K 49 -58.96 86.78 41.74
N SER K 50 -58.76 87.16 40.48
CA SER K 50 -57.51 87.78 40.03
C SER K 50 -57.28 89.03 40.88
N GLN K 51 -58.28 89.91 40.92
CA GLN K 51 -58.38 90.97 41.94
C GLN K 51 -57.76 90.53 43.26
N LYS K 52 -58.32 89.49 43.88
CA LYS K 52 -57.91 89.01 45.20
C LYS K 52 -56.47 88.46 45.26
N ILE K 53 -56.11 87.57 44.33
CA ILE K 53 -54.79 86.91 44.33
C ILE K 53 -53.67 87.90 44.05
N ARG K 54 -53.91 88.80 43.09
CA ARG K 54 -52.99 89.88 42.76
C ARG K 54 -52.65 90.75 43.96
N HIS K 55 -53.64 90.95 44.84
CA HIS K 55 -53.50 91.70 46.12
C HIS K 55 -52.59 90.98 47.13
N ILE K 56 -52.80 89.68 47.32
CA ILE K 56 -51.89 88.86 48.10
C ILE K 56 -50.42 89.03 47.68
N LEU K 57 -50.13 88.78 46.42
CA LEU K 57 -48.76 88.90 45.93
C LEU K 57 -48.20 90.25 46.35
N ASP K 58 -49.00 91.30 46.23
CA ASP K 58 -48.56 92.62 46.62
C ASP K 58 -48.15 92.67 48.08
N GLU K 59 -48.87 91.93 48.93
CA GLU K 59 -48.53 91.78 50.38
C GLU K 59 -47.24 91.04 50.55
N ILE K 60 -47.21 89.83 50.02
CA ILE K 60 -46.03 89.00 50.10
C ILE K 60 -44.74 89.70 49.58
N TYR K 61 -44.85 90.53 48.55
CA TYR K 61 -43.71 91.28 47.99
C TYR K 61 -43.12 92.32 48.95
N GLU K 62 -43.95 92.79 49.89
CA GLU K 62 -43.48 93.64 50.98
C GLU K 62 -42.76 92.74 51.99
N LYS K 63 -43.32 91.57 52.27
CA LYS K 63 -42.67 90.59 53.14
C LYS K 63 -41.41 89.93 52.58
N THR K 64 -41.33 89.70 51.26
CA THR K 64 -40.14 89.08 50.62
C THR K 64 -39.93 89.61 49.19
N PRO K 65 -39.08 90.62 49.04
CA PRO K 65 -38.97 91.32 47.77
C PRO K 65 -38.16 90.56 46.70
N PHE K 66 -37.54 91.30 45.77
CA PHE K 66 -36.86 90.74 44.63
C PHE K 66 -35.34 91.06 44.66
N ASN K 67 -34.72 90.95 45.84
CA ASN K 67 -33.33 91.46 46.03
C ASN K 67 -32.16 90.48 45.75
N ASN K 68 -32.14 89.32 46.41
CA ASN K 68 -31.09 88.33 46.16
C ASN K 68 -31.60 87.24 45.25
N THR K 69 -30.71 86.45 44.66
CA THR K 69 -31.12 85.52 43.59
C THR K 69 -32.10 84.42 44.06
N ARG K 70 -31.77 83.71 45.14
CA ARG K 70 -32.69 82.74 45.69
C ARG K 70 -34.12 83.24 45.41
N ARG K 71 -34.33 84.52 45.71
CA ARG K 71 -35.67 85.08 45.62
C ARG K 71 -36.17 85.33 44.23
N ARG K 72 -35.30 85.85 43.37
CA ARG K 72 -35.71 86.11 42.02
C ARG K 72 -36.22 84.80 41.47
N ILE K 73 -35.33 83.80 41.58
CA ILE K 73 -35.57 82.43 41.17
C ILE K 73 -36.95 81.94 41.64
N LEU K 74 -37.11 81.83 42.96
CA LEU K 74 -38.43 81.66 43.57
C LEU K 74 -39.63 82.52 42.97
N TRP K 75 -39.48 83.84 42.89
CA TRP K 75 -40.54 84.67 42.32
C TRP K 75 -40.87 84.22 40.90
N LEU K 76 -39.84 84.13 40.08
CA LEU K 76 -40.07 83.87 38.69
C LEU K 76 -40.85 82.58 38.59
N ALA K 77 -40.36 81.54 39.24
CA ALA K 77 -41.08 80.26 39.27
C ALA K 77 -42.56 80.39 39.65
N VAL K 78 -42.84 81.16 40.69
CA VAL K 78 -44.20 81.23 41.20
C VAL K 78 -45.05 81.98 40.20
N LEU K 79 -44.60 83.16 39.85
CA LEU K 79 -45.26 83.97 38.83
C LEU K 79 -45.52 83.20 37.51
N LYS K 80 -44.56 82.43 37.07
CA LYS K 80 -44.76 81.57 35.94
C LYS K 80 -45.99 80.67 36.19
N THR K 81 -46.07 79.97 37.32
CA THR K 81 -47.22 79.08 37.49
C THR K 81 -48.55 79.84 37.61
N VAL K 82 -48.58 81.04 38.19
CA VAL K 82 -49.88 81.64 38.51
C VAL K 82 -50.41 82.56 37.47
N ILE K 83 -49.61 82.97 36.50
CA ILE K 83 -50.07 84.07 35.69
C ILE K 83 -51.26 83.72 34.83
N PRO K 84 -51.45 82.45 34.47
CA PRO K 84 -52.64 82.26 33.62
C PRO K 84 -53.96 82.67 34.33
N LEU K 85 -54.14 82.24 35.58
CA LEU K 85 -55.30 82.62 36.44
C LEU K 85 -55.61 84.14 36.56
N LEU K 86 -54.59 84.99 36.43
CA LEU K 86 -54.73 86.43 36.63
C LEU K 86 -55.17 87.13 35.37
N ILE K 87 -55.76 88.31 35.58
CA ILE K 87 -56.17 89.21 34.49
C ILE K 87 -55.49 90.55 34.70
N LEU K 88 -54.71 90.99 33.72
CA LEU K 88 -53.92 92.21 33.87
C LEU K 88 -54.44 93.40 33.08
N ASP K 89 -54.09 94.61 33.48
CA ASP K 89 -54.34 95.79 32.68
C ASP K 89 -53.05 96.55 32.42
N ARG K 90 -53.15 97.47 31.46
CA ARG K 90 -52.05 98.35 31.12
C ARG K 90 -51.24 98.80 32.37
N GLN K 91 -51.95 99.13 33.47
CA GLN K 91 -51.30 99.58 34.73
C GLN K 91 -50.63 98.45 35.51
N ALA K 92 -51.12 97.21 35.36
CA ALA K 92 -50.54 96.09 36.07
C ALA K 92 -49.16 95.65 35.52
N VAL K 93 -49.07 95.44 34.21
CA VAL K 93 -47.81 95.03 33.60
C VAL K 93 -46.77 96.15 33.60
N GLY K 94 -47.20 97.32 34.09
CA GLY K 94 -46.31 98.38 34.50
C GLY K 94 -45.64 98.06 35.83
N GLU K 95 -46.42 97.59 36.83
CA GLU K 95 -45.86 97.26 38.16
C GLU K 95 -45.11 95.95 38.06
N TRP K 96 -45.44 95.13 37.08
CA TRP K 96 -44.67 93.90 36.86
C TRP K 96 -43.29 94.24 36.32
N TRP K 97 -43.26 95.27 35.48
CA TRP K 97 -42.06 95.73 34.82
C TRP K 97 -41.22 96.54 35.75
N ASP K 98 -41.88 97.39 36.55
CA ASP K 98 -41.19 98.19 37.56
C ASP K 98 -40.49 97.26 38.58
N GLN K 99 -41.19 96.24 39.08
CA GLN K 99 -40.68 95.43 40.20
C GLN K 99 -40.08 94.06 39.84
N ILE K 100 -40.42 93.50 38.67
CA ILE K 100 -39.86 92.20 38.26
C ILE K 100 -39.04 92.22 36.99
N PHE K 101 -39.57 92.78 35.90
CA PHE K 101 -38.85 92.65 34.63
C PHE K 101 -37.60 93.51 34.56
N PHE K 102 -37.75 94.85 34.74
CA PHE K 102 -36.64 95.79 34.64
C PHE K 102 -35.55 95.38 35.61
N PRO K 103 -35.94 95.13 36.84
CA PRO K 103 -34.96 94.70 37.80
C PRO K 103 -34.05 93.62 37.26
N PHE K 104 -34.64 92.53 36.82
CA PHE K 104 -33.85 91.41 36.36
C PHE K 104 -32.99 91.78 35.17
N LEU K 105 -33.61 92.37 34.15
CA LEU K 105 -32.96 92.67 32.90
C LEU K 105 -31.81 93.65 33.08
N ASN K 106 -31.96 94.52 34.06
CA ASN K 106 -30.93 95.50 34.39
C ASN K 106 -29.69 94.90 35.10
N SER K 107 -29.92 93.90 35.95
CA SER K 107 -28.85 93.11 36.52
C SER K 107 -29.12 91.57 36.41
N PRO K 108 -29.14 91.05 35.18
CA PRO K 108 -29.68 89.72 35.00
C PRO K 108 -28.92 88.66 35.76
N THR K 109 -29.66 87.77 36.42
CA THR K 109 -29.09 86.60 37.09
C THR K 109 -28.54 85.66 36.05
N GLN K 110 -27.29 85.24 36.20
CA GLN K 110 -26.60 84.48 35.17
C GLN K 110 -27.00 83.01 35.00
N LEU K 111 -27.95 82.48 35.77
CA LEU K 111 -28.60 81.18 35.45
C LEU K 111 -29.46 81.24 34.17
N LYS K 112 -29.46 80.16 33.40
CA LYS K 112 -30.14 80.14 32.10
C LYS K 112 -31.60 79.77 32.19
N PRO K 113 -31.93 78.76 33.03
CA PRO K 113 -33.35 78.42 33.19
C PRO K 113 -34.15 79.50 33.90
N VAL K 114 -33.44 80.43 34.52
CA VAL K 114 -34.10 81.53 35.22
C VAL K 114 -34.53 82.57 34.22
N PHE K 115 -33.57 83.03 33.42
CA PHE K 115 -33.90 83.75 32.21
C PHE K 115 -34.93 83.03 31.33
N SER K 116 -35.01 81.70 31.41
CA SER K 116 -36.08 80.97 30.72
C SER K 116 -37.43 81.33 31.35
N ASP K 117 -37.56 81.16 32.67
CA ASP K 117 -38.81 81.47 33.39
C ASP K 117 -39.25 82.90 33.19
N LEU K 118 -38.33 83.77 32.86
CA LEU K 118 -38.65 85.17 32.62
C LEU K 118 -39.30 85.23 31.25
N LYS K 119 -38.63 84.65 30.26
CA LYS K 119 -39.15 84.55 28.90
C LYS K 119 -40.52 83.85 28.87
N SER K 120 -40.66 82.68 29.52
CA SER K 120 -42.00 82.08 29.71
C SER K 120 -43.08 83.15 30.05
N ILE K 121 -42.78 83.96 31.07
CA ILE K 121 -43.73 84.94 31.64
C ILE K 121 -44.00 86.08 30.67
N LEU K 122 -42.91 86.69 30.22
CA LEU K 122 -42.96 87.79 29.30
C LEU K 122 -43.78 87.37 28.13
N PHE K 123 -43.46 86.21 27.54
CA PHE K 123 -44.15 85.77 26.30
C PHE K 123 -45.57 85.28 26.46
N TYR K 124 -45.98 84.78 27.63
CA TYR K 124 -47.43 84.53 27.88
C TYR K 124 -48.26 85.80 27.71
N ILE K 125 -47.60 86.94 27.78
CA ILE K 125 -48.24 88.26 27.86
C ILE K 125 -48.37 88.85 26.47
N LEU K 126 -47.22 88.88 25.75
CA LEU K 126 -47.06 89.26 24.33
C LEU K 126 -47.76 88.34 23.27
N ILE K 127 -47.85 87.07 23.59
CA ILE K 127 -48.29 86.09 22.61
C ILE K 127 -49.49 85.35 23.15
N PHE K 128 -50.64 85.77 22.63
CA PHE K 128 -51.94 85.24 22.99
C PHE K 128 -52.67 84.92 21.69
N HIS K 129 -53.68 84.04 21.78
CA HIS K 129 -54.54 83.69 20.64
C HIS K 129 -55.84 84.44 20.66
N ASP K 130 -56.36 84.70 21.86
CA ASP K 130 -57.72 85.21 22.01
C ASP K 130 -57.80 86.63 22.57
N GLU K 131 -57.76 87.60 21.69
CA GLU K 131 -57.91 89.03 22.01
C GLU K 131 -58.87 89.43 23.16
N ASP K 132 -59.94 88.66 23.33
CA ASP K 132 -61.03 89.02 24.23
C ASP K 132 -61.04 88.13 25.44
N GLU K 133 -59.89 87.57 25.74
CA GLU K 133 -59.73 86.58 26.83
C GLU K 133 -59.94 87.21 28.19
N TRP K 134 -59.48 88.45 28.34
CA TRP K 134 -59.58 89.13 29.62
C TRP K 134 -60.67 90.19 29.56
N GLY K 135 -60.92 90.71 28.37
CA GLY K 135 -62.16 91.41 28.15
C GLY K 135 -61.90 92.86 27.94
N GLY K 136 -62.72 93.45 27.09
CA GLY K 136 -62.44 94.75 26.54
C GLY K 136 -61.29 94.55 25.58
N ASP K 137 -60.36 95.50 25.63
CA ASP K 137 -59.13 95.39 24.87
C ASP K 137 -57.96 94.95 25.78
N LEU K 138 -58.21 94.50 27.01
CA LEU K 138 -57.11 94.22 28.00
C LEU K 138 -55.98 93.32 27.56
N ARG K 139 -56.29 92.15 27.02
CA ARG K 139 -55.23 91.26 26.58
C ARG K 139 -54.28 91.94 25.59
N ARG K 140 -54.83 92.67 24.65
CA ARG K 140 -54.04 93.39 23.65
C ARG K 140 -53.31 94.57 24.26
N GLU K 141 -53.93 95.21 25.26
CA GLU K 141 -53.38 96.41 25.85
C GLU K 141 -52.09 96.10 26.54
N CYS K 142 -52.12 95.06 27.37
CA CYS K 142 -50.93 94.64 28.10
C CYS K 142 -49.73 94.40 27.18
N ALA K 143 -49.95 93.60 26.15
CA ALA K 143 -48.88 93.32 25.21
C ALA K 143 -48.38 94.56 24.46
N GLU K 144 -49.25 95.51 24.14
CA GLU K 144 -48.79 96.78 23.56
C GLU K 144 -47.80 97.40 24.53
N GLU K 145 -48.16 97.41 25.81
CA GLU K 145 -47.36 98.07 26.84
C GLU K 145 -46.03 97.34 26.93
N THR K 146 -46.10 96.05 27.21
CA THR K 146 -44.90 95.26 27.44
C THR K 146 -43.84 95.35 26.31
N ILE K 147 -44.21 95.18 25.04
CA ILE K 147 -43.24 95.32 23.93
C ILE K 147 -42.65 96.74 23.95
N THR K 148 -43.48 97.72 24.29
CA THR K 148 -43.11 99.13 24.18
C THR K 148 -41.98 99.40 25.15
N ARG K 149 -42.12 98.87 26.36
CA ARG K 149 -41.14 99.07 27.43
C ARG K 149 -39.88 98.34 27.06
N LEU K 150 -40.06 97.11 26.56
CA LEU K 150 -38.97 96.31 26.03
C LEU K 150 -38.19 96.97 24.91
N VAL K 151 -38.88 97.62 23.99
CA VAL K 151 -38.20 98.24 22.86
C VAL K 151 -37.43 99.45 23.33
N ASP K 152 -37.99 100.19 24.29
CA ASP K 152 -37.41 101.48 24.70
C ASP K 152 -36.22 101.26 25.61
N LEU K 153 -36.30 100.23 26.45
CA LEU K 153 -35.11 99.79 27.15
C LEU K 153 -34.00 99.35 26.16
N TYR K 154 -34.34 98.56 25.16
CA TYR K 154 -33.35 98.09 24.19
C TYR K 154 -32.64 99.23 23.49
N VAL K 155 -33.41 100.25 23.12
CA VAL K 155 -32.88 101.37 22.36
C VAL K 155 -32.04 102.26 23.23
N SER K 156 -32.53 102.57 24.44
CA SER K 156 -31.76 103.40 25.38
C SER K 156 -30.44 102.69 25.69
N LYS K 157 -30.48 101.56 26.38
CA LYS K 157 -29.26 100.79 26.69
C LYS K 157 -28.25 100.64 25.54
N ALA K 158 -28.66 100.81 24.30
CA ALA K 158 -27.72 100.68 23.21
C ALA K 158 -27.08 102.00 22.78
N ILE K 159 -27.19 103.03 23.62
CA ILE K 159 -26.67 104.37 23.29
C ILE K 159 -25.88 105.07 24.42
N GLU K 160 -26.27 104.86 25.69
CA GLU K 160 -25.48 105.33 26.84
C GLU K 160 -24.06 104.79 26.64
N ASN K 161 -23.05 105.57 26.98
CA ASN K 161 -21.67 105.34 26.47
C ASN K 161 -20.75 104.52 27.41
N LEU K 162 -20.40 105.08 28.57
CA LEU K 162 -19.81 104.35 29.70
C LEU K 162 -19.93 105.22 30.96
N GLU K 166 -21.10 99.95 31.64
CA GLU K 166 -20.93 100.00 33.09
C GLU K 166 -19.86 99.00 33.41
N SER K 167 -18.62 99.47 33.58
CA SER K 167 -17.44 98.61 33.48
C SER K 167 -17.57 97.90 32.15
N GLN K 168 -18.53 98.41 31.36
CA GLN K 168 -19.28 97.71 30.28
C GLN K 168 -20.00 96.35 30.51
N GLU K 169 -19.38 95.38 31.19
CA GLU K 169 -19.90 94.01 31.30
C GLU K 169 -21.42 93.86 31.62
N GLN K 170 -21.94 94.80 32.42
CA GLN K 170 -23.34 94.75 32.89
C GLN K 170 -24.25 95.17 31.79
N ARG K 171 -23.81 96.17 31.05
CA ARG K 171 -24.49 96.62 29.85
C ARG K 171 -24.73 95.46 28.87
N ASN K 172 -23.67 94.74 28.53
CA ASN K 172 -23.71 93.81 27.39
C ASN K 172 -24.66 92.69 27.68
N GLN K 173 -24.71 92.26 28.92
CA GLN K 173 -25.70 91.30 29.30
C GLN K 173 -27.14 91.80 29.27
N THR K 174 -27.37 93.10 29.34
CA THR K 174 -28.76 93.57 29.29
C THR K 174 -29.19 93.54 27.83
N ILE K 175 -28.30 93.96 26.91
CA ILE K 175 -28.70 93.88 25.50
C ILE K 175 -28.87 92.41 25.07
N GLU K 176 -27.83 91.58 25.25
CA GLU K 176 -27.92 90.16 24.87
C GLU K 176 -29.26 89.57 25.29
N CYS K 177 -29.72 89.91 26.49
CA CYS K 177 -30.97 89.40 26.99
C CYS K 177 -32.13 89.98 26.20
N LEU K 178 -32.09 91.28 25.96
CA LEU K 178 -33.17 91.95 25.24
C LEU K 178 -33.27 91.43 23.81
N VAL K 179 -32.12 91.13 23.22
CA VAL K 179 -32.09 90.86 21.81
C VAL K 179 -32.77 89.53 21.62
N ASN K 180 -32.29 88.55 22.36
CA ASN K 180 -32.91 87.26 22.36
C ASN K 180 -34.42 87.43 22.45
N VAL K 181 -34.87 88.34 23.30
CA VAL K 181 -36.32 88.51 23.52
C VAL K 181 -36.95 89.15 22.30
N LEU K 182 -36.33 90.20 21.78
CA LEU K 182 -36.97 91.00 20.74
C LEU K 182 -36.97 90.33 19.37
N VAL K 183 -36.23 89.23 19.20
CA VAL K 183 -36.21 88.55 17.91
C VAL K 183 -37.21 87.42 17.92
N HIS K 184 -37.18 86.62 18.97
CA HIS K 184 -38.28 85.71 19.25
C HIS K 184 -39.65 86.40 19.09
N TYR K 185 -39.72 87.66 19.48
CA TYR K 185 -40.93 88.43 19.32
C TYR K 185 -41.12 88.84 17.87
N GLY K 186 -40.03 89.17 17.19
CA GLY K 186 -40.09 89.58 15.78
C GLY K 186 -40.47 88.48 14.81
N ILE K 187 -39.96 87.27 15.05
CA ILE K 187 -40.24 86.17 14.14
C ILE K 187 -41.69 85.75 14.35
N GLN K 188 -42.25 86.05 15.53
CA GLN K 188 -43.69 85.84 15.78
C GLN K 188 -44.56 87.01 15.38
N ARG K 189 -44.09 88.25 15.52
CA ARG K 189 -44.96 89.40 15.26
C ARG K 189 -44.19 90.50 14.55
N PRO K 190 -43.96 90.30 13.25
CA PRO K 190 -43.07 91.17 12.48
C PRO K 190 -43.56 92.60 12.24
N LYS K 191 -44.87 92.76 12.04
CA LYS K 191 -45.46 94.09 11.84
C LYS K 191 -45.33 94.90 13.09
N GLU K 192 -45.69 94.28 14.20
CA GLU K 192 -45.80 94.98 15.48
C GLU K 192 -44.45 95.47 15.94
N LEU K 193 -43.45 94.59 15.87
CA LEU K 193 -42.10 95.01 16.21
C LEU K 193 -41.63 96.11 15.30
N SER K 194 -41.81 95.95 13.99
CA SER K 194 -41.39 97.01 13.05
C SER K 194 -42.07 98.34 13.38
N SER K 195 -43.36 98.31 13.67
CA SER K 195 -44.01 99.52 14.13
C SER K 195 -43.23 100.18 15.29
N CYS K 196 -42.99 99.41 16.36
CA CYS K 196 -42.41 99.95 17.58
C CYS K 196 -41.11 100.64 17.27
N PHE K 197 -40.37 100.12 16.31
CA PHE K 197 -39.09 100.73 15.98
C PHE K 197 -39.22 101.97 15.09
N CYS K 198 -40.41 102.42 14.77
CA CYS K 198 -40.54 103.41 13.68
C CYS K 198 -40.09 104.82 14.01
N HIS K 199 -40.62 105.38 15.09
CA HIS K 199 -40.23 106.70 15.60
C HIS K 199 -38.75 106.64 15.97
N HIS K 200 -38.33 105.59 16.69
CA HIS K 200 -36.91 105.48 17.10
C HIS K 200 -35.87 105.57 15.95
N PHE K 201 -36.22 105.00 14.81
CA PHE K 201 -35.26 104.82 13.76
C PHE K 201 -34.86 106.21 13.25
N LEU K 202 -35.80 107.15 13.30
CA LEU K 202 -35.53 108.51 12.84
C LEU K 202 -34.31 109.13 13.51
N ASN K 203 -34.11 108.77 14.78
CA ASN K 203 -32.94 109.15 15.57
C ASN K 203 -31.74 108.24 15.25
N PRO K 204 -30.64 108.80 14.74
CA PRO K 204 -29.57 108.03 14.11
C PRO K 204 -28.76 107.00 14.93
N PRO K 205 -28.44 107.30 16.16
CA PRO K 205 -27.69 106.33 16.96
C PRO K 205 -28.35 104.96 17.05
N THR K 206 -29.67 104.95 17.30
CA THR K 206 -30.55 103.72 17.33
C THR K 206 -30.44 102.75 16.14
N ARG K 207 -30.14 103.31 14.97
CA ARG K 207 -30.17 102.58 13.72
C ARG K 207 -29.33 101.29 13.63
N ILE K 208 -28.07 101.32 14.01
CA ILE K 208 -27.35 100.06 13.94
C ILE K 208 -28.02 99.01 14.81
N PRO K 209 -28.33 99.34 16.06
CA PRO K 209 -28.98 98.36 16.93
C PRO K 209 -30.32 97.87 16.41
N ILE K 210 -31.07 98.75 15.75
CA ILE K 210 -32.37 98.36 15.23
C ILE K 210 -32.31 97.36 14.04
N LEU K 211 -31.71 97.75 12.92
CA LEU K 211 -31.53 96.85 11.78
C LEU K 211 -30.87 95.59 12.23
N SER K 212 -29.85 95.70 13.08
CA SER K 212 -29.22 94.49 13.64
C SER K 212 -30.27 93.44 14.03
N VAL K 213 -31.20 93.84 14.88
CA VAL K 213 -32.30 93.01 15.32
C VAL K 213 -33.26 92.63 14.19
N VAL K 215 -32.81 92.61 10.63
CA VAL K 215 -32.23 91.65 9.70
C VAL K 215 -32.14 90.30 10.35
N GLU K 216 -32.18 90.24 11.67
CA GLU K 216 -32.07 88.94 12.32
C GLU K 216 -33.38 88.18 12.26
N VAL K 217 -34.45 88.90 12.03
CA VAL K 217 -35.76 88.35 12.17
C VAL K 217 -36.17 87.90 10.77
N ILE K 218 -36.03 88.84 9.86
CA ILE K 218 -36.09 88.60 8.44
C ILE K 218 -35.16 87.45 7.99
N ARG K 219 -33.98 87.31 8.62
CA ARG K 219 -33.01 86.22 8.32
C ARG K 219 -33.69 84.88 8.36
N ARG K 220 -34.65 84.71 9.28
CA ARG K 220 -35.38 83.45 9.40
C ARG K 220 -36.29 83.18 8.17
N GLN K 221 -36.72 84.21 7.47
CA GLN K 221 -37.71 84.08 6.40
C GLN K 221 -39.00 83.39 6.90
N GLY K 222 -39.35 83.54 8.17
CA GLY K 222 -40.64 83.07 8.65
C GLY K 222 -41.77 83.84 7.98
N PRO K 223 -43.00 83.62 8.46
CA PRO K 223 -44.09 84.50 8.04
C PRO K 223 -43.88 85.74 8.86
N ARG K 224 -44.62 86.83 8.69
CA ARG K 224 -45.41 87.22 7.56
C ARG K 224 -44.77 88.55 7.16
N LEU K 225 -43.62 88.47 6.54
CA LEU K 225 -42.80 89.65 6.30
C LEU K 225 -43.51 90.68 5.37
N TYR K 226 -44.45 90.26 4.53
CA TYR K 226 -45.23 91.25 3.77
C TYR K 226 -45.93 92.30 4.64
N GLU K 227 -46.13 92.02 5.92
CA GLU K 227 -46.85 92.95 6.82
C GLU K 227 -45.98 94.16 7.18
N ILE K 228 -44.69 94.07 6.88
CA ILE K 228 -43.75 95.07 7.34
C ILE K 228 -43.86 96.42 6.63
N PRO K 229 -43.91 96.44 5.28
CA PRO K 229 -43.91 97.76 4.61
C PRO K 229 -45.16 98.65 4.80
N GLN K 230 -46.25 98.09 5.33
CA GLN K 230 -47.42 98.90 5.68
C GLN K 230 -47.17 99.66 6.97
N THR K 231 -46.14 99.28 7.74
CA THR K 231 -45.71 100.06 8.92
C THR K 231 -44.92 101.31 8.48
N GLY K 232 -44.21 101.21 7.36
CA GLY K 232 -43.40 102.31 6.86
C GLY K 232 -41.96 102.26 7.38
N PHE K 233 -41.61 101.15 8.01
CA PHE K 233 -40.24 100.81 8.31
C PHE K 233 -39.44 100.51 7.02
N TYR K 234 -40.08 99.99 5.96
CA TYR K 234 -39.36 99.74 4.72
C TYR K 234 -38.96 101.10 4.17
N ASP K 235 -39.91 102.02 4.09
CA ASP K 235 -39.63 103.37 3.57
C ASP K 235 -38.37 103.97 4.29
N LEU K 236 -38.33 103.80 5.61
CA LEU K 236 -37.24 104.30 6.42
C LEU K 236 -35.92 103.68 6.02
N VAL K 237 -35.92 102.35 5.99
CA VAL K 237 -34.69 101.65 5.65
C VAL K 237 -34.19 102.06 4.28
N LEU K 238 -35.08 102.33 3.31
CA LEU K 238 -34.64 102.79 1.98
C LEU K 238 -33.93 104.13 2.09
N LYS K 239 -34.50 105.06 2.87
CA LYS K 239 -33.85 106.35 3.22
C LYS K 239 -32.49 106.12 3.83
N CYS K 240 -32.43 105.33 4.90
CA CYS K 240 -31.13 104.92 5.45
C CYS K 240 -30.13 104.45 4.34
N ALA K 241 -30.64 103.72 3.36
CA ALA K 241 -29.83 103.22 2.24
C ALA K 241 -29.33 104.30 1.27
N GLU K 242 -30.17 105.31 1.03
CA GLU K 242 -29.88 106.39 0.06
C GLU K 242 -28.94 107.44 0.69
N PHE K 243 -29.12 107.67 1.98
CA PHE K 243 -28.64 108.87 2.66
C PHE K 243 -27.46 108.69 3.62
N ASP K 244 -27.49 107.67 4.47
CA ASP K 244 -26.51 107.55 5.55
C ASP K 244 -25.13 107.12 5.04
N THR K 245 -24.08 107.41 5.80
CA THR K 245 -22.69 107.11 5.43
C THR K 245 -22.16 105.78 5.95
N SER K 246 -22.61 105.34 7.12
CA SER K 246 -21.86 104.32 7.84
C SER K 246 -21.79 102.97 7.09
N PRO K 247 -20.61 102.57 6.62
CA PRO K 247 -20.55 101.24 6.02
C PRO K 247 -21.32 100.16 6.76
N ILE K 248 -21.07 100.00 8.05
CA ILE K 248 -21.69 98.92 8.80
C ILE K 248 -23.21 98.99 8.78
N LEU K 249 -23.77 100.17 9.04
CA LEU K 249 -25.24 100.38 9.01
C LEU K 249 -25.86 100.13 7.65
N LEU K 250 -25.28 100.76 6.64
CA LEU K 250 -25.56 100.45 5.27
C LEU K 250 -25.58 98.92 4.88
N SER K 251 -24.55 98.15 5.23
CA SER K 251 -24.56 96.74 4.84
C SER K 251 -25.78 96.10 5.47
N TYR K 252 -26.09 96.45 6.70
CA TYR K 252 -27.32 95.97 7.29
C TYR K 252 -28.54 96.32 6.40
N ALA K 253 -28.73 97.61 6.13
CA ALA K 253 -29.83 98.09 5.30
C ALA K 253 -29.99 97.33 4.04
N LEU K 254 -28.90 97.18 3.29
CA LEU K 254 -28.96 96.53 1.96
C LEU K 254 -29.34 95.08 2.14
N SER K 255 -28.69 94.41 3.10
CA SER K 255 -29.13 93.05 3.55
C SER K 255 -30.61 93.00 3.95
N PHE K 256 -31.09 94.00 4.66
CA PHE K 256 -32.48 93.98 5.03
C PHE K 256 -33.33 94.08 3.80
N ILE K 257 -33.01 95.00 2.91
CA ILE K 257 -33.92 95.25 1.81
C ILE K 257 -33.85 94.10 0.82
N LEU K 258 -32.65 93.58 0.54
CA LEU K 258 -32.54 92.37 -0.29
C LEU K 258 -33.47 91.24 0.21
N ILE K 260 -36.05 91.20 2.20
CA ILE K 260 -37.48 91.41 2.24
C ILE K 260 -38.05 91.65 0.86
N LEU K 261 -37.20 91.68 -0.17
CA LEU K 261 -37.61 92.19 -1.48
C LEU K 261 -38.53 91.22 -2.20
N SER K 262 -38.27 89.92 -2.03
CA SER K 262 -39.11 88.87 -2.58
C SER K 262 -40.54 88.87 -2.02
N HIS K 263 -40.74 89.33 -0.79
CA HIS K 263 -42.09 89.29 -0.13
C HIS K 263 -42.96 90.51 -0.40
N ILE K 264 -42.64 91.27 -1.46
CA ILE K 264 -43.26 92.58 -1.71
C ILE K 264 -43.83 92.63 -3.15
N CYS K 265 -43.00 93.00 -4.15
CA CYS K 265 -43.43 93.03 -5.57
C CYS K 265 -44.76 93.76 -5.85
N ASN K 266 -45.17 94.55 -4.86
CA ASN K 266 -46.30 95.48 -4.90
C ASN K 266 -45.81 96.87 -4.47
N SER K 267 -44.95 96.91 -3.44
CA SER K 267 -44.18 98.12 -3.09
C SER K 267 -42.84 98.22 -3.85
N LEU K 268 -42.76 97.59 -5.04
CA LEU K 268 -41.60 97.72 -5.95
C LEU K 268 -41.92 98.73 -7.06
N ASP K 269 -43.19 98.81 -7.43
CA ASP K 269 -43.65 99.78 -8.42
C ASP K 269 -43.68 101.19 -7.82
N ASP K 270 -43.36 101.32 -6.52
CA ASP K 270 -43.19 102.62 -5.83
C ASP K 270 -41.72 102.88 -5.56
N SER K 271 -41.10 101.92 -4.88
CA SER K 271 -39.68 101.99 -4.52
C SER K 271 -38.71 101.75 -5.69
N LEU K 272 -39.20 101.63 -6.92
CA LEU K 272 -38.35 101.17 -8.04
C LEU K 272 -37.16 102.12 -8.28
N TYR K 273 -37.45 103.39 -8.53
CA TYR K 273 -36.39 104.29 -8.89
C TYR K 273 -35.43 104.33 -7.71
N ARG K 274 -35.93 104.56 -6.49
CA ARG K 274 -35.06 104.54 -5.30
C ARG K 274 -34.02 103.40 -5.38
N LEU K 275 -34.51 102.18 -5.65
CA LEU K 275 -33.67 100.99 -5.78
C LEU K 275 -32.64 101.07 -6.90
N PHE K 276 -32.89 101.90 -7.91
CA PHE K 276 -31.92 102.07 -9.01
C PHE K 276 -30.75 102.88 -8.47
N CYS K 277 -31.11 103.99 -7.85
CA CYS K 277 -30.14 104.91 -7.26
C CYS K 277 -29.38 104.21 -6.13
N ILE K 278 -30.09 103.49 -5.27
CA ILE K 278 -29.47 102.63 -4.31
C ILE K 278 -28.50 101.64 -4.97
N TYR K 279 -28.86 101.05 -6.12
CA TYR K 279 -27.90 100.15 -6.78
C TYR K 279 -26.69 100.99 -7.22
N LEU K 280 -26.96 102.17 -7.80
CA LEU K 280 -25.89 103.07 -8.22
C LEU K 280 -24.98 103.41 -7.02
N ARG K 281 -25.62 103.92 -5.97
CA ARG K 281 -24.95 104.29 -4.75
C ARG K 281 -24.01 103.20 -4.26
N PHE K 282 -24.48 101.95 -4.27
CA PHE K 282 -23.73 100.83 -3.64
C PHE K 282 -22.60 100.26 -4.49
N SER K 283 -22.77 100.27 -5.81
CA SER K 283 -21.76 99.72 -6.71
C SER K 283 -20.64 100.73 -6.87
N ILE K 285 -19.23 102.04 -4.15
CA ILE K 285 -18.40 102.02 -2.96
C ILE K 285 -16.93 102.27 -3.32
N ASP K 286 -16.30 103.23 -2.66
CA ASP K 286 -14.87 103.43 -2.81
C ASP K 286 -14.16 103.04 -1.52
N PRO K 287 -12.98 102.40 -1.62
CA PRO K 287 -12.31 101.97 -0.39
C PRO K 287 -11.64 103.11 0.37
N THR K 288 -11.63 104.32 -0.18
CA THR K 288 -11.16 105.50 0.52
C THR K 288 -12.29 106.49 0.78
N SER K 289 -13.05 106.87 -0.25
CA SER K 289 -14.13 107.89 -0.10
C SER K 289 -15.41 107.31 0.46
N GLY K 290 -15.43 105.98 0.66
CA GLY K 290 -16.65 105.25 0.98
C GLY K 290 -17.83 105.48 0.02
N PHE K 291 -19.02 105.34 0.58
CA PHE K 291 -20.22 105.57 -0.18
C PHE K 291 -20.21 107.01 -0.68
N PRO K 292 -20.72 107.25 -1.89
CA PRO K 292 -20.91 108.65 -2.26
C PRO K 292 -21.88 109.33 -1.28
N SER K 293 -21.67 110.61 -1.00
CA SER K 293 -22.57 111.33 -0.09
C SER K 293 -23.91 111.70 -0.78
N SER K 294 -25.00 111.69 -0.01
CA SER K 294 -26.28 112.25 -0.46
C SER K 294 -26.25 113.76 -0.37
N THR K 295 -26.50 114.46 -1.48
CA THR K 295 -26.52 115.92 -1.44
C THR K 295 -27.70 116.46 -0.62
N ALA K 296 -28.91 115.98 -0.94
CA ALA K 296 -30.13 116.49 -0.31
C ALA K 296 -30.27 116.06 1.17
N SER K 297 -30.66 114.81 1.40
CA SER K 297 -31.01 114.29 2.74
C SER K 297 -32.28 114.92 3.31
N GLY K 298 -33.31 115.04 2.49
CA GLY K 298 -34.50 115.86 2.82
C GLY K 298 -34.53 116.49 4.22
N ASN K 299 -35.35 115.90 5.08
CA ASN K 299 -35.39 116.23 6.50
C ASN K 299 -34.95 115.00 7.31
N TRP K 300 -34.18 114.10 6.70
CA TRP K 300 -33.90 112.80 7.30
C TRP K 300 -33.03 112.94 8.60
N GLU K 301 -31.83 113.52 8.47
CA GLU K 301 -30.81 113.49 9.53
C GLU K 301 -29.96 112.26 9.41
N VAL K 302 -29.06 112.34 8.45
CA VAL K 302 -27.99 111.37 8.22
C VAL K 302 -27.14 110.89 9.44
N PHE K 303 -26.97 109.58 9.57
CA PHE K 303 -25.94 108.97 10.45
C PHE K 303 -24.54 108.75 9.76
N HIS K 304 -23.44 109.02 10.48
CA HIS K 304 -22.01 108.87 10.00
C HIS K 304 -21.19 108.08 10.96
N ASP K 305 -20.24 107.31 10.49
CA ASP K 305 -19.66 106.32 11.39
C ASP K 305 -18.98 106.94 12.63
N PHE K 306 -18.36 108.11 12.47
CA PHE K 306 -17.66 108.80 13.56
C PHE K 306 -18.27 110.17 13.81
N SER K 308 -18.73 111.73 16.48
CA SER K 308 -17.84 112.48 17.39
C SER K 308 -17.38 113.78 16.76
N THR K 309 -16.88 113.69 15.52
CA THR K 309 -16.36 114.80 14.74
C THR K 309 -17.42 115.43 13.81
N GLY K 330 -25.24 96.98 19.17
CA GLY K 330 -24.47 95.86 18.63
C GLY K 330 -23.15 96.23 17.93
N SER K 331 -23.20 96.36 16.60
CA SER K 331 -22.00 96.47 15.71
C SER K 331 -21.43 95.08 15.34
N SER K 332 -20.61 95.03 14.29
CA SER K 332 -20.04 93.76 13.74
C SER K 332 -21.03 92.95 12.88
N GLN K 333 -21.53 93.56 11.78
CA GLN K 333 -22.57 92.95 10.90
C GLN K 333 -22.36 91.48 10.61
N PRO K 334 -23.40 90.64 10.81
CA PRO K 334 -23.40 89.16 10.76
C PRO K 334 -22.55 88.56 9.63
N ASP K 335 -22.06 87.33 9.82
CA ASP K 335 -21.13 86.69 8.87
C ASP K 335 -21.70 86.42 7.48
N TYR K 336 -23.02 86.23 7.40
CA TYR K 336 -23.77 85.99 6.14
C TYR K 336 -24.13 87.27 5.32
N LEU K 337 -23.95 88.46 5.92
CA LEU K 337 -24.23 89.76 5.26
C LEU K 337 -23.11 90.21 4.28
N GLU K 338 -21.89 89.69 4.43
CA GLU K 338 -20.78 90.04 3.50
C GLU K 338 -20.98 89.46 2.08
N SER K 339 -21.98 88.58 1.91
CA SER K 339 -22.33 87.94 0.62
C SER K 339 -23.70 88.39 0.06
N LEU K 340 -24.28 89.45 0.62
CA LEU K 340 -25.51 90.07 0.09
C LEU K 340 -25.22 91.42 -0.58
N ASP K 341 -24.15 91.48 -1.37
CA ASP K 341 -23.73 92.75 -1.92
C ASP K 341 -24.71 93.29 -3.00
N TYR K 342 -24.28 94.36 -3.65
CA TYR K 342 -24.98 94.98 -4.79
C TYR K 342 -25.19 93.98 -5.95
N SER K 343 -24.43 92.88 -6.00
CA SER K 343 -24.52 92.00 -7.17
C SER K 343 -25.85 91.25 -7.14
N GLN K 344 -26.38 90.98 -5.94
CA GLN K 344 -27.75 90.41 -5.82
C GLN K 344 -28.87 91.37 -6.26
N LEU K 345 -28.71 92.65 -5.97
CA LEU K 345 -29.69 93.68 -6.36
C LEU K 345 -29.78 93.82 -7.90
N PHE K 346 -28.63 93.63 -8.55
CA PHE K 346 -28.57 93.71 -10.00
C PHE K 346 -29.41 92.63 -10.63
N SER K 347 -29.36 91.42 -10.07
CA SER K 347 -30.05 90.26 -10.63
C SER K 347 -31.52 90.43 -10.45
N ILE K 348 -31.89 90.87 -9.27
CA ILE K 348 -33.28 90.98 -8.94
C ILE K 348 -33.90 92.13 -9.71
N LEU K 349 -33.08 93.00 -10.27
CA LEU K 349 -33.59 94.08 -11.12
C LEU K 349 -33.42 93.84 -12.62
N TYR K 350 -32.49 92.98 -13.01
CA TYR K 350 -32.36 92.57 -14.39
C TYR K 350 -33.58 91.75 -14.73
N ALA K 351 -33.89 90.75 -13.90
CA ALA K 351 -35.22 90.18 -13.89
C ALA K 351 -36.13 91.31 -13.51
N LEU K 352 -37.40 91.19 -13.86
CA LEU K 352 -38.42 92.21 -13.48
C LEU K 352 -38.36 93.45 -14.34
N TYR K 353 -37.34 94.32 -14.18
CA TYR K 353 -37.35 95.58 -14.94
C TYR K 353 -36.18 95.84 -15.94
N PRO K 354 -35.69 94.79 -16.61
CA PRO K 354 -34.40 94.76 -17.30
C PRO K 354 -34.17 95.85 -18.30
N ILE K 355 -35.24 96.36 -18.92
CA ILE K 355 -35.06 97.35 -19.99
C ILE K 355 -34.75 98.69 -19.36
N ASN K 356 -35.61 99.12 -18.43
CA ASN K 356 -35.39 100.36 -17.67
C ASN K 356 -34.14 100.30 -16.78
N PHE K 357 -33.87 99.15 -16.20
CA PHE K 357 -32.67 98.99 -15.43
C PHE K 357 -31.42 99.28 -16.26
N LEU K 358 -31.24 98.61 -17.41
CA LEU K 358 -30.05 98.83 -18.25
C LEU K 358 -30.01 100.19 -18.96
N GLU K 359 -31.13 100.91 -18.96
CA GLU K 359 -31.22 102.28 -19.50
C GLU K 359 -30.76 103.25 -18.47
N PHE K 360 -31.21 103.03 -17.25
CA PHE K 360 -30.70 103.76 -16.13
C PHE K 360 -29.21 103.57 -16.01
N LEU K 361 -28.67 102.42 -16.37
CA LEU K 361 -27.21 102.25 -16.27
C LEU K 361 -26.43 102.68 -17.51
N ARG K 362 -26.95 103.62 -18.28
CA ARG K 362 -26.32 103.98 -19.52
C ARG K 362 -26.10 105.48 -19.55
N ASP K 363 -27.13 106.20 -19.09
CA ASP K 363 -26.95 107.55 -18.54
C ASP K 363 -28.01 107.65 -17.46
N PRO K 364 -27.59 107.39 -16.19
CA PRO K 364 -28.45 107.57 -15.02
C PRO K 364 -29.00 109.00 -14.97
N LYS K 365 -28.08 109.97 -15.07
CA LYS K 365 -28.43 111.39 -15.13
C LYS K 365 -29.65 111.60 -16.05
N LEU K 366 -29.48 111.12 -17.28
CA LEU K 366 -30.47 111.28 -18.32
C LEU K 366 -31.79 110.62 -17.93
N TYR K 367 -31.73 109.33 -17.59
CA TYR K 367 -32.91 108.61 -17.14
C TYR K 367 -33.58 109.27 -15.93
N ALA K 368 -32.81 109.85 -15.00
CA ALA K 368 -33.40 110.45 -13.78
C ALA K 368 -34.23 111.74 -14.04
N SER K 369 -33.77 112.57 -14.98
CA SER K 369 -34.69 113.52 -15.64
C SER K 369 -35.62 112.67 -16.48
N LYS K 370 -36.71 113.23 -16.94
CA LYS K 370 -37.65 112.43 -17.71
C LYS K 370 -38.45 111.50 -16.81
N HIS K 371 -37.78 110.68 -16.01
CA HIS K 371 -38.49 109.89 -15.01
C HIS K 371 -38.61 110.61 -13.70
N ASN K 372 -38.00 111.78 -13.61
CA ASN K 372 -38.55 112.78 -12.73
C ASN K 372 -38.06 112.69 -11.28
N PHE K 373 -36.82 112.27 -11.10
CA PHE K 373 -36.16 112.33 -9.79
C PHE K 373 -34.76 112.81 -10.09
N GLN K 374 -33.84 112.68 -9.14
CA GLN K 374 -32.49 113.18 -9.37
C GLN K 374 -31.40 112.20 -9.04
N ILE K 375 -30.20 112.52 -9.47
CA ILE K 375 -29.06 111.74 -9.08
C ILE K 375 -28.30 112.55 -8.03
N ARG K 376 -28.47 112.16 -6.77
CA ARG K 376 -27.97 112.90 -5.61
C ARG K 376 -26.48 112.58 -5.32
N TYR K 377 -25.95 111.58 -6.02
CA TYR K 377 -24.62 111.03 -5.77
C TYR K 377 -23.76 111.48 -6.94
N SER K 378 -22.50 111.78 -6.66
CA SER K 378 -21.55 111.93 -7.72
C SER K 378 -20.96 110.56 -8.01
N PHE K 379 -20.70 110.24 -9.28
CA PHE K 379 -20.31 108.87 -9.70
C PHE K 379 -19.46 108.80 -10.98
N ASN K 380 -18.69 107.73 -11.12
CA ASN K 380 -17.74 107.54 -12.25
C ASN K 380 -18.38 106.71 -13.32
N GLN K 381 -18.86 107.32 -14.41
CA GLN K 381 -19.61 106.55 -15.42
C GLN K 381 -18.84 105.34 -16.04
N GLU K 382 -17.58 105.49 -16.44
CA GLU K 382 -16.88 104.36 -17.07
C GLU K 382 -16.80 103.14 -16.14
N LEU K 383 -16.59 103.41 -14.86
CA LEU K 383 -16.55 102.38 -13.82
C LEU K 383 -17.90 101.68 -13.59
N LEU K 384 -18.98 102.43 -13.74
CA LEU K 384 -20.33 101.90 -13.56
C LEU K 384 -20.56 100.89 -14.68
N SER K 385 -20.29 101.30 -15.90
CA SER K 385 -20.29 100.38 -17.02
C SER K 385 -19.41 99.16 -16.71
N THR K 386 -18.09 99.35 -16.67
CA THR K 386 -17.20 98.26 -16.32
C THR K 386 -17.79 97.34 -15.25
N LYS K 387 -18.27 97.88 -14.15
CA LYS K 387 -18.76 97.00 -13.10
C LYS K 387 -20.02 96.30 -13.53
N SER K 388 -20.96 97.03 -14.13
CA SER K 388 -22.29 96.50 -14.51
C SER K 388 -22.26 95.56 -15.70
N ASP K 389 -21.45 95.88 -16.71
CA ASP K 389 -21.18 94.93 -17.80
C ASP K 389 -20.62 93.59 -17.23
N GLY K 390 -19.77 93.62 -16.22
CA GLY K 390 -19.30 92.38 -15.60
C GLY K 390 -20.46 91.52 -15.11
N LEU K 391 -21.22 92.05 -14.17
CA LEU K 391 -22.41 91.37 -13.72
C LEU K 391 -23.41 90.99 -14.86
N LEU K 392 -23.59 91.86 -15.84
CA LEU K 392 -24.61 91.62 -16.87
C LEU K 392 -24.38 90.30 -17.57
N GLY K 393 -23.21 90.18 -18.18
CA GLY K 393 -22.80 88.98 -18.91
C GLY K 393 -22.81 87.69 -18.10
N ARG K 394 -22.88 87.79 -16.77
CA ARG K 394 -23.11 86.61 -15.95
C ARG K 394 -24.53 86.13 -16.09
N HIS K 395 -25.36 86.86 -16.86
CA HIS K 395 -26.75 86.51 -17.05
C HIS K 395 -27.10 86.16 -18.49
N LEU K 396 -28.27 85.56 -18.64
CA LEU K 396 -28.90 85.29 -19.94
C LEU K 396 -29.47 86.56 -20.56
N ALA K 397 -29.82 86.46 -21.84
CA ALA K 397 -30.57 87.53 -22.51
C ALA K 397 -32.01 87.50 -21.98
N HIS K 398 -32.62 88.66 -21.76
CA HIS K 398 -33.93 88.66 -21.13
C HIS K 398 -34.99 88.73 -22.22
N SER K 399 -36.09 87.99 -22.04
CA SER K 399 -37.13 87.91 -23.06
C SER K 399 -37.84 89.25 -23.25
N ASN K 400 -37.99 90.05 -22.18
CA ASN K 400 -38.76 91.33 -22.26
C ASN K 400 -38.42 92.22 -23.45
N PHE K 401 -37.32 91.92 -24.11
CA PHE K 401 -36.86 92.73 -25.20
C PHE K 401 -37.57 92.46 -26.53
N LEU K 402 -38.25 91.31 -26.60
CA LEU K 402 -39.06 90.97 -27.77
C LEU K 402 -40.53 91.18 -27.46
N LYS K 403 -40.86 91.73 -26.29
CA LYS K 403 -42.27 92.05 -25.99
C LYS K 403 -42.50 93.48 -25.49
N TYR K 404 -41.54 94.08 -24.80
CA TYR K 404 -41.78 95.42 -24.22
C TYR K 404 -40.89 96.57 -24.73
N THR K 405 -41.45 97.78 -24.75
CA THR K 405 -40.67 99.01 -24.89
C THR K 405 -40.30 99.38 -23.46
N ALA K 406 -39.46 100.39 -23.28
CA ALA K 406 -39.19 100.86 -21.95
C ALA K 406 -40.43 101.43 -21.20
N GLU K 407 -41.42 101.96 -21.90
CA GLU K 407 -42.65 102.46 -21.24
C GLU K 407 -43.63 101.33 -20.96
N THR K 408 -43.84 100.43 -21.93
CA THR K 408 -44.73 99.30 -21.71
C THR K 408 -44.26 98.42 -20.54
N GLU K 409 -42.97 98.48 -20.19
CA GLU K 409 -42.48 97.65 -19.08
C GLU K 409 -43.05 98.20 -17.78
N LEU K 410 -42.96 99.51 -17.61
CA LEU K 410 -43.36 100.11 -16.36
C LEU K 410 -44.87 99.95 -16.22
N THR K 411 -45.59 99.98 -17.33
CA THR K 411 -47.02 99.74 -17.27
C THR K 411 -47.57 98.66 -18.17
N ASP K 412 -48.32 97.79 -17.54
CA ASP K 412 -48.93 96.65 -18.18
C ASP K 412 -48.73 95.60 -17.13
N LYS K 413 -49.74 95.44 -16.28
CA LYS K 413 -49.70 94.41 -15.26
C LYS K 413 -50.01 93.02 -15.85
N SER K 414 -50.55 92.99 -17.07
CA SER K 414 -50.68 91.73 -17.82
C SER K 414 -49.32 91.02 -17.96
N ARG K 415 -48.23 91.75 -17.68
CA ARG K 415 -46.89 91.19 -17.69
C ARG K 415 -46.66 90.30 -16.48
N TRP K 416 -47.25 90.69 -15.36
CA TRP K 416 -47.24 89.88 -14.14
C TRP K 416 -48.39 88.85 -14.13
N THR K 417 -48.90 88.50 -15.32
CA THR K 417 -49.69 87.27 -15.52
C THR K 417 -48.70 86.10 -15.53
N ARG K 418 -47.88 86.01 -16.60
CA ARG K 418 -46.78 85.03 -16.75
C ARG K 418 -46.29 84.38 -15.44
N LEU K 419 -46.33 85.13 -14.34
CA LEU K 419 -45.85 84.70 -13.01
C LEU K 419 -46.43 83.40 -12.44
N ASP K 420 -47.75 83.24 -12.46
CA ASP K 420 -48.38 82.02 -11.95
C ASP K 420 -47.78 80.77 -12.64
N SER K 421 -47.73 80.79 -13.98
CA SER K 421 -47.15 79.69 -14.79
C SER K 421 -45.77 79.23 -14.28
N ILE K 422 -44.84 80.19 -14.15
CA ILE K 422 -43.48 79.92 -13.66
C ILE K 422 -43.41 79.66 -12.15
N ALA K 423 -44.46 80.04 -11.41
CA ALA K 423 -44.59 79.73 -9.97
C ALA K 423 -44.98 78.28 -9.74
N VAL K 424 -45.98 77.83 -10.50
CA VAL K 424 -46.45 76.44 -10.46
C VAL K 424 -45.32 75.52 -10.86
N VAL K 425 -44.65 75.82 -11.99
CA VAL K 425 -43.56 74.98 -12.48
C VAL K 425 -42.33 74.98 -11.56
N ALA K 426 -42.10 76.10 -10.85
CA ALA K 426 -41.06 76.18 -9.82
C ALA K 426 -41.33 75.24 -8.65
N LEU K 427 -42.62 75.09 -8.35
CA LEU K 427 -43.10 74.35 -7.19
C LEU K 427 -43.07 72.83 -7.39
N CYS K 428 -43.53 72.34 -8.54
CA CYS K 428 -43.62 70.89 -8.77
C CYS K 428 -42.25 70.27 -8.94
N ASN K 429 -41.32 71.06 -9.48
CA ASN K 429 -39.93 70.61 -9.61
C ASN K 429 -39.17 70.62 -8.30
N SER K 430 -39.68 71.35 -7.32
CA SER K 430 -39.09 71.35 -5.99
C SER K 430 -39.65 70.23 -5.13
N LEU K 431 -40.63 69.48 -5.65
CA LEU K 431 -41.18 68.28 -4.99
C LEU K 431 -40.64 66.97 -5.54
N ASN K 432 -39.92 67.00 -6.66
CA ASN K 432 -39.26 65.79 -7.18
C ASN K 432 -38.06 65.35 -6.36
N ALA K 433 -38.09 64.13 -5.86
CA ALA K 433 -36.88 63.44 -5.38
C ALA K 433 -35.97 63.04 -6.55
N VAL K 434 -36.44 63.23 -7.80
CA VAL K 434 -35.78 62.78 -9.03
C VAL K 434 -35.83 61.25 -9.14
N PRO L 5 -57.35 109.44 -60.04
CA PRO L 5 -56.27 108.65 -59.37
C PRO L 5 -56.49 107.14 -59.33
N LEU L 6 -57.74 106.76 -59.56
CA LEU L 6 -58.23 105.40 -59.47
C LEU L 6 -58.23 104.82 -60.87
N GLN L 7 -58.65 105.63 -61.84
CA GLN L 7 -58.76 105.20 -63.24
C GLN L 7 -57.54 104.40 -63.67
N SER L 8 -56.35 105.01 -63.58
CA SER L 8 -55.09 104.36 -64.05
C SER L 8 -54.83 102.98 -63.42
N LEU L 9 -55.28 102.79 -62.17
CA LEU L 9 -55.18 101.51 -61.47
C LEU L 9 -56.16 100.46 -62.05
N VAL L 10 -57.44 100.85 -62.13
CA VAL L 10 -58.50 100.02 -62.70
C VAL L 10 -58.05 99.44 -64.04
N LYS L 11 -57.47 100.32 -64.86
CA LYS L 11 -56.81 99.96 -66.12
C LYS L 11 -55.87 98.79 -65.93
N ALA L 12 -54.84 98.98 -65.12
CA ALA L 12 -53.84 97.95 -64.86
C ALA L 12 -54.46 96.69 -64.29
N LEU L 13 -55.57 96.86 -63.59
CA LEU L 13 -56.39 95.75 -63.10
C LEU L 13 -56.95 94.94 -64.27
N TRP L 14 -57.49 95.63 -65.27
CA TRP L 14 -58.00 94.97 -66.47
C TRP L 14 -56.86 94.28 -67.21
N ASN L 15 -55.75 94.99 -67.35
CA ASN L 15 -54.67 94.51 -68.20
C ASN L 15 -54.12 93.20 -67.71
N VAL L 16 -53.97 93.10 -66.38
CA VAL L 16 -53.38 91.93 -65.80
C VAL L 16 -54.27 90.67 -65.89
N LEU L 17 -55.60 90.81 -65.95
CA LEU L 17 -56.52 89.61 -65.86
C LEU L 17 -56.95 88.88 -67.18
N HIS L 18 -56.02 88.72 -68.14
CA HIS L 18 -56.30 88.01 -69.41
C HIS L 18 -55.05 87.28 -69.89
N ASP L 27 -46.92 89.50 -65.21
CA ASP L 27 -45.82 90.39 -64.86
C ASP L 27 -46.38 91.62 -64.18
N LEU L 28 -46.82 91.41 -62.93
CA LEU L 28 -47.56 92.40 -62.12
C LEU L 28 -46.88 93.75 -61.85
N THR L 29 -45.56 93.82 -62.04
CA THR L 29 -44.78 95.09 -61.96
C THR L 29 -45.51 96.41 -62.32
N GLU L 30 -46.47 96.31 -63.24
CA GLU L 30 -47.30 97.45 -63.68
C GLU L 30 -48.44 97.78 -62.72
N LEU L 31 -49.12 96.76 -62.21
CA LEU L 31 -50.24 96.95 -61.26
C LEU L 31 -49.74 97.36 -59.89
N ILE L 32 -48.65 96.75 -59.45
CA ILE L 32 -48.11 97.04 -58.14
C ILE L 32 -47.62 98.48 -58.13
N ALA L 33 -46.92 98.88 -59.20
CA ALA L 33 -46.65 100.29 -59.45
C ALA L 33 -47.93 101.13 -59.19
N GLU L 34 -49.04 100.75 -59.82
CA GLU L 34 -50.30 101.50 -59.71
C GLU L 34 -50.98 101.50 -58.33
N VAL L 35 -50.57 100.61 -57.43
CA VAL L 35 -51.12 100.59 -56.07
C VAL L 35 -50.26 101.48 -55.12
N GLU L 36 -48.95 101.29 -55.15
CA GLU L 36 -48.07 102.05 -54.30
C GLU L 36 -48.26 103.52 -54.59
N SER L 37 -48.76 103.84 -55.79
CA SER L 37 -49.00 105.24 -56.18
C SER L 37 -50.34 105.71 -55.65
N TYR L 38 -51.37 104.92 -55.89
CA TYR L 38 -52.68 105.18 -55.28
C TYR L 38 -52.57 105.38 -53.77
N GLN L 39 -51.70 104.59 -53.14
CA GLN L 39 -51.57 104.59 -51.67
C GLN L 39 -50.95 105.87 -51.10
N GLN L 40 -50.24 106.61 -51.96
CA GLN L 40 -49.57 107.85 -51.54
C GLN L 40 -50.56 108.99 -51.44
N ARG L 41 -51.58 108.95 -52.32
CA ARG L 41 -52.73 109.84 -52.22
C ARG L 41 -53.64 109.35 -51.13
N TYR L 42 -53.83 108.02 -51.06
CA TYR L 42 -54.69 107.39 -50.03
C TYR L 42 -54.01 106.29 -49.18
N PRO L 43 -53.23 106.68 -48.16
CA PRO L 43 -52.71 105.77 -47.15
C PRO L 43 -53.83 105.04 -46.39
N LYS L 44 -54.74 105.77 -45.74
CA LYS L 44 -55.96 105.15 -45.22
C LYS L 44 -56.91 104.75 -46.34
N GLN L 45 -57.94 104.00 -45.97
CA GLN L 45 -58.91 103.53 -46.92
C GLN L 45 -59.91 104.61 -47.31
N ASN L 46 -60.05 104.81 -48.63
CA ASN L 46 -61.08 105.67 -49.16
C ASN L 46 -62.27 104.79 -49.56
N PRO L 47 -63.46 105.03 -48.97
CA PRO L 47 -64.63 104.17 -49.14
C PRO L 47 -65.46 104.38 -50.42
N THR L 48 -65.39 105.57 -51.02
CA THR L 48 -65.91 105.78 -52.39
C THR L 48 -65.10 104.86 -53.34
N ASN L 49 -63.78 105.02 -53.31
CA ASN L 49 -62.89 104.17 -54.10
C ASN L 49 -62.96 102.67 -53.83
N SER L 50 -63.11 102.27 -52.58
CA SER L 50 -63.24 100.84 -52.26
C SER L 50 -64.44 100.36 -53.04
N GLN L 51 -65.56 101.06 -52.89
CA GLN L 51 -66.81 100.75 -53.62
C GLN L 51 -66.61 100.56 -55.12
N LYS L 52 -65.95 101.54 -55.78
CA LYS L 52 -65.58 101.48 -57.22
C LYS L 52 -64.74 100.25 -57.56
N ILE L 53 -63.81 99.92 -56.67
CA ILE L 53 -62.84 98.85 -56.90
C ILE L 53 -63.52 97.52 -56.73
N ARG L 54 -64.36 97.42 -55.71
CA ARG L 54 -65.11 96.18 -55.47
C ARG L 54 -66.04 95.89 -56.65
N HIS L 55 -66.63 96.95 -57.22
CA HIS L 55 -67.53 96.76 -58.33
C HIS L 55 -66.80 96.25 -59.54
N ILE L 56 -65.72 96.94 -59.94
CA ILE L 56 -64.87 96.47 -61.05
C ILE L 56 -64.51 94.97 -60.94
N LEU L 57 -64.18 94.51 -59.74
CA LEU L 57 -63.81 93.10 -59.54
C LEU L 57 -64.96 92.12 -59.83
N ASP L 58 -66.19 92.52 -59.49
CA ASP L 58 -67.37 91.67 -59.74
C ASP L 58 -67.61 91.48 -61.27
N GLU L 59 -67.32 92.56 -62.00
CA GLU L 59 -67.30 92.58 -63.45
C GLU L 59 -66.26 91.62 -64.01
N ILE L 60 -65.02 91.68 -63.51
CA ILE L 60 -63.97 90.83 -64.08
C ILE L 60 -64.18 89.36 -63.69
N TYR L 61 -64.89 89.10 -62.58
CA TYR L 61 -65.15 87.72 -62.16
C TYR L 61 -66.26 87.08 -63.05
N GLU L 62 -67.09 87.91 -63.69
CA GLU L 62 -68.02 87.42 -64.74
C GLU L 62 -67.29 87.14 -66.07
N LYS L 63 -66.32 88.00 -66.43
CA LYS L 63 -65.48 87.82 -67.64
C LYS L 63 -64.50 86.63 -67.55
N THR L 64 -63.92 86.44 -66.36
CA THR L 64 -62.90 85.41 -66.13
C THR L 64 -63.11 84.81 -64.75
N PRO L 65 -63.57 83.56 -64.65
CA PRO L 65 -63.79 83.02 -63.31
C PRO L 65 -62.60 82.24 -62.70
N PHE L 66 -62.82 81.69 -61.51
CA PHE L 66 -61.82 80.95 -60.72
C PHE L 66 -61.70 79.47 -61.13
N ASN L 67 -62.00 79.15 -62.39
CA ASN L 67 -62.34 77.78 -62.81
C ASN L 67 -61.18 76.87 -63.25
N ASN L 68 -60.02 77.43 -63.57
CA ASN L 68 -58.85 76.64 -63.94
C ASN L 68 -57.68 77.10 -63.12
N THR L 69 -56.55 76.40 -63.23
CA THR L 69 -55.46 76.68 -62.31
C THR L 69 -54.77 78.03 -62.59
N ARG L 70 -54.43 78.35 -63.85
CA ARG L 70 -53.77 79.66 -64.13
C ARG L 70 -54.67 80.84 -63.72
N ARG L 71 -55.98 80.64 -63.59
CA ARG L 71 -56.84 81.74 -63.16
C ARG L 71 -56.79 81.94 -61.65
N ARG L 72 -56.58 80.84 -60.91
CA ARG L 72 -56.51 80.85 -59.43
C ARG L 72 -55.25 81.51 -58.99
N ILE L 73 -54.13 80.99 -59.48
CA ILE L 73 -52.81 81.61 -59.33
C ILE L 73 -52.94 83.10 -59.53
N LEU L 74 -53.48 83.47 -60.68
CA LEU L 74 -53.63 84.87 -61.04
C LEU L 74 -54.52 85.65 -60.04
N TRP L 75 -55.73 85.14 -59.82
CA TRP L 75 -56.70 85.83 -58.97
C TRP L 75 -56.23 86.06 -57.53
N LEU L 76 -55.39 85.14 -57.03
CA LEU L 76 -54.90 85.23 -55.64
C LEU L 76 -53.78 86.26 -55.50
N ALA L 77 -52.73 86.11 -56.30
CA ALA L 77 -51.79 87.19 -56.54
C ALA L 77 -52.38 88.62 -56.60
N VAL L 78 -53.54 88.77 -57.26
CA VAL L 78 -54.17 90.09 -57.45
C VAL L 78 -54.99 90.58 -56.23
N LEU L 79 -55.84 89.74 -55.67
CA LEU L 79 -56.54 90.08 -54.44
C LEU L 79 -55.58 90.29 -53.26
N LYS L 80 -54.41 89.63 -53.32
CA LYS L 80 -53.41 89.82 -52.28
C LYS L 80 -52.86 91.23 -52.37
N THR L 81 -52.58 91.70 -53.57
CA THR L 81 -51.95 93.00 -53.71
C THR L 81 -52.92 94.15 -53.49
N VAL L 82 -54.22 93.94 -53.70
CA VAL L 82 -55.18 95.06 -53.60
C VAL L 82 -56.14 95.10 -52.41
N ILE L 83 -56.32 94.02 -51.67
CA ILE L 83 -57.24 94.05 -50.53
C ILE L 83 -56.90 95.12 -49.44
N PRO L 84 -55.59 95.44 -49.21
CA PRO L 84 -55.33 96.52 -48.23
C PRO L 84 -56.14 97.80 -48.49
N LEU L 85 -56.14 98.24 -49.76
CA LEU L 85 -56.98 99.38 -50.24
C LEU L 85 -58.50 99.32 -49.95
N LEU L 86 -59.06 98.11 -49.85
CA LEU L 86 -60.50 97.94 -49.72
C LEU L 86 -61.00 98.00 -48.29
N ILE L 87 -62.33 98.12 -48.22
CA ILE L 87 -63.13 98.02 -47.00
C ILE L 87 -64.31 97.07 -47.21
N LEU L 88 -64.56 96.22 -46.21
CA LEU L 88 -65.48 95.09 -46.31
C LEU L 88 -66.52 95.09 -45.18
N ASP L 89 -67.47 94.14 -45.26
CA ASP L 89 -68.54 93.95 -44.25
C ASP L 89 -68.80 92.46 -44.14
N ARG L 90 -69.76 92.01 -43.33
CA ARG L 90 -70.06 90.56 -43.30
C ARG L 90 -70.39 90.09 -44.69
N GLN L 91 -71.34 90.76 -45.32
CA GLN L 91 -71.81 90.28 -46.59
C GLN L 91 -70.68 90.09 -47.61
N ALA L 92 -69.75 91.03 -47.69
CA ALA L 92 -68.70 90.95 -48.70
C ALA L 92 -67.87 89.68 -48.52
N VAL L 93 -67.29 89.46 -47.35
CA VAL L 93 -66.46 88.27 -47.21
C VAL L 93 -67.23 87.00 -47.60
N GLY L 94 -68.54 86.98 -47.32
CA GLY L 94 -69.42 85.92 -47.82
C GLY L 94 -69.16 85.68 -49.29
N GLU L 95 -69.30 86.74 -50.10
CA GLU L 95 -69.14 86.66 -51.57
C GLU L 95 -67.71 86.22 -51.95
N TRP L 96 -66.73 86.63 -51.15
CA TRP L 96 -65.33 86.20 -51.33
C TRP L 96 -65.16 84.73 -50.93
N TRP L 97 -65.81 84.37 -49.81
CA TRP L 97 -65.82 83.03 -49.29
C TRP L 97 -66.38 82.09 -50.37
N ASP L 98 -67.58 82.42 -50.85
CA ASP L 98 -68.21 81.72 -51.96
C ASP L 98 -67.32 81.59 -53.19
N GLN L 99 -66.84 82.70 -53.71
CA GLN L 99 -66.25 82.70 -55.04
C GLN L 99 -64.74 82.44 -55.06
N ILE L 100 -64.09 82.69 -53.91
CA ILE L 100 -62.62 82.52 -53.79
C ILE L 100 -62.18 81.45 -52.81
N PHE L 101 -62.54 81.63 -51.52
CA PHE L 101 -61.93 80.82 -50.44
C PHE L 101 -62.47 79.39 -50.49
N PHE L 102 -63.80 79.26 -50.41
CA PHE L 102 -64.41 77.94 -50.45
C PHE L 102 -63.96 77.06 -51.60
N PRO L 103 -64.05 77.55 -52.85
CA PRO L 103 -63.48 76.91 -54.04
C PRO L 103 -62.10 76.36 -53.82
N PHE L 104 -61.24 77.21 -53.30
CA PHE L 104 -59.88 76.85 -53.10
C PHE L 104 -59.77 75.75 -52.05
N LEU L 105 -60.32 75.99 -50.86
CA LEU L 105 -60.09 75.09 -49.73
C LEU L 105 -60.76 73.75 -49.93
N ASN L 106 -61.95 73.80 -50.49
CA ASN L 106 -62.64 72.58 -50.84
C ASN L 106 -61.88 71.77 -51.85
N SER L 107 -61.04 72.43 -52.68
CA SER L 107 -60.23 71.78 -53.72
C SER L 107 -58.90 72.49 -54.08
N PRO L 108 -57.91 72.45 -53.18
CA PRO L 108 -56.73 73.31 -53.26
C PRO L 108 -55.76 72.97 -54.36
N THR L 109 -55.18 74.02 -54.93
CA THR L 109 -54.13 73.91 -55.93
C THR L 109 -52.86 73.47 -55.27
N GLN L 110 -52.23 72.40 -55.73
CA GLN L 110 -51.02 71.85 -55.06
C GLN L 110 -49.70 72.60 -55.28
N LEU L 111 -49.73 73.92 -55.49
CA LEU L 111 -48.56 74.79 -55.41
C LEU L 111 -48.51 75.47 -54.02
N LYS L 112 -47.33 75.53 -53.38
CA LYS L 112 -47.27 76.11 -52.04
C LYS L 112 -47.45 77.60 -52.05
N PRO L 113 -46.58 78.34 -52.75
CA PRO L 113 -46.67 79.82 -52.78
C PRO L 113 -48.04 80.42 -53.15
N VAL L 114 -48.92 79.63 -53.78
CA VAL L 114 -50.30 80.04 -54.04
C VAL L 114 -51.16 79.88 -52.79
N PHE L 115 -50.97 78.80 -52.05
CA PHE L 115 -51.59 78.70 -50.74
C PHE L 115 -51.11 79.87 -49.86
N SER L 116 -49.80 80.15 -49.81
CA SER L 116 -49.34 81.27 -48.99
C SER L 116 -50.16 82.52 -49.31
N ASP L 117 -50.25 82.84 -50.61
CA ASP L 117 -51.05 83.99 -51.06
C ASP L 117 -52.48 83.97 -50.47
N LEU L 118 -53.16 82.82 -50.59
CA LEU L 118 -54.47 82.63 -49.96
C LEU L 118 -54.40 83.03 -48.49
N LYS L 119 -53.51 82.38 -47.73
CA LYS L 119 -53.33 82.69 -46.29
C LYS L 119 -53.17 84.17 -46.10
N SER L 120 -52.32 84.79 -46.93
CA SER L 120 -52.02 86.22 -46.83
C SER L 120 -53.29 87.04 -46.80
N ILE L 121 -54.16 86.79 -47.79
CA ILE L 121 -55.47 87.44 -47.87
C ILE L 121 -56.20 87.20 -46.59
N LEU L 122 -56.25 85.93 -46.21
CA LEU L 122 -57.10 85.48 -45.13
C LEU L 122 -56.73 86.14 -43.78
N PHE L 123 -55.44 86.17 -43.43
CA PHE L 123 -55.03 86.71 -42.15
C PHE L 123 -55.03 88.22 -42.14
N TYR L 124 -54.94 88.83 -43.32
CA TYR L 124 -55.26 90.27 -43.41
C TYR L 124 -56.68 90.56 -42.91
N ILE L 125 -57.61 89.63 -43.08
CA ILE L 125 -59.00 89.85 -42.68
C ILE L 125 -59.23 89.56 -41.22
N LEU L 126 -58.78 88.37 -40.81
CA LEU L 126 -58.67 87.91 -39.41
C LEU L 126 -57.86 88.75 -38.40
N ILE L 127 -56.60 88.98 -38.71
CA ILE L 127 -55.71 89.58 -37.75
C ILE L 127 -55.50 91.02 -38.10
N PHE L 128 -55.62 91.89 -37.09
CA PHE L 128 -55.69 93.32 -37.33
C PHE L 128 -55.56 94.12 -36.05
N HIS L 129 -54.89 95.29 -36.16
CA HIS L 129 -54.41 96.10 -35.03
C HIS L 129 -55.35 97.16 -34.56
N ASP L 130 -56.29 97.54 -35.41
CA ASP L 130 -57.16 98.65 -35.11
C ASP L 130 -58.59 98.27 -35.43
N GLU L 131 -59.39 98.03 -34.39
CA GLU L 131 -60.78 97.61 -34.60
C GLU L 131 -61.67 98.66 -35.29
N ASP L 132 -61.19 99.89 -35.45
CA ASP L 132 -61.99 101.01 -36.01
C ASP L 132 -61.59 101.40 -37.46
N GLU L 133 -60.37 101.06 -37.87
CA GLU L 133 -59.84 101.28 -39.25
C GLU L 133 -60.94 101.48 -40.32
N TRP L 134 -61.94 100.60 -40.38
CA TRP L 134 -63.00 100.65 -41.39
C TRP L 134 -64.27 101.41 -40.95
N GLY L 135 -64.39 101.67 -39.64
CA GLY L 135 -65.58 102.33 -39.07
C GLY L 135 -66.64 101.32 -38.68
N GLY L 136 -67.66 101.78 -37.95
CA GLY L 136 -68.71 100.89 -37.44
C GLY L 136 -68.08 99.77 -36.64
N ASP L 137 -68.65 98.58 -36.69
CA ASP L 137 -67.98 97.44 -36.11
C ASP L 137 -67.55 96.51 -37.24
N LEU L 138 -67.07 97.11 -38.33
CA LEU L 138 -66.83 96.40 -39.59
C LEU L 138 -65.60 95.51 -39.58
N ARG L 139 -64.51 95.97 -38.97
CA ARG L 139 -63.24 95.27 -39.09
C ARG L 139 -63.32 93.87 -38.43
N ARG L 140 -64.01 93.83 -37.29
CA ARG L 140 -64.26 92.61 -36.51
C ARG L 140 -65.31 91.73 -37.17
N GLU L 141 -66.48 92.33 -37.43
CA GLU L 141 -67.58 91.67 -38.15
C GLU L 141 -67.05 90.71 -39.20
N CYS L 142 -66.16 91.20 -40.06
CA CYS L 142 -65.55 90.37 -41.09
C CYS L 142 -64.80 89.23 -40.45
N ALA L 143 -63.90 89.54 -39.53
CA ALA L 143 -63.06 88.52 -38.92
C ALA L 143 -63.87 87.46 -38.16
N GLU L 144 -64.87 87.89 -37.39
CA GLU L 144 -65.84 86.96 -36.76
C GLU L 144 -66.45 86.01 -37.79
N GLU L 145 -66.92 86.58 -38.90
CA GLU L 145 -67.54 85.80 -39.97
C GLU L 145 -66.54 84.89 -40.74
N THR L 146 -65.36 85.39 -41.04
CA THR L 146 -64.38 84.59 -41.75
C THR L 146 -63.88 83.43 -40.86
N ILE L 147 -63.71 83.66 -39.57
CA ILE L 147 -63.31 82.53 -38.72
C ILE L 147 -64.45 81.52 -38.60
N THR L 148 -65.68 82.03 -38.59
CA THR L 148 -66.81 81.17 -38.32
C THR L 148 -66.87 80.14 -39.43
N ARG L 149 -66.82 80.64 -40.68
CA ARG L 149 -66.94 79.83 -41.91
C ARG L 149 -65.77 78.90 -42.13
N LEU L 150 -64.59 79.30 -41.64
CA LEU L 150 -63.40 78.44 -41.68
C LEU L 150 -63.52 77.27 -40.70
N VAL L 151 -64.25 77.48 -39.62
CA VAL L 151 -64.34 76.49 -38.59
C VAL L 151 -65.41 75.51 -39.05
N ASP L 152 -66.48 76.03 -39.68
CA ASP L 152 -67.65 75.22 -40.11
C ASP L 152 -67.31 74.32 -41.26
N LEU L 153 -66.41 74.79 -42.11
CA LEU L 153 -65.92 73.96 -43.18
C LEU L 153 -65.12 72.82 -42.59
N TYR L 154 -64.04 73.16 -41.89
CA TYR L 154 -63.15 72.17 -41.26
C TYR L 154 -63.90 71.10 -40.53
N VAL L 155 -64.88 71.50 -39.72
CA VAL L 155 -65.62 70.52 -38.93
C VAL L 155 -66.34 69.55 -39.84
N SER L 156 -67.20 70.08 -40.72
CA SER L 156 -67.83 69.27 -41.76
C SER L 156 -66.74 68.41 -42.44
N LYS L 157 -65.83 69.03 -43.17
CA LYS L 157 -64.82 68.26 -43.90
C LYS L 157 -64.13 67.17 -43.08
N ALA L 158 -64.17 67.26 -41.77
CA ALA L 158 -63.54 66.24 -40.94
C ALA L 158 -64.54 65.19 -40.46
N ILE L 159 -65.79 65.28 -40.91
CA ILE L 159 -66.75 64.20 -40.65
C ILE L 159 -67.52 63.58 -41.85
N GLU L 160 -67.83 64.35 -42.90
CA GLU L 160 -68.54 63.80 -44.07
C GLU L 160 -67.82 62.50 -44.57
N ASN L 161 -68.58 61.47 -44.99
CA ASN L 161 -68.00 60.12 -45.26
C ASN L 161 -67.15 59.97 -46.57
N LEU L 162 -67.06 61.03 -47.39
CA LEU L 162 -66.03 61.16 -48.46
C LEU L 162 -66.37 60.55 -49.80
N GLY L 163 -67.15 61.26 -50.61
CA GLY L 163 -67.48 60.85 -51.99
C GLY L 163 -66.26 60.52 -52.87
N ASP L 164 -66.15 59.24 -53.26
CA ASP L 164 -65.07 58.71 -54.11
C ASP L 164 -65.62 58.43 -55.53
N SER L 167 -61.10 59.67 -53.37
CA SER L 167 -61.07 61.08 -53.03
C SER L 167 -60.45 61.36 -51.61
N GLN L 168 -60.25 60.32 -50.79
CA GLN L 168 -59.65 60.49 -49.44
C GLN L 168 -58.20 60.97 -49.50
N GLU L 169 -57.56 60.91 -50.68
CA GLU L 169 -56.21 61.47 -50.83
C GLU L 169 -56.25 62.99 -51.19
N GLN L 170 -57.41 63.44 -51.69
CA GLN L 170 -57.67 64.86 -52.01
C GLN L 170 -58.40 65.58 -50.85
N ARG L 171 -59.26 64.81 -50.17
CA ARG L 171 -59.91 65.28 -48.95
C ARG L 171 -58.87 65.69 -47.92
N ASN L 172 -57.90 64.81 -47.65
CA ASN L 172 -56.74 65.14 -46.79
C ASN L 172 -56.15 66.53 -47.04
N GLN L 173 -55.75 66.79 -48.29
CA GLN L 173 -55.32 68.13 -48.72
C GLN L 173 -56.22 69.20 -48.15
N THR L 174 -57.54 68.98 -48.18
CA THR L 174 -58.46 69.96 -47.61
C THR L 174 -58.25 70.15 -46.10
N ILE L 175 -58.20 69.08 -45.30
CA ILE L 175 -58.03 69.26 -43.84
C ILE L 175 -56.60 69.75 -43.49
N GLU L 176 -55.57 69.24 -44.17
CA GLU L 176 -54.21 69.78 -44.04
C GLU L 176 -54.14 71.31 -44.20
N CYS L 177 -54.79 71.86 -45.23
CA CYS L 177 -54.87 73.34 -45.45
C CYS L 177 -55.66 74.03 -44.36
N LEU L 178 -56.81 73.47 -44.04
CA LEU L 178 -57.71 74.07 -43.09
C LEU L 178 -57.14 74.00 -41.69
N VAL L 179 -56.27 73.03 -41.43
CA VAL L 179 -55.62 72.97 -40.10
C VAL L 179 -54.51 74.01 -40.00
N ASN L 180 -53.68 74.08 -41.02
CA ASN L 180 -52.63 75.10 -41.04
C ASN L 180 -53.17 76.48 -40.68
N VAL L 181 -54.26 76.89 -41.33
CA VAL L 181 -54.86 78.21 -41.11
C VAL L 181 -55.38 78.30 -39.67
N LEU L 182 -56.15 77.29 -39.25
CA LEU L 182 -56.85 77.35 -37.98
C LEU L 182 -55.96 77.41 -36.76
N VAL L 183 -54.82 76.71 -36.83
CA VAL L 183 -53.80 76.77 -35.79
C VAL L 183 -53.18 78.16 -35.82
N HIS L 184 -52.52 78.52 -36.92
CA HIS L 184 -52.01 79.88 -37.08
C HIS L 184 -52.92 80.95 -36.48
N TYR L 185 -54.25 80.81 -36.59
CA TYR L 185 -55.16 81.81 -36.01
C TYR L 185 -55.36 81.61 -34.52
N GLY L 186 -55.30 80.36 -34.06
CA GLY L 186 -55.49 80.06 -32.65
C GLY L 186 -54.33 80.55 -31.81
N ILE L 187 -53.11 80.47 -32.38
CA ILE L 187 -51.93 80.90 -31.64
C ILE L 187 -51.86 82.42 -31.60
N GLN L 188 -52.64 83.10 -32.42
CA GLN L 188 -52.81 84.55 -32.28
C GLN L 188 -54.03 84.94 -31.42
N ARG L 189 -55.05 84.09 -31.37
CA ARG L 189 -56.32 84.46 -30.78
C ARG L 189 -57.00 83.26 -30.11
N PRO L 190 -56.45 82.79 -28.99
CA PRO L 190 -57.11 81.65 -28.36
C PRO L 190 -58.48 81.99 -27.81
N LYS L 191 -58.71 83.12 -27.14
CA LYS L 191 -60.13 83.36 -26.70
C LYS L 191 -61.08 83.07 -27.88
N GLU L 192 -60.82 83.66 -29.05
CA GLU L 192 -61.77 83.66 -30.22
C GLU L 192 -62.04 82.30 -30.86
N LEU L 193 -60.96 81.60 -31.22
CA LEU L 193 -61.01 80.26 -31.78
C LEU L 193 -61.72 79.26 -30.87
N SER L 194 -61.41 79.27 -29.58
CA SER L 194 -62.11 78.38 -28.66
C SER L 194 -63.61 78.72 -28.48
N SER L 195 -64.02 79.95 -28.79
CA SER L 195 -65.45 80.28 -28.85
C SER L 195 -66.14 79.66 -30.05
N CYS L 196 -65.44 79.60 -31.19
CA CYS L 196 -66.01 79.05 -32.39
C CYS L 196 -66.16 77.55 -32.26
N PHE L 197 -65.32 76.89 -31.47
CA PHE L 197 -65.44 75.43 -31.30
C PHE L 197 -66.45 74.96 -30.23
N CYS L 198 -66.91 75.83 -29.33
CA CYS L 198 -67.67 75.37 -28.16
C CYS L 198 -68.98 74.70 -28.48
N HIS L 199 -69.85 75.31 -29.27
CA HIS L 199 -71.14 74.67 -29.58
C HIS L 199 -70.85 73.39 -30.33
N HIS L 200 -70.02 73.51 -31.37
CA HIS L 200 -69.56 72.31 -32.06
C HIS L 200 -69.06 71.11 -31.16
N PHE L 201 -68.42 71.39 -30.01
CA PHE L 201 -67.81 70.34 -29.14
C PHE L 201 -68.82 69.40 -28.49
N LEU L 202 -70.05 69.87 -28.36
CA LEU L 202 -71.10 69.07 -27.72
C LEU L 202 -71.55 67.94 -28.64
N ASN L 203 -71.32 68.09 -29.94
CA ASN L 203 -71.56 67.01 -30.92
C ASN L 203 -70.34 66.05 -31.14
N PRO L 204 -70.46 64.78 -30.72
CA PRO L 204 -69.35 63.81 -30.57
C PRO L 204 -68.24 63.74 -31.61
N PRO L 205 -68.57 63.47 -32.88
CA PRO L 205 -67.50 63.12 -33.83
C PRO L 205 -66.62 64.29 -34.26
N THR L 206 -66.90 65.47 -33.73
CA THR L 206 -66.09 66.67 -33.91
C THR L 206 -64.89 66.71 -32.96
N ARG L 207 -65.07 66.09 -31.79
CA ARG L 207 -64.18 66.27 -30.65
C ARG L 207 -62.71 65.92 -30.91
N ILE L 208 -62.46 64.91 -31.73
CA ILE L 208 -61.06 64.55 -32.03
C ILE L 208 -60.41 65.56 -33.00
N PRO L 209 -61.11 65.98 -34.06
CA PRO L 209 -60.54 67.01 -34.89
C PRO L 209 -60.37 68.32 -34.15
N ILE L 210 -61.12 68.52 -33.09
CA ILE L 210 -61.05 69.79 -32.38
C ILE L 210 -59.88 69.82 -31.39
N LEU L 211 -59.74 68.82 -30.53
CA LEU L 211 -58.60 68.83 -29.60
C LEU L 211 -57.28 68.75 -30.35
N SER L 212 -57.18 67.94 -31.40
CA SER L 212 -55.90 67.87 -32.11
C SER L 212 -55.43 69.29 -32.49
N VAL L 213 -56.35 70.11 -33.01
CA VAL L 213 -56.03 71.50 -33.33
C VAL L 213 -55.70 72.22 -32.05
N VAL L 215 -54.83 71.36 -29.01
CA VAL L 215 -53.52 71.06 -28.41
C VAL L 215 -52.29 71.39 -29.28
N GLU L 216 -52.44 71.68 -30.57
CA GLU L 216 -51.28 72.21 -31.31
C GLU L 216 -51.14 73.73 -31.06
N VAL L 217 -52.26 74.38 -30.77
CA VAL L 217 -52.25 75.77 -30.33
C VAL L 217 -51.58 75.93 -28.94
N ILE L 218 -52.01 75.13 -27.97
CA ILE L 218 -51.48 75.14 -26.59
C ILE L 218 -50.02 74.75 -26.53
N ARG L 219 -49.58 73.77 -27.32
CA ARG L 219 -48.17 73.33 -27.34
C ARG L 219 -47.15 74.48 -27.52
N ARG L 220 -47.51 75.52 -28.29
CA ARG L 220 -46.64 76.69 -28.48
C ARG L 220 -46.39 77.50 -27.19
N GLN L 221 -47.27 77.30 -26.19
CA GLN L 221 -47.23 78.02 -24.93
C GLN L 221 -47.22 79.52 -25.13
N GLY L 222 -47.79 80.00 -26.25
CA GLY L 222 -47.83 81.43 -26.51
C GLY L 222 -48.82 82.14 -25.61
N PRO L 223 -49.07 83.43 -25.89
CA PRO L 223 -50.16 84.13 -25.17
C PRO L 223 -51.42 83.82 -25.94
N ARG L 224 -52.60 84.09 -25.38
CA ARG L 224 -52.83 84.34 -23.98
C ARG L 224 -53.88 83.32 -23.60
N LEU L 225 -53.37 82.18 -23.14
CA LEU L 225 -54.20 80.99 -22.93
C LEU L 225 -55.14 81.16 -21.73
N TYR L 226 -54.74 81.93 -20.73
CA TYR L 226 -55.62 82.20 -19.60
C TYR L 226 -57.04 82.65 -20.01
N GLU L 227 -57.17 83.16 -21.24
CA GLU L 227 -58.47 83.61 -21.71
C GLU L 227 -59.37 82.43 -22.08
N ILE L 228 -58.81 81.25 -22.29
CA ILE L 228 -59.61 80.11 -22.74
C ILE L 228 -60.64 79.61 -21.73
N PRO L 229 -60.28 79.44 -20.48
CA PRO L 229 -61.36 78.89 -19.65
C PRO L 229 -62.59 79.77 -19.50
N GLN L 230 -62.49 81.07 -19.84
CA GLN L 230 -63.70 81.92 -19.96
C GLN L 230 -64.70 81.58 -21.12
N THR L 231 -64.21 81.10 -22.24
CA THR L 231 -65.09 80.59 -23.25
C THR L 231 -65.98 79.40 -22.76
N GLY L 232 -65.54 78.71 -21.71
CA GLY L 232 -66.26 77.52 -21.24
C GLY L 232 -65.92 76.24 -21.99
N PHE L 233 -64.89 76.31 -22.82
CA PHE L 233 -64.28 75.17 -23.52
C PHE L 233 -63.55 74.22 -22.57
N TYR L 234 -62.65 74.77 -21.73
CA TYR L 234 -62.04 74.03 -20.61
C TYR L 234 -63.16 73.14 -20.00
N ASP L 235 -64.25 73.72 -19.52
CA ASP L 235 -65.32 72.87 -18.91
C ASP L 235 -65.82 71.69 -19.79
N LEU L 236 -65.95 71.94 -21.10
CA LEU L 236 -66.35 70.91 -22.07
C LEU L 236 -65.30 69.82 -22.12
N VAL L 237 -64.04 70.25 -22.04
CA VAL L 237 -62.94 69.30 -22.13
C VAL L 237 -62.91 68.37 -20.92
N LEU L 238 -63.22 68.93 -19.77
CA LEU L 238 -63.32 68.15 -18.57
C LEU L 238 -64.49 67.20 -18.65
N LYS L 239 -65.58 67.64 -19.27
CA LYS L 239 -66.73 66.77 -19.62
C LYS L 239 -66.29 65.60 -20.49
N CYS L 240 -65.59 65.90 -21.58
CA CYS L 240 -64.98 64.87 -22.44
C CYS L 240 -64.05 63.94 -21.65
N ALA L 241 -63.24 64.52 -20.79
CA ALA L 241 -62.32 63.74 -19.98
C ALA L 241 -63.03 62.87 -18.98
N GLU L 242 -64.21 63.24 -18.51
CA GLU L 242 -64.88 62.44 -17.45
C GLU L 242 -65.75 61.36 -18.00
N PHE L 243 -66.20 61.56 -19.24
CA PHE L 243 -67.34 60.80 -19.78
C PHE L 243 -67.06 60.00 -21.04
N ASP L 244 -66.26 60.56 -21.94
CA ASP L 244 -65.95 59.88 -23.20
C ASP L 244 -65.09 58.66 -23.01
N THR L 245 -65.00 57.88 -24.08
CA THR L 245 -64.56 56.49 -24.04
C THR L 245 -63.37 56.23 -24.98
N SER L 246 -63.18 57.10 -25.99
CA SER L 246 -62.14 56.88 -26.98
C SER L 246 -60.77 57.20 -26.47
N PRO L 247 -59.87 56.23 -26.42
CA PRO L 247 -58.51 56.54 -26.07
C PRO L 247 -57.87 57.72 -26.77
N ILE L 248 -57.84 57.70 -28.09
CA ILE L 248 -57.16 58.78 -28.78
C ILE L 248 -57.74 60.09 -28.25
N LEU L 249 -59.05 60.24 -28.27
CA LEU L 249 -59.70 61.44 -27.73
C LEU L 249 -59.31 61.75 -26.24
N LEU L 250 -59.26 60.72 -25.40
CA LEU L 250 -58.98 60.90 -23.96
C LEU L 250 -57.56 61.34 -23.77
N SER L 251 -56.64 60.64 -24.44
CA SER L 251 -55.23 61.01 -24.38
C SER L 251 -55.05 62.43 -24.96
N TYR L 252 -55.94 62.85 -25.85
CA TYR L 252 -55.95 64.26 -26.33
C TYR L 252 -56.38 65.24 -25.25
N ALA L 253 -57.38 64.87 -24.49
CA ALA L 253 -57.95 65.76 -23.50
C ALA L 253 -56.99 65.94 -22.33
N LEU L 254 -56.25 64.90 -21.98
CA LEU L 254 -55.30 65.02 -20.89
C LEU L 254 -54.31 66.05 -21.32
N SER L 255 -53.70 65.83 -22.48
CA SER L 255 -52.69 66.76 -23.06
C SER L 255 -53.10 68.20 -22.93
N PHE L 256 -54.41 68.42 -22.98
CA PHE L 256 -54.93 69.76 -23.00
C PHE L 256 -54.98 70.28 -21.58
N ILE L 257 -55.62 69.53 -20.70
CA ILE L 257 -55.85 70.05 -19.37
C ILE L 257 -54.44 70.22 -18.80
N LEU L 258 -53.59 69.18 -18.94
CA LEU L 258 -52.19 69.27 -18.45
C LEU L 258 -51.48 70.55 -18.94
N ILE L 260 -52.75 73.38 -20.07
CA ILE L 260 -53.42 74.66 -19.83
C ILE L 260 -53.51 74.91 -18.33
N LEU L 261 -53.10 73.90 -17.56
CA LEU L 261 -53.42 73.87 -16.16
C LEU L 261 -52.53 74.83 -15.38
N SER L 262 -51.30 75.07 -15.84
CA SER L 262 -50.47 76.13 -15.22
C SER L 262 -51.04 77.58 -15.39
N HIS L 263 -51.77 77.85 -16.47
CA HIS L 263 -52.30 79.22 -16.71
C HIS L 263 -53.66 79.48 -16.09
N ILE L 264 -53.93 78.96 -14.90
CA ILE L 264 -55.31 78.96 -14.39
C ILE L 264 -55.37 79.24 -12.88
N CYS L 265 -54.83 78.33 -12.08
CA CYS L 265 -54.81 78.39 -10.57
C CYS L 265 -56.00 79.06 -9.86
N ASN L 266 -57.09 79.29 -10.60
CA ASN L 266 -58.27 79.99 -10.11
C ASN L 266 -59.53 79.19 -10.38
N SER L 267 -59.80 78.92 -11.66
CA SER L 267 -60.77 77.88 -12.05
C SER L 267 -60.38 76.59 -11.34
N LEU L 268 -59.09 76.48 -11.01
CA LEU L 268 -58.55 75.31 -10.33
C LEU L 268 -59.30 75.03 -9.04
N ASP L 269 -59.68 76.07 -8.35
CA ASP L 269 -60.44 75.90 -7.12
C ASP L 269 -61.84 75.27 -7.44
N ASP L 270 -62.37 75.48 -8.64
CA ASP L 270 -63.74 75.09 -9.02
C ASP L 270 -63.78 73.72 -9.74
N SER L 271 -62.71 73.44 -10.48
CA SER L 271 -62.45 72.12 -11.07
C SER L 271 -61.75 71.08 -10.16
N LEU L 272 -61.38 71.42 -8.93
CA LEU L 272 -60.51 70.51 -8.13
C LEU L 272 -61.06 69.10 -7.94
N TYR L 273 -62.29 69.00 -7.46
CA TYR L 273 -62.88 67.68 -7.34
C TYR L 273 -62.99 67.00 -8.71
N ARG L 274 -63.37 67.68 -9.79
CA ARG L 274 -63.49 66.97 -11.09
C ARG L 274 -62.15 66.26 -11.48
N LEU L 275 -61.05 67.01 -11.29
CA LEU L 275 -59.71 66.53 -11.55
C LEU L 275 -59.31 65.33 -10.66
N PHE L 276 -59.67 65.36 -9.38
CA PHE L 276 -59.39 64.22 -8.50
C PHE L 276 -59.92 62.95 -9.18
N CYS L 277 -61.19 63.05 -9.60
CA CYS L 277 -61.90 62.01 -10.37
C CYS L 277 -61.28 61.66 -11.72
N ILE L 278 -60.87 62.67 -12.48
CA ILE L 278 -60.11 62.38 -13.68
C ILE L 278 -58.83 61.61 -13.37
N TYR L 279 -58.03 62.03 -12.39
CA TYR L 279 -56.80 61.27 -12.02
C TYR L 279 -57.16 59.82 -11.71
N LEU L 280 -58.18 59.64 -10.85
CA LEU L 280 -58.69 58.31 -10.49
C LEU L 280 -59.05 57.53 -11.74
N ARG L 281 -59.87 58.10 -12.62
CA ARG L 281 -60.25 57.44 -13.89
C ARG L 281 -59.06 57.09 -14.81
N PHE L 282 -58.21 58.06 -15.16
CA PHE L 282 -57.00 57.76 -15.97
C PHE L 282 -55.94 56.86 -15.33
N SER L 283 -55.92 56.79 -13.99
CA SER L 283 -55.01 55.86 -13.29
C SER L 283 -55.47 54.39 -13.39
N ILE L 285 -56.91 52.80 -16.11
CA ILE L 285 -57.00 52.35 -17.46
C ILE L 285 -56.57 50.90 -17.55
N ASP L 286 -57.41 50.09 -18.16
CA ASP L 286 -57.28 48.62 -18.18
C ASP L 286 -56.98 48.11 -19.61
N PRO L 287 -55.98 47.21 -19.77
CA PRO L 287 -55.65 46.86 -21.16
C PRO L 287 -56.74 46.01 -21.88
N THR L 288 -57.65 45.42 -21.12
CA THR L 288 -58.83 44.76 -21.67
C THR L 288 -60.02 45.72 -21.71
N SER L 289 -60.47 46.21 -20.55
CA SER L 289 -61.66 47.08 -20.47
C SER L 289 -61.45 48.59 -20.80
N GLY L 290 -60.20 48.98 -21.05
CA GLY L 290 -59.88 50.36 -21.42
C GLY L 290 -60.24 51.23 -20.24
N PHE L 291 -60.62 52.48 -20.47
CA PHE L 291 -61.04 53.33 -19.35
C PHE L 291 -62.32 52.82 -18.67
N PRO L 292 -62.49 53.09 -17.37
CA PRO L 292 -63.80 52.86 -16.74
C PRO L 292 -64.87 53.68 -17.43
N SER L 293 -66.11 53.19 -17.43
CA SER L 293 -67.20 53.88 -18.13
C SER L 293 -67.88 54.80 -17.13
N SER L 294 -68.56 55.85 -17.57
CA SER L 294 -69.23 56.74 -16.61
C SER L 294 -70.40 56.07 -15.90
N THR L 295 -71.13 56.82 -15.10
CA THR L 295 -72.47 56.42 -14.65
C THR L 295 -73.47 57.57 -14.70
N ALA L 296 -73.00 58.80 -14.45
CA ALA L 296 -73.85 59.98 -14.57
C ALA L 296 -73.81 60.42 -16.03
N SER L 297 -72.92 61.32 -16.39
CA SER L 297 -72.84 61.83 -17.76
C SER L 297 -73.80 63.00 -17.97
N GLY L 298 -74.90 63.06 -17.25
CA GLY L 298 -75.92 64.05 -17.55
C GLY L 298 -76.44 64.03 -19.00
N ASN L 299 -76.51 65.21 -19.58
CA ASN L 299 -76.92 65.40 -20.97
C ASN L 299 -75.80 65.17 -22.00
N TRP L 300 -74.63 64.73 -21.56
CA TRP L 300 -73.39 65.03 -22.26
C TRP L 300 -73.33 64.44 -23.66
N GLU L 301 -73.98 63.31 -23.86
CA GLU L 301 -73.89 62.62 -25.13
C GLU L 301 -72.48 62.12 -25.25
N VAL L 302 -72.28 60.90 -24.76
CA VAL L 302 -70.98 60.23 -24.76
C VAL L 302 -70.41 60.00 -26.15
N PHE L 303 -69.10 59.75 -26.24
CA PHE L 303 -68.45 59.29 -27.47
C PHE L 303 -67.65 58.01 -27.23
N HIS L 304 -67.94 56.92 -27.95
CA HIS L 304 -67.17 55.64 -27.87
C HIS L 304 -66.43 55.46 -29.18
N ASP L 305 -65.46 54.55 -29.24
CA ASP L 305 -64.67 54.45 -30.49
C ASP L 305 -65.47 53.97 -31.74
N PHE L 306 -66.27 52.92 -31.59
CA PHE L 306 -67.19 52.50 -32.65
C PHE L 306 -68.61 52.71 -32.15
N SER L 308 -72.83 53.10 -32.70
CA SER L 308 -73.89 52.31 -33.40
C SER L 308 -73.33 51.12 -34.19
N SER L 339 -47.02 60.12 -23.91
CA SER L 339 -46.07 61.17 -23.60
C SER L 339 -46.37 61.79 -22.21
N LEU L 340 -47.47 62.56 -22.13
CA LEU L 340 -47.91 63.29 -20.91
C LEU L 340 -49.14 62.63 -20.26
N ASP L 341 -48.91 61.69 -19.33
CA ASP L 341 -49.98 60.83 -18.80
C ASP L 341 -50.39 61.21 -17.36
N TYR L 342 -51.22 60.36 -16.76
CA TYR L 342 -51.78 60.64 -15.44
C TYR L 342 -50.73 61.08 -14.43
N SER L 343 -49.50 60.56 -14.52
CA SER L 343 -48.48 60.82 -13.50
C SER L 343 -48.17 62.30 -13.39
N GLN L 344 -47.99 63.02 -14.50
CA GLN L 344 -47.85 64.47 -14.39
C GLN L 344 -48.96 65.08 -13.54
N LEU L 345 -50.20 64.63 -13.70
CA LEU L 345 -51.32 65.21 -12.93
C LEU L 345 -51.23 64.92 -11.41
N PHE L 346 -50.65 63.78 -11.04
CA PHE L 346 -50.41 63.49 -9.61
C PHE L 346 -49.43 64.48 -9.04
N SER L 347 -48.38 64.75 -9.79
CA SER L 347 -47.46 65.79 -9.45
C SER L 347 -48.25 67.09 -9.24
N ILE L 348 -48.84 67.59 -10.31
CA ILE L 348 -49.47 68.88 -10.24
C ILE L 348 -50.69 68.87 -9.36
N LEU L 349 -51.09 67.74 -8.80
CA LEU L 349 -52.13 67.81 -7.79
C LEU L 349 -51.53 67.73 -6.39
N TYR L 350 -50.38 67.05 -6.25
CA TYR L 350 -49.72 66.79 -4.95
C TYR L 350 -49.11 68.07 -4.46
N ALA L 351 -48.54 68.82 -5.41
CA ALA L 351 -48.13 70.24 -5.25
C ALA L 351 -49.37 70.97 -5.51
N LEU L 352 -49.73 71.92 -4.66
CA LEU L 352 -51.05 72.64 -4.78
C LEU L 352 -52.09 72.15 -3.78
N TYR L 353 -52.46 70.87 -3.83
CA TYR L 353 -53.44 70.39 -2.84
C TYR L 353 -53.07 69.05 -2.24
N PRO L 354 -51.84 68.94 -1.67
CA PRO L 354 -51.33 67.67 -1.14
C PRO L 354 -52.25 67.05 -0.14
N ILE L 355 -52.85 67.80 0.76
CA ILE L 355 -53.58 67.08 1.82
C ILE L 355 -54.93 66.45 1.38
N ASN L 356 -55.74 67.23 0.65
CA ASN L 356 -57.01 66.71 0.12
C ASN L 356 -56.74 65.64 -0.94
N PHE L 357 -55.83 65.93 -1.85
CA PHE L 357 -55.44 64.94 -2.80
C PHE L 357 -55.16 63.63 -2.08
N LEU L 358 -54.37 63.58 -1.02
CA LEU L 358 -54.06 62.27 -0.45
C LEU L 358 -55.18 61.73 0.38
N GLU L 359 -55.97 62.57 1.01
CA GLU L 359 -57.13 62.06 1.75
C GLU L 359 -58.02 61.37 0.73
N PHE L 360 -58.26 62.04 -0.40
CA PHE L 360 -59.04 61.49 -1.50
C PHE L 360 -58.58 60.10 -1.97
N LEU L 361 -57.30 59.92 -2.31
CA LEU L 361 -56.82 58.58 -2.72
C LEU L 361 -56.65 57.69 -1.53
N ARG L 362 -57.71 57.38 -0.83
CA ARG L 362 -57.50 56.62 0.38
C ARG L 362 -58.82 56.00 0.73
N ASP L 363 -59.86 56.83 0.61
CA ASP L 363 -61.20 56.37 0.34
C ASP L 363 -61.70 57.56 -0.46
N PRO L 364 -61.82 57.41 -1.80
CA PRO L 364 -62.41 58.44 -2.64
C PRO L 364 -63.90 58.50 -2.46
N LYS L 365 -64.53 57.33 -2.36
CA LYS L 365 -65.97 57.29 -2.18
C LYS L 365 -66.25 58.10 -0.97
N LEU L 366 -65.49 57.87 0.10
CA LEU L 366 -65.68 58.60 1.35
C LEU L 366 -65.46 60.10 1.16
N TYR L 367 -64.34 60.46 0.54
CA TYR L 367 -64.04 61.86 0.27
C TYR L 367 -65.14 62.51 -0.50
N ALA L 368 -65.75 61.79 -1.41
CA ALA L 368 -66.67 62.44 -2.33
C ALA L 368 -67.99 62.83 -1.66
N SER L 369 -68.59 61.98 -0.82
CA SER L 369 -69.52 62.51 0.20
C SER L 369 -68.71 63.42 1.10
N LYS L 370 -69.30 64.48 1.62
CA LYS L 370 -68.53 65.32 2.54
C LYS L 370 -67.77 66.38 1.82
N HIS L 371 -67.58 66.19 0.53
CA HIS L 371 -67.26 67.32 -0.31
C HIS L 371 -68.35 67.43 -1.36
N ASN L 372 -69.41 66.63 -1.17
CA ASN L 372 -70.66 66.68 -1.98
C ASN L 372 -70.48 66.40 -3.49
N PHE L 373 -70.04 65.20 -3.78
CA PHE L 373 -69.91 64.71 -5.14
C PHE L 373 -69.89 63.14 -5.10
N GLN L 374 -69.73 62.49 -6.27
CA GLN L 374 -69.80 61.03 -6.38
C GLN L 374 -68.75 60.55 -7.33
N ILE L 375 -68.33 59.31 -7.09
CA ILE L 375 -67.30 58.70 -7.89
C ILE L 375 -68.11 57.93 -8.89
N ARG L 376 -68.07 58.34 -10.16
CA ARG L 376 -68.88 57.70 -11.20
C ARG L 376 -68.24 56.42 -11.75
N TYR L 377 -67.09 56.00 -11.24
CA TYR L 377 -66.41 54.87 -11.81
C TYR L 377 -66.32 53.73 -10.84
N SER L 378 -66.39 52.54 -11.39
CA SER L 378 -65.87 51.39 -10.71
C SER L 378 -64.37 51.56 -10.82
N PHE L 379 -63.70 51.39 -9.70
CA PHE L 379 -62.22 51.40 -9.64
C PHE L 379 -61.78 50.33 -8.63
N ASN L 380 -60.50 49.98 -8.69
CA ASN L 380 -59.93 48.99 -7.80
C ASN L 380 -59.07 49.67 -6.70
N GLN L 381 -59.61 49.77 -5.49
CA GLN L 381 -58.93 50.48 -4.39
C GLN L 381 -57.54 49.99 -4.09
N GLU L 382 -57.37 48.67 -4.09
CA GLU L 382 -56.05 48.10 -3.80
C GLU L 382 -55.05 48.53 -4.88
N LEU L 383 -55.51 48.48 -6.14
CA LEU L 383 -54.73 48.94 -7.26
C LEU L 383 -54.50 50.42 -7.13
N LEU L 384 -55.52 51.16 -6.70
CA LEU L 384 -55.38 52.62 -6.64
C LEU L 384 -54.22 52.96 -5.73
N SER L 385 -54.32 52.53 -4.48
CA SER L 385 -53.21 52.68 -3.55
C SER L 385 -51.92 52.16 -4.17
N THR L 386 -51.79 50.88 -4.45
CA THR L 386 -50.55 50.40 -5.08
C THR L 386 -49.93 51.39 -6.07
N LYS L 387 -50.72 51.84 -7.04
CA LYS L 387 -50.22 52.60 -8.17
C LYS L 387 -49.95 54.01 -7.74
N SER L 388 -50.82 54.54 -6.88
CA SER L 388 -50.66 55.89 -6.29
C SER L 388 -49.44 55.99 -5.36
N ASP L 389 -49.23 54.99 -4.52
CA ASP L 389 -48.07 54.96 -3.63
C ASP L 389 -46.78 55.06 -4.39
N GLY L 390 -46.74 54.37 -5.52
CA GLY L 390 -45.56 54.34 -6.30
C GLY L 390 -45.23 55.77 -6.61
N LEU L 391 -46.20 56.52 -7.09
CA LEU L 391 -45.91 57.83 -7.62
C LEU L 391 -45.46 58.82 -6.55
N LEU L 392 -45.96 58.64 -5.33
CA LEU L 392 -45.68 59.49 -4.16
C LEU L 392 -44.25 59.38 -3.68
N GLY L 393 -43.78 58.15 -3.54
CA GLY L 393 -42.37 57.88 -3.27
C GLY L 393 -41.36 58.53 -4.23
N ARG L 394 -41.81 59.05 -5.36
CA ARG L 394 -40.92 59.86 -6.19
C ARG L 394 -40.84 61.29 -5.71
N HIS L 395 -41.67 61.70 -4.74
CA HIS L 395 -41.79 63.14 -4.33
C HIS L 395 -41.20 63.41 -2.93
N LEU L 396 -40.98 64.66 -2.59
CA LEU L 396 -40.57 65.04 -1.22
C LEU L 396 -41.78 65.33 -0.35
N ALA L 397 -41.63 65.23 0.96
CA ALA L 397 -42.77 65.48 1.85
C ALA L 397 -43.14 66.89 1.63
N HIS L 398 -44.42 67.20 1.78
CA HIS L 398 -44.94 68.56 1.52
C HIS L 398 -45.18 69.29 2.82
N SER L 399 -44.92 70.59 2.84
CA SER L 399 -44.91 71.29 4.12
C SER L 399 -46.33 71.70 4.53
N ASN L 400 -47.17 72.07 3.56
CA ASN L 400 -48.61 72.21 3.84
C ASN L 400 -49.05 71.36 4.98
N PHE L 401 -48.40 70.21 5.19
CA PHE L 401 -48.82 69.25 6.24
C PHE L 401 -48.59 69.76 7.66
N LEU L 402 -47.68 70.74 7.75
CA LEU L 402 -47.28 71.42 8.98
C LEU L 402 -48.15 72.60 9.15
N LYS L 403 -48.46 73.28 8.04
CA LYS L 403 -49.14 74.56 8.10
C LYS L 403 -50.64 74.47 7.95
N TYR L 404 -51.20 73.46 7.30
CA TYR L 404 -52.64 73.44 7.06
C TYR L 404 -53.36 72.15 7.43
N THR L 405 -54.68 72.30 7.50
CA THR L 405 -55.59 71.17 7.53
C THR L 405 -56.29 71.06 6.19
N ALA L 406 -56.97 69.92 5.99
CA ALA L 406 -57.71 69.67 4.76
C ALA L 406 -58.61 70.82 4.48
N GLU L 407 -59.35 71.29 5.49
CA GLU L 407 -60.23 72.45 5.27
C GLU L 407 -59.42 73.69 5.04
N THR L 408 -58.48 74.04 5.90
CA THR L 408 -57.74 75.28 5.61
C THR L 408 -57.10 75.20 4.22
N GLU L 409 -56.65 74.02 3.77
CA GLU L 409 -55.94 73.94 2.50
C GLU L 409 -56.90 74.47 1.43
N LEU L 410 -58.15 74.01 1.51
CA LEU L 410 -59.22 74.41 0.59
C LEU L 410 -59.67 75.84 0.76
N THR L 411 -59.43 76.43 1.93
CA THR L 411 -59.99 77.74 2.28
C THR L 411 -59.05 78.67 3.04
N ASP L 412 -58.13 79.32 2.36
CA ASP L 412 -57.20 80.21 3.03
C ASP L 412 -56.40 80.74 1.90
N LYS L 413 -56.87 81.85 1.35
CA LYS L 413 -56.25 82.43 0.18
C LYS L 413 -54.89 83.07 0.52
N SER L 414 -54.68 83.37 1.81
CA SER L 414 -53.32 83.71 2.30
C SER L 414 -52.27 82.59 2.05
N ARG L 415 -52.69 81.51 1.37
CA ARG L 415 -51.78 80.50 0.85
C ARG L 415 -51.10 80.94 -0.44
N TRP L 416 -51.78 81.74 -1.27
CA TRP L 416 -51.21 82.13 -2.58
C TRP L 416 -50.48 83.49 -2.42
N THR L 417 -49.79 83.61 -1.27
CA THR L 417 -48.75 84.60 -0.93
C THR L 417 -47.42 84.06 -1.46
N ARG L 418 -47.04 82.89 -0.93
CA ARG L 418 -45.81 82.16 -1.32
C ARG L 418 -45.51 82.19 -2.82
N LEU L 419 -46.56 82.26 -3.65
CA LEU L 419 -46.44 82.23 -5.12
C LEU L 419 -45.89 83.53 -5.78
N ASP L 420 -45.58 84.57 -5.00
CA ASP L 420 -44.79 85.70 -5.53
C ASP L 420 -43.33 85.59 -5.08
N SER L 421 -43.12 85.29 -3.80
CA SER L 421 -41.76 85.06 -3.27
C SER L 421 -40.97 83.99 -4.07
N ILE L 422 -41.64 82.89 -4.45
CA ILE L 422 -41.02 81.80 -5.23
C ILE L 422 -41.21 81.94 -6.74
N ALA L 423 -41.96 82.95 -7.18
CA ALA L 423 -42.02 83.28 -8.59
C ALA L 423 -40.85 84.16 -8.97
N VAL L 424 -40.38 84.99 -8.03
CA VAL L 424 -39.17 85.81 -8.19
C VAL L 424 -37.93 84.92 -8.11
N VAL L 425 -37.82 84.16 -7.02
CA VAL L 425 -36.73 83.23 -6.82
C VAL L 425 -36.51 82.28 -8.02
N ALA L 426 -37.60 81.83 -8.65
CA ALA L 426 -37.46 80.94 -9.81
C ALA L 426 -36.88 81.70 -10.97
N LEU L 427 -37.48 82.87 -11.23
CA LEU L 427 -37.10 83.76 -12.37
C LEU L 427 -35.63 84.21 -12.36
N CYS L 428 -35.01 84.31 -11.19
CA CYS L 428 -33.64 84.81 -11.09
C CYS L 428 -32.55 83.80 -11.45
N ASN L 429 -32.77 82.56 -11.03
CA ASN L 429 -31.81 81.48 -11.24
C ASN L 429 -31.99 80.93 -12.63
N SER L 430 -33.17 81.18 -13.20
CA SER L 430 -33.41 80.91 -14.62
C SER L 430 -32.69 81.93 -15.51
N LEU L 431 -32.29 83.07 -14.94
CA LEU L 431 -31.55 84.07 -15.68
C LEU L 431 -30.04 84.03 -15.46
N ASN L 432 -29.54 83.34 -14.43
CA ASN L 432 -28.06 83.18 -14.24
C ASN L 432 -27.57 82.17 -15.21
N ALA L 433 -26.56 82.53 -16.00
CA ALA L 433 -25.94 81.57 -16.89
C ALA L 433 -24.76 80.87 -16.17
N VAL L 434 -24.87 80.78 -14.84
CA VAL L 434 -23.81 80.32 -13.90
C VAL L 434 -22.77 81.45 -13.76
N PRO M 5 -4.88 15.87 50.40
CA PRO M 5 -4.86 16.80 49.25
C PRO M 5 -4.69 18.26 49.65
N LEU M 6 -5.35 18.62 50.74
CA LEU M 6 -5.57 19.99 51.13
C LEU M 6 -4.38 20.49 51.96
N GLN M 7 -3.85 19.61 52.81
CA GLN M 7 -2.90 20.02 53.84
C GLN M 7 -1.66 20.59 53.17
N SER M 8 -1.33 20.04 52.00
CA SER M 8 -0.16 20.44 51.22
C SER M 8 -0.35 21.79 50.51
N LEU M 9 -1.59 22.06 50.11
CA LEU M 9 -1.96 23.35 49.53
C LEU M 9 -1.64 24.48 50.51
N VAL M 10 -2.09 24.30 51.76
CA VAL M 10 -1.96 25.31 52.82
C VAL M 10 -0.51 25.58 53.22
N LYS M 11 0.33 24.55 53.09
CA LYS M 11 1.78 24.73 53.23
C LYS M 11 2.23 25.69 52.14
N ALA M 12 1.82 25.40 50.90
CA ALA M 12 2.12 26.24 49.75
C ALA M 12 1.77 27.72 49.98
N LEU M 13 0.54 27.94 50.45
CA LEU M 13 0.05 29.28 50.79
C LEU M 13 0.91 29.96 51.82
N TRP M 14 1.37 29.22 52.81
CA TRP M 14 2.21 29.79 53.83
C TRP M 14 3.53 30.28 53.25
N ASN M 15 4.29 29.38 52.61
CA ASN M 15 5.57 29.76 52.00
C ASN M 15 5.50 30.99 51.12
N VAL M 16 4.50 31.00 50.24
CA VAL M 16 4.32 32.06 49.24
C VAL M 16 4.12 33.43 49.87
N LEU M 17 3.27 33.48 50.90
CA LEU M 17 2.92 34.74 51.53
C LEU M 17 4.01 35.21 52.54
N HIS M 18 5.29 35.12 52.11
CA HIS M 18 6.45 35.82 52.75
C HIS M 18 7.53 36.19 51.71
N ASP M 27 7.24 34.18 42.99
CA ASP M 27 7.18 32.92 42.23
C ASP M 27 6.09 32.00 42.78
N LEU M 28 4.92 32.02 42.16
CA LEU M 28 3.78 31.20 42.61
C LEU M 28 3.83 29.74 42.12
N THR M 29 4.91 29.35 41.44
CA THR M 29 4.93 28.17 40.55
C THR M 29 4.50 26.85 41.21
N GLU M 30 4.95 26.66 42.45
CA GLU M 30 4.53 25.51 43.24
C GLU M 30 3.02 25.54 43.51
N LEU M 31 2.54 26.63 44.13
CA LEU M 31 1.12 26.78 44.47
C LEU M 31 0.15 26.51 43.29
N ILE M 32 0.55 26.90 42.09
CA ILE M 32 -0.32 26.77 40.93
C ILE M 32 -0.62 25.30 40.64
N ALA M 33 0.40 24.45 40.78
CA ALA M 33 0.25 23.01 40.57
C ALA M 33 -0.53 22.37 41.72
N GLU M 34 -0.25 22.83 42.95
CA GLU M 34 -0.96 22.34 44.15
C GLU M 34 -2.46 22.66 44.14
N VAL M 35 -2.82 23.73 43.45
CA VAL M 35 -4.19 23.90 43.05
C VAL M 35 -4.53 22.76 42.06
N GLU M 36 -3.84 22.69 40.91
CA GLU M 36 -4.28 21.83 39.76
C GLU M 36 -4.53 20.35 40.09
N SER M 37 -3.86 19.87 41.14
CA SER M 37 -4.11 18.53 41.69
C SER M 37 -5.37 18.49 42.57
N TYR M 38 -5.42 19.32 43.63
CA TYR M 38 -6.65 19.48 44.43
C TYR M 38 -7.87 19.45 43.48
N GLN M 39 -7.71 20.05 42.30
CA GLN M 39 -8.78 20.20 41.31
C GLN M 39 -9.13 18.94 40.52
N GLN M 40 -8.13 18.08 40.29
CA GLN M 40 -8.38 16.74 39.71
C GLN M 40 -9.14 15.86 40.71
N ARG M 41 -8.98 16.17 41.99
CA ARG M 41 -9.68 15.50 43.07
C ARG M 41 -11.06 16.13 43.21
N TYR M 42 -11.11 17.46 43.36
CA TYR M 42 -12.36 18.18 43.68
C TYR M 42 -12.87 19.07 42.55
N PRO M 43 -13.49 18.49 41.50
CA PRO M 43 -13.98 19.30 40.37
C PRO M 43 -15.13 20.21 40.79
N LYS M 44 -16.12 19.66 41.50
CA LYS M 44 -17.06 20.45 42.27
C LYS M 44 -16.27 21.13 43.38
N GLN M 45 -16.69 22.32 43.77
CA GLN M 45 -16.03 22.99 44.89
C GLN M 45 -16.42 22.20 46.12
N ASN M 46 -15.53 22.12 47.11
CA ASN M 46 -15.85 21.43 48.36
C ASN M 46 -16.09 22.40 49.53
N PRO M 47 -17.34 22.40 50.08
CA PRO M 47 -17.75 23.42 51.08
C PRO M 47 -17.10 23.30 52.47
N THR M 48 -16.62 22.11 52.83
CA THR M 48 -15.78 21.95 54.03
C THR M 48 -14.40 22.52 53.79
N ASN M 49 -13.87 22.21 52.61
CA ASN M 49 -12.55 22.62 52.25
C ASN M 49 -12.53 24.13 52.20
N SER M 50 -13.46 24.71 51.44
CA SER M 50 -13.58 26.18 51.34
C SER M 50 -13.45 26.76 52.74
N GLN M 51 -14.44 26.43 53.55
CA GLN M 51 -14.50 26.86 54.95
C GLN M 51 -13.10 26.96 55.57
N LYS M 52 -12.33 25.90 55.41
CA LYS M 52 -11.04 25.75 56.07
C LYS M 52 -9.97 26.65 55.44
N ILE M 53 -9.94 26.67 54.11
CA ILE M 53 -9.00 27.50 53.34
C ILE M 53 -9.16 28.99 53.73
N ARG M 54 -10.42 29.42 53.67
CA ARG M 54 -10.82 30.78 54.06
C ARG M 54 -10.26 31.09 55.44
N HIS M 55 -10.50 30.18 56.38
CA HIS M 55 -10.04 30.35 57.77
C HIS M 55 -8.54 30.65 57.86
N ILE M 56 -7.76 30.10 56.92
CA ILE M 56 -6.31 30.29 56.90
C ILE M 56 -5.96 31.68 56.36
N LEU M 57 -6.60 32.04 55.25
CA LEU M 57 -6.41 33.37 54.65
C LEU M 57 -6.58 34.46 55.71
N ASP M 58 -7.62 34.33 56.53
CA ASP M 58 -7.78 35.16 57.72
C ASP M 58 -6.52 35.14 58.57
N GLU M 59 -6.07 33.92 58.90
CA GLU M 59 -4.86 33.74 59.71
C GLU M 59 -3.72 34.56 59.10
N ILE M 60 -3.45 34.28 57.84
CA ILE M 60 -2.33 34.91 57.15
C ILE M 60 -2.48 36.44 57.07
N TYR M 61 -3.72 36.94 56.94
CA TYR M 61 -3.97 38.38 56.75
C TYR M 61 -3.45 39.24 57.94
N GLU M 62 -3.73 38.79 59.17
CA GLU M 62 -3.29 39.52 60.37
C GLU M 62 -1.78 39.75 60.33
N LYS M 63 -1.07 38.66 60.00
CA LYS M 63 0.38 38.61 59.80
C LYS M 63 0.89 39.58 58.73
N THR M 64 0.49 39.27 57.50
CA THR M 64 0.86 40.00 56.28
C THR M 64 -0.46 40.40 55.60
N PRO M 65 -0.89 41.66 55.76
CA PRO M 65 -2.21 42.10 55.30
C PRO M 65 -2.16 42.74 53.89
N PHE M 66 -2.69 43.95 53.69
CA PHE M 66 -2.81 44.51 52.35
C PHE M 66 -2.26 45.92 52.31
N ASN M 67 -1.02 46.13 52.74
CA ASN M 67 -0.59 47.46 53.27
C ASN M 67 0.57 48.16 52.58
N ASN M 68 1.18 47.50 51.60
CA ASN M 68 2.16 48.10 50.70
C ASN M 68 2.02 47.40 49.35
N THR M 69 2.65 47.98 48.33
CA THR M 69 2.42 47.54 46.96
C THR M 69 2.83 46.08 46.67
N ARG M 70 3.92 45.61 47.26
CA ARG M 70 4.39 44.24 47.02
C ARG M 70 3.43 43.21 47.63
N ARG M 71 2.83 43.56 48.76
CA ARG M 71 1.97 42.59 49.43
C ARG M 71 0.70 42.41 48.64
N ARG M 72 0.22 43.50 48.02
CA ARG M 72 -1.03 43.49 47.23
C ARG M 72 -0.91 42.63 45.96
N ILE M 73 0.14 42.91 45.19
CA ILE M 73 0.55 42.08 44.06
C ILE M 73 0.47 40.62 44.48
N LEU M 74 1.12 40.35 45.60
CA LEU M 74 1.24 39.02 46.14
C LEU M 74 -0.14 38.43 46.40
N TRP M 75 -0.99 39.25 47.03
CA TRP M 75 -2.31 38.82 47.53
C TRP M 75 -3.33 38.60 46.42
N LEU M 76 -3.39 39.56 45.49
CA LEU M 76 -4.32 39.48 44.37
C LEU M 76 -4.03 38.24 43.51
N ALA M 77 -2.75 38.08 43.16
CA ALA M 77 -2.29 36.92 42.42
C ALA M 77 -2.69 35.57 43.05
N VAL M 78 -2.61 35.52 44.39
CA VAL M 78 -2.93 34.30 45.13
C VAL M 78 -4.44 34.08 45.00
N LEU M 79 -5.17 35.14 45.30
CA LEU M 79 -6.62 35.11 45.35
C LEU M 79 -7.24 34.78 44.02
N LYS M 80 -6.63 35.27 42.95
CA LYS M 80 -6.98 34.91 41.59
C LYS M 80 -6.91 33.39 41.38
N THR M 81 -5.79 32.80 41.76
CA THR M 81 -5.54 31.39 41.47
C THR M 81 -6.30 30.42 42.37
N VAL M 82 -6.81 30.91 43.53
CA VAL M 82 -7.46 30.07 44.57
C VAL M 82 -8.99 30.16 44.66
N ILE M 83 -9.51 31.35 44.40
CA ILE M 83 -10.94 31.58 44.37
C ILE M 83 -11.74 30.64 43.44
N PRO M 84 -11.07 30.02 42.47
CA PRO M 84 -11.94 29.04 41.79
C PRO M 84 -12.37 27.81 42.64
N LEU M 85 -11.72 27.59 43.78
CA LEU M 85 -12.01 26.43 44.63
C LEU M 85 -13.11 26.73 45.64
N LEU M 86 -13.29 28.03 45.89
CA LEU M 86 -14.02 28.54 47.06
C LEU M 86 -15.54 28.67 46.86
N ILE M 87 -16.25 28.65 48.00
CA ILE M 87 -17.65 29.07 48.13
C ILE M 87 -17.75 30.21 49.14
N LEU M 88 -18.56 31.19 48.72
CA LEU M 88 -18.74 32.48 49.35
C LEU M 88 -20.22 32.79 49.68
N ASP M 89 -20.45 33.91 50.36
CA ASP M 89 -21.77 34.37 50.70
C ASP M 89 -21.76 35.92 50.86
N ARG M 90 -22.96 36.50 50.90
CA ARG M 90 -23.15 37.95 50.97
C ARG M 90 -22.35 38.57 52.12
N GLN M 91 -22.30 37.86 53.24
CA GLN M 91 -21.49 38.28 54.37
C GLN M 91 -20.02 38.27 53.91
N ALA M 92 -19.60 37.20 53.21
CA ALA M 92 -18.20 36.99 52.80
C ALA M 92 -17.68 38.08 51.84
N VAL M 93 -18.41 38.33 50.75
CA VAL M 93 -17.90 39.27 49.74
C VAL M 93 -17.93 40.65 50.34
N GLY M 94 -18.57 40.77 51.51
CA GLY M 94 -18.26 41.83 52.47
C GLY M 94 -16.79 41.87 52.90
N GLU M 95 -16.31 40.79 53.55
CA GLU M 95 -14.90 40.66 54.00
C GLU M 95 -13.94 41.06 52.88
N TRP M 96 -14.18 40.47 51.71
CA TRP M 96 -13.29 40.58 50.58
C TRP M 96 -13.19 42.02 50.18
N TRP M 97 -14.37 42.63 50.00
CA TRP M 97 -14.50 44.03 49.64
C TRP M 97 -13.91 44.92 50.72
N ASP M 98 -14.39 44.70 51.96
CA ASP M 98 -13.94 45.45 53.11
C ASP M 98 -12.40 45.49 53.19
N GLN M 99 -11.75 44.37 52.82
CA GLN M 99 -10.30 44.23 52.99
C GLN M 99 -9.40 44.18 51.74
N ILE M 100 -9.93 43.78 50.59
CA ILE M 100 -9.12 43.77 49.34
C ILE M 100 -9.49 44.88 48.32
N PHE M 101 -10.72 44.78 47.84
CA PHE M 101 -11.18 45.57 46.71
C PHE M 101 -11.18 47.03 47.06
N PHE M 102 -11.85 47.38 48.14
CA PHE M 102 -11.96 48.78 48.55
C PHE M 102 -10.60 49.41 48.80
N PRO M 103 -9.71 48.70 49.50
CA PRO M 103 -8.39 49.28 49.69
C PRO M 103 -7.81 49.75 48.37
N PHE M 104 -7.82 48.85 47.39
CA PHE M 104 -7.29 49.09 46.04
C PHE M 104 -8.03 50.21 45.27
N LEU M 105 -9.34 50.05 45.16
CA LEU M 105 -10.15 50.95 44.37
C LEU M 105 -9.92 52.34 44.92
N ASN M 106 -9.78 52.40 46.24
CA ASN M 106 -9.51 53.64 46.94
C ASN M 106 -8.21 54.33 46.63
N SER M 107 -7.09 53.62 46.64
CA SER M 107 -5.83 54.20 46.12
C SER M 107 -5.03 53.17 45.32
N PRO M 108 -5.37 53.02 44.02
CA PRO M 108 -5.02 51.84 43.23
C PRO M 108 -3.57 51.86 42.75
N THR M 109 -2.96 50.69 42.70
CA THR M 109 -1.54 50.54 42.33
C THR M 109 -1.32 50.73 40.83
N GLN M 110 -0.43 51.64 40.46
CA GLN M 110 -0.25 52.10 39.06
C GLN M 110 0.31 51.05 38.06
N LEU M 111 0.06 49.78 38.32
CA LEU M 111 0.58 48.72 37.51
C LEU M 111 -0.56 47.96 36.83
N LYS M 112 -0.70 48.16 35.52
CA LYS M 112 -1.83 47.57 34.79
C LYS M 112 -2.00 46.05 34.98
N PRO M 113 -0.88 45.29 35.05
CA PRO M 113 -1.09 43.86 35.20
C PRO M 113 -1.67 43.54 36.57
N VAL M 114 -1.39 44.39 37.55
CA VAL M 114 -1.97 44.20 38.90
C VAL M 114 -3.50 44.39 38.84
N PHE M 115 -3.92 45.57 38.38
CA PHE M 115 -5.33 45.85 38.12
C PHE M 115 -6.03 44.71 37.35
N SER M 116 -5.34 44.07 36.40
CA SER M 116 -6.00 43.00 35.67
C SER M 116 -6.37 41.89 36.63
N ASP M 117 -5.45 41.52 37.52
CA ASP M 117 -5.77 40.50 38.55
C ASP M 117 -7.03 40.84 39.34
N LEU M 118 -7.13 42.11 39.70
CA LEU M 118 -8.31 42.59 40.40
C LEU M 118 -9.56 42.28 39.60
N LYS M 119 -9.68 42.87 38.40
CA LYS M 119 -10.82 42.60 37.50
C LYS M 119 -11.08 41.10 37.41
N SER M 120 -10.00 40.32 37.27
CA SER M 120 -10.12 38.86 37.16
C SER M 120 -10.97 38.36 38.27
N ILE M 121 -10.58 38.68 39.50
CA ILE M 121 -11.32 38.22 40.66
C ILE M 121 -12.78 38.68 40.63
N LEU M 122 -12.96 40.01 40.58
CA LEU M 122 -14.27 40.70 40.51
C LEU M 122 -15.22 40.05 39.52
N PHE M 123 -14.77 39.89 38.28
CA PHE M 123 -15.62 39.23 37.30
C PHE M 123 -15.64 37.72 37.40
N TYR M 124 -14.77 37.09 38.21
CA TYR M 124 -15.02 35.69 38.56
C TYR M 124 -16.36 35.63 39.29
N ILE M 125 -16.61 36.61 40.18
CA ILE M 125 -17.82 36.65 41.05
C ILE M 125 -19.05 37.19 40.30
N LEU M 126 -18.88 38.39 39.72
CA LEU M 126 -19.93 39.07 38.93
C LEU M 126 -20.54 38.24 37.82
N ILE M 127 -19.71 37.42 37.18
CA ILE M 127 -20.07 36.71 35.95
C ILE M 127 -19.98 35.22 36.20
N PHE M 128 -21.06 34.48 35.94
CA PHE M 128 -21.06 33.01 36.08
C PHE M 128 -22.08 32.44 35.12
N HIS M 129 -22.07 31.12 34.94
CA HIS M 129 -23.06 30.47 34.10
C HIS M 129 -24.05 29.63 34.90
N ASP M 130 -23.66 29.25 36.11
CA ASP M 130 -24.43 28.33 36.95
C ASP M 130 -24.71 28.92 38.34
N GLU M 131 -25.95 29.39 38.53
CA GLU M 131 -26.51 29.80 39.83
C GLU M 131 -26.41 28.75 40.93
N ASP M 132 -26.45 27.47 40.54
CA ASP M 132 -26.40 26.31 41.45
C ASP M 132 -25.01 25.98 41.99
N GLU M 133 -24.00 26.19 41.15
CA GLU M 133 -22.63 25.80 41.47
C GLU M 133 -22.18 25.97 42.95
N TRP M 134 -22.72 26.93 43.69
CA TRP M 134 -22.43 27.01 45.13
C TRP M 134 -23.56 26.61 46.07
N GLY M 135 -24.80 26.64 45.57
CA GLY M 135 -25.94 26.13 46.33
C GLY M 135 -26.91 27.24 46.66
N GLY M 136 -28.19 26.98 46.44
CA GLY M 136 -29.22 27.97 46.67
C GLY M 136 -29.20 29.00 45.56
N ASP M 137 -29.19 30.28 45.96
CA ASP M 137 -28.89 31.42 45.06
C ASP M 137 -27.35 31.61 45.14
N LEU M 138 -26.88 32.00 46.34
CA LEU M 138 -25.46 32.14 46.70
C LEU M 138 -24.49 32.73 45.66
N ARG M 139 -24.46 32.10 44.50
CA ARG M 139 -23.63 32.52 43.39
C ARG M 139 -24.12 33.89 42.98
N ARG M 140 -25.43 33.94 42.66
CA ARG M 140 -26.17 35.19 42.45
C ARG M 140 -26.04 36.20 43.62
N GLU M 141 -26.31 35.72 44.83
CA GLU M 141 -26.26 36.57 46.03
C GLU M 141 -24.94 37.30 46.07
N CYS M 142 -23.85 36.59 45.76
CA CYS M 142 -22.50 37.18 45.81
C CYS M 142 -22.23 38.17 44.69
N ALA M 143 -22.79 37.91 43.49
CA ALA M 143 -22.70 38.89 42.37
C ALA M 143 -23.34 40.22 42.74
N GLU M 144 -24.63 40.11 43.14
CA GLU M 144 -25.41 41.26 43.61
C GLU M 144 -24.69 42.12 44.63
N GLU M 145 -24.00 41.49 45.56
CA GLU M 145 -23.35 42.26 46.63
C GLU M 145 -22.17 43.07 46.11
N THR M 146 -21.35 42.39 45.31
CA THR M 146 -20.20 42.99 44.69
C THR M 146 -20.60 44.13 43.77
N ILE M 147 -21.51 43.84 42.84
CA ILE M 147 -21.97 44.87 41.93
C ILE M 147 -22.62 46.07 42.64
N THR M 148 -23.46 45.79 43.61
CA THR M 148 -24.10 46.86 44.34
C THR M 148 -23.07 47.81 44.92
N ARG M 149 -22.05 47.28 45.60
CA ARG M 149 -21.03 48.14 46.24
C ARG M 149 -20.21 48.95 45.22
N LEU M 150 -19.94 48.31 44.07
CA LEU M 150 -19.16 48.91 43.00
C LEU M 150 -19.83 50.15 42.48
N VAL M 151 -21.15 50.03 42.30
CA VAL M 151 -21.98 51.12 41.83
C VAL M 151 -22.07 52.17 42.91
N ASP M 152 -22.22 51.72 44.16
CA ASP M 152 -22.36 52.65 45.29
C ASP M 152 -21.06 53.44 45.48
N LEU M 153 -19.92 52.77 45.35
CA LEU M 153 -18.63 53.46 45.38
C LEU M 153 -18.40 54.47 44.26
N TYR M 154 -18.79 54.12 43.03
CA TYR M 154 -18.60 54.99 41.85
C TYR M 154 -19.38 56.29 41.98
N VAL M 155 -20.63 56.17 42.45
CA VAL M 155 -21.57 57.29 42.52
C VAL M 155 -21.07 58.31 43.55
N SER M 156 -20.87 57.81 44.76
CA SER M 156 -20.28 58.58 45.86
C SER M 156 -18.90 59.13 45.45
N LYS M 157 -18.01 58.31 44.93
CA LYS M 157 -16.77 58.83 44.35
C LYS M 157 -16.93 59.87 43.22
N ALA M 158 -18.02 59.81 42.47
CA ALA M 158 -18.24 60.75 41.37
C ALA M 158 -18.69 62.12 41.88
N ILE M 159 -19.21 62.14 43.10
CA ILE M 159 -19.76 63.35 43.70
C ILE M 159 -19.07 63.89 44.99
N GLU M 160 -18.76 63.05 45.98
CA GLU M 160 -18.17 63.54 47.25
C GLU M 160 -16.85 64.34 46.96
N ASN M 161 -16.65 65.51 47.60
CA ASN M 161 -15.70 66.55 47.12
C ASN M 161 -14.18 66.56 47.58
N LEU M 162 -13.72 65.62 48.43
CA LEU M 162 -12.24 65.37 48.66
C LEU M 162 -11.56 66.00 49.93
N GLY M 163 -10.58 65.29 50.53
CA GLY M 163 -10.02 65.63 51.86
C GLY M 163 -8.70 66.42 51.91
N ASP M 164 -7.65 65.87 51.29
CA ASP M 164 -6.34 66.55 51.16
C ASP M 164 -5.29 65.59 50.59
N SER M 167 -5.13 66.14 46.49
CA SER M 167 -5.47 64.73 46.31
C SER M 167 -6.30 64.51 45.02
N GLN M 168 -6.32 65.47 44.09
CA GLN M 168 -7.38 65.49 43.05
C GLN M 168 -7.28 64.43 41.95
N GLU M 169 -6.09 63.85 41.74
CA GLU M 169 -5.92 62.78 40.75
C GLU M 169 -5.85 61.40 41.41
N GLN M 170 -5.61 61.32 42.71
CA GLN M 170 -5.74 60.02 43.44
C GLN M 170 -7.20 59.61 43.34
N ARG M 171 -8.03 60.62 43.03
CA ARG M 171 -9.45 60.46 42.74
C ARG M 171 -9.67 60.05 41.31
N ASN M 172 -9.14 60.81 40.36
CA ASN M 172 -9.27 60.50 38.93
C ASN M 172 -8.83 59.07 38.56
N GLN M 173 -7.81 58.56 39.24
CA GLN M 173 -7.44 57.16 39.06
C GLN M 173 -8.46 56.22 39.65
N THR M 174 -9.19 56.66 40.66
CA THR M 174 -10.17 55.77 41.29
C THR M 174 -11.44 55.61 40.44
N ILE M 175 -11.86 56.67 39.75
CA ILE M 175 -13.05 56.56 38.91
C ILE M 175 -12.72 55.87 37.59
N GLU M 176 -11.53 56.14 37.03
CA GLU M 176 -11.11 55.48 35.77
C GLU M 176 -11.17 53.94 35.87
N CYS M 177 -10.77 53.40 37.02
CA CYS M 177 -10.95 52.00 37.28
C CYS M 177 -12.43 51.66 37.27
N LEU M 178 -13.23 52.43 37.98
CA LEU M 178 -14.60 52.00 38.24
C LEU M 178 -15.40 52.00 36.97
N VAL M 179 -15.28 53.07 36.21
CA VAL M 179 -15.86 53.16 34.88
C VAL M 179 -15.49 51.91 34.05
N ASN M 180 -14.19 51.67 33.89
CA ASN M 180 -13.69 50.48 33.21
C ASN M 180 -14.47 49.27 33.65
N VAL M 181 -14.44 48.98 34.96
CA VAL M 181 -15.11 47.79 35.53
C VAL M 181 -16.61 47.82 35.30
N LEU M 182 -17.21 48.95 35.58
CA LEU M 182 -18.62 49.04 35.48
C LEU M 182 -19.08 48.86 34.04
N VAL M 183 -18.35 49.47 33.08
CA VAL M 183 -18.73 49.37 31.67
C VAL M 183 -18.60 47.94 31.13
N HIS M 184 -17.47 47.30 31.42
CA HIS M 184 -17.33 45.89 31.14
C HIS M 184 -18.47 45.10 31.74
N TYR M 185 -18.76 45.25 33.04
CA TYR M 185 -19.92 44.56 33.65
C TYR M 185 -21.24 44.79 32.89
N GLY M 186 -21.39 46.01 32.41
CA GLY M 186 -22.62 46.45 31.75
C GLY M 186 -22.80 45.86 30.38
N ILE M 187 -21.71 45.76 29.61
CA ILE M 187 -21.88 45.28 28.22
C ILE M 187 -22.26 43.79 28.27
N GLN M 188 -21.92 43.15 29.39
CA GLN M 188 -22.29 41.76 29.68
C GLN M 188 -23.69 41.61 30.29
N ARG M 189 -24.11 42.59 31.07
CA ARG M 189 -25.30 42.44 31.86
C ARG M 189 -26.01 43.79 31.83
N PRO M 190 -26.55 44.14 30.69
CA PRO M 190 -27.19 45.43 30.65
C PRO M 190 -28.40 45.57 31.54
N LYS M 191 -29.29 44.57 31.64
CA LYS M 191 -30.52 44.75 32.47
C LYS M 191 -30.08 45.05 33.88
N GLU M 192 -29.19 44.18 34.37
CA GLU M 192 -28.68 44.19 35.74
C GLU M 192 -28.04 45.51 36.16
N LEU M 193 -27.20 46.08 35.30
CA LEU M 193 -26.51 47.33 35.61
C LEU M 193 -27.47 48.52 35.61
N SER M 194 -28.39 48.58 34.66
CA SER M 194 -29.48 49.59 34.69
C SER M 194 -30.26 49.60 35.99
N SER M 195 -30.50 48.42 36.55
CA SER M 195 -31.28 48.30 37.77
C SER M 195 -30.57 48.82 39.01
N CYS M 196 -29.25 48.63 39.06
CA CYS M 196 -28.44 49.19 40.17
C CYS M 196 -28.46 50.71 40.13
N PHE M 197 -28.51 51.25 38.91
CA PHE M 197 -28.41 52.69 38.67
C PHE M 197 -29.71 53.51 38.92
N CYS M 198 -30.80 52.82 39.26
CA CYS M 198 -32.13 53.43 39.26
C CYS M 198 -32.43 54.24 40.51
N HIS M 199 -32.17 53.76 41.73
CA HIS M 199 -32.31 54.69 42.91
C HIS M 199 -31.37 55.85 42.70
N HIS M 200 -30.11 55.53 42.49
CA HIS M 200 -29.10 56.58 42.47
C HIS M 200 -29.51 57.69 41.51
N PHE M 201 -30.09 57.30 40.37
CA PHE M 201 -30.29 58.23 39.25
C PHE M 201 -31.27 59.34 39.59
N LEU M 202 -32.12 59.07 40.59
CA LEU M 202 -33.07 60.07 41.14
C LEU M 202 -32.39 61.20 41.84
N ASN M 203 -31.26 60.90 42.47
CA ASN M 203 -30.43 61.92 43.05
C ASN M 203 -29.65 62.72 41.96
N PRO M 204 -30.06 63.97 41.70
CA PRO M 204 -29.64 64.83 40.56
C PRO M 204 -28.18 64.83 40.13
N PRO M 205 -27.24 64.90 41.08
CA PRO M 205 -25.83 64.98 40.64
C PRO M 205 -25.14 63.62 40.30
N THR M 206 -25.84 62.51 40.49
CA THR M 206 -25.35 61.23 39.98
C THR M 206 -25.56 61.15 38.46
N ARG M 207 -26.52 61.94 37.98
CA ARG M 207 -27.15 61.68 36.68
C ARG M 207 -26.17 61.70 35.57
N ILE M 208 -25.24 62.65 35.57
CA ILE M 208 -24.21 62.62 34.55
C ILE M 208 -23.24 61.44 34.69
N PRO M 209 -22.63 61.24 35.88
CA PRO M 209 -21.82 60.05 36.07
C PRO M 209 -22.44 58.78 35.58
N ILE M 210 -23.68 58.52 35.96
CA ILE M 210 -24.42 57.34 35.43
C ILE M 210 -24.68 57.36 33.89
N LEU M 211 -25.39 58.36 33.38
CA LEU M 211 -25.63 58.40 31.92
C LEU M 211 -24.36 58.12 31.10
N SER M 212 -23.27 58.77 31.47
CA SER M 212 -21.97 58.52 30.87
C SER M 212 -21.55 57.04 30.78
N VAL M 213 -21.55 56.35 31.91
CA VAL M 213 -21.29 54.92 31.90
C VAL M 213 -22.28 54.26 30.98
N VAL M 215 -24.18 55.27 28.42
CA VAL M 215 -24.07 55.42 26.96
C VAL M 215 -22.85 54.65 26.44
N GLU M 216 -21.77 54.60 27.22
CA GLU M 216 -20.65 53.76 26.81
C GLU M 216 -21.06 52.27 26.58
N VAL M 217 -21.94 51.76 27.41
CA VAL M 217 -22.39 50.37 27.31
C VAL M 217 -23.26 50.11 26.06
N ILE M 218 -24.15 51.07 25.81
CA ILE M 218 -25.03 51.12 24.66
C ILE M 218 -24.27 51.34 23.34
N ARG M 219 -23.26 52.23 23.34
CA ARG M 219 -22.46 52.51 22.12
C ARG M 219 -21.98 51.20 21.47
N ARG M 220 -21.46 50.28 22.29
CA ARG M 220 -21.07 48.93 21.90
C ARG M 220 -22.09 48.14 21.11
N GLN M 221 -23.34 48.56 21.11
CA GLN M 221 -24.38 47.80 20.45
C GLN M 221 -24.12 46.26 20.54
N GLY M 222 -23.54 45.78 21.64
CA GLY M 222 -23.60 44.35 21.96
C GLY M 222 -25.04 44.02 22.33
N PRO M 223 -25.31 42.79 22.80
CA PRO M 223 -26.69 42.41 23.17
C PRO M 223 -26.84 42.83 24.60
N ARG M 224 -27.95 42.56 25.29
CA ARG M 224 -29.28 42.42 24.79
C ARG M 224 -29.89 43.67 25.42
N LEU M 225 -29.74 44.77 24.71
CA LEU M 225 -30.10 46.08 25.24
C LEU M 225 -31.60 46.13 25.45
N TYR M 226 -32.35 45.50 24.57
CA TYR M 226 -33.80 45.55 24.67
C TYR M 226 -34.33 45.25 26.09
N GLU M 227 -33.50 44.65 26.96
CA GLU M 227 -33.89 44.36 28.36
C GLU M 227 -33.99 45.58 29.27
N ILE M 228 -33.50 46.71 28.76
CA ILE M 228 -33.32 47.90 29.57
C ILE M 228 -34.63 48.60 29.90
N PRO M 229 -35.50 48.88 28.91
CA PRO M 229 -36.81 49.47 29.21
C PRO M 229 -37.54 48.85 30.38
N GLN M 230 -37.56 47.51 30.50
CA GLN M 230 -38.13 46.87 31.71
C GLN M 230 -37.53 47.30 33.05
N THR M 231 -36.26 47.72 33.08
CA THR M 231 -35.60 48.08 34.35
C THR M 231 -36.25 49.31 34.94
N GLY M 232 -36.86 50.11 34.08
CA GLY M 232 -37.41 51.38 34.46
C GLY M 232 -36.47 52.45 33.95
N PHE M 233 -35.25 52.02 33.57
CA PHE M 233 -34.16 52.96 33.41
C PHE M 233 -34.38 53.92 32.24
N TYR M 234 -34.99 53.42 31.20
CA TYR M 234 -35.29 54.23 30.04
C TYR M 234 -36.37 55.26 30.37
N ASP M 235 -37.34 54.89 31.23
CA ASP M 235 -38.38 55.86 31.62
C ASP M 235 -37.67 57.01 32.34
N LEU M 236 -36.76 56.67 33.25
CA LEU M 236 -35.98 57.66 33.98
C LEU M 236 -35.36 58.64 33.01
N VAL M 237 -34.68 58.13 31.99
CA VAL M 237 -33.98 59.01 31.04
C VAL M 237 -34.95 59.92 30.28
N LEU M 238 -36.22 59.53 30.21
CA LEU M 238 -37.19 60.38 29.53
C LEU M 238 -37.48 61.58 30.40
N LYS M 239 -37.72 61.37 31.69
CA LYS M 239 -37.88 62.47 32.68
C LYS M 239 -36.65 63.36 32.68
N CYS M 240 -35.51 62.69 32.75
CA CYS M 240 -34.26 63.38 32.61
C CYS M 240 -34.24 64.32 31.38
N ALA M 241 -34.81 63.90 30.28
CA ALA M 241 -34.80 64.71 29.06
C ALA M 241 -35.80 65.82 29.10
N GLU M 242 -36.87 65.61 29.86
CA GLU M 242 -38.04 66.53 29.89
C GLU M 242 -37.85 67.65 30.90
N PHE M 243 -37.31 67.33 32.08
CA PHE M 243 -37.27 68.30 33.18
C PHE M 243 -35.92 68.94 33.51
N ASP M 244 -34.85 68.18 33.30
CA ASP M 244 -33.54 68.62 33.70
C ASP M 244 -33.09 69.70 32.72
N THR M 245 -32.14 70.51 33.16
CA THR M 245 -31.67 71.71 32.49
C THR M 245 -30.26 71.69 31.86
N SER M 246 -29.39 70.85 32.43
CA SER M 246 -27.98 70.85 32.14
C SER M 246 -27.73 70.31 30.72
N PRO M 247 -27.25 71.17 29.81
CA PRO M 247 -27.11 70.69 28.43
C PRO M 247 -26.04 69.60 28.25
N ILE M 248 -25.19 69.39 29.25
CA ILE M 248 -24.24 68.28 29.20
C ILE M 248 -25.05 67.07 29.45
N LEU M 249 -25.72 67.04 30.61
CA LEU M 249 -26.56 65.90 31.01
C LEU M 249 -27.55 65.55 29.92
N LEU M 250 -28.11 66.58 29.30
CA LEU M 250 -29.13 66.38 28.30
C LEU M 250 -28.58 65.71 27.00
N SER M 251 -27.44 66.18 26.50
CA SER M 251 -26.90 65.56 25.31
C SER M 251 -26.61 64.07 25.61
N TYR M 252 -26.24 63.75 26.84
CA TYR M 252 -26.06 62.35 27.18
C TYR M 252 -27.39 61.64 27.06
N ALA M 253 -28.43 62.26 27.59
CA ALA M 253 -29.73 61.61 27.70
C ALA M 253 -30.42 61.52 26.34
N LEU M 254 -30.05 62.39 25.41
CA LEU M 254 -30.50 62.17 24.04
C LEU M 254 -29.85 60.92 23.45
N SER M 255 -28.53 60.97 23.28
CA SER M 255 -27.76 59.85 22.74
C SER M 255 -28.29 58.57 23.29
N PHE M 256 -28.62 58.58 24.57
CA PHE M 256 -29.15 57.39 25.19
C PHE M 256 -30.52 57.01 24.62
N ILE M 257 -31.41 57.96 24.36
CA ILE M 257 -32.72 57.50 23.91
C ILE M 257 -32.59 57.20 22.43
N LEU M 258 -32.15 58.15 21.63
CA LEU M 258 -31.80 57.82 20.24
C LEU M 258 -31.21 56.41 20.08
N ILE M 260 -31.13 53.70 21.86
CA ILE M 260 -31.91 52.60 22.36
C ILE M 260 -33.29 52.53 21.67
N LEU M 261 -33.63 53.56 20.91
CA LEU M 261 -34.93 53.62 20.25
C LEU M 261 -35.07 52.66 19.07
N SER M 262 -33.95 52.10 18.61
CA SER M 262 -34.01 51.01 17.64
C SER M 262 -34.53 49.72 18.33
N HIS M 263 -33.96 49.40 19.50
CA HIS M 263 -34.21 48.11 20.16
C HIS M 263 -35.49 48.16 21.01
N ILE M 264 -36.54 48.76 20.44
CA ILE M 264 -37.84 48.90 21.11
C ILE M 264 -38.97 48.74 20.05
N CYS M 265 -39.49 49.85 19.50
CA CYS M 265 -40.66 49.82 18.57
C CYS M 265 -41.95 49.14 19.09
N ASN M 266 -41.89 48.71 20.36
CA ASN M 266 -43.02 48.21 21.15
C ASN M 266 -43.38 49.21 22.26
N SER M 267 -42.41 49.49 23.14
CA SER M 267 -42.52 50.65 24.06
C SER M 267 -42.32 51.95 23.27
N LEU M 268 -42.91 52.01 22.07
CA LEU M 268 -42.98 53.22 21.29
C LEU M 268 -44.44 53.50 21.10
N ASP M 269 -45.21 53.16 22.14
CA ASP M 269 -46.61 53.54 22.26
C ASP M 269 -46.83 54.29 23.56
N ASP M 270 -46.25 53.81 24.68
CA ASP M 270 -46.33 54.48 26.01
C ASP M 270 -45.44 55.72 26.07
N SER M 271 -44.35 55.72 25.30
CA SER M 271 -43.40 56.81 25.33
C SER M 271 -43.56 57.81 24.18
N LEU M 272 -44.47 57.54 23.25
CA LEU M 272 -44.59 58.39 22.07
C LEU M 272 -44.81 59.85 22.46
N TYR M 273 -45.80 60.09 23.32
CA TYR M 273 -46.19 61.47 23.55
C TYR M 273 -45.07 62.17 24.27
N ARG M 274 -44.38 61.46 25.15
CA ARG M 274 -43.26 62.07 25.83
C ARG M 274 -42.26 62.46 24.77
N LEU M 275 -42.01 61.51 23.85
CA LEU M 275 -41.04 61.71 22.76
C LEU M 275 -41.36 62.89 21.86
N PHE M 276 -42.64 63.15 21.67
CA PHE M 276 -43.04 64.27 20.84
C PHE M 276 -42.64 65.56 21.51
N CYS M 277 -42.93 65.63 22.82
CA CYS M 277 -42.62 66.82 23.66
C CYS M 277 -41.10 67.03 23.83
N ILE M 278 -40.38 65.91 23.93
CA ILE M 278 -38.92 65.93 23.89
C ILE M 278 -38.37 66.49 22.56
N TYR M 279 -38.95 66.11 21.42
CA TYR M 279 -38.49 66.62 20.11
C TYR M 279 -38.58 68.15 20.12
N LEU M 280 -39.72 68.62 20.62
CA LEU M 280 -40.07 70.04 20.73
C LEU M 280 -39.04 70.80 21.57
N ARG M 281 -38.80 70.26 22.76
CA ARG M 281 -37.87 70.90 23.69
C ARG M 281 -36.47 71.10 23.09
N PHE M 282 -35.93 70.02 22.55
CA PHE M 282 -34.58 70.02 22.02
C PHE M 282 -34.44 70.87 20.80
N SER M 283 -35.55 71.09 20.09
CA SER M 283 -35.54 71.89 18.87
C SER M 283 -35.69 73.35 19.22
N ILE M 285 -33.97 74.82 21.60
CA ILE M 285 -32.81 75.16 22.42
C ILE M 285 -32.27 76.50 21.99
N ASP M 286 -31.71 77.24 22.92
CA ASP M 286 -31.46 78.64 22.66
C ASP M 286 -30.10 79.12 23.21
N PRO M 287 -29.38 79.87 22.38
CA PRO M 287 -28.10 80.46 22.71
C PRO M 287 -27.97 81.04 24.12
N THR M 288 -29.02 81.63 24.65
CA THR M 288 -28.95 82.40 25.88
C THR M 288 -29.75 81.76 26.99
N SER M 289 -31.03 81.49 26.75
CA SER M 289 -31.92 80.77 27.71
C SER M 289 -31.68 79.26 27.86
N GLY M 290 -31.09 78.68 26.81
CA GLY M 290 -30.88 77.24 26.73
C GLY M 290 -32.19 76.50 26.56
N PHE M 291 -32.28 75.34 27.18
CA PHE M 291 -33.50 74.55 27.11
C PHE M 291 -34.68 75.29 27.71
N PRO M 292 -35.83 75.11 27.07
CA PRO M 292 -37.06 75.52 27.68
C PRO M 292 -37.25 74.81 29.03
N SER M 293 -37.34 75.59 30.10
CA SER M 293 -37.55 75.02 31.42
C SER M 293 -38.94 74.42 31.57
N SER M 294 -39.01 73.40 32.43
CA SER M 294 -40.25 72.68 32.72
C SER M 294 -41.24 73.54 33.45
N THR M 295 -42.49 73.11 33.55
CA THR M 295 -43.40 73.71 34.54
C THR M 295 -43.85 72.67 35.56
N ALA M 296 -44.20 71.48 35.10
CA ALA M 296 -44.72 70.42 35.99
C ALA M 296 -43.62 69.95 36.93
N SER M 297 -42.69 69.18 36.37
CA SER M 297 -41.68 68.44 37.15
C SER M 297 -42.27 67.20 37.80
N GLY M 298 -43.50 67.26 38.31
CA GLY M 298 -43.94 66.31 39.31
C GLY M 298 -43.02 66.34 40.53
N ASN M 299 -42.77 65.16 41.08
CA ASN M 299 -41.80 65.00 42.17
C ASN M 299 -40.51 64.42 41.60
N TRP M 300 -39.88 65.13 40.67
CA TRP M 300 -38.73 64.59 39.95
C TRP M 300 -37.45 65.04 40.62
N GLU M 301 -37.31 66.36 40.77
CA GLU M 301 -36.10 66.98 41.30
C GLU M 301 -35.12 67.33 40.19
N VAL M 302 -35.43 68.44 39.55
CA VAL M 302 -34.66 68.95 38.43
C VAL M 302 -33.17 69.02 38.77
N PHE M 303 -32.34 68.71 37.82
CA PHE M 303 -30.93 68.95 37.96
C PHE M 303 -30.57 70.08 37.01
N HIS M 304 -30.16 71.23 37.53
CA HIS M 304 -29.69 72.34 36.67
C HIS M 304 -28.21 72.27 36.73
N ASP M 305 -27.54 73.25 36.12
CA ASP M 305 -26.10 73.19 36.23
C ASP M 305 -25.72 73.70 37.61
N PHE M 306 -25.36 74.96 37.74
CA PHE M 306 -24.81 75.38 39.03
C PHE M 306 -25.90 75.43 40.13
N SER M 308 -26.65 76.55 43.14
CA SER M 308 -26.05 77.64 43.88
C SER M 308 -27.24 78.51 44.23
N SER M 339 -22.87 64.37 18.34
CA SER M 339 -23.19 63.94 16.98
C SER M 339 -24.71 63.74 16.79
N LEU M 340 -25.32 63.09 17.78
CA LEU M 340 -26.75 62.71 17.75
C LEU M 340 -27.70 63.86 18.18
N ASP M 341 -28.04 64.78 17.28
CA ASP M 341 -28.98 65.87 17.65
C ASP M 341 -30.46 65.58 17.28
N TYR M 342 -31.36 66.51 17.61
CA TYR M 342 -32.80 66.31 17.44
C TYR M 342 -33.25 66.08 16.00
N SER M 343 -32.37 66.33 15.04
CA SER M 343 -32.67 66.05 13.66
C SER M 343 -32.83 64.57 13.50
N GLN M 344 -32.07 63.74 14.23
CA GLN M 344 -32.29 62.27 14.21
C GLN M 344 -33.60 61.87 14.80
N LEU M 345 -34.03 62.59 15.82
CA LEU M 345 -35.32 62.33 16.41
C LEU M 345 -36.44 62.61 15.44
N PHE M 346 -36.35 63.72 14.73
CA PHE M 346 -37.36 64.00 13.70
C PHE M 346 -37.48 62.84 12.74
N SER M 347 -36.36 62.44 12.16
CA SER M 347 -36.33 61.40 11.15
C SER M 347 -36.97 60.12 11.61
N ILE M 348 -36.70 59.75 12.85
CA ILE M 348 -37.31 58.54 13.34
C ILE M 348 -38.78 58.77 13.56
N LEU M 349 -39.18 59.83 14.21
CA LEU M 349 -40.60 60.04 14.46
C LEU M 349 -41.39 60.21 13.18
N TYR M 350 -40.71 60.68 12.13
CA TYR M 350 -41.34 60.90 10.81
C TYR M 350 -41.62 59.59 10.16
N ALA M 351 -40.60 58.71 10.00
CA ALA M 351 -40.86 57.27 9.82
C ALA M 351 -41.77 56.88 10.95
N LEU M 352 -42.51 55.79 10.89
CA LEU M 352 -43.25 55.34 12.13
C LEU M 352 -44.53 56.11 12.59
N TYR M 353 -44.46 57.41 12.82
CA TYR M 353 -45.67 58.11 13.19
C TYR M 353 -45.82 59.43 12.48
N PRO M 354 -45.61 59.44 11.15
CA PRO M 354 -45.51 60.61 10.30
C PRO M 354 -46.73 61.50 10.37
N ILE M 355 -47.91 60.90 10.53
CA ILE M 355 -49.11 61.72 10.57
C ILE M 355 -49.20 62.41 11.91
N ASN M 356 -49.13 61.63 12.98
CA ASN M 356 -49.38 62.17 14.32
C ASN M 356 -48.30 63.17 14.69
N PHE M 357 -47.03 62.83 14.48
CA PHE M 357 -45.92 63.82 14.55
C PHE M 357 -46.21 65.10 13.75
N LEU M 358 -46.57 65.03 12.46
CA LEU M 358 -46.86 66.27 11.72
C LEU M 358 -48.14 66.99 12.19
N GLU M 359 -49.10 66.28 12.80
CA GLU M 359 -50.30 66.94 13.34
C GLU M 359 -49.83 67.75 14.49
N PHE M 360 -49.08 67.09 15.36
CA PHE M 360 -48.46 67.71 16.52
C PHE M 360 -47.55 68.90 16.20
N LEU M 361 -46.79 68.90 15.11
CA LEU M 361 -45.93 70.06 14.78
C LEU M 361 -46.65 71.28 14.15
N ARG M 362 -47.98 71.18 14.03
CA ARG M 362 -48.77 72.25 13.41
C ARG M 362 -49.41 73.09 14.52
N ASP M 363 -49.88 72.41 15.55
CA ASP M 363 -50.28 73.04 16.80
C ASP M 363 -50.11 72.01 17.94
N PRO M 364 -48.95 72.07 18.59
CA PRO M 364 -48.72 71.15 19.71
C PRO M 364 -49.73 71.28 20.86
N LYS M 365 -50.18 72.50 21.20
CA LYS M 365 -51.02 72.71 22.42
C LYS M 365 -52.41 72.18 22.22
N LEU M 366 -52.78 72.25 20.95
CA LEU M 366 -53.99 71.66 20.42
C LEU M 366 -53.84 70.15 20.49
N TYR M 367 -53.05 69.54 19.59
CA TYR M 367 -52.77 68.11 19.67
C TYR M 367 -52.63 67.61 21.14
N ALA M 368 -52.00 68.39 22.00
CA ALA M 368 -51.79 68.00 23.39
C ALA M 368 -53.11 67.81 24.16
N SER M 369 -54.10 68.71 24.03
CA SER M 369 -55.47 68.36 24.44
C SER M 369 -55.85 67.21 23.55
N LYS M 370 -57.00 66.63 23.70
CA LYS M 370 -57.37 65.57 22.73
C LYS M 370 -56.57 64.29 22.95
N HIS M 371 -55.26 64.37 22.80
CA HIS M 371 -54.43 63.20 23.11
C HIS M 371 -54.12 63.25 24.61
N ASN M 372 -54.57 64.35 25.21
CA ASN M 372 -54.82 64.39 26.64
C ASN M 372 -53.56 64.47 27.51
N PHE M 373 -52.56 65.20 27.03
CA PHE M 373 -51.33 65.49 27.75
C PHE M 373 -51.08 66.99 27.71
N GLN M 374 -50.01 67.48 28.33
CA GLN M 374 -49.79 68.94 28.40
C GLN M 374 -48.46 69.34 27.87
N ILE M 375 -48.38 70.51 27.23
CA ILE M 375 -47.09 71.05 26.76
C ILE M 375 -46.55 71.87 27.86
N ARG M 376 -45.35 71.55 28.34
CA ARG M 376 -44.90 72.12 29.60
C ARG M 376 -43.88 73.22 29.43
N TYR M 377 -43.74 73.73 28.22
CA TYR M 377 -42.71 74.70 27.90
C TYR M 377 -43.37 75.87 27.20
N SER M 378 -42.73 77.03 27.26
CA SER M 378 -42.98 78.03 26.23
C SER M 378 -42.17 77.65 25.00
N PHE M 379 -42.58 78.17 23.86
CA PHE M 379 -41.89 77.87 22.62
C PHE M 379 -42.50 78.73 21.57
N ASN M 380 -41.81 78.76 20.42
CA ASN M 380 -42.05 79.73 19.41
C ASN M 380 -42.50 79.01 18.18
N GLN M 381 -43.81 79.05 17.96
CA GLN M 381 -44.43 78.33 16.90
C GLN M 381 -43.86 78.65 15.55
N GLU M 382 -43.60 79.91 15.26
CA GLU M 382 -43.02 80.21 13.94
C GLU M 382 -41.62 79.66 13.86
N LEU M 383 -40.92 79.56 14.98
CA LEU M 383 -39.58 78.99 14.97
C LEU M 383 -39.63 77.49 14.77
N LEU M 384 -40.52 76.88 15.54
CA LEU M 384 -40.79 75.47 15.42
C LEU M 384 -41.04 75.14 13.98
N SER M 385 -41.80 76.02 13.32
CA SER M 385 -42.32 75.75 11.99
C SER M 385 -41.31 75.88 10.91
N THR M 386 -40.58 77.01 10.93
CA THR M 386 -39.34 77.15 10.17
C THR M 386 -38.43 75.91 10.31
N LYS M 387 -38.10 75.51 11.54
CA LYS M 387 -37.10 74.45 11.73
C LYS M 387 -37.54 73.07 11.25
N SER M 388 -38.85 72.81 11.32
CA SER M 388 -39.38 71.47 11.04
C SER M 388 -39.59 71.32 9.55
N ASP M 389 -40.20 72.32 8.94
CA ASP M 389 -40.29 72.47 7.47
C ASP M 389 -38.89 72.41 6.82
N GLY M 390 -37.84 72.73 7.56
CA GLY M 390 -36.49 72.58 7.06
C GLY M 390 -36.01 71.14 7.12
N LEU M 391 -36.17 70.53 8.26
CA LEU M 391 -35.96 69.10 8.37
C LEU M 391 -36.86 68.24 7.44
N LEU M 392 -38.09 68.66 7.15
CA LEU M 392 -39.02 67.84 6.36
C LEU M 392 -38.65 67.78 4.89
N GLY M 393 -38.21 68.89 4.32
CA GLY M 393 -37.78 68.89 2.91
C GLY M 393 -36.60 67.96 2.62
N ARG M 394 -36.16 67.27 3.67
CA ARG M 394 -35.10 66.31 3.60
C ARG M 394 -35.64 64.91 3.45
N HIS M 395 -36.98 64.78 3.38
CA HIS M 395 -37.61 63.44 3.40
C HIS M 395 -38.62 63.22 2.26
N LEU M 396 -38.85 61.95 1.93
CA LEU M 396 -39.82 61.54 0.92
C LEU M 396 -41.18 61.41 1.51
N ALA M 397 -42.17 61.76 0.72
CA ALA M 397 -43.56 61.73 1.15
C ALA M 397 -43.92 60.34 1.66
N HIS M 398 -44.54 60.27 2.81
CA HIS M 398 -44.71 58.98 3.50
C HIS M 398 -45.95 58.26 2.98
N SER M 399 -45.85 56.95 2.74
CA SER M 399 -47.04 56.14 2.33
C SER M 399 -48.24 56.12 3.31
N ASN M 400 -47.96 56.25 4.60
CA ASN M 400 -49.02 56.24 5.60
C ASN M 400 -50.13 57.18 5.32
N PHE M 401 -49.84 58.22 4.53
CA PHE M 401 -50.85 59.23 4.21
C PHE M 401 -51.88 58.67 3.26
N LEU M 402 -51.51 57.62 2.52
CA LEU M 402 -52.42 56.91 1.60
C LEU M 402 -53.22 55.79 2.22
N LYS M 403 -52.86 55.37 3.43
CA LYS M 403 -53.37 54.13 4.02
C LYS M 403 -54.03 54.33 5.39
N TYR M 404 -53.63 55.35 6.14
CA TYR M 404 -54.10 55.51 7.49
C TYR M 404 -54.63 56.92 7.72
N THR M 405 -55.42 57.05 8.77
CA THR M 405 -55.86 58.32 9.29
C THR M 405 -54.99 58.54 10.52
N ALA M 406 -55.11 59.67 11.19
CA ALA M 406 -54.36 59.87 12.41
C ALA M 406 -54.62 58.76 13.38
N GLU M 407 -55.82 58.22 13.44
CA GLU M 407 -56.11 57.24 14.52
C GLU M 407 -55.70 55.86 14.08
N THR M 408 -56.00 55.47 12.85
CA THR M 408 -55.63 54.14 12.44
C THR M 408 -54.13 54.05 12.64
N GLU M 409 -53.38 55.12 12.33
CA GLU M 409 -51.92 55.15 12.54
C GLU M 409 -51.53 54.79 14.00
N LEU M 410 -52.24 55.38 14.97
CA LEU M 410 -52.14 55.02 16.41
C LEU M 410 -52.71 53.66 16.79
N THR M 411 -53.88 53.31 16.26
CA THR M 411 -54.54 52.07 16.63
C THR M 411 -54.67 51.05 15.52
N ASP M 412 -53.61 50.33 15.20
CA ASP M 412 -53.68 49.38 14.08
C ASP M 412 -52.37 48.71 13.91
N LYS M 413 -52.23 47.53 14.52
CA LYS M 413 -50.95 46.80 14.55
C LYS M 413 -50.80 45.92 13.31
N SER M 414 -51.88 45.73 12.56
CA SER M 414 -51.79 45.14 11.21
C SER M 414 -50.87 45.98 10.32
N ARG M 415 -50.44 47.12 10.86
CA ARG M 415 -49.41 47.99 10.29
C ARG M 415 -47.99 47.52 10.62
N TRP M 416 -47.74 47.04 11.83
CA TRP M 416 -46.42 46.46 12.15
C TRP M 416 -46.23 45.02 11.57
N THR M 417 -47.12 44.63 10.66
CA THR M 417 -46.88 43.52 9.72
C THR M 417 -45.70 43.85 8.82
N ARG M 418 -45.88 44.89 8.00
CA ARG M 418 -44.93 45.32 6.96
C ARG M 418 -43.46 45.26 7.39
N LEU M 419 -43.18 45.42 8.69
CA LEU M 419 -41.79 45.46 9.19
C LEU M 419 -40.97 44.16 9.04
N ASP M 420 -41.65 43.02 8.86
CA ASP M 420 -41.01 41.75 8.55
C ASP M 420 -40.75 41.61 7.07
N SER M 421 -41.50 42.35 6.26
CA SER M 421 -41.36 42.29 4.80
C SER M 421 -40.18 43.13 4.36
N ILE M 422 -39.86 44.18 5.12
CA ILE M 422 -38.80 45.10 4.76
C ILE M 422 -37.58 44.96 5.68
N ALA M 423 -37.63 44.01 6.60
CA ALA M 423 -36.48 43.65 7.43
C ALA M 423 -35.67 42.58 6.71
N VAL M 424 -36.32 41.44 6.47
CA VAL M 424 -35.83 40.37 5.58
C VAL M 424 -35.05 40.91 4.37
N VAL M 425 -35.68 41.82 3.61
CA VAL M 425 -35.09 42.32 2.36
C VAL M 425 -33.92 43.26 2.63
N ALA M 426 -33.93 43.89 3.81
CA ALA M 426 -32.77 44.66 4.32
C ALA M 426 -31.66 43.71 4.72
N LEU M 427 -32.01 42.61 5.39
CA LEU M 427 -31.03 41.59 5.77
C LEU M 427 -30.36 40.90 4.54
N CYS M 428 -31.14 40.58 3.52
CA CYS M 428 -30.61 39.97 2.31
C CYS M 428 -29.63 40.89 1.65
N ASN M 429 -29.99 42.15 1.46
CA ASN M 429 -29.07 43.11 0.82
C ASN M 429 -27.87 43.52 1.69
N SER M 430 -28.00 43.37 3.01
CA SER M 430 -26.87 43.59 3.88
C SER M 430 -25.87 42.45 3.72
N LEU M 431 -26.36 41.28 3.29
CA LEU M 431 -25.49 40.11 3.04
C LEU M 431 -24.87 40.03 1.62
N ASN M 432 -25.38 40.72 0.60
CA ASN M 432 -24.72 40.63 -0.71
C ASN M 432 -23.40 41.38 -0.76
N ALA M 433 -22.40 40.84 -1.44
CA ALA M 433 -21.08 41.45 -1.47
C ALA M 433 -20.85 42.12 -2.79
N VAL M 434 -21.91 42.20 -3.61
CA VAL M 434 -21.80 42.38 -5.06
C VAL M 434 -21.26 41.06 -5.62
N PRO N 5 -94.19 56.78 -6.17
CA PRO N 5 -92.73 57.09 -6.19
C PRO N 5 -91.82 56.33 -7.18
N LEU N 6 -92.26 55.15 -7.60
CA LEU N 6 -91.47 54.23 -8.42
C LEU N 6 -91.84 54.33 -9.92
N GLN N 7 -93.09 54.72 -10.17
CA GLN N 7 -93.82 54.31 -11.37
C GLN N 7 -93.58 55.18 -12.63
N SER N 8 -92.61 56.09 -12.59
CA SER N 8 -92.22 56.85 -13.79
C SER N 8 -90.82 56.46 -14.25
N LEU N 9 -90.18 55.63 -13.44
CA LEU N 9 -88.95 54.92 -13.80
C LEU N 9 -89.35 53.65 -14.55
N VAL N 10 -90.30 52.91 -13.97
CA VAL N 10 -90.88 51.74 -14.63
C VAL N 10 -91.18 52.15 -16.07
N LYS N 11 -91.87 53.26 -16.22
CA LYS N 11 -92.06 53.87 -17.51
C LYS N 11 -90.73 54.07 -18.26
N ALA N 12 -89.74 54.64 -17.59
CA ALA N 12 -88.46 54.97 -18.22
C ALA N 12 -87.73 53.76 -18.79
N LEU N 13 -87.77 52.66 -18.05
CA LEU N 13 -87.20 51.38 -18.52
C LEU N 13 -87.84 50.91 -19.87
N TRP N 14 -89.08 50.41 -19.81
CA TRP N 14 -89.86 50.01 -20.99
C TRP N 14 -89.45 50.76 -22.25
N ASN N 15 -89.40 52.09 -22.14
CA ASN N 15 -89.12 52.97 -23.26
C ASN N 15 -87.80 52.66 -23.92
N VAL N 16 -86.80 52.40 -23.08
CA VAL N 16 -85.41 52.22 -23.53
C VAL N 16 -85.13 50.84 -24.13
N LEU N 17 -85.93 49.84 -23.78
CA LEU N 17 -85.80 48.49 -24.36
C LEU N 17 -86.63 48.26 -25.68
N HIS N 18 -87.31 49.31 -26.16
CA HIS N 18 -88.06 49.33 -27.46
C HIS N 18 -87.85 50.68 -28.17
N ASP N 27 -79.49 57.50 -26.53
CA ASP N 27 -80.36 56.38 -26.21
C ASP N 27 -80.85 56.43 -24.73
N LEU N 28 -79.94 56.57 -23.75
CA LEU N 28 -80.27 56.23 -22.34
C LEU N 28 -80.71 57.36 -21.39
N THR N 29 -80.55 58.60 -21.83
CA THR N 29 -80.49 59.75 -20.94
C THR N 29 -81.59 59.93 -19.86
N GLU N 30 -82.87 59.84 -20.20
CA GLU N 30 -83.92 60.05 -19.18
C GLU N 30 -83.86 59.00 -18.06
N LEU N 31 -83.25 57.85 -18.35
CA LEU N 31 -83.18 56.75 -17.38
C LEU N 31 -82.17 57.06 -16.29
N ILE N 32 -81.02 57.58 -16.71
CA ILE N 32 -80.03 58.04 -15.74
C ILE N 32 -80.73 59.04 -14.80
N ALA N 33 -81.22 60.12 -15.42
CA ALA N 33 -82.05 61.13 -14.79
C ALA N 33 -83.04 60.51 -13.80
N GLU N 34 -83.86 59.58 -14.29
CA GLU N 34 -84.88 58.97 -13.45
C GLU N 34 -84.32 58.04 -12.38
N VAL N 35 -83.09 57.56 -12.60
CA VAL N 35 -82.41 56.82 -11.54
C VAL N 35 -82.10 57.77 -10.39
N GLU N 36 -81.41 58.87 -10.71
CA GLU N 36 -80.96 59.82 -9.69
C GLU N 36 -82.10 60.19 -8.74
N SER N 37 -83.18 60.69 -9.33
CA SER N 37 -84.38 60.99 -8.61
C SER N 37 -84.90 59.85 -7.78
N TYR N 38 -84.71 58.60 -8.23
CA TYR N 38 -85.03 57.44 -7.39
C TYR N 38 -84.01 57.41 -6.19
N GLN N 39 -82.74 57.77 -6.45
CA GLN N 39 -81.65 57.76 -5.40
C GLN N 39 -81.89 58.80 -4.32
N GLN N 40 -82.65 59.85 -4.68
CA GLN N 40 -82.95 60.95 -3.79
C GLN N 40 -84.19 60.70 -2.94
N ARG N 41 -85.35 60.33 -3.50
CA ARG N 41 -86.49 60.00 -2.59
C ARG N 41 -86.12 58.77 -1.73
N TYR N 42 -85.35 57.85 -2.32
CA TYR N 42 -84.78 56.67 -1.65
C TYR N 42 -83.27 56.59 -1.89
N PRO N 43 -82.44 56.82 -0.84
CA PRO N 43 -81.00 56.62 -0.98
C PRO N 43 -80.49 55.35 -0.26
N LYS N 44 -81.30 54.77 0.63
CA LYS N 44 -81.16 53.39 1.09
C LYS N 44 -82.05 52.56 0.15
N GLN N 45 -81.54 51.48 -0.43
CA GLN N 45 -82.37 50.63 -1.33
C GLN N 45 -83.71 50.24 -0.68
N ASN N 46 -84.76 50.11 -1.50
CA ASN N 46 -86.09 49.74 -0.99
C ASN N 46 -86.45 48.29 -1.36
N PRO N 47 -86.55 47.40 -0.36
CA PRO N 47 -86.90 46.02 -0.68
C PRO N 47 -88.15 45.87 -1.56
N THR N 48 -89.26 46.52 -1.17
CA THR N 48 -90.53 46.39 -1.91
C THR N 48 -90.51 47.26 -3.19
N ASN N 49 -89.33 47.78 -3.57
CA ASN N 49 -89.08 48.32 -4.90
C ASN N 49 -88.05 47.52 -5.69
N SER N 50 -87.03 46.98 -5.04
CA SER N 50 -86.22 45.96 -5.68
C SER N 50 -87.18 44.87 -6.21
N GLN N 51 -87.81 44.13 -5.29
CA GLN N 51 -88.78 43.08 -5.66
C GLN N 51 -89.59 43.55 -6.85
N LYS N 52 -90.14 44.76 -6.70
CA LYS N 52 -91.01 45.35 -7.69
C LYS N 52 -90.34 45.68 -9.01
N ILE N 53 -89.04 45.93 -9.03
CA ILE N 53 -88.38 46.36 -10.28
C ILE N 53 -87.80 45.20 -11.04
N ARG N 54 -87.07 44.32 -10.36
CA ARG N 54 -86.52 43.09 -10.99
C ARG N 54 -87.63 42.28 -11.66
N HIS N 55 -88.82 42.38 -11.05
CA HIS N 55 -90.04 41.78 -11.55
C HIS N 55 -90.44 42.36 -12.88
N ILE N 56 -90.35 43.69 -12.98
CA ILE N 56 -90.45 44.42 -14.27
C ILE N 56 -89.35 44.01 -15.27
N LEU N 57 -88.15 43.69 -14.79
CA LEU N 57 -87.04 43.30 -15.67
C LEU N 57 -87.31 41.97 -16.29
N ASP N 58 -87.80 41.06 -15.43
CA ASP N 58 -88.25 39.73 -15.83
C ASP N 58 -89.15 39.81 -17.03
N GLU N 59 -90.27 40.52 -16.87
CA GLU N 59 -91.22 40.77 -17.97
C GLU N 59 -90.60 41.34 -19.27
N ILE N 60 -89.68 42.28 -19.17
CA ILE N 60 -89.12 42.88 -20.38
C ILE N 60 -88.12 41.93 -20.99
N TYR N 61 -87.41 41.20 -20.13
CA TYR N 61 -86.50 40.16 -20.60
C TYR N 61 -87.29 39.16 -21.46
N GLU N 62 -88.55 38.89 -21.04
CA GLU N 62 -89.44 37.96 -21.74
C GLU N 62 -89.97 38.48 -23.05
N LYS N 63 -89.99 39.79 -23.23
CA LYS N 63 -90.10 40.34 -24.59
C LYS N 63 -88.70 40.37 -25.21
N THR N 64 -87.83 41.30 -24.77
CA THR N 64 -86.45 41.40 -25.31
C THR N 64 -85.45 40.57 -24.45
N PRO N 65 -84.63 39.69 -25.09
CA PRO N 65 -83.68 38.88 -24.34
C PRO N 65 -82.23 39.15 -24.77
N PHE N 66 -81.31 38.31 -24.30
CA PHE N 66 -79.87 38.55 -24.43
C PHE N 66 -79.20 38.17 -25.80
N ASN N 67 -80.00 37.97 -26.85
CA ASN N 67 -79.56 37.33 -28.12
C ASN N 67 -78.60 38.12 -29.04
N ASN N 68 -79.08 39.07 -29.86
CA ASN N 68 -78.19 39.83 -30.73
C ASN N 68 -77.20 40.62 -29.87
N THR N 69 -76.17 41.21 -30.48
CA THR N 69 -75.20 41.96 -29.66
C THR N 69 -75.75 43.36 -29.26
N ARG N 70 -76.30 44.12 -30.20
CA ARG N 70 -76.87 45.42 -29.84
C ARG N 70 -77.87 45.28 -28.67
N ARG N 71 -78.58 44.17 -28.56
CA ARG N 71 -79.44 43.93 -27.41
C ARG N 71 -78.68 43.71 -26.10
N ARG N 72 -77.48 43.14 -26.19
CA ARG N 72 -76.64 42.89 -25.00
C ARG N 72 -76.06 44.24 -24.57
N ILE N 73 -75.29 44.88 -25.47
CA ILE N 73 -74.81 46.24 -25.22
C ILE N 73 -75.86 47.10 -24.47
N LEU N 74 -77.12 46.98 -24.86
CA LEU N 74 -78.18 47.69 -24.17
C LEU N 74 -78.42 47.18 -22.74
N TRP N 75 -78.61 45.87 -22.62
CA TRP N 75 -78.98 45.25 -21.36
C TRP N 75 -77.95 45.40 -20.23
N LEU N 76 -76.68 45.51 -20.63
CA LEU N 76 -75.59 45.77 -19.70
C LEU N 76 -75.75 47.22 -19.25
N ALA N 77 -75.45 48.18 -20.13
CA ALA N 77 -75.69 49.60 -19.84
C ALA N 77 -76.94 49.85 -18.96
N VAL N 78 -78.02 49.13 -19.23
CA VAL N 78 -79.19 49.30 -18.39
C VAL N 78 -78.98 48.73 -16.99
N LEU N 79 -78.44 47.52 -16.88
CA LEU N 79 -78.30 46.87 -15.57
C LEU N 79 -77.22 47.52 -14.73
N LYS N 80 -76.21 48.04 -15.45
CA LYS N 80 -75.17 48.87 -14.88
C LYS N 80 -75.79 50.07 -14.20
N THR N 81 -76.65 50.78 -14.92
CA THR N 81 -77.24 51.96 -14.32
C THR N 81 -78.29 51.64 -13.25
N VAL N 82 -78.78 50.40 -13.09
CA VAL N 82 -79.87 50.18 -12.12
C VAL N 82 -79.63 49.18 -11.03
N ILE N 83 -78.63 48.33 -11.18
CA ILE N 83 -78.31 47.35 -10.10
C ILE N 83 -78.16 47.93 -8.62
N PRO N 84 -77.50 49.14 -8.48
CA PRO N 84 -77.46 49.85 -7.20
C PRO N 84 -78.81 50.12 -6.50
N LEU N 85 -79.91 50.11 -7.25
CA LEU N 85 -81.21 50.31 -6.68
C LEU N 85 -81.73 49.01 -6.11
N LEU N 86 -81.09 47.90 -6.46
CA LEU N 86 -81.66 46.61 -6.14
C LEU N 86 -80.96 45.92 -4.97
N ILE N 87 -81.74 45.01 -4.35
CA ILE N 87 -81.29 43.93 -3.47
C ILE N 87 -81.50 42.56 -4.17
N LEU N 88 -80.49 41.70 -4.13
CA LEU N 88 -80.51 40.38 -4.80
C LEU N 88 -80.35 39.27 -3.74
N ASP N 89 -80.16 38.02 -4.16
CA ASP N 89 -79.77 36.93 -3.24
C ASP N 89 -79.12 35.73 -3.95
N ARG N 90 -78.68 34.76 -3.14
CA ARG N 90 -78.08 33.50 -3.60
C ARG N 90 -78.64 33.01 -4.94
N GLN N 91 -79.97 32.93 -4.98
CA GLN N 91 -80.73 32.49 -6.15
C GLN N 91 -80.72 33.55 -7.25
N ALA N 92 -80.82 34.81 -6.86
CA ALA N 92 -81.04 35.90 -7.82
C ALA N 92 -79.82 36.21 -8.68
N VAL N 93 -78.61 36.14 -8.16
CA VAL N 93 -77.43 36.37 -9.01
C VAL N 93 -77.18 35.13 -9.85
N GLY N 94 -77.61 33.97 -9.34
CA GLY N 94 -77.72 32.74 -10.13
C GLY N 94 -78.53 33.02 -11.38
N GLU N 95 -79.77 33.48 -11.20
CA GLU N 95 -80.60 33.95 -12.34
C GLU N 95 -79.73 34.80 -13.29
N TRP N 96 -79.22 35.92 -12.79
CA TRP N 96 -78.41 36.87 -13.58
C TRP N 96 -77.20 36.24 -14.30
N TRP N 97 -76.56 35.31 -13.60
CA TRP N 97 -75.39 34.63 -14.12
C TRP N 97 -75.76 33.97 -15.45
N ASP N 98 -76.86 33.21 -15.40
CA ASP N 98 -77.40 32.44 -16.53
C ASP N 98 -77.73 33.36 -17.70
N GLN N 99 -78.63 34.29 -17.43
CA GLN N 99 -79.25 35.06 -18.48
C GLN N 99 -78.39 36.20 -19.01
N ILE N 100 -77.42 36.68 -18.19
CA ILE N 100 -76.48 37.77 -18.62
C ILE N 100 -74.96 37.49 -18.71
N PHE N 101 -74.32 37.08 -17.62
CA PHE N 101 -72.83 37.09 -17.61
C PHE N 101 -72.33 35.97 -18.48
N PHE N 102 -72.56 34.73 -18.02
CA PHE N 102 -72.14 33.52 -18.73
C PHE N 102 -72.21 33.68 -20.28
N PRO N 103 -73.40 33.97 -20.83
CA PRO N 103 -73.55 34.20 -22.26
C PRO N 103 -72.51 35.11 -22.83
N PHE N 104 -72.15 36.13 -22.07
CA PHE N 104 -71.14 37.13 -22.51
C PHE N 104 -69.70 36.56 -22.46
N LEU N 105 -69.41 35.89 -21.37
CA LEU N 105 -68.08 35.38 -21.16
C LEU N 105 -67.86 34.24 -22.16
N ASN N 106 -68.92 33.49 -22.44
CA ASN N 106 -68.89 32.44 -23.48
C ASN N 106 -68.59 32.99 -24.85
N SER N 107 -69.06 34.21 -25.13
CA SER N 107 -68.98 34.80 -26.45
C SER N 107 -68.96 36.30 -26.28
N PRO N 108 -67.80 36.84 -25.94
CA PRO N 108 -67.71 38.24 -25.53
C PRO N 108 -67.67 39.22 -26.69
N THR N 109 -68.57 40.20 -26.62
CA THR N 109 -68.57 41.29 -27.58
C THR N 109 -67.19 41.91 -27.47
N GLN N 110 -66.61 42.28 -28.61
CA GLN N 110 -65.24 42.79 -28.70
C GLN N 110 -65.12 44.32 -28.67
N LEU N 111 -66.00 44.97 -27.93
CA LEU N 111 -65.92 46.39 -27.76
C LEU N 111 -65.63 46.61 -26.30
N LYS N 112 -64.49 47.22 -25.99
CA LYS N 112 -64.07 47.36 -24.57
C LYS N 112 -65.15 47.92 -23.66
N PRO N 113 -65.75 49.03 -24.08
CA PRO N 113 -66.57 49.72 -23.13
C PRO N 113 -67.81 48.94 -22.77
N VAL N 114 -68.04 47.82 -23.45
CA VAL N 114 -69.17 46.91 -23.11
C VAL N 114 -68.75 45.91 -22.03
N PHE N 115 -67.47 45.52 -22.08
CA PHE N 115 -66.88 44.62 -21.12
C PHE N 115 -66.69 45.43 -19.88
N SER N 116 -66.44 46.72 -20.10
CA SER N 116 -66.21 47.62 -19.00
C SER N 116 -67.49 47.84 -18.23
N ASP N 117 -68.63 47.66 -18.90
CA ASP N 117 -69.93 47.72 -18.22
C ASP N 117 -70.22 46.39 -17.52
N LEU N 118 -69.75 45.29 -18.09
CA LEU N 118 -69.86 43.95 -17.46
C LEU N 118 -69.11 43.90 -16.13
N LYS N 119 -68.02 44.67 -16.06
CA LYS N 119 -67.09 44.66 -14.91
C LYS N 119 -67.69 45.46 -13.76
N SER N 120 -68.21 46.63 -14.14
CA SER N 120 -68.93 47.48 -13.21
C SER N 120 -69.99 46.71 -12.50
N ILE N 121 -70.79 45.96 -13.26
CA ILE N 121 -71.81 45.11 -12.64
C ILE N 121 -71.17 44.04 -11.77
N LEU N 122 -70.14 43.39 -12.30
CA LEU N 122 -69.58 42.22 -11.65
C LEU N 122 -69.00 42.58 -10.30
N PHE N 123 -68.23 43.66 -10.27
CA PHE N 123 -67.60 44.11 -9.03
C PHE N 123 -68.55 44.87 -8.12
N TYR N 124 -69.61 45.45 -8.69
CA TYR N 124 -70.65 45.98 -7.82
C TYR N 124 -71.12 44.83 -6.92
N ILE N 125 -71.18 43.62 -7.45
CA ILE N 125 -71.68 42.48 -6.67
C ILE N 125 -70.60 41.88 -5.75
N LEU N 126 -69.39 41.76 -6.34
CA LEU N 126 -68.27 41.08 -5.71
C LEU N 126 -67.67 41.83 -4.53
N ILE N 127 -67.61 43.16 -4.67
CA ILE N 127 -66.86 44.07 -3.79
C ILE N 127 -67.81 45.10 -3.18
N PHE N 128 -67.86 45.11 -1.84
CA PHE N 128 -68.87 45.86 -1.08
C PHE N 128 -68.30 46.30 0.27
N HIS N 129 -68.61 47.53 0.72
CA HIS N 129 -68.38 47.96 2.14
C HIS N 129 -69.23 47.20 3.16
N ASP N 130 -70.54 47.17 2.94
CA ASP N 130 -71.43 46.78 4.02
C ASP N 130 -72.02 45.40 3.82
N GLU N 131 -71.76 44.48 4.76
CA GLU N 131 -72.27 43.09 4.63
C GLU N 131 -73.75 42.96 5.03
N ASP N 132 -74.20 43.99 5.77
CA ASP N 132 -75.58 44.10 6.25
C ASP N 132 -76.39 45.09 5.44
N GLU N 133 -75.98 45.36 4.20
CA GLU N 133 -76.61 46.42 3.42
C GLU N 133 -77.85 45.90 2.72
N TRP N 134 -78.07 44.59 2.75
CA TRP N 134 -79.26 43.96 2.16
C TRP N 134 -80.00 43.05 3.15
N GLY N 135 -79.55 43.06 4.41
CA GLY N 135 -80.03 42.14 5.42
C GLY N 135 -79.27 40.83 5.43
N GLY N 136 -79.62 39.99 6.43
CA GLY N 136 -79.04 38.64 6.64
C GLY N 136 -77.54 38.58 6.48
N ASP N 137 -77.09 37.63 5.66
CA ASP N 137 -75.77 37.66 5.04
C ASP N 137 -75.87 38.11 3.55
N LEU N 138 -77.09 38.44 3.10
CA LEU N 138 -77.43 38.66 1.67
C LEU N 138 -76.40 39.29 0.74
N ARG N 139 -75.59 40.18 1.29
CA ARG N 139 -74.63 40.90 0.49
C ARG N 139 -73.37 40.07 0.29
N ARG N 140 -72.96 39.40 1.36
CA ARG N 140 -71.85 38.47 1.33
C ARG N 140 -72.19 37.30 0.42
N GLU N 141 -73.36 36.69 0.66
CA GLU N 141 -73.86 35.54 -0.14
C GLU N 141 -73.89 35.77 -1.66
N CYS N 142 -74.35 36.93 -2.10
CA CYS N 142 -74.31 37.23 -3.50
C CYS N 142 -72.93 37.26 -4.11
N ALA N 143 -71.92 37.76 -3.38
CA ALA N 143 -70.52 37.73 -3.86
C ALA N 143 -69.97 36.32 -3.79
N GLU N 144 -70.19 35.66 -2.62
CA GLU N 144 -69.78 34.27 -2.38
C GLU N 144 -70.19 33.38 -3.55
N GLU N 145 -71.37 33.62 -4.11
CA GLU N 145 -71.80 32.90 -5.32
C GLU N 145 -70.97 33.30 -6.52
N THR N 146 -70.99 34.59 -6.82
CA THR N 146 -70.54 35.11 -8.12
C THR N 146 -69.10 34.75 -8.40
N ILE N 147 -68.31 34.70 -7.34
CA ILE N 147 -66.91 34.32 -7.48
C ILE N 147 -66.85 32.83 -7.82
N THR N 148 -67.53 32.02 -7.04
CA THR N 148 -67.64 30.61 -7.34
C THR N 148 -67.93 30.33 -8.84
N ARG N 149 -69.06 30.79 -9.35
CA ARG N 149 -69.29 30.55 -10.73
C ARG N 149 -68.14 31.04 -11.58
N LEU N 150 -67.53 32.18 -11.25
CA LEU N 150 -66.45 32.73 -12.12
C LEU N 150 -65.22 31.86 -12.14
N VAL N 151 -64.80 31.45 -10.96
CA VAL N 151 -63.66 30.58 -10.82
C VAL N 151 -63.95 29.28 -11.54
N ASP N 152 -65.14 28.70 -11.32
CA ASP N 152 -65.48 27.40 -11.94
C ASP N 152 -65.60 27.47 -13.47
N LEU N 153 -65.88 28.65 -14.02
CA LEU N 153 -65.92 28.84 -15.46
C LEU N 153 -64.50 29.01 -15.97
N TYR N 154 -63.63 29.66 -15.20
CA TYR N 154 -62.25 29.88 -15.68
C TYR N 154 -61.49 28.58 -15.76
N VAL N 155 -61.65 27.74 -14.73
CA VAL N 155 -61.00 26.44 -14.71
C VAL N 155 -61.48 25.66 -15.90
N SER N 156 -62.77 25.31 -15.87
CA SER N 156 -63.33 24.46 -16.88
C SER N 156 -63.01 25.00 -18.28
N LYS N 157 -63.06 26.31 -18.45
CA LYS N 157 -62.87 26.91 -19.78
C LYS N 157 -61.42 26.86 -20.22
N ALA N 158 -60.53 26.53 -19.26
CA ALA N 158 -59.09 26.42 -19.49
C ALA N 158 -58.57 24.98 -19.39
N ILE N 159 -59.43 23.99 -19.58
CA ILE N 159 -58.99 22.60 -19.86
C ILE N 159 -59.68 21.99 -21.14
N GLU N 160 -61.01 21.81 -21.08
CA GLU N 160 -61.83 21.15 -22.13
C GLU N 160 -61.29 21.40 -23.54
N ASN N 161 -61.27 20.37 -24.40
CA ASN N 161 -60.53 20.43 -25.68
C ASN N 161 -61.22 21.19 -26.86
N LEU N 162 -62.22 22.04 -26.57
CA LEU N 162 -62.60 23.19 -27.46
C LEU N 162 -63.59 22.88 -28.60
N GLY N 163 -64.83 22.48 -28.27
CA GLY N 163 -65.87 22.08 -29.25
C GLY N 163 -65.97 22.86 -30.57
N ASP N 164 -66.04 22.10 -31.67
CA ASP N 164 -65.90 22.64 -33.02
C ASP N 164 -67.11 23.45 -33.47
N SER N 167 -64.11 28.70 -32.57
CA SER N 167 -63.93 27.66 -31.55
C SER N 167 -62.44 27.50 -31.16
N GLN N 168 -61.58 28.38 -31.69
CA GLN N 168 -60.12 28.40 -31.38
C GLN N 168 -59.69 29.64 -30.57
N GLU N 169 -59.84 30.83 -31.19
CA GLU N 169 -59.63 32.16 -30.53
C GLU N 169 -60.90 32.67 -29.87
N GLN N 170 -62.00 31.93 -30.03
CA GLN N 170 -63.26 32.20 -29.31
C GLN N 170 -63.13 31.64 -27.90
N ARG N 171 -62.22 30.67 -27.75
CA ARG N 171 -61.78 30.19 -26.46
C ARG N 171 -60.77 31.19 -25.82
N ASN N 172 -59.83 31.70 -26.58
CA ASN N 172 -58.86 32.68 -26.07
C ASN N 172 -59.45 33.96 -25.50
N GLN N 173 -60.38 34.53 -26.24
CA GLN N 173 -61.01 35.73 -25.77
C GLN N 173 -61.82 35.47 -24.47
N THR N 174 -62.32 34.27 -24.30
CA THR N 174 -63.06 34.00 -23.09
C THR N 174 -62.12 33.95 -21.90
N ILE N 175 -60.95 33.32 -22.06
CA ILE N 175 -59.98 33.28 -20.96
C ILE N 175 -59.24 34.61 -20.70
N GLU N 176 -59.14 35.49 -21.69
CA GLU N 176 -58.66 36.84 -21.43
C GLU N 176 -59.59 37.51 -20.44
N CYS N 177 -60.84 37.67 -20.82
CA CYS N 177 -61.82 38.37 -19.98
C CYS N 177 -61.85 37.84 -18.55
N LEU N 178 -62.01 36.53 -18.39
CA LEU N 178 -62.08 35.89 -17.06
C LEU N 178 -60.84 36.03 -16.24
N VAL N 179 -59.69 36.10 -16.89
CA VAL N 179 -58.44 36.38 -16.18
C VAL N 179 -58.41 37.79 -15.62
N ASN N 180 -58.50 38.78 -16.51
CA ASN N 180 -58.60 40.17 -16.11
C ASN N 180 -59.58 40.35 -14.92
N VAL N 181 -60.80 39.83 -15.03
CA VAL N 181 -61.71 39.87 -13.90
C VAL N 181 -61.03 39.25 -12.68
N LEU N 182 -60.46 38.05 -12.85
CA LEU N 182 -60.05 37.28 -11.68
C LEU N 182 -58.89 37.94 -10.92
N VAL N 183 -58.00 38.59 -11.64
CA VAL N 183 -56.87 39.28 -10.99
C VAL N 183 -57.34 40.50 -10.17
N HIS N 184 -57.91 41.48 -10.85
CA HIS N 184 -58.63 42.56 -10.19
C HIS N 184 -59.38 42.12 -8.95
N TYR N 185 -59.89 40.91 -8.92
CA TYR N 185 -60.60 40.48 -7.72
C TYR N 185 -59.56 40.02 -6.75
N GLY N 186 -58.66 39.18 -7.22
CA GLY N 186 -57.60 38.73 -6.38
C GLY N 186 -56.79 39.84 -5.72
N ILE N 187 -56.47 40.91 -6.46
CA ILE N 187 -55.55 41.91 -5.89
C ILE N 187 -56.30 42.68 -4.82
N GLN N 188 -57.63 42.70 -4.98
CA GLN N 188 -58.62 43.19 -3.97
C GLN N 188 -58.89 42.27 -2.78
N ARG N 189 -59.13 40.98 -3.02
CA ARG N 189 -59.42 40.00 -1.95
C ARG N 189 -58.57 38.73 -2.01
N PRO N 190 -57.31 38.80 -1.58
CA PRO N 190 -56.52 37.56 -1.74
C PRO N 190 -56.94 36.40 -0.86
N LYS N 191 -57.20 36.63 0.44
CA LYS N 191 -57.71 35.53 1.34
C LYS N 191 -58.80 34.74 0.63
N GLU N 192 -59.61 35.44 -0.16
CA GLU N 192 -60.78 34.87 -0.84
C GLU N 192 -60.39 34.05 -2.04
N LEU N 193 -60.12 34.70 -3.15
CA LEU N 193 -59.71 33.99 -4.36
C LEU N 193 -58.93 32.69 -4.11
N SER N 194 -57.88 32.73 -3.29
CA SER N 194 -57.10 31.51 -2.93
C SER N 194 -57.95 30.42 -2.31
N SER N 195 -58.98 30.81 -1.57
CA SER N 195 -59.86 29.82 -1.01
C SER N 195 -60.75 29.16 -2.09
N CYS N 196 -61.27 29.95 -3.04
CA CYS N 196 -61.96 29.38 -4.20
C CYS N 196 -61.12 28.45 -5.08
N PHE N 197 -59.81 28.62 -5.03
CA PHE N 197 -58.91 27.91 -5.90
C PHE N 197 -58.34 26.62 -5.34
N CYS N 198 -58.53 26.30 -4.04
CA CYS N 198 -57.91 25.06 -3.51
C CYS N 198 -58.46 23.74 -4.08
N HIS N 199 -59.75 23.49 -3.88
CA HIS N 199 -60.38 22.26 -4.38
C HIS N 199 -60.02 22.06 -5.87
N HIS N 200 -59.91 23.12 -6.66
CA HIS N 200 -59.47 22.91 -8.05
C HIS N 200 -57.98 22.58 -8.20
N PHE N 201 -57.18 23.00 -7.21
CA PHE N 201 -55.73 22.86 -7.34
C PHE N 201 -55.34 21.41 -7.20
N LEU N 202 -56.12 20.65 -6.45
CA LEU N 202 -55.93 19.22 -6.35
C LEU N 202 -56.11 18.49 -7.71
N ASN N 203 -56.90 19.04 -8.62
CA ASN N 203 -56.98 18.44 -9.95
C ASN N 203 -55.83 19.01 -10.86
N PRO N 204 -54.78 18.19 -11.12
CA PRO N 204 -53.57 18.58 -11.79
C PRO N 204 -53.60 19.49 -12.98
N PRO N 205 -54.47 19.23 -13.98
CA PRO N 205 -54.46 20.09 -15.17
C PRO N 205 -55.03 21.49 -14.99
N THR N 206 -55.43 21.86 -13.77
CA THR N 206 -55.87 23.22 -13.52
C THR N 206 -54.71 24.08 -13.09
N ARG N 207 -53.60 23.45 -12.76
CA ARG N 207 -52.70 24.11 -11.83
C ARG N 207 -51.97 25.22 -12.53
N ILE N 208 -51.48 24.94 -13.72
CA ILE N 208 -50.79 25.99 -14.44
C ILE N 208 -51.69 27.22 -14.44
N PRO N 209 -52.90 27.13 -15.02
CA PRO N 209 -53.77 28.31 -15.07
C PRO N 209 -54.04 28.96 -13.69
N ILE N 210 -54.23 28.16 -12.66
CA ILE N 210 -54.55 28.74 -11.38
C ILE N 210 -53.38 29.55 -10.87
N LEU N 211 -52.15 29.06 -11.03
CA LEU N 211 -50.97 29.81 -10.59
C LEU N 211 -50.71 30.95 -11.54
N SER N 212 -50.86 30.68 -12.81
CA SER N 212 -50.75 31.74 -13.81
C SER N 212 -51.49 33.03 -13.37
N VAL N 213 -52.77 32.93 -13.02
CA VAL N 213 -53.52 34.00 -12.35
C VAL N 213 -52.82 34.45 -11.09
N VAL N 215 -49.94 34.24 -9.63
CA VAL N 215 -48.67 34.93 -9.47
C VAL N 215 -48.93 36.39 -9.80
N GLU N 216 -49.79 36.70 -10.76
CA GLU N 216 -50.04 38.10 -11.10
C GLU N 216 -50.69 38.89 -9.95
N VAL N 217 -51.55 38.26 -9.19
CA VAL N 217 -52.13 38.93 -8.03
C VAL N 217 -51.01 39.40 -7.06
N ILE N 218 -50.11 38.45 -6.78
CA ILE N 218 -48.94 38.68 -5.95
C ILE N 218 -47.97 39.67 -6.62
N ARG N 219 -47.62 39.44 -7.88
CA ARG N 219 -46.64 40.28 -8.60
C ARG N 219 -46.89 41.71 -8.24
N ARG N 220 -48.16 42.12 -8.24
CA ARG N 220 -48.56 43.52 -7.92
C ARG N 220 -48.16 43.97 -6.50
N GLN N 221 -47.93 43.02 -5.60
CA GLN N 221 -47.51 43.31 -4.21
C GLN N 221 -48.42 44.35 -3.57
N GLY N 222 -49.71 44.03 -3.47
CA GLY N 222 -50.64 44.88 -2.71
C GLY N 222 -50.93 44.28 -1.34
N PRO N 223 -51.88 44.89 -0.64
CA PRO N 223 -52.44 44.23 0.56
C PRO N 223 -53.42 43.14 0.13
N ARG N 224 -53.64 42.09 0.91
CA ARG N 224 -52.88 41.73 2.06
C ARG N 224 -52.63 40.25 1.85
N LEU N 225 -51.42 39.97 1.39
CA LEU N 225 -51.02 38.65 0.96
C LEU N 225 -50.64 37.77 2.13
N TYR N 226 -50.49 38.37 3.30
CA TYR N 226 -50.22 37.58 4.50
C TYR N 226 -51.45 36.74 4.87
N GLU N 227 -52.61 37.01 4.27
CA GLU N 227 -53.80 36.23 4.60
C GLU N 227 -53.82 34.90 3.88
N ILE N 228 -53.19 34.86 2.71
CA ILE N 228 -53.23 33.68 1.84
C ILE N 228 -52.83 32.36 2.54
N PRO N 229 -51.74 32.36 3.36
CA PRO N 229 -51.31 31.10 3.99
C PRO N 229 -52.32 30.39 4.87
N GLN N 230 -53.18 31.16 5.55
CA GLN N 230 -54.36 30.63 6.27
C GLN N 230 -55.26 29.77 5.41
N THR N 231 -55.45 30.18 4.15
CA THR N 231 -56.25 29.38 3.22
C THR N 231 -55.64 27.99 3.05
N GLY N 232 -54.30 27.89 3.07
CA GLY N 232 -53.60 26.61 2.88
C GLY N 232 -53.31 26.29 1.41
N PHE N 233 -53.44 27.36 0.62
CA PHE N 233 -53.12 27.35 -0.79
C PHE N 233 -51.63 27.45 -0.91
N TYR N 234 -50.99 28.06 0.10
CA TYR N 234 -49.53 28.16 0.12
C TYR N 234 -48.97 26.76 0.29
N ASP N 235 -49.57 25.98 1.19
CA ASP N 235 -49.08 24.65 1.50
C ASP N 235 -49.25 23.79 0.25
N LEU N 236 -50.39 23.97 -0.43
CA LEU N 236 -50.64 23.29 -1.71
C LEU N 236 -49.57 23.62 -2.73
N VAL N 237 -49.17 24.89 -2.81
CA VAL N 237 -48.15 25.27 -3.80
C VAL N 237 -46.78 24.62 -3.52
N LEU N 238 -46.46 24.42 -2.24
CA LEU N 238 -45.24 23.74 -1.84
C LEU N 238 -45.28 22.27 -2.18
N LYS N 239 -46.47 21.67 -2.17
CA LYS N 239 -46.62 20.30 -2.63
C LYS N 239 -46.42 20.20 -4.12
N CYS N 240 -47.00 21.14 -4.86
CA CYS N 240 -46.74 21.25 -6.29
C CYS N 240 -45.23 21.26 -6.51
N ALA N 241 -44.51 22.17 -5.83
CA ALA N 241 -43.01 22.33 -5.93
C ALA N 241 -42.26 21.06 -5.64
N GLU N 242 -42.62 20.43 -4.52
CA GLU N 242 -42.01 19.17 -4.09
C GLU N 242 -42.18 18.03 -5.08
N PHE N 243 -43.35 17.91 -5.75
CA PHE N 243 -43.72 16.69 -6.52
C PHE N 243 -43.90 16.80 -8.00
N ASP N 244 -44.75 17.72 -8.41
CA ASP N 244 -45.02 17.87 -9.84
C ASP N 244 -43.75 17.98 -10.71
N THR N 245 -43.94 17.94 -12.01
CA THR N 245 -42.88 17.70 -12.96
C THR N 245 -42.74 18.78 -13.99
N SER N 246 -43.84 19.24 -14.53
CA SER N 246 -43.78 20.26 -15.57
C SER N 246 -42.91 21.47 -15.18
N PRO N 247 -41.80 21.68 -15.90
CA PRO N 247 -41.07 22.94 -15.82
C PRO N 247 -41.92 24.19 -15.71
N ILE N 248 -42.89 24.32 -16.60
CA ILE N 248 -43.66 25.55 -16.60
C ILE N 248 -44.39 25.68 -15.25
N LEU N 249 -45.12 24.65 -14.84
CA LEU N 249 -45.83 24.68 -13.57
C LEU N 249 -44.90 24.99 -12.38
N LEU N 250 -43.72 24.37 -12.37
CA LEU N 250 -42.78 24.54 -11.27
C LEU N 250 -42.10 25.92 -11.27
N SER N 251 -41.84 26.49 -12.43
CA SER N 251 -41.34 27.86 -12.43
C SER N 251 -42.41 28.73 -11.73
N TYR N 252 -43.64 28.68 -12.24
CA TYR N 252 -44.76 29.36 -11.59
C TYR N 252 -44.80 29.08 -10.06
N ALA N 253 -44.60 27.83 -9.66
CA ALA N 253 -44.63 27.52 -8.23
C ALA N 253 -43.59 28.37 -7.55
N LEU N 254 -42.34 28.31 -8.02
CA LEU N 254 -41.26 29.03 -7.34
C LEU N 254 -41.71 30.47 -7.19
N SER N 255 -41.87 31.18 -8.31
CA SER N 255 -42.26 32.60 -8.28
C SER N 255 -43.30 32.90 -7.20
N PHE N 256 -44.33 32.10 -7.18
CA PHE N 256 -45.32 32.27 -6.19
C PHE N 256 -44.62 32.25 -4.82
N ILE N 257 -43.92 31.17 -4.55
CA ILE N 257 -43.46 30.98 -3.19
C ILE N 257 -42.35 32.01 -2.83
N LEU N 258 -41.37 32.24 -3.69
CA LEU N 258 -40.40 33.33 -3.46
C LEU N 258 -41.14 34.57 -3.12
N ILE N 260 -44.15 35.23 -2.07
CA ILE N 260 -44.98 35.30 -0.86
C ILE N 260 -44.17 35.03 0.41
N LEU N 261 -42.85 34.90 0.28
CA LEU N 261 -42.06 34.45 1.41
C LEU N 261 -41.74 35.61 2.34
N SER N 262 -41.42 36.78 1.75
CA SER N 262 -41.25 38.03 2.52
C SER N 262 -42.45 38.31 3.44
N HIS N 263 -43.66 37.99 2.96
CA HIS N 263 -44.93 38.32 3.67
C HIS N 263 -45.31 37.31 4.74
N ILE N 264 -44.32 36.60 5.25
CA ILE N 264 -44.54 35.64 6.29
C ILE N 264 -43.39 35.61 7.33
N CYS N 265 -42.37 34.77 7.13
CA CYS N 265 -41.33 34.46 8.16
C CYS N 265 -41.83 33.58 9.33
N ASN N 266 -43.15 33.51 9.49
CA ASN N 266 -43.80 32.67 10.49
C ASN N 266 -43.93 31.23 9.94
N SER N 267 -44.69 31.06 8.85
CA SER N 267 -44.71 29.81 8.06
C SER N 267 -43.32 29.25 7.74
N LEU N 268 -42.32 30.12 7.73
CA LEU N 268 -40.92 29.72 7.49
C LEU N 268 -40.37 28.70 8.49
N ASP N 269 -40.95 28.61 9.68
CA ASP N 269 -40.49 27.62 10.65
C ASP N 269 -41.09 26.22 10.40
N ASP N 270 -42.19 26.13 9.61
CA ASP N 270 -42.93 24.86 9.34
C ASP N 270 -42.64 24.33 7.95
N SER N 271 -42.67 25.27 7.03
CA SER N 271 -42.09 25.08 5.73
C SER N 271 -40.52 24.93 5.66
N LEU N 272 -39.76 25.00 6.77
CA LEU N 272 -38.28 25.12 6.65
C LEU N 272 -37.66 23.93 5.95
N TYR N 273 -37.97 22.75 6.46
CA TYR N 273 -37.34 21.58 5.91
C TYR N 273 -37.88 21.35 4.49
N ARG N 274 -39.11 21.77 4.20
CA ARG N 274 -39.67 21.57 2.83
C ARG N 274 -38.92 22.48 1.87
N LEU N 275 -38.82 23.74 2.27
CA LEU N 275 -38.09 24.76 1.55
C LEU N 275 -36.60 24.38 1.31
N PHE N 276 -36.01 23.61 2.25
CA PHE N 276 -34.63 23.12 2.07
C PHE N 276 -34.61 22.17 0.92
N CYS N 277 -35.54 21.22 0.98
CA CYS N 277 -35.70 20.21 -0.03
C CYS N 277 -36.08 20.74 -1.38
N ILE N 278 -36.87 21.79 -1.41
CA ILE N 278 -37.19 22.43 -2.66
C ILE N 278 -35.91 23.06 -3.21
N TYR N 279 -35.13 23.77 -2.37
CA TYR N 279 -33.92 24.43 -2.88
C TYR N 279 -33.11 23.33 -3.61
N LEU N 280 -33.01 22.17 -2.94
CA LEU N 280 -32.32 20.99 -3.45
C LEU N 280 -32.79 20.63 -4.84
N ARG N 281 -34.07 20.29 -4.94
CA ARG N 281 -34.74 19.88 -6.16
C ARG N 281 -34.46 20.80 -7.31
N PHE N 282 -34.69 22.11 -7.08
CA PHE N 282 -34.53 23.10 -8.15
C PHE N 282 -33.07 23.32 -8.60
N SER N 283 -32.13 23.40 -7.66
CA SER N 283 -30.70 23.50 -8.01
C SER N 283 -30.28 22.29 -8.85
N ILE N 285 -31.91 20.84 -11.24
CA ILE N 285 -32.66 20.76 -12.50
C ILE N 285 -31.68 20.47 -13.60
N ASP N 286 -32.11 19.76 -14.62
CA ASP N 286 -31.17 19.12 -15.55
C ASP N 286 -31.69 19.14 -17.02
N PRO N 287 -30.86 19.58 -17.98
CA PRO N 287 -31.22 19.72 -19.38
C PRO N 287 -32.00 18.54 -20.03
N THR N 288 -31.76 17.34 -19.55
CA THR N 288 -32.22 16.16 -20.21
C THR N 288 -33.16 15.39 -19.31
N SER N 289 -32.72 15.07 -18.08
CA SER N 289 -33.60 14.44 -17.13
C SER N 289 -34.65 15.39 -16.55
N GLY N 290 -34.43 16.70 -16.60
CA GLY N 290 -35.35 17.69 -15.94
C GLY N 290 -35.25 17.66 -14.40
N PHE N 291 -36.29 18.08 -13.71
CA PHE N 291 -36.28 18.02 -12.22
C PHE N 291 -36.13 16.56 -11.73
N PRO N 292 -35.49 16.37 -10.56
CA PRO N 292 -35.53 15.03 -9.99
C PRO N 292 -36.95 14.69 -9.59
N SER N 293 -37.44 13.51 -10.00
CA SER N 293 -38.76 13.03 -9.64
C SER N 293 -38.72 12.65 -8.17
N SER N 294 -39.84 12.75 -7.49
CA SER N 294 -39.89 12.35 -6.09
C SER N 294 -40.21 10.87 -6.05
N THR N 295 -40.22 10.33 -4.84
CA THR N 295 -40.63 8.96 -4.60
C THR N 295 -42.01 8.94 -3.89
N ALA N 296 -42.16 9.70 -2.80
CA ALA N 296 -43.40 9.68 -2.00
C ALA N 296 -44.57 10.11 -2.88
N SER N 297 -44.90 11.40 -2.83
CA SER N 297 -46.17 11.95 -3.34
C SER N 297 -47.24 11.85 -2.25
N GLY N 298 -47.46 10.62 -1.77
CA GLY N 298 -48.62 10.29 -0.94
C GLY N 298 -49.86 10.20 -1.83
N ASN N 299 -50.88 10.96 -1.46
CA ASN N 299 -52.09 11.11 -2.28
C ASN N 299 -52.02 12.32 -3.24
N TRP N 300 -50.84 12.89 -3.47
CA TRP N 300 -50.80 14.19 -4.13
C TRP N 300 -51.45 14.12 -5.51
N GLU N 301 -51.00 13.27 -6.39
CA GLU N 301 -51.51 13.31 -7.77
C GLU N 301 -50.75 14.37 -8.56
N VAL N 302 -49.54 13.95 -8.89
CA VAL N 302 -48.58 14.69 -9.68
C VAL N 302 -49.08 15.09 -11.08
N PHE N 303 -48.69 16.30 -11.50
CA PHE N 303 -48.90 16.77 -12.86
C PHE N 303 -47.63 16.61 -13.66
N HIS N 304 -47.56 15.65 -14.59
CA HIS N 304 -46.44 15.60 -15.57
C HIS N 304 -46.82 16.30 -16.86
N ASP N 305 -45.89 16.41 -17.81
CA ASP N 305 -46.17 17.27 -18.95
C ASP N 305 -47.17 16.62 -19.88
N PHE N 306 -46.81 15.50 -20.49
CA PHE N 306 -47.75 14.78 -21.32
C PHE N 306 -48.30 13.68 -20.43
N SER N 308 -49.55 10.58 -21.31
CA SER N 308 -49.23 9.93 -22.59
C SER N 308 -48.31 8.71 -22.28
N SER N 339 -35.80 35.10 -13.89
CA SER N 339 -35.08 35.90 -12.87
C SER N 339 -35.57 35.66 -11.43
N LEU N 340 -36.35 34.60 -11.21
CA LEU N 340 -36.78 34.23 -9.88
C LEU N 340 -36.29 32.81 -9.59
N ASP N 341 -35.03 32.51 -9.93
CA ASP N 341 -34.52 31.13 -9.89
C ASP N 341 -34.12 30.69 -8.48
N TYR N 342 -33.67 29.45 -8.33
CA TYR N 342 -33.22 28.93 -7.03
C TYR N 342 -32.22 29.82 -6.26
N SER N 343 -31.54 30.71 -7.00
CA SER N 343 -30.52 31.56 -6.40
C SER N 343 -31.14 32.56 -5.43
N GLN N 344 -32.27 33.16 -5.79
CA GLN N 344 -33.03 34.01 -4.85
C GLN N 344 -33.40 33.20 -3.65
N LEU N 345 -33.72 31.92 -3.83
CA LEU N 345 -34.10 31.07 -2.67
C LEU N 345 -32.92 30.82 -1.75
N PHE N 346 -31.75 30.68 -2.33
CA PHE N 346 -30.51 30.54 -1.56
C PHE N 346 -30.30 31.71 -0.54
N SER N 347 -30.36 32.92 -1.07
CA SER N 347 -30.07 34.11 -0.35
C SER N 347 -31.02 34.22 0.77
N ILE N 348 -32.25 33.89 0.49
CA ILE N 348 -33.26 34.08 1.50
C ILE N 348 -33.17 33.02 2.59
N LEU N 349 -32.70 31.81 2.25
CA LEU N 349 -32.46 30.78 3.29
C LEU N 349 -31.13 31.03 4.02
N TYR N 350 -30.16 31.67 3.34
CA TYR N 350 -28.79 31.81 3.88
C TYR N 350 -28.82 32.87 4.93
N ALA N 351 -29.48 33.98 4.60
CA ALA N 351 -30.03 34.87 5.60
C ALA N 351 -31.01 34.03 6.39
N LEU N 352 -31.37 34.40 7.60
CA LEU N 352 -32.42 33.60 8.28
C LEU N 352 -32.04 32.23 8.90
N TYR N 353 -31.43 31.33 8.16
CA TYR N 353 -31.13 30.01 8.76
C TYR N 353 -29.77 29.44 8.30
N PRO N 354 -28.76 30.32 8.15
CA PRO N 354 -27.46 29.98 7.53
C PRO N 354 -26.85 28.65 8.05
N ILE N 355 -26.64 28.56 9.36
CA ILE N 355 -26.10 27.37 9.99
C ILE N 355 -26.78 26.09 9.48
N ASN N 356 -28.11 25.94 9.67
CA ASN N 356 -28.82 24.69 9.27
C ASN N 356 -28.89 24.52 7.77
N PHE N 357 -29.07 25.59 7.00
CA PHE N 357 -29.06 25.48 5.55
C PHE N 357 -27.72 24.86 5.07
N LEU N 358 -26.58 25.34 5.55
CA LEU N 358 -25.29 24.81 5.06
C LEU N 358 -25.03 23.43 5.58
N GLU N 359 -25.58 23.11 6.74
CA GLU N 359 -25.44 21.75 7.26
C GLU N 359 -26.22 20.79 6.38
N PHE N 360 -27.35 21.29 5.91
CA PHE N 360 -28.21 20.47 5.09
C PHE N 360 -27.59 20.33 3.71
N LEU N 361 -26.92 21.37 3.24
CA LEU N 361 -26.23 21.25 1.96
C LEU N 361 -24.97 20.39 2.10
N ARG N 362 -24.28 20.43 3.25
CA ARG N 362 -23.09 19.59 3.37
C ARG N 362 -23.46 18.14 3.14
N ASP N 363 -24.42 17.66 3.91
CA ASP N 363 -24.92 16.30 3.74
C ASP N 363 -26.43 16.28 4.00
N PRO N 364 -27.23 16.36 2.90
CA PRO N 364 -28.70 16.40 2.90
C PRO N 364 -29.39 15.19 3.47
N LYS N 365 -28.97 13.99 3.07
CA LYS N 365 -29.60 12.75 3.55
C LYS N 365 -29.42 12.57 5.06
N LEU N 366 -28.28 13.07 5.52
CA LEU N 366 -27.89 13.02 6.90
C LEU N 366 -28.61 14.06 7.70
N TYR N 367 -28.70 15.28 7.20
CA TYR N 367 -29.42 16.31 7.93
C TYR N 367 -30.90 15.90 8.01
N ALA N 368 -31.34 15.04 7.09
CA ALA N 368 -32.75 14.72 6.98
C ALA N 368 -33.18 13.83 8.10
N SER N 369 -32.44 12.75 8.35
CA SER N 369 -32.64 12.04 9.61
C SER N 369 -32.11 12.98 10.68
N LYS N 370 -32.49 12.82 11.94
CA LYS N 370 -32.07 13.76 13.01
C LYS N 370 -32.90 14.98 12.99
N HIS N 371 -33.47 15.28 11.84
CA HIS N 371 -34.48 16.32 11.72
C HIS N 371 -35.76 15.68 11.19
N ASN N 372 -35.68 14.38 10.98
CA ASN N 372 -36.84 13.53 10.87
C ASN N 372 -37.66 13.72 9.61
N PHE N 373 -37.01 14.00 8.50
CA PHE N 373 -37.70 14.05 7.21
C PHE N 373 -36.93 13.17 6.23
N GLN N 374 -37.24 13.27 4.93
CA GLN N 374 -36.62 12.40 3.94
C GLN N 374 -36.32 13.10 2.66
N ILE N 375 -35.27 12.65 1.99
CA ILE N 375 -34.92 13.24 0.71
C ILE N 375 -35.53 12.36 -0.37
N ARG N 376 -36.48 12.92 -1.08
CA ARG N 376 -37.25 12.20 -2.08
C ARG N 376 -36.50 12.09 -3.42
N TYR N 377 -35.38 12.82 -3.54
CA TYR N 377 -34.69 13.01 -4.81
C TYR N 377 -33.34 12.26 -4.82
N SER N 378 -33.02 11.68 -5.98
CA SER N 378 -31.70 11.17 -6.28
C SER N 378 -30.95 12.39 -6.84
N PHE N 379 -29.70 12.58 -6.40
CA PHE N 379 -28.96 13.83 -6.68
C PHE N 379 -27.44 13.73 -6.60
N ASN N 380 -26.78 14.68 -7.25
CA ASN N 380 -25.35 14.63 -7.47
C ASN N 380 -24.60 15.58 -6.53
N GLN N 381 -24.17 15.07 -5.38
CA GLN N 381 -23.57 15.90 -4.31
C GLN N 381 -22.52 16.87 -4.80
N GLU N 382 -21.56 16.37 -5.57
CA GLU N 382 -20.46 17.24 -6.01
C GLU N 382 -21.05 18.32 -6.86
N LEU N 383 -22.05 17.97 -7.65
CA LEU N 383 -22.69 19.00 -8.40
C LEU N 383 -23.32 20.00 -7.44
N LEU N 384 -24.09 19.53 -6.46
CA LEU N 384 -24.68 20.43 -5.46
C LEU N 384 -23.65 21.31 -4.77
N SER N 385 -22.52 20.72 -4.36
CA SER N 385 -21.51 21.49 -3.67
C SER N 385 -20.92 22.57 -4.56
N THR N 386 -20.44 22.19 -5.74
CA THR N 386 -20.02 23.13 -6.79
C THR N 386 -21.00 24.29 -6.98
N LYS N 387 -22.28 23.96 -7.21
CA LYS N 387 -23.35 24.96 -7.45
C LYS N 387 -23.51 25.92 -6.30
N SER N 388 -23.58 25.36 -5.10
CA SER N 388 -23.94 26.12 -3.94
C SER N 388 -22.83 27.05 -3.52
N ASP N 389 -21.60 26.60 -3.69
CA ASP N 389 -20.43 27.43 -3.36
C ASP N 389 -20.39 28.62 -4.30
N GLY N 390 -20.79 28.39 -5.55
CA GLY N 390 -21.01 29.47 -6.50
C GLY N 390 -21.76 30.60 -5.83
N LEU N 391 -22.86 30.21 -5.19
CA LEU N 391 -23.74 31.18 -4.66
C LEU N 391 -23.22 31.73 -3.37
N LEU N 392 -22.82 30.83 -2.48
CA LEU N 392 -22.30 31.21 -1.15
C LEU N 392 -21.26 32.33 -1.17
N GLY N 393 -20.32 32.28 -2.13
CA GLY N 393 -19.23 33.23 -2.29
C GLY N 393 -19.63 34.57 -2.87
N ARG N 394 -20.92 34.77 -3.07
CA ARG N 394 -21.40 36.07 -3.43
C ARG N 394 -22.07 36.70 -2.21
N HIS N 395 -21.96 36.05 -1.05
CA HIS N 395 -22.50 36.60 0.21
C HIS N 395 -21.37 36.82 1.23
N LEU N 396 -21.64 37.69 2.20
CA LEU N 396 -20.73 37.92 3.33
C LEU N 396 -20.90 36.81 4.34
N ALA N 397 -20.05 36.81 5.35
CA ALA N 397 -20.20 35.88 6.45
C ALA N 397 -21.45 36.22 7.16
N HIS N 398 -21.92 35.32 8.02
CA HIS N 398 -23.13 35.56 8.79
C HIS N 398 -22.83 35.59 10.28
N SER N 399 -23.34 36.58 10.99
CA SER N 399 -23.06 36.70 12.43
C SER N 399 -23.57 35.52 13.27
N ASN N 400 -24.69 34.93 12.86
CA ASN N 400 -25.16 33.68 13.48
C ASN N 400 -24.07 32.70 13.85
N PHE N 401 -23.00 32.67 13.07
CA PHE N 401 -21.94 31.69 13.29
C PHE N 401 -21.21 31.93 14.60
N LEU N 402 -21.26 33.17 15.11
CA LEU N 402 -20.65 33.49 16.41
C LEU N 402 -21.60 33.38 17.56
N LYS N 403 -22.89 33.47 17.31
CA LYS N 403 -23.92 33.47 18.38
C LYS N 403 -24.58 32.11 18.64
N TYR N 404 -24.77 31.31 17.58
CA TYR N 404 -25.71 30.15 17.59
C TYR N 404 -25.10 28.85 17.15
N THR N 405 -25.67 27.75 17.67
CA THR N 405 -25.41 26.39 17.17
C THR N 405 -26.54 26.03 16.23
N ALA N 406 -26.53 24.85 15.66
CA ALA N 406 -27.58 24.50 14.73
C ALA N 406 -28.88 24.43 15.50
N GLU N 407 -28.75 24.04 16.76
CA GLU N 407 -29.87 23.74 17.61
C GLU N 407 -30.51 25.04 18.02
N THR N 408 -29.72 25.93 18.61
CA THR N 408 -30.25 27.24 19.00
C THR N 408 -30.70 28.12 17.82
N GLU N 409 -30.29 27.83 16.60
CA GLU N 409 -30.66 28.69 15.48
C GLU N 409 -32.09 28.35 15.13
N LEU N 410 -32.46 27.10 15.34
CA LEU N 410 -33.87 26.73 15.34
C LEU N 410 -34.54 27.22 16.66
N THR N 411 -34.28 26.54 17.78
CA THR N 411 -34.92 26.88 19.06
C THR N 411 -34.42 28.13 19.79
N ASP N 412 -34.79 29.31 19.28
CA ASP N 412 -34.48 30.55 19.99
C ASP N 412 -35.13 31.70 19.29
N LYS N 413 -36.30 32.07 19.79
CA LYS N 413 -37.06 33.14 19.20
C LYS N 413 -36.43 34.50 19.50
N SER N 414 -35.67 34.59 20.59
CA SER N 414 -35.04 35.85 20.97
C SER N 414 -34.02 36.36 19.93
N ARG N 415 -33.99 35.70 18.76
CA ARG N 415 -33.14 36.10 17.64
C ARG N 415 -33.83 37.07 16.67
N TRP N 416 -35.14 37.07 16.74
CA TRP N 416 -35.94 37.90 15.87
C TRP N 416 -36.08 39.32 16.47
N THR N 417 -35.57 39.49 17.68
CA THR N 417 -35.31 40.79 18.32
C THR N 417 -34.47 41.74 17.46
N ARG N 418 -33.35 41.22 16.95
CA ARG N 418 -32.44 41.99 16.11
C ARG N 418 -33.16 42.55 14.86
N LEU N 419 -34.27 41.90 14.46
CA LEU N 419 -34.96 42.20 13.18
C LEU N 419 -35.80 43.49 13.26
N ASP N 420 -36.57 43.66 14.34
CA ASP N 420 -37.40 44.85 14.55
C ASP N 420 -36.57 46.14 14.44
N SER N 421 -35.31 46.06 14.87
CA SER N 421 -34.34 47.14 14.69
C SER N 421 -34.00 47.43 13.20
N ILE N 422 -33.62 46.40 12.44
CA ILE N 422 -33.06 46.62 11.08
C ILE N 422 -34.13 47.08 10.11
N ALA N 423 -35.39 46.83 10.51
CA ALA N 423 -36.56 47.30 9.79
C ALA N 423 -36.62 48.83 9.84
N VAL N 424 -36.56 49.35 11.07
CA VAL N 424 -36.43 50.79 11.35
C VAL N 424 -35.33 51.44 10.51
N VAL N 425 -34.12 50.89 10.50
CA VAL N 425 -33.01 51.57 9.83
C VAL N 425 -33.18 51.53 8.31
N ALA N 426 -33.86 50.52 7.79
CA ALA N 426 -34.20 50.47 6.37
C ALA N 426 -35.20 51.57 6.00
N LEU N 427 -36.31 51.59 6.74
CA LEU N 427 -37.37 52.59 6.63
C LEU N 427 -36.84 54.02 6.59
N CYS N 428 -36.01 54.37 7.57
CA CYS N 428 -35.48 55.71 7.71
C CYS N 428 -34.71 56.15 6.50
N ASN N 429 -33.78 55.28 6.09
CA ASN N 429 -32.88 55.59 4.97
C ASN N 429 -33.67 55.57 3.67
N SER N 430 -34.72 54.73 3.64
CA SER N 430 -35.68 54.69 2.52
C SER N 430 -36.52 55.97 2.41
N LEU N 431 -36.59 56.74 3.49
CA LEU N 431 -37.33 58.01 3.53
C LEU N 431 -36.45 59.20 3.23
N ASN N 432 -35.13 59.03 3.21
CA ASN N 432 -34.23 60.16 2.89
C ASN N 432 -34.24 60.48 1.42
N ALA N 433 -34.36 61.76 1.08
CA ALA N 433 -34.27 62.15 -0.32
C ALA N 433 -32.85 62.61 -0.63
N VAL N 434 -31.88 62.11 0.15
CA VAL N 434 -30.48 62.62 0.16
C VAL N 434 -30.47 64.15 0.25
N PRO O 5 57.65 35.60 -2.24
CA PRO O 5 56.37 36.32 -2.35
C PRO O 5 55.95 36.82 -0.96
N LEU O 6 56.28 36.01 0.04
CA LEU O 6 55.89 36.21 1.42
C LEU O 6 56.73 37.33 1.98
N GLN O 7 57.98 37.37 1.57
CA GLN O 7 58.99 38.19 2.20
C GLN O 7 58.84 39.63 1.63
N SER O 8 58.07 39.76 0.53
CA SER O 8 57.76 41.08 -0.05
C SER O 8 56.40 41.60 0.42
N LEU O 9 55.54 40.67 0.82
CA LEU O 9 54.30 41.00 1.50
C LEU O 9 54.64 41.62 2.85
N VAL O 10 55.44 40.89 3.64
CA VAL O 10 55.89 41.32 4.96
C VAL O 10 56.54 42.67 4.84
N LYS O 11 57.25 42.87 3.72
CA LYS O 11 57.93 44.14 3.49
C LYS O 11 56.95 45.27 3.36
N ALA O 12 55.83 45.00 2.70
CA ALA O 12 54.88 46.05 2.35
C ALA O 12 54.04 46.43 3.54
N LEU O 13 53.80 45.43 4.40
CA LEU O 13 53.21 45.58 5.74
C LEU O 13 54.02 46.49 6.63
N TRP O 14 55.31 46.18 6.77
CA TRP O 14 56.20 46.94 7.65
C TRP O 14 56.06 48.45 7.32
N ASN O 15 56.08 48.75 6.02
CA ASN O 15 56.01 50.13 5.47
C ASN O 15 54.77 50.93 5.82
N VAL O 16 53.63 50.27 5.61
CA VAL O 16 52.31 50.89 5.76
C VAL O 16 51.94 51.20 7.22
N LEU O 17 52.33 50.30 8.11
CA LEU O 17 52.07 50.40 9.53
C LEU O 17 53.12 51.29 10.25
N HIS O 18 54.19 51.65 9.51
CA HIS O 18 55.13 52.72 9.90
C HIS O 18 55.35 53.81 8.78
N ASP O 27 46.75 54.90 2.78
CA ASP O 27 47.88 55.01 1.83
C ASP O 27 48.07 53.81 0.84
N LEU O 28 47.36 52.71 1.16
CA LEU O 28 47.73 51.28 0.98
C LEU O 28 48.23 50.67 -0.33
N THR O 29 47.99 51.30 -1.48
CA THR O 29 48.24 50.70 -2.83
C THR O 29 49.30 49.60 -2.98
N GLU O 30 50.47 49.85 -2.37
CA GLU O 30 51.60 48.94 -2.38
C GLU O 30 51.20 47.59 -1.80
N LEU O 31 50.63 47.60 -0.58
CA LEU O 31 50.23 46.37 0.15
C LEU O 31 49.29 45.52 -0.65
N ILE O 32 48.36 46.20 -1.32
CA ILE O 32 47.25 45.60 -2.03
C ILE O 32 47.73 44.77 -3.20
N ALA O 33 48.59 45.38 -4.01
CA ALA O 33 49.34 44.70 -5.07
C ALA O 33 50.04 43.43 -4.60
N GLU O 34 50.83 43.57 -3.53
CA GLU O 34 51.60 42.45 -2.98
C GLU O 34 50.72 41.25 -2.65
N VAL O 35 49.52 41.52 -2.15
CA VAL O 35 48.54 40.46 -1.93
C VAL O 35 48.16 39.81 -3.28
N GLU O 36 47.66 40.63 -4.21
CA GLU O 36 47.12 40.12 -5.45
C GLU O 36 48.10 39.12 -6.02
N SER O 37 49.36 39.52 -6.11
CA SER O 37 50.38 38.61 -6.66
C SER O 37 50.80 37.53 -5.64
N TYR O 38 50.65 37.78 -4.34
CA TYR O 38 50.82 36.67 -3.39
C TYR O 38 49.78 35.60 -3.71
N GLN O 39 48.58 36.02 -4.11
CA GLN O 39 47.43 35.12 -4.22
C GLN O 39 47.44 34.30 -5.48
N GLN O 40 48.15 34.79 -6.51
CA GLN O 40 48.34 34.02 -7.74
C GLN O 40 49.20 32.75 -7.50
N ARG O 41 50.25 32.92 -6.72
CA ARG O 41 51.16 31.85 -6.36
C ARG O 41 50.55 30.94 -5.31
N TYR O 42 49.84 31.56 -4.36
CA TYR O 42 49.01 30.89 -3.36
C TYR O 42 47.54 31.29 -3.59
N PRO O 43 46.84 30.53 -4.44
CA PRO O 43 45.42 30.82 -4.67
C PRO O 43 44.59 30.21 -3.55
N LYS O 44 45.09 29.08 -3.03
CA LYS O 44 44.66 28.50 -1.78
C LYS O 44 45.48 29.04 -0.60
N GLN O 45 44.85 29.10 0.57
CA GLN O 45 45.49 29.54 1.83
C GLN O 45 46.53 28.56 2.32
N ASN O 46 47.71 29.07 2.65
CA ASN O 46 48.87 28.30 3.12
C ASN O 46 48.96 28.28 4.67
N PRO O 47 48.85 27.09 5.32
CA PRO O 47 48.84 27.10 6.82
C PRO O 47 50.12 27.70 7.53
N THR O 48 51.29 27.50 6.94
CA THR O 48 52.56 28.02 7.48
C THR O 48 52.79 29.49 7.24
N ASN O 49 52.23 30.04 6.19
CA ASN O 49 52.43 31.46 5.88
C ASN O 49 51.45 32.37 6.61
N SER O 50 50.31 31.81 7.03
CA SER O 50 49.41 32.53 7.92
C SER O 50 50.18 32.53 9.21
N GLN O 51 50.50 31.34 9.68
CA GLN O 51 51.23 31.22 10.92
C GLN O 51 52.25 32.37 11.04
N LYS O 52 53.07 32.50 9.98
CA LYS O 52 54.15 33.48 9.91
C LYS O 52 53.61 34.93 9.89
N ILE O 53 52.73 35.25 8.93
CA ILE O 53 52.10 36.59 8.81
C ILE O 53 51.34 37.00 10.09
N ARG O 54 50.47 36.12 10.57
CA ARG O 54 49.82 36.28 11.87
C ARG O 54 50.81 36.68 12.95
N HIS O 55 51.94 35.95 13.01
CA HIS O 55 53.13 36.34 13.81
C HIS O 55 53.70 37.75 13.59
N ILE O 56 53.88 38.14 12.33
CA ILE O 56 54.42 39.47 11.96
C ILE O 56 53.52 40.61 12.44
N LEU O 57 52.22 40.33 12.59
CA LEU O 57 51.25 41.33 13.01
C LEU O 57 51.27 41.50 14.53
N ASP O 58 51.34 40.38 15.27
CA ASP O 58 51.47 40.45 16.72
C ASP O 58 52.56 41.47 17.07
N GLU O 59 53.76 41.24 16.49
CA GLU O 59 54.95 42.10 16.67
C GLU O 59 54.57 43.55 16.53
N ILE O 60 53.81 43.86 15.50
CA ILE O 60 53.45 45.23 15.22
C ILE O 60 52.40 45.78 16.18
N TYR O 61 51.54 44.91 16.67
CA TYR O 61 50.50 45.38 17.55
C TYR O 61 51.10 45.90 18.86
N GLU O 62 52.13 45.19 19.32
CA GLU O 62 52.85 45.57 20.54
C GLU O 62 53.62 46.84 20.25
N LYS O 63 54.23 46.94 19.06
CA LYS O 63 54.81 48.22 18.60
C LYS O 63 53.74 49.32 18.56
N THR O 64 52.85 49.28 17.55
CA THR O 64 51.75 50.25 17.38
C THR O 64 50.35 49.65 17.67
N PRO O 65 49.74 50.00 18.83
CA PRO O 65 48.49 49.34 19.27
C PRO O 65 47.20 49.97 18.67
N PHE O 66 46.02 49.54 19.16
CA PHE O 66 44.72 49.95 18.59
C PHE O 66 44.10 51.13 19.34
N ASN O 67 44.93 52.10 19.69
CA ASN O 67 44.53 53.14 20.66
C ASN O 67 43.88 54.37 20.05
N ASN O 68 44.63 55.20 19.34
CA ASN O 68 44.01 56.37 18.71
C ASN O 68 43.38 55.98 17.37
N THR O 69 42.71 56.96 16.75
CA THR O 69 41.79 56.68 15.64
C THR O 69 42.51 56.33 14.31
N ARG O 70 43.50 57.14 13.91
CA ARG O 70 44.35 56.82 12.75
C ARG O 70 45.05 55.46 12.91
N ARG O 71 45.31 55.02 14.14
CA ARG O 71 45.81 53.67 14.34
C ARG O 71 44.78 52.62 13.98
N ARG O 72 43.52 52.95 14.28
CA ARG O 72 42.39 52.04 14.04
C ARG O 72 42.15 51.97 12.56
N ILE O 73 41.96 53.15 11.96
CA ILE O 73 41.79 53.29 10.51
C ILE O 73 42.83 52.45 9.76
N LEU O 74 44.09 52.73 10.05
CA LEU O 74 45.21 51.98 9.51
C LEU O 74 45.07 50.48 9.74
N TRP O 75 44.91 50.07 10.99
CA TRP O 75 44.75 48.66 11.31
C TRP O 75 43.61 47.95 10.56
N LEU O 76 42.47 48.65 10.43
CA LEU O 76 41.25 48.05 9.88
C LEU O 76 41.42 47.83 8.40
N ALA O 77 41.84 48.87 7.69
CA ALA O 77 42.27 48.69 6.31
C ALA O 77 43.24 47.51 6.20
N VAL O 78 44.29 47.49 6.99
CA VAL O 78 45.28 46.45 6.79
C VAL O 78 44.70 45.06 7.09
N LEU O 79 43.95 44.98 8.19
CA LEU O 79 43.32 43.72 8.58
C LEU O 79 42.32 43.22 7.55
N LYS O 80 41.57 44.18 6.98
CA LYS O 80 40.68 43.97 5.81
C LYS O 80 41.43 43.33 4.62
N THR O 81 42.60 43.89 4.25
CA THR O 81 43.27 43.50 2.99
C THR O 81 43.97 42.17 3.02
N VAL O 82 44.33 41.67 4.19
CA VAL O 82 45.13 40.44 4.27
C VAL O 82 44.37 39.25 4.79
N ILE O 83 43.18 39.47 5.34
CA ILE O 83 42.50 38.38 6.05
C ILE O 83 42.16 37.19 5.12
N PRO O 84 41.84 37.48 3.85
CA PRO O 84 41.62 36.32 2.97
C PRO O 84 42.85 35.38 2.88
N LEU O 85 44.03 35.90 3.18
CA LEU O 85 45.28 35.13 3.18
C LEU O 85 45.38 34.20 4.37
N LEU O 86 44.64 34.48 5.45
CA LEU O 86 44.83 33.74 6.72
C LEU O 86 43.93 32.53 6.95
N ILE O 87 44.25 31.88 8.07
CA ILE O 87 43.57 30.70 8.58
C ILE O 87 43.50 30.84 10.08
N LEU O 88 42.28 30.85 10.62
CA LEU O 88 42.00 31.14 12.02
C LEU O 88 41.29 29.92 12.68
N ASP O 89 41.22 29.96 14.00
CA ASP O 89 40.50 28.96 14.79
C ASP O 89 39.79 29.68 15.96
N ARG O 90 39.07 28.92 16.80
CA ARG O 90 38.32 29.52 17.91
C ARG O 90 39.24 30.41 18.70
N GLN O 91 40.43 29.91 18.98
CA GLN O 91 41.35 30.69 19.79
C GLN O 91 41.77 32.03 19.13
N ALA O 92 41.85 32.03 17.80
CA ALA O 92 42.37 33.19 17.06
C ALA O 92 41.40 34.36 17.01
N VAL O 93 40.18 34.08 16.55
CA VAL O 93 39.09 35.04 16.64
C VAL O 93 38.93 35.58 18.05
N GLY O 94 39.28 34.73 19.04
CA GLY O 94 39.41 35.15 20.43
C GLY O 94 40.34 36.34 20.60
N GLU O 95 41.55 36.23 20.06
CA GLU O 95 42.53 37.33 20.13
C GLU O 95 41.99 38.56 19.37
N TRP O 96 41.43 38.35 18.17
CA TRP O 96 40.98 39.44 17.31
C TRP O 96 39.83 40.22 17.89
N TRP O 97 38.90 39.49 18.52
CA TRP O 97 37.74 40.07 19.22
C TRP O 97 38.21 40.95 20.40
N ASP O 98 39.12 40.38 21.19
CA ASP O 98 39.73 41.02 22.33
C ASP O 98 40.48 42.29 21.93
N GLN O 99 41.12 42.28 20.77
CA GLN O 99 42.04 43.36 20.41
C GLN O 99 41.59 44.31 19.30
N ILE O 100 40.43 43.99 18.67
CA ILE O 100 39.94 44.75 17.49
C ILE O 100 38.46 45.05 17.61
N PHE O 101 37.65 44.00 17.49
CA PHE O 101 36.21 44.17 17.44
C PHE O 101 35.71 44.84 18.71
N PHE O 102 35.94 44.19 19.85
CA PHE O 102 35.40 44.64 21.11
C PHE O 102 35.79 46.09 21.36
N PRO O 103 37.09 46.38 21.39
CA PRO O 103 37.46 47.78 21.59
C PRO O 103 36.73 48.74 20.67
N PHE O 104 36.50 48.34 19.41
CA PHE O 104 35.75 49.20 18.48
C PHE O 104 34.27 49.28 18.84
N LEU O 105 33.64 48.12 18.93
CA LEU O 105 32.21 48.06 19.18
C LEU O 105 31.90 48.74 20.50
N ASN O 106 32.88 48.73 21.38
CA ASN O 106 32.68 49.26 22.71
C ASN O 106 32.64 50.76 22.78
N SER O 107 33.53 51.42 22.04
CA SER O 107 33.42 52.86 21.78
C SER O 107 33.76 53.13 20.32
N PRO O 108 32.76 53.07 19.43
CA PRO O 108 33.07 53.03 18.02
C PRO O 108 33.55 54.39 17.59
N THR O 109 34.50 54.38 16.62
CA THR O 109 35.09 55.59 15.99
C THR O 109 34.02 56.20 15.09
N GLN O 110 33.67 57.44 15.31
CA GLN O 110 32.57 58.10 14.58
C GLN O 110 32.85 58.37 13.08
N LEU O 111 33.38 57.42 12.35
CA LEU O 111 33.60 57.65 10.95
C LEU O 111 32.96 56.53 10.14
N LYS O 112 32.15 56.86 9.15
CA LYS O 112 31.42 55.81 8.41
C LYS O 112 32.29 54.77 7.70
N PRO O 113 33.29 55.19 6.91
CA PRO O 113 34.06 54.16 6.18
C PRO O 113 34.89 53.28 7.10
N VAL O 114 35.09 53.71 8.34
CA VAL O 114 35.85 52.91 9.29
C VAL O 114 34.99 51.76 9.78
N PHE O 115 33.79 52.08 10.28
CA PHE O 115 32.85 51.02 10.60
C PHE O 115 32.64 50.08 9.38
N SER O 116 32.49 50.68 8.19
CA SER O 116 32.37 49.90 6.97
C SER O 116 33.43 48.78 6.91
N ASP O 117 34.69 49.18 7.10
CA ASP O 117 35.82 48.26 7.01
C ASP O 117 35.79 47.10 8.05
N LEU O 118 35.24 47.39 9.24
CA LEU O 118 35.10 46.43 10.36
C LEU O 118 34.09 45.38 9.96
N LYS O 119 32.95 45.84 9.42
CA LYS O 119 31.90 44.95 8.95
C LYS O 119 32.44 44.07 7.84
N SER O 120 33.13 44.67 6.87
CA SER O 120 33.85 43.90 5.85
C SER O 120 34.59 42.65 6.39
N ILE O 121 35.32 42.86 7.48
CA ILE O 121 36.17 41.82 8.08
C ILE O 121 35.26 40.81 8.80
N LEU O 122 34.38 41.40 9.59
CA LEU O 122 33.47 40.67 10.43
C LEU O 122 32.65 39.71 9.55
N PHE O 123 32.17 40.25 8.45
CA PHE O 123 31.40 39.47 7.50
C PHE O 123 32.23 38.54 6.67
N TYR O 124 33.48 38.88 6.34
CA TYR O 124 34.34 37.83 5.80
C TYR O 124 34.41 36.55 6.74
N ILE O 125 34.36 36.72 8.06
CA ILE O 125 34.50 35.58 9.00
C ILE O 125 33.25 34.72 9.12
N LEU O 126 32.11 35.43 9.15
CA LEU O 126 30.74 34.96 9.44
C LEU O 126 29.99 34.20 8.31
N ILE O 127 30.10 34.81 7.12
CA ILE O 127 29.44 34.41 5.88
C ILE O 127 30.48 33.81 4.91
N PHE O 128 30.47 32.48 4.75
CA PHE O 128 31.45 31.80 3.88
C PHE O 128 30.75 30.72 3.07
N HIS O 129 31.28 30.47 1.86
CA HIS O 129 30.70 29.54 0.85
C HIS O 129 31.13 28.09 1.04
N ASP O 130 32.42 27.88 1.34
CA ASP O 130 32.95 26.53 1.56
C ASP O 130 33.44 26.33 3.00
N GLU O 131 32.84 25.34 3.65
CA GLU O 131 33.12 25.04 5.04
C GLU O 131 34.52 24.48 5.32
N ASP O 132 35.14 23.90 4.28
CA ASP O 132 36.50 23.31 4.32
C ASP O 132 37.61 24.25 3.84
N GLU O 133 37.25 25.42 3.31
CA GLU O 133 38.22 26.43 2.91
C GLU O 133 39.47 26.49 3.84
N TRP O 134 39.31 26.17 5.14
CA TRP O 134 40.47 26.10 6.08
C TRP O 134 40.77 24.70 6.63
N GLY O 135 40.07 23.68 6.11
CA GLY O 135 40.24 22.29 6.53
C GLY O 135 39.52 22.03 7.84
N GLY O 136 39.05 20.81 8.02
CA GLY O 136 38.47 20.44 9.30
C GLY O 136 37.17 21.17 9.46
N ASP O 137 36.97 21.77 10.63
CA ASP O 137 35.75 22.53 10.95
C ASP O 137 36.04 24.04 11.03
N LEU O 138 37.32 24.41 11.02
CA LEU O 138 37.76 25.74 11.40
C LEU O 138 36.88 26.84 10.87
N ARG O 139 36.68 26.85 9.55
CA ARG O 139 35.95 27.95 8.92
C ARG O 139 34.64 28.27 9.67
N ARG O 140 33.84 27.24 9.94
CA ARG O 140 32.57 27.33 10.71
C ARG O 140 32.75 27.73 12.17
N GLU O 141 33.71 27.08 12.82
CA GLU O 141 34.03 27.34 14.23
C GLU O 141 34.30 28.81 14.49
N CYS O 142 34.96 29.47 13.56
CA CYS O 142 35.14 30.91 13.69
C CYS O 142 33.84 31.73 13.55
N ALA O 143 33.01 31.43 12.54
CA ALA O 143 31.72 32.10 12.42
C ALA O 143 30.85 31.84 13.66
N GLU O 144 30.73 30.58 14.09
CA GLU O 144 30.03 30.25 15.36
C GLU O 144 30.51 31.06 16.55
N GLU O 145 31.84 31.22 16.69
CA GLU O 145 32.42 31.96 17.80
C GLU O 145 32.18 33.46 17.68
N THR O 146 32.25 34.01 16.47
CA THR O 146 32.15 35.45 16.27
C THR O 146 30.72 35.90 16.47
N ILE O 147 29.77 35.09 15.98
CA ILE O 147 28.34 35.45 16.09
C ILE O 147 27.92 35.39 17.56
N THR O 148 28.20 34.25 18.20
CA THR O 148 28.11 34.13 19.65
C THR O 148 28.65 35.34 20.46
N ARG O 149 29.88 35.76 20.19
CA ARG O 149 30.43 36.91 20.90
C ARG O 149 29.70 38.19 20.56
N LEU O 150 29.21 38.32 19.33
CA LEU O 150 28.54 39.58 18.89
C LEU O 150 27.20 39.78 19.57
N VAL O 151 26.42 38.70 19.58
CA VAL O 151 25.17 38.56 20.35
C VAL O 151 25.41 38.86 21.82
N ASP O 152 26.23 38.05 22.48
CA ASP O 152 26.52 38.23 23.90
C ASP O 152 26.80 39.69 24.24
N LEU O 153 27.66 40.32 23.47
CA LEU O 153 27.88 41.74 23.65
C LEU O 153 26.54 42.52 23.46
N TYR O 154 25.78 42.25 22.40
CA TYR O 154 24.56 43.06 22.09
C TYR O 154 23.46 43.07 23.18
N VAL O 155 23.13 41.87 23.65
CA VAL O 155 22.19 41.66 24.73
C VAL O 155 22.67 42.45 25.95
N SER O 156 23.85 42.05 26.46
CA SER O 156 24.42 42.67 27.63
C SER O 156 24.39 44.17 27.39
N LYS O 157 25.11 44.65 26.41
CA LYS O 157 25.13 46.11 26.19
C LYS O 157 23.75 46.75 26.20
N ALA O 158 22.69 45.98 25.94
CA ALA O 158 21.31 46.48 25.84
C ALA O 158 20.48 46.22 27.10
N ILE O 159 21.13 46.27 28.25
CA ILE O 159 20.56 45.90 29.54
C ILE O 159 21.37 46.67 30.60
N GLU O 160 22.44 46.07 31.14
CA GLU O 160 23.53 46.79 31.78
C GLU O 160 23.14 48.25 32.13
N ASN O 161 22.90 48.55 33.43
CA ASN O 161 22.45 49.92 33.83
C ASN O 161 23.34 51.14 33.34
N LEU O 162 24.60 50.91 32.90
CA LEU O 162 25.41 51.89 32.10
C LEU O 162 25.97 53.18 32.71
N GLY O 163 27.04 53.09 33.56
CA GLY O 163 27.77 54.26 34.13
C GLY O 163 28.67 55.03 33.15
N ASP O 164 29.65 55.80 33.67
CA ASP O 164 30.76 56.40 32.84
C ASP O 164 31.58 57.43 33.59
N SER O 167 28.16 58.74 27.63
CA SER O 167 27.79 57.47 28.24
C SER O 167 26.25 57.34 28.22
N GLN O 168 25.58 58.05 27.29
CA GLN O 168 24.31 57.59 26.64
C GLN O 168 24.52 57.52 25.09
N GLU O 169 24.73 58.67 24.43
CA GLU O 169 25.28 58.72 23.05
C GLU O 169 26.41 57.72 22.88
N GLN O 170 27.27 57.58 23.89
CA GLN O 170 28.40 56.66 23.82
C GLN O 170 27.89 55.20 23.81
N ARG O 171 26.78 54.95 24.54
CA ARG O 171 26.10 53.63 24.57
C ARG O 171 25.19 53.36 23.35
N ASN O 172 24.46 54.40 22.95
CA ASN O 172 23.63 54.35 21.78
C ASN O 172 24.38 54.12 20.49
N GLN O 173 25.64 54.48 20.45
CA GLN O 173 26.45 54.22 19.28
C GLN O 173 26.89 52.80 19.23
N THR O 174 26.93 52.17 20.39
CA THR O 174 27.34 50.78 20.44
C THR O 174 26.17 49.81 20.06
N ILE O 175 24.96 50.04 20.56
CA ILE O 175 23.83 49.14 20.22
C ILE O 175 23.34 49.35 18.75
N GLU O 176 23.67 50.54 18.17
CA GLU O 176 23.37 50.87 16.77
C GLU O 176 24.26 50.08 15.88
N CYS O 177 25.56 50.14 16.11
CA CYS O 177 26.49 49.29 15.37
C CYS O 177 26.10 47.83 15.44
N LEU O 178 25.90 47.35 16.66
CA LEU O 178 25.64 45.93 16.92
C LEU O 178 24.35 45.44 16.30
N VAL O 179 23.35 46.35 16.25
CA VAL O 179 22.08 46.05 15.60
C VAL O 179 22.35 45.80 14.13
N ASN O 180 22.82 46.83 13.47
CA ASN O 180 23.14 46.71 12.10
C ASN O 180 23.93 45.41 11.79
N VAL O 181 25.04 45.14 12.44
CA VAL O 181 25.77 43.87 12.20
C VAL O 181 24.83 42.66 12.42
N LEU O 182 24.04 42.67 13.47
CA LEU O 182 23.21 41.50 13.80
C LEU O 182 22.05 41.27 12.79
N VAL O 183 21.36 42.36 12.43
CA VAL O 183 20.38 42.33 11.37
C VAL O 183 21.03 41.82 10.11
N HIS O 184 22.02 42.51 9.59
CA HIS O 184 22.72 41.97 8.40
C HIS O 184 23.07 40.47 8.43
N TYR O 185 23.42 39.93 9.57
CA TYR O 185 23.67 38.50 9.62
C TYR O 185 22.35 37.75 9.61
N GLY O 186 21.37 38.34 10.27
CA GLY O 186 20.06 37.73 10.33
C GLY O 186 19.51 37.42 8.96
N ILE O 187 19.58 38.41 8.06
CA ILE O 187 18.82 38.30 6.82
C ILE O 187 19.49 37.25 5.93
N GLN O 188 20.80 37.09 6.11
CA GLN O 188 21.57 36.04 5.42
C GLN O 188 21.39 34.69 6.07
N ARG O 189 21.39 34.65 7.40
CA ARG O 189 21.30 33.39 8.16
C ARG O 189 20.20 33.50 9.19
N PRO O 190 18.96 33.31 8.78
CA PRO O 190 17.92 33.32 9.76
C PRO O 190 18.04 32.22 10.85
N LYS O 191 18.33 30.95 10.52
CA LYS O 191 18.28 29.89 11.59
C LYS O 191 19.46 30.00 12.56
N GLU O 192 20.52 30.67 12.13
CA GLU O 192 21.74 30.70 12.92
C GLU O 192 21.55 31.72 14.00
N LEU O 193 21.17 32.91 13.58
CA LEU O 193 20.90 33.99 14.51
C LEU O 193 19.73 33.69 15.44
N SER O 194 18.75 32.89 15.03
CA SER O 194 17.59 32.69 15.89
C SER O 194 17.94 31.62 16.90
N SER O 195 18.88 30.76 16.59
CA SER O 195 19.42 29.89 17.64
C SER O 195 20.29 30.60 18.66
N CYS O 196 21.08 31.57 18.21
CA CYS O 196 21.93 32.31 19.16
C CYS O 196 21.09 33.06 20.16
N PHE O 197 19.90 33.51 19.73
CA PHE O 197 19.00 34.22 20.61
C PHE O 197 18.21 33.30 21.59
N CYS O 198 18.07 32.02 21.28
CA CYS O 198 17.19 31.16 22.02
C CYS O 198 17.42 31.10 23.53
N HIS O 199 18.65 30.92 24.00
CA HIS O 199 18.83 30.83 25.46
C HIS O 199 18.59 32.19 26.09
N HIS O 200 19.12 33.26 25.51
CA HIS O 200 18.95 34.62 26.07
C HIS O 200 17.51 35.08 26.19
N PHE O 201 16.64 34.60 25.31
CA PHE O 201 15.26 35.08 25.25
C PHE O 201 14.51 34.71 26.53
N LEU O 202 14.93 33.61 27.15
CA LEU O 202 14.40 33.14 28.43
C LEU O 202 14.56 34.16 29.54
N ASN O 203 15.69 34.87 29.55
CA ASN O 203 15.90 35.91 30.53
C ASN O 203 15.13 37.15 30.05
N PRO O 204 14.09 37.55 30.80
CA PRO O 204 13.10 38.56 30.39
C PRO O 204 13.54 39.91 29.82
N PRO O 205 14.49 40.58 30.47
CA PRO O 205 14.87 41.90 29.93
C PRO O 205 15.48 41.87 28.53
N THR O 206 15.99 40.72 28.09
CA THR O 206 16.53 40.54 26.73
C THR O 206 15.49 40.63 25.60
N ARG O 207 14.28 40.19 25.92
CA ARG O 207 13.20 39.99 24.95
C ARG O 207 12.85 41.14 24.03
N ILE O 208 12.82 42.37 24.52
CA ILE O 208 12.58 43.45 23.61
C ILE O 208 13.80 43.61 22.70
N PRO O 209 15.00 43.82 23.28
CA PRO O 209 16.15 43.97 22.38
C PRO O 209 16.24 42.92 21.24
N ILE O 210 16.07 41.65 21.59
CA ILE O 210 16.04 40.57 20.61
C ILE O 210 14.91 40.69 19.59
N LEU O 211 13.66 40.64 20.03
CA LEU O 211 12.57 40.77 19.06
C LEU O 211 12.79 41.97 18.15
N SER O 212 13.22 43.10 18.69
CA SER O 212 13.61 44.25 17.86
C SER O 212 14.46 43.88 16.62
N VAL O 213 15.54 43.15 16.86
CA VAL O 213 16.42 42.70 15.79
C VAL O 213 15.70 41.70 14.92
N VAL O 215 12.33 41.02 14.30
CA VAL O 215 11.29 41.56 13.42
C VAL O 215 11.84 42.40 12.28
N GLU O 216 13.08 42.86 12.38
CA GLU O 216 13.67 43.65 11.27
C GLU O 216 14.18 42.68 10.18
N VAL O 217 14.51 41.49 10.62
CA VAL O 217 15.05 40.50 9.75
C VAL O 217 13.91 39.87 8.92
N ILE O 218 12.74 39.81 9.55
CA ILE O 218 11.58 39.22 8.92
C ILE O 218 10.89 40.24 7.99
N ARG O 219 10.91 41.50 8.35
CA ARG O 219 10.41 42.54 7.46
C ARG O 219 10.97 42.32 6.09
N ARG O 220 12.28 42.13 5.96
CA ARG O 220 12.86 41.99 4.60
C ARG O 220 12.28 40.84 3.79
N GLN O 221 11.75 39.82 4.49
CA GLN O 221 11.18 38.64 3.86
C GLN O 221 12.18 38.09 2.86
N GLY O 222 13.45 38.07 3.26
CA GLY O 222 14.44 37.36 2.50
C GLY O 222 14.18 35.88 2.70
N PRO O 223 15.05 35.04 2.15
CA PRO O 223 15.07 33.61 2.46
C PRO O 223 15.83 33.43 3.78
N ARG O 224 15.96 32.23 4.36
CA ARG O 224 15.12 31.08 4.19
C ARG O 224 14.42 30.98 5.53
N LEU O 225 13.42 31.83 5.72
CA LEU O 225 12.81 31.95 7.03
C LEU O 225 12.29 30.62 7.43
N TYR O 226 11.41 30.06 6.64
CA TYR O 226 10.82 28.77 6.94
C TYR O 226 11.57 27.84 7.91
N GLU O 227 12.92 27.93 7.92
CA GLU O 227 13.81 27.19 8.84
C GLU O 227 13.72 27.61 10.29
N ILE O 228 13.45 28.89 10.54
CA ILE O 228 13.42 29.48 11.89
C ILE O 228 12.71 28.69 13.01
N PRO O 229 11.52 28.16 12.73
CA PRO O 229 10.83 27.27 13.68
C PRO O 229 11.58 26.08 14.25
N GLN O 230 12.51 25.48 13.51
CA GLN O 230 13.26 24.33 14.05
C GLN O 230 14.09 24.79 15.23
N THR O 231 14.59 26.03 15.17
CA THR O 231 15.45 26.53 16.23
C THR O 231 14.72 26.46 17.56
N GLY O 232 13.38 26.62 17.53
CA GLY O 232 12.55 26.72 18.74
C GLY O 232 12.36 28.17 19.18
N PHE O 233 12.80 29.09 18.34
CA PHE O 233 12.62 30.50 18.60
C PHE O 233 11.23 30.98 18.39
N TYR O 234 10.47 30.28 17.55
CA TYR O 234 9.05 30.59 17.33
C TYR O 234 8.25 30.15 18.56
N ASP O 235 8.43 28.90 18.99
CA ASP O 235 7.79 28.43 20.21
C ASP O 235 7.92 29.49 21.25
N LEU O 236 9.15 30.02 21.40
CA LEU O 236 9.48 30.99 22.46
C LEU O 236 8.83 32.33 22.29
N VAL O 237 8.56 32.74 21.06
CA VAL O 237 7.90 33.99 20.79
C VAL O 237 6.42 33.85 21.05
N LEU O 238 5.86 32.66 20.85
CA LEU O 238 4.45 32.43 21.17
C LEU O 238 4.23 32.50 22.65
N LYS O 239 5.13 31.85 23.42
CA LYS O 239 5.08 32.00 24.86
C LYS O 239 4.98 33.47 25.19
N CYS O 240 5.85 34.28 24.58
CA CYS O 240 5.86 35.69 24.85
C CYS O 240 4.45 36.20 24.64
N ALA O 241 3.91 36.01 23.45
CA ALA O 241 2.57 36.54 23.12
C ALA O 241 1.48 36.02 24.05
N GLU O 242 1.72 34.86 24.66
CA GLU O 242 0.76 34.17 25.51
C GLU O 242 0.85 34.57 26.96
N PHE O 243 2.03 34.99 27.43
CA PHE O 243 2.26 35.10 28.88
C PHE O 243 2.69 36.43 29.39
N ASP O 244 3.69 37.02 28.74
CA ASP O 244 4.20 38.37 29.07
C ASP O 244 3.14 39.49 28.95
N THR O 245 3.53 40.70 29.32
CA THR O 245 2.61 41.73 29.67
C THR O 245 2.84 43.08 29.04
N SER O 246 4.12 43.37 28.79
CA SER O 246 4.52 44.66 28.25
C SER O 246 3.88 44.96 26.86
N PRO O 247 3.02 45.99 26.80
CA PRO O 247 2.53 46.32 25.49
C PRO O 247 3.61 46.37 24.42
N ILE O 248 4.76 46.95 24.71
CA ILE O 248 5.76 47.09 23.68
C ILE O 248 6.25 45.75 23.15
N LEU O 249 6.64 44.90 24.10
CA LEU O 249 7.13 43.57 23.79
C LEU O 249 6.09 42.76 23.04
N LEU O 250 4.84 42.87 23.47
CA LEU O 250 3.75 42.10 22.87
C LEU O 250 3.43 42.55 21.44
N SER O 251 3.58 43.85 21.20
CA SER O 251 3.58 44.41 19.84
C SER O 251 4.60 43.69 18.96
N TYR O 252 5.87 43.62 19.38
CA TYR O 252 6.88 42.97 18.54
C TYR O 252 6.49 41.55 18.26
N ALA O 253 5.97 40.89 19.30
CA ALA O 253 5.72 39.47 19.30
C ALA O 253 4.62 39.20 18.34
N LEU O 254 3.64 40.09 18.28
CA LEU O 254 2.58 39.87 17.33
C LEU O 254 3.12 39.97 15.92
N SER O 255 3.69 41.13 15.58
CA SER O 255 4.27 41.35 14.24
C SER O 255 5.18 40.22 13.77
N PHE O 256 6.05 39.75 14.66
CA PHE O 256 6.88 38.59 14.37
C PHE O 256 6.03 37.36 13.98
N ILE O 257 5.02 37.03 14.78
CA ILE O 257 4.23 35.83 14.43
C ILE O 257 3.34 36.05 13.13
N LEU O 258 2.77 37.24 12.98
CA LEU O 258 2.16 37.66 11.74
C LEU O 258 3.05 37.57 10.51
N ILE O 260 6.06 35.83 10.01
CA ILE O 260 6.60 34.53 9.71
C ILE O 260 5.50 33.49 9.42
N LEU O 261 4.23 33.79 9.70
CA LEU O 261 3.12 32.78 9.54
C LEU O 261 2.79 32.29 8.11
N SER O 262 2.92 33.22 7.16
CA SER O 262 2.88 32.92 5.73
C SER O 262 3.92 31.91 5.32
N HIS O 263 5.09 31.97 5.96
CA HIS O 263 6.21 31.08 5.65
C HIS O 263 6.23 29.82 6.47
N ILE O 264 5.08 29.19 6.69
CA ILE O 264 5.04 27.98 7.51
C ILE O 264 3.89 27.04 7.05
N CYS O 265 2.73 27.15 7.71
CA CYS O 265 1.51 26.34 7.43
C CYS O 265 1.59 24.83 7.65
N ASN O 266 2.66 24.40 8.33
CA ASN O 266 2.74 23.06 8.89
C ASN O 266 2.83 23.15 10.39
N SER O 267 3.67 24.08 10.87
CA SER O 267 3.65 24.47 12.30
C SER O 267 2.35 25.22 12.65
N LEU O 268 1.44 25.37 11.69
CA LEU O 268 0.09 25.81 12.01
C LEU O 268 -0.73 24.72 12.68
N ASP O 269 -0.68 23.50 12.16
CA ASP O 269 -1.45 22.42 12.77
C ASP O 269 -1.09 22.23 14.27
N ASP O 270 0.15 22.54 14.66
CA ASP O 270 0.61 22.28 16.04
C ASP O 270 0.65 23.54 16.92
N SER O 271 0.41 24.70 16.33
CA SER O 271 0.27 25.95 17.08
C SER O 271 -1.16 26.57 16.94
N LEU O 272 -2.12 25.81 16.42
CA LEU O 272 -3.44 26.40 16.11
C LEU O 272 -4.12 26.85 17.38
N TYR O 273 -4.17 25.94 18.36
CA TYR O 273 -4.84 26.29 19.58
C TYR O 273 -4.16 27.48 20.22
N ARG O 274 -2.83 27.53 20.26
CA ARG O 274 -2.12 28.72 20.82
C ARG O 274 -2.57 30.03 20.12
N LEU O 275 -2.78 29.97 18.81
CA LEU O 275 -3.10 31.15 18.00
C LEU O 275 -4.50 31.57 18.31
N PHE O 276 -5.41 30.62 18.44
CA PHE O 276 -6.75 30.98 18.89
C PHE O 276 -6.70 31.80 20.18
N CYS O 277 -6.04 31.27 21.19
CA CYS O 277 -5.99 31.94 22.51
C CYS O 277 -5.24 33.24 22.50
N ILE O 278 -4.17 33.31 21.70
CA ILE O 278 -3.46 34.56 21.42
C ILE O 278 -4.44 35.56 20.77
N TYR O 279 -5.21 35.13 19.76
CA TYR O 279 -6.15 36.05 19.14
C TYR O 279 -7.08 36.63 20.23
N LEU O 280 -7.49 35.77 21.16
CA LEU O 280 -8.43 36.15 22.22
C LEU O 280 -7.71 37.18 23.08
N ARG O 281 -6.68 36.76 23.76
CA ARG O 281 -5.86 37.66 24.53
C ARG O 281 -5.64 39.00 23.88
N PHE O 282 -5.41 39.02 22.57
CA PHE O 282 -4.98 40.26 21.90
C PHE O 282 -6.16 41.19 21.57
N SER O 283 -7.34 40.58 21.49
CA SER O 283 -8.52 41.34 21.18
C SER O 283 -8.96 42.00 22.47
N ILE O 285 -7.23 43.40 24.81
CA ILE O 285 -6.34 44.45 25.25
C ILE O 285 -7.16 45.64 25.73
N ASP O 286 -7.08 45.93 27.03
CA ASP O 286 -7.83 47.03 27.64
C ASP O 286 -6.96 48.26 27.75
N PRO O 287 -7.54 49.45 27.58
CA PRO O 287 -6.73 50.63 27.68
C PRO O 287 -6.43 51.10 29.10
N THR O 288 -6.84 50.33 30.12
CA THR O 288 -6.45 50.56 31.52
C THR O 288 -5.74 49.36 32.12
N SER O 289 -6.32 48.17 32.03
CA SER O 289 -5.68 47.00 32.61
C SER O 289 -4.66 46.38 31.63
N GLY O 290 -4.54 47.00 30.45
CA GLY O 290 -3.72 46.43 29.38
C GLY O 290 -4.07 44.99 29.09
N PHE O 291 -3.10 44.22 28.64
CA PHE O 291 -3.40 42.83 28.27
C PHE O 291 -3.86 42.02 29.46
N PRO O 292 -4.75 41.05 29.21
CA PRO O 292 -5.07 40.04 30.21
C PRO O 292 -3.84 39.39 30.88
N SER O 293 -3.89 39.18 32.19
CA SER O 293 -2.86 38.42 32.89
C SER O 293 -3.06 36.99 32.59
N SER O 294 -2.00 36.29 32.21
CA SER O 294 -2.07 34.84 32.14
C SER O 294 -2.26 34.30 33.53
N THR O 295 -2.55 33.01 33.64
CA THR O 295 -2.67 32.34 34.94
C THR O 295 -1.49 31.36 35.17
N ALA O 296 -1.16 30.59 34.13
CA ALA O 296 -0.21 29.49 34.23
C ALA O 296 1.15 30.11 34.24
N SER O 297 1.77 30.17 33.06
CA SER O 297 3.16 30.60 32.88
C SER O 297 4.09 29.39 32.86
N GLY O 298 3.66 28.23 33.35
CA GLY O 298 4.56 27.08 33.43
C GLY O 298 5.87 27.38 34.16
N ASN O 299 6.97 27.40 33.41
CA ASN O 299 8.24 27.92 33.95
C ASN O 299 8.71 29.20 33.23
N TRP O 300 7.77 29.98 32.69
CA TRP O 300 8.09 30.98 31.69
C TRP O 300 8.76 32.25 32.20
N GLU O 301 8.68 32.57 33.48
CA GLU O 301 9.20 33.88 33.95
C GLU O 301 8.65 35.06 33.09
N VAL O 302 7.58 35.69 33.56
CA VAL O 302 6.79 36.61 32.77
C VAL O 302 7.51 37.94 32.78
N PHE O 303 7.52 38.64 31.65
CA PHE O 303 8.06 39.99 31.56
C PHE O 303 7.00 41.09 31.73
N HIS O 304 7.15 42.01 32.69
CA HIS O 304 6.17 43.11 32.90
C HIS O 304 6.84 44.42 32.75
N ASP O 305 6.10 45.45 32.33
CA ASP O 305 6.77 46.71 32.03
C ASP O 305 7.71 47.16 33.15
N PHE O 306 7.22 47.55 34.30
CA PHE O 306 8.19 47.91 35.32
C PHE O 306 8.32 46.73 36.24
N SER O 308 8.86 45.98 39.32
CA SER O 308 8.88 46.68 40.64
C SER O 308 8.96 45.70 41.83
N SER O 339 -0.24 48.58 12.67
CA SER O 339 0.17 48.07 11.36
C SER O 339 -0.21 46.58 11.16
N LEU O 340 0.05 45.77 12.21
CA LEU O 340 -0.21 44.33 12.25
C LEU O 340 -0.94 43.99 13.53
N ASP O 341 -2.15 44.52 13.72
CA ASP O 341 -2.94 44.23 14.93
C ASP O 341 -3.57 42.82 14.88
N TYR O 342 -4.27 42.45 15.96
CA TYR O 342 -5.13 41.26 16.00
C TYR O 342 -6.04 41.05 14.75
N SER O 343 -6.51 42.15 14.15
CA SER O 343 -7.37 42.08 12.99
C SER O 343 -6.77 41.26 11.88
N GLN O 344 -5.48 41.43 11.58
CA GLN O 344 -4.87 40.58 10.53
C GLN O 344 -4.89 39.12 10.90
N LEU O 345 -4.64 38.83 12.17
CA LEU O 345 -4.57 37.46 12.65
C LEU O 345 -5.90 36.76 12.55
N PHE O 346 -6.98 37.54 12.63
CA PHE O 346 -8.35 37.02 12.52
C PHE O 346 -8.50 36.50 11.12
N SER O 347 -8.08 37.29 10.14
CA SER O 347 -8.23 36.90 8.74
C SER O 347 -7.42 35.69 8.35
N ILE O 348 -6.17 35.67 8.74
CA ILE O 348 -5.41 34.44 8.53
C ILE O 348 -6.09 33.23 9.25
N LEU O 349 -6.65 33.40 10.44
CA LEU O 349 -7.37 32.31 11.11
C LEU O 349 -8.72 31.90 10.54
N TYR O 350 -9.43 32.82 9.90
CA TYR O 350 -10.73 32.54 9.24
C TYR O 350 -10.53 31.70 7.95
N ALA O 351 -9.89 32.25 6.91
CA ALA O 351 -9.27 31.42 5.86
C ALA O 351 -8.49 30.44 6.65
N LEU O 352 -8.38 29.20 6.20
CA LEU O 352 -7.54 28.18 6.94
C LEU O 352 -8.29 27.31 7.97
N TYR O 353 -8.87 27.90 9.00
CA TYR O 353 -9.67 27.09 9.94
C TYR O 353 -10.89 27.82 10.34
N PRO O 354 -11.78 28.13 9.37
CA PRO O 354 -12.95 29.01 9.67
C PRO O 354 -13.91 28.39 10.71
N ILE O 355 -14.35 27.16 10.39
CA ILE O 355 -15.31 26.41 11.16
C ILE O 355 -14.92 26.34 12.64
N ASN O 356 -13.67 25.93 12.91
CA ASN O 356 -13.11 25.78 14.26
C ASN O 356 -12.86 27.12 14.89
N PHE O 357 -12.49 28.11 14.09
CA PHE O 357 -12.16 29.38 14.69
C PHE O 357 -13.46 30.06 15.21
N LEU O 358 -14.47 30.10 14.35
CA LEU O 358 -15.71 30.67 14.77
C LEU O 358 -16.30 29.84 15.90
N GLU O 359 -16.24 28.51 15.78
CA GLU O 359 -16.73 27.64 16.87
C GLU O 359 -16.01 27.93 18.19
N PHE O 360 -14.75 28.35 18.16
CA PHE O 360 -14.01 28.69 19.41
C PHE O 360 -14.44 30.03 19.98
N LEU O 361 -14.61 31.01 19.11
CA LEU O 361 -15.11 32.33 19.47
C LEU O 361 -16.55 32.29 20.03
N ARG O 362 -17.31 31.22 19.79
CA ARG O 362 -18.67 31.21 20.27
C ARG O 362 -18.66 30.83 21.76
N ASP O 363 -17.92 29.80 22.10
CA ASP O 363 -17.64 29.56 23.48
C ASP O 363 -16.22 29.09 23.63
N PRO O 364 -15.26 30.04 23.86
CA PRO O 364 -13.83 29.69 24.04
C PRO O 364 -13.64 28.58 25.08
N LYS O 365 -14.16 28.79 26.28
CA LYS O 365 -14.00 27.81 27.35
C LYS O 365 -14.56 26.41 27.03
N LEU O 366 -15.60 26.33 26.22
CA LEU O 366 -16.19 25.04 25.89
C LEU O 366 -15.19 24.41 24.95
N TYR O 367 -14.99 25.02 23.76
CA TYR O 367 -14.05 24.51 22.77
C TYR O 367 -12.75 23.99 23.37
N ALA O 368 -12.29 24.59 24.46
CA ALA O 368 -10.99 24.24 25.03
C ALA O 368 -10.96 22.91 25.73
N SER O 369 -12.04 22.53 26.40
CA SER O 369 -12.22 21.10 26.72
C SER O 369 -12.61 20.56 25.37
N LYS O 370 -12.42 19.28 25.12
CA LYS O 370 -12.74 18.74 23.80
C LYS O 370 -11.63 19.01 22.84
N HIS O 371 -10.70 19.85 23.27
CA HIS O 371 -9.48 20.09 22.55
C HIS O 371 -8.29 20.22 23.54
N ASN O 372 -8.50 19.83 24.80
CA ASN O 372 -7.39 19.56 25.69
C ASN O 372 -6.53 20.77 25.93
N PHE O 373 -7.12 21.94 26.10
CA PHE O 373 -6.36 23.14 26.57
C PHE O 373 -7.17 24.01 27.55
N GLN O 374 -6.58 25.09 28.03
CA GLN O 374 -7.21 25.89 29.05
C GLN O 374 -7.15 27.35 28.69
N ILE O 375 -8.27 28.04 28.85
CA ILE O 375 -8.24 29.47 28.64
C ILE O 375 -7.59 30.07 29.91
N ARG O 376 -6.56 30.89 29.74
CA ARG O 376 -5.83 31.47 30.89
C ARG O 376 -6.11 32.95 31.17
N TYR O 377 -7.05 33.56 30.44
CA TYR O 377 -7.39 34.95 30.64
C TYR O 377 -8.84 35.00 31.08
N SER O 378 -9.15 35.93 31.98
CA SER O 378 -10.51 36.43 32.07
C SER O 378 -10.75 37.18 30.72
N PHE O 379 -11.98 37.10 30.21
CA PHE O 379 -12.32 37.87 29.02
C PHE O 379 -13.81 38.25 28.99
N ASN O 380 -14.14 39.34 28.29
CA ASN O 380 -15.53 39.68 28.05
C ASN O 380 -16.22 38.92 26.87
N GLN O 381 -17.08 37.93 27.18
CA GLN O 381 -17.77 37.23 26.10
C GLN O 381 -18.49 38.16 25.14
N GLU O 382 -19.31 39.05 25.67
CA GLU O 382 -20.16 39.84 24.77
C GLU O 382 -19.37 40.83 23.91
N LEU O 383 -18.11 41.01 24.29
CA LEU O 383 -17.23 41.96 23.66
C LEU O 383 -16.34 41.26 22.65
N LEU O 384 -15.81 40.12 23.07
CA LEU O 384 -15.16 39.22 22.15
C LEU O 384 -16.09 39.07 20.96
N SER O 385 -17.39 38.96 21.25
CA SER O 385 -18.36 38.69 20.21
C SER O 385 -18.61 39.94 19.36
N THR O 386 -18.77 41.10 19.99
CA THR O 386 -19.04 42.31 19.21
C THR O 386 -17.90 42.56 18.24
N LYS O 387 -16.70 42.51 18.80
CA LYS O 387 -15.46 42.86 18.11
C LYS O 387 -15.19 41.91 16.97
N SER O 388 -15.42 40.63 17.22
CA SER O 388 -15.26 39.61 16.21
C SER O 388 -16.29 39.83 15.15
N ASP O 389 -17.56 39.84 15.50
CA ASP O 389 -18.59 39.97 14.46
C ASP O 389 -18.31 41.11 13.48
N GLY O 390 -17.73 42.19 13.97
CA GLY O 390 -17.36 43.30 13.10
C GLY O 390 -16.32 42.98 12.03
N LEU O 391 -15.30 42.23 12.41
CA LEU O 391 -14.26 41.71 11.51
C LEU O 391 -14.81 40.64 10.59
N LEU O 392 -15.68 39.76 11.11
CA LEU O 392 -16.33 38.75 10.28
C LEU O 392 -17.16 39.35 9.13
N GLY O 393 -17.85 40.45 9.41
CA GLY O 393 -18.67 41.13 8.42
C GLY O 393 -17.92 41.73 7.25
N ARG O 394 -16.62 41.86 7.43
CA ARG O 394 -15.77 42.26 6.33
C ARG O 394 -15.33 41.05 5.51
N HIS O 395 -15.84 39.83 5.74
CA HIS O 395 -15.30 38.68 5.01
C HIS O 395 -16.35 37.98 4.19
N LEU O 396 -15.97 37.36 3.09
CA LEU O 396 -16.92 36.55 2.32
C LEU O 396 -17.20 35.25 3.00
N ALA O 397 -18.29 34.63 2.58
CA ALA O 397 -18.72 33.39 3.17
C ALA O 397 -17.79 32.28 2.69
N HIS O 398 -17.41 31.38 3.59
CA HIS O 398 -16.30 30.43 3.32
C HIS O 398 -16.88 29.07 2.96
N SER O 399 -16.35 28.44 1.91
CA SER O 399 -16.92 27.17 1.44
C SER O 399 -16.58 25.97 2.33
N ASN O 400 -15.84 26.20 3.41
CA ASN O 400 -15.47 25.11 4.25
C ASN O 400 -16.76 24.61 4.79
N PHE O 401 -17.72 25.53 4.95
CA PHE O 401 -19.03 25.20 5.55
C PHE O 401 -19.93 24.31 4.69
N LEU O 402 -19.65 24.22 3.38
CA LEU O 402 -20.36 23.27 2.49
C LEU O 402 -19.69 21.94 2.52
N LYS O 403 -18.38 21.92 2.79
CA LYS O 403 -17.56 20.72 2.64
C LYS O 403 -17.03 20.05 3.93
N TYR O 404 -17.02 20.69 5.08
CA TYR O 404 -16.37 20.09 6.27
C TYR O 404 -17.10 20.26 7.57
N THR O 405 -16.91 19.30 8.48
CA THR O 405 -17.29 19.45 9.90
C THR O 405 -16.07 20.06 10.55
N ALA O 406 -16.22 20.49 11.79
CA ALA O 406 -15.09 21.01 12.53
C ALA O 406 -14.00 19.98 12.81
N GLU O 407 -14.28 18.65 12.86
CA GLU O 407 -13.19 17.62 12.90
C GLU O 407 -12.63 17.32 11.52
N THR O 408 -13.44 17.21 10.47
CA THR O 408 -12.88 16.92 9.12
C THR O 408 -11.95 18.09 8.73
N GLU O 409 -12.33 19.29 9.15
CA GLU O 409 -11.52 20.48 8.89
C GLU O 409 -10.09 20.38 9.46
N LEU O 410 -9.91 19.67 10.57
CA LEU O 410 -8.55 19.46 11.09
C LEU O 410 -7.92 18.23 10.45
N THR O 411 -8.72 17.21 10.14
CA THR O 411 -8.19 15.88 9.90
C THR O 411 -8.52 15.50 8.50
N ASP O 412 -8.11 16.28 7.54
CA ASP O 412 -8.32 15.84 6.16
C ASP O 412 -7.30 16.44 5.27
N LYS O 413 -6.23 15.70 5.02
CA LYS O 413 -5.11 16.29 4.32
C LYS O 413 -5.53 16.69 2.92
N SER O 414 -6.29 15.83 2.26
CA SER O 414 -6.69 16.09 0.87
C SER O 414 -7.27 17.51 0.66
N ARG O 415 -7.76 18.13 1.75
CA ARG O 415 -8.29 19.51 1.69
C ARG O 415 -7.28 20.51 1.17
N TRP O 416 -5.99 20.20 1.34
CA TRP O 416 -4.93 21.16 1.04
C TRP O 416 -4.43 21.03 -0.37
N THR O 417 -4.97 20.07 -1.13
CA THR O 417 -4.57 19.92 -2.53
C THR O 417 -5.32 20.93 -3.40
N ARG O 418 -6.38 21.53 -2.88
CA ARG O 418 -6.99 22.70 -3.55
C ARG O 418 -5.96 23.85 -3.68
N LEU O 419 -5.01 23.92 -2.74
CA LEU O 419 -4.02 25.03 -2.64
C LEU O 419 -3.01 25.08 -3.78
N ASP O 420 -2.28 23.99 -4.02
CA ASP O 420 -1.41 23.88 -5.19
C ASP O 420 -2.05 24.57 -6.41
N SER O 421 -3.37 24.44 -6.52
CA SER O 421 -4.18 24.94 -7.64
C SER O 421 -4.29 26.47 -7.65
N ILE O 422 -4.66 27.01 -6.48
CA ILE O 422 -4.87 28.46 -6.30
C ILE O 422 -3.55 29.18 -6.05
N ALA O 423 -2.46 28.43 -5.95
CA ALA O 423 -1.12 29.00 -5.95
C ALA O 423 -0.70 29.39 -7.36
N VAL O 424 -0.75 28.41 -8.26
CA VAL O 424 -0.32 28.58 -9.67
C VAL O 424 -1.06 29.78 -10.22
N VAL O 425 -2.35 29.82 -9.92
CA VAL O 425 -3.22 30.78 -10.56
C VAL O 425 -2.92 32.16 -10.01
N ALA O 426 -2.77 32.26 -8.70
CA ALA O 426 -2.32 33.50 -8.03
C ALA O 426 -1.01 34.08 -8.59
N LEU O 427 -0.03 33.19 -8.75
CA LEU O 427 1.26 33.48 -9.37
C LEU O 427 1.13 34.08 -10.77
N CYS O 428 0.24 33.51 -11.61
CA CYS O 428 0.09 33.93 -13.02
C CYS O 428 -0.58 35.25 -13.28
N ASN O 429 -1.42 35.70 -12.35
CA ASN O 429 -2.01 37.02 -12.40
C ASN O 429 -1.13 38.04 -11.68
N SER O 430 -0.09 37.56 -11.01
CA SER O 430 0.92 38.45 -10.43
C SER O 430 1.96 38.85 -11.49
N LEU O 431 2.05 38.04 -12.55
CA LEU O 431 2.96 38.25 -13.70
C LEU O 431 2.35 39.06 -14.84
N ASN O 432 1.04 39.30 -14.77
CA ASN O 432 0.40 40.14 -15.78
C ASN O 432 0.62 41.62 -15.49
N ALA O 433 0.66 42.38 -16.57
CA ALA O 433 0.83 43.81 -16.52
C ALA O 433 -0.43 44.55 -16.94
N VAL O 434 -1.29 43.90 -17.75
CA VAL O 434 -2.46 44.56 -18.42
C VAL O 434 -2.09 44.83 -19.89
N PRO P 5 -42.69 -10.99 6.84
CA PRO P 5 -42.30 -9.68 6.29
C PRO P 5 -42.38 -9.60 4.77
N LEU P 6 -41.80 -10.61 4.11
CA LEU P 6 -41.57 -10.62 2.66
C LEU P 6 -42.85 -10.91 1.85
N GLN P 7 -43.76 -11.63 2.48
CA GLN P 7 -44.98 -12.14 1.82
C GLN P 7 -45.78 -10.95 1.26
N SER P 8 -46.21 -10.10 2.18
CA SER P 8 -47.00 -8.90 1.89
C SER P 8 -46.40 -8.04 0.77
N LEU P 9 -45.08 -7.82 0.84
CA LEU P 9 -44.34 -7.07 -0.19
C LEU P 9 -44.62 -7.66 -1.57
N VAL P 10 -44.45 -8.99 -1.69
CA VAL P 10 -44.58 -9.69 -2.98
C VAL P 10 -45.99 -9.55 -3.55
N LYS P 11 -46.97 -9.61 -2.66
CA LYS P 11 -48.36 -9.41 -3.05
C LYS P 11 -48.52 -8.06 -3.76
N ALA P 12 -48.02 -7.01 -3.11
CA ALA P 12 -48.06 -5.62 -3.63
C ALA P 12 -47.40 -5.55 -4.99
N LEU P 13 -46.21 -6.16 -5.06
CA LEU P 13 -45.38 -6.26 -6.26
C LEU P 13 -46.15 -6.82 -7.46
N TRP P 14 -46.80 -7.98 -7.29
CA TRP P 14 -47.63 -8.56 -8.35
C TRP P 14 -48.80 -7.64 -8.73
N ASN P 15 -49.41 -7.04 -7.69
CA ASN P 15 -50.59 -6.18 -7.84
C ASN P 15 -50.28 -5.01 -8.71
N VAL P 16 -49.17 -4.36 -8.35
CA VAL P 16 -48.75 -3.10 -8.91
C VAL P 16 -48.25 -3.21 -10.35
N LEU P 17 -47.87 -4.43 -10.78
CA LEU P 17 -47.53 -4.68 -12.18
C LEU P 17 -48.65 -5.44 -12.92
N HIS P 18 -49.91 -5.22 -12.44
CA HIS P 18 -51.18 -5.57 -13.14
C HIS P 18 -52.28 -4.59 -12.77
N ASP P 27 -49.58 4.01 -9.72
CA ASP P 27 -50.53 3.78 -8.64
C ASP P 27 -49.88 3.01 -7.45
N LEU P 28 -48.74 3.51 -6.98
CA LEU P 28 -47.75 2.70 -6.23
C LEU P 28 -47.85 2.62 -4.68
N THR P 29 -48.57 3.56 -4.06
CA THR P 29 -48.60 3.80 -2.58
C THR P 29 -48.41 2.61 -1.59
N GLU P 30 -49.19 1.54 -1.83
CA GLU P 30 -49.22 0.35 -0.97
C GLU P 30 -47.81 -0.19 -0.85
N LEU P 31 -47.23 -0.45 -2.02
CA LEU P 31 -45.89 -1.01 -2.21
C LEU P 31 -44.84 -0.25 -1.41
N ILE P 32 -44.86 1.07 -1.57
CA ILE P 32 -43.86 1.99 -1.04
C ILE P 32 -43.76 1.86 0.48
N ALA P 33 -44.94 1.76 1.11
CA ALA P 33 -45.08 1.53 2.54
C ALA P 33 -44.82 0.07 2.93
N GLU P 34 -45.19 -0.88 2.07
CA GLU P 34 -44.87 -2.31 2.29
C GLU P 34 -43.36 -2.58 2.20
N VAL P 35 -42.62 -1.65 1.57
CA VAL P 35 -41.18 -1.65 1.69
C VAL P 35 -40.77 -1.04 3.01
N GLU P 36 -41.35 0.12 3.32
CA GLU P 36 -40.94 0.87 4.51
C GLU P 36 -41.18 0.05 5.78
N SER P 37 -42.22 -0.79 5.76
CA SER P 37 -42.43 -1.77 6.81
C SER P 37 -41.37 -2.88 6.74
N TYR P 38 -41.12 -3.43 5.56
CA TYR P 38 -39.99 -4.38 5.39
C TYR P 38 -38.70 -3.73 5.88
N GLN P 39 -38.45 -2.49 5.44
CA GLN P 39 -37.18 -1.81 5.67
C GLN P 39 -36.77 -1.83 7.14
N GLN P 40 -37.78 -1.79 8.02
CA GLN P 40 -37.56 -1.85 9.46
C GLN P 40 -36.99 -3.22 9.91
N ARG P 41 -37.76 -4.31 9.78
CA ARG P 41 -37.29 -5.66 10.16
C ARG P 41 -35.83 -5.97 9.71
N TYR P 42 -35.45 -5.45 8.53
CA TYR P 42 -34.09 -5.60 8.00
C TYR P 42 -33.48 -4.24 7.67
N PRO P 43 -32.63 -3.75 8.56
CA PRO P 43 -31.87 -2.55 8.24
C PRO P 43 -30.54 -2.84 7.49
N LYS P 44 -30.37 -4.04 6.97
CA LYS P 44 -29.21 -4.38 6.13
C LYS P 44 -29.67 -5.44 5.15
N GLN P 45 -29.21 -5.35 3.90
CA GLN P 45 -29.83 -6.14 2.86
C GLN P 45 -29.65 -7.62 3.12
N ASN P 46 -30.70 -8.35 2.76
CA ASN P 46 -30.80 -9.78 2.99
C ASN P 46 -30.39 -10.58 1.75
N PRO P 47 -29.22 -11.25 1.79
CA PRO P 47 -28.83 -11.98 0.57
C PRO P 47 -29.76 -13.14 0.24
N THR P 48 -30.53 -13.60 1.23
CA THR P 48 -31.50 -14.68 1.00
C THR P 48 -32.73 -14.17 0.28
N ASN P 49 -33.35 -13.11 0.83
CA ASN P 49 -34.52 -12.47 0.20
C ASN P 49 -34.16 -11.83 -1.15
N SER P 50 -33.01 -11.14 -1.21
CA SER P 50 -32.55 -10.58 -2.48
C SER P 50 -32.79 -11.62 -3.58
N GLN P 51 -32.03 -12.72 -3.51
CA GLN P 51 -32.18 -13.89 -4.39
C GLN P 51 -33.64 -14.18 -4.77
N LYS P 52 -34.50 -14.15 -3.74
CA LYS P 52 -35.94 -14.43 -3.86
C LYS P 52 -36.69 -13.36 -4.65
N ILE P 53 -36.40 -12.09 -4.34
CA ILE P 53 -37.12 -10.93 -4.92
C ILE P 53 -36.68 -10.77 -6.39
N ARG P 54 -35.40 -11.01 -6.56
CA ARG P 54 -34.81 -11.04 -7.86
C ARG P 54 -35.52 -12.16 -8.67
N HIS P 55 -35.64 -13.32 -8.04
CA HIS P 55 -36.31 -14.49 -8.60
C HIS P 55 -37.76 -14.23 -9.02
N ILE P 56 -38.52 -13.65 -8.08
CA ILE P 56 -39.91 -13.23 -8.29
C ILE P 56 -39.97 -12.37 -9.55
N LEU P 57 -39.15 -11.31 -9.57
CA LEU P 57 -39.13 -10.32 -10.63
C LEU P 57 -38.94 -11.01 -11.97
N ASP P 58 -38.00 -11.96 -11.97
CA ASP P 58 -37.60 -12.74 -13.13
C ASP P 58 -38.78 -13.45 -13.81
N GLU P 59 -39.79 -13.85 -13.03
CA GLU P 59 -41.06 -14.44 -13.56
C GLU P 59 -42.00 -13.35 -14.11
N ILE P 60 -42.14 -12.27 -13.34
CA ILE P 60 -42.96 -11.15 -13.75
C ILE P 60 -42.42 -10.51 -15.01
N TYR P 61 -41.09 -10.53 -15.21
CA TYR P 61 -40.51 -10.00 -16.45
C TYR P 61 -41.06 -10.77 -17.67
N GLU P 62 -41.39 -12.04 -17.47
CA GLU P 62 -41.87 -12.89 -18.56
C GLU P 62 -43.39 -12.76 -18.70
N LYS P 63 -44.08 -12.62 -17.56
CA LYS P 63 -45.48 -12.15 -17.54
C LYS P 63 -45.62 -10.79 -18.22
N THR P 64 -44.95 -9.77 -17.66
CA THR P 64 -44.94 -8.39 -18.16
C THR P 64 -43.49 -7.96 -18.53
N PRO P 65 -43.22 -7.59 -19.82
CA PRO P 65 -41.85 -7.21 -20.17
C PRO P 65 -41.65 -5.69 -20.32
N PHE P 66 -40.80 -5.26 -21.23
CA PHE P 66 -40.38 -3.87 -21.32
C PHE P 66 -40.57 -3.34 -22.76
N ASN P 67 -41.81 -3.42 -23.27
CA ASN P 67 -42.06 -3.31 -24.74
C ASN P 67 -42.92 -2.15 -25.25
N ASN P 68 -43.72 -1.58 -24.37
CA ASN P 68 -44.51 -0.38 -24.67
C ASN P 68 -44.20 0.59 -23.55
N THR P 69 -44.72 1.80 -23.66
CA THR P 69 -44.23 2.90 -22.82
C THR P 69 -44.77 2.82 -21.36
N ARG P 70 -46.02 2.35 -21.23
CA ARG P 70 -46.70 2.20 -19.94
C ARG P 70 -46.06 1.14 -19.07
N ARG P 71 -45.48 0.14 -19.73
CA ARG P 71 -44.84 -0.95 -19.06
C ARG P 71 -43.51 -0.49 -18.51
N ARG P 72 -42.84 0.40 -19.25
CA ARG P 72 -41.49 0.88 -18.88
C ARG P 72 -41.56 1.83 -17.68
N ILE P 73 -42.44 2.83 -17.82
CA ILE P 73 -42.77 3.74 -16.74
C ILE P 73 -43.01 2.93 -15.48
N LEU P 74 -43.72 1.83 -15.59
CA LEU P 74 -43.98 1.01 -14.43
C LEU P 74 -42.66 0.41 -13.92
N TRP P 75 -41.98 -0.35 -14.78
CA TRP P 75 -40.79 -1.14 -14.35
C TRP P 75 -39.74 -0.28 -13.67
N LEU P 76 -39.45 0.86 -14.29
CA LEU P 76 -38.45 1.76 -13.75
C LEU P 76 -38.89 2.26 -12.39
N ALA P 77 -40.10 2.81 -12.35
CA ALA P 77 -40.68 3.20 -11.08
C ALA P 77 -40.42 2.13 -10.02
N VAL P 78 -40.73 0.89 -10.34
CA VAL P 78 -40.74 -0.14 -9.32
C VAL P 78 -39.29 -0.40 -8.93
N LEU P 79 -38.46 -0.71 -9.91
CA LEU P 79 -37.06 -1.04 -9.68
C LEU P 79 -36.39 0.01 -8.81
N LYS P 80 -36.74 1.28 -9.04
CA LYS P 80 -36.26 2.37 -8.22
C LYS P 80 -36.62 2.07 -6.77
N THR P 81 -37.90 1.88 -6.50
CA THR P 81 -38.38 1.72 -5.13
C THR P 81 -37.88 0.46 -4.39
N VAL P 82 -37.52 -0.61 -5.12
CA VAL P 82 -37.11 -1.90 -4.47
C VAL P 82 -35.61 -2.26 -4.52
N ILE P 83 -34.80 -1.49 -5.25
CA ILE P 83 -33.41 -1.90 -5.45
C ILE P 83 -32.55 -1.77 -4.19
N PRO P 84 -32.86 -0.80 -3.30
CA PRO P 84 -31.95 -0.72 -2.15
C PRO P 84 -31.92 -2.03 -1.31
N LEU P 85 -33.08 -2.69 -1.25
CA LEU P 85 -33.24 -3.98 -0.56
C LEU P 85 -32.36 -5.12 -1.11
N LEU P 86 -31.96 -5.03 -2.37
CA LEU P 86 -31.22 -6.11 -3.03
C LEU P 86 -29.69 -6.04 -2.86
N ILE P 87 -29.06 -7.18 -3.11
CA ILE P 87 -27.63 -7.33 -3.39
C ILE P 87 -27.49 -7.94 -4.81
N LEU P 88 -26.60 -7.38 -5.62
CA LEU P 88 -26.31 -7.90 -6.98
C LEU P 88 -24.81 -8.19 -7.24
N ASP P 89 -24.52 -8.72 -8.44
CA ASP P 89 -23.15 -8.87 -8.95
C ASP P 89 -23.05 -8.68 -10.49
N ARG P 90 -21.82 -8.84 -11.00
CA ARG P 90 -21.53 -8.80 -12.44
C ARG P 90 -22.52 -9.59 -13.26
N GLN P 91 -22.71 -10.81 -12.82
CA GLN P 91 -23.63 -11.70 -13.49
C GLN P 91 -25.01 -11.01 -13.55
N ALA P 92 -25.44 -10.52 -12.39
CA ALA P 92 -26.75 -9.87 -12.26
C ALA P 92 -26.96 -8.62 -13.14
N VAL P 93 -25.98 -7.70 -13.13
CA VAL P 93 -26.18 -6.39 -13.77
C VAL P 93 -26.19 -6.58 -15.29
N GLY P 94 -25.58 -7.67 -15.77
CA GLY P 94 -25.70 -8.08 -17.17
C GLY P 94 -27.14 -8.26 -17.59
N GLU P 95 -27.93 -8.80 -16.67
CA GLU P 95 -29.35 -8.99 -16.93
C GLU P 95 -30.07 -7.65 -17.02
N TRP P 96 -29.80 -6.74 -16.06
CA TRP P 96 -30.45 -5.41 -16.06
C TRP P 96 -29.87 -4.56 -17.20
N TRP P 97 -28.62 -4.84 -17.57
CA TRP P 97 -28.05 -4.16 -18.72
C TRP P 97 -28.82 -4.57 -19.98
N ASP P 98 -29.09 -5.88 -20.06
CA ASP P 98 -29.76 -6.45 -21.21
C ASP P 98 -31.23 -6.14 -21.23
N GLN P 99 -31.92 -6.46 -20.13
CA GLN P 99 -33.38 -6.46 -20.11
C GLN P 99 -34.03 -5.13 -19.76
N ILE P 100 -33.24 -4.18 -19.22
CA ILE P 100 -33.77 -2.87 -18.74
C ILE P 100 -33.01 -1.60 -19.21
N PHE P 101 -31.72 -1.49 -18.88
CA PHE P 101 -30.89 -0.33 -19.29
C PHE P 101 -30.64 -0.18 -20.80
N PHE P 102 -30.04 -1.19 -21.44
CA PHE P 102 -29.78 -1.12 -22.89
C PHE P 102 -31.04 -0.78 -23.69
N PRO P 103 -32.11 -1.55 -23.44
CA PRO P 103 -33.36 -1.43 -24.17
C PRO P 103 -33.88 -0.01 -24.13
N PHE P 104 -33.66 0.66 -22.99
CA PHE P 104 -34.07 2.04 -22.82
C PHE P 104 -33.14 2.96 -23.60
N LEU P 105 -31.87 2.89 -23.26
CA LEU P 105 -30.90 3.81 -23.82
C LEU P 105 -30.88 3.69 -25.34
N ASN P 106 -31.17 2.49 -25.85
CA ASN P 106 -31.18 2.30 -27.29
C ASN P 106 -32.37 2.91 -28.06
N SER P 107 -33.59 2.77 -27.56
CA SER P 107 -34.68 3.67 -28.01
C SER P 107 -35.33 4.30 -26.78
N PRO P 108 -34.75 5.41 -26.31
CA PRO P 108 -35.11 5.99 -25.03
C PRO P 108 -36.44 6.70 -25.12
N THR P 109 -37.12 6.77 -23.97
CA THR P 109 -38.48 7.28 -23.83
C THR P 109 -38.49 8.82 -23.66
N GLN P 110 -39.24 9.51 -24.52
CA GLN P 110 -39.30 11.00 -24.48
C GLN P 110 -40.18 11.59 -23.35
N LEU P 111 -40.21 10.95 -22.19
CA LEU P 111 -40.78 11.56 -20.99
C LEU P 111 -39.59 11.81 -20.06
N LYS P 112 -39.31 13.06 -19.70
CA LYS P 112 -38.12 13.28 -18.86
C LYS P 112 -38.16 12.49 -17.55
N PRO P 113 -39.24 12.62 -16.77
CA PRO P 113 -39.29 11.91 -15.47
C PRO P 113 -39.08 10.39 -15.55
N VAL P 114 -39.19 9.82 -16.75
CA VAL P 114 -38.97 8.38 -16.96
C VAL P 114 -37.48 8.15 -16.93
N PHE P 115 -36.79 8.93 -17.78
CA PHE P 115 -35.35 9.01 -17.74
C PHE P 115 -34.81 9.30 -16.33
N SER P 116 -35.43 10.23 -15.63
CA SER P 116 -34.96 10.53 -14.28
C SER P 116 -34.94 9.27 -13.41
N ASP P 117 -35.97 8.42 -13.54
CA ASP P 117 -36.03 7.15 -12.80
C ASP P 117 -34.92 6.21 -13.25
N LEU P 118 -34.65 6.19 -14.55
CA LEU P 118 -33.54 5.41 -15.10
C LEU P 118 -32.24 5.77 -14.42
N LYS P 119 -31.95 7.07 -14.42
CA LYS P 119 -30.78 7.56 -13.75
C LYS P 119 -30.86 7.10 -12.29
N SER P 120 -31.97 7.36 -11.61
CA SER P 120 -32.02 6.97 -10.20
C SER P 120 -31.40 5.59 -10.01
N ILE P 121 -31.79 4.65 -10.84
CA ILE P 121 -31.31 3.28 -10.64
C ILE P 121 -29.80 3.21 -10.88
N LEU P 122 -29.38 3.55 -12.11
CA LEU P 122 -27.96 3.67 -12.53
C LEU P 122 -26.99 4.29 -11.51
N PHE P 123 -27.35 5.46 -10.98
CA PHE P 123 -26.49 6.14 -9.99
C PHE P 123 -26.46 5.46 -8.59
N TYR P 124 -27.53 4.72 -8.25
CA TYR P 124 -27.58 3.97 -6.98
C TYR P 124 -26.52 2.88 -6.99
N ILE P 125 -26.31 2.34 -8.19
CA ILE P 125 -25.36 1.27 -8.43
C ILE P 125 -23.93 1.83 -8.50
N LEU P 126 -23.80 2.92 -9.27
CA LEU P 126 -22.52 3.59 -9.53
C LEU P 126 -21.90 4.31 -8.33
N ILE P 127 -22.76 5.00 -7.58
CA ILE P 127 -22.36 5.82 -6.43
C ILE P 127 -22.83 5.20 -5.07
N PHE P 128 -21.83 4.94 -4.21
CA PHE P 128 -22.03 4.40 -2.83
C PHE P 128 -21.02 4.95 -1.81
N HIS P 129 -21.36 4.90 -0.53
CA HIS P 129 -20.40 5.29 0.53
C HIS P 129 -19.67 4.14 1.16
N ASP P 130 -20.04 2.92 0.80
CA ASP P 130 -19.63 1.73 1.53
C ASP P 130 -19.31 0.56 0.56
N GLU P 131 -18.03 0.25 0.39
CA GLU P 131 -17.61 -0.86 -0.50
C GLU P 131 -18.00 -2.24 0.05
N ASP P 132 -18.09 -2.32 1.39
CA ASP P 132 -18.42 -3.55 2.12
C ASP P 132 -19.91 -3.83 2.21
N GLU P 133 -20.75 -2.84 1.91
CA GLU P 133 -22.22 -2.93 2.12
C GLU P 133 -22.87 -4.26 1.71
N TRP P 134 -22.39 -4.84 0.62
CA TRP P 134 -23.04 -5.96 -0.05
C TRP P 134 -22.27 -7.25 0.17
N GLY P 135 -21.12 -7.12 0.82
CA GLY P 135 -20.20 -8.24 0.97
C GLY P 135 -19.04 -8.20 0.00
N GLY P 136 -17.83 -8.16 0.55
CA GLY P 136 -16.63 -8.43 -0.22
C GLY P 136 -16.23 -7.29 -1.12
N ASP P 137 -16.33 -7.53 -2.43
CA ASP P 137 -16.04 -6.53 -3.46
C ASP P 137 -17.27 -6.21 -4.33
N LEU P 138 -18.37 -6.98 -4.19
CA LEU P 138 -19.59 -6.93 -5.05
C LEU P 138 -20.23 -5.57 -5.39
N ARG P 139 -20.12 -4.63 -4.45
CA ARG P 139 -20.67 -3.31 -4.60
C ARG P 139 -19.86 -2.54 -5.65
N ARG P 140 -18.53 -2.59 -5.52
CA ARG P 140 -17.59 -1.99 -6.50
C ARG P 140 -17.63 -2.64 -7.88
N GLU P 141 -17.71 -3.96 -7.92
CA GLU P 141 -17.75 -4.71 -9.15
C GLU P 141 -18.95 -4.26 -9.97
N CYS P 142 -20.14 -4.35 -9.36
CA CYS P 142 -21.38 -3.93 -10.03
C CYS P 142 -21.18 -2.60 -10.71
N ALA P 143 -20.68 -1.64 -9.93
CA ALA P 143 -20.35 -0.31 -10.41
C ALA P 143 -19.38 -0.38 -11.56
N GLU P 144 -18.20 -0.94 -11.33
CA GLU P 144 -17.25 -1.17 -12.44
C GLU P 144 -17.97 -1.72 -13.67
N GLU P 145 -18.60 -2.89 -13.54
CA GLU P 145 -19.34 -3.45 -14.69
C GLU P 145 -20.23 -2.43 -15.45
N THR P 146 -20.98 -1.66 -14.68
CA THR P 146 -22.08 -0.89 -15.20
C THR P 146 -21.54 0.33 -15.89
N ILE P 147 -20.55 0.98 -15.28
CA ILE P 147 -19.88 2.10 -15.94
C ILE P 147 -19.09 1.60 -17.15
N THR P 148 -18.49 0.40 -17.08
CA THR P 148 -17.79 -0.12 -18.27
C THR P 148 -18.72 -0.24 -19.46
N ARG P 149 -19.90 -0.81 -19.27
CA ARG P 149 -20.81 -1.06 -20.38
C ARG P 149 -21.42 0.25 -20.89
N LEU P 150 -21.50 1.24 -20.01
CA LEU P 150 -22.10 2.52 -20.35
C LEU P 150 -21.19 3.24 -21.30
N VAL P 151 -19.91 3.23 -20.96
CA VAL P 151 -18.91 3.81 -21.82
C VAL P 151 -18.93 3.11 -23.19
N ASP P 152 -18.80 1.78 -23.19
CA ASP P 152 -18.80 0.95 -24.40
C ASP P 152 -19.97 1.26 -25.32
N LEU P 153 -21.10 1.60 -24.73
CA LEU P 153 -22.26 1.96 -25.52
C LEU P 153 -22.04 3.38 -26.06
N TYR P 154 -21.61 4.30 -25.19
CA TYR P 154 -21.29 5.65 -25.63
C TYR P 154 -20.33 5.76 -26.86
N VAL P 155 -19.24 5.01 -26.81
CA VAL P 155 -18.17 5.10 -27.80
C VAL P 155 -18.66 4.51 -29.10
N SER P 156 -19.09 3.24 -29.08
CA SER P 156 -19.61 2.56 -30.28
C SER P 156 -20.68 3.40 -31.02
N LYS P 157 -21.63 3.93 -30.26
CA LYS P 157 -22.67 4.83 -30.77
C LYS P 157 -22.13 6.14 -31.32
N ALA P 158 -21.11 6.70 -30.68
CA ALA P 158 -20.54 7.94 -31.14
C ALA P 158 -19.98 7.83 -32.55
N ILE P 159 -19.72 6.61 -33.00
CA ILE P 159 -19.09 6.37 -34.28
C ILE P 159 -19.99 5.84 -35.43
N GLU P 160 -20.72 4.74 -35.21
CA GLU P 160 -21.44 3.90 -36.26
C GLU P 160 -21.82 4.61 -37.61
N ASN P 161 -21.87 3.87 -38.73
CA ASN P 161 -22.02 4.46 -40.11
C ASN P 161 -22.99 5.67 -40.24
N LEU P 162 -24.28 5.44 -39.91
CA LEU P 162 -25.31 6.50 -39.63
C LEU P 162 -26.55 6.56 -40.56
N GLY P 163 -27.09 5.41 -40.96
CA GLY P 163 -28.27 5.36 -41.85
C GLY P 163 -29.61 5.79 -41.21
N ASP P 164 -30.63 5.89 -42.08
CA ASP P 164 -32.02 6.18 -41.65
C ASP P 164 -32.93 4.95 -41.73
N SER P 167 -32.93 9.04 -39.75
CA SER P 167 -32.99 8.32 -38.45
C SER P 167 -31.57 7.87 -37.87
N GLN P 168 -30.67 8.86 -37.92
CA GLN P 168 -29.66 9.15 -36.87
C GLN P 168 -30.24 10.23 -35.89
N GLU P 169 -31.54 10.50 -35.99
CA GLU P 169 -32.33 11.17 -34.94
C GLU P 169 -32.63 10.16 -33.83
N GLN P 170 -32.70 8.89 -34.24
CA GLN P 170 -32.83 7.74 -33.33
C GLN P 170 -31.59 7.59 -32.47
N ARG P 171 -30.53 8.22 -32.94
CA ARG P 171 -29.16 8.01 -32.48
C ARG P 171 -28.77 9.13 -31.52
N ASN P 172 -28.99 10.37 -31.92
CA ASN P 172 -28.71 11.52 -31.06
C ASN P 172 -29.39 11.43 -29.72
N GLN P 173 -30.55 10.82 -29.67
CA GLN P 173 -31.24 10.69 -28.41
C GLN P 173 -30.61 9.65 -27.52
N THR P 174 -29.84 8.76 -28.12
CA THR P 174 -29.09 7.84 -27.30
C THR P 174 -27.84 8.54 -26.77
N ILE P 175 -27.02 9.09 -27.66
CA ILE P 175 -25.78 9.69 -27.19
C ILE P 175 -26.05 10.86 -26.22
N GLU P 176 -27.18 11.56 -26.37
CA GLU P 176 -27.54 12.66 -25.45
C GLU P 176 -27.74 12.20 -24.00
N CYS P 177 -28.44 11.09 -23.80
CA CYS P 177 -28.57 10.52 -22.44
C CYS P 177 -27.21 10.13 -21.89
N LEU P 178 -26.51 9.30 -22.66
CA LEU P 178 -25.26 8.69 -22.23
C LEU P 178 -24.25 9.70 -21.78
N VAL P 179 -24.24 10.84 -22.48
CA VAL P 179 -23.38 11.97 -22.14
C VAL P 179 -23.71 12.49 -20.76
N ASN P 180 -24.99 12.80 -20.59
CA ASN P 180 -25.51 13.29 -19.33
C ASN P 180 -25.07 12.34 -18.20
N VAL P 181 -25.38 11.06 -18.38
CA VAL P 181 -25.04 10.07 -17.36
C VAL P 181 -23.55 10.10 -17.12
N LEU P 182 -22.76 9.95 -18.16
CA LEU P 182 -21.33 9.86 -17.97
C LEU P 182 -20.75 11.07 -17.26
N VAL P 183 -21.16 12.27 -17.65
CA VAL P 183 -20.64 13.46 -16.96
C VAL P 183 -20.90 13.40 -15.45
N HIS P 184 -22.18 13.32 -15.09
CA HIS P 184 -22.57 13.17 -13.70
C HIS P 184 -21.77 12.09 -13.01
N TYR P 185 -21.41 11.03 -13.73
CA TYR P 185 -20.59 9.99 -13.11
C TYR P 185 -19.19 10.56 -12.89
N GLY P 186 -18.63 11.07 -13.99
CA GLY P 186 -17.32 11.68 -14.02
C GLY P 186 -17.08 12.76 -13.01
N ILE P 187 -18.05 13.66 -12.83
CA ILE P 187 -17.78 14.82 -11.95
C ILE P 187 -17.69 14.30 -10.54
N GLN P 188 -18.36 13.18 -10.31
CA GLN P 188 -18.29 12.49 -9.03
C GLN P 188 -17.07 11.59 -8.92
N ARG P 189 -16.56 11.07 -10.04
CA ARG P 189 -15.60 9.96 -10.01
C ARG P 189 -14.60 9.99 -11.19
N PRO P 190 -13.76 11.03 -11.26
CA PRO P 190 -12.91 11.18 -12.45
C PRO P 190 -11.84 10.12 -12.61
N LYS P 191 -11.15 9.67 -11.55
CA LYS P 191 -10.16 8.58 -11.73
C LYS P 191 -10.80 7.42 -12.46
N GLU P 192 -12.04 7.10 -12.14
CA GLU P 192 -12.69 5.92 -12.71
C GLU P 192 -12.95 6.18 -14.16
N LEU P 193 -13.67 7.25 -14.45
CA LEU P 193 -14.16 7.48 -15.80
C LEU P 193 -13.01 7.55 -16.75
N SER P 194 -11.95 8.23 -16.33
CA SER P 194 -10.74 8.38 -17.12
C SER P 194 -10.05 7.07 -17.31
N SER P 195 -10.11 6.18 -16.32
CA SER P 195 -9.58 4.82 -16.52
C SER P 195 -10.38 4.08 -17.58
N CYS P 196 -11.71 4.20 -17.56
CA CYS P 196 -12.58 3.51 -18.52
C CYS P 196 -12.40 3.97 -19.97
N PHE P 197 -12.00 5.22 -20.17
CA PHE P 197 -11.86 5.75 -21.53
C PHE P 197 -10.50 5.42 -22.14
N CYS P 198 -9.55 4.94 -21.35
CA CYS P 198 -8.16 4.83 -21.82
C CYS P 198 -7.86 3.82 -22.93
N HIS P 199 -8.42 2.60 -22.87
CA HIS P 199 -8.17 1.62 -23.98
C HIS P 199 -8.89 2.08 -25.23
N HIS P 200 -9.96 2.84 -25.05
CA HIS P 200 -10.74 3.31 -26.18
C HIS P 200 -9.98 4.40 -26.87
N PHE P 201 -9.34 5.22 -26.05
CA PHE P 201 -8.73 6.45 -26.55
C PHE P 201 -7.62 6.15 -27.57
N LEU P 202 -7.02 4.96 -27.46
CA LEU P 202 -6.02 4.46 -28.43
C LEU P 202 -6.55 4.44 -29.88
N ASN P 203 -7.87 4.46 -29.99
CA ASN P 203 -8.55 4.32 -31.25
C ASN P 203 -9.07 5.69 -31.75
N PRO P 204 -8.51 6.20 -32.87
CA PRO P 204 -8.75 7.59 -33.37
C PRO P 204 -10.16 8.16 -33.45
N PRO P 205 -11.12 7.41 -34.03
CA PRO P 205 -12.55 7.83 -34.11
C PRO P 205 -13.24 8.10 -32.79
N THR P 206 -12.73 7.52 -31.71
CA THR P 206 -13.33 7.69 -30.41
C THR P 206 -12.88 9.00 -29.72
N ARG P 207 -11.89 9.69 -30.28
CA ARG P 207 -11.21 10.70 -29.46
C ARG P 207 -11.99 11.99 -29.29
N ILE P 208 -12.63 12.49 -30.33
CA ILE P 208 -13.49 13.65 -30.16
C ILE P 208 -14.60 13.40 -29.12
N PRO P 209 -15.39 12.31 -29.28
CA PRO P 209 -16.44 12.07 -28.27
C PRO P 209 -15.93 11.86 -26.85
N ILE P 210 -14.74 11.32 -26.66
CA ILE P 210 -14.27 11.11 -25.29
C ILE P 210 -13.82 12.47 -24.69
N LEU P 211 -13.08 13.25 -25.45
CA LEU P 211 -12.65 14.50 -24.90
C LEU P 211 -13.85 15.37 -24.65
N SER P 212 -14.78 15.40 -25.61
CA SER P 212 -16.02 16.12 -25.41
C SER P 212 -16.61 15.85 -24.00
N VAL P 213 -16.62 14.59 -23.57
CA VAL P 213 -17.18 14.25 -22.24
C VAL P 213 -16.23 14.68 -21.15
N VAL P 215 -13.71 17.08 -21.17
CA VAL P 215 -13.55 18.53 -20.89
C VAL P 215 -14.73 19.01 -20.09
N GLU P 216 -15.86 18.33 -20.23
CA GLU P 216 -17.08 18.76 -19.55
C GLU P 216 -17.08 18.49 -18.09
N VAL P 217 -16.47 17.38 -17.69
CA VAL P 217 -16.27 17.07 -16.28
C VAL P 217 -15.23 18.05 -15.68
N ILE P 218 -14.06 18.13 -16.25
CA ILE P 218 -13.06 19.10 -15.86
C ILE P 218 -13.54 20.58 -15.81
N ARG P 219 -14.40 21.04 -16.73
CA ARG P 219 -14.88 22.45 -16.71
C ARG P 219 -15.48 22.78 -15.37
N ARG P 220 -16.13 21.80 -14.72
CA ARG P 220 -16.69 22.01 -13.37
C ARG P 220 -15.67 22.37 -12.29
N GLN P 221 -14.40 22.03 -12.53
CA GLN P 221 -13.36 22.06 -11.50
C GLN P 221 -13.88 21.45 -10.18
N GLY P 222 -14.74 20.44 -10.26
CA GLY P 222 -15.17 19.69 -9.09
C GLY P 222 -14.02 18.76 -8.76
N PRO P 223 -14.11 18.02 -7.65
CA PRO P 223 -12.99 17.23 -7.14
C PRO P 223 -13.03 15.78 -7.63
N ARG P 224 -11.97 14.99 -7.42
CA ARG P 224 -10.65 15.47 -7.09
C ARG P 224 -9.89 15.06 -8.31
N LEU P 225 -9.74 16.03 -9.22
CA LEU P 225 -9.13 15.84 -10.56
C LEU P 225 -7.68 15.37 -10.53
N TYR P 226 -6.94 15.70 -9.48
CA TYR P 226 -5.53 15.30 -9.32
C TYR P 226 -5.32 13.78 -9.44
N GLU P 227 -6.42 13.01 -9.34
CA GLU P 227 -6.39 11.55 -9.50
C GLU P 227 -6.26 11.05 -10.94
N ILE P 228 -6.39 11.96 -11.93
CA ILE P 228 -6.40 11.57 -13.36
C ILE P 228 -5.03 11.17 -13.91
N PRO P 229 -4.01 12.04 -13.78
CA PRO P 229 -2.77 11.63 -14.45
C PRO P 229 -2.32 10.19 -14.11
N GLN P 230 -2.67 9.71 -12.92
CA GLN P 230 -2.46 8.32 -12.50
C GLN P 230 -2.96 7.25 -13.43
N THR P 231 -4.06 7.54 -14.11
CA THR P 231 -4.68 6.59 -15.02
C THR P 231 -3.92 6.47 -16.37
N GLY P 232 -3.05 7.44 -16.65
CA GLY P 232 -2.40 7.56 -17.94
C GLY P 232 -3.26 8.25 -18.99
N PHE P 233 -4.42 8.76 -18.59
CA PHE P 233 -5.27 9.46 -19.55
C PHE P 233 -4.72 10.82 -19.88
N TYR P 234 -3.95 11.40 -18.96
CA TYR P 234 -3.28 12.65 -19.23
C TYR P 234 -2.26 12.37 -20.32
N ASP P 235 -1.45 11.32 -20.12
CA ASP P 235 -0.41 11.02 -21.10
C ASP P 235 -1.00 10.84 -22.52
N LEU P 236 -2.06 10.07 -22.61
CA LEU P 236 -2.77 9.87 -23.86
C LEU P 236 -3.15 11.18 -24.52
N VAL P 237 -3.78 12.08 -23.77
CA VAL P 237 -4.25 13.33 -24.34
C VAL P 237 -3.07 14.08 -24.92
N LEU P 238 -1.96 14.13 -24.15
CA LEU P 238 -0.77 14.82 -24.61
C LEU P 238 -0.32 14.30 -25.96
N LYS P 239 -0.41 12.98 -26.20
CA LYS P 239 -0.05 12.42 -27.51
C LYS P 239 -1.00 12.98 -28.57
N CYS P 240 -2.28 13.03 -28.25
CA CYS P 240 -3.27 13.69 -29.11
C CYS P 240 -2.87 15.11 -29.44
N ALA P 241 -2.33 15.83 -28.47
CA ALA P 241 -1.82 17.21 -28.74
C ALA P 241 -0.55 17.23 -29.57
N GLU P 242 0.28 16.19 -29.43
CA GLU P 242 1.53 16.12 -30.17
C GLU P 242 1.30 15.72 -31.64
N PHE P 243 0.50 14.65 -31.85
CA PHE P 243 0.43 13.95 -33.15
C PHE P 243 -0.83 14.22 -33.98
N ASP P 244 -2.02 14.11 -33.39
CA ASP P 244 -3.27 14.24 -34.17
C ASP P 244 -3.38 15.58 -34.87
N THR P 245 -4.18 15.59 -35.91
CA THR P 245 -4.34 16.75 -36.75
C THR P 245 -5.59 17.60 -36.59
N SER P 246 -6.72 17.01 -36.22
CA SER P 246 -8.02 17.67 -36.33
C SER P 246 -8.10 18.87 -35.46
N PRO P 247 -8.27 20.06 -36.04
CA PRO P 247 -8.46 21.26 -35.21
C PRO P 247 -9.49 21.12 -34.10
N ILE P 248 -10.65 20.61 -34.48
CA ILE P 248 -11.71 20.36 -33.54
C ILE P 248 -11.17 19.57 -32.36
N LEU P 249 -10.58 18.40 -32.68
CA LEU P 249 -10.05 17.52 -31.65
C LEU P 249 -8.95 18.17 -30.84
N LEU P 250 -8.05 18.88 -31.52
CA LEU P 250 -6.93 19.56 -30.86
C LEU P 250 -7.43 20.63 -29.90
N SER P 251 -8.47 21.38 -30.31
CA SER P 251 -8.94 22.45 -29.43
C SER P 251 -9.54 21.89 -28.14
N TYR P 252 -10.05 20.67 -28.21
CA TYR P 252 -10.58 19.97 -27.05
C TYR P 252 -9.44 19.54 -26.15
N ALA P 253 -8.37 19.09 -26.77
CA ALA P 253 -7.22 18.63 -26.04
C ALA P 253 -6.58 19.77 -25.31
N LEU P 254 -6.24 20.84 -26.02
CA LEU P 254 -5.57 21.97 -25.39
C LEU P 254 -6.36 22.49 -24.21
N SER P 255 -7.67 22.39 -24.28
CA SER P 255 -8.51 22.91 -23.21
C SER P 255 -8.51 21.96 -22.05
N PHE P 256 -8.43 20.68 -22.32
CA PHE P 256 -8.27 19.72 -21.26
C PHE P 256 -6.94 19.85 -20.51
N ILE P 257 -5.85 20.05 -21.23
CA ILE P 257 -4.58 20.05 -20.54
C ILE P 257 -4.48 21.36 -19.72
N LEU P 258 -4.81 22.48 -20.36
CA LEU P 258 -4.89 23.78 -19.70
C LEU P 258 -5.72 23.79 -18.42
N ILE P 260 -6.35 21.29 -16.61
CA ILE P 260 -5.92 20.29 -15.64
C ILE P 260 -4.52 20.53 -15.14
N LEU P 261 -3.90 21.61 -15.61
CA LEU P 261 -2.49 21.88 -15.34
C LEU P 261 -2.19 22.55 -13.96
N SER P 262 -3.20 23.25 -13.44
CA SER P 262 -3.18 23.69 -12.03
C SER P 262 -3.25 22.54 -11.04
N HIS P 263 -3.95 21.46 -11.38
CA HIS P 263 -4.11 20.34 -10.45
C HIS P 263 -3.01 19.27 -10.50
N ILE P 264 -1.78 19.67 -10.81
CA ILE P 264 -0.72 18.68 -11.07
C ILE P 264 0.65 19.11 -10.50
N CYS P 265 1.26 20.14 -11.11
CA CYS P 265 2.60 20.71 -10.76
C CYS P 265 3.75 19.77 -10.27
N ASN P 266 3.50 18.46 -10.23
CA ASN P 266 4.50 17.41 -9.94
C ASN P 266 4.77 16.56 -11.17
N SER P 267 3.72 16.36 -11.98
CA SER P 267 3.87 15.77 -13.33
C SER P 267 4.52 16.80 -14.26
N LEU P 268 4.31 18.09 -14.00
CA LEU P 268 4.93 19.08 -14.85
C LEU P 268 6.42 18.79 -15.03
N ASP P 269 7.14 18.32 -14.02
CA ASP P 269 8.53 17.88 -14.22
C ASP P 269 8.70 16.90 -15.36
N ASP P 270 7.73 16.01 -15.50
CA ASP P 270 7.82 14.87 -16.44
C ASP P 270 7.35 15.29 -17.81
N SER P 271 6.16 15.88 -17.84
CA SER P 271 5.59 16.46 -19.08
C SER P 271 6.24 17.78 -19.62
N LEU P 272 7.20 18.36 -18.91
CA LEU P 272 7.57 19.74 -19.19
C LEU P 272 8.04 19.92 -20.60
N TYR P 273 8.96 19.09 -21.03
CA TYR P 273 9.51 19.29 -22.34
C TYR P 273 8.46 19.04 -23.42
N ARG P 274 7.68 17.95 -23.30
CA ARG P 274 6.52 17.74 -24.20
C ARG P 274 5.77 19.04 -24.42
N LEU P 275 5.37 19.64 -23.30
CA LEU P 275 4.59 20.87 -23.27
C LEU P 275 5.25 22.06 -24.00
N PHE P 276 6.58 22.06 -24.03
CA PHE P 276 7.28 23.08 -24.76
C PHE P 276 6.99 22.87 -26.25
N CYS P 277 7.17 21.63 -26.70
CA CYS P 277 6.88 21.25 -28.07
C CYS P 277 5.42 21.41 -28.41
N ILE P 278 4.55 21.23 -27.43
CA ILE P 278 3.14 21.49 -27.68
C ILE P 278 2.84 22.98 -27.92
N TYR P 279 3.38 23.87 -27.07
CA TYR P 279 3.21 25.32 -27.31
C TYR P 279 3.70 25.65 -28.75
N LEU P 280 4.86 25.11 -29.09
CA LEU P 280 5.45 25.39 -30.38
C LEU P 280 4.41 25.04 -31.41
N ARG P 281 3.99 23.77 -31.43
CA ARG P 281 3.00 23.29 -32.40
C ARG P 281 1.78 24.18 -32.44
N PHE P 282 1.21 24.45 -31.28
CA PHE P 282 -0.08 25.17 -31.24
C PHE P 282 -0.01 26.64 -31.62
N SER P 283 1.15 27.25 -31.38
CA SER P 283 1.35 28.65 -31.75
C SER P 283 1.43 28.75 -33.30
N ILE P 285 0.02 27.33 -35.64
CA ILE P 285 -1.19 26.91 -36.36
C ILE P 285 -1.62 27.88 -37.48
N ASP P 286 -1.25 27.50 -38.69
CA ASP P 286 -1.41 28.27 -39.93
C ASP P 286 -2.85 28.16 -40.46
N PRO P 287 -3.34 29.23 -41.11
CA PRO P 287 -4.71 29.38 -41.60
C PRO P 287 -5.13 28.43 -42.69
N THR P 288 -4.16 27.96 -43.44
CA THR P 288 -4.34 27.16 -44.64
C THR P 288 -3.91 25.70 -44.45
N SER P 289 -2.80 25.52 -43.73
CA SER P 289 -2.20 24.19 -43.50
C SER P 289 -2.59 23.54 -42.19
N GLY P 290 -3.35 24.26 -41.35
CA GLY P 290 -3.76 23.71 -40.06
C GLY P 290 -2.51 23.56 -39.24
N PHE P 291 -2.48 22.56 -38.37
CA PHE P 291 -1.33 22.44 -37.44
C PHE P 291 -0.09 21.84 -38.11
N PRO P 292 1.11 22.13 -37.57
CA PRO P 292 2.27 21.38 -38.04
C PRO P 292 2.14 19.89 -37.71
N SER P 293 2.56 19.04 -38.65
CA SER P 293 2.35 17.61 -38.58
C SER P 293 3.58 16.90 -38.08
N SER P 294 3.41 15.96 -37.16
CA SER P 294 4.53 15.16 -36.65
C SER P 294 5.15 14.27 -37.71
N THR P 295 6.37 13.81 -37.45
CA THR P 295 6.99 12.81 -38.31
C THR P 295 6.86 11.46 -37.62
N ALA P 296 7.39 11.39 -36.39
CA ALA P 296 7.63 10.14 -35.72
C ALA P 296 6.30 9.47 -35.44
N SER P 297 5.52 10.10 -34.57
CA SER P 297 4.20 9.59 -34.22
C SER P 297 4.26 8.19 -33.58
N GLY P 298 5.40 7.86 -32.97
CA GLY P 298 5.65 6.53 -32.41
C GLY P 298 4.82 5.37 -32.96
N ASN P 299 4.03 4.76 -32.07
CA ASN P 299 3.06 3.76 -32.45
C ASN P 299 1.66 4.27 -32.06
N TRP P 300 1.38 5.53 -32.43
CA TRP P 300 0.19 6.26 -31.94
C TRP P 300 -1.05 6.09 -32.82
N GLU P 301 -0.88 6.35 -34.11
CA GLU P 301 -2.01 6.22 -35.02
C GLU P 301 -2.81 7.50 -35.03
N VAL P 302 -2.36 8.37 -35.92
CA VAL P 302 -2.83 9.71 -35.99
C VAL P 302 -4.27 9.67 -36.46
N PHE P 303 -5.11 10.47 -35.80
CA PHE P 303 -6.46 10.83 -36.25
C PHE P 303 -6.44 12.09 -37.03
N HIS P 304 -6.68 12.03 -38.35
CA HIS P 304 -6.83 13.24 -39.17
C HIS P 304 -8.29 13.59 -39.42
N ASP P 305 -8.54 14.80 -39.94
CA ASP P 305 -9.91 15.33 -39.92
C ASP P 305 -10.82 14.52 -40.86
N PHE P 306 -10.35 14.19 -42.06
CA PHE P 306 -11.08 13.24 -42.92
C PHE P 306 -10.22 12.01 -43.07
N SER P 308 -9.91 9.59 -45.23
CA SER P 308 -10.24 9.18 -46.63
C SER P 308 -8.97 8.78 -47.39
N SER P 339 -11.68 30.12 -26.74
CA SER P 339 -11.79 30.25 -25.28
C SER P 339 -10.43 30.01 -24.56
N LEU P 340 -9.81 28.86 -24.82
CA LEU P 340 -8.51 28.42 -24.21
C LEU P 340 -7.45 28.12 -25.28
N ASP P 341 -6.66 29.12 -25.67
CA ASP P 341 -5.68 29.00 -26.74
C ASP P 341 -4.27 28.97 -26.18
N TYR P 342 -3.31 29.02 -27.06
CA TYR P 342 -1.92 28.87 -26.70
C TYR P 342 -1.43 29.95 -25.74
N SER P 343 -1.97 31.16 -25.86
CA SER P 343 -1.57 32.25 -24.99
C SER P 343 -1.74 31.90 -23.52
N GLN P 344 -2.76 31.14 -23.18
CA GLN P 344 -2.91 30.74 -21.80
C GLN P 344 -1.74 29.86 -21.45
N LEU P 345 -1.35 29.01 -22.38
CA LEU P 345 -0.27 28.08 -22.13
C LEU P 345 1.02 28.83 -22.00
N PHE P 346 1.21 29.89 -22.78
CA PHE P 346 2.43 30.67 -22.69
C PHE P 346 2.65 31.13 -21.29
N SER P 347 1.60 31.69 -20.71
CA SER P 347 1.64 32.33 -19.38
C SER P 347 1.92 31.35 -18.21
N ILE P 348 1.17 30.29 -18.18
CA ILE P 348 1.39 29.24 -17.21
C ILE P 348 2.82 28.65 -17.29
N LEU P 349 3.44 28.58 -18.47
CA LEU P 349 4.86 28.18 -18.54
C LEU P 349 5.90 29.26 -18.25
N TYR P 350 5.56 30.51 -18.55
CA TYR P 350 6.52 31.61 -18.40
C TYR P 350 6.67 31.81 -16.95
N ALA P 351 5.53 31.73 -16.24
CA ALA P 351 5.53 31.46 -14.80
C ALA P 351 6.10 30.09 -14.66
N LEU P 352 6.73 29.76 -13.55
CA LEU P 352 7.15 28.34 -13.35
C LEU P 352 8.45 27.89 -14.04
N TYR P 353 8.58 28.18 -15.32
CA TYR P 353 9.83 27.85 -15.99
C TYR P 353 10.19 28.95 -16.92
N PRO P 354 10.15 30.19 -16.42
CA PRO P 354 10.52 31.29 -17.28
C PRO P 354 11.85 31.03 -17.97
N ILE P 355 12.88 30.71 -17.21
CA ILE P 355 14.22 30.71 -17.76
C ILE P 355 14.24 29.73 -18.91
N ASN P 356 13.89 28.47 -18.66
CA ASN P 356 13.93 27.38 -19.67
C ASN P 356 12.95 27.59 -20.83
N PHE P 357 11.71 27.94 -20.52
CA PHE P 357 10.71 28.20 -21.56
C PHE P 357 11.28 29.24 -22.53
N LEU P 358 11.71 30.40 -22.04
CA LEU P 358 12.33 31.42 -22.93
C LEU P 358 13.59 30.99 -23.68
N GLU P 359 14.31 30.00 -23.19
CA GLU P 359 15.54 29.61 -23.85
C GLU P 359 15.13 28.71 -24.96
N PHE P 360 14.28 27.77 -24.65
CA PHE P 360 13.63 26.93 -25.65
C PHE P 360 12.97 27.70 -26.82
N LEU P 361 12.39 28.88 -26.58
CA LEU P 361 11.83 29.69 -27.67
C LEU P 361 12.85 30.56 -28.40
N ARG P 362 14.12 30.45 -28.08
CA ARG P 362 15.09 31.24 -28.81
C ARG P 362 15.69 30.35 -29.91
N ASP P 363 15.83 29.06 -29.62
CA ASP P 363 16.25 28.04 -30.58
C ASP P 363 15.79 26.67 -30.07
N PRO P 364 14.57 26.27 -30.40
CA PRO P 364 14.06 25.03 -29.80
C PRO P 364 14.91 23.84 -30.21
N LYS P 365 15.45 23.85 -31.42
CA LYS P 365 16.21 22.69 -31.92
C LYS P 365 17.46 22.46 -31.08
N LEU P 366 18.08 23.57 -30.67
CA LEU P 366 19.28 23.59 -29.82
C LEU P 366 18.95 23.18 -28.39
N TYR P 367 17.87 23.73 -27.84
CA TYR P 367 17.38 23.29 -26.55
C TYR P 367 17.05 21.81 -26.56
N ALA P 368 16.56 21.29 -27.68
CA ALA P 368 15.98 19.94 -27.70
C ALA P 368 17.05 18.86 -27.69
N SER P 369 18.19 19.17 -28.30
CA SER P 369 19.43 18.51 -27.92
C SER P 369 19.83 19.14 -26.59
N LYS P 370 20.59 18.40 -25.80
CA LYS P 370 21.07 18.89 -24.52
C LYS P 370 20.05 18.56 -23.51
N HIS P 371 18.81 18.61 -23.92
CA HIS P 371 17.76 18.08 -23.09
C HIS P 371 17.22 16.78 -23.65
N ASN P 372 17.81 16.35 -24.76
CA ASN P 372 17.58 15.01 -25.23
C ASN P 372 16.14 14.71 -25.66
N PHE P 373 15.56 15.54 -26.52
CA PHE P 373 14.29 15.23 -27.21
C PHE P 373 14.36 15.77 -28.65
N GLN P 374 13.28 15.61 -29.41
CA GLN P 374 13.25 15.96 -30.82
C GLN P 374 12.14 16.95 -31.16
N ILE P 375 12.47 17.99 -31.91
CA ILE P 375 11.44 18.85 -32.42
C ILE P 375 10.82 18.16 -33.64
N ARG P 376 9.62 17.63 -33.47
CA ARG P 376 8.97 16.87 -34.56
C ARG P 376 8.35 17.71 -35.71
N TYR P 377 8.28 19.02 -35.55
CA TYR P 377 7.58 19.90 -36.50
C TYR P 377 8.55 20.76 -37.31
N SER P 378 8.07 21.14 -38.48
CA SER P 378 8.70 22.12 -39.34
C SER P 378 8.10 23.37 -38.78
N PHE P 379 8.84 24.48 -38.80
CA PHE P 379 8.30 25.74 -38.22
C PHE P 379 9.06 26.98 -38.55
N ASN P 380 8.34 28.08 -38.63
CA ASN P 380 8.91 29.35 -39.04
C ASN P 380 9.48 30.01 -37.81
N GLN P 381 10.80 30.04 -37.70
CA GLN P 381 11.43 30.51 -36.47
C GLN P 381 11.24 32.02 -36.18
N GLU P 382 11.20 32.83 -37.23
CA GLU P 382 11.20 34.28 -37.07
C GLU P 382 9.79 34.70 -36.79
N LEU P 383 8.85 33.81 -37.06
CA LEU P 383 7.47 34.00 -36.65
C LEU P 383 7.26 33.62 -35.17
N LEU P 384 7.73 32.44 -34.79
CA LEU P 384 7.59 31.97 -33.44
C LEU P 384 8.12 33.02 -32.52
N SER P 385 9.22 33.66 -32.93
CA SER P 385 9.80 34.78 -32.18
C SER P 385 8.87 35.98 -32.09
N THR P 386 8.32 36.47 -33.21
CA THR P 386 7.23 37.46 -33.17
C THR P 386 6.03 37.08 -32.24
N LYS P 387 5.37 35.96 -32.45
CA LYS P 387 4.20 35.65 -31.62
C LYS P 387 4.56 35.61 -30.16
N SER P 388 5.76 35.13 -29.86
CA SER P 388 6.12 34.81 -28.49
C SER P 388 6.45 36.07 -27.73
N ASP P 389 7.11 37.00 -28.41
CA ASP P 389 7.52 38.25 -27.77
C ASP P 389 6.27 39.14 -27.55
N GLY P 390 5.29 38.98 -28.43
CA GLY P 390 4.07 39.73 -28.27
C GLY P 390 3.39 39.36 -26.97
N LEU P 391 3.29 38.06 -26.71
CA LEU P 391 2.73 37.61 -25.48
C LEU P 391 3.62 38.06 -24.32
N LEU P 392 4.94 38.14 -24.57
CA LEU P 392 5.90 38.41 -23.50
C LEU P 392 5.72 39.80 -22.94
N GLY P 393 5.70 40.80 -23.81
CA GLY P 393 5.38 42.18 -23.41
C GLY P 393 4.09 42.44 -22.61
N ARG P 394 3.25 41.40 -22.46
CA ARG P 394 2.08 41.44 -21.62
C ARG P 394 2.48 41.10 -20.21
N HIS P 395 3.68 40.55 -20.04
CA HIS P 395 4.10 40.04 -18.73
C HIS P 395 5.17 40.94 -18.03
N LEU P 396 5.21 40.81 -16.70
CA LEU P 396 6.25 41.41 -15.86
C LEU P 396 7.48 40.54 -15.84
N ALA P 397 8.60 41.15 -15.44
CA ALA P 397 9.84 40.41 -15.27
C ALA P 397 9.75 39.34 -14.18
N HIS P 398 10.53 38.28 -14.32
CA HIS P 398 10.42 37.13 -13.42
C HIS P 398 11.68 36.97 -12.58
N SER P 399 11.59 37.27 -11.29
CA SER P 399 12.64 36.99 -10.30
C SER P 399 13.46 35.67 -10.39
N ASN P 400 12.95 34.62 -11.01
CA ASN P 400 13.85 33.51 -11.36
C ASN P 400 15.14 34.01 -12.04
N PHE P 401 15.04 35.06 -12.84
CA PHE P 401 16.25 35.57 -13.44
C PHE P 401 17.29 36.06 -12.40
N LEU P 402 16.84 36.47 -11.21
CA LEU P 402 17.75 36.80 -10.10
C LEU P 402 18.16 35.64 -9.19
N LYS P 403 17.53 34.47 -9.31
CA LYS P 403 17.78 33.38 -8.35
C LYS P 403 18.29 32.10 -9.00
N TYR P 404 18.12 31.96 -10.31
CA TYR P 404 18.36 30.68 -10.97
C TYR P 404 19.10 30.73 -12.28
N THR P 405 19.72 29.62 -12.58
CA THR P 405 20.17 29.33 -13.91
C THR P 405 19.16 28.40 -14.54
N ALA P 406 19.38 28.08 -15.79
CA ALA P 406 18.51 27.16 -16.46
C ALA P 406 18.59 25.85 -15.72
N GLU P 407 19.78 25.45 -15.30
CA GLU P 407 19.91 24.11 -14.70
C GLU P 407 19.29 24.12 -13.29
N THR P 408 19.63 25.06 -12.41
CA THR P 408 18.96 25.14 -11.10
C THR P 408 17.43 25.29 -11.20
N GLU P 409 16.90 25.84 -12.28
CA GLU P 409 15.44 26.01 -12.38
C GLU P 409 14.77 24.64 -12.60
N LEU P 410 15.44 23.73 -13.28
CA LEU P 410 14.92 22.39 -13.45
C LEU P 410 15.15 21.54 -12.23
N THR P 411 16.20 21.83 -11.48
CA THR P 411 16.58 20.98 -10.36
C THR P 411 16.87 21.75 -9.07
N ASP P 412 15.82 22.20 -8.40
CA ASP P 412 15.98 22.92 -7.14
C ASP P 412 14.59 23.02 -6.62
N LYS P 413 14.21 21.92 -5.97
CA LYS P 413 12.87 21.69 -5.44
C LYS P 413 12.48 22.62 -4.28
N SER P 414 13.46 23.30 -3.68
CA SER P 414 13.18 24.34 -2.68
C SER P 414 12.58 25.61 -3.28
N ARG P 415 12.39 25.63 -4.60
CA ARG P 415 11.68 26.73 -5.28
C ARG P 415 10.15 26.58 -5.11
N TRP P 416 9.69 25.36 -4.84
CA TRP P 416 8.29 25.13 -4.57
C TRP P 416 8.04 25.19 -3.04
N THR P 417 8.84 26.00 -2.33
CA THR P 417 8.52 26.46 -0.95
C THR P 417 7.68 27.72 -1.12
N ARG P 418 8.31 28.78 -1.63
CA ARG P 418 7.62 30.04 -1.92
C ARG P 418 6.11 29.82 -2.26
N LEU P 419 5.83 28.76 -3.04
CA LEU P 419 4.51 28.43 -3.60
C LEU P 419 3.38 28.25 -2.59
N ASP P 420 3.72 27.90 -1.36
CA ASP P 420 2.75 27.84 -0.26
C ASP P 420 2.50 29.24 0.29
N SER P 421 3.55 30.06 0.39
CA SER P 421 3.45 31.39 1.00
C SER P 421 2.63 32.34 0.13
N ILE P 422 2.51 32.04 -1.17
CA ILE P 422 1.71 32.85 -2.10
C ILE P 422 0.27 32.34 -2.19
N ALA P 423 0.05 31.09 -1.79
CA ALA P 423 -1.29 30.44 -1.78
C ALA P 423 -2.10 30.71 -0.50
N VAL P 424 -1.39 30.93 0.61
CA VAL P 424 -1.93 31.48 1.88
C VAL P 424 -2.39 32.93 1.67
N VAL P 425 -1.49 33.75 1.14
CA VAL P 425 -1.77 35.16 0.94
C VAL P 425 -2.83 35.43 -0.15
N ALA P 426 -2.82 34.62 -1.20
CA ALA P 426 -3.83 34.78 -2.27
C ALA P 426 -5.20 34.39 -1.78
N LEU P 427 -5.23 33.50 -0.77
CA LEU P 427 -6.46 32.97 -0.16
C LEU P 427 -7.18 34.02 0.66
N CYS P 428 -6.50 34.59 1.65
CA CYS P 428 -7.08 35.65 2.48
C CYS P 428 -7.70 36.75 1.63
N ASN P 429 -6.94 37.22 0.66
CA ASN P 429 -7.42 38.28 -0.21
C ASN P 429 -8.67 37.92 -1.04
N SER P 430 -8.93 36.62 -1.21
CA SER P 430 -10.15 36.15 -1.88
C SER P 430 -11.36 36.15 -0.94
N LEU P 431 -11.12 35.93 0.37
CA LEU P 431 -12.12 36.18 1.42
C LEU P 431 -12.31 37.66 1.81
N ASN P 432 -11.51 38.56 1.25
CA ASN P 432 -11.71 40.00 1.44
C ASN P 432 -12.92 40.42 0.67
N ALA P 433 -13.82 41.06 1.40
CA ALA P 433 -15.11 41.38 0.90
C ALA P 433 -15.16 42.81 0.50
N VAL P 434 -14.18 43.60 0.94
CA VAL P 434 -14.22 45.05 0.72
C VAL P 434 -15.02 45.70 1.85
N PRO Q 5 41.22 110.03 -37.51
CA PRO Q 5 40.05 109.21 -37.18
C PRO Q 5 40.12 108.69 -35.75
N LEU Q 6 41.25 108.07 -35.42
CA LEU Q 6 41.51 107.49 -34.11
C LEU Q 6 41.59 108.57 -33.05
N GLN Q 7 42.01 109.78 -33.45
CA GLN Q 7 42.43 110.82 -32.50
C GLN Q 7 41.25 111.53 -31.80
N SER Q 8 40.07 111.59 -32.43
CA SER Q 8 38.89 112.21 -31.81
C SER Q 8 38.22 111.29 -30.78
N LEU Q 9 38.24 109.99 -31.03
CA LEU Q 9 37.80 108.94 -30.08
C LEU Q 9 38.45 109.13 -28.71
N VAL Q 10 39.75 109.38 -28.74
CA VAL Q 10 40.56 109.44 -27.53
C VAL Q 10 40.22 110.65 -26.66
N LYS Q 11 39.77 111.75 -27.26
CA LYS Q 11 39.40 112.95 -26.49
C LYS Q 11 38.06 112.75 -25.80
N ALA Q 12 37.26 111.83 -26.31
CA ALA Q 12 36.02 111.46 -25.61
C ALA Q 12 36.39 110.60 -24.39
N LEU Q 13 37.42 109.76 -24.55
CA LEU Q 13 37.97 108.92 -23.47
C LEU Q 13 38.44 109.73 -22.25
N TRP Q 14 39.40 110.64 -22.45
CA TRP Q 14 39.92 111.45 -21.35
C TRP Q 14 38.83 112.33 -20.73
N ASN Q 15 37.90 112.82 -21.56
CA ASN Q 15 36.75 113.62 -21.07
C ASN Q 15 35.80 112.84 -20.17
N VAL Q 16 35.47 111.62 -20.58
CA VAL Q 16 34.50 110.77 -19.89
C VAL Q 16 35.10 110.01 -18.67
N LEU Q 17 36.40 110.17 -18.40
CA LEU Q 17 37.05 109.64 -17.18
C LEU Q 17 37.52 110.74 -16.20
N HIS Q 18 36.97 111.97 -16.34
CA HIS Q 18 37.23 113.12 -15.45
C HIS Q 18 35.99 114.00 -15.33
N ASP Q 27 27.36 109.41 -17.83
CA ASP Q 27 26.88 109.83 -19.16
C ASP Q 27 27.94 109.60 -20.25
N LEU Q 28 27.91 108.44 -20.91
CA LEU Q 28 28.92 108.06 -21.93
C LEU Q 28 28.55 108.41 -23.37
N THR Q 29 27.58 109.30 -23.53
CA THR Q 29 26.87 109.44 -24.80
C THR Q 29 27.82 109.86 -25.91
N GLU Q 30 28.68 110.83 -25.59
CA GLU Q 30 29.71 111.28 -26.53
C GLU Q 30 30.61 110.10 -26.96
N LEU Q 31 31.15 109.36 -25.97
CA LEU Q 31 32.07 108.25 -26.26
C LEU Q 31 31.46 107.23 -27.22
N ILE Q 32 30.24 106.77 -26.89
CA ILE Q 32 29.58 105.72 -27.66
C ILE Q 32 29.44 106.11 -29.13
N ALA Q 33 28.85 107.27 -29.41
CA ALA Q 33 28.77 107.78 -30.79
C ALA Q 33 30.14 107.93 -31.50
N GLU Q 34 31.20 108.17 -30.73
CA GLU Q 34 32.56 108.27 -31.27
C GLU Q 34 33.27 106.91 -31.37
N VAL Q 35 32.58 105.84 -30.98
CA VAL Q 35 33.00 104.50 -31.36
C VAL Q 35 32.30 104.11 -32.68
N GLU Q 36 30.98 104.32 -32.73
CA GLU Q 36 30.16 103.95 -33.89
C GLU Q 36 30.70 104.43 -35.25
N SER Q 37 31.16 105.68 -35.30
CA SER Q 37 31.74 106.19 -36.55
C SER Q 37 33.18 105.69 -36.77
N TYR Q 38 33.92 105.34 -35.70
CA TYR Q 38 35.23 104.67 -35.85
C TYR Q 38 35.03 103.30 -36.53
N GLN Q 39 33.92 102.63 -36.20
CA GLN Q 39 33.64 101.27 -36.68
C GLN Q 39 33.34 101.22 -38.18
N GLN Q 40 32.52 102.17 -38.65
CA GLN Q 40 32.17 102.26 -40.06
C GLN Q 40 33.36 102.61 -40.94
N ARG Q 41 34.42 103.18 -40.37
CA ARG Q 41 35.70 103.36 -41.07
C ARG Q 41 36.50 102.05 -41.04
N TYR Q 42 36.71 101.52 -39.82
CA TYR Q 42 37.37 100.21 -39.63
C TYR Q 42 36.31 99.16 -39.28
N PRO Q 43 35.71 98.52 -40.30
CA PRO Q 43 34.80 97.41 -40.01
C PRO Q 43 35.51 96.35 -39.19
N LYS Q 44 36.57 95.77 -39.74
CA LYS Q 44 37.46 94.94 -38.93
C LYS Q 44 38.24 95.82 -37.95
N GLN Q 45 38.77 95.21 -36.90
CA GLN Q 45 39.53 95.94 -35.88
C GLN Q 45 40.93 96.17 -36.39
N ASN Q 46 41.51 97.31 -36.02
CA ASN Q 46 42.86 97.65 -36.45
C ASN Q 46 43.91 97.19 -35.42
N PRO Q 47 44.89 96.33 -35.84
CA PRO Q 47 45.97 95.84 -34.93
C PRO Q 47 46.95 96.92 -34.39
N THR Q 48 47.01 98.05 -35.10
CA THR Q 48 47.84 99.20 -34.74
C THR Q 48 47.09 100.19 -33.83
N ASN Q 49 45.81 100.41 -34.14
CA ASN Q 49 44.94 101.28 -33.33
C ASN Q 49 44.51 100.59 -32.01
N SER Q 50 44.33 99.28 -32.05
CA SER Q 50 44.26 98.51 -30.81
C SER Q 50 45.48 98.90 -29.97
N GLN Q 51 46.63 98.28 -30.25
CA GLN Q 51 47.93 98.71 -29.76
C GLN Q 51 47.94 100.13 -29.16
N LYS Q 52 47.54 101.09 -29.99
CA LYS Q 52 47.54 102.51 -29.62
C LYS Q 52 46.59 102.82 -28.48
N ILE Q 53 45.35 102.34 -28.55
CA ILE Q 53 44.33 102.70 -27.56
C ILE Q 53 44.68 102.09 -26.20
N ARG Q 54 44.90 100.78 -26.19
CA ARG Q 54 45.39 100.09 -25.01
C ARG Q 54 46.38 100.96 -24.17
N HIS Q 55 47.49 101.30 -24.81
CA HIS Q 55 48.49 102.26 -24.30
C HIS Q 55 47.90 103.47 -23.50
N ILE Q 56 46.72 103.93 -23.91
CA ILE Q 56 46.02 105.06 -23.25
C ILE Q 56 45.37 104.63 -21.92
N LEU Q 57 44.77 103.44 -21.90
CA LEU Q 57 44.06 102.95 -20.71
C LEU Q 57 45.09 102.74 -19.60
N ASP Q 58 46.18 102.06 -19.91
CA ASP Q 58 47.36 102.04 -19.03
C ASP Q 58 47.59 103.38 -18.37
N GLU Q 59 47.87 104.38 -19.20
CA GLU Q 59 48.11 105.73 -18.72
C GLU Q 59 46.93 106.23 -17.87
N ILE Q 60 45.71 106.05 -18.36
CA ILE Q 60 44.53 106.55 -17.62
C ILE Q 60 44.19 105.70 -16.38
N TYR Q 61 44.70 104.47 -16.30
CA TYR Q 61 44.49 103.65 -15.10
C TYR Q 61 45.21 104.27 -13.90
N GLU Q 62 46.39 104.83 -14.21
CA GLU Q 62 47.22 105.55 -13.26
C GLU Q 62 46.57 106.85 -12.80
N LYS Q 63 45.97 107.55 -13.75
CA LYS Q 63 45.23 108.80 -13.49
C LYS Q 63 44.07 108.65 -12.44
N THR Q 64 43.02 107.89 -12.78
CA THR Q 64 41.89 107.57 -11.83
C THR Q 64 41.62 106.04 -11.86
N PRO Q 65 41.84 105.31 -10.75
CA PRO Q 65 41.97 103.85 -10.87
C PRO Q 65 40.67 103.04 -10.53
N PHE Q 66 40.83 101.78 -10.12
CA PHE Q 66 39.70 100.90 -9.79
C PHE Q 66 39.30 100.96 -8.31
N ASN Q 67 40.18 101.47 -7.47
CA ASN Q 67 40.03 101.41 -6.00
C ASN Q 67 38.64 101.69 -5.38
N ASN Q 68 37.79 102.53 -6.00
CA ASN Q 68 36.46 102.80 -5.40
C ASN Q 68 35.28 102.40 -6.31
N THR Q 69 34.06 102.47 -5.77
CA THR Q 69 32.86 102.05 -6.50
C THR Q 69 32.56 102.89 -7.79
N ARG Q 70 32.25 104.18 -7.67
CA ARG Q 70 31.94 104.99 -8.88
C ARG Q 70 33.02 104.96 -10.00
N ARG Q 71 34.22 104.52 -9.71
CA ARG Q 71 35.23 104.41 -10.76
C ARG Q 71 35.21 103.06 -11.45
N ARG Q 72 34.65 102.06 -10.78
CA ARG Q 72 34.48 100.73 -11.38
C ARG Q 72 33.30 100.77 -12.35
N ILE Q 73 32.19 101.36 -11.89
CA ILE Q 73 31.04 101.54 -12.74
C ILE Q 73 31.59 102.07 -14.05
N LEU Q 74 32.29 103.20 -13.95
CA LEU Q 74 32.70 104.00 -15.10
C LEU Q 74 33.82 103.33 -15.91
N TRP Q 75 34.56 102.41 -15.29
CA TRP Q 75 35.58 101.64 -15.99
C TRP Q 75 34.98 100.50 -16.80
N LEU Q 76 33.96 99.87 -16.23
CA LEU Q 76 33.31 98.74 -16.88
C LEU Q 76 32.47 99.24 -18.05
N ALA Q 77 31.44 100.02 -17.76
CA ALA Q 77 30.58 100.60 -18.81
C ALA Q 77 31.38 101.02 -20.07
N VAL Q 78 32.56 101.58 -19.82
CA VAL Q 78 33.52 101.92 -20.87
C VAL Q 78 34.09 100.64 -21.53
N LEU Q 79 34.76 99.79 -20.75
CA LEU Q 79 35.41 98.60 -21.32
C LEU Q 79 34.49 97.69 -22.18
N LYS Q 80 33.21 97.61 -21.80
CA LYS Q 80 32.20 96.91 -22.58
C LYS Q 80 32.01 97.60 -23.93
N THR Q 81 31.98 98.94 -23.92
CA THR Q 81 31.69 99.71 -25.14
C THR Q 81 32.85 99.74 -26.16
N VAL Q 82 34.11 99.65 -25.71
CA VAL Q 82 35.30 99.66 -26.63
C VAL Q 82 35.92 98.28 -26.96
N ILE Q 83 35.97 97.34 -26.03
CA ILE Q 83 36.66 96.04 -26.24
C ILE Q 83 36.38 95.27 -27.57
N PRO Q 84 35.17 95.46 -28.18
CA PRO Q 84 35.03 94.90 -29.54
C PRO Q 84 36.18 95.36 -30.43
N LEU Q 85 36.44 96.67 -30.39
CA LEU Q 85 37.47 97.35 -31.19
C LEU Q 85 38.88 96.79 -31.01
N LEU Q 86 39.18 96.16 -29.87
CA LEU Q 86 40.56 95.75 -29.54
C LEU Q 86 40.91 94.33 -29.95
N ILE Q 87 42.23 94.09 -29.99
CA ILE Q 87 42.84 92.78 -30.14
C ILE Q 87 43.80 92.53 -28.97
N LEU Q 88 43.61 91.36 -28.34
CA LEU Q 88 44.27 91.00 -27.09
C LEU Q 88 45.07 89.70 -27.30
N ASP Q 89 45.76 89.23 -26.27
CA ASP Q 89 46.55 88.01 -26.36
C ASP Q 89 46.63 87.30 -25.01
N ARG Q 90 47.28 86.14 -25.00
CA ARG Q 90 47.65 85.43 -23.77
C ARG Q 90 48.12 86.42 -22.68
N GLN Q 91 48.92 87.41 -23.08
CA GLN Q 91 49.46 88.43 -22.18
C GLN Q 91 48.43 89.46 -21.65
N ALA Q 92 47.76 90.17 -22.55
CA ALA Q 92 46.89 91.30 -22.18
C ALA Q 92 45.83 90.98 -21.13
N VAL Q 93 45.25 89.78 -21.22
CA VAL Q 93 44.18 89.42 -20.31
C VAL Q 93 44.72 89.29 -18.88
N GLY Q 94 46.00 88.90 -18.75
CA GLY Q 94 46.74 89.05 -17.48
C GLY Q 94 46.59 90.43 -16.84
N GLU Q 95 46.97 91.50 -17.56
CA GLU Q 95 46.78 92.90 -17.09
C GLU Q 95 45.29 93.15 -16.80
N TRP Q 96 44.43 92.83 -17.79
CA TRP Q 96 42.97 93.01 -17.70
C TRP Q 96 42.40 92.34 -16.46
N TRP Q 97 42.83 91.08 -16.27
CA TRP Q 97 42.44 90.19 -15.16
C TRP Q 97 42.98 90.67 -13.82
N ASP Q 98 44.25 91.00 -13.81
CA ASP Q 98 44.89 91.51 -12.61
C ASP Q 98 44.32 92.82 -12.15
N GLN Q 99 43.75 93.60 -13.06
CA GLN Q 99 43.34 94.97 -12.75
C GLN Q 99 41.87 95.27 -12.92
N ILE Q 100 41.09 94.34 -13.44
CA ILE Q 100 39.65 94.53 -13.48
C ILE Q 100 38.87 93.28 -13.03
N PHE Q 101 39.14 92.15 -13.66
CA PHE Q 101 38.34 90.97 -13.41
C PHE Q 101 38.57 90.59 -11.96
N PHE Q 102 39.79 90.18 -11.62
CA PHE Q 102 40.10 89.77 -10.23
C PHE Q 102 39.59 90.73 -9.14
N PRO Q 103 40.09 91.99 -9.08
CA PRO Q 103 39.60 93.02 -8.12
C PRO Q 103 38.10 93.02 -7.79
N PHE Q 104 37.27 92.79 -8.82
CA PHE Q 104 35.81 92.73 -8.70
C PHE Q 104 35.35 91.39 -8.12
N LEU Q 105 35.64 90.31 -8.83
CA LEU Q 105 35.34 88.98 -8.32
C LEU Q 105 35.83 88.84 -6.88
N ASN Q 106 37.04 89.30 -6.61
CA ASN Q 106 37.63 89.17 -5.27
C ASN Q 106 37.04 90.09 -4.22
N SER Q 107 36.23 91.05 -4.66
CA SER Q 107 35.29 91.77 -3.81
C SER Q 107 34.30 92.55 -4.67
N PRO Q 108 33.18 91.92 -5.01
CA PRO Q 108 32.28 92.46 -6.01
C PRO Q 108 31.40 93.61 -5.52
N THR Q 109 31.03 94.50 -6.44
CA THR Q 109 30.06 95.57 -6.15
C THR Q 109 28.64 94.98 -6.04
N GLN Q 110 27.92 95.37 -5.00
CA GLN Q 110 26.56 94.89 -4.79
C GLN Q 110 25.60 95.72 -5.61
N LEU Q 111 25.99 96.05 -6.85
CA LEU Q 111 25.05 96.49 -7.87
C LEU Q 111 24.98 95.42 -8.99
N LYS Q 112 23.76 95.04 -9.35
CA LYS Q 112 23.58 93.95 -10.32
C LYS Q 112 24.04 94.33 -11.74
N PRO Q 113 23.56 95.50 -12.25
CA PRO Q 113 23.95 95.92 -13.60
C PRO Q 113 25.46 96.14 -13.70
N VAL Q 114 26.08 96.46 -12.57
CA VAL Q 114 27.53 96.53 -12.55
C VAL Q 114 28.08 95.15 -12.92
N PHE Q 115 27.64 94.14 -12.16
CA PHE Q 115 28.17 92.81 -12.33
C PHE Q 115 27.78 92.26 -13.70
N SER Q 116 26.61 92.66 -14.20
CA SER Q 116 26.21 92.39 -15.60
C SER Q 116 27.22 92.92 -16.67
N ASP Q 117 27.67 94.16 -16.46
CA ASP Q 117 28.69 94.82 -17.30
C ASP Q 117 30.01 94.03 -17.28
N LEU Q 118 30.31 93.46 -16.10
CA LEU Q 118 31.47 92.63 -15.92
C LEU Q 118 31.27 91.36 -16.74
N LYS Q 119 30.09 90.75 -16.60
CA LYS Q 119 29.76 89.55 -17.38
C LYS Q 119 29.99 89.83 -18.85
N SER Q 120 29.38 90.92 -19.35
CA SER Q 120 29.37 91.23 -20.79
C SER Q 120 30.77 91.17 -21.38
N ILE Q 121 31.75 91.69 -20.63
CA ILE Q 121 33.16 91.78 -21.07
C ILE Q 121 33.86 90.40 -21.02
N LEU Q 122 33.63 89.69 -19.92
CA LEU Q 122 34.04 88.29 -19.75
C LEU Q 122 33.63 87.40 -20.92
N PHE Q 123 32.36 87.54 -21.31
CA PHE Q 123 31.78 86.73 -22.37
C PHE Q 123 32.10 87.24 -23.77
N TYR Q 124 32.42 88.53 -23.92
CA TYR Q 124 32.99 88.97 -25.19
C TYR Q 124 34.30 88.23 -25.46
N ILE Q 125 34.99 87.80 -24.41
CA ILE Q 125 36.26 87.07 -24.59
C ILE Q 125 36.08 85.55 -24.78
N LEU Q 126 35.04 85.03 -24.14
CA LEU Q 126 34.87 83.60 -23.92
C LEU Q 126 34.12 82.86 -25.04
N ILE Q 127 33.16 83.59 -25.62
CA ILE Q 127 32.23 83.12 -26.66
C ILE Q 127 32.52 83.84 -27.98
N PHE Q 128 32.92 83.08 -29.01
CA PHE Q 128 33.22 83.68 -30.32
C PHE Q 128 32.98 82.79 -31.57
N HIS Q 129 32.26 83.35 -32.56
CA HIS Q 129 31.94 82.69 -33.86
C HIS Q 129 33.18 82.29 -34.63
N ASP Q 130 34.09 83.26 -34.75
CA ASP Q 130 35.19 83.22 -35.68
C ASP Q 130 36.54 83.20 -34.96
N GLU Q 131 37.29 82.11 -35.11
CA GLU Q 131 38.60 81.88 -34.42
C GLU Q 131 39.81 82.75 -34.89
N ASP Q 132 39.74 83.13 -36.18
CA ASP Q 132 40.72 83.98 -36.82
C ASP Q 132 40.12 85.37 -36.94
N GLU Q 133 39.35 85.77 -35.95
CA GLU Q 133 38.83 87.15 -35.88
C GLU Q 133 39.93 88.16 -35.43
N TRP Q 134 40.98 87.62 -34.84
CA TRP Q 134 42.07 88.42 -34.34
C TRP Q 134 43.38 88.08 -35.03
N GLY Q 135 43.36 87.07 -35.90
CA GLY Q 135 44.58 86.54 -36.51
C GLY Q 135 45.21 85.47 -35.63
N GLY Q 136 46.00 84.59 -36.26
CA GLY Q 136 46.59 83.45 -35.57
C GLY Q 136 45.52 82.68 -34.83
N ASP Q 137 45.88 82.20 -33.65
CA ASP Q 137 44.93 81.58 -32.72
C ASP Q 137 44.37 82.59 -31.73
N LEU Q 138 44.86 83.83 -31.80
CA LEU Q 138 44.68 84.83 -30.74
C LEU Q 138 43.33 84.82 -30.07
N ARG Q 139 42.26 84.85 -30.86
CA ARG Q 139 40.93 84.92 -30.28
C ARG Q 139 40.67 83.74 -29.33
N ARG Q 140 41.04 82.55 -29.76
CA ARG Q 140 40.95 81.32 -28.94
C ARG Q 140 41.84 81.33 -27.71
N GLU Q 141 43.09 81.80 -27.86
CA GLU Q 141 44.07 81.85 -26.76
C GLU Q 141 43.59 82.70 -25.59
N CYS Q 142 42.93 83.81 -25.91
CA CYS Q 142 42.27 84.64 -24.92
C CYS Q 142 41.12 83.93 -24.18
N ALA Q 143 40.35 83.09 -24.87
CA ALA Q 143 39.38 82.20 -24.19
C ALA Q 143 40.09 81.07 -23.33
N GLU Q 144 40.88 80.19 -23.94
CA GLU Q 144 41.70 79.26 -23.16
C GLU Q 144 42.23 79.89 -21.86
N GLU Q 145 42.77 81.11 -21.93
CA GLU Q 145 43.30 81.79 -20.74
C GLU Q 145 42.22 82.30 -19.77
N THR Q 146 41.38 83.24 -20.20
CA THR Q 146 40.29 83.80 -19.36
C THR Q 146 39.51 82.75 -18.56
N ILE Q 147 39.20 81.62 -19.18
CA ILE Q 147 38.43 80.60 -18.49
C ILE Q 147 39.27 79.98 -17.39
N THR Q 148 40.52 79.64 -17.72
CA THR Q 148 41.42 78.88 -16.84
C THR Q 148 41.67 79.64 -15.54
N ARG Q 149 41.69 80.96 -15.60
CA ARG Q 149 41.86 81.78 -14.41
C ARG Q 149 40.60 81.73 -13.56
N LEU Q 150 39.43 81.90 -14.20
CA LEU Q 150 38.12 81.85 -13.54
C LEU Q 150 37.90 80.56 -12.78
N VAL Q 151 38.34 79.46 -13.37
CA VAL Q 151 38.20 78.12 -12.82
C VAL Q 151 39.12 77.95 -11.63
N ASP Q 152 40.38 78.32 -11.82
CA ASP Q 152 41.35 78.26 -10.74
C ASP Q 152 40.79 79.02 -9.55
N LEU Q 153 40.39 80.27 -9.81
CA LEU Q 153 39.89 81.14 -8.76
C LEU Q 153 38.66 80.57 -8.05
N TYR Q 154 37.75 79.94 -8.79
CA TYR Q 154 36.58 79.26 -8.17
C TYR Q 154 37.03 78.10 -7.30
N VAL Q 155 37.83 77.21 -7.87
CA VAL Q 155 38.33 76.08 -7.12
C VAL Q 155 38.94 76.54 -5.78
N SER Q 156 40.03 77.31 -5.81
CA SER Q 156 40.77 77.68 -4.59
C SER Q 156 39.97 78.59 -3.65
N LYS Q 157 39.05 79.37 -4.19
CA LYS Q 157 38.14 80.16 -3.34
C LYS Q 157 37.21 79.18 -2.63
N ALA Q 158 36.76 78.17 -3.38
CA ALA Q 158 35.86 77.17 -2.83
C ALA Q 158 36.50 76.30 -1.76
N ILE Q 159 37.83 76.35 -1.60
CA ILE Q 159 38.57 75.52 -0.64
C ILE Q 159 39.25 76.28 0.53
N GLU Q 160 39.80 77.46 0.26
CA GLU Q 160 40.52 78.28 1.27
C GLU Q 160 39.72 78.37 2.58
N ASN Q 161 40.36 78.18 3.75
CA ASN Q 161 39.71 78.30 5.08
C ASN Q 161 39.07 79.68 5.43
N LEU Q 162 39.42 80.73 4.65
CA LEU Q 162 38.71 82.07 4.56
C LEU Q 162 39.47 83.30 5.19
N GLY Q 163 38.75 84.12 5.95
CA GLY Q 163 39.34 85.23 6.70
C GLY Q 163 38.27 85.97 7.49
N ASP Q 164 38.68 87.02 8.19
CA ASP Q 164 37.76 87.96 8.87
C ASP Q 164 38.56 89.16 9.33
N SER Q 167 34.09 88.21 5.57
CA SER Q 167 34.91 87.13 6.13
C SER Q 167 34.35 85.74 5.69
N GLN Q 168 33.08 85.52 6.08
CA GLN Q 168 32.28 84.37 5.68
C GLN Q 168 31.18 84.82 4.70
N GLU Q 169 30.55 85.96 5.00
CA GLU Q 169 29.58 86.63 4.09
C GLU Q 169 30.24 87.23 2.84
N GLN Q 170 31.44 87.82 2.98
CA GLN Q 170 32.19 88.42 1.83
C GLN Q 170 32.69 87.34 0.85
N ARG Q 171 33.01 86.17 1.39
CA ARG Q 171 33.46 85.02 0.60
C ARG Q 171 32.37 84.42 -0.29
N ASN Q 172 31.14 84.38 0.21
CA ASN Q 172 30.03 83.77 -0.51
C ASN Q 172 29.61 84.52 -1.76
N GLN Q 173 29.87 85.83 -1.80
CA GLN Q 173 29.58 86.64 -2.97
C GLN Q 173 30.60 86.45 -4.07
N THR Q 174 31.80 86.02 -3.68
CA THR Q 174 32.80 85.68 -4.67
C THR Q 174 32.37 84.44 -5.42
N ILE Q 175 32.08 83.34 -4.71
CA ILE Q 175 31.76 82.06 -5.41
C ILE Q 175 30.37 82.05 -6.10
N GLU Q 176 29.37 82.75 -5.55
CA GLU Q 176 28.12 82.99 -6.30
C GLU Q 176 28.32 83.71 -7.63
N CYS Q 177 29.19 84.72 -7.67
CA CYS Q 177 29.56 85.34 -8.95
C CYS Q 177 30.28 84.34 -9.90
N LEU Q 178 31.11 83.46 -9.35
CA LEU Q 178 31.91 82.54 -10.13
C LEU Q 178 31.09 81.34 -10.62
N VAL Q 179 30.19 80.89 -9.76
CA VAL Q 179 29.26 79.80 -10.07
C VAL Q 179 28.38 80.20 -11.24
N ASN Q 180 27.87 81.43 -11.21
CA ASN Q 180 27.07 81.97 -12.30
C ASN Q 180 27.84 81.89 -13.63
N VAL Q 181 28.96 82.59 -13.72
CA VAL Q 181 29.74 82.69 -14.97
C VAL Q 181 30.27 81.34 -15.50
N LEU Q 182 30.67 80.44 -14.59
CA LEU Q 182 31.15 79.12 -14.99
C LEU Q 182 30.06 78.22 -15.56
N VAL Q 183 28.83 78.48 -15.15
CA VAL Q 183 27.66 77.77 -15.66
C VAL Q 183 27.22 78.30 -17.03
N HIS Q 184 26.94 79.61 -17.11
CA HIS Q 184 26.65 80.28 -18.38
C HIS Q 184 27.68 79.96 -19.45
N TYR Q 185 28.91 79.63 -19.02
CA TYR Q 185 29.94 79.23 -19.98
C TYR Q 185 29.68 77.78 -20.34
N GLY Q 186 29.66 76.91 -19.33
CA GLY Q 186 29.52 75.46 -19.56
C GLY Q 186 28.43 75.00 -20.54
N ILE Q 187 27.25 75.60 -20.43
CA ILE Q 187 26.12 75.16 -21.23
C ILE Q 187 26.39 75.49 -22.68
N GLN Q 188 27.11 76.60 -22.91
CA GLN Q 188 27.65 76.98 -24.23
C GLN Q 188 28.86 76.12 -24.59
N ARG Q 189 29.87 76.08 -23.74
CA ARG Q 189 31.07 75.31 -24.04
C ARG Q 189 31.22 74.24 -22.95
N PRO Q 190 30.61 73.06 -23.14
CA PRO Q 190 30.84 71.91 -22.25
C PRO Q 190 32.10 71.08 -22.49
N LYS Q 191 32.52 70.84 -23.74
CA LYS Q 191 33.80 70.12 -23.97
C LYS Q 191 34.82 70.90 -23.20
N GLU Q 192 34.74 72.21 -23.34
CA GLU Q 192 35.75 73.10 -22.80
C GLU Q 192 35.86 72.95 -21.27
N LEU Q 193 34.78 73.34 -20.59
CA LEU Q 193 34.77 73.50 -19.15
C LEU Q 193 35.11 72.21 -18.43
N SER Q 194 34.83 71.06 -19.06
CA SER Q 194 35.16 69.77 -18.45
C SER Q 194 36.65 69.57 -18.48
N SER Q 195 37.30 69.94 -19.58
CA SER Q 195 38.76 69.84 -19.63
C SER Q 195 39.45 70.73 -18.59
N CYS Q 196 39.06 72.01 -18.50
CA CYS Q 196 39.42 72.82 -17.31
C CYS Q 196 39.50 72.02 -16.01
N PHE Q 197 38.35 71.48 -15.59
CA PHE Q 197 38.23 70.80 -14.29
C PHE Q 197 38.94 69.42 -14.16
N CYS Q 198 39.49 68.88 -15.24
CA CYS Q 198 39.92 67.47 -15.23
C CYS Q 198 41.17 67.15 -14.42
N HIS Q 199 41.96 68.16 -14.04
CA HIS Q 199 43.18 67.91 -13.26
C HIS Q 199 42.95 68.32 -11.79
N HIS Q 200 42.29 69.46 -11.57
CA HIS Q 200 41.74 69.82 -10.24
C HIS Q 200 40.85 68.73 -9.57
N PHE Q 201 40.16 67.93 -10.39
CA PHE Q 201 39.34 66.83 -9.88
C PHE Q 201 40.22 65.74 -9.27
N LEU Q 202 41.51 65.75 -9.54
CA LEU Q 202 42.38 64.74 -8.98
C LEU Q 202 42.75 65.00 -7.51
N ASN Q 203 42.46 66.22 -7.06
CA ASN Q 203 42.67 66.62 -5.68
C ASN Q 203 41.30 66.74 -5.04
N PRO Q 204 40.94 65.80 -4.16
CA PRO Q 204 39.59 65.54 -3.65
C PRO Q 204 38.68 66.71 -3.18
N PRO Q 205 39.22 67.66 -2.41
CA PRO Q 205 38.44 68.79 -1.87
C PRO Q 205 37.64 69.65 -2.87
N THR Q 206 38.08 69.69 -4.13
CA THR Q 206 37.40 70.43 -5.23
C THR Q 206 36.13 69.77 -5.67
N ARG Q 207 36.11 68.43 -5.53
CA ARG Q 207 35.19 67.58 -6.29
C ARG Q 207 33.73 68.00 -6.10
N ILE Q 208 33.35 68.23 -4.84
CA ILE Q 208 32.02 68.70 -4.54
C ILE Q 208 31.65 70.05 -5.17
N PRO Q 209 32.57 71.06 -5.12
CA PRO Q 209 32.41 72.34 -5.88
C PRO Q 209 32.43 72.16 -7.37
N ILE Q 210 33.28 71.25 -7.84
CA ILE Q 210 33.30 71.03 -9.24
C ILE Q 210 31.95 70.47 -9.61
N LEU Q 211 31.61 69.24 -9.15
CA LEU Q 211 30.36 68.53 -9.56
C LEU Q 211 29.17 69.44 -9.38
N SER Q 212 29.15 70.17 -8.27
CA SER Q 212 28.09 71.15 -8.07
C SER Q 212 27.84 71.95 -9.35
N VAL Q 213 28.90 72.48 -9.97
CA VAL Q 213 28.78 73.29 -11.19
C VAL Q 213 28.46 72.41 -12.40
N VAL Q 215 26.86 69.31 -12.76
CA VAL Q 215 25.48 68.83 -12.83
C VAL Q 215 24.49 69.90 -13.24
N GLU Q 216 24.76 71.16 -12.88
CA GLU Q 216 23.85 72.28 -13.16
C GLU Q 216 23.92 72.70 -14.64
N VAL Q 217 25.06 72.41 -15.26
CA VAL Q 217 25.27 72.60 -16.69
C VAL Q 217 24.56 71.48 -17.47
N ILE Q 218 24.74 70.28 -16.94
CA ILE Q 218 24.18 69.05 -17.46
C ILE Q 218 22.66 69.03 -17.32
N ARG Q 219 22.14 69.37 -16.14
CA ARG Q 219 20.70 69.60 -15.90
C ARG Q 219 19.97 70.42 -16.98
N ARG Q 220 20.66 71.31 -17.68
CA ARG Q 220 20.03 72.09 -18.77
C ARG Q 220 19.80 71.25 -20.02
N GLN Q 221 20.36 70.04 -20.04
CA GLN Q 221 20.37 69.17 -21.22
C GLN Q 221 20.52 70.05 -22.45
N GLY Q 222 21.61 70.81 -22.48
CA GLY Q 222 21.95 71.62 -23.62
C GLY Q 222 22.72 70.78 -24.61
N PRO Q 223 23.14 71.40 -25.71
CA PRO Q 223 24.09 70.78 -26.62
C PRO Q 223 25.49 71.13 -26.12
N ARG Q 224 26.49 70.29 -26.34
CA ARG Q 224 26.34 68.94 -26.84
C ARG Q 224 27.14 68.14 -25.83
N LEU Q 225 26.41 67.54 -24.90
CA LEU Q 225 27.02 66.88 -23.74
C LEU Q 225 27.77 65.61 -24.13
N TYR Q 226 27.50 65.08 -25.33
CA TYR Q 226 28.17 63.88 -25.85
C TYR Q 226 29.65 64.11 -26.12
N GLU Q 227 30.07 65.37 -26.15
CA GLU Q 227 31.47 65.70 -26.32
C GLU Q 227 32.31 65.37 -25.06
N ILE Q 228 31.68 65.45 -23.89
CA ILE Q 228 32.41 65.38 -22.62
C ILE Q 228 33.26 64.11 -22.32
N PRO Q 229 32.75 62.90 -22.62
CA PRO Q 229 33.58 61.67 -22.49
C PRO Q 229 34.89 61.66 -23.32
N GLN Q 230 35.02 62.59 -24.28
CA GLN Q 230 36.29 62.88 -24.97
C GLN Q 230 37.28 63.45 -23.97
N THR Q 231 36.82 64.35 -23.10
CA THR Q 231 37.70 65.02 -22.14
C THR Q 231 38.07 64.20 -20.89
N GLY Q 232 37.74 62.91 -20.85
CA GLY Q 232 38.09 62.08 -19.69
C GLY Q 232 37.33 62.36 -18.39
N PHE Q 233 36.60 63.48 -18.34
CA PHE Q 233 35.92 63.89 -17.11
C PHE Q 233 34.90 62.86 -16.70
N TYR Q 234 34.25 62.25 -17.68
CA TYR Q 234 33.29 61.19 -17.39
C TYR Q 234 33.95 59.99 -16.73
N ASP Q 235 35.04 59.50 -17.30
CA ASP Q 235 35.72 58.44 -16.58
C ASP Q 235 36.09 58.87 -15.13
N LEU Q 236 36.37 60.15 -14.92
CA LEU Q 236 36.77 60.58 -13.58
C LEU Q 236 35.60 60.44 -12.61
N VAL Q 237 34.53 61.17 -12.89
CA VAL Q 237 33.25 61.04 -12.19
C VAL Q 237 32.89 59.56 -11.93
N LEU Q 238 33.15 58.70 -12.92
CA LEU Q 238 32.94 57.27 -12.74
C LEU Q 238 33.79 56.72 -11.63
N LYS Q 239 35.02 57.20 -11.51
CA LYS Q 239 35.95 56.72 -10.46
C LYS Q 239 35.56 57.24 -9.09
N CYS Q 240 35.10 58.48 -9.06
CA CYS Q 240 34.56 59.07 -7.83
C CYS Q 240 33.40 58.22 -7.30
N ALA Q 241 32.49 57.83 -8.19
CA ALA Q 241 31.40 56.92 -7.82
C ALA Q 241 31.85 55.51 -7.41
N GLU Q 242 33.07 55.10 -7.76
CA GLU Q 242 33.54 53.76 -7.35
C GLU Q 242 34.19 53.75 -5.97
N PHE Q 243 34.90 54.84 -5.62
CA PHE Q 243 35.84 54.86 -4.47
C PHE Q 243 35.53 55.97 -3.48
N ASP Q 244 35.36 57.18 -3.96
CA ASP Q 244 35.08 58.25 -3.01
C ASP Q 244 33.93 57.85 -2.08
N THR Q 245 33.93 58.40 -0.89
CA THR Q 245 33.09 57.92 0.18
C THR Q 245 31.94 58.85 0.56
N SER Q 246 32.11 60.14 0.33
CA SER Q 246 31.12 61.13 0.76
C SER Q 246 29.73 60.95 0.15
N PRO Q 247 28.73 60.62 0.98
CA PRO Q 247 27.34 60.80 0.57
C PRO Q 247 27.06 62.00 -0.36
N ILE Q 248 27.45 63.18 0.09
CA ILE Q 248 27.03 64.37 -0.64
C ILE Q 248 27.71 64.40 -2.00
N LEU Q 249 28.84 63.73 -2.14
CA LEU Q 249 29.62 63.80 -3.36
C LEU Q 249 29.15 62.72 -4.31
N LEU Q 250 29.11 61.48 -3.85
CA LEU Q 250 28.44 60.37 -4.56
C LEU Q 250 26.99 60.72 -5.09
N SER Q 251 26.25 61.51 -4.31
CA SER Q 251 24.95 61.99 -4.73
C SER Q 251 25.06 62.85 -5.99
N TYR Q 252 26.01 63.80 -5.97
CA TYR Q 252 26.34 64.56 -7.19
C TYR Q 252 26.84 63.63 -8.33
N ALA Q 253 27.67 62.64 -8.03
CA ALA Q 253 28.21 61.81 -9.09
C ALA Q 253 27.09 61.05 -9.78
N LEU Q 254 26.39 60.18 -9.04
CA LEU Q 254 25.30 59.36 -9.61
C LEU Q 254 24.31 60.25 -10.33
N SER Q 255 24.07 61.46 -9.83
CA SER Q 255 23.30 62.44 -10.60
C SER Q 255 23.94 62.71 -11.97
N PHE Q 256 25.19 63.16 -11.94
CA PHE Q 256 25.93 63.47 -13.15
C PHE Q 256 25.85 62.34 -14.16
N ILE Q 257 26.14 61.13 -13.72
CA ILE Q 257 26.37 60.04 -14.63
C ILE Q 257 25.01 59.66 -15.25
N LEU Q 258 23.98 59.51 -14.43
CA LEU Q 258 22.60 59.36 -14.93
C LEU Q 258 22.13 60.42 -15.95
N ILE Q 260 23.80 62.10 -17.99
CA ILE Q 260 24.58 62.14 -19.19
C ILE Q 260 24.44 60.88 -20.02
N LEU Q 261 24.18 59.77 -19.36
CA LEU Q 261 24.17 58.44 -19.97
C LEU Q 261 23.21 58.26 -21.19
N SER Q 262 22.10 59.01 -21.21
CA SER Q 262 21.27 59.23 -22.41
C SER Q 262 22.10 59.61 -23.66
N HIS Q 263 22.88 60.70 -23.52
CA HIS Q 263 23.76 61.28 -24.57
C HIS Q 263 25.07 60.54 -24.89
N ILE Q 264 25.15 59.27 -24.53
CA ILE Q 264 26.33 58.48 -24.83
C ILE Q 264 25.90 57.24 -25.65
N CYS Q 265 25.62 56.12 -24.97
CA CYS Q 265 25.35 54.82 -25.63
C CYS Q 265 26.49 54.38 -26.55
N ASN Q 266 27.67 54.97 -26.35
CA ASN Q 266 28.91 54.59 -26.99
C ASN Q 266 29.86 54.11 -25.93
N SER Q 267 30.28 55.03 -25.04
CA SER Q 267 31.07 54.67 -23.86
C SER Q 267 30.39 53.55 -23.07
N LEU Q 268 29.06 53.49 -23.13
CA LEU Q 268 28.31 52.44 -22.47
C LEU Q 268 29.03 51.11 -22.57
N ASP Q 269 29.44 50.72 -23.76
CA ASP Q 269 30.10 49.40 -23.97
C ASP Q 269 31.48 49.28 -23.27
N ASP Q 270 32.01 50.39 -22.74
CA ASP Q 270 33.26 50.43 -21.97
C ASP Q 270 33.02 50.50 -20.45
N SER Q 271 32.13 51.42 -20.10
CA SER Q 271 31.77 51.63 -18.71
C SER Q 271 30.86 50.54 -18.15
N LEU Q 272 30.38 49.63 -18.98
CA LEU Q 272 29.31 48.68 -18.56
C LEU Q 272 29.59 47.86 -17.27
N TYR Q 273 30.78 47.29 -17.11
CA TYR Q 273 31.08 46.58 -15.88
C TYR Q 273 31.30 47.60 -14.76
N ARG Q 274 31.88 48.77 -15.09
CA ARG Q 274 32.12 49.76 -14.05
C ARG Q 274 30.78 50.12 -13.47
N LEU Q 275 29.84 50.33 -14.38
CA LEU Q 275 28.48 50.72 -14.04
C LEU Q 275 27.71 49.67 -13.24
N PHE Q 276 27.95 48.38 -13.47
CA PHE Q 276 27.29 47.35 -12.63
C PHE Q 276 27.82 47.46 -11.22
N CYS Q 277 29.11 47.73 -11.10
CA CYS Q 277 29.73 47.76 -9.81
C CYS Q 277 29.32 48.98 -9.01
N ILE Q 278 28.91 50.03 -9.70
CA ILE Q 278 28.38 51.22 -9.07
C ILE Q 278 26.92 51.02 -8.66
N TYR Q 279 26.16 50.26 -9.47
CA TYR Q 279 24.76 49.94 -9.14
C TYR Q 279 24.84 49.10 -7.83
N LEU Q 280 25.74 48.12 -7.81
CA LEU Q 280 26.01 47.36 -6.59
C LEU Q 280 26.31 48.26 -5.38
N ARG Q 281 27.19 49.24 -5.55
CA ARG Q 281 27.64 50.07 -4.44
C ARG Q 281 26.49 50.86 -3.93
N PHE Q 282 25.80 51.52 -4.86
CA PHE Q 282 24.80 52.51 -4.47
C PHE Q 282 23.58 51.85 -3.90
N SER Q 283 23.30 50.62 -4.34
CA SER Q 283 22.12 49.91 -3.87
C SER Q 283 22.36 49.39 -2.47
N ILE Q 285 24.09 51.12 -0.21
CA ILE Q 285 24.22 52.21 0.76
C ILE Q 285 23.49 51.82 2.05
N ASP Q 286 23.93 52.35 3.19
CA ASP Q 286 23.50 51.82 4.48
C ASP Q 286 23.55 52.97 5.54
N PRO Q 287 22.65 52.95 6.56
CA PRO Q 287 22.51 54.21 7.33
C PRO Q 287 23.51 54.34 8.47
N THR Q 288 24.29 53.31 8.69
CA THR Q 288 25.36 53.36 9.65
C THR Q 288 26.75 53.35 8.95
N SER Q 289 27.01 52.32 8.15
CA SER Q 289 28.30 52.18 7.50
C SER Q 289 28.44 53.06 6.31
N GLY Q 290 27.33 53.61 5.83
CA GLY Q 290 27.30 54.32 4.53
C GLY Q 290 27.58 53.35 3.38
N PHE Q 291 28.03 53.92 2.26
CA PHE Q 291 28.39 53.09 1.10
C PHE Q 291 29.48 52.08 1.45
N PRO Q 292 29.44 50.91 0.78
CA PRO Q 292 30.62 50.04 0.86
C PRO Q 292 31.90 50.76 0.40
N SER Q 293 32.97 50.51 1.15
CA SER Q 293 34.26 51.09 0.89
C SER Q 293 34.99 50.17 -0.05
N SER Q 294 35.53 50.72 -1.14
CA SER Q 294 36.29 49.91 -2.09
C SER Q 294 37.62 49.56 -1.49
N THR Q 295 38.21 48.47 -1.95
CA THR Q 295 39.53 48.07 -1.45
C THR Q 295 40.65 48.54 -2.36
N ALA Q 296 40.38 48.73 -3.65
CA ALA Q 296 41.44 49.02 -4.60
C ALA Q 296 41.76 50.49 -4.60
N SER Q 297 40.82 51.31 -5.07
CA SER Q 297 41.08 52.74 -5.24
C SER Q 297 42.38 52.96 -6.03
N GLY Q 298 42.93 51.90 -6.63
CA GLY Q 298 44.34 51.88 -7.09
C GLY Q 298 45.13 53.11 -6.71
N ASN Q 299 45.45 53.96 -7.70
CA ASN Q 299 46.14 55.26 -7.47
C ASN Q 299 45.22 56.51 -7.52
N TRP Q 300 43.98 56.35 -7.05
CA TRP Q 300 42.95 57.36 -7.30
C TRP Q 300 43.04 58.49 -6.28
N GLU Q 301 42.98 58.17 -5.00
CA GLU Q 301 42.95 59.17 -3.93
C GLU Q 301 41.52 59.62 -3.52
N VAL Q 302 40.86 58.68 -2.86
CA VAL Q 302 39.60 58.87 -2.16
C VAL Q 302 39.39 60.22 -1.44
N PHE Q 303 38.15 60.73 -1.49
CA PHE Q 303 37.61 61.81 -0.65
C PHE Q 303 36.63 61.19 0.28
N HIS Q 304 36.98 61.13 1.57
CA HIS Q 304 36.03 60.77 2.63
C HIS Q 304 35.40 62.02 3.21
N ASP Q 305 34.24 61.88 3.83
CA ASP Q 305 33.50 63.09 4.24
C ASP Q 305 34.34 63.96 5.22
N PHE Q 306 34.91 63.35 6.26
CA PHE Q 306 35.75 64.08 7.22
C PHE Q 306 37.25 63.71 7.06
N SER Q 308 39.46 64.84 9.22
CA SER Q 308 39.59 65.52 10.52
C SER Q 308 38.78 64.82 11.65
N SER Q 339 16.74 62.42 -5.55
CA SER Q 339 15.64 61.98 -6.41
C SER Q 339 16.06 61.27 -7.71
N LEU Q 340 17.38 61.14 -7.96
CA LEU Q 340 17.98 60.27 -9.02
C LEU Q 340 18.74 59.11 -8.36
N ASP Q 341 18.01 58.15 -7.77
CA ASP Q 341 18.67 57.07 -6.98
C ASP Q 341 19.03 55.92 -7.89
N TYR Q 342 19.54 54.85 -7.32
CA TYR Q 342 19.93 53.71 -8.11
C TYR Q 342 18.83 53.05 -8.93
N SER Q 343 17.62 53.10 -8.40
CA SER Q 343 16.45 52.57 -9.12
C SER Q 343 16.43 53.13 -10.54
N GLN Q 344 16.70 54.41 -10.68
CA GLN Q 344 16.84 55.00 -12.00
C GLN Q 344 17.99 54.36 -12.76
N LEU Q 345 19.07 54.00 -12.10
CA LEU Q 345 20.17 53.36 -12.82
C LEU Q 345 19.84 51.89 -13.10
N PHE Q 346 18.93 51.32 -12.32
CA PHE Q 346 18.46 49.93 -12.56
C PHE Q 346 17.64 49.89 -13.84
N SER Q 347 16.73 50.84 -14.00
CA SER Q 347 15.86 50.82 -15.17
C SER Q 347 16.66 50.95 -16.47
N ILE Q 348 17.70 51.79 -16.45
CA ILE Q 348 18.52 51.94 -17.65
C ILE Q 348 19.57 50.83 -17.84
N LEU Q 349 19.92 50.10 -16.81
CA LEU Q 349 20.73 48.93 -17.08
C LEU Q 349 19.86 47.74 -17.43
N TYR Q 350 18.58 47.71 -17.01
CA TYR Q 350 17.64 46.62 -17.40
C TYR Q 350 17.24 46.79 -18.84
N ALA Q 351 16.93 48.04 -19.23
CA ALA Q 351 16.90 48.40 -20.65
C ALA Q 351 18.30 48.18 -21.11
N LEU Q 352 18.51 47.80 -22.35
CA LEU Q 352 19.90 47.80 -22.85
C LEU Q 352 20.74 46.54 -22.56
N TYR Q 353 20.87 46.13 -21.30
CA TYR Q 353 21.65 44.90 -21.03
C TYR Q 353 20.99 43.99 -20.04
N PRO Q 354 19.67 43.76 -20.20
CA PRO Q 354 18.93 42.88 -19.27
C PRO Q 354 19.67 41.60 -19.04
N ILE Q 355 19.88 40.83 -20.08
CA ILE Q 355 20.37 39.51 -19.86
C ILE Q 355 21.57 39.52 -18.91
N ASN Q 356 22.56 40.40 -19.19
CA ASN Q 356 23.83 40.45 -18.45
C ASN Q 356 23.68 41.01 -17.04
N PHE Q 357 23.16 42.23 -16.94
CA PHE Q 357 22.77 42.85 -15.66
C PHE Q 357 21.94 41.99 -14.69
N LEU Q 358 21.24 40.96 -15.16
CA LEU Q 358 20.51 40.06 -14.26
C LEU Q 358 21.39 38.90 -13.85
N GLU Q 359 22.25 38.47 -14.77
CA GLU Q 359 23.26 37.46 -14.50
C GLU Q 359 24.25 38.02 -13.48
N PHE Q 360 24.40 39.36 -13.49
CA PHE Q 360 25.33 40.04 -12.59
C PHE Q 360 24.75 40.01 -11.20
N LEU Q 361 23.59 40.61 -11.07
CA LEU Q 361 22.82 40.57 -9.83
C LEU Q 361 22.58 39.21 -9.26
N ARG Q 362 22.67 38.16 -10.06
CA ARG Q 362 22.42 36.85 -9.53
C ARG Q 362 23.51 36.47 -8.53
N ASP Q 363 24.77 36.73 -8.90
CA ASP Q 363 25.94 36.29 -8.14
C ASP Q 363 27.06 37.14 -8.68
N PRO Q 364 27.18 38.40 -8.18
CA PRO Q 364 28.15 39.34 -8.80
C PRO Q 364 29.67 38.96 -8.79
N LYS Q 365 30.16 38.33 -7.72
CA LYS Q 365 31.55 37.87 -7.76
C LYS Q 365 31.81 36.99 -9.01
N LEU Q 366 30.82 36.19 -9.37
CA LEU Q 366 30.96 35.17 -10.43
C LEU Q 366 30.88 35.78 -11.83
N TYR Q 367 29.92 36.67 -12.03
CA TYR Q 367 29.84 37.41 -13.28
C TYR Q 367 31.08 38.26 -13.42
N ALA Q 368 31.71 38.63 -12.30
CA ALA Q 368 32.91 39.48 -12.32
C ALA Q 368 34.20 38.75 -12.67
N SER Q 369 34.46 37.53 -12.20
CA SER Q 369 35.41 36.71 -12.94
C SER Q 369 34.66 36.33 -14.18
N LYS Q 370 35.32 35.77 -15.18
CA LYS Q 370 34.58 35.33 -16.37
C LYS Q 370 34.24 36.52 -17.20
N HIS Q 371 34.38 37.70 -16.63
CA HIS Q 371 34.34 38.92 -17.40
C HIS Q 371 35.56 39.77 -17.06
N ASN Q 372 36.44 39.21 -16.24
CA ASN Q 372 37.79 39.71 -16.08
C ASN Q 372 37.90 41.02 -15.32
N PHE Q 373 36.97 41.27 -14.40
CA PHE Q 373 37.07 42.40 -13.47
C PHE Q 373 36.88 41.91 -12.05
N GLN Q 374 36.94 42.80 -11.07
CA GLN Q 374 36.82 42.42 -9.66
C GLN Q 374 35.73 43.21 -8.99
N ILE Q 375 35.13 42.63 -7.96
CA ILE Q 375 34.23 43.40 -7.08
C ILE Q 375 35.01 43.91 -5.86
N ARG Q 376 35.11 45.23 -5.72
CA ARG Q 376 35.92 45.81 -4.63
C ARG Q 376 35.20 46.01 -3.27
N TYR Q 377 33.93 45.58 -3.19
CA TYR Q 377 33.01 45.80 -2.09
C TYR Q 377 32.65 44.50 -1.37
N SER Q 378 32.45 44.60 -0.05
CA SER Q 378 31.81 43.55 0.76
C SER Q 378 30.31 43.90 0.69
N PHE Q 379 29.45 42.89 0.50
CA PHE Q 379 27.98 43.11 0.32
C PHE Q 379 27.13 41.92 0.70
N ASN Q 380 25.87 42.22 0.99
CA ASN Q 380 24.90 41.23 1.47
C ASN Q 380 24.20 40.71 0.27
N GLN Q 381 24.48 39.48 -0.13
CA GLN Q 381 23.85 38.97 -1.34
C GLN Q 381 22.36 38.99 -1.20
N GLU Q 382 21.88 38.31 -0.15
CA GLU Q 382 20.45 38.13 0.11
C GLU Q 382 19.63 39.45 0.15
N LEU Q 383 20.29 40.55 0.49
CA LEU Q 383 19.67 41.85 0.47
C LEU Q 383 19.68 42.43 -0.93
N LEU Q 384 20.72 42.09 -1.72
CA LEU Q 384 20.87 42.61 -3.08
C LEU Q 384 19.69 42.08 -3.80
N SER Q 385 19.49 40.76 -3.72
CA SER Q 385 18.29 40.05 -4.20
C SER Q 385 16.97 40.75 -3.86
N THR Q 386 16.49 40.57 -2.62
CA THR Q 386 15.43 41.36 -1.97
C THR Q 386 15.22 42.70 -2.68
N LYS Q 387 16.24 43.56 -2.69
CA LYS Q 387 16.11 44.95 -3.15
C LYS Q 387 15.85 45.07 -4.63
N SER Q 388 16.48 44.17 -5.36
CA SER Q 388 16.57 44.24 -6.80
C SER Q 388 15.31 43.62 -7.36
N ASP Q 389 15.02 42.41 -6.91
CA ASP Q 389 13.72 41.79 -7.14
C ASP Q 389 12.59 42.83 -6.97
N GLY Q 390 12.64 43.59 -5.89
CA GLY Q 390 11.67 44.68 -5.73
C GLY Q 390 11.52 45.46 -7.02
N LEU Q 391 12.64 45.99 -7.50
CA LEU Q 391 12.71 46.85 -8.68
C LEU Q 391 12.28 46.18 -9.97
N LEU Q 392 12.62 44.90 -10.08
CA LEU Q 392 12.44 44.12 -11.29
C LEU Q 392 10.96 44.12 -11.61
N GLY Q 393 10.16 43.65 -10.65
CA GLY Q 393 8.73 43.49 -10.86
C GLY Q 393 8.02 44.76 -11.26
N ARG Q 394 8.64 45.91 -11.07
CA ARG Q 394 8.12 47.15 -11.65
C ARG Q 394 8.43 47.24 -13.17
N HIS Q 395 8.94 46.19 -13.76
CA HIS Q 395 9.29 46.24 -15.15
C HIS Q 395 8.67 45.07 -15.95
N LEU Q 396 8.43 45.30 -17.22
CA LEU Q 396 7.95 44.22 -18.09
C LEU Q 396 9.08 43.28 -18.47
N ALA Q 397 8.69 42.03 -18.73
CA ALA Q 397 9.56 41.10 -19.42
C ALA Q 397 10.23 41.78 -20.62
N HIS Q 398 11.50 41.44 -20.87
CA HIS Q 398 12.34 42.11 -21.91
C HIS Q 398 12.68 41.08 -22.97
N SER Q 399 12.43 41.46 -24.22
CA SER Q 399 12.50 40.55 -25.36
C SER Q 399 13.89 40.06 -25.78
N ASN Q 400 14.98 40.74 -25.41
CA ASN Q 400 16.32 40.16 -25.56
C ASN Q 400 16.39 38.71 -25.10
N PHE Q 401 15.65 38.33 -24.07
CA PHE Q 401 15.66 36.94 -23.65
C PHE Q 401 15.22 35.93 -24.72
N LEU Q 402 14.50 36.39 -25.74
CA LEU Q 402 14.05 35.58 -26.88
C LEU Q 402 14.95 35.70 -28.10
N LYS Q 403 15.80 36.73 -28.14
CA LYS Q 403 16.72 37.01 -29.27
C LYS Q 403 18.20 36.66 -29.04
N TYR Q 404 18.68 36.85 -27.80
CA TYR Q 404 20.13 36.91 -27.48
C TYR Q 404 20.55 36.07 -26.31
N THR Q 405 21.79 35.63 -26.32
CA THR Q 405 22.42 35.12 -25.13
C THR Q 405 23.16 36.25 -24.45
N ALA Q 406 23.82 35.94 -23.35
CA ALA Q 406 24.56 36.96 -22.70
C ALA Q 406 25.68 37.36 -23.64
N GLU Q 407 26.29 36.41 -24.37
CA GLU Q 407 27.43 36.75 -25.23
C GLU Q 407 26.91 37.54 -26.40
N THR Q 408 25.92 37.02 -27.12
CA THR Q 408 25.39 37.77 -28.28
C THR Q 408 24.80 39.13 -27.87
N GLU Q 409 24.40 39.27 -26.60
CA GLU Q 409 23.99 40.59 -26.07
C GLU Q 409 25.15 41.62 -26.08
N LEU Q 410 26.37 41.19 -25.72
CA LEU Q 410 27.53 42.09 -25.58
C LEU Q 410 28.16 42.31 -26.93
N THR Q 411 28.26 41.21 -27.67
CA THR Q 411 28.93 41.16 -28.97
C THR Q 411 27.94 41.02 -30.12
N ASP Q 412 27.29 42.11 -30.52
CA ASP Q 412 26.37 42.07 -31.65
C ASP Q 412 25.69 43.40 -31.78
N LYS Q 413 26.24 44.21 -32.66
CA LYS Q 413 25.74 45.58 -32.85
C LYS Q 413 24.49 45.70 -33.74
N SER Q 414 24.08 44.61 -34.41
CA SER Q 414 22.86 44.61 -35.25
C SER Q 414 21.61 44.81 -34.40
N ARG Q 415 21.86 45.05 -33.10
CA ARG Q 415 20.85 45.33 -32.11
C ARG Q 415 20.59 46.83 -32.00
N TRP Q 416 21.58 47.67 -32.28
CA TRP Q 416 21.38 49.14 -32.27
C TRP Q 416 21.05 49.63 -33.70
N THR Q 417 20.29 48.80 -34.44
CA THR Q 417 19.52 49.21 -35.63
C THR Q 417 18.10 49.60 -35.17
N ARG Q 418 17.42 48.69 -34.45
CA ARG Q 418 16.04 48.89 -33.91
C ARG Q 418 15.82 50.26 -33.27
N LEU Q 419 16.90 50.85 -32.74
CA LEU Q 419 16.85 52.03 -31.87
C LEU Q 419 16.61 53.33 -32.65
N ASP Q 420 17.07 53.36 -33.89
CA ASP Q 420 16.65 54.38 -34.85
C ASP Q 420 15.12 54.31 -34.90
N SER Q 421 14.63 53.11 -35.23
CA SER Q 421 13.22 52.84 -35.53
C SER Q 421 12.19 53.17 -34.44
N ILE Q 422 12.59 53.09 -33.16
CA ILE Q 422 11.69 53.39 -32.04
C ILE Q 422 11.74 54.89 -31.68
N ALA Q 423 12.89 55.51 -31.96
CA ALA Q 423 13.11 56.94 -31.73
C ALA Q 423 12.20 57.78 -32.60
N VAL Q 424 12.09 57.35 -33.87
CA VAL Q 424 11.14 57.88 -34.85
C VAL Q 424 9.77 57.89 -34.22
N VAL Q 425 9.27 56.70 -33.92
CA VAL Q 425 7.89 56.48 -33.44
C VAL Q 425 7.68 57.17 -32.10
N ALA Q 426 8.76 57.36 -31.35
CA ALA Q 426 8.70 58.09 -30.11
C ALA Q 426 8.59 59.59 -30.36
N LEU Q 427 9.37 60.07 -31.34
CA LEU Q 427 9.50 61.50 -31.68
C LEU Q 427 8.23 62.07 -32.34
N CYS Q 428 7.66 61.35 -33.30
CA CYS Q 428 6.36 61.73 -33.87
C CYS Q 428 5.30 61.87 -32.79
N ASN Q 429 5.19 60.85 -31.95
CA ASN Q 429 4.20 60.82 -30.87
C ASN Q 429 4.18 62.12 -30.08
N SER Q 430 5.36 62.55 -29.64
CA SER Q 430 5.50 63.78 -28.83
C SER Q 430 5.24 65.11 -29.59
N LEU Q 431 5.18 65.04 -30.93
CA LEU Q 431 4.72 66.17 -31.75
C LEU Q 431 3.18 66.23 -31.90
N ASN Q 432 2.46 65.15 -31.56
CA ASN Q 432 0.98 65.06 -31.68
C ASN Q 432 0.40 65.80 -30.52
N ALA Q 433 -0.23 66.94 -30.78
CA ALA Q 433 -0.94 67.64 -29.73
C ALA Q 433 -2.26 66.96 -29.40
N VAL Q 434 -2.59 65.86 -30.13
CA VAL Q 434 -3.93 65.24 -30.10
C VAL Q 434 -4.91 66.21 -30.78
N PRO R 5 23.30 -1.48 -45.42
CA PRO R 5 22.53 -0.36 -44.80
C PRO R 5 21.54 0.36 -45.75
N LEU R 6 21.92 0.51 -47.02
CA LEU R 6 21.10 1.20 -47.99
C LEU R 6 20.16 0.23 -48.67
N GLN R 7 20.13 -1.02 -48.22
CA GLN R 7 19.40 -2.08 -48.95
C GLN R 7 18.06 -2.31 -48.30
N SER R 8 18.08 -2.34 -46.96
CA SER R 8 16.85 -2.45 -46.17
C SER R 8 16.01 -1.16 -46.26
N LEU R 9 16.71 -0.04 -46.50
CA LEU R 9 16.04 1.23 -46.77
C LEU R 9 15.24 1.12 -48.07
N VAL R 10 15.90 0.71 -49.15
CA VAL R 10 15.30 0.68 -50.48
C VAL R 10 14.19 -0.37 -50.55
N LYS R 11 14.28 -1.41 -49.72
CA LYS R 11 13.19 -2.37 -49.60
C LYS R 11 12.02 -1.70 -48.91
N ALA R 12 12.20 -1.30 -47.65
CA ALA R 12 11.16 -0.57 -46.91
C ALA R 12 10.46 0.54 -47.70
N LEU R 13 11.18 1.09 -48.66
CA LEU R 13 10.72 2.16 -49.54
C LEU R 13 9.79 1.61 -50.62
N TRP R 14 10.17 0.49 -51.23
CA TRP R 14 9.25 -0.22 -52.16
C TRP R 14 8.02 -0.71 -51.39
N ASN R 15 8.20 -1.39 -50.27
CA ASN R 15 7.05 -1.79 -49.46
C ASN R 15 6.05 -0.64 -49.28
N VAL R 16 6.56 0.54 -48.94
CA VAL R 16 5.70 1.62 -48.52
C VAL R 16 4.97 2.23 -49.72
N LEU R 17 5.61 2.31 -50.87
CA LEU R 17 4.98 2.85 -52.08
C LEU R 17 4.20 1.77 -52.90
N HIS R 18 3.65 0.74 -52.20
CA HIS R 18 2.69 -0.27 -52.74
C HIS R 18 1.68 -0.80 -51.70
N ASP R 27 1.43 3.85 -43.14
CA ASP R 27 2.11 2.85 -42.27
C ASP R 27 3.64 2.94 -42.31
N LEU R 28 4.14 4.17 -42.18
CA LEU R 28 5.55 4.51 -42.40
C LEU R 28 6.50 4.01 -41.32
N THR R 29 5.96 3.36 -40.30
CA THR R 29 6.69 2.94 -39.09
C THR R 29 8.06 2.31 -39.38
N GLU R 30 8.08 1.34 -40.30
CA GLU R 30 9.30 0.60 -40.66
C GLU R 30 10.31 1.50 -41.38
N LEU R 31 9.86 2.20 -42.42
CA LEU R 31 10.63 3.26 -43.11
C LEU R 31 11.27 4.32 -42.17
N ILE R 32 10.54 4.73 -41.14
CA ILE R 32 11.06 5.70 -40.19
C ILE R 32 12.18 5.05 -39.38
N ALA R 33 11.90 3.88 -38.81
CA ALA R 33 12.89 3.08 -38.10
C ALA R 33 14.15 2.86 -38.94
N GLU R 34 13.93 2.65 -40.23
CA GLU R 34 14.99 2.33 -41.22
C GLU R 34 15.82 3.54 -41.63
N VAL R 35 15.23 4.71 -41.53
CA VAL R 35 15.99 5.92 -41.73
C VAL R 35 16.76 6.21 -40.44
N GLU R 36 16.10 6.13 -39.27
CA GLU R 36 16.74 6.51 -38.00
C GLU R 36 17.99 5.66 -37.70
N SER R 37 18.03 4.41 -38.15
CA SER R 37 19.22 3.54 -38.03
C SER R 37 20.27 3.85 -39.12
N TYR R 38 19.81 4.02 -40.37
CA TYR R 38 20.63 4.52 -41.48
C TYR R 38 21.42 5.76 -41.05
N GLN R 39 20.75 6.67 -40.35
CA GLN R 39 21.32 7.97 -39.99
C GLN R 39 22.44 7.84 -38.99
N GLN R 40 22.42 6.75 -38.22
CA GLN R 40 23.52 6.48 -37.33
C GLN R 40 24.80 6.04 -38.07
N ARG R 41 24.69 5.30 -39.16
CA ARG R 41 25.89 5.09 -39.98
C ARG R 41 26.23 6.29 -40.88
N TYR R 42 25.29 7.20 -41.12
CA TYR R 42 25.55 8.33 -42.04
C TYR R 42 25.06 9.66 -41.50
N PRO R 43 25.66 10.11 -40.40
CA PRO R 43 25.42 11.42 -39.80
C PRO R 43 25.40 12.65 -40.77
N LYS R 44 26.32 12.67 -41.74
CA LYS R 44 26.28 13.65 -42.83
C LYS R 44 25.73 12.97 -44.08
N GLN R 45 25.29 13.76 -45.06
CA GLN R 45 24.71 13.21 -46.30
C GLN R 45 25.75 12.51 -47.14
N ASN R 46 25.52 11.23 -47.44
CA ASN R 46 26.45 10.42 -48.24
C ASN R 46 26.24 10.64 -49.74
N PRO R 47 27.23 11.20 -50.43
CA PRO R 47 26.90 11.57 -51.82
C PRO R 47 26.51 10.40 -52.79
N THR R 48 27.04 9.18 -52.61
CA THR R 48 26.64 8.09 -53.54
C THR R 48 25.35 7.42 -53.11
N ASN R 49 25.07 7.36 -51.81
CA ASN R 49 23.74 6.90 -51.40
C ASN R 49 22.64 7.82 -51.88
N SER R 50 22.84 9.14 -51.77
CA SER R 50 21.86 10.11 -52.23
C SER R 50 21.60 9.75 -53.71
N GLN R 51 22.64 9.90 -54.52
CA GLN R 51 22.71 9.42 -55.91
C GLN R 51 21.86 8.18 -56.18
N LYS R 52 22.12 7.15 -55.37
CA LYS R 52 21.48 5.86 -55.54
C LYS R 52 20.01 5.98 -55.25
N ILE R 53 19.71 6.52 -54.07
CA ILE R 53 18.35 6.56 -53.54
C ILE R 53 17.49 7.33 -54.52
N ARG R 54 18.01 8.45 -54.98
CA ARG R 54 17.26 9.31 -55.89
C ARG R 54 16.84 8.58 -57.17
N HIS R 55 17.79 7.91 -57.81
CA HIS R 55 17.49 6.91 -58.82
C HIS R 55 16.26 6.03 -58.49
N ILE R 56 16.35 5.28 -57.38
CA ILE R 56 15.28 4.36 -56.97
C ILE R 56 13.89 5.01 -57.02
N LEU R 57 13.79 6.16 -56.36
CA LEU R 57 12.58 6.99 -56.30
C LEU R 57 12.05 7.35 -57.67
N ASP R 58 12.95 7.69 -58.59
CA ASP R 58 12.57 8.06 -59.93
C ASP R 58 12.00 6.83 -60.60
N GLU R 59 12.61 5.68 -60.36
CA GLU R 59 12.11 4.44 -60.92
C GLU R 59 10.75 4.06 -60.36
N ILE R 60 10.55 4.21 -59.06
CA ILE R 60 9.24 3.93 -58.46
C ILE R 60 8.20 4.91 -59.00
N TYR R 61 8.62 6.12 -59.29
CA TYR R 61 7.68 7.13 -59.70
C TYR R 61 6.94 6.62 -60.91
N GLU R 62 7.69 6.00 -61.81
CA GLU R 62 7.17 5.44 -63.06
C GLU R 62 6.17 4.34 -62.78
N LYS R 63 6.51 3.47 -61.85
CA LYS R 63 5.60 2.40 -61.41
C LYS R 63 4.29 2.96 -60.74
N THR R 64 4.43 3.91 -59.80
CA THR R 64 3.27 4.61 -59.17
C THR R 64 3.52 6.14 -59.09
N PRO R 65 2.73 6.96 -59.78
CA PRO R 65 3.15 8.34 -59.77
C PRO R 65 2.29 9.24 -58.84
N PHE R 66 1.97 10.45 -59.29
CA PHE R 66 1.41 11.49 -58.43
C PHE R 66 -0.04 11.76 -58.81
N ASN R 67 -0.64 10.77 -59.48
CA ASN R 67 -1.84 10.95 -60.31
C ASN R 67 -3.15 10.89 -59.57
N ASN R 68 -3.30 10.01 -58.60
CA ASN R 68 -4.45 10.14 -57.71
C ASN R 68 -4.01 10.60 -56.32
N THR R 69 -4.94 10.65 -55.37
CA THR R 69 -4.65 11.28 -54.10
C THR R 69 -3.90 10.39 -53.09
N ARG R 70 -4.41 9.21 -52.74
CA ARG R 70 -3.64 8.27 -51.87
C ARG R 70 -2.17 8.15 -52.31
N ARG R 71 -1.90 8.48 -53.57
CA ARG R 71 -0.55 8.44 -54.10
C ARG R 71 0.25 9.60 -53.59
N ARG R 72 -0.38 10.77 -53.57
CA ARG R 72 0.30 12.01 -53.21
C ARG R 72 0.64 12.05 -51.72
N ILE R 73 -0.35 11.71 -50.89
CA ILE R 73 -0.19 11.58 -49.43
C ILE R 73 1.01 10.69 -49.18
N LEU R 74 0.93 9.49 -49.70
CA LEU R 74 2.00 8.52 -49.64
C LEU R 74 3.34 9.08 -50.15
N TRP R 75 3.33 9.81 -51.27
CA TRP R 75 4.55 10.39 -51.82
C TRP R 75 5.09 11.45 -50.91
N LEU R 76 4.31 12.50 -50.72
CA LEU R 76 4.68 13.60 -49.83
C LEU R 76 5.16 13.11 -48.45
N ALA R 77 4.45 12.19 -47.84
CA ALA R 77 4.87 11.63 -46.57
C ALA R 77 6.24 10.97 -46.63
N VAL R 78 6.54 10.27 -47.72
CA VAL R 78 7.85 9.63 -47.85
C VAL R 78 8.98 10.67 -48.13
N LEU R 79 8.71 11.58 -49.07
CA LEU R 79 9.65 12.61 -49.42
C LEU R 79 10.07 13.42 -48.20
N LYS R 80 9.08 13.75 -47.39
CA LYS R 80 9.29 14.40 -46.10
C LYS R 80 10.30 13.65 -45.23
N THR R 81 10.15 12.32 -45.10
CA THR R 81 10.99 11.55 -44.16
C THR R 81 12.38 11.27 -44.70
N VAL R 82 12.54 11.28 -46.02
CA VAL R 82 13.79 10.85 -46.67
C VAL R 82 14.70 12.00 -47.04
N ILE R 83 14.11 13.15 -47.36
CA ILE R 83 14.91 14.24 -47.94
C ILE R 83 16.11 14.65 -47.07
N PRO R 84 15.98 14.50 -45.74
CA PRO R 84 17.21 14.75 -44.97
C PRO R 84 18.43 13.89 -45.40
N LEU R 85 18.19 12.75 -46.04
CA LEU R 85 19.32 11.94 -46.47
C LEU R 85 19.86 12.36 -47.84
N LEU R 86 19.13 13.17 -48.61
CA LEU R 86 19.60 13.54 -49.95
C LEU R 86 20.44 14.84 -50.07
N ILE R 87 21.18 14.86 -51.20
CA ILE R 87 21.93 16.03 -51.69
C ILE R 87 21.40 16.36 -53.09
N LEU R 88 20.98 17.62 -53.28
CA LEU R 88 20.29 18.06 -54.49
C LEU R 88 21.03 19.25 -55.15
N ASP R 89 20.74 19.48 -56.44
CA ASP R 89 21.34 20.59 -57.17
C ASP R 89 20.25 21.36 -57.90
N ARG R 90 20.62 22.31 -58.76
CA ARG R 90 19.60 23.00 -59.53
C ARG R 90 18.82 22.01 -60.35
N GLN R 91 19.52 21.18 -61.09
CA GLN R 91 18.79 20.28 -61.97
C GLN R 91 17.76 19.48 -61.16
N ALA R 92 18.21 18.91 -60.05
CA ALA R 92 17.37 18.05 -59.20
C ALA R 92 16.08 18.73 -58.68
N VAL R 93 16.13 19.99 -58.27
CA VAL R 93 14.88 20.63 -57.84
C VAL R 93 13.94 20.87 -59.05
N GLY R 94 14.47 20.68 -60.27
CA GLY R 94 13.65 20.61 -61.48
C GLY R 94 12.87 19.31 -61.49
N GLU R 95 13.57 18.15 -61.44
CA GLU R 95 12.94 16.83 -61.18
C GLU R 95 11.77 17.10 -60.20
N TRP R 96 12.11 17.64 -59.04
CA TRP R 96 11.18 17.73 -57.93
C TRP R 96 10.04 18.72 -58.21
N TRP R 97 10.35 19.80 -58.93
CA TRP R 97 9.31 20.77 -59.25
C TRP R 97 8.37 20.16 -60.25
N ASP R 98 8.95 19.75 -61.39
CA ASP R 98 8.16 19.33 -62.54
C ASP R 98 7.26 18.18 -62.13
N GLN R 99 7.82 17.27 -61.34
CA GLN R 99 7.18 15.99 -60.94
C GLN R 99 6.42 15.99 -59.62
N ILE R 100 6.74 16.90 -58.68
CA ILE R 100 5.96 16.99 -57.40
C ILE R 100 5.33 18.34 -57.02
N PHE R 101 6.12 19.41 -57.04
CA PHE R 101 5.63 20.68 -56.48
C PHE R 101 4.55 21.33 -57.33
N PHE R 102 4.86 21.44 -58.63
CA PHE R 102 3.95 21.98 -59.64
C PHE R 102 2.62 21.23 -59.72
N PRO R 103 2.65 19.90 -59.94
CA PRO R 103 1.41 19.12 -59.95
C PRO R 103 0.47 19.51 -58.81
N PHE R 104 1.03 19.59 -57.60
CA PHE R 104 0.25 19.90 -56.41
C PHE R 104 -0.18 21.32 -56.44
N LEU R 105 0.78 22.24 -56.52
CA LEU R 105 0.46 23.66 -56.53
C LEU R 105 -0.48 24.01 -57.66
N ASN R 106 -0.43 23.22 -58.74
CA ASN R 106 -1.35 23.45 -59.84
C ASN R 106 -2.79 23.01 -59.64
N SER R 107 -2.99 21.90 -58.92
CA SER R 107 -4.30 21.47 -58.44
C SER R 107 -4.16 20.90 -57.02
N PRO R 108 -4.20 21.80 -56.01
CA PRO R 108 -3.77 21.39 -54.69
C PRO R 108 -4.78 20.50 -54.07
N THR R 109 -4.32 19.34 -53.61
CA THR R 109 -5.13 18.46 -52.78
C THR R 109 -5.70 19.23 -51.59
N GLN R 110 -6.99 19.03 -51.37
CA GLN R 110 -7.80 19.81 -50.41
C GLN R 110 -7.67 19.43 -48.94
N LEU R 111 -6.73 18.57 -48.59
CA LEU R 111 -6.40 18.31 -47.19
C LEU R 111 -5.27 19.19 -46.64
N LYS R 112 -5.39 19.59 -45.39
CA LYS R 112 -4.44 20.50 -44.78
C LYS R 112 -3.14 19.80 -44.38
N PRO R 113 -3.23 18.67 -43.68
CA PRO R 113 -1.95 18.00 -43.37
C PRO R 113 -1.08 17.62 -44.59
N VAL R 114 -1.67 17.63 -45.80
CA VAL R 114 -0.92 17.25 -47.00
C VAL R 114 -0.20 18.46 -47.51
N PHE R 115 -0.93 19.58 -47.61
CA PHE R 115 -0.25 20.84 -47.84
C PHE R 115 0.78 21.13 -46.76
N SER R 116 0.53 20.66 -45.53
CA SER R 116 1.47 20.86 -44.43
C SER R 116 2.75 20.07 -44.67
N ASP R 117 2.63 18.94 -45.39
CA ASP R 117 3.77 18.10 -45.77
C ASP R 117 4.48 18.66 -46.97
N LEU R 118 3.76 19.39 -47.82
CA LEU R 118 4.36 19.94 -49.03
C LEU R 118 5.26 21.10 -48.59
N LYS R 119 4.69 21.98 -47.78
CA LYS R 119 5.49 23.02 -47.17
C LYS R 119 6.69 22.41 -46.40
N SER R 120 6.46 21.38 -45.58
CA SER R 120 7.53 20.78 -44.77
C SER R 120 8.81 20.67 -45.58
N ILE R 121 8.64 20.05 -46.77
CA ILE R 121 9.71 19.79 -47.75
C ILE R 121 10.20 21.09 -48.37
N LEU R 122 9.28 21.87 -48.93
CA LEU R 122 9.66 23.16 -49.51
C LEU R 122 10.61 23.93 -48.65
N PHE R 123 10.38 23.93 -47.34
CA PHE R 123 11.16 24.75 -46.42
C PHE R 123 12.45 24.08 -46.05
N TYR R 124 12.49 22.75 -46.07
CA TYR R 124 13.76 22.06 -45.83
C TYR R 124 14.74 22.60 -46.88
N ILE R 125 14.24 22.68 -48.11
CA ILE R 125 15.01 23.12 -49.25
C ILE R 125 15.40 24.61 -49.15
N LEU R 126 14.39 25.45 -48.87
CA LEU R 126 14.45 26.93 -48.83
C LEU R 126 15.28 27.62 -47.70
N ILE R 127 15.22 27.01 -46.51
CA ILE R 127 15.79 27.53 -45.25
C ILE R 127 16.82 26.57 -44.68
N PHE R 128 17.97 27.11 -44.27
CA PHE R 128 19.04 26.27 -43.73
C PHE R 128 20.03 27.04 -42.82
N HIS R 129 20.83 26.31 -42.04
CA HIS R 129 21.91 26.92 -41.25
C HIS R 129 23.16 26.93 -42.14
N ASP R 130 23.61 25.74 -42.50
CA ASP R 130 24.91 25.53 -43.15
C ASP R 130 24.84 25.66 -44.68
N GLU R 131 25.44 26.72 -45.19
CA GLU R 131 25.68 26.87 -46.64
C GLU R 131 26.48 25.70 -47.25
N ASP R 132 27.47 25.17 -46.51
CA ASP R 132 28.44 24.16 -47.01
C ASP R 132 27.99 22.79 -46.52
N GLU R 133 26.69 22.64 -46.30
CA GLU R 133 26.17 21.38 -45.82
C GLU R 133 26.21 20.38 -46.92
N TRP R 134 26.25 20.85 -48.15
CA TRP R 134 26.17 19.97 -49.30
C TRP R 134 27.45 20.06 -50.12
N GLY R 135 28.36 20.94 -49.70
CA GLY R 135 29.50 21.34 -50.52
C GLY R 135 29.06 22.32 -51.59
N GLY R 136 30.02 22.75 -52.41
CA GLY R 136 29.80 23.70 -53.51
C GLY R 136 29.16 24.96 -52.98
N ASP R 137 28.33 25.57 -53.83
CA ASP R 137 27.37 26.59 -53.41
C ASP R 137 26.00 25.88 -53.21
N LEU R 138 25.97 24.55 -53.33
CA LEU R 138 24.75 23.78 -53.70
C LEU R 138 23.49 24.02 -52.89
N ARG R 139 23.61 24.11 -51.55
CA ARG R 139 22.47 24.42 -50.65
C ARG R 139 21.82 25.73 -51.04
N ARG R 140 22.63 26.76 -51.19
CA ARG R 140 22.19 28.07 -51.70
C ARG R 140 21.52 28.01 -53.10
N GLU R 141 22.20 27.38 -54.08
CA GLU R 141 21.70 27.23 -55.46
C GLU R 141 20.27 26.70 -55.47
N CYS R 142 20.05 25.55 -54.82
CA CYS R 142 18.72 24.94 -54.72
C CYS R 142 17.68 25.96 -54.26
N ALA R 143 17.82 26.42 -53.02
CA ALA R 143 16.96 27.46 -52.50
C ALA R 143 16.60 28.52 -53.57
N GLU R 144 17.61 29.14 -54.18
CA GLU R 144 17.39 30.17 -55.20
C GLU R 144 16.57 29.64 -56.36
N GLU R 145 16.69 28.36 -56.69
CA GLU R 145 15.86 27.83 -57.82
C GLU R 145 14.42 27.71 -57.40
N THR R 146 14.22 27.00 -56.31
CA THR R 146 12.90 26.72 -55.77
C THR R 146 12.11 28.00 -55.57
N ILE R 147 12.74 29.01 -54.98
CA ILE R 147 12.02 30.27 -54.71
C ILE R 147 11.72 30.98 -55.99
N THR R 148 12.64 30.90 -56.94
CA THR R 148 12.39 31.53 -58.23
C THR R 148 11.26 30.85 -58.96
N ARG R 149 11.17 29.53 -58.88
CA ARG R 149 10.04 28.82 -59.46
C ARG R 149 8.74 29.16 -58.76
N LEU R 150 8.85 29.59 -57.50
CA LEU R 150 7.68 29.90 -56.69
C LEU R 150 7.11 31.25 -57.06
N VAL R 151 7.93 32.28 -56.94
CA VAL R 151 7.63 33.62 -57.47
C VAL R 151 7.01 33.51 -58.89
N ASP R 152 7.76 32.95 -59.85
CA ASP R 152 7.27 32.78 -61.21
C ASP R 152 5.85 32.17 -61.25
N LEU R 153 5.68 31.00 -60.63
CA LEU R 153 4.37 30.37 -60.64
C LEU R 153 3.30 31.25 -60.03
N TYR R 154 3.64 32.09 -59.05
CA TYR R 154 2.62 32.91 -58.36
C TYR R 154 2.15 34.08 -59.21
N VAL R 155 3.12 34.75 -59.83
CA VAL R 155 2.85 35.91 -60.63
C VAL R 155 1.98 35.45 -61.77
N SER R 156 2.43 34.41 -62.46
CA SER R 156 1.70 33.90 -63.65
C SER R 156 0.26 33.44 -63.31
N LYS R 157 0.07 32.85 -62.14
CA LYS R 157 -1.25 32.38 -61.76
C LYS R 157 -2.11 33.55 -61.31
N ALA R 158 -1.47 34.68 -61.05
CA ALA R 158 -2.14 35.93 -60.67
C ALA R 158 -2.44 36.87 -61.85
N ILE R 159 -2.28 36.41 -63.09
CA ILE R 159 -2.61 37.23 -64.25
C ILE R 159 -3.44 36.51 -65.33
N GLU R 160 -2.84 35.46 -65.90
CA GLU R 160 -3.34 34.77 -67.09
C GLU R 160 -4.75 34.13 -66.93
N ASN R 161 -5.76 34.73 -67.59
CA ASN R 161 -7.19 34.41 -67.41
C ASN R 161 -7.60 32.88 -67.25
N LEU R 162 -6.99 31.99 -68.05
CA LEU R 162 -7.19 30.52 -67.97
C LEU R 162 -8.60 29.96 -68.25
N GLY R 163 -8.65 28.67 -68.63
CA GLY R 163 -9.91 27.94 -68.90
C GLY R 163 -10.60 27.39 -67.64
N ASP R 164 -11.84 26.95 -67.79
CA ASP R 164 -12.62 26.48 -66.64
C ASP R 164 -12.23 25.07 -66.27
N SER R 167 -13.20 26.47 -63.04
CA SER R 167 -11.82 26.63 -62.62
C SER R 167 -11.59 28.02 -62.01
N GLN R 168 -12.60 28.67 -61.42
CA GLN R 168 -12.39 30.01 -60.81
C GLN R 168 -12.01 29.90 -59.32
N GLU R 169 -12.58 28.90 -58.63
CA GLU R 169 -12.13 28.51 -57.27
C GLU R 169 -10.88 27.64 -57.36
N GLN R 170 -10.65 26.99 -58.50
CA GLN R 170 -9.39 26.22 -58.71
C GLN R 170 -8.19 27.18 -58.75
N ARG R 171 -8.31 28.24 -59.54
CA ARG R 171 -7.27 29.26 -59.64
C ARG R 171 -6.94 29.76 -58.27
N ASN R 172 -8.01 30.05 -57.54
CA ASN R 172 -7.89 30.49 -56.17
C ASN R 172 -7.04 29.52 -55.33
N GLN R 173 -7.56 28.32 -55.11
CA GLN R 173 -6.82 27.27 -54.43
C GLN R 173 -5.31 27.28 -54.70
N THR R 174 -4.89 27.54 -55.92
CA THR R 174 -3.46 27.60 -56.19
C THR R 174 -2.86 28.85 -55.58
N ILE R 175 -3.36 30.04 -55.91
CA ILE R 175 -2.75 31.29 -55.39
C ILE R 175 -2.73 31.40 -53.86
N GLU R 176 -3.69 30.75 -53.20
CA GLU R 176 -3.82 30.77 -51.75
C GLU R 176 -2.66 30.09 -51.12
N CYS R 177 -2.39 28.88 -51.59
CA CYS R 177 -1.18 28.14 -51.22
C CYS R 177 0.08 28.96 -51.51
N LEU R 178 0.16 29.44 -52.74
CA LEU R 178 1.30 30.19 -53.18
C LEU R 178 1.62 31.40 -52.33
N VAL R 179 0.60 32.02 -51.79
CA VAL R 179 0.82 33.15 -50.92
C VAL R 179 1.28 32.71 -49.55
N ASN R 180 0.57 31.73 -49.00
CA ASN R 180 0.98 31.16 -47.75
C ASN R 180 2.47 30.82 -47.75
N VAL R 181 2.98 30.32 -48.88
CA VAL R 181 4.37 29.89 -48.95
C VAL R 181 5.35 31.05 -49.16
N LEU R 182 4.88 32.11 -49.79
CA LEU R 182 5.75 33.23 -50.01
C LEU R 182 5.86 34.02 -48.74
N VAL R 183 4.74 34.20 -48.08
CA VAL R 183 4.71 35.09 -46.95
C VAL R 183 5.56 34.52 -45.83
N HIS R 184 5.40 33.23 -45.59
CA HIS R 184 6.28 32.56 -44.65
C HIS R 184 7.72 32.70 -45.11
N TYR R 185 8.02 32.61 -46.42
CA TYR R 185 9.43 32.70 -46.85
C TYR R 185 9.89 34.13 -46.60
N GLY R 186 9.04 35.07 -46.99
CA GLY R 186 9.29 36.49 -46.77
C GLY R 186 9.68 36.94 -45.37
N ILE R 187 9.00 36.44 -44.33
CA ILE R 187 9.24 36.97 -42.99
C ILE R 187 10.60 36.45 -42.52
N GLN R 188 11.00 35.28 -43.03
CA GLN R 188 12.29 34.67 -42.67
C GLN R 188 13.45 35.31 -43.43
N ARG R 189 13.27 35.45 -44.74
CA ARG R 189 14.26 36.01 -45.65
C ARG R 189 13.63 37.16 -46.47
N PRO R 190 13.55 38.36 -45.86
CA PRO R 190 13.05 39.51 -46.63
C PRO R 190 13.97 39.87 -47.82
N LYS R 191 15.27 40.12 -47.60
CA LYS R 191 16.24 40.49 -48.70
C LYS R 191 16.03 39.63 -49.96
N GLU R 192 15.84 38.34 -49.80
CA GLU R 192 15.76 37.41 -50.94
C GLU R 192 14.44 37.50 -51.71
N LEU R 193 13.30 37.33 -51.04
CA LEU R 193 12.01 37.50 -51.71
C LEU R 193 11.86 38.84 -52.43
N SER R 194 12.37 39.93 -51.87
CA SER R 194 12.29 41.21 -52.57
C SER R 194 13.21 41.22 -53.78
N SER R 195 14.37 40.55 -53.69
CA SER R 195 15.24 40.43 -54.86
C SER R 195 14.51 39.72 -55.95
N CYS R 196 13.82 38.65 -55.59
CA CYS R 196 12.98 37.91 -56.52
C CYS R 196 11.85 38.72 -57.13
N PHE R 197 11.33 39.72 -56.42
CA PHE R 197 10.19 40.46 -56.98
C PHE R 197 10.62 41.57 -57.91
N CYS R 198 11.90 41.86 -57.96
CA CYS R 198 12.31 43.06 -58.65
C CYS R 198 12.13 43.04 -60.14
N HIS R 199 12.51 41.97 -60.84
CA HIS R 199 12.28 41.91 -62.31
C HIS R 199 10.78 41.95 -62.61
N HIS R 200 10.00 41.13 -61.91
CA HIS R 200 8.57 41.03 -62.18
C HIS R 200 7.82 42.31 -61.89
N PHE R 201 8.24 43.02 -60.83
CA PHE R 201 7.64 44.31 -60.43
C PHE R 201 7.71 45.38 -61.54
N LEU R 202 8.62 45.23 -62.51
CA LEU R 202 8.70 46.15 -63.63
C LEU R 202 7.49 46.00 -64.55
N ASN R 203 6.95 44.80 -64.63
CA ASN R 203 5.82 44.54 -65.48
C ASN R 203 4.48 44.76 -64.76
N PRO R 204 3.74 45.81 -65.14
CA PRO R 204 2.58 46.38 -64.40
C PRO R 204 1.61 45.47 -63.62
N PRO R 205 0.93 44.54 -64.29
CA PRO R 205 -0.14 43.76 -63.63
C PRO R 205 0.32 42.91 -62.43
N THR R 206 1.61 42.58 -62.38
CA THR R 206 2.19 41.85 -61.26
C THR R 206 2.19 42.62 -59.92
N ARG R 207 2.26 43.95 -59.99
CA ARG R 207 2.58 44.80 -58.84
C ARG R 207 1.56 44.72 -57.70
N ILE R 208 0.29 44.45 -58.03
CA ILE R 208 -0.70 44.25 -56.97
C ILE R 208 -0.57 42.87 -56.32
N PRO R 209 -0.51 41.81 -57.13
CA PRO R 209 -0.15 40.52 -56.56
C PRO R 209 1.16 40.54 -55.75
N ILE R 210 2.17 41.30 -56.19
CA ILE R 210 3.42 41.40 -55.44
C ILE R 210 3.25 42.20 -54.15
N LEU R 211 2.76 43.43 -54.22
CA LEU R 211 2.68 44.26 -53.02
C LEU R 211 1.82 43.62 -51.94
N SER R 212 0.70 43.04 -52.35
CA SER R 212 -0.10 42.21 -51.47
C SER R 212 0.74 41.35 -50.54
N VAL R 213 1.46 40.39 -51.12
CA VAL R 213 2.37 39.51 -50.40
C VAL R 213 3.31 40.29 -49.51
N VAL R 215 3.35 43.56 -48.33
CA VAL R 215 2.85 44.26 -47.13
C VAL R 215 2.51 43.25 -46.04
N GLU R 216 1.99 42.09 -46.39
CA GLU R 216 1.69 41.05 -45.40
C GLU R 216 2.93 40.50 -44.70
N VAL R 217 4.11 40.93 -45.15
CA VAL R 217 5.41 40.47 -44.61
C VAL R 217 6.03 41.55 -43.72
N ILE R 218 5.86 42.77 -44.19
CA ILE R 218 6.21 43.95 -43.47
C ILE R 218 5.33 44.09 -42.20
N ARG R 219 4.05 43.68 -42.30
CA ARG R 219 3.07 43.85 -41.24
C ARG R 219 3.49 43.06 -40.04
N ARG R 220 3.91 41.81 -40.19
CA ARG R 220 4.45 41.07 -39.03
C ARG R 220 5.57 41.86 -38.28
N GLN R 221 6.16 42.83 -38.97
CA GLN R 221 7.26 43.60 -38.48
C GLN R 221 8.29 42.68 -37.88
N GLY R 222 8.61 41.60 -38.60
CA GLY R 222 9.75 40.77 -38.20
C GLY R 222 11.14 41.40 -38.41
N PRO R 223 12.20 40.63 -38.07
CA PRO R 223 13.47 40.97 -38.65
C PRO R 223 13.43 40.46 -40.08
N ARG R 224 14.29 40.96 -40.94
CA ARG R 224 15.20 42.05 -40.67
C ARG R 224 15.00 42.94 -41.88
N LEU R 225 14.00 43.81 -41.79
CA LEU R 225 13.47 44.51 -42.96
C LEU R 225 14.44 45.56 -43.46
N TYR R 226 15.33 46.04 -42.59
CA TYR R 226 16.34 47.03 -42.98
C TYR R 226 17.19 46.51 -44.11
N GLU R 227 17.22 45.19 -44.26
CA GLU R 227 17.90 44.58 -45.40
C GLU R 227 17.18 44.81 -46.73
N ILE R 228 16.00 45.42 -46.72
CA ILE R 228 15.17 45.45 -47.93
C ILE R 228 15.68 46.45 -48.97
N PRO R 229 15.71 47.74 -48.64
CA PRO R 229 16.12 48.76 -49.61
C PRO R 229 17.36 48.48 -50.48
N GLN R 230 18.32 47.72 -49.94
CA GLN R 230 19.51 47.26 -50.69
C GLN R 230 19.17 46.56 -52.04
N THR R 231 18.11 45.77 -52.07
CA THR R 231 17.70 45.06 -53.30
C THR R 231 17.09 46.00 -54.35
N GLY R 232 16.66 47.18 -53.92
CA GLY R 232 16.11 48.19 -54.80
C GLY R 232 14.63 48.01 -55.05
N PHE R 233 13.99 47.21 -54.21
CA PHE R 233 12.54 47.03 -54.29
C PHE R 233 11.81 48.22 -53.67
N TYR R 234 12.38 48.81 -52.62
CA TYR R 234 11.79 50.01 -51.99
C TYR R 234 11.70 51.06 -53.06
N ASP R 235 12.84 51.32 -53.72
CA ASP R 235 12.90 52.29 -54.81
C ASP R 235 11.81 52.02 -55.85
N LEU R 236 11.68 50.76 -56.26
CA LEU R 236 10.62 50.40 -57.18
C LEU R 236 9.24 50.75 -56.62
N VAL R 237 9.03 50.57 -55.32
CA VAL R 237 7.72 50.89 -54.73
C VAL R 237 7.43 52.38 -54.75
N LEU R 238 8.49 53.15 -54.57
CA LEU R 238 8.41 54.60 -54.70
C LEU R 238 7.96 54.99 -56.10
N LYS R 239 8.61 54.43 -57.13
CA LYS R 239 8.17 54.70 -58.48
C LYS R 239 6.66 54.48 -58.61
N CYS R 240 6.20 53.28 -58.24
CA CYS R 240 4.77 52.94 -58.25
C CYS R 240 3.92 54.04 -57.61
N ALA R 241 4.41 54.58 -56.48
CA ALA R 241 3.69 55.62 -55.70
C ALA R 241 3.62 56.94 -56.43
N GLU R 242 4.72 57.28 -57.10
CA GLU R 242 4.84 58.52 -57.87
C GLU R 242 4.12 58.46 -59.20
N PHE R 243 4.11 57.30 -59.87
CA PHE R 243 3.63 57.23 -61.25
C PHE R 243 2.37 56.46 -61.50
N ASP R 244 2.21 55.30 -60.90
CA ASP R 244 1.00 54.54 -61.14
C ASP R 244 -0.26 55.29 -60.68
N THR R 245 -1.40 54.70 -60.95
CA THR R 245 -2.64 55.42 -60.97
C THR R 245 -3.67 54.70 -60.17
N SER R 246 -3.56 53.38 -60.11
CA SER R 246 -4.60 52.61 -59.47
C SER R 246 -4.60 52.93 -57.98
N PRO R 247 -5.76 53.31 -57.46
CA PRO R 247 -5.90 53.54 -56.05
C PRO R 247 -5.72 52.25 -55.16
N ILE R 248 -6.03 51.09 -55.71
CA ILE R 248 -5.80 49.86 -54.97
C ILE R 248 -4.30 49.64 -54.89
N LEU R 249 -3.61 49.68 -56.02
CA LEU R 249 -2.18 49.46 -56.02
C LEU R 249 -1.49 50.58 -55.26
N LEU R 250 -2.04 51.79 -55.36
CA LEU R 250 -1.42 52.92 -54.68
C LEU R 250 -1.51 52.77 -53.17
N SER R 251 -2.66 52.30 -52.71
CA SER R 251 -2.90 52.22 -51.27
C SER R 251 -1.99 51.17 -50.66
N TYR R 252 -1.77 50.07 -51.38
CA TYR R 252 -0.80 49.03 -51.01
C TYR R 252 0.59 49.60 -50.97
N ALA R 253 0.84 50.57 -51.85
CA ALA R 253 2.16 51.22 -51.91
C ALA R 253 2.40 52.08 -50.69
N LEU R 254 1.42 52.90 -50.30
CA LEU R 254 1.62 53.81 -49.18
C LEU R 254 1.84 53.01 -47.92
N SER R 255 1.12 51.90 -47.79
CA SER R 255 1.13 51.11 -46.57
C SER R 255 2.48 50.54 -46.43
N PHE R 256 3.01 50.05 -47.54
CA PHE R 256 4.35 49.46 -47.55
C PHE R 256 5.43 50.48 -47.17
N ILE R 257 5.41 51.66 -47.80
CA ILE R 257 6.48 52.62 -47.57
C ILE R 257 6.39 53.11 -46.09
N LEU R 258 5.17 53.37 -45.62
CA LEU R 258 4.94 53.85 -44.25
C LEU R 258 5.30 52.82 -43.22
N ILE R 260 7.55 50.50 -43.63
CA ILE R 260 8.96 50.18 -43.64
C ILE R 260 9.82 51.39 -43.35
N LEU R 261 9.20 52.53 -43.13
CA LEU R 261 9.96 53.78 -43.14
C LEU R 261 10.79 53.95 -41.87
N SER R 262 10.18 53.54 -40.75
CA SER R 262 10.83 53.53 -39.44
C SER R 262 12.16 52.76 -39.42
N HIS R 263 12.26 51.69 -40.21
CA HIS R 263 13.48 50.85 -40.28
C HIS R 263 14.47 51.27 -41.36
N ILE R 264 14.64 52.57 -41.52
CA ILE R 264 15.47 53.09 -42.59
C ILE R 264 16.30 54.33 -42.13
N CYS R 265 15.62 55.45 -41.87
CA CYS R 265 16.22 56.79 -41.47
C CYS R 265 17.53 57.28 -42.13
N ASN R 266 18.19 56.37 -42.87
CA ASN R 266 19.38 56.63 -43.66
C ASN R 266 18.97 56.86 -45.11
N SER R 267 18.14 55.96 -45.65
CA SER R 267 17.54 56.12 -47.00
C SER R 267 16.34 57.09 -47.05
N LEU R 268 16.03 57.74 -45.93
CA LEU R 268 15.17 58.93 -45.93
C LEU R 268 15.91 60.09 -46.58
N ASP R 269 17.17 60.26 -46.21
CA ASP R 269 18.02 61.31 -46.75
C ASP R 269 18.09 61.32 -48.30
N ASP R 270 17.99 60.14 -48.94
CA ASP R 270 18.03 60.00 -50.41
C ASP R 270 16.64 60.08 -51.03
N SER R 271 15.69 59.44 -50.37
CA SER R 271 14.34 59.41 -50.87
C SER R 271 13.50 60.63 -50.41
N LEU R 272 14.15 61.66 -49.88
CA LEU R 272 13.38 62.68 -49.18
C LEU R 272 12.44 63.39 -50.14
N TYR R 273 13.00 64.11 -51.11
CA TYR R 273 12.19 64.96 -51.95
C TYR R 273 11.09 64.14 -52.62
N ARG R 274 11.35 62.83 -52.84
CA ARG R 274 10.36 61.93 -53.45
C ARG R 274 9.13 61.73 -52.58
N LEU R 275 9.40 61.57 -51.28
CA LEU R 275 8.36 61.50 -50.27
C LEU R 275 7.56 62.83 -50.22
N PHE R 276 8.19 63.97 -50.38
CA PHE R 276 7.38 65.17 -50.53
C PHE R 276 6.39 64.91 -51.67
N CYS R 277 6.92 64.66 -52.86
CA CYS R 277 6.10 64.49 -54.07
C CYS R 277 5.01 63.47 -53.84
N ILE R 278 5.37 62.39 -53.12
CA ILE R 278 4.40 61.35 -52.82
C ILE R 278 3.33 61.85 -51.89
N TYR R 279 3.73 62.64 -50.87
CA TYR R 279 2.77 63.25 -49.92
C TYR R 279 1.87 64.19 -50.74
N LEU R 280 2.48 65.10 -51.50
CA LEU R 280 1.76 66.05 -52.33
C LEU R 280 0.74 65.31 -53.19
N ARG R 281 1.21 64.30 -53.91
CA ARG R 281 0.36 63.48 -54.75
C ARG R 281 -0.86 62.99 -53.97
N PHE R 282 -0.65 62.36 -52.81
CA PHE R 282 -1.73 61.62 -52.14
C PHE R 282 -2.74 62.48 -51.44
N SER R 283 -2.37 63.70 -51.09
CA SER R 283 -3.35 64.61 -50.52
C SER R 283 -4.30 65.00 -51.66
N ILE R 285 -5.61 63.49 -54.29
CA ILE R 285 -6.64 62.55 -54.71
C ILE R 285 -8.07 63.13 -54.79
N ASP R 286 -8.78 62.75 -55.85
CA ASP R 286 -10.06 63.37 -56.27
C ASP R 286 -11.18 62.32 -56.52
N PRO R 287 -12.42 62.61 -56.08
CA PRO R 287 -13.54 61.65 -56.23
C PRO R 287 -14.00 61.39 -57.67
N THR R 288 -13.62 62.32 -58.55
CA THR R 288 -13.95 62.35 -59.96
C THR R 288 -12.73 61.93 -60.76
N SER R 289 -11.62 62.65 -60.59
CA SER R 289 -10.41 62.41 -61.39
C SER R 289 -9.41 61.45 -60.77
N GLY R 290 -9.52 61.14 -59.47
CA GLY R 290 -8.59 60.24 -58.74
C GLY R 290 -7.23 60.89 -58.60
N PHE R 291 -6.17 60.08 -58.41
CA PHE R 291 -4.79 60.62 -58.23
C PHE R 291 -4.32 61.49 -59.38
N PRO R 292 -3.48 62.50 -59.08
CA PRO R 292 -2.90 63.30 -60.14
C PRO R 292 -1.97 62.47 -61.01
N SER R 293 -1.95 62.79 -62.30
CA SER R 293 -1.20 62.03 -63.30
C SER R 293 0.24 62.48 -63.42
N SER R 294 1.17 61.55 -63.41
CA SER R 294 2.58 61.92 -63.59
C SER R 294 2.88 62.17 -65.03
N THR R 295 3.55 63.28 -65.28
CA THR R 295 4.15 63.53 -66.58
C THR R 295 5.34 62.59 -66.69
N ALA R 296 6.43 62.96 -66.01
CA ALA R 296 7.79 62.46 -66.30
C ALA R 296 7.90 60.97 -66.56
N SER R 297 7.28 60.17 -65.69
CA SER R 297 7.03 58.77 -65.99
C SER R 297 8.32 57.98 -66.33
N GLY R 298 9.51 58.58 -66.18
CA GLY R 298 10.78 57.98 -66.63
C GLY R 298 10.61 57.02 -67.82
N ASN R 299 11.14 55.81 -67.68
CA ASN R 299 10.77 54.71 -68.57
C ASN R 299 10.03 53.68 -67.72
N TRP R 300 9.18 54.20 -66.85
CA TRP R 300 8.64 53.40 -65.76
C TRP R 300 7.66 52.41 -66.33
N GLU R 301 6.73 52.90 -67.14
CA GLU R 301 5.66 52.05 -67.63
C GLU R 301 4.54 51.95 -66.60
N VAL R 302 3.64 52.91 -66.67
CA VAL R 302 2.50 53.03 -65.79
C VAL R 302 1.62 51.77 -65.80
N PHE R 303 0.93 51.58 -64.67
CA PHE R 303 -0.24 50.70 -64.52
C PHE R 303 -1.47 51.57 -64.29
N HIS R 304 -2.51 51.46 -65.13
CA HIS R 304 -3.78 52.14 -64.86
C HIS R 304 -4.78 51.06 -64.58
N ASP R 305 -5.88 51.46 -63.99
CA ASP R 305 -6.78 50.51 -63.36
C ASP R 305 -7.39 49.57 -64.42
N PHE R 306 -7.95 50.15 -65.48
CA PHE R 306 -8.48 49.40 -66.61
C PHE R 306 -7.51 49.59 -67.80
N SER R 308 -8.03 48.84 -70.84
CA SER R 308 -9.02 48.56 -71.84
C SER R 308 -10.11 49.68 -71.77
N SER R 339 -5.82 51.70 -43.81
CA SER R 339 -5.93 52.59 -42.64
C SER R 339 -4.64 53.38 -42.35
N LEU R 340 -3.70 53.41 -43.31
CA LEU R 340 -2.41 54.15 -43.19
C LEU R 340 -2.37 55.31 -44.19
N ASP R 341 -3.38 56.18 -44.13
CA ASP R 341 -3.54 57.27 -45.12
C ASP R 341 -2.37 58.23 -45.18
N TYR R 342 -2.46 59.19 -46.08
CA TYR R 342 -1.43 60.18 -46.25
C TYR R 342 -1.21 61.11 -45.05
N SER R 343 -2.11 61.08 -44.05
CA SER R 343 -1.91 61.84 -42.80
C SER R 343 -0.69 61.33 -42.05
N GLN R 344 -0.62 60.02 -41.78
CA GLN R 344 0.59 59.47 -41.19
C GLN R 344 1.84 60.00 -41.85
N LEU R 345 1.82 60.10 -43.17
CA LEU R 345 3.01 60.56 -43.87
C LEU R 345 3.40 61.99 -43.43
N PHE R 346 2.38 62.80 -43.19
CA PHE R 346 2.57 64.19 -42.83
C PHE R 346 3.32 64.27 -41.51
N SER R 347 2.86 63.48 -40.55
CA SER R 347 3.46 63.40 -39.23
C SER R 347 4.93 63.00 -39.34
N ILE R 348 5.18 61.85 -39.93
CA ILE R 348 6.53 61.35 -40.04
C ILE R 348 7.44 62.19 -40.93
N LEU R 349 6.87 63.14 -41.66
CA LEU R 349 7.67 64.06 -42.46
C LEU R 349 7.94 65.37 -41.73
N TYR R 350 6.93 65.90 -41.05
CA TYR R 350 7.05 67.15 -40.30
C TYR R 350 7.97 66.98 -39.10
N ALA R 351 7.74 65.96 -38.25
CA ALA R 351 8.84 65.46 -37.42
C ALA R 351 9.89 64.94 -38.37
N LEU R 352 11.14 65.38 -38.21
CA LEU R 352 12.32 64.94 -39.01
C LEU R 352 12.78 66.00 -39.98
N TYR R 353 11.93 66.37 -40.92
CA TYR R 353 12.22 67.49 -41.79
C TYR R 353 11.03 68.46 -41.82
N PRO R 354 10.80 69.18 -40.70
CA PRO R 354 9.68 70.12 -40.63
C PRO R 354 9.89 71.35 -41.50
N ILE R 355 11.10 71.90 -41.45
CA ILE R 355 11.35 73.23 -41.98
C ILE R 355 11.26 73.22 -43.48
N ASN R 356 11.94 72.27 -44.12
CA ASN R 356 11.79 72.03 -45.56
C ASN R 356 10.34 71.59 -45.95
N PHE R 357 9.81 70.59 -45.25
CA PHE R 357 8.53 70.00 -45.60
C PHE R 357 7.47 71.07 -45.70
N LEU R 358 7.53 72.08 -44.85
CA LEU R 358 6.56 73.19 -44.92
C LEU R 358 6.92 74.23 -45.98
N GLU R 359 8.20 74.48 -46.15
CA GLU R 359 8.67 75.34 -47.23
C GLU R 359 8.41 74.66 -48.55
N PHE R 360 8.27 73.35 -48.53
CA PHE R 360 7.84 72.65 -49.72
C PHE R 360 6.32 72.86 -49.95
N LEU R 361 5.50 72.67 -48.93
CA LEU R 361 4.04 72.79 -49.11
C LEU R 361 3.57 74.20 -49.35
N ARG R 362 4.37 75.19 -48.95
CA ARG R 362 3.97 76.58 -49.16
C ARG R 362 4.01 76.95 -50.64
N ASP R 363 5.10 76.58 -51.32
CA ASP R 363 5.14 76.63 -52.78
C ASP R 363 5.96 75.45 -53.32
N PRO R 364 5.25 74.38 -53.71
CA PRO R 364 5.94 73.19 -54.18
C PRO R 364 6.90 73.41 -55.37
N LYS R 365 6.46 74.07 -56.44
CA LYS R 365 7.32 74.20 -57.63
C LYS R 365 8.59 75.03 -57.42
N LEU R 366 8.43 76.11 -56.66
CA LEU R 366 9.54 76.98 -56.25
C LEU R 366 10.57 76.13 -55.48
N TYR R 367 10.09 75.24 -54.61
CA TYR R 367 10.98 74.31 -53.94
C TYR R 367 11.49 73.18 -54.89
N ALA R 368 10.81 72.92 -56.01
CA ALA R 368 11.28 71.94 -57.03
C ALA R 368 12.59 72.39 -57.69
N SER R 369 12.56 73.53 -58.37
CA SER R 369 13.79 74.26 -58.68
C SER R 369 14.51 74.55 -57.37
N LYS R 370 15.82 74.60 -57.39
CA LYS R 370 16.59 74.95 -56.20
C LYS R 370 16.92 73.76 -55.33
N HIS R 371 16.08 72.73 -55.38
CA HIS R 371 16.54 71.45 -54.90
C HIS R 371 16.60 70.47 -56.07
N ASN R 372 16.53 71.02 -57.27
CA ASN R 372 16.74 70.27 -58.51
C ASN R 372 15.79 69.07 -58.81
N PHE R 373 14.49 69.28 -58.68
CA PHE R 373 13.50 68.26 -59.09
C PHE R 373 12.23 68.93 -59.62
N GLN R 374 11.23 68.13 -60.00
CA GLN R 374 10.13 68.64 -60.80
C GLN R 374 8.82 68.09 -60.38
N ILE R 375 7.87 68.97 -60.13
CA ILE R 375 6.54 68.53 -59.72
C ILE R 375 5.82 68.20 -61.00
N ARG R 376 5.47 66.92 -61.10
CA ARG R 376 4.99 66.35 -62.33
C ARG R 376 3.48 66.45 -62.45
N TYR R 377 2.83 66.85 -61.37
CA TYR R 377 1.37 66.85 -61.27
C TYR R 377 0.84 68.29 -61.50
N SER R 378 -0.33 68.42 -62.10
CA SER R 378 -1.07 69.67 -62.02
C SER R 378 -1.88 69.48 -60.74
N PHE R 379 -1.99 70.54 -59.92
CA PHE R 379 -2.59 70.44 -58.54
C PHE R 379 -3.17 71.76 -58.09
N ASN R 380 -3.91 71.74 -57.00
CA ASN R 380 -4.54 72.96 -56.47
C ASN R 380 -3.83 73.57 -55.24
N GLN R 381 -3.16 74.70 -55.39
CA GLN R 381 -2.44 75.26 -54.25
C GLN R 381 -3.35 75.57 -53.08
N GLU R 382 -4.55 76.07 -53.39
CA GLU R 382 -5.35 76.67 -52.35
C GLU R 382 -5.81 75.54 -51.47
N LEU R 383 -6.43 74.54 -52.06
CA LEU R 383 -6.82 73.35 -51.34
C LEU R 383 -5.62 72.64 -50.64
N LEU R 384 -4.43 72.67 -51.25
CA LEU R 384 -3.25 72.00 -50.65
C LEU R 384 -2.87 72.62 -49.32
N SER R 385 -3.04 73.93 -49.21
CA SER R 385 -2.78 74.65 -47.98
C SER R 385 -3.87 74.25 -46.96
N THR R 386 -5.12 74.59 -47.28
CA THR R 386 -6.31 74.20 -46.50
C THR R 386 -6.19 72.87 -45.76
N LYS R 387 -5.87 71.81 -46.51
CA LYS R 387 -5.78 70.47 -45.94
C LYS R 387 -4.50 70.32 -45.15
N SER R 388 -3.38 70.75 -45.72
CA SER R 388 -2.11 70.68 -45.03
C SER R 388 -2.13 71.50 -43.75
N ASP R 389 -2.99 72.52 -43.67
CA ASP R 389 -3.18 73.23 -42.40
C ASP R 389 -3.94 72.40 -41.36
N GLY R 390 -5.06 71.80 -41.75
CA GLY R 390 -5.78 70.90 -40.86
C GLY R 390 -4.88 69.84 -40.22
N LEU R 391 -3.98 69.30 -41.01
CA LEU R 391 -3.02 68.39 -40.45
C LEU R 391 -2.03 69.12 -39.52
N LEU R 392 -1.77 70.40 -39.78
CA LEU R 392 -0.75 71.09 -38.99
C LEU R 392 -1.26 71.50 -37.63
N GLY R 393 -2.52 71.91 -37.54
CA GLY R 393 -3.14 72.24 -36.25
C GLY R 393 -3.28 71.10 -35.25
N ARG R 394 -3.13 69.87 -35.71
CA ARG R 394 -3.08 68.78 -34.78
C ARG R 394 -1.75 68.73 -34.05
N HIS R 395 -0.67 69.13 -34.73
CA HIS R 395 0.68 69.03 -34.16
C HIS R 395 1.14 70.21 -33.29
N LEU R 396 2.27 70.01 -32.63
CA LEU R 396 2.90 71.06 -31.86
C LEU R 396 3.96 71.74 -32.66
N ALA R 397 4.51 72.79 -32.07
CA ALA R 397 5.60 73.54 -32.67
C ALA R 397 6.94 72.81 -32.53
N HIS R 398 7.70 72.73 -33.63
CA HIS R 398 8.94 71.95 -33.68
C HIS R 398 10.11 72.84 -33.30
N SER R 399 10.94 72.40 -32.38
CA SER R 399 12.09 73.22 -31.99
C SER R 399 13.23 73.28 -33.05
N ASN R 400 13.11 72.55 -34.15
CA ASN R 400 14.04 72.74 -35.27
C ASN R 400 14.00 74.18 -35.75
N PHE R 401 12.89 74.88 -35.54
CA PHE R 401 12.75 76.25 -36.03
C PHE R 401 13.59 77.26 -35.28
N LEU R 402 14.04 76.90 -34.09
CA LEU R 402 14.88 77.76 -33.30
C LEU R 402 16.36 77.46 -33.45
N LYS R 403 16.68 76.35 -34.11
CA LYS R 403 18.05 75.84 -34.15
C LYS R 403 18.60 75.77 -35.57
N TYR R 404 17.85 75.16 -36.49
CA TYR R 404 18.32 74.95 -37.86
C TYR R 404 17.60 75.84 -38.91
N THR R 405 18.22 76.04 -40.08
CA THR R 405 17.55 76.61 -41.26
C THR R 405 17.29 75.48 -42.23
N ALA R 406 16.53 75.76 -43.29
CA ALA R 406 16.26 74.75 -44.33
C ALA R 406 17.52 74.01 -44.82
N GLU R 407 18.66 74.70 -44.87
CA GLU R 407 19.90 74.04 -45.30
C GLU R 407 20.59 73.38 -44.14
N THR R 408 20.70 74.05 -42.99
CA THR R 408 21.39 73.41 -41.85
C THR R 408 20.61 72.14 -41.47
N GLU R 409 19.28 72.19 -41.66
CA GLU R 409 18.42 71.00 -41.53
C GLU R 409 18.95 69.80 -42.34
N LEU R 410 19.06 69.98 -43.65
CA LEU R 410 19.42 68.89 -44.55
C LEU R 410 20.89 68.44 -44.41
N THR R 411 21.80 69.38 -44.13
CA THR R 411 23.25 69.08 -43.97
C THR R 411 23.77 69.39 -42.57
N ASP R 412 24.03 68.34 -41.80
CA ASP R 412 24.40 68.50 -40.39
C ASP R 412 23.89 67.27 -39.68
N LYS R 413 24.72 66.26 -39.60
CA LYS R 413 24.31 64.99 -39.03
C LYS R 413 24.39 65.01 -37.51
N SER R 414 24.77 66.15 -36.92
CA SER R 414 24.85 66.30 -35.45
C SER R 414 23.48 66.62 -34.83
N ARG R 415 22.55 67.05 -35.68
CA ARG R 415 21.15 67.14 -35.31
C ARG R 415 20.57 65.76 -35.00
N TRP R 416 21.26 64.69 -35.42
CA TRP R 416 20.81 63.31 -35.24
C TRP R 416 21.56 62.53 -34.13
N THR R 417 22.36 63.20 -33.29
CA THR R 417 22.87 62.57 -32.07
C THR R 417 21.71 62.54 -31.07
N ARG R 418 20.90 63.62 -31.10
CA ARG R 418 19.74 63.77 -30.23
C ARG R 418 18.81 62.54 -30.27
N LEU R 419 18.80 61.81 -31.38
CA LEU R 419 17.91 60.65 -31.56
C LEU R 419 18.33 59.43 -30.72
N ASP R 420 19.58 59.41 -30.25
CA ASP R 420 20.01 58.39 -29.28
C ASP R 420 19.29 58.62 -27.95
N SER R 421 19.42 59.83 -27.42
CA SER R 421 18.85 60.17 -26.12
C SER R 421 17.36 59.80 -26.03
N ILE R 422 16.55 60.28 -26.98
CA ILE R 422 15.09 60.08 -26.94
C ILE R 422 14.67 58.63 -27.20
N ALA R 423 15.59 57.83 -27.77
CA ALA R 423 15.33 56.40 -27.95
C ALA R 423 15.49 55.73 -26.60
N VAL R 424 16.69 55.88 -26.03
CA VAL R 424 17.06 55.41 -24.68
C VAL R 424 15.93 55.63 -23.68
N VAL R 425 15.41 56.85 -23.67
CA VAL R 425 14.35 57.29 -22.78
C VAL R 425 12.97 56.63 -23.04
N ALA R 426 12.51 56.64 -24.29
CA ALA R 426 11.16 56.13 -24.58
C ALA R 426 11.13 54.60 -24.56
N LEU R 427 12.32 54.00 -24.73
CA LEU R 427 12.55 52.57 -24.48
C LEU R 427 12.29 52.23 -23.03
N CYS R 428 12.77 53.09 -22.13
CA CYS R 428 12.70 52.83 -20.70
C CYS R 428 11.26 52.98 -20.19
N ASN R 429 10.53 53.90 -20.79
CA ASN R 429 9.16 54.11 -20.36
C ASN R 429 8.23 53.03 -20.88
N SER R 430 8.71 52.26 -21.85
CA SER R 430 7.93 51.19 -22.43
C SER R 430 8.09 49.91 -21.61
N LEU R 431 9.22 49.77 -20.91
CA LEU R 431 9.44 48.65 -19.95
C LEU R 431 8.82 48.88 -18.55
N ASN R 432 8.56 50.12 -18.14
CA ASN R 432 7.89 50.35 -16.85
C ASN R 432 6.47 49.81 -16.85
N ALA R 433 6.14 49.09 -15.80
CA ALA R 433 4.90 48.33 -15.76
C ALA R 433 3.78 49.13 -15.12
N VAL R 434 4.05 50.39 -14.79
CA VAL R 434 3.17 51.15 -13.89
C VAL R 434 3.33 50.58 -12.46
N PRO S 5 -33.49 137.77 -7.13
CA PRO S 5 -33.07 136.34 -7.06
C PRO S 5 -31.78 135.98 -6.27
N LEU S 6 -30.70 136.72 -6.52
CA LEU S 6 -29.36 136.36 -5.99
C LEU S 6 -29.16 136.62 -4.49
N GLN S 7 -29.91 137.60 -3.97
CA GLN S 7 -29.62 138.16 -2.65
C GLN S 7 -29.95 137.18 -1.50
N SER S 8 -31.08 136.49 -1.59
CA SER S 8 -31.44 135.49 -0.58
C SER S 8 -30.40 134.37 -0.54
N LEU S 9 -29.93 133.93 -1.72
CA LEU S 9 -28.84 132.94 -1.81
C LEU S 9 -27.68 133.35 -0.92
N VAL S 10 -27.23 134.60 -1.08
CA VAL S 10 -26.05 135.09 -0.36
C VAL S 10 -26.28 135.03 1.13
N LYS S 11 -27.49 135.42 1.53
CA LYS S 11 -27.88 135.43 2.95
C LYS S 11 -27.61 134.06 3.55
N ALA S 12 -28.20 133.02 2.95
CA ALA S 12 -28.03 131.63 3.40
C ALA S 12 -26.57 131.15 3.38
N LEU S 13 -25.74 131.76 2.51
CA LEU S 13 -24.31 131.49 2.50
C LEU S 13 -23.69 131.99 3.80
N TRP S 14 -24.12 133.17 4.24
CA TRP S 14 -23.65 133.75 5.51
C TRP S 14 -24.27 133.02 6.71
N ASN S 15 -25.58 132.78 6.65
CA ASN S 15 -26.29 132.05 7.72
C ASN S 15 -25.54 130.78 8.04
N VAL S 16 -25.39 129.95 7.00
CA VAL S 16 -24.91 128.59 7.12
C VAL S 16 -23.38 128.50 7.32
N LEU S 17 -22.68 129.64 7.24
CA LEU S 17 -21.25 129.70 7.58
C LEU S 17 -20.97 130.39 8.94
N HIS S 18 -22.03 130.59 9.73
CA HIS S 18 -21.94 130.91 11.18
C HIS S 18 -23.04 130.24 12.00
N ASP S 27 -27.73 122.53 9.05
CA ASP S 27 -29.00 122.56 8.34
C ASP S 27 -28.79 123.34 7.04
N LEU S 28 -27.97 122.76 6.17
CA LEU S 28 -27.75 123.31 4.83
C LEU S 28 -29.05 123.37 4.03
N THR S 29 -30.03 122.52 4.38
CA THR S 29 -31.34 122.41 3.64
C THR S 29 -31.88 123.75 3.15
N GLU S 30 -31.65 124.78 3.96
CA GLU S 30 -31.89 126.19 3.64
C GLU S 30 -31.26 126.59 2.31
N LEU S 31 -29.93 126.56 2.29
CA LEU S 31 -29.14 126.89 1.10
C LEU S 31 -29.63 126.08 -0.10
N ILE S 32 -29.78 124.77 0.08
CA ILE S 32 -30.11 123.87 -1.02
C ILE S 32 -31.43 124.28 -1.65
N ALA S 33 -32.41 124.65 -0.82
CA ALA S 33 -33.72 125.11 -1.28
C ALA S 33 -33.62 126.37 -2.14
N GLU S 34 -32.71 127.26 -1.74
CA GLU S 34 -32.48 128.52 -2.45
C GLU S 34 -31.91 128.31 -3.86
N VAL S 35 -31.03 127.31 -3.97
CA VAL S 35 -30.28 127.07 -5.20
C VAL S 35 -31.16 126.39 -6.26
N GLU S 36 -32.18 125.65 -5.85
CA GLU S 36 -33.14 125.06 -6.80
C GLU S 36 -34.11 126.12 -7.31
N SER S 37 -34.27 127.20 -6.55
CA SER S 37 -35.06 128.36 -6.98
C SER S 37 -34.22 129.30 -7.85
N TYR S 38 -32.99 129.60 -7.40
CA TYR S 38 -32.02 130.34 -8.22
C TYR S 38 -31.90 129.69 -9.59
N GLN S 39 -31.76 128.36 -9.61
CA GLN S 39 -31.54 127.62 -10.85
C GLN S 39 -32.77 127.63 -11.74
N GLN S 40 -33.95 127.58 -11.12
CA GLN S 40 -35.21 127.87 -11.81
C GLN S 40 -35.37 129.38 -12.06
N ARG S 41 -34.24 130.09 -12.04
CA ARG S 41 -34.14 131.44 -12.60
C ARG S 41 -32.90 131.60 -13.51
N TYR S 42 -31.91 130.72 -13.36
CA TYR S 42 -30.76 130.69 -14.24
C TYR S 42 -30.36 129.26 -14.55
N PRO S 43 -31.13 128.59 -15.43
CA PRO S 43 -30.77 127.23 -15.86
C PRO S 43 -29.42 127.18 -16.63
N LYS S 44 -29.05 128.27 -17.29
CA LYS S 44 -27.67 128.46 -17.74
C LYS S 44 -26.96 129.30 -16.68
N GLN S 45 -25.64 129.18 -16.62
CA GLN S 45 -24.85 130.02 -15.73
C GLN S 45 -24.89 131.48 -16.17
N ASN S 46 -24.58 132.38 -15.24
CA ASN S 46 -24.65 133.82 -15.48
C ASN S 46 -23.35 134.54 -15.05
N PRO S 47 -22.52 135.00 -16.02
CA PRO S 47 -21.13 135.44 -15.71
C PRO S 47 -20.94 136.52 -14.61
N THR S 48 -21.92 137.39 -14.38
CA THR S 48 -21.81 138.37 -13.28
C THR S 48 -22.33 137.81 -11.94
N ASN S 49 -23.37 136.96 -11.97
CA ASN S 49 -23.78 136.20 -10.77
C ASN S 49 -22.65 135.30 -10.26
N SER S 50 -21.96 134.66 -11.21
CA SER S 50 -20.75 133.92 -10.93
C SER S 50 -19.80 134.84 -10.22
N GLN S 51 -19.41 135.91 -10.90
CA GLN S 51 -18.42 136.88 -10.40
C GLN S 51 -18.85 137.47 -9.05
N LYS S 52 -20.15 137.72 -8.94
CA LYS S 52 -20.75 138.15 -7.68
C LYS S 52 -20.42 137.13 -6.61
N ILE S 53 -20.95 135.92 -6.80
CA ILE S 53 -20.85 134.85 -5.82
C ILE S 53 -19.41 134.56 -5.39
N ARG S 54 -18.50 134.47 -6.35
CA ARG S 54 -17.09 134.12 -6.07
C ARG S 54 -16.48 135.15 -5.16
N HIS S 55 -16.79 136.41 -5.43
CA HIS S 55 -16.38 137.50 -4.57
C HIS S 55 -16.84 137.20 -3.15
N ILE S 56 -18.15 137.00 -2.99
CA ILE S 56 -18.75 136.79 -1.67
C ILE S 56 -17.97 135.75 -0.87
N LEU S 57 -17.75 134.60 -1.49
CA LEU S 57 -16.99 133.51 -0.87
C LEU S 57 -15.66 134.05 -0.37
N ASP S 58 -14.79 134.46 -1.30
CA ASP S 58 -13.43 134.90 -0.98
C ASP S 58 -13.39 135.82 0.25
N GLU S 59 -14.47 136.59 0.41
CA GLU S 59 -14.65 137.40 1.60
C GLU S 59 -14.86 136.50 2.79
N ILE S 60 -15.95 135.75 2.80
CA ILE S 60 -16.22 134.87 3.94
C ILE S 60 -15.02 133.97 4.24
N TYR S 61 -14.26 133.60 3.20
CA TYR S 61 -13.07 132.75 3.37
C TYR S 61 -12.02 133.35 4.29
N GLU S 62 -11.99 134.69 4.36
CA GLU S 62 -11.04 135.36 5.24
C GLU S 62 -11.63 135.65 6.62
N LYS S 63 -12.96 135.56 6.78
CA LYS S 63 -13.56 135.70 8.11
C LYS S 63 -13.63 134.37 8.88
N THR S 64 -14.04 133.30 8.19
CA THR S 64 -14.00 131.91 8.71
C THR S 64 -13.18 131.04 7.74
N PRO S 65 -11.89 130.79 8.02
CA PRO S 65 -11.03 130.12 7.02
C PRO S 65 -11.07 128.57 7.04
N PHE S 66 -10.20 127.94 6.25
CA PHE S 66 -10.19 126.48 6.09
C PHE S 66 -9.31 125.77 7.15
N ASN S 67 -9.10 126.40 8.30
CA ASN S 67 -8.14 125.89 9.29
C ASN S 67 -8.59 124.57 9.92
N ASN S 68 -9.68 124.62 10.68
CA ASN S 68 -10.06 123.51 11.57
C ASN S 68 -11.03 122.51 10.93
N THR S 69 -11.15 121.37 11.62
CA THR S 69 -11.80 120.19 11.07
C THR S 69 -13.30 120.38 10.83
N ARG S 70 -13.98 121.07 11.76
CA ARG S 70 -15.41 121.43 11.62
C ARG S 70 -15.68 122.54 10.56
N ARG S 71 -14.65 123.24 10.11
CA ARG S 71 -14.84 124.22 9.05
C ARG S 71 -14.72 123.58 7.68
N ARG S 72 -13.75 122.67 7.56
CA ARG S 72 -13.54 121.91 6.33
C ARG S 72 -14.84 121.22 5.96
N ILE S 73 -15.36 120.46 6.91
CA ILE S 73 -16.67 119.82 6.80
C ILE S 73 -17.69 120.79 6.23
N LEU S 74 -17.78 121.96 6.84
CA LEU S 74 -18.72 122.97 6.36
C LEU S 74 -18.37 123.49 4.93
N TRP S 75 -17.14 123.93 4.70
CA TRP S 75 -16.80 124.53 3.38
C TRP S 75 -17.01 123.63 2.15
N LEU S 76 -16.35 122.46 2.17
CA LEU S 76 -16.48 121.44 1.12
C LEU S 76 -17.92 121.21 0.78
N ALA S 77 -18.74 120.94 1.81
CA ALA S 77 -20.19 120.77 1.68
C ALA S 77 -20.93 121.94 0.99
N VAL S 78 -20.46 123.16 1.19
CA VAL S 78 -21.13 124.35 0.66
C VAL S 78 -20.74 124.57 -0.80
N LEU S 79 -19.45 124.35 -1.09
CA LEU S 79 -18.97 124.40 -2.46
C LEU S 79 -19.65 123.31 -3.30
N LYS S 80 -19.64 122.10 -2.76
CA LYS S 80 -20.31 120.99 -3.40
C LYS S 80 -21.68 121.44 -3.86
N THR S 81 -22.39 122.22 -3.04
CA THR S 81 -23.73 122.66 -3.40
C THR S 81 -23.76 123.79 -4.46
N VAL S 82 -22.83 124.75 -4.38
CA VAL S 82 -22.89 125.99 -5.21
C VAL S 82 -22.12 125.97 -6.54
N ILE S 83 -20.98 125.27 -6.58
CA ILE S 83 -20.12 125.29 -7.76
C ILE S 83 -20.85 125.00 -9.08
N PRO S 84 -22.04 124.33 -9.06
CA PRO S 84 -22.73 124.30 -10.38
C PRO S 84 -23.30 125.65 -10.96
N LEU S 85 -23.29 126.72 -10.17
CA LEU S 85 -23.78 128.04 -10.59
C LEU S 85 -22.71 128.90 -11.27
N LEU S 86 -21.44 128.57 -11.01
CA LEU S 86 -20.32 129.46 -11.30
C LEU S 86 -19.55 129.15 -12.58
N ILE S 87 -18.76 130.14 -12.97
CA ILE S 87 -17.79 130.02 -14.04
C ILE S 87 -16.39 130.31 -13.44
N LEU S 88 -15.44 129.45 -13.73
CA LEU S 88 -14.05 129.61 -13.27
C LEU S 88 -13.06 129.58 -14.45
N ASP S 89 -11.89 130.17 -14.27
CA ASP S 89 -10.78 130.11 -15.24
C ASP S 89 -9.50 129.81 -14.48
N ARG S 90 -8.36 129.70 -15.16
CA ARG S 90 -7.17 129.16 -14.50
C ARG S 90 -6.94 129.80 -13.12
N GLN S 91 -6.99 131.13 -13.04
CA GLN S 91 -6.63 131.83 -11.80
C GLN S 91 -7.55 131.47 -10.67
N ALA S 92 -8.78 131.08 -11.02
CA ALA S 92 -9.75 130.61 -10.06
C ALA S 92 -9.34 129.24 -9.53
N VAL S 93 -9.04 128.30 -10.42
CA VAL S 93 -8.72 126.95 -9.93
C VAL S 93 -7.46 127.00 -9.07
N GLY S 94 -6.61 128.00 -9.32
CA GLY S 94 -5.50 128.38 -8.43
C GLY S 94 -5.98 128.93 -7.09
N GLU S 95 -6.98 129.82 -7.11
CA GLU S 95 -7.75 130.19 -5.90
C GLU S 95 -8.05 128.91 -5.11
N TRP S 96 -8.84 128.02 -5.71
CA TRP S 96 -9.41 126.85 -5.03
C TRP S 96 -8.29 125.84 -4.68
N TRP S 97 -7.25 125.78 -5.51
CA TRP S 97 -6.15 124.86 -5.26
C TRP S 97 -5.47 125.34 -3.99
N ASP S 98 -4.88 126.53 -4.09
CA ASP S 98 -4.10 127.14 -3.00
C ASP S 98 -4.98 127.23 -1.75
N GLN S 99 -6.26 127.62 -1.88
CA GLN S 99 -7.19 127.84 -0.74
C GLN S 99 -7.95 126.63 -0.19
N ILE S 100 -8.19 125.58 -1.01
CA ILE S 100 -9.11 124.46 -0.64
C ILE S 100 -8.55 123.04 -0.86
N PHE S 101 -8.06 122.76 -2.06
CA PHE S 101 -7.68 121.39 -2.38
C PHE S 101 -6.38 121.05 -1.67
N PHE S 102 -5.36 121.91 -1.82
CA PHE S 102 -4.02 121.69 -1.20
C PHE S 102 -4.03 121.59 0.33
N PRO S 103 -4.69 122.54 1.01
CA PRO S 103 -4.82 122.41 2.45
C PRO S 103 -5.24 121.01 2.80
N PHE S 104 -6.32 120.57 2.12
CA PHE S 104 -6.93 119.25 2.32
C PHE S 104 -5.99 118.12 1.98
N LEU S 105 -5.64 118.00 0.70
CA LEU S 105 -4.84 116.87 0.20
C LEU S 105 -3.57 116.69 1.04
N ASN S 106 -2.94 117.80 1.42
CA ASN S 106 -1.74 117.74 2.25
C ASN S 106 -2.04 117.14 3.63
N SER S 107 -2.96 117.76 4.36
CA SER S 107 -3.37 117.30 5.70
C SER S 107 -4.85 116.87 5.67
N PRO S 108 -5.15 115.64 5.21
CA PRO S 108 -6.53 115.26 4.90
C PRO S 108 -7.33 114.88 6.13
N THR S 109 -8.60 115.28 6.15
CA THR S 109 -9.51 114.99 7.26
C THR S 109 -9.76 113.51 7.23
N GLN S 110 -9.55 112.84 8.36
CA GLN S 110 -9.78 111.40 8.45
C GLN S 110 -11.25 110.98 8.36
N LEU S 111 -12.01 111.62 7.48
CA LEU S 111 -13.40 111.26 7.29
C LEU S 111 -13.67 110.97 5.81
N LYS S 112 -14.34 109.85 5.57
CA LYS S 112 -14.60 109.38 4.22
C LYS S 112 -15.55 110.32 3.53
N PRO S 113 -16.72 110.61 4.16
CA PRO S 113 -17.71 111.48 3.48
C PRO S 113 -17.21 112.90 3.21
N VAL S 114 -16.14 113.29 3.87
CA VAL S 114 -15.51 114.58 3.64
C VAL S 114 -14.72 114.54 2.33
N PHE S 115 -13.89 113.50 2.21
CA PHE S 115 -13.12 113.28 1.00
C PHE S 115 -14.02 113.01 -0.19
N SER S 116 -15.21 112.43 0.05
CA SER S 116 -16.26 112.25 -0.98
C SER S 116 -16.70 113.61 -1.49
N ASP S 117 -16.97 114.52 -0.55
CA ASP S 117 -17.32 115.93 -0.90
C ASP S 117 -16.19 116.72 -1.59
N LEU S 118 -14.94 116.30 -1.38
CA LEU S 118 -13.82 116.88 -2.12
C LEU S 118 -13.90 116.33 -3.53
N LYS S 119 -13.92 115.00 -3.61
CA LYS S 119 -13.93 114.29 -4.88
C LYS S 119 -15.08 114.83 -5.71
N SER S 120 -16.24 114.97 -5.07
CA SER S 120 -17.42 115.51 -5.72
C SER S 120 -17.14 116.79 -6.55
N ILE S 121 -16.30 117.65 -5.97
CA ILE S 121 -15.93 118.96 -6.52
C ILE S 121 -14.89 118.80 -7.61
N LEU S 122 -13.67 118.39 -7.23
CA LEU S 122 -12.68 117.96 -8.20
C LEU S 122 -13.30 117.46 -9.52
N PHE S 123 -14.20 116.49 -9.42
CA PHE S 123 -14.67 115.77 -10.60
C PHE S 123 -15.80 116.50 -11.30
N TYR S 124 -16.45 117.44 -10.61
CA TYR S 124 -17.40 118.32 -11.29
C TYR S 124 -16.64 119.14 -12.30
N ILE S 125 -15.46 119.58 -11.89
CA ILE S 125 -14.53 120.35 -12.73
C ILE S 125 -13.96 119.48 -13.86
N LEU S 126 -13.43 118.31 -13.46
CA LEU S 126 -12.61 117.45 -14.35
C LEU S 126 -13.44 116.87 -15.49
N ILE S 127 -14.57 116.28 -15.11
CA ILE S 127 -15.43 115.62 -16.08
C ILE S 127 -16.65 116.47 -16.42
N PHE S 128 -16.77 116.75 -17.72
CA PHE S 128 -17.86 117.56 -18.29
C PHE S 128 -18.37 116.91 -19.58
N HIS S 129 -19.61 117.21 -19.97
CA HIS S 129 -20.16 116.71 -21.23
C HIS S 129 -20.12 117.79 -22.32
N ASP S 130 -20.59 118.99 -21.96
CA ASP S 130 -20.57 120.15 -22.84
C ASP S 130 -19.33 121.01 -22.54
N GLU S 131 -18.56 121.34 -23.58
CA GLU S 131 -17.27 122.07 -23.45
C GLU S 131 -17.39 123.61 -23.55
N ASP S 132 -18.45 124.06 -24.20
CA ASP S 132 -18.74 125.49 -24.34
C ASP S 132 -19.43 126.02 -23.10
N GLU S 133 -20.13 125.14 -22.39
CA GLU S 133 -21.02 125.47 -21.27
C GLU S 133 -20.63 126.65 -20.36
N TRP S 134 -19.37 127.06 -20.40
CA TRP S 134 -18.92 128.20 -19.62
C TRP S 134 -18.52 129.43 -20.45
N GLY S 135 -18.47 129.31 -21.78
CA GLY S 135 -18.01 130.39 -22.64
C GLY S 135 -16.55 130.19 -22.95
N GLY S 136 -16.20 130.20 -24.23
CA GLY S 136 -14.82 130.00 -24.64
C GLY S 136 -14.32 128.61 -24.32
N ASP S 137 -13.00 128.44 -24.46
CA ASP S 137 -12.34 127.20 -24.09
C ASP S 137 -12.23 127.12 -22.55
N LEU S 138 -13.20 127.67 -21.82
CA LEU S 138 -13.09 127.78 -20.35
C LEU S 138 -13.23 126.43 -19.65
N ARG S 139 -14.32 125.73 -19.93
CA ARG S 139 -14.61 124.52 -19.20
C ARG S 139 -13.42 123.60 -19.29
N ARG S 140 -12.92 123.38 -20.51
CA ARG S 140 -11.71 122.58 -20.73
C ARG S 140 -10.44 123.12 -20.05
N GLU S 141 -10.20 124.42 -20.13
CA GLU S 141 -8.94 124.98 -19.62
C GLU S 141 -8.80 124.76 -18.10
N CYS S 142 -9.93 124.81 -17.40
CA CYS S 142 -9.95 124.58 -15.97
C CYS S 142 -9.45 123.17 -15.63
N ALA S 143 -10.03 122.18 -16.31
CA ALA S 143 -9.64 120.78 -16.11
C ALA S 143 -8.14 120.54 -16.39
N GLU S 144 -7.64 121.11 -17.50
CA GLU S 144 -6.21 120.99 -17.85
C GLU S 144 -5.32 121.52 -16.71
N GLU S 145 -5.79 122.55 -16.04
CA GLU S 145 -5.02 123.11 -14.94
C GLU S 145 -5.16 122.14 -13.77
N THR S 146 -6.39 121.98 -13.25
CA THR S 146 -6.68 121.12 -12.07
C THR S 146 -5.91 119.81 -12.04
N ILE S 147 -6.00 119.08 -13.15
CA ILE S 147 -5.36 117.79 -13.30
C ILE S 147 -3.83 117.89 -13.31
N THR S 148 -3.27 118.90 -13.98
CA THR S 148 -1.81 119.02 -14.03
C THR S 148 -1.27 119.24 -12.64
N ARG S 149 -2.04 119.99 -11.86
CA ARG S 149 -1.67 120.33 -10.50
C ARG S 149 -1.61 119.07 -9.67
N LEU S 150 -2.68 118.27 -9.74
CA LEU S 150 -2.75 116.96 -9.04
C LEU S 150 -1.57 116.04 -9.32
N VAL S 151 -1.27 115.84 -10.61
CA VAL S 151 -0.10 115.10 -11.05
C VAL S 151 1.15 115.70 -10.36
N ASP S 152 1.40 117.01 -10.60
CA ASP S 152 2.56 117.77 -10.07
C ASP S 152 2.79 117.51 -8.59
N LEU S 153 1.69 117.63 -7.84
CA LEU S 153 1.69 117.30 -6.44
C LEU S 153 2.03 115.82 -6.23
N TYR S 154 1.19 114.92 -6.74
CA TYR S 154 1.41 113.48 -6.56
C TYR S 154 2.90 113.13 -6.72
N VAL S 155 3.46 113.50 -7.86
CA VAL S 155 4.81 113.10 -8.24
C VAL S 155 5.80 113.70 -7.23
N SER S 156 5.76 115.02 -7.04
CA SER S 156 6.59 115.68 -6.04
C SER S 156 6.37 115.08 -4.65
N LYS S 157 5.12 114.74 -4.35
CA LYS S 157 4.76 114.14 -3.08
C LYS S 157 5.30 112.72 -2.94
N ALA S 158 5.58 112.04 -4.05
CA ALA S 158 6.03 110.65 -4.01
C ALA S 158 7.54 110.50 -3.87
N ILE S 159 8.30 111.56 -4.18
CA ILE S 159 9.78 111.48 -4.14
C ILE S 159 10.49 112.36 -3.07
N GLU S 160 9.82 113.40 -2.56
CA GLU S 160 10.34 114.22 -1.43
C GLU S 160 10.69 113.34 -0.20
N ASN S 161 11.82 113.60 0.48
CA ASN S 161 12.30 112.70 1.57
C ASN S 161 11.59 112.84 2.96
N LEU S 162 10.64 113.77 3.07
CA LEU S 162 9.59 113.81 4.16
C LEU S 162 10.02 114.27 5.57
N GLY S 163 10.30 115.57 5.73
CA GLY S 163 10.82 116.16 6.99
C GLY S 163 9.82 116.30 8.14
N ASP S 164 10.26 115.93 9.35
CA ASP S 164 9.38 115.91 10.53
C ASP S 164 9.34 117.31 11.16
N SER S 167 5.13 112.27 9.86
CA SER S 167 5.54 112.82 8.58
C SER S 167 5.83 111.71 7.55
N GLN S 168 5.59 110.45 7.92
CA GLN S 168 5.76 109.26 7.02
C GLN S 168 4.50 108.43 6.86
N GLU S 169 3.62 108.39 7.87
CA GLU S 169 2.23 107.94 7.71
C GLU S 169 1.27 109.11 7.48
N GLN S 170 1.80 110.35 7.44
CA GLN S 170 1.06 111.53 6.96
C GLN S 170 1.29 111.68 5.45
N ARG S 171 2.45 111.21 4.98
CA ARG S 171 2.72 111.10 3.55
C ARG S 171 1.81 110.03 2.93
N ASN S 172 1.82 108.84 3.52
CA ASN S 172 1.05 107.70 3.02
C ASN S 172 -0.41 108.05 2.81
N GLN S 173 -1.02 108.68 3.79
CA GLN S 173 -2.35 109.23 3.60
C GLN S 173 -2.50 110.27 2.50
N THR S 174 -1.42 110.97 2.14
CA THR S 174 -1.52 111.99 1.09
C THR S 174 -1.41 111.34 -0.30
N ILE S 175 -0.46 110.44 -0.48
CA ILE S 175 -0.40 109.68 -1.74
C ILE S 175 -1.65 108.77 -1.95
N GLU S 176 -2.19 108.20 -0.88
CA GLU S 176 -3.42 107.40 -0.97
C GLU S 176 -4.56 108.16 -1.64
N CYS S 177 -5.00 109.26 -1.04
CA CYS S 177 -6.04 110.09 -1.65
C CYS S 177 -5.73 110.48 -3.10
N LEU S 178 -4.46 110.76 -3.38
CA LEU S 178 -4.05 111.25 -4.70
C LEU S 178 -4.19 110.17 -5.75
N VAL S 179 -3.48 109.06 -5.54
CA VAL S 179 -3.76 107.82 -6.25
C VAL S 179 -5.25 107.55 -6.44
N ASN S 180 -6.05 107.66 -5.37
CA ASN S 180 -7.47 107.38 -5.51
C ASN S 180 -8.14 108.29 -6.47
N VAL S 181 -7.61 109.50 -6.60
CA VAL S 181 -8.17 110.50 -7.54
C VAL S 181 -7.66 110.32 -8.99
N LEU S 182 -6.38 109.98 -9.13
CA LEU S 182 -5.78 109.90 -10.45
C LEU S 182 -6.33 108.68 -11.21
N VAL S 183 -6.22 107.53 -10.55
CA VAL S 183 -6.78 106.28 -11.03
C VAL S 183 -8.19 106.47 -11.52
N HIS S 184 -9.06 106.98 -10.64
CA HIS S 184 -10.44 107.34 -11.00
C HIS S 184 -10.62 108.27 -12.22
N TYR S 185 -9.59 109.01 -12.61
CA TYR S 185 -9.71 109.97 -13.72
C TYR S 185 -9.22 109.25 -14.95
N GLY S 186 -8.03 108.67 -14.84
CA GLY S 186 -7.42 107.96 -15.96
C GLY S 186 -8.27 106.89 -16.68
N ILE S 187 -9.15 106.21 -15.92
CA ILE S 187 -10.05 105.21 -16.52
C ILE S 187 -11.04 105.96 -17.39
N GLN S 188 -11.41 107.17 -16.94
CA GLN S 188 -12.31 108.03 -17.71
C GLN S 188 -11.57 108.67 -18.90
N ARG S 189 -10.38 109.19 -18.64
CA ARG S 189 -9.67 110.01 -19.60
C ARG S 189 -8.28 109.47 -19.70
N PRO S 190 -8.09 108.44 -20.52
CA PRO S 190 -6.73 107.90 -20.64
C PRO S 190 -5.71 108.75 -21.43
N LYS S 191 -6.10 109.41 -22.54
CA LYS S 191 -5.10 110.20 -23.33
C LYS S 191 -4.61 111.33 -22.43
N GLU S 192 -5.55 111.91 -21.69
CA GLU S 192 -5.32 113.03 -20.76
C GLU S 192 -4.22 112.67 -19.78
N LEU S 193 -4.57 111.81 -18.82
CA LEU S 193 -3.64 111.41 -17.79
C LEU S 193 -2.30 110.89 -18.34
N SER S 194 -2.34 110.31 -19.53
CA SER S 194 -1.12 109.87 -20.18
C SER S 194 -0.26 111.09 -20.48
N SER S 195 -0.88 112.16 -20.97
CA SER S 195 -0.13 113.37 -21.28
C SER S 195 0.60 113.95 -20.08
N CYS S 196 -0.15 114.14 -19.00
CA CYS S 196 0.38 114.74 -17.78
C CYS S 196 1.63 114.07 -17.27
N PHE S 197 1.77 112.77 -17.51
CA PHE S 197 2.93 112.02 -17.04
C PHE S 197 4.11 112.04 -17.99
N CYS S 198 3.96 112.59 -19.21
CA CYS S 198 5.01 112.46 -20.22
C CYS S 198 6.32 113.13 -19.85
N HIS S 199 6.24 114.40 -19.44
CA HIS S 199 7.43 115.14 -19.03
C HIS S 199 8.00 114.45 -17.80
N HIS S 200 7.16 114.25 -16.78
CA HIS S 200 7.63 113.73 -15.50
C HIS S 200 8.39 112.41 -15.68
N PHE S 201 7.85 111.53 -16.51
CA PHE S 201 8.36 110.15 -16.63
C PHE S 201 9.84 110.04 -17.10
N LEU S 202 10.37 111.11 -17.69
CA LEU S 202 11.79 111.18 -18.10
C LEU S 202 12.74 111.31 -16.89
N ASN S 203 12.27 111.97 -15.82
CA ASN S 203 12.95 112.01 -14.49
C ASN S 203 12.76 110.69 -13.71
N PRO S 204 13.80 109.83 -13.70
CA PRO S 204 13.70 108.46 -13.26
C PRO S 204 12.97 108.24 -11.94
N PRO S 205 13.45 108.82 -10.84
CA PRO S 205 12.64 108.70 -9.62
C PRO S 205 11.10 108.65 -9.80
N THR S 206 10.56 109.39 -10.76
CA THR S 206 9.10 109.47 -11.02
C THR S 206 8.39 108.17 -11.44
N ARG S 207 9.12 107.27 -12.11
CA ARG S 207 8.52 106.23 -12.94
C ARG S 207 7.74 105.16 -12.15
N ILE S 208 8.39 104.50 -11.20
CA ILE S 208 7.72 103.51 -10.35
C ILE S 208 6.38 104.03 -9.81
N PRO S 209 6.39 105.17 -9.11
CA PRO S 209 5.18 105.90 -8.75
C PRO S 209 4.22 106.26 -9.87
N ILE S 210 4.67 106.45 -11.10
CA ILE S 210 3.72 106.71 -12.19
C ILE S 210 3.08 105.39 -12.69
N LEU S 211 3.90 104.42 -13.05
CA LEU S 211 3.36 103.18 -13.58
C LEU S 211 2.39 102.52 -12.61
N SER S 212 2.84 102.32 -11.39
CA SER S 212 1.92 101.91 -10.34
C SER S 212 0.47 102.43 -10.62
N VAL S 213 0.32 103.75 -10.82
CA VAL S 213 -1.00 104.38 -11.08
C VAL S 213 -1.56 103.96 -12.41
N VAL S 215 -0.87 101.20 -14.47
CA VAL S 215 -1.36 99.80 -14.51
C VAL S 215 -2.62 99.53 -13.65
N GLU S 216 -2.99 100.42 -12.74
CA GLU S 216 -4.25 100.23 -12.06
C GLU S 216 -5.40 100.79 -12.86
N VAL S 217 -5.08 101.57 -13.89
CA VAL S 217 -6.07 102.12 -14.79
C VAL S 217 -6.30 101.09 -15.88
N ILE S 218 -5.22 100.71 -16.55
CA ILE S 218 -5.26 99.68 -17.59
C ILE S 218 -5.91 98.39 -17.08
N ARG S 219 -5.64 98.04 -15.83
CA ARG S 219 -6.29 96.88 -15.21
C ARG S 219 -7.78 96.82 -15.60
N ARG S 220 -8.56 97.85 -15.24
CA ARG S 220 -10.01 97.93 -15.60
C ARG S 220 -10.45 97.64 -17.05
N GLN S 221 -9.49 97.67 -17.98
CA GLN S 221 -9.76 97.36 -19.36
C GLN S 221 -11.04 98.06 -19.82
N GLY S 222 -11.17 99.34 -19.44
CA GLY S 222 -12.23 100.21 -19.92
C GLY S 222 -11.77 100.94 -21.18
N PRO S 223 -12.61 101.92 -21.63
CA PRO S 223 -12.32 102.71 -22.83
C PRO S 223 -11.28 103.75 -22.49
N ARG S 224 -10.65 104.40 -23.46
CA ARG S 224 -10.46 103.97 -24.81
C ARG S 224 -8.96 103.97 -24.85
N LEU S 225 -8.38 102.81 -24.57
CA LEU S 225 -6.93 102.70 -24.32
C LEU S 225 -6.16 102.85 -25.60
N TYR S 226 -6.84 102.72 -26.73
CA TYR S 226 -6.25 102.95 -28.04
C TYR S 226 -5.76 104.36 -28.20
N GLU S 227 -6.14 105.26 -27.29
CA GLU S 227 -5.67 106.64 -27.31
C GLU S 227 -4.27 106.82 -26.70
N ILE S 228 -3.76 105.79 -26.05
CA ILE S 228 -2.55 105.94 -25.25
C ILE S 228 -1.23 106.02 -26.05
N PRO S 229 -1.17 105.41 -27.23
CA PRO S 229 0.09 105.59 -27.96
C PRO S 229 0.26 106.96 -28.62
N GLN S 230 -0.86 107.62 -28.94
CA GLN S 230 -0.85 108.98 -29.50
C GLN S 230 -0.15 110.00 -28.62
N THR S 231 -0.18 109.78 -27.31
CA THR S 231 0.38 110.73 -26.37
C THR S 231 1.90 110.57 -26.27
N GLY S 232 2.42 109.46 -26.80
CA GLY S 232 3.83 109.13 -26.67
C GLY S 232 4.16 108.41 -25.38
N PHE S 233 3.16 108.19 -24.51
CA PHE S 233 3.43 107.56 -23.24
C PHE S 233 3.92 106.11 -23.45
N TYR S 234 3.23 105.38 -24.33
CA TYR S 234 3.63 104.03 -24.72
C TYR S 234 5.12 103.97 -25.14
N ASP S 235 5.54 104.79 -26.11
CA ASP S 235 6.97 104.88 -26.46
C ASP S 235 7.90 104.97 -25.22
N LEU S 236 7.59 105.89 -24.31
CA LEU S 236 8.39 106.07 -23.10
C LEU S 236 8.50 104.78 -22.33
N VAL S 237 7.39 104.06 -22.21
CA VAL S 237 7.39 102.82 -21.43
C VAL S 237 8.22 101.74 -22.16
N LEU S 238 8.20 101.76 -23.49
CA LEU S 238 9.04 100.84 -24.25
C LEU S 238 10.51 101.08 -23.94
N LYS S 239 10.89 102.35 -23.88
CA LYS S 239 12.27 102.79 -23.56
C LYS S 239 12.68 102.32 -22.17
N CYS S 240 11.75 102.52 -21.24
CA CYS S 240 11.92 102.09 -19.86
C CYS S 240 12.27 100.58 -19.79
N ALA S 241 11.43 99.75 -20.40
CA ALA S 241 11.71 98.31 -20.56
C ALA S 241 12.99 97.99 -21.29
N GLU S 242 13.44 98.88 -22.17
CA GLU S 242 14.66 98.62 -22.94
C GLU S 242 15.93 98.88 -22.16
N PHE S 243 15.94 99.92 -21.33
CA PHE S 243 17.20 100.46 -20.82
C PHE S 243 17.38 100.38 -19.32
N ASP S 244 16.32 100.69 -18.56
CA ASP S 244 16.35 100.67 -17.08
C ASP S 244 16.84 99.36 -16.41
N THR S 245 16.69 99.25 -15.10
CA THR S 245 17.31 98.15 -14.36
C THR S 245 16.45 97.54 -13.25
N SER S 246 15.53 98.34 -12.72
CA SER S 246 14.86 98.00 -11.49
C SER S 246 13.81 96.93 -11.76
N PRO S 247 13.96 95.72 -11.16
CA PRO S 247 12.90 94.73 -11.28
C PRO S 247 11.50 95.34 -11.05
N ILE S 248 11.27 95.89 -9.86
CA ILE S 248 9.93 96.35 -9.52
C ILE S 248 9.41 97.30 -10.61
N LEU S 249 10.31 98.08 -11.19
CA LEU S 249 9.94 98.97 -12.29
C LEU S 249 9.65 98.17 -13.56
N LEU S 250 10.64 97.44 -14.07
CA LEU S 250 10.47 96.71 -15.33
C LEU S 250 9.30 95.73 -15.24
N SER S 251 9.05 95.15 -14.05
CA SER S 251 7.92 94.25 -13.89
C SER S 251 6.68 95.04 -14.24
N TYR S 252 6.52 96.17 -13.54
CA TYR S 252 5.44 97.13 -13.78
C TYR S 252 5.32 97.54 -15.26
N ALA S 253 6.43 97.50 -15.98
CA ALA S 253 6.44 97.90 -17.38
C ALA S 253 5.83 96.83 -18.24
N LEU S 254 6.34 95.60 -18.10
CA LEU S 254 5.81 94.47 -18.87
C LEU S 254 4.35 94.38 -18.68
N SER S 255 3.94 94.35 -17.43
CA SER S 255 2.55 94.40 -17.07
C SER S 255 1.85 95.47 -17.86
N PHE S 256 2.50 96.61 -18.03
CA PHE S 256 1.82 97.71 -18.75
C PHE S 256 1.70 97.36 -20.21
N ILE S 257 2.82 96.96 -20.81
CA ILE S 257 2.81 96.83 -22.24
C ILE S 257 1.90 95.64 -22.60
N LEU S 258 2.03 94.51 -21.90
CA LEU S 258 1.13 93.34 -22.12
C LEU S 258 -0.31 93.73 -22.05
N ILE S 260 -1.77 96.40 -22.64
CA ILE S 260 -2.20 97.32 -23.69
C ILE S 260 -2.19 96.66 -25.09
N LEU S 261 -1.14 95.91 -25.40
CA LEU S 261 -0.94 95.24 -26.72
C LEU S 261 -2.16 94.71 -27.50
N SER S 262 -3.17 94.20 -26.79
CA SER S 262 -4.45 93.85 -27.42
C SER S 262 -5.09 95.09 -28.07
N HIS S 263 -5.16 96.21 -27.34
CA HIS S 263 -5.79 97.45 -27.84
C HIS S 263 -4.92 98.26 -28.77
N ILE S 264 -4.22 97.57 -29.65
CA ILE S 264 -3.34 98.22 -30.60
C ILE S 264 -3.36 97.34 -31.85
N CYS S 265 -2.25 96.65 -32.16
CA CYS S 265 -2.04 95.94 -33.44
C CYS S 265 -1.78 96.90 -34.62
N ASN S 266 -2.07 98.19 -34.41
CA ASN S 266 -1.64 99.29 -35.28
C ASN S 266 -0.17 99.59 -35.03
N SER S 267 0.09 100.26 -33.90
CA SER S 267 1.45 100.65 -33.48
C SER S 267 2.41 99.45 -33.36
N LEU S 268 1.84 98.23 -33.40
CA LEU S 268 2.60 96.96 -33.40
C LEU S 268 3.60 96.84 -34.54
N ASP S 269 3.38 97.56 -35.62
CA ASP S 269 4.30 97.56 -36.76
C ASP S 269 5.65 98.25 -36.48
N ASP S 270 5.68 99.13 -35.49
CA ASP S 270 6.87 99.93 -35.15
C ASP S 270 7.57 99.38 -33.93
N SER S 271 6.73 98.98 -32.96
CA SER S 271 7.18 98.31 -31.72
C SER S 271 7.73 96.91 -31.96
N LEU S 272 7.23 96.27 -33.01
CA LEU S 272 7.67 94.92 -33.36
C LEU S 272 9.13 94.66 -32.97
N TYR S 273 10.05 95.32 -33.66
CA TYR S 273 11.46 95.03 -33.45
C TYR S 273 11.90 95.36 -32.01
N ARG S 274 11.25 96.37 -31.41
CA ARG S 274 11.57 96.78 -30.05
C ARG S 274 11.14 95.67 -29.09
N LEU S 275 9.93 95.14 -29.32
CA LEU S 275 9.37 94.06 -28.50
C LEU S 275 10.08 92.72 -28.67
N PHE S 276 10.84 92.55 -29.75
CA PHE S 276 11.61 91.33 -29.91
C PHE S 276 12.70 91.44 -28.88
N CYS S 277 13.24 92.66 -28.76
CA CYS S 277 14.40 92.93 -27.89
C CYS S 277 14.05 92.76 -26.43
N ILE S 278 12.81 93.13 -26.14
CA ILE S 278 12.27 93.15 -24.81
C ILE S 278 12.10 91.68 -24.36
N TYR S 279 11.49 90.85 -25.22
CA TYR S 279 11.37 89.43 -24.88
C TYR S 279 12.77 88.84 -24.72
N LEU S 280 13.71 89.28 -25.55
CA LEU S 280 15.10 88.82 -25.43
C LEU S 280 15.65 89.26 -24.09
N ARG S 281 15.47 90.51 -23.73
CA ARG S 281 15.96 90.99 -22.47
C ARG S 281 15.38 90.22 -21.28
N PHE S 282 14.05 90.10 -21.25
CA PHE S 282 13.35 89.56 -20.06
C PHE S 282 13.51 88.06 -19.88
N SER S 283 13.76 87.37 -20.97
CA SER S 283 13.97 85.93 -20.93
C SER S 283 15.33 85.61 -20.32
N ILE S 285 16.66 87.47 -17.76
CA ILE S 285 16.71 87.86 -16.35
C ILE S 285 17.50 86.83 -15.54
N ASP S 286 18.34 87.29 -14.61
CA ASP S 286 19.35 86.42 -13.97
C ASP S 286 19.52 86.64 -12.45
N PRO S 287 19.50 85.54 -11.65
CA PRO S 287 19.49 85.57 -10.15
C PRO S 287 20.54 86.48 -9.53
N THR S 288 21.74 86.43 -10.10
CA THR S 288 22.88 87.21 -9.66
C THR S 288 22.90 88.56 -10.42
N SER S 289 23.13 88.52 -11.75
CA SER S 289 23.34 89.74 -12.54
C SER S 289 22.09 90.47 -13.05
N GLY S 290 20.95 90.28 -12.39
CA GLY S 290 19.70 90.93 -12.81
C GLY S 290 19.49 90.87 -14.31
N PHE S 291 18.78 91.86 -14.85
CA PHE S 291 18.58 91.96 -16.29
C PHE S 291 19.90 92.29 -17.03
N PRO S 292 19.94 92.08 -18.35
CA PRO S 292 21.13 92.48 -19.08
C PRO S 292 21.21 93.98 -19.35
N SER S 293 22.43 94.51 -19.15
CA SER S 293 22.78 95.92 -19.26
C SER S 293 22.83 96.39 -20.70
N SER S 294 21.93 97.33 -20.99
CA SER S 294 21.88 98.07 -22.24
C SER S 294 23.28 98.54 -22.60
N THR S 295 23.62 98.59 -23.89
CA THR S 295 24.91 99.16 -24.32
C THR S 295 24.79 100.67 -24.60
N ALA S 296 23.68 101.05 -25.22
CA ALA S 296 23.39 102.44 -25.56
C ALA S 296 22.76 103.15 -24.36
N SER S 297 21.43 103.25 -24.34
CA SER S 297 20.65 104.17 -23.49
C SER S 297 19.98 105.26 -24.32
N GLY S 298 20.60 105.63 -25.44
CA GLY S 298 20.22 106.80 -26.19
C GLY S 298 20.51 108.04 -25.35
N ASN S 299 19.46 108.82 -25.15
CA ASN S 299 19.51 110.00 -24.28
C ASN S 299 18.41 109.86 -23.24
N TRP S 300 18.40 108.72 -22.55
CA TRP S 300 17.28 108.32 -21.70
C TRP S 300 17.60 108.59 -20.23
N GLU S 301 18.83 108.31 -19.82
CA GLU S 301 19.18 108.52 -18.42
C GLU S 301 18.42 107.46 -17.67
N VAL S 302 19.17 106.43 -17.32
CA VAL S 302 18.63 105.19 -16.86
C VAL S 302 18.29 105.27 -15.38
N PHE S 303 17.14 104.73 -15.00
CA PHE S 303 16.79 104.47 -13.58
C PHE S 303 17.40 103.14 -13.14
N HIS S 304 18.13 103.14 -12.02
CA HIS S 304 18.66 101.92 -11.41
C HIS S 304 17.96 101.75 -10.07
N ASP S 305 18.32 100.70 -9.33
CA ASP S 305 17.71 100.43 -8.03
C ASP S 305 18.36 101.32 -6.97
N PHE S 306 19.65 101.12 -6.74
CA PHE S 306 20.38 101.93 -5.79
C PHE S 306 21.22 102.99 -6.51
N SER S 308 23.39 105.45 -5.27
CA SER S 308 24.11 105.64 -3.99
C SER S 308 25.63 105.57 -4.21
N SER S 339 3.90 87.09 -12.82
CA SER S 339 2.46 87.42 -12.84
C SER S 339 1.97 87.57 -14.29
N LEU S 340 2.51 88.60 -14.95
CA LEU S 340 2.29 88.88 -16.37
C LEU S 340 3.65 88.81 -17.08
N ASP S 341 4.37 87.69 -16.98
CA ASP S 341 5.80 87.68 -17.36
C ASP S 341 6.07 87.49 -18.87
N TYR S 342 7.27 87.05 -19.20
CA TYR S 342 7.70 87.05 -20.58
C TYR S 342 7.04 85.99 -21.40
N SER S 343 6.31 85.07 -20.76
CA SER S 343 5.65 84.00 -21.49
C SER S 343 4.43 84.57 -22.25
N GLN S 344 3.56 85.35 -21.60
CA GLN S 344 2.50 86.06 -22.37
C GLN S 344 3.10 86.79 -23.60
N LEU S 345 4.32 87.26 -23.49
CA LEU S 345 4.98 88.05 -24.55
C LEU S 345 5.48 87.13 -25.65
N PHE S 346 5.85 85.91 -25.25
CA PHE S 346 6.16 84.89 -26.22
C PHE S 346 4.90 84.53 -26.99
N SER S 347 3.82 84.25 -26.26
CA SER S 347 2.58 83.74 -26.85
C SER S 347 1.95 84.71 -27.83
N ILE S 348 2.25 85.99 -27.68
CA ILE S 348 1.61 87.01 -28.52
C ILE S 348 2.50 87.46 -29.66
N LEU S 349 3.75 87.02 -29.64
CA LEU S 349 4.63 87.26 -30.76
C LEU S 349 4.72 86.03 -31.62
N TYR S 350 4.29 84.89 -31.06
CA TYR S 350 4.19 83.66 -31.83
C TYR S 350 2.90 83.72 -32.64
N ALA S 351 1.77 84.08 -32.04
CA ALA S 351 0.67 84.52 -32.90
C ALA S 351 1.24 85.71 -33.68
N LEU S 352 0.64 86.10 -34.79
CA LEU S 352 0.98 87.43 -35.39
C LEU S 352 2.31 87.54 -36.15
N TYR S 353 3.45 87.30 -35.51
CA TYR S 353 4.72 87.36 -36.26
C TYR S 353 5.61 86.14 -35.98
N PRO S 354 4.99 84.94 -35.99
CA PRO S 354 5.69 83.69 -35.68
C PRO S 354 6.95 83.48 -36.51
N ILE S 355 6.88 83.74 -37.81
CA ILE S 355 7.96 83.32 -38.67
C ILE S 355 9.19 84.12 -38.26
N ASN S 356 9.01 85.44 -38.17
CA ASN S 356 10.12 86.30 -37.81
C ASN S 356 10.57 86.06 -36.38
N PHE S 357 9.61 85.94 -35.46
CA PHE S 357 9.96 85.71 -34.06
C PHE S 357 10.95 84.56 -33.93
N LEU S 358 10.67 83.45 -34.59
CA LEU S 358 11.56 82.30 -34.50
C LEU S 358 12.90 82.44 -35.30
N GLU S 359 12.88 83.20 -36.39
CA GLU S 359 14.12 83.55 -37.13
C GLU S 359 14.97 84.51 -36.29
N PHE S 360 14.30 85.33 -35.48
CA PHE S 360 14.96 86.20 -34.55
C PHE S 360 15.64 85.37 -33.49
N LEU S 361 14.95 84.35 -32.97
CA LEU S 361 15.43 83.57 -31.82
C LEU S 361 16.49 82.51 -32.16
N ARG S 362 16.87 82.41 -33.42
CA ARG S 362 17.93 81.50 -33.74
C ARG S 362 19.25 82.25 -33.79
N ASP S 363 19.21 83.48 -34.32
CA ASP S 363 20.39 84.35 -34.37
C ASP S 363 19.95 85.81 -34.32
N PRO S 364 19.87 86.37 -33.10
CA PRO S 364 19.27 87.74 -33.02
C PRO S 364 20.22 88.85 -33.49
N LYS S 365 21.53 88.67 -33.29
CA LYS S 365 22.53 89.63 -33.80
C LYS S 365 22.51 89.64 -35.30
N LEU S 366 22.45 88.44 -35.88
CA LEU S 366 22.30 88.31 -37.32
C LEU S 366 20.97 88.95 -37.75
N TYR S 367 19.86 88.55 -37.13
CA TYR S 367 18.54 89.09 -37.54
C TYR S 367 18.40 90.61 -37.47
N ALA S 368 19.15 91.24 -36.58
CA ALA S 368 19.04 92.67 -36.35
C ALA S 368 19.74 93.47 -37.47
N SER S 369 20.92 92.99 -37.90
CA SER S 369 21.49 93.47 -39.16
C SER S 369 20.57 92.84 -40.15
N LYS S 370 20.20 93.56 -41.20
CA LYS S 370 19.16 93.09 -42.17
C LYS S 370 17.78 93.59 -41.82
N HIS S 371 17.60 94.05 -40.59
CA HIS S 371 16.35 94.73 -40.22
C HIS S 371 16.63 96.08 -39.56
N ASN S 372 17.92 96.45 -39.50
CA ASN S 372 18.31 97.83 -39.25
C ASN S 372 18.06 98.26 -37.81
N PHE S 373 18.69 97.55 -36.90
CA PHE S 373 18.67 97.89 -35.48
C PHE S 373 19.77 97.00 -34.91
N GLN S 374 19.96 97.08 -33.59
CA GLN S 374 21.04 96.35 -32.95
C GLN S 374 20.57 95.72 -31.65
N ILE S 375 21.11 94.54 -31.38
CA ILE S 375 20.95 93.90 -30.09
C ILE S 375 21.89 94.65 -29.15
N ARG S 376 21.37 95.04 -27.99
CA ARG S 376 22.11 95.85 -27.04
C ARG S 376 22.57 95.05 -25.82
N TYR S 377 22.06 93.83 -25.66
CA TYR S 377 22.23 93.08 -24.42
C TYR S 377 23.25 92.01 -24.70
N SER S 378 24.07 91.70 -23.69
CA SER S 378 24.85 90.49 -23.75
C SER S 378 23.87 89.40 -23.36
N PHE S 379 23.97 88.28 -24.08
CA PHE S 379 23.01 87.20 -23.95
C PHE S 379 23.60 85.86 -24.37
N ASN S 380 23.33 84.87 -23.52
CA ASN S 380 23.63 83.48 -23.76
C ASN S 380 22.70 82.93 -24.86
N GLN S 381 23.26 82.33 -25.92
CA GLN S 381 22.39 81.73 -26.97
C GLN S 381 21.72 80.41 -26.52
N GLU S 382 22.51 79.49 -25.96
CA GLU S 382 22.00 78.15 -25.66
C GLU S 382 20.96 78.18 -24.58
N LEU S 383 21.06 79.17 -23.71
CA LEU S 383 20.05 79.38 -22.68
C LEU S 383 18.75 79.97 -23.28
N LEU S 384 18.88 80.77 -24.34
CA LEU S 384 17.74 81.40 -25.00
C LEU S 384 16.94 80.39 -25.79
N SER S 385 17.64 79.55 -26.55
CA SER S 385 17.01 78.33 -27.12
C SER S 385 16.27 77.54 -26.00
N THR S 386 17.07 76.94 -25.11
CA THR S 386 16.59 76.11 -24.01
C THR S 386 15.35 76.71 -23.33
N LYS S 387 15.31 78.01 -23.08
CA LYS S 387 14.10 78.64 -22.50
C LYS S 387 13.03 78.79 -23.55
N SER S 388 13.45 79.24 -24.74
CA SER S 388 12.54 79.52 -25.86
C SER S 388 11.86 78.27 -26.34
N ASP S 389 12.62 77.16 -26.38
CA ASP S 389 12.11 75.81 -26.75
C ASP S 389 10.92 75.40 -25.88
N GLY S 390 11.02 75.71 -24.60
CA GLY S 390 10.06 75.24 -23.63
C GLY S 390 8.71 75.88 -23.73
N LEU S 391 8.71 77.10 -24.23
CA LEU S 391 7.47 77.82 -24.36
C LEU S 391 6.90 77.50 -25.73
N LEU S 392 7.79 77.12 -26.63
CA LEU S 392 7.42 76.95 -28.03
C LEU S 392 6.54 75.75 -28.15
N GLY S 393 7.08 74.60 -27.70
CA GLY S 393 6.37 73.32 -27.64
C GLY S 393 5.04 73.38 -26.89
N ARG S 394 4.90 74.27 -25.92
CA ARG S 394 3.58 74.58 -25.32
C ARG S 394 2.49 74.99 -26.33
N HIS S 395 2.86 75.38 -27.54
CA HIS S 395 1.93 75.85 -28.60
C HIS S 395 1.78 74.96 -29.82
N LEU S 396 0.71 75.16 -30.58
CA LEU S 396 0.51 74.43 -31.84
C LEU S 396 1.28 75.11 -32.96
N ALA S 397 1.61 74.36 -34.00
CA ALA S 397 2.29 74.96 -35.15
C ALA S 397 1.38 75.95 -35.84
N HIS S 398 2.00 76.96 -36.43
CA HIS S 398 1.29 78.09 -37.03
C HIS S 398 1.04 77.89 -38.56
N SER S 399 -0.09 78.33 -39.05
CA SER S 399 -0.38 78.22 -40.48
C SER S 399 0.39 79.21 -41.33
N ASN S 400 0.98 80.24 -40.73
CA ASN S 400 1.80 81.20 -41.52
C ASN S 400 2.92 80.51 -42.29
N PHE S 401 3.40 79.39 -41.78
CA PHE S 401 4.48 78.70 -42.44
C PHE S 401 4.03 78.07 -43.74
N LEU S 402 2.72 78.04 -43.98
CA LEU S 402 2.17 77.47 -45.21
C LEU S 402 1.71 78.53 -46.18
N LYS S 403 1.86 79.80 -45.82
CA LYS S 403 1.30 80.91 -46.59
C LYS S 403 2.27 82.04 -46.78
N TYR S 404 3.14 82.28 -45.81
CA TYR S 404 3.98 83.47 -45.83
C TYR S 404 5.42 83.10 -45.61
N THR S 405 6.27 84.04 -46.02
CA THR S 405 7.72 83.96 -45.84
C THR S 405 8.08 84.96 -44.71
N ALA S 406 9.35 85.12 -44.40
CA ALA S 406 9.66 86.19 -43.46
C ALA S 406 9.04 87.46 -44.04
N GLU S 407 9.54 87.83 -45.20
CA GLU S 407 9.30 89.12 -45.79
C GLU S 407 7.83 89.33 -46.10
N THR S 408 7.14 88.33 -46.64
CA THR S 408 5.70 88.46 -46.90
C THR S 408 4.89 88.55 -45.61
N GLU S 409 5.40 88.01 -44.51
CA GLU S 409 4.70 88.09 -43.23
C GLU S 409 4.63 89.55 -42.76
N LEU S 410 5.78 90.24 -42.73
CA LEU S 410 5.86 91.64 -42.25
C LEU S 410 5.13 92.56 -43.21
N THR S 411 5.38 92.39 -44.52
CA THR S 411 4.81 93.26 -45.54
C THR S 411 3.66 92.68 -46.37
N ASP S 412 2.48 92.63 -45.79
CA ASP S 412 1.30 92.09 -46.48
C ASP S 412 0.04 92.14 -45.63
N LYS S 413 -0.68 93.25 -45.77
CA LYS S 413 -1.76 93.58 -44.85
C LYS S 413 -3.05 92.90 -45.28
N SER S 414 -2.97 92.10 -46.35
CA SER S 414 -4.07 91.20 -46.71
C SER S 414 -4.13 90.03 -45.73
N ARG S 415 -3.09 89.89 -44.90
CA ARG S 415 -3.00 88.85 -43.87
C ARG S 415 -3.88 89.13 -42.67
N TRP S 416 -4.24 90.39 -42.48
CA TRP S 416 -4.98 90.78 -41.30
C TRP S 416 -6.47 90.79 -41.60
N THR S 417 -6.83 90.62 -42.87
CA THR S 417 -8.25 90.45 -43.24
C THR S 417 -8.85 89.27 -42.49
N ARG S 418 -8.05 88.21 -42.29
CA ARG S 418 -8.43 87.05 -41.48
C ARG S 418 -8.98 87.43 -40.08
N LEU S 419 -8.73 88.66 -39.60
CA LEU S 419 -9.12 89.07 -38.25
C LEU S 419 -10.62 89.45 -38.12
N ASP S 420 -11.14 90.21 -39.09
CA ASP S 420 -12.60 90.50 -39.14
C ASP S 420 -13.41 89.20 -39.03
N SER S 421 -12.92 88.15 -39.66
CA SER S 421 -13.63 86.87 -39.76
C SER S 421 -13.66 86.03 -38.48
N ILE S 422 -12.50 85.88 -37.81
CA ILE S 422 -12.44 85.10 -36.55
C ILE S 422 -12.57 85.97 -35.27
N ALA S 423 -12.96 87.23 -35.43
CA ALA S 423 -13.45 88.07 -34.30
C ALA S 423 -14.92 87.80 -34.06
N VAL S 424 -15.64 87.70 -35.19
CA VAL S 424 -17.06 87.41 -35.26
C VAL S 424 -17.40 86.00 -34.76
N VAL S 425 -16.61 85.02 -35.17
CA VAL S 425 -16.71 83.66 -34.63
C VAL S 425 -16.50 83.65 -33.10
N ALA S 426 -15.39 84.23 -32.64
CA ALA S 426 -15.10 84.37 -31.22
C ALA S 426 -16.22 85.06 -30.44
N LEU S 427 -16.82 86.07 -31.11
CA LEU S 427 -17.93 86.85 -30.55
C LEU S 427 -19.16 85.99 -30.24
N CYS S 428 -19.71 85.33 -31.26
CA CYS S 428 -20.97 84.60 -31.14
C CYS S 428 -20.85 83.43 -30.18
N ASN S 429 -19.66 82.88 -30.07
CA ASN S 429 -19.37 81.79 -29.14
C ASN S 429 -19.37 82.20 -27.69
N SER S 430 -18.81 83.39 -27.44
CA SER S 430 -18.84 83.98 -26.11
C SER S 430 -20.28 84.39 -25.70
N LEU S 431 -21.14 84.65 -26.69
CA LEU S 431 -22.60 84.89 -26.51
C LEU S 431 -23.48 83.63 -26.38
N ASN S 432 -23.01 82.45 -26.78
CA ASN S 432 -23.66 81.18 -26.38
C ASN S 432 -23.65 80.96 -24.87
N ALA S 433 -24.69 80.31 -24.33
CA ALA S 433 -24.80 80.11 -22.89
C ALA S 433 -24.60 78.68 -22.51
N VAL S 434 -24.39 77.77 -23.47
CA VAL S 434 -24.45 76.30 -23.24
C VAL S 434 -25.91 75.80 -23.35
N PRO T 5 17.97 73.79 -83.11
CA PRO T 5 17.49 73.23 -81.82
C PRO T 5 16.22 72.36 -81.89
N LEU T 6 15.16 72.93 -82.48
CA LEU T 6 13.77 72.44 -82.35
C LEU T 6 13.42 71.26 -83.27
N GLN T 7 14.27 70.99 -84.26
CA GLN T 7 13.95 70.03 -85.32
C GLN T 7 14.03 68.56 -84.86
N SER T 8 14.65 68.34 -83.70
CA SER T 8 14.74 67.00 -83.05
C SER T 8 13.53 66.69 -82.15
N LEU T 9 12.90 67.75 -81.65
CA LEU T 9 11.68 67.67 -80.84
C LEU T 9 10.50 67.21 -81.70
N VAL T 10 10.45 67.75 -82.93
CA VAL T 10 9.32 67.55 -83.86
C VAL T 10 9.22 66.11 -84.39
N LYS T 11 10.39 65.47 -84.46
CA LYS T 11 10.49 64.05 -84.80
C LYS T 11 9.91 63.20 -83.68
N ALA T 12 10.20 63.60 -82.43
CA ALA T 12 9.62 62.97 -81.26
C ALA T 12 8.08 62.93 -81.46
N LEU T 13 7.50 64.08 -81.80
CA LEU T 13 6.05 64.20 -82.05
C LEU T 13 5.58 63.22 -83.13
N TRP T 14 6.28 63.18 -84.27
CA TRP T 14 5.86 62.34 -85.42
C TRP T 14 5.98 60.84 -85.14
N ASN T 15 7.09 60.44 -84.49
CA ASN T 15 7.33 59.03 -84.09
C ASN T 15 6.44 58.56 -82.94
N VAL T 16 6.08 59.49 -82.04
CA VAL T 16 5.19 59.20 -80.91
C VAL T 16 3.70 59.38 -81.28
N LEU T 17 3.39 59.98 -82.44
CA LEU T 17 2.01 60.05 -82.96
C LEU T 17 1.77 59.11 -84.17
N HIS T 18 2.78 58.29 -84.50
CA HIS T 18 2.62 57.03 -85.27
C HIS T 18 3.65 56.00 -84.80
N ASP T 27 4.81 55.06 -75.30
CA ASP T 27 5.75 55.34 -74.21
C ASP T 27 6.39 56.73 -74.39
N LEU T 28 5.80 57.75 -73.77
CA LEU T 28 6.26 59.14 -73.97
C LEU T 28 7.69 59.46 -73.55
N THR T 29 8.42 58.47 -73.05
CA THR T 29 9.76 58.66 -72.49
C THR T 29 10.67 59.59 -73.31
N GLU T 30 10.67 59.36 -74.62
CA GLU T 30 11.55 60.04 -75.56
C GLU T 30 11.12 61.49 -75.78
N LEU T 31 9.84 61.67 -76.15
CA LEU T 31 9.23 62.99 -76.33
C LEU T 31 9.56 63.93 -75.18
N ILE T 32 9.38 63.43 -73.96
CA ILE T 32 9.68 64.21 -72.75
C ILE T 32 11.12 64.70 -72.84
N ALA T 33 12.07 63.78 -72.99
CA ALA T 33 13.51 64.14 -73.06
C ALA T 33 13.73 65.44 -73.85
N GLU T 34 13.21 65.47 -75.07
CA GLU T 34 13.40 66.59 -75.98
C GLU T 34 12.71 67.89 -75.51
N VAL T 35 11.69 67.75 -74.65
CA VAL T 35 11.04 68.91 -74.03
C VAL T 35 11.90 69.47 -72.89
N GLU T 36 12.81 68.68 -72.33
CA GLU T 36 13.51 69.07 -71.09
C GLU T 36 14.74 69.90 -71.42
N SER T 37 15.49 69.51 -72.46
CA SER T 37 16.63 70.29 -72.91
C SER T 37 16.13 71.61 -73.54
N TYR T 38 15.04 71.54 -74.31
CA TYR T 38 14.42 72.76 -74.88
C TYR T 38 14.27 73.85 -73.82
N GLN T 39 13.87 73.44 -72.62
CA GLN T 39 13.52 74.37 -71.55
C GLN T 39 14.66 75.34 -71.19
N GLN T 40 15.91 74.94 -71.46
CA GLN T 40 17.09 75.76 -71.08
C GLN T 40 17.63 76.71 -72.19
N ARG T 41 17.69 76.27 -73.45
CA ARG T 41 18.10 77.18 -74.56
C ARG T 41 17.02 78.29 -74.74
N TYR T 42 15.74 77.95 -74.47
CA TYR T 42 14.59 78.90 -74.51
C TYR T 42 13.71 78.83 -73.22
N PRO T 43 14.23 79.30 -72.07
CA PRO T 43 13.47 79.23 -70.81
C PRO T 43 12.35 80.28 -70.63
N LYS T 44 12.14 81.16 -71.61
CA LYS T 44 10.89 81.92 -71.72
C LYS T 44 10.26 81.52 -73.03
N GLN T 45 8.97 81.82 -73.19
CA GLN T 45 8.25 81.35 -74.36
C GLN T 45 8.71 82.08 -75.61
N ASN T 46 9.54 81.41 -76.39
CA ASN T 46 9.93 81.84 -77.72
C ASN T 46 8.71 81.70 -78.63
N PRO T 47 7.99 82.81 -78.87
CA PRO T 47 6.73 82.68 -79.64
C PRO T 47 6.90 81.94 -80.99
N THR T 48 7.96 82.30 -81.73
CA THR T 48 8.33 81.67 -83.02
C THR T 48 8.12 80.17 -83.06
N ASN T 49 8.58 79.54 -81.98
CA ASN T 49 8.53 78.11 -81.84
C ASN T 49 7.17 77.63 -81.42
N SER T 50 6.39 78.47 -80.73
CA SER T 50 5.01 78.12 -80.46
C SER T 50 4.42 77.82 -81.80
N GLN T 51 4.29 78.88 -82.62
CA GLN T 51 3.70 78.82 -83.95
C GLN T 51 4.22 77.66 -84.80
N LYS T 52 5.47 77.29 -84.60
CA LYS T 52 6.05 76.16 -85.34
C LYS T 52 5.56 74.81 -84.80
N ILE T 53 5.63 74.61 -83.50
CA ILE T 53 5.09 73.40 -82.88
C ILE T 53 3.61 73.30 -83.18
N ARG T 54 2.89 74.38 -82.89
CA ARG T 54 1.45 74.45 -83.10
C ARG T 54 1.11 74.12 -84.55
N HIS T 55 1.90 74.64 -85.49
CA HIS T 55 1.72 74.28 -86.89
C HIS T 55 1.88 72.75 -87.08
N ILE T 56 2.82 72.11 -86.36
CA ILE T 56 3.05 70.62 -86.42
C ILE T 56 1.87 69.79 -85.90
N LEU T 57 1.37 70.15 -84.72
CA LEU T 57 0.16 69.53 -84.19
C LEU T 57 -0.98 69.64 -85.22
N ASP T 58 -1.30 70.88 -85.62
CA ASP T 58 -2.35 71.14 -86.63
C ASP T 58 -2.28 70.09 -87.75
N GLU T 59 -1.07 69.76 -88.17
CA GLU T 59 -0.83 68.84 -89.28
C GLU T 59 -1.12 67.40 -88.91
N ILE T 60 -0.73 67.03 -87.70
CA ILE T 60 -1.02 65.70 -87.18
C ILE T 60 -2.51 65.55 -86.80
N TYR T 61 -3.22 66.65 -86.54
CA TYR T 61 -4.64 66.55 -86.18
C TYR T 61 -5.39 66.04 -87.38
N GLU T 62 -4.83 66.31 -88.58
CA GLU T 62 -5.41 65.84 -89.85
C GLU T 62 -5.06 64.41 -90.26
N LYS T 63 -3.87 63.96 -89.90
CA LYS T 63 -3.47 62.54 -90.06
C LYS T 63 -4.02 61.62 -88.94
N THR T 64 -4.28 62.16 -87.74
CA THR T 64 -4.99 61.41 -86.67
C THR T 64 -5.88 62.36 -85.85
N PRO T 65 -7.21 62.13 -85.83
CA PRO T 65 -8.09 63.02 -85.07
C PRO T 65 -8.19 62.72 -83.56
N PHE T 66 -9.17 63.36 -82.92
CA PHE T 66 -9.51 63.17 -81.54
C PHE T 66 -10.80 62.35 -81.50
N ASN T 67 -10.82 61.27 -82.29
CA ASN T 67 -12.09 60.61 -82.66
C ASN T 67 -12.33 59.27 -81.97
N ASN T 68 -11.28 58.47 -81.82
CA ASN T 68 -11.39 57.26 -81.01
C ASN T 68 -10.73 57.48 -79.62
N THR T 69 -11.00 56.58 -78.68
CA THR T 69 -10.44 56.68 -77.31
C THR T 69 -8.90 56.76 -77.34
N ARG T 70 -8.25 55.66 -77.73
CA ARG T 70 -6.79 55.61 -77.83
C ARG T 70 -6.15 56.96 -78.27
N ARG T 71 -6.80 57.64 -79.20
CA ARG T 71 -6.25 58.87 -79.79
C ARG T 71 -6.34 60.01 -78.82
N ARG T 72 -7.52 60.09 -78.17
CA ARG T 72 -7.83 61.09 -77.15
C ARG T 72 -6.88 61.00 -75.96
N ILE T 73 -6.57 59.77 -75.55
CA ILE T 73 -5.60 59.49 -74.48
C ILE T 73 -4.26 60.00 -74.88
N LEU T 74 -3.82 59.53 -76.05
CA LEU T 74 -2.54 59.92 -76.62
C LEU T 74 -2.48 61.44 -76.85
N TRP T 75 -3.57 62.01 -77.34
CA TRP T 75 -3.59 63.45 -77.57
C TRP T 75 -3.34 64.23 -76.28
N LEU T 76 -4.19 64.01 -75.27
CA LEU T 76 -4.16 64.79 -74.01
C LEU T 76 -2.80 64.68 -73.33
N ALA T 77 -2.38 63.43 -73.14
CA ALA T 77 -1.03 63.11 -72.74
C ALA T 77 0.06 63.90 -73.56
N VAL T 78 -0.12 63.99 -74.88
CA VAL T 78 0.84 64.73 -75.70
C VAL T 78 0.72 66.26 -75.43
N LEU T 79 -0.51 66.77 -75.52
CA LEU T 79 -0.85 68.19 -75.26
C LEU T 79 -0.41 68.71 -73.89
N LYS T 80 -0.57 67.87 -72.87
CA LYS T 80 -0.13 68.20 -71.49
C LYS T 80 1.36 68.54 -71.45
N THR T 81 2.19 67.63 -71.94
CA THR T 81 3.64 67.76 -71.89
C THR T 81 4.15 69.03 -72.58
N VAL T 82 3.49 69.43 -73.68
CA VAL T 82 3.94 70.53 -74.60
C VAL T 82 3.37 71.91 -74.32
N ILE T 83 2.16 72.01 -73.78
CA ILE T 83 1.54 73.31 -73.54
C ILE T 83 2.35 74.33 -72.67
N PRO T 84 3.24 73.84 -71.74
CA PRO T 84 4.02 74.87 -71.00
C PRO T 84 4.93 75.72 -71.90
N LEU T 85 5.35 75.13 -73.03
CA LEU T 85 6.13 75.83 -74.07
C LEU T 85 5.32 76.78 -74.95
N LEU T 86 4.05 76.48 -75.22
CA LEU T 86 3.32 77.26 -76.23
C LEU T 86 2.84 78.59 -75.68
N ILE T 87 2.44 79.45 -76.62
CA ILE T 87 1.65 80.66 -76.34
C ILE T 87 0.40 80.64 -77.23
N LEU T 88 -0.76 80.75 -76.58
CA LEU T 88 -2.07 80.72 -77.24
C LEU T 88 -2.67 82.12 -77.10
N ASP T 89 -3.79 82.35 -77.78
CA ASP T 89 -4.48 83.62 -77.68
C ASP T 89 -5.95 83.34 -77.67
N ARG T 90 -6.74 84.36 -77.35
CA ARG T 90 -8.21 84.24 -77.35
C ARG T 90 -8.69 83.28 -78.48
N GLN T 91 -8.09 83.44 -79.66
CA GLN T 91 -8.47 82.66 -80.84
C GLN T 91 -8.06 81.17 -80.78
N ALA T 92 -6.89 80.87 -80.21
CA ALA T 92 -6.34 79.50 -80.19
C ALA T 92 -7.02 78.58 -79.19
N VAL T 93 -7.33 79.10 -78.01
CA VAL T 93 -8.04 78.31 -77.01
C VAL T 93 -9.40 77.92 -77.58
N GLY T 94 -9.87 78.71 -78.54
CA GLY T 94 -11.06 78.42 -79.32
C GLY T 94 -10.97 77.08 -80.05
N GLU T 95 -9.81 76.81 -80.63
CA GLU T 95 -9.60 75.61 -81.43
C GLU T 95 -9.28 74.37 -80.53
N TRP T 96 -8.51 74.62 -79.46
CA TRP T 96 -8.27 73.61 -78.43
C TRP T 96 -9.59 73.27 -77.79
N TRP T 97 -10.42 74.30 -77.60
CA TRP T 97 -11.74 74.07 -77.04
C TRP T 97 -12.56 73.28 -78.01
N ASP T 98 -12.60 73.68 -79.28
CA ASP T 98 -13.54 73.08 -80.25
C ASP T 98 -13.13 71.68 -80.72
N GLN T 99 -11.82 71.38 -80.72
CA GLN T 99 -11.29 70.06 -81.14
C GLN T 99 -10.85 69.13 -80.00
N ILE T 100 -10.66 69.67 -78.77
CA ILE T 100 -10.20 68.86 -77.61
C ILE T 100 -11.11 68.95 -76.36
N PHE T 101 -11.32 70.13 -75.77
CA PHE T 101 -12.07 70.22 -74.50
C PHE T 101 -13.56 69.87 -74.65
N PHE T 102 -14.25 70.57 -75.55
CA PHE T 102 -15.68 70.37 -75.76
C PHE T 102 -15.92 68.89 -76.07
N PRO T 103 -15.22 68.34 -77.09
CA PRO T 103 -15.48 66.95 -77.48
C PRO T 103 -15.40 65.97 -76.32
N PHE T 104 -14.36 66.11 -75.49
CA PHE T 104 -14.26 65.40 -74.20
C PHE T 104 -15.42 65.69 -73.24
N LEU T 105 -15.66 66.97 -72.92
CA LEU T 105 -16.65 67.37 -71.92
C LEU T 105 -18.08 66.96 -72.28
N ASN T 106 -18.36 66.93 -73.58
CA ASN T 106 -19.67 66.51 -74.08
C ASN T 106 -19.95 65.02 -73.89
N SER T 107 -18.88 64.23 -73.95
CA SER T 107 -18.97 62.80 -74.01
C SER T 107 -17.66 62.27 -73.46
N PRO T 108 -17.55 62.20 -72.12
CA PRO T 108 -16.25 62.02 -71.50
C PRO T 108 -15.76 60.57 -71.46
N THR T 109 -14.50 60.37 -71.86
CA THR T 109 -13.82 59.08 -71.73
C THR T 109 -13.71 58.70 -70.28
N GLN T 110 -14.25 57.53 -69.94
CA GLN T 110 -14.45 57.10 -68.56
C GLN T 110 -13.20 56.74 -67.73
N LEU T 111 -12.03 56.56 -68.35
CA LEU T 111 -10.79 56.47 -67.59
C LEU T 111 -10.58 57.75 -66.77
N LYS T 112 -10.10 57.60 -65.53
CA LYS T 112 -9.82 58.73 -64.62
C LYS T 112 -8.53 59.53 -64.92
N PRO T 113 -7.39 58.84 -65.18
CA PRO T 113 -6.15 59.60 -65.40
C PRO T 113 -6.26 60.56 -66.58
N VAL T 114 -7.08 60.19 -67.54
CA VAL T 114 -7.21 60.97 -68.73
C VAL T 114 -7.90 62.26 -68.29
N PHE T 115 -9.03 62.13 -67.61
CA PHE T 115 -9.67 63.32 -67.07
C PHE T 115 -8.75 64.16 -66.17
N SER T 116 -7.78 63.52 -65.51
CA SER T 116 -6.78 64.26 -64.76
C SER T 116 -5.88 65.04 -65.75
N ASP T 117 -5.51 64.39 -66.88
CA ASP T 117 -4.66 65.01 -67.93
C ASP T 117 -5.31 66.25 -68.54
N LEU T 118 -6.61 66.15 -68.82
CA LEU T 118 -7.45 67.23 -69.36
C LEU T 118 -7.39 68.41 -68.42
N LYS T 119 -7.61 68.10 -67.14
CA LYS T 119 -7.56 69.08 -66.08
C LYS T 119 -6.15 69.64 -65.89
N SER T 120 -5.12 68.83 -66.07
CA SER T 120 -3.77 69.38 -65.99
C SER T 120 -3.66 70.52 -66.97
N ILE T 121 -4.29 70.34 -68.13
CA ILE T 121 -4.19 71.29 -69.24
C ILE T 121 -5.05 72.47 -68.95
N LEU T 122 -6.30 72.25 -68.56
CA LEU T 122 -7.18 73.37 -68.27
C LEU T 122 -6.45 74.30 -67.31
N PHE T 123 -6.06 73.78 -66.16
CA PHE T 123 -5.57 74.62 -65.09
C PHE T 123 -4.19 75.18 -65.38
N TYR T 124 -3.46 74.62 -66.34
CA TYR T 124 -2.30 75.39 -66.86
C TYR T 124 -2.76 76.74 -67.37
N ILE T 125 -3.82 76.75 -68.19
CA ILE T 125 -4.36 77.99 -68.82
C ILE T 125 -5.00 78.96 -67.81
N LEU T 126 -5.97 78.42 -67.05
CA LEU T 126 -6.82 79.16 -66.10
C LEU T 126 -6.05 79.77 -64.94
N ILE T 127 -5.01 79.08 -64.48
CA ILE T 127 -4.34 79.49 -63.25
C ILE T 127 -2.88 79.74 -63.54
N PHE T 128 -2.46 80.99 -63.27
CA PHE T 128 -1.10 81.45 -63.57
C PHE T 128 -0.62 82.57 -62.63
N HIS T 129 0.71 82.65 -62.47
CA HIS T 129 1.38 83.59 -61.56
C HIS T 129 1.62 84.95 -62.16
N ASP T 130 1.80 84.99 -63.48
CA ASP T 130 2.13 86.23 -64.17
C ASP T 130 1.24 86.50 -65.36
N GLU T 131 0.63 87.69 -65.37
CA GLU T 131 -0.18 88.17 -66.51
C GLU T 131 0.61 88.28 -67.81
N ASP T 132 1.86 88.72 -67.65
CA ASP T 132 2.76 89.06 -68.76
C ASP T 132 3.59 87.89 -69.27
N GLU T 133 3.47 86.72 -68.68
CA GLU T 133 4.30 85.60 -69.12
C GLU T 133 4.25 85.50 -70.64
N TRP T 134 3.04 85.47 -71.19
CA TRP T 134 2.86 85.20 -72.60
C TRP T 134 2.90 86.46 -73.48
N GLY T 135 2.74 87.63 -72.86
CA GLY T 135 2.92 88.89 -73.57
C GLY T 135 1.63 89.66 -73.55
N GLY T 136 1.74 90.98 -73.46
CA GLY T 136 0.59 91.85 -73.56
C GLY T 136 -0.42 91.44 -72.52
N ASP T 137 -1.64 91.11 -72.99
CA ASP T 137 -2.73 90.65 -72.14
C ASP T 137 -3.21 89.25 -72.55
N LEU T 138 -2.39 88.54 -73.32
CA LEU T 138 -2.68 87.17 -73.81
C LEU T 138 -2.91 86.05 -72.79
N ARG T 139 -2.10 86.04 -71.73
CA ARG T 139 -2.17 84.98 -70.73
C ARG T 139 -3.49 85.09 -69.97
N ARG T 140 -3.83 86.32 -69.58
CA ARG T 140 -5.14 86.61 -68.99
C ARG T 140 -6.32 86.37 -69.94
N GLU T 141 -6.15 86.68 -71.23
CA GLU T 141 -7.26 86.56 -72.17
C GLU T 141 -7.74 85.12 -72.24
N CYS T 142 -6.79 84.18 -72.34
CA CYS T 142 -7.10 82.74 -72.49
C CYS T 142 -7.88 82.20 -71.30
N ALA T 143 -7.43 82.52 -70.09
CA ALA T 143 -8.20 82.16 -68.90
C ALA T 143 -9.63 82.67 -68.98
N GLU T 144 -9.76 84.00 -69.13
CA GLU T 144 -11.05 84.64 -69.29
C GLU T 144 -11.89 83.90 -70.34
N GLU T 145 -11.30 83.53 -71.48
CA GLU T 145 -12.07 82.84 -72.53
C GLU T 145 -12.51 81.45 -72.09
N THR T 146 -11.55 80.65 -71.63
CA THR T 146 -11.80 79.25 -71.23
C THR T 146 -12.83 79.21 -70.08
N ILE T 147 -12.62 79.96 -69.00
CA ILE T 147 -13.58 79.93 -67.89
C ILE T 147 -15.02 80.18 -68.39
N THR T 148 -15.16 81.10 -69.34
CA THR T 148 -16.47 81.48 -69.87
C THR T 148 -17.14 80.35 -70.62
N ARG T 149 -16.38 79.62 -71.43
CA ARG T 149 -16.91 78.45 -72.12
C ARG T 149 -17.29 77.36 -71.16
N LEU T 150 -16.60 77.26 -70.03
CA LEU T 150 -16.87 76.22 -69.01
C LEU T 150 -18.22 76.49 -68.32
N VAL T 151 -18.32 77.71 -67.85
CA VAL T 151 -19.51 78.11 -67.20
C VAL T 151 -20.65 77.99 -68.19
N ASP T 152 -20.48 78.53 -69.39
CA ASP T 152 -21.62 78.72 -70.30
C ASP T 152 -22.20 77.37 -70.70
N LEU T 153 -21.31 76.38 -70.79
CA LEU T 153 -21.64 74.98 -71.03
C LEU T 153 -22.25 74.32 -69.80
N TYR T 154 -21.55 74.39 -68.67
CA TYR T 154 -22.13 73.92 -67.43
C TYR T 154 -23.59 74.38 -67.27
N VAL T 155 -23.84 75.68 -67.43
CA VAL T 155 -25.15 76.27 -67.21
C VAL T 155 -26.14 75.78 -68.25
N SER T 156 -25.77 75.90 -69.52
CA SER T 156 -26.59 75.32 -70.58
C SER T 156 -26.89 73.85 -70.21
N LYS T 157 -25.82 73.06 -70.09
CA LYS T 157 -25.93 71.60 -69.90
C LYS T 157 -26.76 71.22 -68.69
N ALA T 158 -26.77 72.09 -67.68
CA ALA T 158 -27.57 71.95 -66.48
C ALA T 158 -29.04 72.19 -66.67
N ILE T 159 -29.45 72.77 -67.82
CA ILE T 159 -30.88 73.05 -68.14
C ILE T 159 -31.50 72.35 -69.41
N GLU T 160 -30.79 72.35 -70.55
CA GLU T 160 -31.36 71.86 -71.81
C GLU T 160 -31.97 70.44 -71.66
N ASN T 161 -33.23 70.27 -72.06
CA ASN T 161 -34.09 69.10 -71.68
C ASN T 161 -33.50 67.68 -71.87
N LEU T 162 -32.41 67.56 -72.65
CA LEU T 162 -31.62 66.31 -72.77
C LEU T 162 -32.31 65.19 -73.54
N GLY T 163 -32.45 65.35 -74.87
CA GLY T 163 -33.31 64.48 -75.70
C GLY T 163 -32.79 63.12 -76.17
N ASP T 164 -33.68 62.32 -76.74
CA ASP T 164 -33.38 60.96 -77.20
C ASP T 164 -32.72 60.99 -78.58
N SER T 167 -29.76 59.39 -73.50
CA SER T 167 -28.98 60.56 -73.21
C SER T 167 -28.75 60.85 -71.69
N GLN T 168 -29.49 60.21 -70.76
CA GLN T 168 -29.54 60.71 -69.36
C GLN T 168 -28.30 60.42 -68.47
N GLU T 169 -27.68 59.25 -68.58
CA GLU T 169 -26.44 58.95 -67.78
C GLU T 169 -25.19 59.58 -68.41
N GLN T 170 -25.29 59.99 -69.68
CA GLN T 170 -24.19 60.62 -70.44
C GLN T 170 -24.11 62.11 -70.12
N ARG T 171 -25.16 62.61 -69.47
CA ARG T 171 -25.34 64.03 -69.17
C ARG T 171 -24.92 64.36 -67.72
N ASN T 172 -25.26 63.49 -66.76
CA ASN T 172 -24.70 63.61 -65.40
C ASN T 172 -23.17 63.49 -65.43
N GLN T 173 -22.66 62.67 -66.34
CA GLN T 173 -21.22 62.51 -66.46
C GLN T 173 -20.52 63.69 -67.10
N THR T 174 -21.27 64.54 -67.80
CA THR T 174 -20.70 65.79 -68.24
C THR T 174 -20.72 66.75 -67.05
N ILE T 175 -21.87 66.81 -66.38
CA ILE T 175 -22.07 67.84 -65.33
C ILE T 175 -21.29 67.55 -64.07
N GLU T 176 -20.82 66.32 -63.88
CA GLU T 176 -19.96 66.02 -62.74
C GLU T 176 -18.57 66.51 -63.01
N CYS T 177 -18.10 66.20 -64.22
CA CYS T 177 -16.84 66.74 -64.74
C CYS T 177 -16.80 68.27 -64.67
N LEU T 178 -17.92 68.90 -64.93
CA LEU T 178 -17.94 70.33 -65.00
C LEU T 178 -17.89 70.89 -63.62
N VAL T 179 -18.68 70.28 -62.74
CA VAL T 179 -18.73 70.72 -61.35
C VAL T 179 -17.34 70.56 -60.73
N ASN T 180 -16.70 69.43 -60.99
CA ASN T 180 -15.38 69.22 -60.45
C ASN T 180 -14.46 70.37 -60.86
N VAL T 181 -14.52 70.78 -62.13
CA VAL T 181 -13.58 71.78 -62.66
C VAL T 181 -13.86 73.16 -62.10
N LEU T 182 -15.15 73.48 -62.04
CA LEU T 182 -15.57 74.81 -61.70
C LEU T 182 -15.29 75.18 -60.24
N VAL T 183 -15.38 74.19 -59.36
CA VAL T 183 -15.14 74.41 -57.93
C VAL T 183 -13.65 74.57 -57.72
N HIS T 184 -12.91 73.54 -58.14
CA HIS T 184 -11.47 73.58 -58.11
C HIS T 184 -10.95 74.91 -58.61
N TYR T 185 -11.65 75.49 -59.59
CA TYR T 185 -11.33 76.82 -60.07
C TYR T 185 -11.83 77.87 -59.06
N GLY T 186 -13.12 77.84 -58.78
CA GLY T 186 -13.74 78.70 -57.78
C GLY T 186 -12.83 79.01 -56.59
N ILE T 187 -12.41 77.96 -55.87
CA ILE T 187 -11.65 78.16 -54.61
C ILE T 187 -10.39 78.97 -54.88
N GLN T 188 -9.72 78.66 -56.01
CA GLN T 188 -8.52 79.34 -56.41
C GLN T 188 -8.82 80.78 -56.74
N ARG T 189 -9.83 81.02 -57.57
CA ARG T 189 -10.14 82.37 -58.06
C ARG T 189 -11.64 82.73 -57.79
N PRO T 190 -11.94 83.07 -56.55
CA PRO T 190 -13.36 83.19 -56.22
C PRO T 190 -14.09 84.37 -56.83
N LYS T 191 -13.44 85.56 -56.92
CA LYS T 191 -14.06 86.76 -57.54
C LYS T 191 -14.38 86.45 -58.98
N GLU T 192 -13.33 86.03 -59.70
CA GLU T 192 -13.39 85.62 -61.12
C GLU T 192 -14.61 84.76 -61.44
N LEU T 193 -14.75 83.67 -60.68
CA LEU T 193 -15.89 82.79 -60.90
C LEU T 193 -17.27 83.44 -60.61
N SER T 194 -17.45 84.04 -59.45
CA SER T 194 -18.74 84.66 -59.14
C SER T 194 -19.16 85.66 -60.25
N SER T 195 -18.16 86.33 -60.82
CA SER T 195 -18.41 87.24 -61.91
C SER T 195 -19.02 86.50 -63.09
N CYS T 196 -18.48 85.32 -63.38
CA CYS T 196 -19.00 84.53 -64.52
C CYS T 196 -20.45 84.09 -64.34
N PHE T 197 -20.92 84.06 -63.10
CA PHE T 197 -22.23 83.50 -62.84
C PHE T 197 -23.31 84.59 -62.75
N CYS T 198 -22.94 85.86 -62.77
CA CYS T 198 -23.91 86.94 -62.50
C CYS T 198 -24.97 87.13 -63.57
N HIS T 199 -24.55 87.24 -64.84
CA HIS T 199 -25.51 87.37 -65.97
C HIS T 199 -26.48 86.20 -66.00
N HIS T 200 -25.94 85.00 -66.08
CA HIS T 200 -26.73 83.77 -65.98
C HIS T 200 -27.70 83.73 -64.79
N PHE T 201 -27.21 84.09 -63.61
CA PHE T 201 -28.01 83.97 -62.36
C PHE T 201 -29.38 84.68 -62.41
N LEU T 202 -29.46 85.71 -63.24
CA LEU T 202 -30.70 86.45 -63.43
C LEU T 202 -31.80 85.54 -63.98
N ASN T 203 -31.37 84.46 -64.63
CA ASN T 203 -32.27 83.57 -65.32
C ASN T 203 -32.55 82.39 -64.40
N PRO T 204 -33.82 82.25 -63.98
CA PRO T 204 -34.16 81.40 -62.83
C PRO T 204 -33.65 79.93 -62.88
N PRO T 205 -33.80 79.27 -64.05
CA PRO T 205 -33.38 77.85 -64.13
C PRO T 205 -31.90 77.61 -63.79
N THR T 206 -31.06 78.63 -63.95
CA THR T 206 -29.65 78.51 -63.66
C THR T 206 -29.33 78.57 -62.18
N ARG T 207 -30.28 79.05 -61.36
CA ARG T 207 -29.96 79.38 -59.94
C ARG T 207 -29.55 78.20 -59.05
N ILE T 208 -30.39 77.18 -58.94
CA ILE T 208 -29.96 75.97 -58.23
C ILE T 208 -28.55 75.44 -58.60
N PRO T 209 -28.30 75.06 -59.87
CA PRO T 209 -26.94 74.56 -60.24
C PRO T 209 -25.82 75.56 -59.96
N ILE T 210 -25.97 76.85 -60.28
CA ILE T 210 -24.92 77.82 -60.00
C ILE T 210 -24.58 77.87 -58.52
N LEU T 211 -25.61 78.10 -57.70
CA LEU T 211 -25.41 78.21 -56.25
C LEU T 211 -24.79 76.93 -55.73
N SER T 212 -25.41 75.82 -56.07
CA SER T 212 -24.84 74.54 -55.78
C SER T 212 -23.28 74.59 -55.92
N VAL T 213 -22.75 75.12 -57.02
CA VAL T 213 -21.29 75.22 -57.18
C VAL T 213 -20.74 76.12 -56.08
N VAL T 215 -21.71 77.44 -53.09
CA VAL T 215 -21.64 77.00 -51.67
C VAL T 215 -20.56 75.97 -51.45
N GLU T 216 -20.21 75.17 -52.46
CA GLU T 216 -19.09 74.25 -52.35
C GLU T 216 -17.71 74.98 -52.36
N VAL T 217 -17.69 76.20 -52.90
CA VAL T 217 -16.43 76.93 -52.97
C VAL T 217 -16.21 77.64 -51.66
N ILE T 218 -17.30 78.25 -51.22
CA ILE T 218 -17.42 78.84 -49.91
C ILE T 218 -17.15 77.79 -48.82
N ARG T 219 -17.88 76.66 -48.80
CA ARG T 219 -17.62 75.62 -47.79
C ARG T 219 -16.12 75.39 -47.48
N ARG T 220 -15.25 75.24 -48.49
CA ARG T 220 -13.78 75.17 -48.23
C ARG T 220 -13.12 76.29 -47.36
N GLN T 221 -13.70 77.48 -47.45
CA GLN T 221 -13.33 78.63 -46.60
C GLN T 221 -11.92 79.22 -46.70
N GLY T 222 -11.14 78.81 -47.71
CA GLY T 222 -9.84 79.46 -47.99
C GLY T 222 -9.92 80.91 -48.51
N PRO T 223 -8.91 81.35 -49.27
CA PRO T 223 -8.87 82.73 -49.70
C PRO T 223 -9.63 82.77 -50.99
N ARG T 224 -10.15 83.91 -51.44
CA ARG T 224 -10.20 85.18 -50.77
C ARG T 224 -11.64 85.61 -50.98
N LEU T 225 -12.48 85.34 -49.99
CA LEU T 225 -13.93 85.39 -50.19
C LEU T 225 -14.49 86.78 -50.02
N TYR T 226 -13.71 87.64 -49.37
CA TYR T 226 -14.04 89.05 -49.19
C TYR T 226 -14.03 89.85 -50.51
N GLU T 227 -13.63 89.23 -51.62
CA GLU T 227 -13.75 89.89 -52.94
C GLU T 227 -15.13 89.71 -53.58
N ILE T 228 -15.89 88.71 -53.17
CA ILE T 228 -17.14 88.34 -53.86
C ILE T 228 -18.27 89.37 -53.94
N PRO T 229 -18.49 90.14 -52.86
CA PRO T 229 -19.56 91.16 -52.94
C PRO T 229 -19.34 92.23 -54.02
N GLN T 230 -18.08 92.53 -54.33
CA GLN T 230 -17.72 93.37 -55.48
C GLN T 230 -18.29 92.91 -56.82
N THR T 231 -18.27 91.61 -57.09
CA THR T 231 -18.85 91.07 -58.34
C THR T 231 -20.32 91.46 -58.48
N GLY T 232 -21.00 91.62 -57.34
CA GLY T 232 -22.42 91.90 -57.30
C GLY T 232 -23.20 90.62 -57.17
N PHE T 233 -22.49 89.53 -56.92
CA PHE T 233 -23.09 88.23 -56.75
C PHE T 233 -23.79 88.09 -55.39
N TYR T 234 -23.15 88.56 -54.32
CA TYR T 234 -23.71 88.49 -52.98
C TYR T 234 -25.01 89.22 -53.03
N ASP T 235 -24.96 90.41 -53.59
CA ASP T 235 -26.17 91.19 -53.72
C ASP T 235 -27.33 90.35 -54.31
N LEU T 236 -27.05 89.58 -55.36
CA LEU T 236 -28.09 88.76 -56.03
C LEU T 236 -28.61 87.61 -55.16
N VAL T 237 -27.69 86.86 -54.55
CA VAL T 237 -28.11 85.76 -53.66
C VAL T 237 -29.04 86.32 -52.62
N LEU T 238 -28.74 87.54 -52.16
CA LEU T 238 -29.59 88.24 -51.23
C LEU T 238 -30.97 88.43 -51.83
N LYS T 239 -31.06 88.91 -53.07
CA LYS T 239 -32.32 88.93 -53.81
C LYS T 239 -32.98 87.56 -53.95
N CYS T 240 -32.17 86.52 -54.14
CA CYS T 240 -32.71 85.17 -54.20
C CYS T 240 -33.42 84.79 -52.90
N ALA T 241 -32.78 85.01 -51.75
CA ALA T 241 -33.40 84.69 -50.46
C ALA T 241 -34.68 85.46 -50.22
N GLU T 242 -34.69 86.72 -50.64
CA GLU T 242 -35.80 87.60 -50.34
C GLU T 242 -37.04 87.27 -51.13
N PHE T 243 -36.87 86.93 -52.42
CA PHE T 243 -38.01 86.81 -53.39
C PHE T 243 -38.41 85.41 -53.89
N ASP T 244 -37.43 84.53 -54.10
CA ASP T 244 -37.66 83.19 -54.60
C ASP T 244 -38.43 82.29 -53.61
N THR T 245 -38.86 81.13 -54.10
CA THR T 245 -39.84 80.26 -53.47
C THR T 245 -39.29 78.88 -53.17
N SER T 246 -38.70 78.26 -54.19
CA SER T 246 -38.09 76.93 -54.06
C SER T 246 -37.42 76.74 -52.72
N PRO T 247 -37.91 75.78 -51.89
CA PRO T 247 -37.24 75.51 -50.62
C PRO T 247 -35.82 74.99 -50.79
N ILE T 248 -35.60 74.24 -51.86
CA ILE T 248 -34.31 73.62 -52.12
C ILE T 248 -33.28 74.70 -52.44
N LEU T 249 -33.70 75.65 -53.28
CA LEU T 249 -32.88 76.77 -53.72
C LEU T 249 -32.54 77.75 -52.58
N LEU T 250 -33.57 78.11 -51.83
CA LEU T 250 -33.43 79.07 -50.76
C LEU T 250 -32.52 78.49 -49.70
N SER T 251 -32.53 77.18 -49.53
CA SER T 251 -31.74 76.58 -48.49
C SER T 251 -30.26 76.63 -48.86
N TYR T 252 -29.97 76.72 -50.16
CA TYR T 252 -28.59 76.98 -50.62
C TYR T 252 -28.24 78.44 -50.37
N ALA T 253 -29.21 79.30 -50.59
CA ALA T 253 -29.00 80.71 -50.54
C ALA T 253 -28.65 81.17 -49.13
N LEU T 254 -29.31 80.58 -48.12
CA LEU T 254 -29.01 80.85 -46.71
C LEU T 254 -27.65 80.27 -46.39
N SER T 255 -27.37 79.06 -46.89
CA SER T 255 -26.08 78.44 -46.64
C SER T 255 -24.96 79.34 -47.14
N PHE T 256 -25.17 79.97 -48.30
CA PHE T 256 -24.17 80.85 -48.86
C PHE T 256 -23.97 82.12 -48.01
N ILE T 257 -25.07 82.82 -47.74
CA ILE T 257 -24.99 84.10 -47.06
C ILE T 257 -24.56 83.96 -45.59
N LEU T 258 -24.88 82.80 -45.00
CA LEU T 258 -24.34 82.39 -43.67
C LEU T 258 -22.84 82.25 -43.70
N ILE T 260 -20.69 83.27 -45.80
CA ILE T 260 -19.94 84.37 -46.35
C ILE T 260 -19.92 85.57 -45.36
N LEU T 261 -20.88 85.59 -44.44
CA LEU T 261 -21.05 86.76 -43.57
C LEU T 261 -19.84 87.09 -42.68
N SER T 262 -19.24 86.07 -42.05
CA SER T 262 -17.92 86.21 -41.40
C SER T 262 -16.94 87.17 -42.11
N HIS T 263 -16.83 87.02 -43.44
CA HIS T 263 -15.77 87.63 -44.27
C HIS T 263 -16.01 89.06 -44.78
N ILE T 264 -16.83 89.80 -44.02
CA ILE T 264 -17.47 91.02 -44.50
C ILE T 264 -17.46 92.07 -43.35
N CYS T 265 -18.57 92.24 -42.62
CA CYS T 265 -18.78 93.36 -41.64
C CYS T 265 -18.83 94.82 -42.22
N ASN T 266 -18.62 94.95 -43.53
CA ASN T 266 -18.74 96.21 -44.27
C ASN T 266 -20.02 96.26 -45.08
N SER T 267 -20.26 95.21 -45.86
CA SER T 267 -21.55 95.03 -46.59
C SER T 267 -22.68 94.84 -45.59
N LEU T 268 -22.34 94.34 -44.39
CA LEU T 268 -23.32 94.11 -43.33
C LEU T 268 -24.17 95.32 -43.08
N ASP T 269 -23.52 96.48 -43.07
CA ASP T 269 -24.22 97.76 -42.91
C ASP T 269 -25.18 98.09 -44.08
N ASP T 270 -24.94 97.56 -45.28
CA ASP T 270 -25.77 97.83 -46.48
C ASP T 270 -26.79 96.73 -46.76
N SER T 271 -26.57 95.59 -46.13
CA SER T 271 -27.45 94.46 -46.30
C SER T 271 -28.32 94.28 -45.04
N LEU T 272 -28.08 95.11 -44.03
CA LEU T 272 -28.58 94.79 -42.69
C LEU T 272 -30.08 94.56 -42.71
N TYR T 273 -30.85 95.57 -43.10
CA TYR T 273 -32.32 95.46 -43.03
C TYR T 273 -32.86 94.35 -43.93
N ARG T 274 -32.16 94.05 -45.04
CA ARG T 274 -32.52 92.88 -45.85
C ARG T 274 -32.38 91.64 -44.94
N LEU T 275 -31.20 91.50 -44.32
CA LEU T 275 -30.89 90.35 -43.49
C LEU T 275 -31.93 90.15 -42.39
N PHE T 276 -32.40 91.23 -41.79
CA PHE T 276 -33.47 91.16 -40.81
C PHE T 276 -34.72 90.51 -41.43
N CYS T 277 -35.17 91.12 -42.54
CA CYS T 277 -36.35 90.64 -43.29
C CYS T 277 -36.19 89.20 -43.69
N ILE T 278 -35.04 88.87 -44.25
CA ILE T 278 -34.67 87.47 -44.55
C ILE T 278 -34.79 86.56 -43.30
N TYR T 279 -34.22 86.96 -42.15
CA TYR T 279 -34.43 86.18 -40.91
C TYR T 279 -35.94 86.06 -40.68
N LEU T 280 -36.66 87.17 -40.87
CA LEU T 280 -38.11 87.17 -40.62
C LEU T 280 -38.70 86.06 -41.41
N ARG T 281 -38.42 86.10 -42.72
CA ARG T 281 -38.92 85.16 -43.73
C ARG T 281 -38.62 83.71 -43.43
N PHE T 282 -37.33 83.37 -43.29
CA PHE T 282 -36.89 82.00 -43.03
C PHE T 282 -37.38 81.45 -41.70
N SER T 283 -37.56 82.32 -40.71
CA SER T 283 -38.14 81.91 -39.44
C SER T 283 -39.62 81.57 -39.56
N ILE T 285 -41.12 79.98 -42.11
CA ILE T 285 -41.31 78.90 -43.03
C ILE T 285 -42.31 77.93 -42.45
N ASP T 286 -43.16 77.41 -43.32
CA ASP T 286 -44.35 76.68 -42.93
C ASP T 286 -44.35 75.30 -43.56
N PRO T 287 -44.85 74.25 -42.85
CA PRO T 287 -44.78 72.94 -43.54
C PRO T 287 -45.67 72.86 -44.79
N THR T 288 -46.75 73.64 -44.83
CA THR T 288 -47.75 73.59 -45.90
C THR T 288 -47.60 74.75 -46.92
N SER T 289 -47.56 75.99 -46.43
CA SER T 289 -47.47 77.17 -47.29
C SER T 289 -46.03 77.42 -47.78
N GLY T 290 -45.07 76.76 -47.13
CA GLY T 290 -43.65 77.06 -47.32
C GLY T 290 -43.34 78.50 -46.98
N PHE T 291 -42.33 79.03 -47.66
CA PHE T 291 -41.88 80.39 -47.41
C PHE T 291 -42.99 81.38 -47.72
N PRO T 292 -43.21 82.33 -46.82
CA PRO T 292 -43.95 83.49 -47.23
C PRO T 292 -43.49 84.01 -48.59
N SER T 293 -44.42 84.13 -49.52
CA SER T 293 -44.18 84.76 -50.83
C SER T 293 -43.81 86.23 -50.62
N SER T 294 -42.89 86.76 -51.43
CA SER T 294 -42.72 88.22 -51.55
C SER T 294 -44.03 88.90 -51.92
N THR T 295 -44.09 90.22 -51.86
CA THR T 295 -45.19 90.95 -52.50
C THR T 295 -44.75 91.74 -53.73
N ALA T 296 -43.47 92.07 -53.83
CA ALA T 296 -43.02 92.99 -54.84
C ALA T 296 -42.38 92.26 -55.99
N SER T 297 -41.35 91.46 -55.65
CA SER T 297 -40.46 90.81 -56.65
C SER T 297 -39.64 91.81 -57.50
N GLY T 298 -39.83 93.10 -57.28
CA GLY T 298 -39.25 94.14 -58.13
C GLY T 298 -39.25 93.82 -59.61
N ASN T 299 -38.07 93.45 -60.11
CA ASN T 299 -37.86 93.10 -61.51
C ASN T 299 -37.00 91.84 -61.53
N TRP T 300 -37.36 90.92 -60.64
CA TRP T 300 -36.49 89.81 -60.31
C TRP T 300 -36.82 88.58 -61.13
N GLU T 301 -38.10 88.28 -61.31
CA GLU T 301 -38.49 87.01 -61.91
C GLU T 301 -38.17 85.93 -60.90
N VAL T 302 -39.20 85.61 -60.14
CA VAL T 302 -39.06 84.72 -59.03
C VAL T 302 -38.96 83.32 -59.58
N PHE T 303 -38.12 82.49 -58.95
CA PHE T 303 -38.11 81.04 -59.18
C PHE T 303 -39.09 80.33 -58.23
N HIS T 304 -40.05 79.58 -58.77
CA HIS T 304 -40.92 78.69 -57.98
C HIS T 304 -40.54 77.30 -58.40
N ASP T 305 -40.93 76.28 -57.63
CA ASP T 305 -40.43 74.95 -57.97
C ASP T 305 -41.05 74.50 -59.31
N PHE T 306 -42.37 74.40 -59.34
CA PHE T 306 -43.04 73.74 -60.45
C PHE T 306 -43.54 74.71 -61.53
N SER T 308 -45.09 75.55 -64.31
CA SER T 308 -46.04 75.00 -65.32
C SER T 308 -47.42 74.86 -64.66
N SER T 339 -28.72 71.67 -41.63
CA SER T 339 -27.68 71.91 -40.60
C SER T 339 -27.07 73.32 -40.60
N LEU T 340 -27.71 74.28 -41.31
CA LEU T 340 -27.28 75.71 -41.41
C LEU T 340 -28.48 76.68 -41.38
N ASP T 341 -29.39 76.51 -40.40
CA ASP T 341 -30.71 77.15 -40.49
C ASP T 341 -30.71 78.64 -40.08
N TYR T 342 -31.92 79.20 -40.02
CA TYR T 342 -32.15 80.57 -39.59
C TYR T 342 -31.71 80.80 -38.15
N SER T 343 -31.68 79.75 -37.34
CA SER T 343 -31.10 79.85 -36.00
C SER T 343 -29.62 80.30 -36.04
N GLN T 344 -28.77 79.78 -36.92
CA GLN T 344 -27.39 80.35 -37.08
C GLN T 344 -27.35 81.87 -37.37
N LEU T 345 -28.37 82.32 -38.10
CA LEU T 345 -28.51 83.70 -38.45
C LEU T 345 -28.87 84.54 -37.19
N PHE T 346 -29.75 84.01 -36.35
CA PHE T 346 -30.13 84.73 -35.13
C PHE T 346 -28.87 85.14 -34.35
N SER T 347 -27.94 84.21 -34.21
CA SER T 347 -26.79 84.46 -33.38
C SER T 347 -26.01 85.54 -34.04
N ILE T 348 -25.73 85.36 -35.33
CA ILE T 348 -24.87 86.33 -36.02
C ILE T 348 -25.43 87.76 -36.02
N LEU T 349 -26.72 87.94 -36.26
CA LEU T 349 -27.35 89.26 -36.09
C LEU T 349 -27.51 89.72 -34.65
N TYR T 350 -27.44 88.84 -33.65
CA TYR T 350 -27.60 89.30 -32.27
C TYR T 350 -26.27 89.75 -31.66
N ALA T 351 -25.20 88.98 -31.83
CA ALA T 351 -23.87 89.58 -31.79
C ALA T 351 -23.96 90.65 -32.84
N LEU T 352 -23.24 91.74 -32.71
CA LEU T 352 -23.19 92.73 -33.83
C LEU T 352 -24.33 93.77 -33.91
N TYR T 353 -25.60 93.37 -33.79
CA TYR T 353 -26.69 94.37 -33.81
C TYR T 353 -27.83 94.00 -32.85
N PRO T 354 -27.48 93.66 -31.62
CA PRO T 354 -28.44 93.21 -30.61
C PRO T 354 -29.59 94.18 -30.34
N ILE T 355 -29.32 95.46 -30.29
CA ILE T 355 -30.36 96.39 -29.89
C ILE T 355 -31.34 96.54 -31.04
N ASN T 356 -30.83 96.91 -32.23
CA ASN T 356 -31.71 97.11 -33.41
C ASN T 356 -32.45 95.83 -33.79
N PHE T 357 -31.76 94.69 -33.71
CA PHE T 357 -32.35 93.42 -34.10
C PHE T 357 -33.52 93.06 -33.20
N LEU T 358 -33.37 93.22 -31.88
CA LEU T 358 -34.48 92.85 -31.00
C LEU T 358 -35.70 93.78 -31.10
N GLU T 359 -35.42 95.06 -31.33
CA GLU T 359 -36.44 96.06 -31.67
C GLU T 359 -37.14 95.67 -32.97
N PHE T 360 -36.41 95.17 -33.96
CA PHE T 360 -37.05 94.75 -35.21
C PHE T 360 -38.02 93.65 -34.93
N LEU T 361 -37.62 92.70 -34.09
CA LEU T 361 -38.50 91.55 -33.77
C LEU T 361 -39.65 91.89 -32.85
N ARG T 362 -39.66 93.06 -32.25
CA ARG T 362 -40.71 93.35 -31.35
C ARG T 362 -41.87 93.68 -32.21
N ASP T 363 -41.62 94.54 -33.20
CA ASP T 363 -42.67 95.01 -34.13
C ASP T 363 -42.14 95.24 -35.54
N PRO T 364 -42.01 94.17 -36.32
CA PRO T 364 -41.27 94.25 -37.59
C PRO T 364 -41.84 95.23 -38.58
N LYS T 365 -43.16 95.45 -38.52
CA LYS T 365 -43.84 96.43 -39.38
C LYS T 365 -43.42 97.85 -39.02
N LEU T 366 -43.30 98.10 -37.72
CA LEU T 366 -42.95 99.43 -37.20
C LEU T 366 -41.52 99.82 -37.54
N TYR T 367 -40.59 98.92 -37.27
CA TYR T 367 -39.18 99.18 -37.52
C TYR T 367 -38.91 99.42 -39.00
N ALA T 368 -39.73 98.90 -39.88
CA ALA T 368 -39.58 99.15 -41.32
C ALA T 368 -39.91 100.59 -41.75
N SER T 369 -40.85 101.26 -41.09
CA SER T 369 -40.99 102.68 -41.27
C SER T 369 -40.00 103.17 -40.26
N LYS T 370 -39.52 104.39 -40.43
CA LYS T 370 -38.45 104.89 -39.57
C LYS T 370 -37.09 104.35 -39.95
N HIS T 371 -37.04 103.37 -40.85
CA HIS T 371 -35.80 103.03 -41.56
C HIS T 371 -36.01 102.90 -43.07
N ASN T 372 -37.21 103.28 -43.51
CA ASN T 372 -37.56 103.36 -44.90
C ASN T 372 -37.37 102.10 -45.77
N PHE T 373 -37.72 100.94 -45.19
CA PHE T 373 -37.96 99.74 -45.97
C PHE T 373 -39.39 99.31 -45.66
N GLN T 374 -39.76 98.15 -46.20
CA GLN T 374 -41.14 97.66 -46.12
C GLN T 374 -41.21 96.15 -45.93
N ILE T 375 -42.17 95.71 -45.16
CA ILE T 375 -42.24 94.30 -44.85
C ILE T 375 -43.01 93.63 -45.95
N ARG T 376 -42.29 92.88 -46.77
CA ARG T 376 -42.89 92.26 -47.92
C ARG T 376 -43.73 91.03 -47.60
N TYR T 377 -43.60 90.50 -46.39
CA TYR T 377 -44.24 89.24 -45.97
C TYR T 377 -45.46 89.44 -45.05
N SER T 378 -46.43 88.59 -45.27
CA SER T 378 -47.40 88.29 -44.27
C SER T 378 -46.71 87.24 -43.37
N PHE T 379 -46.84 87.40 -42.06
CA PHE T 379 -46.09 86.59 -41.06
C PHE T 379 -46.82 86.75 -39.75
N ASN T 380 -46.74 85.72 -38.92
CA ASN T 380 -47.49 85.59 -37.62
C ASN T 380 -46.70 86.15 -36.41
N GLN T 381 -47.13 87.28 -35.86
CA GLN T 381 -46.36 87.92 -34.81
C GLN T 381 -46.04 86.95 -33.69
N GLU T 382 -47.08 86.24 -33.23
CA GLU T 382 -47.01 85.42 -32.00
C GLU T 382 -46.02 84.27 -32.14
N LEU T 383 -46.07 83.62 -33.29
CA LEU T 383 -45.09 82.62 -33.63
C LEU T 383 -43.67 83.21 -33.66
N LEU T 384 -43.53 84.36 -34.34
CA LEU T 384 -42.24 85.03 -34.50
C LEU T 384 -41.62 85.37 -33.17
N SER T 385 -42.46 85.89 -32.26
CA SER T 385 -42.05 86.16 -30.89
C SER T 385 -41.68 84.89 -30.17
N THR T 386 -42.62 83.95 -30.10
CA THR T 386 -42.37 82.61 -29.58
C THR T 386 -41.03 82.03 -30.02
N LYS T 387 -40.85 81.77 -31.30
CA LYS T 387 -39.61 81.11 -31.73
C LYS T 387 -38.33 81.88 -31.36
N SER T 388 -38.39 83.20 -31.50
CA SER T 388 -37.21 84.06 -31.41
C SER T 388 -36.77 84.09 -29.98
N ASP T 389 -37.78 84.07 -29.12
CA ASP T 389 -37.66 84.10 -27.66
C ASP T 389 -36.96 82.86 -27.05
N GLY T 390 -37.20 81.69 -27.60
CA GLY T 390 -36.50 80.50 -27.17
C GLY T 390 -35.08 80.51 -27.71
N LEU T 391 -34.89 81.26 -28.80
CA LEU T 391 -33.57 81.41 -29.41
C LEU T 391 -32.70 82.34 -28.58
N LEU T 392 -33.34 83.32 -27.95
CA LEU T 392 -32.67 84.36 -27.18
C LEU T 392 -32.22 83.85 -25.83
N GLY T 393 -33.05 83.04 -25.17
CA GLY T 393 -32.70 82.41 -23.89
C GLY T 393 -31.58 81.38 -23.97
N ARG T 394 -31.03 81.12 -25.15
CA ARG T 394 -29.77 80.40 -25.26
C ARG T 394 -28.55 81.33 -25.36
N HIS T 395 -28.75 82.62 -25.10
CA HIS T 395 -27.70 83.60 -25.27
C HIS T 395 -27.43 84.46 -24.01
N LEU T 396 -26.20 84.90 -23.87
CA LEU T 396 -25.85 85.83 -22.80
C LEU T 396 -26.36 87.22 -23.12
N ALA T 397 -26.42 88.05 -22.09
CA ALA T 397 -26.92 89.39 -22.25
C ALA T 397 -25.86 90.09 -23.02
N HIS T 398 -26.27 91.01 -23.88
CA HIS T 398 -25.31 91.76 -24.69
C HIS T 398 -24.89 93.02 -23.94
N SER T 399 -23.60 93.36 -23.98
CA SER T 399 -23.09 94.55 -23.25
C SER T 399 -23.56 95.83 -23.91
N ASN T 400 -23.66 95.82 -25.23
CA ASN T 400 -24.31 96.88 -26.02
C ASN T 400 -25.47 97.58 -25.34
N PHE T 401 -26.26 96.86 -24.53
CA PHE T 401 -27.41 97.51 -23.85
C PHE T 401 -27.03 98.60 -22.81
N LEU T 402 -25.80 98.55 -22.31
CA LEU T 402 -25.23 99.56 -21.41
C LEU T 402 -24.48 100.62 -22.18
N LYS T 403 -23.94 100.26 -23.35
CA LYS T 403 -23.08 101.15 -24.15
C LYS T 403 -23.75 102.01 -25.20
N TYR T 404 -24.95 101.63 -25.68
CA TYR T 404 -25.57 102.28 -26.86
C TYR T 404 -27.12 102.38 -26.85
N THR T 405 -27.63 103.28 -27.71
CA THR T 405 -29.04 103.30 -28.15
C THR T 405 -29.11 102.49 -29.44
N ALA T 406 -30.30 102.34 -30.00
CA ALA T 406 -30.42 101.83 -31.36
C ALA T 406 -29.58 102.73 -32.30
N GLU T 407 -29.97 104.01 -32.35
CA GLU T 407 -29.39 104.90 -33.32
C GLU T 407 -27.89 104.99 -33.16
N THR T 408 -27.37 104.96 -31.91
CA THR T 408 -25.89 105.03 -31.73
C THR T 408 -25.23 103.73 -32.19
N GLU T 409 -25.97 102.62 -32.11
CA GLU T 409 -25.46 101.31 -32.51
C GLU T 409 -25.25 101.32 -34.02
N LEU T 410 -26.28 101.78 -34.73
CA LEU T 410 -26.22 101.91 -36.18
C LEU T 410 -25.04 102.76 -36.61
N THR T 411 -24.96 103.94 -36.01
CA THR T 411 -23.97 104.97 -36.35
C THR T 411 -22.90 105.14 -35.29
N ASP T 412 -21.92 104.26 -35.29
CA ASP T 412 -20.84 104.39 -34.32
C ASP T 412 -19.77 103.37 -34.57
N LYS T 413 -18.78 103.79 -35.36
CA LYS T 413 -17.69 102.91 -35.78
C LYS T 413 -16.55 102.85 -34.75
N SER T 414 -16.61 103.70 -33.74
CA SER T 414 -15.68 103.50 -32.61
C SER T 414 -15.93 102.12 -31.98
N ARG T 415 -17.18 101.63 -32.10
CA ARG T 415 -17.58 100.31 -31.61
C ARG T 415 -16.77 99.14 -32.21
N TRP T 416 -16.47 99.16 -33.51
CA TRP T 416 -15.65 98.10 -34.12
C TRP T 416 -14.15 98.43 -33.99
N THR T 417 -13.76 98.94 -32.83
CA THR T 417 -12.36 98.93 -32.41
C THR T 417 -12.20 97.82 -31.41
N ARG T 418 -13.14 97.75 -30.45
CA ARG T 418 -13.21 96.64 -29.48
C ARG T 418 -12.99 95.25 -30.15
N LEU T 419 -12.90 95.21 -31.50
CA LEU T 419 -12.95 93.96 -32.31
C LEU T 419 -11.59 93.29 -32.66
N ASP T 420 -10.47 94.02 -32.57
CA ASP T 420 -9.13 93.39 -32.63
C ASP T 420 -8.81 92.78 -31.30
N SER T 421 -9.04 93.57 -30.25
CA SER T 421 -8.77 93.17 -28.88
C SER T 421 -9.20 91.72 -28.64
N ILE T 422 -10.43 91.39 -29.05
CA ILE T 422 -10.99 90.05 -28.83
C ILE T 422 -10.71 89.08 -29.99
N ALA T 423 -10.03 89.56 -31.02
CA ALA T 423 -9.50 88.69 -32.11
C ALA T 423 -8.07 88.23 -31.80
N VAL T 424 -7.26 89.16 -31.27
CA VAL T 424 -5.91 88.87 -30.74
C VAL T 424 -5.95 87.90 -29.56
N VAL T 425 -6.98 88.04 -28.75
CA VAL T 425 -7.18 87.15 -27.63
C VAL T 425 -7.60 85.78 -28.14
N ALA T 426 -8.51 85.75 -29.11
CA ALA T 426 -9.12 84.49 -29.58
C ALA T 426 -8.15 83.64 -30.39
N LEU T 427 -7.12 84.31 -30.91
CA LEU T 427 -6.04 83.69 -31.69
C LEU T 427 -4.99 83.00 -30.81
N CYS T 428 -4.52 83.68 -29.76
CA CYS T 428 -3.51 83.09 -28.85
C CYS T 428 -4.07 81.96 -27.97
N ASN T 429 -5.39 81.82 -27.93
CA ASN T 429 -6.02 80.68 -27.27
C ASN T 429 -6.08 79.45 -28.18
N SER T 430 -6.30 79.70 -29.47
CA SER T 430 -6.31 78.64 -30.48
C SER T 430 -4.92 78.08 -30.75
N LEU T 431 -3.88 78.79 -30.28
CA LEU T 431 -2.48 78.31 -30.34
C LEU T 431 -2.03 77.44 -29.14
N ASN T 432 -2.78 77.46 -28.03
CA ASN T 432 -2.34 76.74 -26.84
C ASN T 432 -2.72 75.28 -26.84
N ALA T 433 -1.70 74.40 -26.80
CA ALA T 433 -1.86 72.99 -26.42
C ALA T 433 -2.24 72.84 -24.95
N VAL T 434 -2.51 73.99 -24.29
CA VAL T 434 -2.89 74.11 -22.87
C VAL T 434 -1.68 73.91 -21.97
#